data_8S0E
#
_entry.id   8S0E
#
_cell.length_a   1.00
_cell.length_b   1.00
_cell.length_c   1.00
_cell.angle_alpha   90.00
_cell.angle_beta   90.00
_cell.angle_gamma   90.00
#
_symmetry.space_group_name_H-M   'P 1'
#
loop_
_entity.id
_entity.type
_entity.pdbx_description
1 polymer 'DNA (39-mer)'
2 polymer 'DNA (39-mer)'
3 polymer 'DNA replication licensing factor MCM5'
4 polymer 'DNA replication factor Cdt1'
5 polymer 'DNA replication licensing factor MCM2'
6 polymer 'DNA replication licensing factor MCM4'
7 polymer 'DNA replication licensing factor MCM6'
8 polymer 'DNA replication licensing factor MCM7'
9 polymer 'Origin recognition complex subunit 2'
10 polymer 'Origin recognition complex subunit 3'
11 polymer 'Cell division control protein 6 homolog'
12 polymer 'DNA replication licensing factor MCM3'
13 polymer 'Origin recognition complex subunit 1'
14 polymer 'Origin recognition complex subunit 4'
15 polymer 'Origin recognition complex subunit 5'
16 non-polymer 'PHOSPHOTHIOPHOSPHORIC ACID-ADENYLATE ESTER'
17 non-polymer 'MAGNESIUM ION'
18 non-polymer 'ZINC ION'
#
loop_
_entity_poly.entity_id
_entity_poly.type
_entity_poly.pdbx_seq_one_letter_code
_entity_poly.pdbx_strand_id
1 'polydeoxyribonucleotide'
;(DG)(DC)(DA)(DT)(DG)(DC)(DA)(DT)(DG)(DC)(DA)(DT)(DG)(DC)(DT)(DG)(DC)(DA)(DT)(DG)
(DC)(DA)(DT)(DG)(DC)(DA)(DT)(DG)(DC)(DG)(DC)(DA)(DT)(DG)(DC)(DA)(DT)(DG)(DC)
;
X
2 'polydeoxyribonucleotide'
;(DG)(DC)(DA)(DT)(DG)(DC)(DA)(DT)(DG)(DC)(DG)(DC)(DA)(DT)(DG)(DC)(DA)(DT)(DG)(DC)
(DA)(DT)(DG)(DC)(DA)(DG)(DC)(DA)(DT)(DG)(DC)(DA)(DT)(DG)(DC)(DA)(DT)(DG)(DC)
;
Y
3 'polypeptide(L)'
;MSGFDDPGIFYSDSFGGDAQADEGQARKSQLQRRFKEFLRQYRVGTDRTGFTFKYRDELKRHYNLGEYWIEVEMEDLASF
DEDLADYLYKQPAEHLQLLEEAAKEVADEVTRPRPSGEEVLQDIQVMLKSDASPSSIRSLKSDMMSHLVKIPGIIIAASA
VRAKATRISIQCRSCRNTLTNIAMRPGLEGYALPRKCNTDQAGRPKCPLDPYFIMPDKCKCVDFQTLKLQELPDAVPHGE
MPRHMQLYCDRYLCDKVVPGNRVTIMGIYSIKKFGLTTSRGRDRVGVGIRSSYIRVLGIQVDTDGSGRSFAGAVSPQEEE
EFRRLAALPNVYEVISKSIAPSIFGGTDMKKAIACLLFGGSRKRLPDGLTRRGDINLLMLGDPGTAKSQLLKFVEKCSPI
GVYTSGKGSSAAGLTASVMRDPSSRNFIMEGGAMVLADGGVVCIDEFDKMREDDRVAIHEAMEQQTISIAKAGITTTLNS
RCSVLAAANSVFGRWDETKGEDNIDFMPTILSRFDMIFIVKDEHNEERDVMLAKHVITLHVSALTQTQAVEGEIDLAKLK
KFIAYCRVKCGPRLSAEAAEKLKNRYIIMRSGARQHERDSDRRSSIPITVRQLEAIVRIAEALSKMKLQPFATEADVEEA
LRLFQVSTLDAALSGTLSGVEGFTSQEDQEMLSRIEKQLKRRFAIGSQVSEHSIIKDFTKQKYPEHAIHKVLQLMLRRGE
IQHRMQRKVLYRLK
;
5
4 'polypeptide(L)'
;MEQRRVTDFFARRRPGPPRIAPPKLACRTPSPARPALRAPASATSGSRKRARPPAAPGRDQARPPARRRLRLSVDEVSSP
STPEAPDIPACPSPGQKIKKSTPAAGQPPHLTSAQDQDTISELASCLQRARELGARVRALKASAQDAGESCTPEAEGRPE
EPCGEKAPAYQRFHALAQPGLPGLVLPYKYQVLAEMFRSMDTIVGMLHNRSETPTFAKVQRGVQDMMRRRFEECNVGQIK
TVYPASYRFRQERSVPTFKDGTRRSDYQLTIEPLLEQEADGAAPQLTASRLLQRRQIFSQKLVEHVKEHHKAFLASLSPA
MVVPEDQLTRWHPRFNVDEVPDIEPAALPQPPATEKLTTAQEVLARARNLISPRMEKALSQLALRSAAPSSPGSPRPALP
ATPPATPPAASPSALKGVSQDLLERIRAKEAQKQLAQMTRCPEQEQRLQRLERLPELARVLRSVFVSERKPALSMEVACA
RMVGSCCTIMSPGEMEKHLLLLSELLPDWLSLHRIRTDTYVKLDKAADLAHITARLAHQTRAEEGL
;
8
5 'polypeptide(L)'
;MAESSESFTMASSPAQRRRGNDPLTSSPGRSSRRTDALTSSPGRDLPPFEDESEGLLGTEGPLEEEEDGEELIGDGMERD
YRAIPELDAYEAEGLALDDEDVEELTASQREAAERAMRQRDREAGRGLGRMRRGLLYDSDEEDEERPARKRRQVERATED
GEEDEEMIESIENLEDLKGHSVREWVSMAGPRLEIHHRFKNFLRTHVDSHGHNVFKERISDMCKENRESLVVNYEDLAAR
EHVLAYFLPEAPAELLQIFDEAALEVVLAMYPKYDRITNHIHVRISHLPLVEELRSLRQLHLNQLIRTSGVVTSCTGVLP
QLSMVKYNCNKCNFVLGPFCQSQNQEVKPGSCPECQSAGPFEVNMEETIYQNYQRIRIQESPGKVAAGRLPRSKDAILLA
DLVDSCKPGDEIELTGIYHNNYDGSLNTANGFPVFATVILANHVAKKDNKVAVGELTDEDVKMITSLSKDQQIGEKIFAS
IAPSIYGHEDIKRGLALALFGGEPKNPGGKHKVRGDINVLLCGDPGTAKSQFLKYIEKVSSRAIFTTGQGASAVGLTAYV
QRHPVSREWTLEAGALVLADRGVCLIDEFDKMNDQDRTSIHEAMEQQSISISKAGIVTSLQARCTVIAAANPIGGRYDPS
LTFSENVDLTEPIISRFDILCVVRDTVDPVQDEMLARFVVGSHVRHHPSNKEEEGLANGSAAEPAMPNTYGVEPLPQEVL
KKYIIYAKERVHPKLNQMDQDKVAKMYSDLRKESMATGSIPITVRHIESMIRMAEAHARIHLRDYVIEDDVNMAIRVMLE
SFIDTQKFSVMRSMRKTFARYLSFRRDNNELLLFILKQLVAEQVTYQRNRFGAQQDTIEVPEKDLVDKARQINIHNLSAF
YDSELFRMNKFSHDLKRKMILQQF
;
2
6 'polypeptide(L)'
;MSSPASTPSRRGSRRGRATPAQTPRSEDARSSPSQRRRGEDSTSTGELQPMPTSPGVDLQSPAAQDVLFSSPPQMHSSAI
PLDFDVSSPLTYGTPSSRVEGTPRSGVRGTPVRQRPDLGSAQKGLQVDLQSDGAAAEDIVASEQSLGQKLVIWGTDVNVA
ACKENFQRFLQRFIDPLAKEEENVGIDITEPLYMQRLGEINVIGEPFLNVNCEHIKSFDKNLYRQLISYPQEVIPTFDMA
VNEIFFDRYPDSILEHQIQVRPFNALKTKNMRNLNPEDIDQLITISGMVIRTSQLIPEMQEAFFQCQVCAHTTRVEMDRG
RIAEPSVCGRCHTTHSMALIHNRSLFSDKQMIKLQESPEDMPAGQTPHTVILFAHNDLVDKVQPGDRVNVTGIYRAVPIR
VNPRVSNVKSVYKTHIDVIHYRKTDAKRLHGLDEEAEQKLFSEKRVELLKELSRKPDIYERLASALAPSIYEHEDIKKGI
LLQLFGGTRKDFSHTGRGKFRAEINILLCGDPGTSKSQLLQYVYNLVPRGQYTSGKGSSAVGLTAYVMKDPETRQLVLQT
GALVLSDNGICCIDEFDKMNESTRSVLHEVMEQQTLSIAKAGIICQLNARTSVLAAANPIESQWNPKKTTIENIQLPHTL
LSRFDLIFLMLDPQDEAYDRRLAHHLVALYYQSEEQAEEELLDMAVLKDYIAYAHSTIMPRLSEEASQALIEAYVDMRKI
GSSRGMVSAYPRQLESLIRLAEAHAKVRLSNKVEAIDVEEAKRLHREALKQSATDPRTGIVDISILTTGMSATSRKRKEE
LAEALKKLILSKGKTPALKYQQLFEDIRGQSDIAITKDMFEEALRALADDDFLTVTGKTVRLL
;
4
7 'polypeptide(L)'
;MDLAAAAEPGAGSQHLEVRDEVAEKCQKLFLDFLEEFQSSDGEIKYLQLAEELIRPERNTLVVSFVDLEQFNQQLSTTIQ
EEFYRVYPYLCRALKTFVKDRKEIPLAKDFYVAFQDLPTRHKIRELTSSRIGLLTRISGQVVRTHPVHPELVSGTFLCLD
CQTVIRDVEQQFKYTQPNICRNPVCANRRRFLLDTNKSRFVDFQKVRIQETQAELPRGSIPRSLEVILRAEAVESAQAGD
KCDFTGTLIVVPDVSKLSTPGARAETNSRVSGVDGYETEGIRGLRALGVRDLSYRLVFLACCVAPTNPRFGGKELRDEEQ
TAESIKNQMTVKEWEKVFEMSQDKNLYHNLCTSLFPTIHGNDEVKRGVLLMLFGGVPKTTGEGTSLRGDINVCIVGDPST
AKSQFLKHVEEFSPRAVYTSGKASSAAGLTAAVVRDEESHEFVIEAGALMLADNGVCCIDEFDKMDVRDQVAIHEAMEQQ
TISITKAGVKATLNARTSILAAANPISGHYDRSKSLKQNINLSAPIMSRFDLFFILVDECNEVTDYAIARRIVDLHSRIE
ESIDRVYSLDDIRRYLLFARQFKPKISKESEDFIVEQYKHLRQRDGSGVTKSSWRITVRQLESMIRLSEAMARMHCCDEV
QPKHVKEAFRLLNKSIIRVETPDVNLDQEEEIQMEVDEGAGGINGHADSPAPVNGINGYNEDINQESAPKASLRLGFSEY
CRISNLIVLHLRKVEEEEDESALKRSELVNWYLKEIESEIDSEEELINKKRIIEKVIHRLTHYDHVLIELTQAGLKGSTE
GSESYEEDPYLVVNPNYLLED
;
6
8 'polypeptide(L)'
;MALKDYALEKEKVKKFLQEFYQDDELGKKQFKYGNQLVRLAHREQVALYVDLDDVAEDDPELVDSICENARRYAKLFADA
VQELLPQYKEREVVNKDVLDVYIEHRLMMEQRSRDPGMVRSPQNQYPAELMRRFELYFQGPSSNKPRVIREVRADSVGKL
VTVRGIVTRVSEVKPKMVVATYTCDQCGAETYQPIQSPTFMPLIMCPSQECQTNRSGGRLYLQTRGSRFIKFQEMKMQEH
SDQVPVGNIPRSITVLVEGENTRIAQPGDHVSVTGIFLPILRTGFRQVVQGLLSETYLEAHRIVKMNKSEDDESGAGELT
REELRQIAEEDFYEKLAASIAPEIYGHEDVKKALLLLLVGGVDQSPRGMKIRGNINICLMGDPGVAKSQLLSYIDRLAPR
SQYTTGRGSSGVGLTAAVLRDSVSGELTLEGGALVLADQGVCCIDEFDKMAEADRTAIHEVMEQQTISIAKAGILTTLNA
RCSILAAANPAYGRYNPRRSLEQNIQLPAALLSRFDLLWLIQDRPDRDNDLRLAQHITYVHQHSRQPPSQFEPLDMKLMR
RYIAMCREKQPMVPESLADYITAAYVEMRREAWASKDATYTSARTLLAILRLSTALARLRMVDVVEKEDVNEAIRLMEMS
KDSLLGDKGQTARTQRPADVIFATVRELVSGGRSVRFSEAEQRCVSRGFTPAQFQAALDEYEELNVWQVNASRTRITFV
;
7
9 'polypeptide(L)'
;MSKPELKEDKMLEVHFVGDDDVLNHILDREGGAKLKKERAQLLVNPKKIIKKPEYDLEEDDQEVLKDQNYVEIMGRDVQE
SLKNGSATGGGNKVYSFQNRKHSEKMAKLASELAKTPQKSVSFSLKNDPEITINVPQSSKGHSASDKVQPKNNDKSEFLS
TAPRSLRKRLIVPRSHSDSESEYSASNSEDDEGVAQEHEEDTNAVIFSQKIQAQNRVVSAPVGKETPSKRMKRDKTSDLV
EEYFEAHSSSKVLTSDRTLQKLKRAKLDQQTLRNLLSKVSPSFSAELKQLNQQYEKLFHKWMLQLHLGFNIVLYGLGSKR
DLLERFRTTMLQDSIHVVINGFFPGISVKSVLNSITEEVLDHMGTFRSILDQLDWIVNKFKEDSSLELFLLIHNLDSQML
RGEKSQQIIGQLSSLHNIYLIASIDHLNAPLMWDHAKQSLFNWLWYETTTYSPYTEETSYENSLLVKQSGSLPLSSLTHV
LRSLTPNARGIFRLLIKYQLDNQDNPSYIGLSFQDFYQQCREAFLVNSDLTLRAQLTEFRDHKLIRTKKGTDGVEYLLIP
VDNGTLTDFLEKEEEEA
;
B
10 'polypeptide(L)'
;MATSSMSKGCFVFKPNSKKRKISLPIEDYFNKGKNEPEDSKLRFETYQLIWQQMKSENERLQEELNKNLFDNLIEFLQKS
HSGFQKNSRDLGGQIKLREIPTAALVLGVNVTDHDLTFGSLTEALQNNVTPYVVSLQAKDCPDMKHFLQKLISQLMDCCV
DIKSKEEESVHVTQRKTHYSMDSLSSWYMTVTQKTDPKMLSKKRTTSSQWQSPPVVVILKDMESFATKVLQDFIIISSQH
LHEFPLILIFGIATSPIIIHRLLPHAVSSLLCIELFQSLSCKEHLTTVLDKLLLTTQFPFKINEKVLQVLTNIFLYHDFS
VQNFIKGLQLSLLEHFYSQPLSVLCCNLPEAKRRINFLSNNQCENIRRLPSFRRYVEKQASEKQVALLTNERYLKEETQL
LLENLHVYHMNYFLVLRCLHKFTSSLPKYPLGRQIRELYCTCLEKNIWDSEEYASVLQLLRMLAKDELMTILEKCFKVFK
SYCENHLGSTAKRIEEFLAQFQSLDETKEEEDASGSQPKGLQKTDLYHLQKSLLEMKELRRSKKQTKFEVLRENVVNFID
CLVREYLLPPETQPLHEVVYFSAAHALREHLNAAPRIALHTALNNPYYYLKNEALKSEEGCIPNIAPDICIAYKLHLECS
RLINLVDWSEAFATVVTAAEKMDANSATSEEMNEIIHARFIRAVSELELLGFIKPTKQKTDHVARLTWGGC
;
C
11 'polypeptide(L)'
;MPQTRSQAQATISFPKRKLSRALNKAKNSSDAKLEPTNVQTVTCSPRVKALPLSPRKRLGDDNLCNTPHLPPCSPPKQGK
KENGPPHSHTLKGRRLVFDNQLTIKSPSKRELAKVHQNKILSSVRKSQEITTNSEQRCPLKKESACVRLFKQEGTCYQQA
KLVLNTAVPDRLPAREREMDVIRNFLREHICGKKAGSLYLSGAPGTGKTACLSRILQDLKKELKGFKTIMLNCMSLRTAQ
AVFPAIAQEICQEEVSRPAGKDMMRKLEKHMTAEKGPMIVLVLDEMDQLDSKGQDVLYTLFEWPWLSNSHLVLIGIANTL
DLTDRILPRLQAREKCKPQLLNFPPYTRNQIVTILQDRLNQVSRDQVLDNAAVQFCARKVSAVSGDVRKALDVCRRAIEI
VESDVKSQTILKPLSECKSPSEPLIPKRVGLIHISQVISEVDGNRMTLSQEGAQDSFPLQQKILVCSLMLLIRQLKIKEV
TLGKLYEAYSKVCRKQQVAAVDQSECLSLSGLLEARGILGLKRNKETRLTKVFFKIEEKEIEHALKDKALIGNILATGLP
;
G
12 'polypeptide(L)'
;GEMAGTVVLDDVELREAQRDYLDFLDDEEDQGIYQSKVRELISDNQYRLIVNVNDLRRKNEKRANRLLNNAFEELVAFQR
ALKDFVASIDATYAKQYEEFYVGLEGSFGSKHVSPRTLTSCFLSCVVCVEGIVTKCSLVRPKVVRSVHYCPATKKTIERR
YSDLTTLVAFPSSSVYPTKDEENNPLETEYGLSVYKDHQTITIQEMPEKAPAGQLPRSVDVILDDDLVDKAKPGDRVQVV
GTYRCLPGKKGGYTSGTFRTVLIACNVKQMSKDAQPSFSAEDIAKIKKFSKTRSKDIFDQLAKSLAPSIHGHDYVKKAIL
CLLLGGVERDLENGSHIRGDINILLIGDPSVAKSQLLRYVLCTAPRAIPTTGRGSSGVGLTAAVTTDQETGERRLEAGAM
VLADRGVVCIDEFDKMSDMDRTAIHEVMEQGRVTIAKAGIHARLNARCSVLAAANPVYGRYDQYKTPMENIGLQDSLLSR
FDLLFIMLDQMDPEQDREISDHVLRMHRYRAPGEQDGDAMPLGSAVDILATDDPNFSQEDQQDTQIYEKHDNLLHGTKKK
KEKMVSAAFMKKYIHVAKIIKPVLTQESATYIAEEYSRLRSQDSMSSDTARTSPVTARTLETLIRLATAHAKARMSKTVD
LQDAEEAVELVQYAYFKKVLEKEKKRKKRSEDESETEDEEEKSQEDQEQKRKRRKTRQPDAKDGDSYDPYDFSDTEEEMP
QVHTPKTADSQETKESQKVELSESRLKAFKVALLDVFREAHAQSIGMNRLTESINRDSEEPFSSVEIQAALSKMQDDNQV
MVSEGIIFLI
;
3
13 'polypeptide(L)'
;MAHYPTRLKTRKTYSWVGRPLLDRKLHYQTYREMCVKTEGCSTEIHIQIGQFVLIEGDDDENPYVAKLLELFEDDSDPPP
KKRARVQWFVRFCEVPACKRHLLGRKPGAQEIFWYDYPACDSNINAETIIGLVRVIPLAPKDVVPTNLKNEKTLFVKLSW
NEKKFRPLSSELFAELNKPQESAAKCQKPVRAKSKSAESPSWTPAEHVAKRIESRHSASKSRQTPTHPLTPRARKRLELG
NLGNPQMSQQTSCASLDSPGRIKRKVAFSEITSPSKRSQPDKLQTLSPALKAPEKTRETGLSYTEDDKKASPEHRIILRT
RIAASKTIDIREERTLTPISGGQRSSVVPSVILKPENIKKRDAKEAKAQNEATSTPHRIRRKSSVLTMNRIRQQLRFLGN
SKSDQEEKEILPAAEISDSSSDEEEASTPPLPRRAPRTVSRNLRSSLKSSLHTLTKVPKKSLKPRTPRCAAPQIRSRSLA
AQEPASVLEEARLRLHVSAVPESLPCREQEFQDIYNFVESKLLDHTGGCMYISGVPGTGKTATVHEVIRCLQQAAQANDV
PPFQYIEVNGMKLTEPHQVYVQILQKLTGQKATANHAAELLAKQFCTRGSPQETTVLLVDELDLLWTHKQDIMYNLFDWP
THKEARLVVLAIANTMDLPERIMMNRVSSRLGLTRMCFQPYTYSQLQQILRSRLKHLKAFEDDAIQLVARKVAALSGDAR
RCLDICRRATEICEFSQQKPDSPGLVTIAHSMEAVDEMFSSSYITAIKNSSVLEQSFLRAILAEFRRSGLEEATFQQIYS
QHVALCRMEGLPYPTMSETMAVCSHLGSCRLLLVEPSRNDLLLRVRLNVSQDDVLYALKDE
;
A
14 'polypeptide(L)'
;MSSRKSKSNSLIHTECLSQVQRILRERFCRQSPHSNLFGVQVQYKHLSELLKRTALHGESNSVLIIGPRGSGKTMLINHA
LKELMEIEEVSENVLQVHLNGLLQINDKIALKEITRQLNLENVVGDKVFGSFAENLSFLLEALKKGDRTSSCPVIFILDE
FDLFAHHKNQTLLYNLFDISQSAQTPIAVIGLTCRLDILELLEKRVKSRFSHRQIHLMNSFGFPQYVKIFKEQLSLPAEF
PDKVFAEKWNENVQYLSEDRSVQEVLQKHFNISKNLRSLHMLLMLALNRVTASHPFMTAVDLMEASQLCSMDSKANIVHG
LSVLEICLIIAMKHLNDIYEEEPFNFQMVYNEFQKFVQRKAHSVYNFEKPVVMKAFEHLQQLELIKPMERTSGNSQREYQ
LMKLLLDNTQIMNALQKYPNCPTDVRQWATSSLSWL
;
D
15 'polypeptide(L)'
;MPHLENVVLCRESQVSILQSLFGERHHFSFPSIFIYGHTASGKTYVTQTLLKTLELPHVFVNCVECFTLRLLLEQILNKL
NHLSSSEDGCSTEITCETFNDFVRLFKQVTTAENLKDQTVYIVLDKAEYLRDMEANLLPGFLRLQELADRNVTVLFLSEI
VWEKFRPNTGCFEPFVLYFPDYSIGNLQKILSHDHPPEYSADFYAAYINILLGVFYTVCRDLKELRHLAVLNFPKYCEPV
VKGEASERDTRKLWRNIEPHLKKAMQTVYLREISSSQWEKLQKDDTDPGQLKGLSAHTHVELPYYSKFILIAAYLASYNP
ARTDKRFFLKHHGKIKKTNFLKKHEKTSNHLLGPKPFPLDRLLAILYSIVDSRVAPTANIFSQITSLVTLQLLTLVGHDD
QLDGPKYKCTVSLDFIRAIARTVNFDIIKYLYDFL
;
E
#
# COMPACT_ATOMS: atom_id res chain seq x y z
N PRO C 316 55.01 18.41 57.31
CA PRO C 316 56.42 18.78 57.08
C PRO C 316 57.29 17.57 56.74
N GLN C 317 57.01 16.43 57.39
CA GLN C 317 57.77 15.22 57.10
C GLN C 317 57.52 14.71 55.69
N GLU C 318 56.32 14.91 55.17
CA GLU C 318 55.99 14.42 53.82
C GLU C 318 56.74 15.18 52.74
N GLU C 319 57.23 16.39 53.02
CA GLU C 319 58.02 17.11 52.04
C GLU C 319 59.30 16.36 51.70
N GLU C 320 59.98 15.82 52.73
CA GLU C 320 61.17 15.03 52.49
C GLU C 320 60.87 13.77 51.69
N GLU C 321 59.73 13.13 51.99
CA GLU C 321 59.34 11.93 51.24
C GLU C 321 59.10 12.26 49.78
N PHE C 322 58.39 13.36 49.51
CA PHE C 322 58.14 13.76 48.13
C PHE C 322 59.43 14.12 47.41
N ARG C 323 60.34 14.83 48.10
CA ARG C 323 61.62 15.18 47.50
C ARG C 323 62.43 13.93 47.16
N ARG C 324 62.46 12.95 48.07
CA ARG C 324 63.17 11.72 47.80
C ARG C 324 62.54 10.96 46.63
N LEU C 325 61.20 10.92 46.58
CA LEU C 325 60.53 10.21 45.48
C LEU C 325 60.80 10.87 44.14
N ALA C 326 60.80 12.20 44.10
CA ALA C 326 61.00 12.92 42.85
C ALA C 326 62.47 13.04 42.46
N ALA C 327 63.40 12.75 43.37
CA ALA C 327 64.82 12.85 43.06
C ALA C 327 65.38 11.59 42.40
N LEU C 328 64.59 10.52 42.32
CA LEU C 328 65.06 9.28 41.73
C LEU C 328 65.20 9.44 40.21
N PRO C 329 66.05 8.64 39.57
CA PRO C 329 66.15 8.68 38.11
C PRO C 329 65.02 7.96 37.40
N ASN C 330 64.14 7.27 38.12
CA ASN C 330 63.08 6.47 37.52
C ASN C 330 61.69 6.88 38.02
N VAL C 331 61.49 8.18 38.25
CA VAL C 331 60.18 8.64 38.69
C VAL C 331 59.14 8.44 37.60
N TYR C 332 59.53 8.69 36.34
CA TYR C 332 58.58 8.58 35.23
C TYR C 332 58.04 7.16 35.11
N GLU C 333 58.92 6.16 35.17
CA GLU C 333 58.48 4.77 35.04
C GLU C 333 57.58 4.37 36.20
N VAL C 334 57.92 4.77 37.42
CA VAL C 334 57.11 4.43 38.58
C VAL C 334 55.72 5.06 38.47
N ILE C 335 55.66 6.33 38.06
CA ILE C 335 54.38 7.00 37.91
C ILE C 335 53.55 6.32 36.82
N SER C 336 54.19 5.98 35.69
CA SER C 336 53.47 5.32 34.61
C SER C 336 52.92 3.97 35.05
N LYS C 337 53.71 3.21 35.81
CA LYS C 337 53.22 1.93 36.32
C LYS C 337 52.13 2.12 37.36
N SER C 338 52.13 3.25 38.07
CA SER C 338 51.12 3.49 39.09
C SER C 338 49.77 3.86 38.49
N ILE C 339 49.72 4.22 37.20
CA ILE C 339 48.48 4.61 36.55
C ILE C 339 47.79 3.34 36.08
N ALA C 340 46.77 2.91 36.83
CA ALA C 340 45.94 1.76 36.52
C ALA C 340 46.77 0.51 36.25
N PRO C 341 47.41 -0.07 37.27
CA PRO C 341 48.16 -1.32 37.04
C PRO C 341 47.27 -2.48 36.65
N SER C 342 45.98 -2.42 36.95
CA SER C 342 45.07 -3.51 36.61
C SER C 342 44.87 -3.64 35.10
N ILE C 343 44.84 -2.51 34.39
CA ILE C 343 44.55 -2.53 32.95
C ILE C 343 45.78 -3.04 32.20
N PHE C 344 45.56 -3.99 31.31
CA PHE C 344 46.63 -4.56 30.50
C PHE C 344 46.99 -3.62 29.36
N GLY C 345 48.28 -3.40 29.16
CA GLY C 345 48.74 -2.59 28.05
C GLY C 345 48.48 -1.10 28.24
N GLY C 346 48.57 -0.38 27.14
CA GLY C 346 48.34 1.06 27.15
C GLY C 346 49.38 1.84 27.92
N THR C 347 50.67 1.47 27.79
CA THR C 347 51.72 2.20 28.50
C THR C 347 51.81 3.65 28.04
N ASP C 348 51.71 3.88 26.74
CA ASP C 348 51.70 5.26 26.24
C ASP C 348 50.49 6.02 26.73
N MET C 349 49.33 5.37 26.77
CA MET C 349 48.13 6.01 27.30
C MET C 349 48.29 6.32 28.79
N LYS C 350 48.91 5.41 29.54
CA LYS C 350 49.16 5.68 30.96
C LYS C 350 50.09 6.86 31.15
N LYS C 351 51.15 6.94 30.33
CA LYS C 351 52.06 8.08 30.43
C LYS C 351 51.37 9.39 30.06
N ALA C 352 50.52 9.36 29.03
CA ALA C 352 49.77 10.55 28.66
C ALA C 352 48.82 10.98 29.77
N ILE C 353 48.16 10.01 30.42
CA ILE C 353 47.28 10.32 31.53
C ILE C 353 48.07 10.92 32.69
N ALA C 354 49.25 10.37 32.96
CA ALA C 354 50.08 10.88 34.05
C ALA C 354 50.52 12.32 33.78
N CYS C 355 50.98 12.61 32.57
CA CYS C 355 51.42 13.97 32.27
C CYS C 355 50.25 14.94 32.21
N LEU C 356 49.06 14.45 31.83
CA LEU C 356 47.86 15.27 31.93
C LEU C 356 47.54 15.60 33.38
N LEU C 357 47.65 14.61 34.26
CA LEU C 357 47.39 14.84 35.68
C LEU C 357 48.37 15.85 36.26
N PHE C 358 49.65 15.72 35.93
CA PHE C 358 50.63 16.73 36.35
C PHE C 358 50.34 18.07 35.70
N GLY C 359 50.10 18.08 34.39
CA GLY C 359 49.70 19.28 33.69
C GLY C 359 50.82 20.28 33.50
N GLY C 360 50.56 21.32 32.71
CA GLY C 360 51.52 22.37 32.45
C GLY C 360 51.38 23.53 33.41
N SER C 361 51.92 24.68 33.00
CA SER C 361 51.89 25.89 33.81
C SER C 361 51.29 27.02 33.00
N ARG C 362 50.40 27.80 33.62
CA ARG C 362 49.78 28.95 32.96
C ARG C 362 50.66 30.18 33.12
N LYS C 363 50.67 31.02 32.07
CA LYS C 363 51.47 32.23 32.05
C LYS C 363 50.59 33.40 31.63
N ARG C 364 50.72 34.52 32.33
CA ARG C 364 50.00 35.73 31.96
C ARG C 364 50.87 36.66 31.12
N LEU C 365 50.21 37.62 30.47
CA LEU C 365 50.91 38.62 29.69
C LEU C 365 50.45 40.02 30.08
N PRO C 366 51.34 41.02 30.01
CA PRO C 366 50.96 42.37 30.45
C PRO C 366 49.85 42.98 29.63
N ASP C 367 49.70 42.53 28.37
CA ASP C 367 48.60 43.03 27.55
C ASP C 367 47.26 42.56 28.07
N GLY C 368 47.26 41.69 29.07
CA GLY C 368 46.06 41.11 29.64
C GLY C 368 45.75 39.71 29.16
N LEU C 369 46.37 39.27 28.08
CA LEU C 369 46.09 37.97 27.51
C LEU C 369 46.64 36.86 28.39
N THR C 370 45.93 35.74 28.41
CA THR C 370 46.32 34.55 29.16
C THR C 370 46.41 33.37 28.21
N ARG C 371 47.33 32.45 28.51
CA ARG C 371 47.52 31.25 27.72
C ARG C 371 47.22 30.02 28.57
N ARG C 372 46.56 29.05 27.96
CA ARG C 372 46.09 27.87 28.69
C ARG C 372 47.26 27.06 29.22
N GLY C 373 47.16 26.64 30.47
CA GLY C 373 48.17 25.80 31.09
C GLY C 373 47.69 24.39 31.34
N ASP C 374 46.63 23.98 30.64
CA ASP C 374 46.03 22.67 30.80
C ASP C 374 46.03 21.92 29.48
N ILE C 375 46.07 20.60 29.56
CA ILE C 375 46.19 19.72 28.41
C ILE C 375 44.83 19.10 28.11
N ASN C 376 44.53 18.89 26.83
CA ASN C 376 43.28 18.28 26.39
C ASN C 376 43.56 17.04 25.57
N LEU C 377 42.91 15.94 25.93
CA LEU C 377 43.10 14.67 25.27
C LEU C 377 41.75 14.12 24.78
N LEU C 378 41.79 13.42 23.66
CA LEU C 378 40.61 12.79 23.08
C LEU C 378 40.93 11.34 22.77
N MET C 379 39.96 10.46 22.98
CA MET C 379 40.13 9.03 22.74
C MET C 379 39.00 8.53 21.86
N LEU C 380 39.35 7.80 20.80
CA LEU C 380 38.37 7.19 19.92
C LEU C 380 38.72 5.71 19.74
N GLY C 381 37.70 4.86 19.78
CA GLY C 381 37.93 3.44 19.62
C GLY C 381 36.64 2.67 19.71
N ASP C 382 36.75 1.37 19.43
CA ASP C 382 35.60 0.48 19.50
C ASP C 382 35.21 0.23 20.94
N PRO C 383 33.94 -0.09 21.21
CA PRO C 383 33.54 -0.43 22.58
C PRO C 383 34.29 -1.65 23.09
N GLY C 384 34.58 -1.65 24.38
CA GLY C 384 35.30 -2.72 25.01
C GLY C 384 36.80 -2.53 25.13
N THR C 385 37.30 -1.32 24.91
CA THR C 385 38.73 -1.04 25.00
C THR C 385 39.10 -0.43 26.35
N ALA C 386 38.23 -0.52 27.34
CA ALA C 386 38.48 -0.03 28.70
C ALA C 386 38.80 1.47 28.71
N LYS C 387 37.83 2.24 28.21
CA LYS C 387 37.95 3.70 28.22
C LYS C 387 37.30 4.32 29.46
N SER C 388 36.13 3.82 29.85
CA SER C 388 35.46 4.35 31.04
C SER C 388 36.23 4.03 32.31
N GLN C 389 36.90 2.87 32.35
CA GLN C 389 37.70 2.53 33.52
C GLN C 389 38.83 3.51 33.74
N LEU C 390 39.50 3.92 32.64
CA LEU C 390 40.56 4.93 32.75
C LEU C 390 40.00 6.26 33.25
N LEU C 391 38.83 6.65 32.77
CA LEU C 391 38.21 7.89 33.24
C LEU C 391 37.89 7.82 34.73
N LYS C 392 37.35 6.68 35.17
CA LYS C 392 37.05 6.52 36.60
C LYS C 392 38.33 6.56 37.44
N PHE C 393 39.40 5.91 36.96
CA PHE C 393 40.66 5.93 37.70
C PHE C 393 41.23 7.35 37.77
N VAL C 394 41.14 8.10 36.67
CA VAL C 394 41.63 9.48 36.66
C VAL C 394 40.82 10.33 37.63
N GLU C 395 39.50 10.17 37.63
CA GLU C 395 38.65 10.93 38.55
C GLU C 395 38.97 10.60 40.00
N LYS C 396 39.20 9.31 40.29
CA LYS C 396 39.54 8.92 41.66
C LYS C 396 40.90 9.47 42.07
N CYS C 397 41.87 9.43 41.17
CA CYS C 397 43.25 9.80 41.53
C CYS C 397 43.42 11.31 41.62
N SER C 398 42.74 12.07 40.76
CA SER C 398 42.93 13.51 40.72
C SER C 398 42.42 14.14 42.03
N PRO C 399 43.14 15.13 42.56
CA PRO C 399 42.63 15.82 43.77
C PRO C 399 41.27 16.45 43.57
N ILE C 400 41.02 17.00 42.38
CA ILE C 400 39.71 17.50 42.01
C ILE C 400 39.31 16.80 40.72
N GLY C 401 38.15 16.16 40.73
CA GLY C 401 37.72 15.39 39.57
C GLY C 401 36.22 15.36 39.38
N VAL C 402 35.78 15.57 38.13
CA VAL C 402 34.38 15.52 37.77
C VAL C 402 34.21 14.52 36.64
N TYR C 403 33.12 13.75 36.69
CA TYR C 403 32.80 12.77 35.67
C TYR C 403 31.39 13.06 35.16
N THR C 404 31.26 13.23 33.84
CA THR C 404 29.98 13.52 33.20
C THR C 404 29.71 12.50 32.10
N SER C 405 28.44 12.41 31.72
CA SER C 405 28.00 11.53 30.66
C SER C 405 27.85 12.24 29.33
N GLY C 406 28.26 13.50 29.24
CA GLY C 406 28.15 14.26 28.01
C GLY C 406 27.23 15.46 28.12
N MET C 434 31.68 22.04 34.95
CA MET C 434 32.87 22.78 34.59
C MET C 434 33.16 23.88 35.61
N VAL C 435 32.12 24.60 36.01
CA VAL C 435 32.28 25.68 36.98
C VAL C 435 32.73 25.12 38.33
N LEU C 436 32.14 24.01 38.76
CA LEU C 436 32.47 23.42 40.05
C LEU C 436 33.90 22.87 40.10
N ALA C 437 34.56 22.73 38.95
CA ALA C 437 35.93 22.24 38.88
C ALA C 437 36.87 23.41 38.63
N ASP C 438 37.88 23.55 39.48
CA ASP C 438 38.88 24.60 39.35
C ASP C 438 40.26 23.98 39.48
N GLY C 439 40.95 23.81 38.36
CA GLY C 439 42.25 23.18 38.34
C GLY C 439 42.24 21.67 38.36
N GLY C 440 41.06 21.05 38.30
CA GLY C 440 40.93 19.62 38.32
C GLY C 440 40.85 19.01 36.93
N VAL C 441 40.28 17.82 36.86
CA VAL C 441 40.13 17.08 35.62
C VAL C 441 38.66 16.71 35.44
N VAL C 442 38.13 16.95 34.25
CA VAL C 442 36.74 16.63 33.91
C VAL C 442 36.78 15.56 32.81
N CYS C 443 36.20 14.41 33.12
CA CYS C 443 36.07 13.31 32.17
C CYS C 443 34.67 13.37 31.55
N ILE C 444 34.62 13.25 30.23
CA ILE C 444 33.38 13.37 29.48
C ILE C 444 33.22 12.13 28.60
N ASP C 445 32.29 11.26 28.94
CA ASP C 445 31.92 10.13 28.10
C ASP C 445 30.82 10.53 27.12
N GLU C 446 30.74 9.78 26.03
CA GLU C 446 29.74 10.01 24.98
C GLU C 446 29.82 11.44 24.45
N PHE C 447 30.99 11.78 23.90
CA PHE C 447 31.20 13.12 23.37
C PHE C 447 30.35 13.40 22.14
N ASP C 448 29.85 12.37 21.48
CA ASP C 448 28.99 12.55 20.30
C ASP C 448 27.66 13.17 20.70
N SER C 480 36.93 29.27 34.09
CA SER C 480 36.91 27.81 34.21
C SER C 480 38.25 27.21 33.77
N ARG C 481 39.11 26.93 34.73
CA ARG C 481 40.42 26.34 34.48
C ARG C 481 40.31 24.84 34.72
N CYS C 482 39.94 24.10 33.67
CA CYS C 482 39.69 22.67 33.78
C CYS C 482 40.43 21.93 32.69
N SER C 483 41.12 20.85 33.06
CA SER C 483 41.63 19.90 32.08
C SER C 483 40.48 18.99 31.64
N VAL C 484 40.48 18.65 30.34
CA VAL C 484 39.39 17.90 29.74
C VAL C 484 39.92 16.58 29.21
N LEU C 485 39.27 15.48 29.59
CA LEU C 485 39.58 14.16 29.07
C LEU C 485 38.29 13.56 28.54
N ALA C 486 38.22 13.37 27.22
CA ALA C 486 36.98 12.98 26.56
C ALA C 486 37.13 11.62 25.90
N ALA C 487 36.03 10.86 25.91
CA ALA C 487 35.95 9.57 25.25
C ALA C 487 34.78 9.59 24.26
N ALA C 488 34.98 8.95 23.11
CA ALA C 488 33.97 8.95 22.06
C ALA C 488 34.02 7.64 21.31
N ASN C 489 32.93 7.35 20.60
CA ASN C 489 32.78 6.13 19.81
C ASN C 489 32.76 6.46 18.33
N SER C 490 32.98 5.43 17.52
CA SER C 490 33.00 5.60 16.07
C SER C 490 31.59 5.93 15.55
N VAL C 491 31.56 6.59 14.39
CA VAL C 491 30.29 6.98 13.80
C VAL C 491 29.46 5.76 13.45
N PHE C 492 30.08 4.75 12.84
CA PHE C 492 29.39 3.53 12.46
C PHE C 492 29.36 2.49 13.57
N GLY C 493 29.93 2.79 14.74
CA GLY C 493 29.94 1.85 15.84
C GLY C 493 31.27 1.16 15.99
N ARG C 494 31.89 0.77 14.88
CA ARG C 494 33.19 0.13 14.88
C ARG C 494 34.08 0.76 13.83
N TRP C 495 35.38 0.80 14.10
CA TRP C 495 36.33 1.47 13.22
C TRP C 495 36.49 0.70 11.92
N ASP C 496 36.56 1.45 10.82
CA ASP C 496 36.83 0.90 9.49
C ASP C 496 38.18 1.42 9.02
N GLU C 497 39.17 0.51 8.94
CA GLU C 497 40.53 0.93 8.58
C GLU C 497 40.61 1.36 7.13
N THR C 498 39.92 0.67 6.23
CA THR C 498 40.01 0.98 4.81
C THR C 498 39.45 2.36 4.49
N LYS C 499 38.35 2.74 5.14
CA LYS C 499 37.70 4.01 4.81
C LYS C 499 38.57 5.20 5.23
N GLY C 500 39.45 5.03 6.20
CA GLY C 500 40.32 6.11 6.61
C GLY C 500 39.58 7.21 7.33
N GLU C 501 39.41 8.35 6.65
CA GLU C 501 38.74 9.50 7.24
C GLU C 501 37.23 9.28 7.26
N ASP C 502 36.48 10.33 7.58
CA ASP C 502 35.02 10.35 7.67
C ASP C 502 34.48 9.45 8.78
N ASN C 503 35.34 8.88 9.61
CA ASN C 503 34.91 8.09 10.76
C ASN C 503 34.72 8.94 12.02
N ILE C 504 35.06 10.22 11.96
CA ILE C 504 34.90 11.14 13.09
C ILE C 504 33.92 12.22 12.69
N ASP C 505 32.86 12.37 13.50
CA ASP C 505 31.81 13.32 13.18
C ASP C 505 32.11 14.73 13.65
N PHE C 506 33.07 14.90 14.57
CA PHE C 506 33.38 16.22 15.08
C PHE C 506 34.04 17.08 14.02
N MET C 507 33.69 18.36 14.01
CA MET C 507 34.27 19.30 13.07
C MET C 507 35.73 19.58 13.43
N PRO C 508 36.55 19.97 12.45
CA PRO C 508 37.95 20.30 12.76
C PRO C 508 38.11 21.44 13.74
N THR C 509 37.13 22.36 13.79
CA THR C 509 37.23 23.50 14.71
C THR C 509 37.29 23.04 16.16
N ILE C 510 36.42 22.08 16.53
CA ILE C 510 36.46 21.55 17.88
C ILE C 510 37.56 20.52 18.06
N LEU C 511 38.01 19.90 16.96
CA LEU C 511 39.09 18.91 17.05
C LEU C 511 40.43 19.58 17.32
N SER C 512 40.60 20.83 16.87
CA SER C 512 41.88 21.51 17.04
C SER C 512 42.15 21.86 18.50
N ARG C 513 41.11 22.01 19.32
CA ARG C 513 41.32 22.35 20.73
C ARG C 513 42.05 21.24 21.48
N PHE C 514 41.72 19.98 21.17
CA PHE C 514 42.35 18.86 21.85
C PHE C 514 43.86 18.85 21.60
N ASP C 515 44.64 18.68 22.67
CA ASP C 515 46.09 18.66 22.52
C ASP C 515 46.55 17.36 21.86
N MET C 516 45.98 16.23 22.27
CA MET C 516 46.32 14.95 21.63
C MET C 516 45.06 14.15 21.37
N ILE C 517 45.12 13.30 20.34
CA ILE C 517 44.04 12.41 19.95
C ILE C 517 44.61 11.00 19.80
N PHE C 518 43.97 10.03 20.44
CA PHE C 518 44.40 8.64 20.39
C PHE C 518 43.33 7.77 19.76
N ILE C 519 43.77 6.77 18.99
CA ILE C 519 42.90 5.83 18.30
C ILE C 519 43.23 4.43 18.78
N VAL C 520 42.21 3.69 19.21
CA VAL C 520 42.35 2.33 19.70
C VAL C 520 41.51 1.41 18.82
N LYS C 521 42.10 0.32 18.37
CA LYS C 521 41.42 -0.65 17.53
C LYS C 521 41.53 -2.04 18.14
N ASP C 522 40.52 -2.87 17.90
CA ASP C 522 40.48 -4.23 18.43
C ASP C 522 41.43 -5.10 17.63
N GLU C 523 42.70 -5.07 18.04
CA GLU C 523 43.74 -5.88 17.40
C GLU C 523 43.50 -7.33 17.77
N HIS C 524 42.89 -8.09 16.86
CA HIS C 524 42.48 -9.46 17.13
C HIS C 524 43.68 -10.39 16.92
N ASN C 525 44.25 -10.87 18.01
CA ASN C 525 45.33 -11.85 17.99
C ASN C 525 44.93 -13.05 18.82
N GLU C 526 45.22 -14.25 18.30
CA GLU C 526 44.84 -15.47 19.01
C GLU C 526 45.54 -15.59 20.36
N GLU C 527 46.83 -15.25 20.41
CA GLU C 527 47.58 -15.32 21.67
C GLU C 527 47.24 -14.17 22.60
N ARG C 528 46.94 -12.99 22.04
CA ARG C 528 46.64 -11.84 22.88
C ARG C 528 45.33 -12.02 23.63
N ASP C 529 44.34 -12.67 23.01
CA ASP C 529 43.10 -12.95 23.70
C ASP C 529 43.32 -13.91 24.87
N VAL C 530 44.16 -14.92 24.67
CA VAL C 530 44.47 -15.85 25.76
C VAL C 530 45.17 -15.12 26.91
N MET C 531 46.14 -14.26 26.57
CA MET C 531 46.84 -13.50 27.61
C MET C 531 45.89 -12.57 28.35
N LEU C 532 44.99 -11.90 27.62
CA LEU C 532 44.05 -10.99 28.26
C LEU C 532 43.10 -11.75 29.18
N ALA C 533 42.59 -12.89 28.73
CA ALA C 533 41.71 -13.69 29.57
C ALA C 533 42.42 -14.18 30.83
N LYS C 534 43.67 -14.63 30.69
CA LYS C 534 44.42 -15.08 31.85
C LYS C 534 44.66 -13.93 32.83
N HIS C 535 45.00 -12.75 32.30
CA HIS C 535 45.23 -11.59 33.17
C HIS C 535 43.95 -11.20 33.91
N VAL C 536 42.82 -11.18 33.20
CA VAL C 536 41.56 -10.82 33.82
C VAL C 536 41.17 -11.82 34.90
N ILE C 537 41.33 -13.12 34.62
CA ILE C 537 40.96 -14.14 35.60
C ILE C 537 41.88 -14.08 36.81
N THR C 538 43.18 -13.82 36.59
CA THR C 538 44.09 -13.69 37.73
C THR C 538 43.72 -12.47 38.59
N LEU C 539 43.38 -11.35 37.95
CA LEU C 539 42.92 -10.19 38.69
C LEU C 539 41.67 -10.51 39.49
N HIS C 540 40.74 -11.26 38.90
CA HIS C 540 39.52 -11.63 39.60
C HIS C 540 39.81 -12.51 40.80
N VAL C 541 40.74 -13.46 40.65
CA VAL C 541 40.94 -14.47 41.68
C VAL C 541 41.78 -13.93 42.83
N SER C 542 42.90 -13.29 42.54
CA SER C 542 43.88 -12.94 43.56
C SER C 542 43.52 -11.69 44.34
N ALA C 543 42.41 -11.02 44.01
CA ALA C 543 42.14 -9.69 44.55
C ALA C 543 41.71 -9.76 46.03
N LEU C 544 40.84 -10.71 46.39
CA LEU C 544 40.57 -10.93 47.81
C LEU C 544 41.77 -11.46 48.58
N THR C 545 42.62 -12.26 47.96
CA THR C 545 43.77 -12.84 48.64
C THR C 545 44.74 -11.77 49.12
N GLN C 546 45.15 -10.88 48.22
CA GLN C 546 46.16 -9.88 48.53
C GLN C 546 45.91 -8.62 47.71
N THR C 547 46.20 -7.46 48.31
CA THR C 547 46.15 -6.17 47.63
C THR C 547 47.49 -5.48 47.88
N GLN C 548 48.47 -5.76 47.03
CA GLN C 548 49.83 -5.27 47.21
C GLN C 548 50.36 -4.74 45.88
N ALA C 549 51.30 -3.80 45.97
CA ALA C 549 51.91 -3.23 44.78
C ALA C 549 52.74 -4.27 44.04
N VAL C 550 52.73 -4.18 42.72
CA VAL C 550 53.46 -5.15 41.91
C VAL C 550 54.96 -4.94 42.04
N GLU C 551 55.44 -3.77 41.63
CA GLU C 551 56.87 -3.42 41.71
C GLU C 551 56.98 -1.95 42.07
N GLY C 552 57.04 -1.66 43.37
CA GLY C 552 57.24 -0.31 43.83
C GLY C 552 56.16 0.68 43.44
N GLU C 553 54.93 0.21 43.21
CA GLU C 553 53.85 1.12 42.86
C GLU C 553 53.44 1.97 44.06
N ILE C 554 53.14 3.24 43.78
CA ILE C 554 52.79 4.19 44.84
C ILE C 554 51.32 4.05 45.18
N ASP C 555 51.01 4.22 46.46
CA ASP C 555 49.62 4.13 46.92
C ASP C 555 48.80 5.29 46.35
N LEU C 556 47.48 5.09 46.31
CA LEU C 556 46.59 6.08 45.73
C LEU C 556 46.65 7.39 46.52
N ALA C 557 46.58 7.30 47.85
CA ALA C 557 46.67 8.50 48.67
C ALA C 557 48.05 9.16 48.56
N LYS C 558 49.11 8.35 48.58
CA LYS C 558 50.45 8.88 48.45
C LYS C 558 50.66 9.54 47.09
N LEU C 559 50.18 8.90 46.02
CA LEU C 559 50.29 9.49 44.69
C LEU C 559 49.49 10.78 44.58
N LYS C 560 48.30 10.80 45.18
CA LYS C 560 47.47 12.00 45.19
C LYS C 560 48.19 13.16 45.87
N LYS C 561 48.74 12.90 47.06
CA LYS C 561 49.45 13.94 47.80
C LYS C 561 50.70 14.38 47.05
N PHE C 562 51.42 13.44 46.42
CA PHE C 562 52.61 13.78 45.66
C PHE C 562 52.26 14.68 44.47
N ILE C 563 51.19 14.34 43.75
CA ILE C 563 50.76 15.16 42.62
C ILE C 563 50.35 16.55 43.09
N ALA C 564 49.61 16.63 44.20
CA ALA C 564 49.21 17.94 44.72
C ALA C 564 50.43 18.76 45.12
N TYR C 565 51.41 18.14 45.78
CA TYR C 565 52.62 18.83 46.18
C TYR C 565 53.39 19.34 44.98
N CYS C 566 53.54 18.50 43.95
CA CYS C 566 54.26 18.92 42.75
C CYS C 566 53.55 20.06 42.05
N ARG C 567 52.21 20.00 41.96
CA ARG C 567 51.47 21.06 41.31
C ARG C 567 51.57 22.38 42.08
N VAL C 568 51.50 22.32 43.41
CA VAL C 568 51.54 23.53 44.22
C VAL C 568 52.93 24.15 44.21
N LYS C 569 53.98 23.32 44.26
CA LYS C 569 55.31 23.81 44.57
C LYS C 569 55.86 24.76 43.50
N CYS C 570 56.07 24.24 42.28
CA CYS C 570 56.79 25.03 41.29
C CYS C 570 56.37 24.62 39.88
N GLY C 571 56.68 25.49 38.93
CA GLY C 571 56.45 25.24 37.53
C GLY C 571 57.63 25.66 36.68
N PRO C 572 58.07 24.79 35.79
CA PRO C 572 59.29 25.03 35.01
C PRO C 572 59.03 25.81 33.72
N ARG C 573 60.13 26.14 33.05
CA ARG C 573 60.10 26.84 31.77
C ARG C 573 61.11 26.18 30.82
N LEU C 574 60.93 26.43 29.53
CA LEU C 574 61.74 25.81 28.51
C LEU C 574 63.12 26.47 28.42
N SER C 575 63.93 25.98 27.49
CA SER C 575 65.27 26.49 27.24
C SER C 575 65.40 26.90 25.77
N ALA C 576 66.51 27.56 25.45
CA ALA C 576 66.71 28.09 24.10
C ALA C 576 66.98 26.98 23.10
N GLU C 577 67.86 26.04 23.46
CA GLU C 577 68.19 24.95 22.54
C GLU C 577 66.97 24.06 22.28
N ALA C 578 66.22 23.74 23.34
CA ALA C 578 64.99 22.98 23.17
C ALA C 578 63.99 23.75 22.33
N ALA C 579 63.92 25.07 22.52
CA ALA C 579 63.01 25.89 21.72
C ALA C 579 63.37 25.82 20.24
N GLU C 580 64.67 25.93 19.92
CA GLU C 580 65.10 25.86 18.52
C GLU C 580 64.80 24.48 17.94
N LYS C 581 65.09 23.42 18.68
CA LYS C 581 64.81 22.07 18.20
C LYS C 581 63.32 21.89 17.93
N LEU C 582 62.47 22.35 18.86
CA LEU C 582 61.04 22.22 18.68
C LEU C 582 60.54 23.07 17.52
N LYS C 583 61.12 24.25 17.31
CA LYS C 583 60.73 25.07 16.17
C LYS C 583 61.06 24.36 14.85
N ASN C 584 62.26 23.79 14.76
CA ASN C 584 62.64 23.07 13.54
C ASN C 584 61.73 21.87 13.32
N ARG C 585 61.45 21.11 14.38
CA ARG C 585 60.56 19.95 14.25
C ARG C 585 59.16 20.38 13.85
N TYR C 586 58.68 21.49 14.39
CA TYR C 586 57.35 21.98 14.03
C TYR C 586 57.29 22.40 12.57
N ILE C 587 58.34 23.06 12.07
CA ILE C 587 58.37 23.44 10.66
C ILE C 587 58.37 22.19 9.78
N ILE C 588 59.19 21.19 10.13
CA ILE C 588 59.26 19.96 9.35
C ILE C 588 57.90 19.25 9.36
N MET C 589 57.27 19.17 10.53
CA MET C 589 55.98 18.49 10.64
C MET C 589 54.89 19.22 9.87
N ARG C 590 54.92 20.55 9.88
CA ARG C 590 53.95 21.31 9.10
C ARG C 590 54.15 21.09 7.61
N SER C 591 55.40 21.04 7.15
CA SER C 591 55.65 20.74 5.74
C SER C 591 55.17 19.33 5.39
N GLY C 592 55.38 18.37 6.31
CA GLY C 592 54.94 17.01 6.05
C GLY C 592 53.42 16.90 5.97
N ALA C 593 52.72 17.57 6.90
CA ALA C 593 51.27 17.57 6.86
C ALA C 593 50.76 18.23 5.60
N ARG C 594 51.36 19.37 5.22
CA ARG C 594 51.16 19.93 3.90
C ARG C 594 51.21 18.87 2.80
N GLN C 595 52.35 18.20 2.68
CA GLN C 595 52.57 17.33 1.54
C GLN C 595 51.60 16.15 1.55
N HIS C 596 51.30 15.62 2.73
CA HIS C 596 50.30 14.56 2.83
C HIS C 596 48.94 15.06 2.35
N GLU C 597 48.52 16.26 2.78
CA GLU C 597 47.23 16.78 2.34
C GLU C 597 47.21 17.03 0.84
N ARG C 598 48.29 17.59 0.30
CA ARG C 598 48.34 17.92 -1.13
C ARG C 598 48.32 16.65 -1.98
N ASP C 599 49.06 15.62 -1.58
CA ASP C 599 49.07 14.38 -2.35
C ASP C 599 47.75 13.64 -2.22
N SER C 600 47.14 13.65 -1.03
CA SER C 600 45.89 12.94 -0.82
C SER C 600 44.71 13.58 -1.54
N ASP C 601 44.84 14.86 -1.92
CA ASP C 601 43.75 15.60 -2.57
C ASP C 601 42.49 15.56 -1.71
N ARG C 602 42.67 15.68 -0.40
CA ARG C 602 41.56 15.64 0.53
C ARG C 602 41.96 16.38 1.81
N ARG C 603 40.99 17.06 2.41
CA ARG C 603 41.25 17.86 3.60
C ARG C 603 41.36 16.97 4.82
N SER C 604 42.47 17.06 5.54
CA SER C 604 42.63 16.28 6.76
C SER C 604 41.72 16.83 7.87
N SER C 605 41.04 15.93 8.56
CA SER C 605 40.15 16.33 9.64
C SER C 605 40.90 16.77 10.89
N ILE C 606 42.21 16.56 10.95
CA ILE C 606 43.03 16.96 12.09
C ILE C 606 44.12 17.89 11.61
N PRO C 607 43.87 19.20 11.54
CA PRO C 607 44.90 20.13 11.09
C PRO C 607 45.98 20.36 12.15
N ILE C 608 47.11 20.88 11.69
CA ILE C 608 48.24 21.21 12.55
C ILE C 608 48.43 22.72 12.51
N THR C 609 48.39 23.35 13.67
CA THR C 609 48.52 24.80 13.79
C THR C 609 49.48 25.11 14.93
N VAL C 610 49.54 26.40 15.29
CA VAL C 610 50.37 26.83 16.41
C VAL C 610 49.88 26.25 17.73
N ARG C 611 48.58 25.91 17.81
CA ARG C 611 48.06 25.30 19.03
C ARG C 611 48.73 23.95 19.30
N GLN C 612 49.10 23.22 18.25
CA GLN C 612 49.86 21.98 18.44
C GLN C 612 51.22 22.27 19.04
N LEU C 613 51.89 23.34 18.59
CA LEU C 613 53.16 23.74 19.18
C LEU C 613 52.98 24.11 20.65
N GLU C 614 51.90 24.82 20.97
CA GLU C 614 51.63 25.17 22.36
C GLU C 614 51.39 23.91 23.19
N ALA C 615 50.68 22.94 22.63
CA ALA C 615 50.44 21.68 23.34
C ALA C 615 51.74 20.93 23.60
N ILE C 616 52.64 20.90 22.61
CA ILE C 616 53.92 20.23 22.80
C ILE C 616 54.75 20.95 23.86
N VAL C 617 54.73 22.29 23.84
CA VAL C 617 55.42 23.06 24.87
C VAL C 617 54.86 22.74 26.24
N ARG C 618 53.53 22.65 26.35
CA ARG C 618 52.91 22.34 27.62
C ARG C 618 53.27 20.94 28.11
N ILE C 619 53.32 19.97 27.19
CA ILE C 619 53.69 18.61 27.57
C ILE C 619 55.14 18.56 28.04
N ALA C 620 56.04 19.26 27.35
CA ALA C 620 57.43 19.32 27.80
C ALA C 620 57.54 19.97 29.16
N GLU C 621 56.78 21.05 29.38
CA GLU C 621 56.78 21.70 30.69
C GLU C 621 56.26 20.78 31.77
N ALA C 622 55.23 19.99 31.46
CA ALA C 622 54.72 19.01 32.42
C ALA C 622 55.76 17.95 32.74
N LEU C 623 56.48 17.49 31.72
CA LEU C 623 57.54 16.50 31.95
C LEU C 623 58.64 17.07 32.83
N SER C 624 59.03 18.33 32.60
CA SER C 624 60.01 18.97 33.46
C SER C 624 59.48 19.17 34.87
N LYS C 625 58.19 19.49 34.99
CA LYS C 625 57.57 19.66 36.30
C LYS C 625 57.58 18.36 37.09
N MET C 626 57.38 17.23 36.40
CA MET C 626 57.41 15.94 37.07
C MET C 626 58.72 15.69 37.79
N LYS C 627 59.82 16.23 37.27
CA LYS C 627 61.13 16.13 37.90
C LYS C 627 61.45 17.33 38.78
N LEU C 628 60.54 18.29 38.88
CA LEU C 628 60.69 19.49 39.72
C LEU C 628 61.90 20.34 39.33
N GLN C 629 62.45 20.13 38.13
CA GLN C 629 63.57 20.94 37.70
C GLN C 629 63.10 22.33 37.25
N PRO C 630 63.87 23.38 37.57
CA PRO C 630 63.45 24.73 37.16
C PRO C 630 63.46 24.93 35.66
N PHE C 631 64.36 24.27 34.93
CA PHE C 631 64.47 24.42 33.49
C PHE C 631 64.27 23.07 32.81
N ALA C 632 63.49 23.06 31.73
CA ALA C 632 63.27 21.83 30.98
C ALA C 632 64.51 21.44 30.21
N THR C 633 64.65 20.14 29.97
CA THR C 633 65.78 19.58 29.25
C THR C 633 65.33 19.10 27.87
N GLU C 634 66.31 18.71 27.05
CA GLU C 634 66.00 18.24 25.71
C GLU C 634 65.32 16.88 25.73
N ALA C 635 65.56 16.08 26.77
CA ALA C 635 64.91 14.77 26.86
C ALA C 635 63.40 14.91 26.99
N ASP C 636 62.96 15.89 27.80
CA ASP C 636 61.52 16.12 27.93
C ASP C 636 60.89 16.52 26.61
N VAL C 637 61.58 17.39 25.86
CA VAL C 637 61.06 17.80 24.55
C VAL C 637 61.02 16.62 23.60
N GLU C 638 62.05 15.77 23.62
CA GLU C 638 62.05 14.59 22.75
C GLU C 638 60.91 13.64 23.09
N GLU C 639 60.67 13.41 24.39
CA GLU C 639 59.57 12.54 24.78
C GLU C 639 58.23 13.14 24.39
N ALA C 640 58.06 14.45 24.57
CA ALA C 640 56.82 15.11 24.18
C ALA C 640 56.61 15.00 22.67
N LEU C 641 57.68 15.19 21.89
CA LEU C 641 57.57 15.08 20.43
C LEU C 641 57.21 13.66 20.02
N ARG C 642 57.81 12.66 20.68
CA ARG C 642 57.50 11.27 20.35
C ARG C 642 56.04 10.96 20.65
N LEU C 643 55.55 11.39 21.82
CA LEU C 643 54.15 11.15 22.17
C LEU C 643 53.20 11.87 21.23
N PHE C 644 53.52 13.12 20.90
CA PHE C 644 52.67 13.89 19.98
C PHE C 644 52.64 13.23 18.61
N GLN C 645 53.78 12.77 18.12
CA GLN C 645 53.82 12.03 16.86
C GLN C 645 52.92 10.81 16.93
N VAL C 646 53.20 9.92 17.90
CA VAL C 646 52.49 8.64 18.00
C VAL C 646 50.99 8.85 18.11
N SER C 647 50.57 9.93 18.77
CA SER C 647 49.13 10.20 18.90
C SER C 647 48.56 10.84 17.63
N THR C 648 49.00 12.05 17.32
CA THR C 648 48.35 12.83 16.28
C THR C 648 48.64 12.29 14.88
N LEU C 649 49.92 12.05 14.57
CA LEU C 649 50.28 11.67 13.21
C LEU C 649 49.65 10.33 12.84
N ASP C 650 49.63 9.38 13.78
CA ASP C 650 48.90 8.13 13.56
C ASP C 650 47.41 8.39 13.45
N ALA C 651 46.87 9.26 14.31
CA ALA C 651 45.45 9.60 14.22
C ALA C 651 45.12 10.32 12.93
N ALA C 652 45.96 11.26 12.52
CA ALA C 652 45.72 12.03 11.29
C ALA C 652 46.04 11.20 10.05
N PRO D 187 5.58 -37.46 84.47
CA PRO D 187 5.94 -37.92 83.13
C PRO D 187 6.30 -36.78 82.19
N TYR D 188 6.96 -37.12 81.07
CA TYR D 188 7.35 -36.09 80.11
C TYR D 188 6.14 -35.39 79.52
N LYS D 189 5.10 -36.17 79.17
CA LYS D 189 3.87 -35.56 78.66
C LYS D 189 3.22 -34.66 79.70
N TYR D 190 3.21 -35.10 80.96
CA TYR D 190 2.66 -34.25 82.02
C TYR D 190 3.51 -33.02 82.25
N GLN D 191 4.83 -33.13 82.10
CA GLN D 191 5.69 -31.96 82.21
C GLN D 191 5.40 -30.95 81.12
N VAL D 192 5.21 -31.43 79.89
CA VAL D 192 4.84 -30.53 78.78
C VAL D 192 3.48 -29.90 79.06
N LEU D 193 2.54 -30.69 79.58
CA LEU D 193 1.23 -30.17 79.94
C LEU D 193 1.34 -29.04 80.96
N ALA D 194 2.14 -29.24 82.00
CA ALA D 194 2.31 -28.22 83.02
C ALA D 194 2.97 -26.97 82.45
N GLU D 195 3.99 -27.15 81.60
CA GLU D 195 4.67 -26.00 81.01
C GLU D 195 3.73 -25.18 80.15
N MET D 196 2.95 -25.85 79.28
CA MET D 196 2.03 -25.10 78.44
C MET D 196 0.86 -24.54 79.24
N PHE D 197 0.49 -25.17 80.34
CA PHE D 197 -0.52 -24.59 81.23
C PHE D 197 -0.01 -23.29 81.85
N ARG D 198 1.27 -23.29 82.27
CA ARG D 198 1.86 -22.05 82.78
C ARG D 198 1.87 -20.98 81.70
N SER D 199 2.24 -21.34 80.47
CA SER D 199 2.25 -20.38 79.38
C SER D 199 0.84 -19.85 79.11
N MET D 200 -0.16 -20.72 79.11
CA MET D 200 -1.54 -20.31 78.92
C MET D 200 -1.98 -19.35 80.02
N ASP D 201 -1.63 -19.65 81.27
CA ASP D 201 -2.01 -18.78 82.38
C ASP D 201 -1.38 -17.42 82.24
N THR D 202 -0.10 -17.38 81.87
CA THR D 202 0.58 -16.09 81.68
C THR D 202 -0.07 -15.29 80.56
N ILE D 203 -0.38 -15.94 79.44
CA ILE D 203 -0.98 -15.24 78.31
C ILE D 203 -2.37 -14.72 78.68
N VAL D 204 -3.17 -15.54 79.37
CA VAL D 204 -4.50 -15.13 79.77
C VAL D 204 -4.43 -13.95 80.74
N GLY D 205 -3.49 -14.00 81.69
CA GLY D 205 -3.33 -12.88 82.60
C GLY D 205 -2.92 -11.60 81.90
N MET D 206 -1.98 -11.71 80.96
CA MET D 206 -1.54 -10.52 80.22
C MET D 206 -2.68 -9.92 79.41
N LEU D 207 -3.49 -10.77 78.78
CA LEU D 207 -4.61 -10.27 78.00
C LEU D 207 -5.70 -9.68 78.89
N HIS D 208 -5.93 -10.27 80.07
CA HIS D 208 -7.07 -9.86 80.89
C HIS D 208 -6.76 -8.65 81.76
N ASN D 209 -5.49 -8.45 82.13
CA ASN D 209 -5.16 -7.34 83.02
C ASN D 209 -5.22 -5.98 82.33
N ARG D 210 -5.18 -5.94 81.00
CA ARG D 210 -5.26 -4.68 80.26
C ARG D 210 -6.63 -4.43 79.67
N SER D 211 -7.65 -5.16 80.15
CA SER D 211 -8.99 -5.10 79.58
C SER D 211 -8.97 -5.47 78.10
N GLU D 212 -8.62 -6.71 77.80
CA GLU D 212 -8.68 -7.26 76.46
C GLU D 212 -9.26 -8.66 76.52
N THR D 213 -10.19 -8.96 75.61
CA THR D 213 -10.85 -10.26 75.61
C THR D 213 -9.91 -11.32 75.07
N PRO D 214 -9.61 -12.38 75.83
CA PRO D 214 -8.69 -13.42 75.36
C PRO D 214 -9.35 -14.34 74.35
N THR D 215 -8.93 -14.24 73.10
CA THR D 215 -9.39 -15.15 72.06
C THR D 215 -8.42 -16.32 71.93
N PHE D 216 -8.92 -17.40 71.32
CA PHE D 216 -8.10 -18.60 71.17
C PHE D 216 -6.91 -18.36 70.26
N ALA D 217 -7.09 -17.56 69.20
CA ALA D 217 -6.01 -17.33 68.26
C ALA D 217 -4.85 -16.59 68.91
N LYS D 218 -5.15 -15.56 69.71
CA LYS D 218 -4.09 -14.81 70.38
C LYS D 218 -3.34 -15.69 71.38
N VAL D 219 -4.07 -16.50 72.14
CA VAL D 219 -3.43 -17.40 73.10
C VAL D 219 -2.54 -18.40 72.38
N GLN D 220 -3.03 -18.96 71.27
CA GLN D 220 -2.22 -19.90 70.50
C GLN D 220 -0.96 -19.24 69.96
N ARG D 221 -1.09 -18.01 69.44
CA ARG D 221 0.07 -17.29 68.94
C ARG D 221 1.09 -17.05 70.05
N GLY D 222 0.61 -16.61 71.21
CA GLY D 222 1.52 -16.36 72.33
C GLY D 222 2.22 -17.61 72.80
N VAL D 223 1.49 -18.72 72.94
CA VAL D 223 2.09 -19.97 73.38
C VAL D 223 3.11 -20.46 72.36
N GLN D 224 2.77 -20.36 71.06
CA GLN D 224 3.69 -20.81 70.02
C GLN D 224 4.97 -19.98 70.03
N ASP D 225 4.85 -18.67 70.23
CA ASP D 225 6.05 -17.84 70.32
C ASP D 225 6.86 -18.15 71.57
N MET D 226 6.18 -18.43 72.69
CA MET D 226 6.89 -18.61 73.95
C MET D 226 7.61 -19.95 74.01
N MET D 227 6.97 -21.02 73.56
CA MET D 227 7.50 -22.37 73.73
C MET D 227 7.93 -23.05 72.43
N ARG D 228 7.75 -22.39 71.28
CA ARG D 228 8.18 -22.94 69.99
C ARG D 228 7.52 -24.30 69.71
N ARG D 229 6.26 -24.45 70.12
CA ARG D 229 5.58 -25.73 70.01
C ARG D 229 4.15 -25.51 69.51
N ARG D 230 3.63 -26.54 68.84
CA ARG D 230 2.27 -26.49 68.31
C ARG D 230 1.26 -26.39 69.45
N PHE D 231 0.23 -25.59 69.24
CA PHE D 231 -0.85 -25.39 70.20
C PHE D 231 -2.17 -25.74 69.53
N GLU D 232 -3.01 -26.51 70.23
CA GLU D 232 -4.24 -26.99 69.62
C GLU D 232 -5.30 -27.22 70.70
N GLU D 233 -6.55 -27.34 70.26
CA GLU D 233 -7.68 -27.41 71.18
C GLU D 233 -7.68 -28.69 72.00
N CYS D 234 -7.06 -29.76 71.49
CA CYS D 234 -7.02 -31.02 72.23
C CYS D 234 -6.29 -30.85 73.56
N ASN D 235 -5.19 -30.11 73.56
CA ASN D 235 -4.45 -29.89 74.79
C ASN D 235 -5.21 -28.96 75.75
N VAL D 236 -5.98 -28.02 75.20
CA VAL D 236 -6.85 -27.21 76.04
C VAL D 236 -7.91 -28.06 76.71
N GLY D 237 -8.50 -29.00 75.97
CA GLY D 237 -9.44 -29.94 76.57
C GLY D 237 -8.78 -30.81 77.62
N GLN D 238 -7.53 -31.19 77.40
CA GLN D 238 -6.79 -31.93 78.42
C GLN D 238 -6.62 -31.11 79.69
N ILE D 239 -6.30 -29.81 79.54
CA ILE D 239 -6.23 -28.92 80.70
C ILE D 239 -7.57 -28.88 81.42
N LYS D 240 -8.65 -28.73 80.65
CA LYS D 240 -9.98 -28.66 81.26
C LYS D 240 -10.30 -29.95 82.02
N THR D 241 -9.86 -31.09 81.48
CA THR D 241 -10.01 -32.35 82.20
C THR D 241 -9.22 -32.34 83.50
N VAL D 242 -7.99 -31.83 83.46
CA VAL D 242 -7.14 -31.86 84.65
C VAL D 242 -7.70 -30.94 85.73
N TYR D 243 -7.80 -29.65 85.44
CA TYR D 243 -8.28 -28.66 86.41
C TYR D 243 -9.34 -27.79 85.73
N PRO D 244 -10.60 -28.25 85.72
CA PRO D 244 -11.65 -27.48 85.05
C PRO D 244 -11.93 -26.11 85.68
N ALA D 245 -11.58 -25.92 86.95
CA ALA D 245 -11.85 -24.66 87.63
C ALA D 245 -10.95 -23.53 87.17
N SER D 246 -10.02 -23.78 86.25
CA SER D 246 -9.10 -22.74 85.82
C SER D 246 -9.81 -21.67 84.99
N TYR D 247 -10.72 -22.07 84.11
CA TYR D 247 -11.27 -21.15 83.13
C TYR D 247 -12.72 -21.51 82.81
N ARG D 248 -13.41 -20.54 82.22
CA ARG D 248 -14.72 -20.72 81.63
C ARG D 248 -14.61 -20.50 80.13
N PHE D 249 -15.03 -21.50 79.35
CA PHE D 249 -14.92 -21.44 77.90
C PHE D 249 -16.29 -21.12 77.30
N ARG D 250 -16.32 -20.14 76.39
CA ARG D 250 -17.56 -19.70 75.78
C ARG D 250 -17.38 -19.55 74.28
N GLN D 251 -18.49 -19.64 73.55
CA GLN D 251 -18.52 -19.36 72.12
C GLN D 251 -19.25 -18.03 71.92
N GLU D 252 -18.56 -17.06 71.32
CA GLU D 252 -19.06 -15.69 71.27
C GLU D 252 -18.85 -15.12 69.88
N ARG D 253 -19.68 -14.13 69.56
CA ARG D 253 -19.62 -13.38 68.30
C ARG D 253 -19.23 -11.93 68.59
N SER D 254 -19.23 -11.13 67.52
CA SER D 254 -19.01 -9.68 67.61
C SER D 254 -17.66 -9.34 68.26
N VAL D 255 -16.65 -10.17 68.03
CA VAL D 255 -15.31 -9.94 68.55
C VAL D 255 -14.55 -9.10 67.51
N PRO D 256 -14.16 -7.87 67.83
CA PRO D 256 -13.45 -7.04 66.84
C PRO D 256 -12.05 -7.58 66.59
N THR D 257 -11.81 -8.05 65.37
CA THR D 257 -10.52 -8.57 64.96
C THR D 257 -9.74 -7.59 64.09
N PHE D 258 -9.92 -6.30 64.31
CA PHE D 258 -9.27 -5.24 63.52
C PHE D 258 -9.61 -5.43 62.05
N LYS D 259 -8.68 -5.04 61.17
CA LYS D 259 -8.91 -5.08 59.72
C LYS D 259 -8.37 -6.39 59.12
N ASP D 260 -8.87 -7.50 59.67
CA ASP D 260 -8.46 -8.83 59.21
C ASP D 260 -9.43 -9.42 58.21
N GLY D 261 -10.50 -8.72 57.85
CA GLY D 261 -11.46 -9.25 56.90
C GLY D 261 -12.33 -10.36 57.44
N THR D 262 -12.43 -10.49 58.76
CA THR D 262 -13.22 -11.55 59.37
C THR D 262 -14.70 -11.20 59.35
N ARG D 263 -15.53 -12.13 58.88
CA ARG D 263 -16.97 -11.91 58.86
C ARG D 263 -17.56 -12.01 60.26
N ARG D 264 -18.71 -11.35 60.45
CA ARG D 264 -19.35 -11.33 61.76
C ARG D 264 -19.86 -12.71 62.16
N SER D 265 -20.29 -13.52 61.19
CA SER D 265 -20.90 -14.81 61.49
C SER D 265 -19.88 -15.86 61.95
N ASP D 266 -18.62 -15.49 62.16
CA ASP D 266 -17.60 -16.43 62.58
C ASP D 266 -17.58 -16.52 64.11
N TYR D 267 -17.93 -17.70 64.64
CA TYR D 267 -17.85 -17.92 66.07
C TYR D 267 -16.40 -17.91 66.54
N GLN D 268 -16.19 -17.42 67.76
CA GLN D 268 -14.87 -17.38 68.36
C GLN D 268 -14.92 -17.97 69.76
N LEU D 269 -13.93 -18.80 70.09
CA LEU D 269 -13.85 -19.44 71.40
C LEU D 269 -13.09 -18.53 72.35
N THR D 270 -13.79 -17.99 73.34
CA THR D 270 -13.20 -17.11 74.34
C THR D 270 -13.00 -17.86 75.65
N ILE D 271 -11.98 -17.43 76.40
CA ILE D 271 -11.60 -18.04 77.66
C ILE D 271 -11.59 -16.95 78.72
N GLU D 272 -12.33 -17.18 79.81
CA GLU D 272 -12.43 -16.23 80.91
C GLU D 272 -11.81 -16.84 82.16
N PRO D 273 -10.81 -16.21 82.78
CA PRO D 273 -10.22 -16.78 83.99
C PRO D 273 -11.20 -16.78 85.15
N LEU D 274 -11.19 -17.86 85.92
CA LEU D 274 -12.05 -18.01 87.08
C LEU D 274 -11.24 -17.67 88.32
N LEU D 275 -11.51 -16.52 88.92
CA LEU D 275 -10.77 -16.04 90.08
C LEU D 275 -11.73 -15.70 91.21
N GLU D 276 -11.33 -16.02 92.43
CA GLU D 276 -12.13 -15.69 93.59
C GLU D 276 -12.17 -14.18 93.78
N GLN D 277 -13.36 -13.65 94.08
CA GLN D 277 -13.54 -12.23 94.28
C GLN D 277 -12.99 -11.83 95.65
N GLU D 278 -12.10 -10.84 95.66
CA GLU D 278 -11.57 -10.33 96.91
C GLU D 278 -12.62 -9.54 97.67
N ALA D 279 -12.41 -9.43 98.98
CA ALA D 279 -13.30 -8.65 99.83
C ALA D 279 -13.04 -7.15 99.75
N ASP D 280 -11.97 -6.74 99.07
CA ASP D 280 -11.64 -5.32 98.95
C ASP D 280 -12.51 -4.58 97.95
N GLY D 281 -13.27 -5.31 97.13
CA GLY D 281 -14.15 -4.70 96.15
C GLY D 281 -13.52 -4.37 94.82
N ALA D 282 -12.20 -4.50 94.69
CA ALA D 282 -11.53 -4.24 93.43
C ALA D 282 -11.72 -5.41 92.47
N ALA D 283 -11.60 -5.12 91.19
CA ALA D 283 -11.72 -6.17 90.18
C ALA D 283 -10.57 -7.16 90.33
N PRO D 284 -10.84 -8.46 90.27
CA PRO D 284 -9.77 -9.45 90.45
C PRO D 284 -8.72 -9.33 89.35
N GLN D 285 -7.46 -9.51 89.74
CA GLN D 285 -6.33 -9.42 88.82
C GLN D 285 -5.41 -10.62 89.05
N LEU D 286 -4.89 -11.17 87.96
CA LEU D 286 -3.99 -12.32 88.03
C LEU D 286 -2.61 -11.84 88.46
N THR D 287 -2.42 -11.76 89.77
CA THR D 287 -1.13 -11.40 90.34
C THR D 287 -0.22 -12.63 90.34
N ALA D 288 1.09 -12.38 90.45
CA ALA D 288 2.06 -13.46 90.43
C ALA D 288 1.80 -14.49 91.52
N SER D 289 1.26 -14.06 92.67
CA SER D 289 0.90 -15.01 93.71
C SER D 289 -0.19 -15.97 93.24
N ARG D 290 -1.22 -15.43 92.58
CA ARG D 290 -2.26 -16.29 92.03
C ARG D 290 -1.72 -17.19 90.93
N LEU D 291 -0.79 -16.68 90.13
CA LEU D 291 -0.18 -17.50 89.09
C LEU D 291 0.56 -18.69 89.70
N LEU D 292 1.35 -18.43 90.74
CA LEU D 292 2.07 -19.50 91.42
C LEU D 292 1.10 -20.48 92.06
N GLN D 293 0.03 -19.99 92.67
CA GLN D 293 -0.98 -20.86 93.25
C GLN D 293 -1.58 -21.78 92.18
N ARG D 294 -1.90 -21.22 91.01
CA ARG D 294 -2.51 -22.01 89.95
C ARG D 294 -1.56 -23.08 89.42
N ARG D 295 -0.28 -22.72 89.21
CA ARG D 295 0.65 -23.75 88.72
C ARG D 295 0.89 -24.82 89.77
N GLN D 296 0.95 -24.44 91.05
CA GLN D 296 1.12 -25.43 92.11
C GLN D 296 -0.09 -26.37 92.18
N ILE D 297 -1.30 -25.82 92.05
CA ILE D 297 -2.49 -26.67 92.08
C ILE D 297 -2.52 -27.60 90.87
N PHE D 298 -2.12 -27.09 89.70
CA PHE D 298 -2.07 -27.94 88.50
C PHE D 298 -1.06 -29.07 88.68
N SER D 299 0.11 -28.76 89.24
CA SER D 299 1.10 -29.80 89.51
C SER D 299 0.59 -30.81 90.52
N GLN D 300 -0.12 -30.35 91.55
CA GLN D 300 -0.70 -31.27 92.52
C GLN D 300 -1.72 -32.20 91.88
N LYS D 301 -2.55 -31.65 90.99
CA LYS D 301 -3.51 -32.49 90.27
C LYS D 301 -2.81 -33.51 89.39
N LEU D 302 -1.72 -33.09 88.72
CA LEU D 302 -0.95 -34.04 87.92
C LEU D 302 -0.36 -35.15 88.79
N VAL D 303 0.17 -34.80 89.95
CA VAL D 303 0.73 -35.79 90.86
C VAL D 303 -0.35 -36.75 91.34
N GLU D 304 -1.54 -36.22 91.63
CA GLU D 304 -2.65 -37.08 92.04
C GLU D 304 -3.04 -38.03 90.92
N HIS D 305 -3.06 -37.54 89.67
CA HIS D 305 -3.37 -38.41 88.54
C HIS D 305 -2.33 -39.51 88.38
N VAL D 306 -1.05 -39.18 88.58
CA VAL D 306 0.00 -40.20 88.52
C VAL D 306 -0.18 -41.22 89.64
N LYS D 307 -0.54 -40.76 90.83
CA LYS D 307 -0.66 -41.65 91.98
C LYS D 307 -1.78 -42.67 91.78
N GLU D 308 -2.79 -42.34 91.00
CA GLU D 308 -3.91 -43.25 90.74
C GLU D 308 -3.44 -44.46 89.93
N ASP D 342 -2.63 -41.52 78.35
CA ASP D 342 -2.84 -40.10 78.09
C ASP D 342 -4.14 -39.61 78.74
N ILE D 343 -4.17 -38.33 79.09
CA ILE D 343 -5.35 -37.73 79.71
C ILE D 343 -6.38 -37.46 78.63
N GLU D 344 -7.59 -37.95 78.85
CA GLU D 344 -8.67 -37.76 77.88
C GLU D 344 -9.11 -36.30 77.89
N PRO D 345 -9.08 -35.60 76.76
CA PRO D 345 -9.48 -34.19 76.75
C PRO D 345 -10.96 -34.02 77.04
N ALA D 346 -11.27 -32.89 77.70
CA ALA D 346 -12.66 -32.54 77.97
C ALA D 346 -13.32 -31.96 76.73
N ALA D 347 -14.64 -32.13 76.65
CA ALA D 347 -15.39 -31.64 75.50
C ALA D 347 -15.50 -30.12 75.58
N LEU D 348 -14.77 -29.44 74.71
CA LEU D 348 -14.85 -27.99 74.65
C LEU D 348 -16.19 -27.55 74.07
N PRO D 349 -16.69 -26.38 74.45
CA PRO D 349 -17.98 -25.92 73.91
C PRO D 349 -17.90 -25.61 72.42
N GLN D 350 -18.57 -26.43 71.61
CA GLN D 350 -18.58 -26.24 70.18
C GLN D 350 -19.48 -25.07 69.79
N PRO D 351 -19.18 -24.38 68.70
CA PRO D 351 -20.03 -23.27 68.26
C PRO D 351 -21.42 -23.76 67.90
N PRO D 352 -22.47 -22.96 68.20
CA PRO D 352 -23.85 -23.28 67.85
C PRO D 352 -24.04 -23.62 66.37
N SER D 419 -56.07 -40.86 23.42
CA SER D 419 -55.59 -40.24 22.19
C SER D 419 -55.20 -38.78 22.44
N GLN D 420 -54.32 -38.26 21.58
CA GLN D 420 -53.86 -36.89 21.73
C GLN D 420 -55.01 -35.89 21.56
N ASP D 421 -55.91 -36.18 20.62
CA ASP D 421 -57.02 -35.26 20.35
C ASP D 421 -57.92 -35.12 21.58
N LEU D 422 -58.20 -36.22 22.27
CA LEU D 422 -59.05 -36.16 23.46
C LEU D 422 -58.41 -35.32 24.55
N LEU D 423 -57.10 -35.52 24.78
CA LEU D 423 -56.40 -34.71 25.79
C LEU D 423 -56.40 -33.24 25.42
N GLU D 424 -56.18 -32.92 24.14
CA GLU D 424 -56.17 -31.52 23.73
C GLU D 424 -57.55 -30.90 23.87
N ARG D 425 -58.60 -31.65 23.54
CA ARG D 425 -59.96 -31.13 23.68
C ARG D 425 -60.31 -30.90 25.16
N ILE D 426 -59.88 -31.80 26.03
CA ILE D 426 -60.08 -31.60 27.47
C ILE D 426 -59.34 -30.36 27.94
N ARG D 427 -58.10 -30.18 27.47
CA ARG D 427 -57.33 -28.99 27.83
C ARG D 427 -58.02 -27.72 27.32
N ALA D 428 -58.55 -27.76 26.11
CA ALA D 428 -59.26 -26.60 25.56
C ALA D 428 -60.52 -26.29 26.37
N LYS D 429 -61.25 -27.32 26.77
CA LYS D 429 -62.43 -27.11 27.61
C LYS D 429 -62.05 -26.49 28.94
N GLU D 430 -60.97 -26.98 29.56
CA GLU D 430 -60.50 -26.41 30.83
C GLU D 430 -60.08 -24.96 30.64
N ALA D 431 -59.39 -24.66 29.53
CA ALA D 431 -58.97 -23.30 29.26
C ALA D 431 -60.17 -22.38 29.05
N GLN D 432 -61.20 -22.86 28.36
CA GLN D 432 -62.40 -22.05 28.17
C GLN D 432 -63.11 -21.80 29.50
N LYS D 433 -63.18 -22.82 30.35
CA LYS D 433 -63.79 -22.64 31.66
C LYS D 433 -63.02 -21.63 32.50
N GLN D 434 -61.69 -21.72 32.48
CA GLN D 434 -60.88 -20.77 33.24
C GLN D 434 -60.99 -19.36 32.66
N LEU D 435 -61.11 -19.24 31.33
CA LEU D 435 -61.31 -17.94 30.71
C LEU D 435 -62.65 -17.34 31.13
N ALA D 436 -63.70 -18.15 31.15
CA ALA D 436 -64.98 -17.68 31.66
C ALA D 436 -64.88 -17.28 33.12
N GLN D 437 -64.05 -17.98 33.89
CA GLN D 437 -63.81 -17.61 35.28
C GLN D 437 -63.13 -16.25 35.38
N MET D 438 -62.17 -15.97 34.50
CA MET D 438 -61.43 -14.71 34.55
C MET D 438 -62.12 -13.59 33.77
N THR D 439 -63.31 -13.83 33.20
CA THR D 439 -64.07 -12.75 32.60
C THR D 439 -64.49 -11.71 33.62
N ARG D 440 -64.45 -12.05 34.91
CA ARG D 440 -64.67 -11.08 35.96
C ARG D 440 -63.62 -9.99 35.90
N CYS D 441 -64.01 -8.78 36.32
CA CYS D 441 -63.15 -7.62 36.15
C CYS D 441 -61.82 -7.82 36.88
N PRO D 442 -60.69 -7.62 36.21
CA PRO D 442 -59.39 -7.79 36.90
C PRO D 442 -59.21 -6.85 38.08
N GLU D 443 -59.76 -5.63 38.00
CA GLU D 443 -59.57 -4.66 39.07
C GLU D 443 -60.02 -5.22 40.41
N GLN D 444 -61.03 -6.09 40.41
CA GLN D 444 -61.52 -6.67 41.66
C GLN D 444 -60.40 -7.31 42.47
N GLU D 445 -59.44 -7.95 41.79
CA GLU D 445 -58.30 -8.50 42.53
C GLU D 445 -57.20 -7.48 42.77
N GLN D 446 -57.03 -6.52 41.84
CA GLN D 446 -55.95 -5.54 41.99
C GLN D 446 -56.09 -4.78 43.30
N ARG D 447 -57.30 -4.24 43.56
CA ARG D 447 -57.56 -3.61 44.85
C ARG D 447 -57.17 -4.54 45.99
N LEU D 448 -57.58 -5.80 45.90
CA LEU D 448 -57.22 -6.78 46.93
C LEU D 448 -55.70 -6.82 47.12
N GLN D 449 -54.97 -6.89 46.01
CA GLN D 449 -53.51 -6.82 46.08
C GLN D 449 -53.10 -5.57 46.84
N ARG D 450 -53.61 -4.42 46.41
CA ARG D 450 -53.29 -3.17 47.08
C ARG D 450 -53.78 -3.18 48.52
N LEU D 451 -54.87 -3.90 48.80
CA LEU D 451 -55.37 -3.96 50.17
C LEU D 451 -54.36 -4.62 51.10
N GLU D 452 -53.51 -5.51 50.58
CA GLU D 452 -52.49 -6.10 51.41
C GLU D 452 -51.28 -5.18 51.59
N ARG D 453 -51.13 -4.18 50.73
CA ARG D 453 -50.01 -3.26 50.81
C ARG D 453 -50.33 -1.99 51.59
N LEU D 454 -51.61 -1.69 51.79
CA LEU D 454 -51.99 -0.42 52.41
C LEU D 454 -51.49 -0.27 53.85
N PRO D 455 -51.61 -1.26 54.76
CA PRO D 455 -51.23 -1.02 56.16
C PRO D 455 -49.78 -0.58 56.34
N GLU D 456 -48.84 -1.39 55.86
CA GLU D 456 -47.42 -1.09 56.05
C GLU D 456 -47.08 0.30 55.53
N LEU D 457 -47.45 0.60 54.28
CA LEU D 457 -47.22 1.92 53.73
C LEU D 457 -47.81 3.00 54.62
N ALA D 458 -49.02 2.77 55.12
CA ALA D 458 -49.65 3.73 56.02
C ALA D 458 -48.72 4.08 57.18
N ARG D 459 -48.12 3.06 57.79
CA ARG D 459 -47.16 3.29 58.87
C ARG D 459 -46.10 4.28 58.43
N VAL D 460 -45.47 4.01 57.28
CA VAL D 460 -44.45 4.91 56.76
C VAL D 460 -45.02 6.32 56.62
N LEU D 461 -46.23 6.42 56.07
CA LEU D 461 -46.86 7.72 55.90
C LEU D 461 -46.89 8.48 57.22
N ARG D 462 -47.30 7.79 58.29
CA ARG D 462 -47.32 8.43 59.61
C ARG D 462 -45.95 8.99 59.94
N SER D 463 -44.91 8.16 59.82
CA SER D 463 -43.56 8.61 60.13
C SER D 463 -43.19 9.82 59.28
N VAL D 464 -43.62 9.81 58.01
CA VAL D 464 -43.33 10.95 57.13
C VAL D 464 -43.88 12.23 57.73
N PHE D 465 -45.15 12.20 58.15
CA PHE D 465 -45.73 13.38 58.76
C PHE D 465 -45.12 13.68 60.12
N VAL D 466 -44.54 12.67 60.77
CA VAL D 466 -43.76 12.93 61.98
C VAL D 466 -42.48 13.67 61.63
N SER D 467 -41.87 13.32 60.50
CA SER D 467 -40.56 13.87 60.16
C SER D 467 -40.63 15.30 59.63
N GLU D 468 -41.73 15.65 58.95
CA GLU D 468 -41.76 16.91 58.19
C GLU D 468 -42.20 18.11 59.02
N ARG D 469 -42.70 17.92 60.24
CA ARG D 469 -43.17 19.01 61.09
C ARG D 469 -44.23 19.86 60.39
N LYS D 470 -45.09 19.22 59.60
CA LYS D 470 -46.07 19.97 58.83
C LYS D 470 -47.44 19.31 58.93
N PRO D 471 -48.51 20.10 58.91
CA PRO D 471 -49.85 19.53 59.05
C PRO D 471 -50.40 18.94 57.75
N ALA D 472 -49.96 19.50 56.61
CA ALA D 472 -50.44 19.03 55.32
C ALA D 472 -49.31 19.10 54.31
N LEU D 473 -49.32 18.16 53.37
CA LEU D 473 -48.27 18.05 52.36
C LEU D 473 -48.87 17.78 50.99
N SER D 474 -48.14 18.18 49.95
CA SER D 474 -48.59 17.97 48.60
C SER D 474 -48.46 16.50 48.20
N MET D 475 -49.16 16.12 47.13
CA MET D 475 -49.06 14.76 46.61
C MET D 475 -47.64 14.46 46.14
N GLU D 476 -47.02 15.39 45.43
CA GLU D 476 -45.73 15.11 44.77
C GLU D 476 -44.65 14.81 45.79
N VAL D 477 -44.47 15.70 46.77
CA VAL D 477 -43.38 15.53 47.73
C VAL D 477 -43.61 14.30 48.60
N ALA D 478 -44.85 14.10 49.06
CA ALA D 478 -45.15 12.95 49.90
C ALA D 478 -44.91 11.65 49.15
N CYS D 479 -45.39 11.57 47.90
CA CYS D 479 -45.17 10.36 47.11
C CYS D 479 -43.70 10.13 46.85
N ALA D 480 -42.94 11.19 46.54
CA ALA D 480 -41.51 11.03 46.29
C ALA D 480 -40.81 10.49 47.53
N ARG D 481 -41.12 11.06 48.70
CA ARG D 481 -40.47 10.61 49.93
C ARG D 481 -40.87 9.17 50.27
N MET D 482 -42.15 8.82 50.09
CA MET D 482 -42.58 7.46 50.38
C MET D 482 -41.90 6.46 49.45
N VAL D 483 -41.78 6.78 48.16
CA VAL D 483 -41.08 5.91 47.23
C VAL D 483 -39.62 5.79 47.63
N GLY D 484 -38.99 6.90 47.99
CA GLY D 484 -37.61 6.87 48.42
C GLY D 484 -37.39 6.19 49.75
N SER D 485 -38.45 5.92 50.49
CA SER D 485 -38.34 5.23 51.77
C SER D 485 -39.07 3.90 51.82
N CYS D 486 -39.87 3.56 50.81
CA CYS D 486 -40.60 2.30 50.82
C CYS D 486 -39.66 1.12 50.57
N CYS D 487 -40.08 -0.04 51.07
CA CYS D 487 -39.34 -1.27 50.86
C CYS D 487 -39.52 -1.85 49.46
N THR D 488 -40.51 -1.36 48.71
CA THR D 488 -40.80 -1.85 47.37
C THR D 488 -40.65 -0.72 46.36
N ILE D 489 -40.00 -1.01 45.23
CA ILE D 489 -39.89 -0.03 44.16
C ILE D 489 -41.24 0.07 43.46
N MET D 490 -41.79 1.29 43.44
CA MET D 490 -43.12 1.52 42.88
C MET D 490 -43.12 2.83 42.12
N SER D 491 -44.10 2.97 41.21
CA SER D 491 -44.27 4.19 40.43
C SER D 491 -45.06 5.22 41.22
N PRO D 492 -44.85 6.51 40.94
CA PRO D 492 -45.64 7.55 41.64
C PRO D 492 -47.13 7.40 41.44
N GLY D 493 -47.57 6.94 40.27
CA GLY D 493 -48.99 6.76 40.02
C GLY D 493 -49.59 5.71 40.94
N GLU D 494 -48.88 4.61 41.17
CA GLU D 494 -49.35 3.59 42.11
C GLU D 494 -49.49 4.17 43.52
N MET D 495 -48.52 5.01 43.92
CA MET D 495 -48.61 5.66 45.22
C MET D 495 -49.83 6.58 45.29
N GLU D 496 -50.10 7.31 44.21
CA GLU D 496 -51.27 8.19 44.19
C GLU D 496 -52.56 7.39 44.32
N LYS D 497 -52.67 6.28 43.60
CA LYS D 497 -53.87 5.45 43.69
C LYS D 497 -54.01 4.83 45.08
N HIS D 498 -52.88 4.43 45.69
CA HIS D 498 -52.93 3.91 47.05
C HIS D 498 -53.39 4.98 48.03
N LEU D 499 -52.92 6.21 47.86
CA LEU D 499 -53.36 7.31 48.72
C LEU D 499 -54.86 7.57 48.55
N LEU D 500 -55.34 7.52 47.30
CA LEU D 500 -56.77 7.68 47.05
C LEU D 500 -57.57 6.58 47.72
N LEU D 501 -57.07 5.35 47.66
CA LEU D 501 -57.74 4.23 48.31
C LEU D 501 -57.78 4.42 49.82
N LEU D 502 -56.67 4.87 50.41
CA LEU D 502 -56.67 5.16 51.84
C LEU D 502 -57.67 6.24 52.19
N SER D 503 -57.74 7.30 51.38
CA SER D 503 -58.69 8.37 51.65
C SER D 503 -60.13 7.87 51.57
N GLU D 504 -60.43 7.03 50.58
CA GLU D 504 -61.81 6.58 50.40
C GLU D 504 -62.21 5.56 51.46
N LEU D 505 -61.30 4.65 51.83
CA LEU D 505 -61.61 3.67 52.86
C LEU D 505 -61.72 4.32 54.24
N LEU D 506 -60.76 5.18 54.59
CA LEU D 506 -60.61 5.69 55.95
C LEU D 506 -60.57 7.21 55.89
N PRO D 507 -61.73 7.87 55.71
CA PRO D 507 -61.71 9.33 55.58
C PRO D 507 -61.51 10.06 56.91
N ASP D 508 -61.92 9.47 58.03
CA ASP D 508 -61.82 10.17 59.31
C ASP D 508 -60.37 10.43 59.70
N TRP D 509 -59.49 9.44 59.52
CA TRP D 509 -58.08 9.65 59.83
C TRP D 509 -57.43 10.59 58.84
N LEU D 510 -57.66 10.36 57.56
CA LEU D 510 -56.89 10.99 56.49
C LEU D 510 -57.83 11.82 55.62
N SER D 511 -57.45 13.08 55.38
CA SER D 511 -58.29 13.99 54.61
C SER D 511 -57.51 14.57 53.44
N LEU D 512 -58.23 14.87 52.37
CA LEU D 512 -57.65 15.46 51.16
C LEU D 512 -58.38 16.76 50.86
N HIS D 513 -57.63 17.78 50.48
CA HIS D 513 -58.18 19.11 50.21
C HIS D 513 -57.72 19.56 48.83
N ARG D 514 -58.66 19.93 47.98
CA ARG D 514 -58.35 20.40 46.63
C ARG D 514 -58.15 21.91 46.68
N ILE D 515 -56.91 22.35 46.45
CA ILE D 515 -56.55 23.75 46.47
C ILE D 515 -55.97 24.11 45.11
N ARG D 516 -56.62 25.06 44.42
CA ARG D 516 -56.14 25.56 43.13
C ARG D 516 -56.00 24.43 42.11
N THR D 517 -54.76 24.01 41.86
CA THR D 517 -54.45 22.98 40.87
C THR D 517 -53.80 21.76 41.48
N ASP D 518 -53.90 21.60 42.81
CA ASP D 518 -53.25 20.51 43.51
C ASP D 518 -54.19 19.96 44.57
N THR D 519 -53.88 18.75 45.04
CA THR D 519 -54.58 18.14 46.16
C THR D 519 -53.58 17.91 47.29
N TYR D 520 -53.93 18.36 48.48
CA TYR D 520 -53.06 18.29 49.65
C TYR D 520 -53.61 17.29 50.65
N VAL D 521 -52.70 16.71 51.43
CA VAL D 521 -52.98 15.57 52.29
C VAL D 521 -52.76 16.01 53.74
N LYS D 522 -53.76 15.76 54.58
CA LYS D 522 -53.68 16.05 56.01
C LYS D 522 -54.06 14.81 56.80
N LEU D 523 -53.39 14.60 57.94
CA LEU D 523 -53.60 13.40 58.72
C LEU D 523 -53.66 13.76 60.21
N ASP D 524 -54.39 12.97 60.97
CA ASP D 524 -54.46 13.11 62.42
C ASP D 524 -53.37 12.24 63.04
N LYS D 525 -52.40 12.88 63.68
CA LYS D 525 -51.24 12.16 64.22
C LYS D 525 -51.50 11.53 65.57
N ALA D 526 -52.60 11.87 66.24
CA ALA D 526 -52.88 11.34 67.58
C ALA D 526 -53.63 10.03 67.56
N ALA D 527 -54.06 9.55 66.40
CA ALA D 527 -54.82 8.31 66.32
C ALA D 527 -53.94 7.11 66.65
N ASP D 528 -54.54 6.11 67.30
CA ASP D 528 -53.82 4.89 67.64
C ASP D 528 -53.61 4.04 66.39
N LEU D 529 -52.36 3.64 66.15
CA LEU D 529 -52.06 2.87 64.95
C LEU D 529 -52.59 1.45 65.02
N ALA D 530 -52.65 0.86 66.22
CA ALA D 530 -53.10 -0.53 66.35
C ALA D 530 -54.56 -0.68 65.96
N HIS D 531 -55.42 0.23 66.43
CA HIS D 531 -56.84 0.16 66.09
C HIS D 531 -57.05 0.37 64.60
N ILE D 532 -56.29 1.28 64.01
CA ILE D 532 -56.39 1.52 62.56
C ILE D 532 -55.95 0.29 61.79
N THR D 533 -54.87 -0.37 62.23
CA THR D 533 -54.43 -1.59 61.58
C THR D 533 -55.49 -2.69 61.70
N ALA D 534 -56.13 -2.79 62.87
CA ALA D 534 -57.20 -3.78 63.03
C ALA D 534 -58.37 -3.48 62.09
N ARG D 535 -58.73 -2.19 61.96
CA ARG D 535 -59.80 -1.81 61.05
C ARG D 535 -59.44 -2.14 59.60
N LEU D 536 -58.18 -1.89 59.22
CA LEU D 536 -57.75 -2.20 57.86
C LEU D 536 -57.78 -3.71 57.61
N ALA D 537 -57.37 -4.50 58.60
CA ALA D 537 -57.44 -5.96 58.46
C ALA D 537 -58.89 -6.42 58.33
N HIS D 538 -59.79 -5.83 59.11
CA HIS D 538 -61.20 -6.18 59.02
C HIS D 538 -61.77 -5.82 57.64
N GLN D 539 -61.39 -4.65 57.12
CA GLN D 539 -61.84 -4.25 55.79
C GLN D 539 -61.31 -5.19 54.72
N THR D 540 -60.05 -5.60 54.83
CA THR D 540 -59.48 -6.54 53.87
C THR D 540 -60.18 -7.89 53.94
N ARG D 541 -60.50 -8.35 55.16
CA ARG D 541 -61.24 -9.59 55.31
C ARG D 541 -62.63 -9.47 54.68
N ALA D 542 -63.30 -8.34 54.89
CA ALA D 542 -64.62 -8.14 54.31
C ALA D 542 -64.57 -8.14 52.79
N GLU D 543 -63.57 -7.47 52.21
CA GLU D 543 -63.42 -7.45 50.76
C GLU D 543 -63.11 -8.82 50.18
N GLU D 544 -62.55 -9.73 50.98
CA GLU D 544 -62.25 -11.07 50.51
C GLU D 544 -63.51 -11.88 50.29
N GLU E 184 3.30 5.36 89.66
CA GLU E 184 3.07 6.12 90.89
C GLU E 184 3.69 5.42 92.09
N TRP E 185 3.47 4.10 92.18
CA TRP E 185 4.09 3.33 93.25
C TRP E 185 5.60 3.25 93.08
N VAL E 186 6.07 3.23 91.84
CA VAL E 186 7.51 3.19 91.57
C VAL E 186 8.17 4.49 92.04
N SER E 187 7.47 5.62 91.94
CA SER E 187 8.05 6.91 92.29
C SER E 187 8.43 7.00 93.76
N MET E 188 7.94 6.09 94.61
CA MET E 188 8.38 6.04 96.00
C MET E 188 9.89 5.85 96.07
N ALA E 189 10.54 6.66 96.91
CA ALA E 189 11.99 6.68 96.94
C ALA E 189 12.57 5.35 97.40
N GLY E 190 11.97 4.75 98.43
CA GLY E 190 12.46 3.52 99.00
C GLY E 190 12.51 2.37 98.01
N PRO E 191 11.35 1.99 97.48
CA PRO E 191 11.34 0.95 96.43
C PRO E 191 12.20 1.31 95.23
N ARG E 192 12.25 2.58 94.85
CA ARG E 192 13.07 3.00 93.71
C ARG E 192 14.54 2.68 93.96
N LEU E 193 15.07 3.11 95.11
CA LEU E 193 16.46 2.84 95.42
C LEU E 193 16.72 1.36 95.57
N GLU E 194 15.81 0.63 96.24
CA GLU E 194 16.01 -0.80 96.43
C GLU E 194 16.05 -1.53 95.09
N ILE E 195 15.16 -1.15 94.17
CA ILE E 195 15.17 -1.76 92.84
C ILE E 195 16.43 -1.39 92.08
N HIS E 196 16.95 -0.16 92.26
CA HIS E 196 18.20 0.22 91.62
C HIS E 196 19.34 -0.69 92.08
N HIS E 197 19.45 -0.90 93.40
CA HIS E 197 20.52 -1.77 93.89
C HIS E 197 20.28 -3.23 93.51
N ARG E 198 19.02 -3.66 93.44
CA ARG E 198 18.73 -5.02 92.98
C ARG E 198 19.15 -5.20 91.52
N PHE E 199 18.94 -4.18 90.69
CA PHE E 199 19.39 -4.24 89.31
C PHE E 199 20.91 -4.26 89.24
N LYS E 200 21.58 -3.52 90.14
CA LYS E 200 23.04 -3.60 90.20
C LYS E 200 23.50 -5.03 90.54
N ASN E 201 22.83 -5.66 91.51
CA ASN E 201 23.15 -7.04 91.85
C ASN E 201 22.86 -7.98 90.68
N PHE E 202 21.80 -7.72 89.92
CA PHE E 202 21.54 -8.50 88.71
C PHE E 202 22.67 -8.36 87.71
N LEU E 203 23.15 -7.13 87.52
CA LEU E 203 24.27 -6.90 86.60
C LEU E 203 25.53 -7.63 87.05
N ARG E 204 25.81 -7.60 88.35
CA ARG E 204 27.05 -8.14 88.88
C ARG E 204 26.94 -9.60 89.34
N THR E 205 25.78 -10.24 89.16
CA THR E 205 25.55 -11.56 89.74
C THR E 205 25.05 -12.59 88.75
N HIS E 206 24.47 -12.20 87.61
CA HIS E 206 23.87 -13.17 86.71
C HIS E 206 24.92 -14.13 86.18
N VAL E 207 24.52 -15.40 86.03
CA VAL E 207 25.38 -16.44 85.49
C VAL E 207 24.63 -17.14 84.36
N ASP E 208 25.28 -17.27 83.21
CA ASP E 208 24.68 -17.95 82.07
C ASP E 208 24.70 -19.46 82.29
N SER E 209 24.17 -20.20 81.32
CA SER E 209 24.16 -21.66 81.39
C SER E 209 25.57 -22.24 81.31
N HIS E 210 26.53 -21.50 80.75
CA HIS E 210 27.89 -21.97 80.61
C HIS E 210 28.80 -21.49 81.75
N GLY E 211 28.26 -20.78 82.74
CA GLY E 211 29.06 -20.34 83.86
C GLY E 211 29.84 -19.06 83.62
N HIS E 212 29.47 -18.27 82.63
CA HIS E 212 30.16 -17.03 82.30
C HIS E 212 29.27 -15.84 82.62
N ASN E 213 29.82 -14.86 83.33
CA ASN E 213 29.09 -13.61 83.58
C ASN E 213 29.12 -12.82 82.27
N VAL E 214 28.02 -12.88 81.52
CA VAL E 214 28.00 -12.35 80.17
C VAL E 214 28.22 -10.84 80.18
N PHE E 215 27.58 -10.14 81.11
CA PHE E 215 27.59 -8.68 81.07
C PHE E 215 28.99 -8.12 81.31
N LYS E 216 29.86 -8.84 82.03
CA LYS E 216 31.24 -8.36 82.16
C LYS E 216 31.98 -8.42 80.83
N GLU E 217 31.76 -9.49 80.06
CA GLU E 217 32.34 -9.57 78.72
C GLU E 217 31.77 -8.49 77.82
N ARG E 218 30.45 -8.24 77.93
CA ARG E 218 29.82 -7.20 77.13
C ARG E 218 30.39 -5.82 77.47
N ILE E 219 30.57 -5.54 78.75
CA ILE E 219 31.07 -4.23 79.14
C ILE E 219 32.53 -4.07 78.76
N SER E 220 33.32 -5.16 78.83
CA SER E 220 34.69 -5.09 78.35
C SER E 220 34.74 -4.82 76.85
N ASP E 221 33.86 -5.48 76.09
CA ASP E 221 33.81 -5.23 74.65
C ASP E 221 33.40 -3.78 74.36
N MET E 222 32.41 -3.27 75.10
CA MET E 222 31.98 -1.90 74.89
C MET E 222 33.10 -0.92 75.21
N CYS E 223 33.84 -1.17 76.30
CA CYS E 223 34.97 -0.33 76.65
C CYS E 223 36.05 -0.39 75.57
N LYS E 224 36.29 -1.57 75.01
CA LYS E 224 37.25 -1.69 73.92
C LYS E 224 36.79 -0.89 72.70
N GLU E 225 35.48 -0.89 72.44
CA GLU E 225 34.92 -0.20 71.28
C GLU E 225 34.51 1.24 71.58
N ASN E 226 34.58 1.67 72.84
CA ASN E 226 34.21 3.03 73.24
C ASN E 226 32.79 3.38 72.81
N ARG E 227 31.87 2.42 72.96
CA ARG E 227 30.47 2.66 72.65
C ARG E 227 29.81 3.46 73.77
N GLU E 228 28.53 3.78 73.59
CA GLU E 228 27.77 4.53 74.57
C GLU E 228 26.48 3.84 74.99
N SER E 229 26.28 2.59 74.60
CA SER E 229 25.06 1.86 74.92
C SER E 229 25.39 0.46 75.43
N LEU E 230 24.49 -0.07 76.25
CA LEU E 230 24.59 -1.43 76.77
C LEU E 230 23.34 -2.19 76.39
N VAL E 231 23.51 -3.42 75.91
CA VAL E 231 22.41 -4.27 75.47
C VAL E 231 22.20 -5.35 76.52
N VAL E 232 20.97 -5.44 77.02
CA VAL E 232 20.58 -6.45 78.01
C VAL E 232 19.37 -7.20 77.47
N ASN E 233 19.41 -8.52 77.55
CA ASN E 233 18.30 -9.34 77.08
C ASN E 233 17.13 -9.24 78.05
N TYR E 234 15.92 -9.02 77.51
CA TYR E 234 14.73 -8.97 78.34
C TYR E 234 14.36 -10.34 78.87
N GLU E 235 14.67 -11.40 78.12
CA GLU E 235 14.29 -12.75 78.54
C GLU E 235 15.00 -13.16 79.82
N ASP E 236 16.30 -12.89 79.92
CA ASP E 236 17.04 -13.24 81.13
C ASP E 236 16.54 -12.44 82.33
N LEU E 237 16.25 -11.15 82.13
CA LEU E 237 15.73 -10.32 83.21
C LEU E 237 14.37 -10.84 83.68
N ALA E 238 13.51 -11.23 82.74
CA ALA E 238 12.22 -11.81 83.11
C ALA E 238 12.39 -13.11 83.86
N ALA E 239 13.34 -13.95 83.43
CA ALA E 239 13.57 -15.21 84.10
C ALA E 239 14.06 -15.00 85.53
N ARG E 240 14.94 -14.03 85.74
CA ARG E 240 15.54 -13.82 87.06
C ARG E 240 14.65 -12.95 87.96
N GLU E 241 14.31 -11.75 87.50
CA GLU E 241 13.47 -10.83 88.28
C GLU E 241 12.17 -10.59 87.53
N HIS E 242 11.10 -11.24 88.00
CA HIS E 242 9.79 -11.09 87.36
C HIS E 242 9.23 -9.69 87.59
N VAL E 243 9.50 -9.09 88.75
CA VAL E 243 8.94 -7.77 89.06
C VAL E 243 9.51 -6.72 88.11
N LEU E 244 10.80 -6.81 87.78
CA LEU E 244 11.39 -5.87 86.84
C LEU E 244 10.75 -6.02 85.46
N ALA E 245 10.53 -7.26 85.01
CA ALA E 245 9.88 -7.48 83.73
C ALA E 245 8.45 -6.98 83.72
N TYR E 246 7.78 -7.03 84.88
CA TYR E 246 6.44 -6.46 84.98
C TYR E 246 6.48 -4.94 84.93
N PHE E 247 7.48 -4.33 85.57
CA PHE E 247 7.54 -2.88 85.68
C PHE E 247 8.00 -2.21 84.39
N LEU E 248 8.89 -2.84 83.63
CA LEU E 248 9.51 -2.17 82.49
C LEU E 248 8.50 -1.70 81.45
N PRO E 249 7.56 -2.51 80.96
CA PRO E 249 6.57 -1.98 80.00
C PRO E 249 5.65 -0.93 80.60
N GLU E 250 5.49 -0.90 81.92
CA GLU E 250 4.49 -0.05 82.55
C GLU E 250 5.03 1.33 82.89
N ALA E 251 6.26 1.43 83.39
CA ALA E 251 6.90 2.69 83.73
C ALA E 251 8.25 2.74 83.02
N PRO E 252 8.27 2.97 81.71
CA PRO E 252 9.51 2.83 80.95
C PRO E 252 10.53 3.92 81.21
N ALA E 253 10.11 5.19 81.20
CA ALA E 253 11.07 6.29 81.21
C ALA E 253 11.85 6.35 82.52
N GLU E 254 11.15 6.34 83.66
CA GLU E 254 11.81 6.45 84.95
C GLU E 254 12.71 5.26 85.21
N LEU E 255 12.20 4.05 84.95
CA LEU E 255 12.98 2.84 85.20
C LEU E 255 14.20 2.78 84.30
N LEU E 256 14.05 3.19 83.03
CA LEU E 256 15.18 3.20 82.12
C LEU E 256 16.23 4.22 82.55
N GLN E 257 15.79 5.38 83.04
CA GLN E 257 16.75 6.36 83.55
C GLN E 257 17.50 5.80 84.76
N ILE E 258 16.78 5.13 85.66
CA ILE E 258 17.43 4.52 86.83
C ILE E 258 18.43 3.46 86.39
N PHE E 259 18.06 2.64 85.39
CA PHE E 259 18.98 1.61 84.93
C PHE E 259 20.19 2.22 84.23
N ASP E 260 20.00 3.32 83.50
CA ASP E 260 21.13 4.02 82.91
C ASP E 260 22.08 4.53 83.99
N GLU E 261 21.54 5.11 85.06
CA GLU E 261 22.39 5.57 86.16
C GLU E 261 23.13 4.40 86.82
N ALA E 262 22.43 3.28 87.01
CA ALA E 262 23.07 2.11 87.61
C ALA E 262 24.19 1.58 86.73
N ALA E 263 23.95 1.50 85.42
CA ALA E 263 25.01 1.06 84.50
C ALA E 263 26.18 2.02 84.52
N LEU E 264 25.91 3.33 84.57
CA LEU E 264 26.97 4.32 84.60
C LEU E 264 27.84 4.16 85.84
N GLU E 265 27.20 3.98 87.01
CA GLU E 265 27.98 3.84 88.23
C GLU E 265 28.71 2.50 88.29
N VAL E 266 28.13 1.44 87.74
CA VAL E 266 28.84 0.17 87.66
C VAL E 266 30.08 0.30 86.77
N VAL E 267 29.94 1.01 85.64
CA VAL E 267 31.08 1.24 84.77
C VAL E 267 32.15 2.04 85.49
N LEU E 268 31.74 3.09 86.20
CA LEU E 268 32.71 3.92 86.93
C LEU E 268 33.45 3.10 87.98
N ALA E 269 32.73 2.24 88.70
CA ALA E 269 33.39 1.38 89.69
C ALA E 269 34.36 0.40 89.02
N MET E 270 33.95 -0.17 87.88
CA MET E 270 34.81 -1.14 87.20
C MET E 270 35.89 -0.45 86.38
N TYR E 271 35.54 0.62 85.66
CA TYR E 271 36.48 1.36 84.82
C TYR E 271 36.37 2.84 85.16
N PRO E 272 37.11 3.30 86.17
CA PRO E 272 37.04 4.74 86.52
C PRO E 272 37.45 5.66 85.38
N LYS E 273 38.41 5.25 84.54
CA LYS E 273 38.86 6.10 83.45
C LYS E 273 37.80 6.30 82.39
N TYR E 274 36.78 5.43 82.35
CA TYR E 274 35.78 5.49 81.28
C TYR E 274 34.94 6.75 81.33
N ASP E 275 34.98 7.51 82.43
CA ASP E 275 34.31 8.81 82.45
C ASP E 275 34.97 9.80 81.49
N ARG E 276 36.24 9.60 81.15
CA ARG E 276 36.94 10.54 80.28
C ARG E 276 36.49 10.43 78.84
N ILE E 277 35.99 9.26 78.43
CA ILE E 277 35.60 9.04 77.04
C ILE E 277 34.10 9.24 76.87
N THR E 278 33.33 8.87 77.89
CA THR E 278 31.87 9.00 77.86
C THR E 278 31.39 9.58 79.18
N ASN E 279 30.29 10.34 79.11
CA ASN E 279 29.67 10.91 80.28
C ASN E 279 28.31 10.31 80.62
N HIS E 280 27.66 9.64 79.67
CA HIS E 280 26.37 9.02 79.90
C HIS E 280 26.30 7.71 79.12
N ILE E 281 25.73 6.70 79.76
CA ILE E 281 25.59 5.36 79.18
C ILE E 281 24.13 4.96 79.24
N HIS E 282 23.60 4.42 78.15
CA HIS E 282 22.19 4.09 78.02
C HIS E 282 22.01 2.59 77.94
N VAL E 283 20.94 2.10 78.55
CA VAL E 283 20.62 0.68 78.58
C VAL E 283 19.62 0.38 77.47
N ARG E 284 19.90 -0.65 76.67
CA ARG E 284 19.05 -1.05 75.57
C ARG E 284 18.35 -2.36 75.90
N ILE E 285 17.03 -2.39 75.69
CA ILE E 285 16.23 -3.59 75.93
C ILE E 285 15.96 -4.26 74.60
N SER E 286 16.29 -5.56 74.53
CA SER E 286 16.15 -6.32 73.29
C SER E 286 15.24 -7.52 73.52
N HIS E 287 14.65 -7.99 72.42
CA HIS E 287 13.81 -9.19 72.41
C HIS E 287 12.59 -9.04 73.33
N LEU E 288 11.78 -8.04 73.04
CA LEU E 288 10.50 -7.90 73.72
C LEU E 288 9.53 -8.96 73.19
N PRO E 289 8.94 -9.78 74.07
CA PRO E 289 8.04 -10.83 73.58
C PRO E 289 6.83 -10.32 72.82
N LEU E 290 6.32 -9.14 73.18
CA LEU E 290 5.12 -8.59 72.55
C LEU E 290 5.53 -7.79 71.32
N VAL E 291 5.14 -8.29 70.14
CA VAL E 291 5.39 -7.61 68.88
C VAL E 291 4.06 -7.16 68.31
N GLU E 292 3.96 -5.88 67.96
CA GLU E 292 2.71 -5.29 67.47
C GLU E 292 2.98 -4.55 66.18
N GLU E 293 1.94 -4.42 65.36
CA GLU E 293 2.05 -3.78 64.06
C GLU E 293 1.64 -2.31 64.15
N LEU E 294 2.04 -1.54 63.13
CA LEU E 294 1.68 -0.13 63.08
C LEU E 294 0.17 0.05 63.01
N ARG E 295 -0.52 -0.84 62.29
CA ARG E 295 -1.97 -0.82 62.25
C ARG E 295 -2.58 -1.07 63.62
N SER E 296 -1.89 -1.83 64.47
CA SER E 296 -2.43 -2.24 65.75
C SER E 296 -2.27 -1.20 66.84
N LEU E 297 -1.70 -0.04 66.53
CA LEU E 297 -1.47 1.00 67.53
C LEU E 297 -2.79 1.66 67.94
N ARG E 298 -3.09 1.62 69.24
CA ARG E 298 -4.23 2.36 69.78
C ARG E 298 -3.84 3.26 70.93
N GLN E 299 -4.85 3.82 71.59
CA GLN E 299 -4.66 4.65 72.77
C GLN E 299 -4.05 3.84 73.92
N LEU E 300 -4.47 2.59 74.06
CA LEU E 300 -4.04 1.77 75.20
C LEU E 300 -2.53 1.57 75.25
N HIS E 301 -1.84 1.68 74.12
CA HIS E 301 -0.40 1.49 74.05
C HIS E 301 0.37 2.77 74.29
N LEU E 302 -0.31 3.86 74.61
CA LEU E 302 0.36 5.14 74.81
C LEU E 302 1.27 5.09 76.03
N ASN E 303 2.47 5.64 75.88
CA ASN E 303 3.49 5.63 76.94
C ASN E 303 3.77 4.22 77.45
N GLN E 304 3.89 3.28 76.52
CA GLN E 304 4.24 1.90 76.85
C GLN E 304 5.29 1.40 75.87
N LEU E 305 6.14 0.50 76.34
CA LEU E 305 7.18 -0.10 75.50
C LEU E 305 6.55 -1.13 74.57
N ILE E 306 6.70 -0.93 73.27
CA ILE E 306 6.12 -1.78 72.25
C ILE E 306 7.21 -2.15 71.25
N ARG E 307 7.14 -3.38 70.75
CA ARG E 307 8.01 -3.84 69.67
C ARG E 307 7.21 -3.89 68.38
N THR E 308 7.75 -3.27 67.33
CA THR E 308 7.10 -3.17 66.03
C THR E 308 8.07 -3.57 64.94
N SER E 309 7.53 -3.85 63.76
CA SER E 309 8.33 -4.19 62.60
C SER E 309 7.88 -3.35 61.40
N GLY E 310 8.82 -3.03 60.53
CA GLY E 310 8.49 -2.23 59.37
C GLY E 310 9.70 -2.02 58.49
N VAL E 311 9.55 -1.11 57.53
CA VAL E 311 10.62 -0.77 56.60
C VAL E 311 10.82 0.74 56.64
N VAL E 312 12.09 1.16 56.67
CA VAL E 312 12.43 2.57 56.71
C VAL E 312 12.25 3.18 55.32
N THR E 313 11.62 4.35 55.27
CA THR E 313 11.36 5.05 54.02
C THR E 313 12.22 6.29 53.85
N SER E 314 12.19 7.20 54.82
CA SER E 314 12.97 8.42 54.76
C SER E 314 13.60 8.70 56.12
N CYS E 315 14.73 9.40 56.10
CA CYS E 315 15.44 9.76 57.32
C CYS E 315 15.94 11.19 57.19
N THR E 316 16.13 11.84 58.34
CA THR E 316 16.67 13.18 58.41
C THR E 316 18.18 13.10 58.67
N GLY E 317 18.79 14.26 58.93
CA GLY E 317 20.19 14.32 59.27
C GLY E 317 20.43 14.31 60.77
N VAL E 318 21.70 14.45 61.13
CA VAL E 318 22.09 14.53 62.54
C VAL E 318 21.89 15.96 63.01
N LEU E 319 21.06 16.13 64.03
CA LEU E 319 20.71 17.46 64.53
C LEU E 319 21.18 17.61 65.97
N PRO E 320 21.85 18.71 66.31
CA PRO E 320 22.26 18.94 67.69
C PRO E 320 21.17 19.59 68.52
N GLN E 321 21.14 19.23 69.80
CA GLN E 321 20.18 19.76 70.75
C GLN E 321 20.91 20.37 71.94
N LEU E 322 20.34 21.45 72.47
CA LEU E 322 20.87 22.11 73.67
C LEU E 322 20.26 21.45 74.91
N SER E 323 20.66 20.20 75.12
CA SER E 323 20.16 19.41 76.24
C SER E 323 20.72 19.92 77.57
N GLN E 371 22.76 17.10 71.95
CA GLN E 371 22.58 15.67 71.74
C GLN E 371 22.26 15.36 70.28
N ASN E 372 22.55 14.13 69.87
CA ASN E 372 22.30 13.70 68.50
C ASN E 372 20.83 13.37 68.30
N TYR E 373 20.29 13.76 67.15
CA TYR E 373 18.89 13.57 66.83
C TYR E 373 18.74 12.93 65.46
N GLN E 374 17.78 12.02 65.35
CA GLN E 374 17.39 11.47 64.05
C GLN E 374 15.87 11.29 64.02
N ARG E 375 15.24 11.85 62.99
CA ARG E 375 13.81 11.68 62.73
C ARG E 375 13.66 10.84 61.48
N ILE E 376 12.93 9.73 61.59
CA ILE E 376 12.75 8.82 60.46
C ILE E 376 11.27 8.51 60.28
N ARG E 377 10.92 8.10 59.07
CA ARG E 377 9.55 7.77 58.71
C ARG E 377 9.50 6.30 58.31
N ILE E 378 8.60 5.55 58.94
CA ILE E 378 8.53 4.11 58.78
C ILE E 378 7.17 3.73 58.25
N GLN E 379 7.15 2.93 57.18
CA GLN E 379 5.93 2.37 56.63
C GLN E 379 5.87 0.87 56.91
N GLU E 380 4.66 0.33 56.82
CA GLU E 380 4.47 -1.10 57.03
C GLU E 380 5.12 -1.89 55.91
N SER E 381 5.58 -3.09 56.25
CA SER E 381 6.26 -3.93 55.27
C SER E 381 5.27 -4.33 54.17
N PRO E 382 5.60 -4.12 52.90
CA PRO E 382 4.61 -4.37 51.83
C PRO E 382 4.13 -5.81 51.75
N GLY E 383 4.99 -6.77 52.08
CA GLY E 383 4.56 -8.17 52.05
C GLY E 383 3.46 -8.46 53.05
N LYS E 384 3.58 -7.92 54.26
CA LYS E 384 2.58 -8.14 55.29
C LYS E 384 1.28 -7.39 55.04
N VAL E 385 1.33 -6.30 54.27
CA VAL E 385 0.14 -5.50 54.00
C VAL E 385 -0.78 -6.26 53.04
N ALA E 386 -2.05 -6.35 53.41
CA ALA E 386 -3.04 -6.96 52.54
C ALA E 386 -3.32 -6.06 51.34
N ALA E 387 -3.78 -6.68 50.25
CA ALA E 387 -4.04 -5.95 49.03
C ALA E 387 -5.23 -5.02 49.19
N GLY E 388 -5.21 -3.92 48.43
CA GLY E 388 -6.30 -2.97 48.40
C GLY E 388 -6.30 -1.93 49.50
N ARG E 389 -5.29 -1.91 50.36
CA ARG E 389 -5.26 -1.00 51.50
C ARG E 389 -3.90 -0.34 51.58
N LEU E 390 -3.89 0.97 51.80
CA LEU E 390 -2.67 1.75 51.68
C LEU E 390 -1.70 1.43 52.82
N PRO E 391 -0.40 1.58 52.56
CA PRO E 391 0.59 1.41 53.65
C PRO E 391 0.62 2.65 54.54
N ARG E 392 0.48 2.43 55.84
CA ARG E 392 0.45 3.52 56.81
C ARG E 392 1.87 3.86 57.27
N SER E 393 2.06 5.12 57.64
CA SER E 393 3.38 5.64 57.99
C SER E 393 3.36 6.26 59.38
N LYS E 394 4.49 6.13 60.08
CA LYS E 394 4.66 6.66 61.42
C LYS E 394 6.03 7.33 61.52
N ASP E 395 6.20 8.12 62.57
CA ASP E 395 7.46 8.82 62.84
C ASP E 395 8.19 8.15 63.99
N ALA E 396 9.52 8.15 63.91
CA ALA E 396 10.35 7.57 64.95
C ALA E 396 11.54 8.49 65.22
N ILE E 397 12.01 8.46 66.46
CA ILE E 397 13.06 9.35 66.94
C ILE E 397 14.20 8.51 67.52
N LEU E 398 15.43 8.85 67.14
CA LEU E 398 16.63 8.18 67.62
C LEU E 398 17.57 9.19 68.23
N LEU E 399 18.19 8.83 69.35
CA LEU E 399 19.07 9.70 70.11
C LEU E 399 20.46 9.10 70.22
N ALA E 400 21.47 9.94 70.05
CA ALA E 400 22.87 9.59 70.32
C ALA E 400 23.33 8.37 69.55
N ASP E 401 23.44 7.23 70.25
CA ASP E 401 23.99 6.02 69.62
C ASP E 401 23.08 5.52 68.50
N LEU E 402 21.77 5.55 68.70
CA LEU E 402 20.83 5.08 67.69
C LEU E 402 20.81 5.97 66.44
N VAL E 403 21.39 7.18 66.53
CA VAL E 403 21.46 8.05 65.36
C VAL E 403 22.33 7.42 64.29
N ASP E 404 21.84 7.45 63.05
CA ASP E 404 22.53 6.91 61.88
C ASP E 404 22.75 5.40 61.97
N SER E 405 21.94 4.71 62.76
CA SER E 405 22.03 3.26 62.88
C SER E 405 21.19 2.52 61.84
N CYS E 406 20.43 3.25 61.00
CA CYS E 406 19.58 2.64 59.99
C CYS E 406 19.65 3.46 58.71
N LYS E 407 19.18 2.86 57.63
CA LYS E 407 19.18 3.48 56.32
C LYS E 407 17.78 3.39 55.70
N PRO E 408 17.43 4.33 54.82
CA PRO E 408 16.15 4.22 54.11
C PRO E 408 16.10 2.94 53.27
N GLY E 409 14.92 2.35 53.21
CA GLY E 409 14.74 1.10 52.49
C GLY E 409 15.15 -0.14 53.24
N ASP E 410 15.56 -0.02 54.50
CA ASP E 410 16.01 -1.14 55.30
C ASP E 410 14.87 -1.62 56.19
N GLU E 411 14.62 -2.92 56.18
CA GLU E 411 13.59 -3.52 57.02
C GLU E 411 14.15 -3.70 58.43
N ILE E 412 13.50 -3.09 59.41
CA ILE E 412 13.95 -3.14 60.80
C ILE E 412 12.77 -3.38 61.73
N GLU E 413 13.08 -3.92 62.89
CA GLU E 413 12.17 -3.94 64.03
C GLU E 413 12.72 -3.06 65.14
N LEU E 414 11.80 -2.50 65.92
CA LEU E 414 12.09 -1.50 66.93
C LEU E 414 11.45 -1.91 68.24
N THR E 415 12.12 -1.59 69.34
CA THR E 415 11.50 -1.62 70.66
C THR E 415 11.58 -0.21 71.22
N GLY E 416 10.43 0.40 71.46
CA GLY E 416 10.43 1.80 71.86
C GLY E 416 9.14 2.21 72.53
N ILE E 417 9.16 3.44 73.05
CA ILE E 417 8.04 3.97 73.82
C ILE E 417 7.06 4.67 72.89
N TYR E 418 5.78 4.33 73.02
CA TYR E 418 4.72 4.93 72.22
C TYR E 418 4.16 6.12 72.98
N HIS E 419 4.81 7.27 72.83
CA HIS E 419 4.37 8.49 73.48
C HIS E 419 3.55 9.35 72.53
N ASN E 420 2.88 10.35 73.11
CA ASN E 420 2.08 11.29 72.35
C ASN E 420 2.70 12.68 72.40
N ASN E 421 2.48 13.46 71.35
CA ASN E 421 3.00 14.81 71.24
C ASN E 421 1.87 15.79 71.02
N TYR E 422 2.02 16.99 71.58
CA TYR E 422 1.03 18.04 71.43
C TYR E 422 1.35 18.88 70.19
N ASP E 423 0.38 18.97 69.28
CA ASP E 423 0.54 19.73 68.04
C ASP E 423 -0.71 20.55 67.82
N GLY E 424 -0.58 21.88 67.86
CA GLY E 424 -1.72 22.75 67.66
C GLY E 424 -2.18 22.84 66.22
N SER E 425 -1.29 22.59 65.26
CA SER E 425 -1.69 22.61 63.86
C SER E 425 -2.72 21.52 63.56
N LEU E 426 -2.50 20.31 64.10
CA LEU E 426 -3.47 19.24 63.92
C LEU E 426 -4.80 19.59 64.57
N ASN E 427 -4.75 20.21 65.76
CA ASN E 427 -5.99 20.61 66.44
C ASN E 427 -6.76 21.63 65.63
N THR E 428 -6.06 22.61 65.04
CA THR E 428 -6.72 23.61 64.22
C THR E 428 -7.29 23.00 62.94
N ALA E 429 -6.53 22.10 62.31
CA ALA E 429 -6.99 21.52 61.04
C ALA E 429 -8.19 20.61 61.25
N ASN E 430 -8.08 19.66 62.19
CA ASN E 430 -9.19 18.74 62.44
C ASN E 430 -10.32 19.39 63.23
N GLY E 431 -10.04 20.46 63.96
CA GLY E 431 -11.07 21.13 64.73
C GLY E 431 -11.33 20.55 66.10
N PHE E 432 -10.40 19.80 66.67
CA PHE E 432 -10.54 19.21 67.99
C PHE E 432 -9.17 18.73 68.45
N PRO E 433 -8.99 18.45 69.74
CA PRO E 433 -7.66 18.06 70.23
C PRO E 433 -7.19 16.75 69.61
N VAL E 434 -6.03 16.81 68.96
CA VAL E 434 -5.40 15.65 68.33
C VAL E 434 -3.94 15.61 68.78
N PHE E 435 -3.47 14.45 69.20
CA PHE E 435 -2.07 14.25 69.59
C PHE E 435 -1.40 13.36 68.56
N ALA E 436 -0.30 13.85 67.98
CA ALA E 436 0.48 13.07 67.03
C ALA E 436 1.37 12.11 67.80
N THR E 437 1.09 10.81 67.67
CA THR E 437 1.84 9.80 68.41
C THR E 437 3.13 9.47 67.68
N VAL E 438 4.26 9.62 68.37
CA VAL E 438 5.57 9.34 67.81
C VAL E 438 6.29 8.37 68.74
N ILE E 439 6.86 7.33 68.16
CA ILE E 439 7.57 6.30 68.93
C ILE E 439 9.00 6.77 69.18
N LEU E 440 9.45 6.67 70.43
CA LEU E 440 10.84 6.93 70.79
C LEU E 440 11.49 5.56 70.95
N ALA E 441 12.21 5.12 69.93
CA ALA E 441 12.78 3.79 69.92
C ALA E 441 13.91 3.68 70.93
N ASN E 442 13.95 2.54 71.63
CA ASN E 442 15.05 2.20 72.52
C ASN E 442 16.07 1.28 71.87
N HIS E 443 15.61 0.27 71.15
CA HIS E 443 16.50 -0.66 70.45
C HIS E 443 16.07 -0.78 69.00
N VAL E 444 17.07 -0.78 68.12
CA VAL E 444 16.88 -0.90 66.67
C VAL E 444 17.59 -2.16 66.22
N ALA E 445 16.89 -3.02 65.46
CA ALA E 445 17.51 -4.22 64.91
C ALA E 445 17.05 -4.40 63.48
N LYS E 446 17.99 -4.40 62.54
CA LYS E 446 17.62 -4.61 61.15
C LYS E 446 17.05 -6.02 60.96
N LYS E 447 15.97 -6.12 60.21
CA LYS E 447 15.24 -7.38 60.08
C LYS E 447 15.86 -8.23 58.98
N ASP E 448 17.06 -8.72 59.27
CA ASP E 448 17.66 -9.73 58.43
C ASP E 448 16.93 -11.06 58.63
N ASN E 449 17.13 -11.98 57.68
CA ASN E 449 16.46 -13.26 57.75
C ASN E 449 16.95 -14.14 58.89
N LYS E 450 17.89 -13.65 59.71
CA LYS E 450 18.30 -14.40 60.90
C LYS E 450 17.13 -14.59 61.85
N VAL E 451 16.30 -13.57 61.99
CA VAL E 451 15.11 -13.68 62.84
C VAL E 451 14.18 -14.76 62.30
N ALA E 452 13.99 -14.79 60.98
CA ALA E 452 13.16 -15.83 60.37
C ALA E 452 13.75 -17.22 60.60
N VAL E 453 15.07 -17.32 60.53
CA VAL E 453 15.73 -18.59 60.82
C VAL E 453 15.46 -19.02 62.25
N GLY E 454 15.56 -18.07 63.19
CA GLY E 454 15.29 -18.38 64.58
C GLY E 454 13.87 -18.84 64.82
N GLU E 455 12.90 -18.28 64.08
CA GLU E 455 11.50 -18.65 64.24
C GLU E 455 11.18 -20.03 63.68
N LEU E 456 12.09 -20.64 62.93
CA LEU E 456 11.82 -21.93 62.31
C LEU E 456 11.71 -23.02 63.36
N THR E 457 10.67 -23.85 63.24
CA THR E 457 10.53 -25.00 64.11
C THR E 457 11.45 -26.12 63.65
N ASP E 458 12.01 -26.85 64.62
CA ASP E 458 12.89 -27.97 64.29
C ASP E 458 12.19 -29.04 63.46
N GLU E 459 10.86 -29.17 63.59
CA GLU E 459 10.12 -30.08 62.72
C GLU E 459 10.22 -29.65 61.27
N ASP E 460 10.17 -28.33 61.02
CA ASP E 460 10.36 -27.83 59.66
C ASP E 460 11.73 -28.21 59.12
N VAL E 461 12.76 -28.08 59.96
CA VAL E 461 14.12 -28.42 59.55
C VAL E 461 14.23 -29.90 59.22
N LYS E 462 13.64 -30.76 60.06
CA LYS E 462 13.74 -32.19 59.82
C LYS E 462 12.97 -32.59 58.57
N MET E 463 11.81 -31.97 58.33
CA MET E 463 11.07 -32.24 57.10
C MET E 463 11.87 -31.80 55.88
N ILE E 464 12.52 -30.64 55.96
CA ILE E 464 13.31 -30.16 54.84
C ILE E 464 14.48 -31.09 54.57
N THR E 465 15.15 -31.55 55.64
CA THR E 465 16.27 -32.48 55.45
C THR E 465 15.80 -33.80 54.86
N SER E 466 14.65 -34.30 55.32
CA SER E 466 14.10 -35.54 54.76
C SER E 466 13.75 -35.36 53.28
N LEU E 467 13.27 -34.17 52.90
CA LEU E 467 13.03 -33.90 51.49
C LEU E 467 14.31 -33.83 50.69
N SER E 468 15.38 -33.29 51.30
CA SER E 468 16.63 -33.07 50.56
C SER E 468 17.27 -34.38 50.11
N LYS E 469 17.13 -35.45 50.90
CA LYS E 469 17.73 -36.72 50.54
C LYS E 469 17.00 -37.44 49.42
N ASP E 470 15.81 -36.98 49.05
CA ASP E 470 15.07 -37.60 47.96
C ASP E 470 15.77 -37.36 46.63
N GLN E 471 15.92 -38.42 45.85
CA GLN E 471 16.58 -38.29 44.54
C GLN E 471 15.72 -37.53 43.54
N GLN E 472 14.41 -37.46 43.76
CA GLN E 472 13.50 -36.76 42.87
C GLN E 472 12.98 -35.47 43.47
N ILE E 473 13.78 -34.84 44.34
CA ILE E 473 13.37 -33.60 44.98
C ILE E 473 13.19 -32.49 43.95
N GLY E 474 14.08 -32.42 42.96
CA GLY E 474 13.95 -31.40 41.93
C GLY E 474 12.67 -31.54 41.14
N GLU E 475 12.32 -32.77 40.76
CA GLU E 475 11.12 -32.98 39.95
C GLU E 475 9.87 -32.53 40.70
N LYS E 476 9.74 -32.92 41.97
CA LYS E 476 8.57 -32.52 42.73
C LYS E 476 8.57 -31.03 43.03
N ILE E 477 9.75 -30.42 43.20
CA ILE E 477 9.79 -28.98 43.41
C ILE E 477 9.31 -28.24 42.17
N PHE E 478 9.77 -28.65 40.99
CA PHE E 478 9.31 -28.00 39.76
C PHE E 478 7.82 -28.25 39.52
N ALA E 479 7.35 -29.47 39.81
CA ALA E 479 5.94 -29.77 39.61
C ALA E 479 5.05 -29.08 40.64
N SER E 480 5.60 -28.65 41.77
CA SER E 480 4.82 -27.99 42.80
C SER E 480 4.47 -26.56 42.47
N ILE E 481 5.06 -25.98 41.42
CA ILE E 481 4.83 -24.59 41.04
C ILE E 481 3.77 -24.55 39.95
N ALA E 482 2.78 -23.68 40.12
CA ALA E 482 1.65 -23.52 39.22
C ALA E 482 0.94 -24.84 38.96
N PRO E 483 0.35 -25.49 39.98
CA PRO E 483 -0.48 -26.67 39.70
C PRO E 483 -1.65 -26.38 38.79
N SER E 484 -2.23 -25.18 38.85
CA SER E 484 -3.41 -24.85 38.07
C SER E 484 -3.10 -24.66 36.58
N ILE E 485 -1.84 -24.61 36.19
CA ILE E 485 -1.45 -24.40 34.80
C ILE E 485 -0.85 -25.69 34.27
N TYR E 486 -1.23 -26.06 33.04
CA TYR E 486 -0.82 -27.31 32.44
C TYR E 486 0.34 -27.09 31.49
N GLY E 487 1.32 -28.01 31.54
CA GLY E 487 2.45 -27.94 30.64
C GLY E 487 3.40 -26.80 30.99
N HIS E 488 4.16 -26.40 29.96
CA HIS E 488 5.11 -25.29 30.07
C HIS E 488 6.17 -25.58 31.13
N GLU E 489 6.92 -26.66 30.91
CA GLU E 489 7.94 -27.06 31.86
C GLU E 489 9.08 -26.05 31.92
N ASP E 490 9.51 -25.54 30.76
CA ASP E 490 10.69 -24.69 30.72
C ASP E 490 10.50 -23.40 31.50
N ILE E 491 9.31 -22.79 31.39
CA ILE E 491 9.09 -21.50 32.05
C ILE E 491 9.12 -21.67 33.57
N LYS E 492 8.44 -22.69 34.09
CA LYS E 492 8.46 -22.90 35.54
C LYS E 492 9.84 -23.32 36.03
N ARG E 493 10.57 -24.09 35.22
CA ARG E 493 11.94 -24.44 35.57
C ARG E 493 12.79 -23.19 35.71
N GLY E 494 12.75 -22.31 34.71
CA GLY E 494 13.55 -21.09 34.78
C GLY E 494 13.15 -20.19 35.92
N LEU E 495 11.84 -20.05 36.16
CA LEU E 495 11.40 -19.17 37.23
C LEU E 495 11.77 -19.71 38.60
N ALA E 496 11.66 -21.02 38.82
CA ALA E 496 12.13 -21.60 40.08
C ALA E 496 13.63 -21.40 40.25
N LEU E 497 14.38 -21.63 39.18
CA LEU E 497 15.83 -21.48 39.23
C LEU E 497 16.23 -20.06 39.57
N ALA E 498 15.49 -19.08 39.03
CA ALA E 498 15.74 -17.69 39.40
C ALA E 498 15.31 -17.40 40.84
N LEU E 499 14.21 -18.00 41.28
CA LEU E 499 13.70 -17.76 42.62
C LEU E 499 14.68 -18.22 43.68
N PHE E 500 15.28 -19.40 43.51
CA PHE E 500 16.19 -19.91 44.52
C PHE E 500 17.43 -19.02 44.64
N GLY E 501 17.81 -18.34 43.56
CA GLY E 501 18.86 -17.34 43.61
C GLY E 501 20.25 -17.94 43.74
N GLY E 502 21.23 -17.19 43.22
CA GLY E 502 22.62 -17.55 43.34
C GLY E 502 23.29 -16.89 44.53
N GLU E 503 24.61 -17.02 44.57
CA GLU E 503 25.39 -16.42 45.64
C GLU E 503 26.09 -15.16 45.12
N PRO E 504 25.69 -13.97 45.57
CA PRO E 504 26.41 -12.76 45.15
C PRO E 504 27.84 -12.78 45.64
N LYS E 505 28.74 -12.28 44.79
CA LYS E 505 30.16 -12.33 45.11
C LYS E 505 30.77 -10.95 44.90
N ASN E 506 31.85 -10.69 45.63
CA ASN E 506 32.61 -9.44 45.51
C ASN E 506 34.08 -9.79 45.37
N PRO E 507 34.53 -10.21 44.18
CA PRO E 507 35.93 -10.59 44.03
C PRO E 507 36.86 -9.40 44.17
N GLY E 508 37.55 -9.34 45.31
CA GLY E 508 38.53 -8.32 45.61
C GLY E 508 38.00 -7.05 46.20
N GLY E 509 36.68 -6.86 46.26
CA GLY E 509 36.16 -5.55 46.57
C GLY E 509 36.45 -4.51 45.52
N LYS E 510 36.93 -4.93 44.35
CA LYS E 510 37.17 -4.07 43.21
C LYS E 510 36.02 -4.08 42.22
N HIS E 511 35.47 -5.27 41.95
CA HIS E 511 34.27 -5.45 41.14
C HIS E 511 33.34 -6.39 41.86
N LYS E 512 32.03 -6.19 41.70
CA LYS E 512 31.01 -7.00 42.34
C LYS E 512 30.27 -7.80 41.28
N VAL E 513 30.29 -9.12 41.43
CA VAL E 513 29.58 -10.02 40.53
C VAL E 513 28.23 -10.34 41.17
N ARG E 514 27.16 -10.01 40.46
CA ARG E 514 25.81 -10.20 40.98
C ARG E 514 25.47 -11.68 41.09
N GLY E 515 24.66 -12.00 42.08
CA GLY E 515 24.16 -13.36 42.26
C GLY E 515 22.66 -13.43 42.03
N ASP E 516 22.17 -12.66 41.06
CA ASP E 516 20.75 -12.53 40.79
C ASP E 516 20.46 -12.88 39.35
N ILE E 517 19.26 -13.41 39.11
CA ILE E 517 18.83 -13.85 37.78
C ILE E 517 17.66 -12.98 37.34
N ASN E 518 17.79 -12.33 36.20
CA ASN E 518 16.72 -11.53 35.62
C ASN E 518 16.05 -12.32 34.50
N VAL E 519 14.74 -12.48 34.60
CA VAL E 519 13.99 -13.35 33.70
C VAL E 519 13.11 -12.50 32.81
N LEU E 520 13.11 -12.79 31.50
CA LEU E 520 12.22 -12.15 30.55
C LEU E 520 11.32 -13.19 29.91
N LEU E 521 10.03 -12.88 29.85
CA LEU E 521 9.01 -13.82 29.37
C LEU E 521 8.24 -13.16 28.24
N CYS E 522 8.59 -13.49 26.99
CA CYS E 522 7.86 -12.98 25.83
C CYS E 522 6.86 -14.03 25.38
N GLY E 523 5.60 -13.62 25.25
CA GLY E 523 4.55 -14.59 25.03
C GLY E 523 3.46 -14.11 24.09
N ASP E 524 2.95 -15.04 23.30
CA ASP E 524 1.73 -14.80 22.54
C ASP E 524 0.53 -14.76 23.48
N PRO E 525 -0.46 -13.92 23.21
CA PRO E 525 -1.61 -13.83 24.13
C PRO E 525 -2.32 -15.16 24.29
N GLY E 526 -2.78 -15.42 25.51
CA GLY E 526 -3.45 -16.66 25.83
C GLY E 526 -2.58 -17.73 26.48
N THR E 527 -1.43 -17.36 27.04
CA THR E 527 -0.51 -18.32 27.64
C THR E 527 -0.38 -18.17 29.15
N ALA E 528 -1.27 -17.39 29.78
CA ALA E 528 -1.36 -17.27 31.23
C ALA E 528 -0.04 -16.79 31.84
N LYS E 529 0.55 -15.76 31.23
CA LYS E 529 1.73 -15.14 31.81
C LYS E 529 1.38 -14.39 33.08
N SER E 530 0.28 -13.62 33.05
CA SER E 530 -0.16 -12.89 34.23
C SER E 530 -0.46 -13.83 35.39
N GLN E 531 -0.98 -15.03 35.10
CA GLN E 531 -1.23 -16.00 36.15
C GLN E 531 0.07 -16.42 36.83
N PHE E 532 1.12 -16.66 36.02
CA PHE E 532 2.42 -17.00 36.59
C PHE E 532 2.95 -15.88 37.45
N LEU E 533 2.85 -14.64 36.96
CA LEU E 533 3.33 -13.50 37.73
C LEU E 533 2.56 -13.36 39.05
N LYS E 534 1.24 -13.56 39.01
CA LYS E 534 0.44 -13.48 40.22
C LYS E 534 0.81 -14.57 41.23
N TYR E 535 1.05 -15.79 40.74
CA TYR E 535 1.45 -16.86 41.64
C TYR E 535 2.79 -16.55 42.28
N ILE E 536 3.74 -16.02 41.50
CA ILE E 536 5.03 -15.62 42.05
C ILE E 536 4.85 -14.51 43.08
N GLU E 537 3.94 -13.58 42.81
CA GLU E 537 3.62 -12.53 43.78
C GLU E 537 3.15 -13.12 45.10
N LYS E 538 2.27 -14.11 45.03
CA LYS E 538 1.73 -14.70 46.25
C LYS E 538 2.78 -15.50 47.01
N VAL E 539 3.60 -16.28 46.29
CA VAL E 539 4.51 -17.21 46.96
C VAL E 539 5.58 -16.45 47.73
N SER E 540 6.16 -15.43 47.12
CA SER E 540 7.32 -14.76 47.70
C SER E 540 6.97 -14.14 49.05
N SER E 541 7.89 -14.27 50.01
CA SER E 541 7.72 -13.62 51.30
C SER E 541 7.69 -12.11 51.15
N ARG E 542 8.50 -11.56 50.25
CA ARG E 542 8.54 -10.14 49.96
C ARG E 542 8.36 -9.98 48.46
N ALA E 543 7.29 -9.30 48.06
CA ALA E 543 6.97 -9.17 46.65
C ALA E 543 6.20 -7.87 46.40
N ILE E 544 6.50 -7.24 45.27
CA ILE E 544 5.82 -6.03 44.83
C ILE E 544 5.40 -6.23 43.38
N PHE E 545 4.15 -5.90 43.07
CA PHE E 545 3.62 -6.03 41.73
C PHE E 545 3.41 -4.64 41.13
N THR E 546 3.88 -4.46 39.89
CA THR E 546 3.73 -3.21 39.17
C THR E 546 3.25 -3.50 37.75
N THR E 547 2.54 -2.53 37.18
CA THR E 547 2.08 -2.62 35.80
C THR E 547 2.90 -1.68 34.91
N GLY E 548 2.85 -1.95 33.61
CA GLY E 548 3.62 -1.16 32.68
C GLY E 548 3.20 0.30 32.62
N GLN E 549 1.89 0.55 32.54
CA GLN E 549 1.42 1.91 32.35
C GLN E 549 1.59 2.76 33.60
N GLY E 550 1.35 2.18 34.77
CA GLY E 550 1.39 2.92 36.01
C GLY E 550 2.76 3.09 36.63
N ALA E 551 3.82 2.63 35.97
CA ALA E 551 5.17 2.69 36.51
C ALA E 551 5.97 3.76 35.78
N SER E 552 6.23 4.88 36.47
CA SER E 552 7.10 5.91 35.94
C SER E 552 8.53 5.71 36.45
N ALA E 553 9.46 6.44 35.86
CA ALA E 553 10.84 6.40 36.32
C ALA E 553 10.95 6.88 37.76
N VAL E 554 10.23 7.95 38.09
CA VAL E 554 10.24 8.46 39.46
C VAL E 554 9.59 7.46 40.41
N GLY E 555 8.52 6.80 39.97
CA GLY E 555 7.83 5.86 40.83
C GLY E 555 8.67 4.64 41.17
N LEU E 556 9.37 4.08 40.18
CA LEU E 556 10.13 2.86 40.41
C LEU E 556 11.32 3.10 41.33
N THR E 557 11.95 4.26 41.24
CA THR E 557 13.15 4.57 42.01
C THR E 557 12.83 5.54 43.15
N ALA E 558 13.81 5.70 44.03
CA ALA E 558 13.69 6.70 45.10
C ALA E 558 13.81 8.09 44.50
N TYR E 559 13.05 9.03 45.07
CA TYR E 559 13.05 10.40 44.58
C TYR E 559 13.20 11.38 45.74
N VAL E 560 13.69 12.57 45.41
CA VAL E 560 13.91 13.63 46.38
C VAL E 560 12.67 14.51 46.44
N GLN E 561 12.21 14.79 47.65
CA GLN E 561 11.03 15.61 47.87
C GLN E 561 11.25 16.51 49.07
N ARG E 562 10.61 17.67 49.05
CA ARG E 562 10.63 18.58 50.19
C ARG E 562 9.51 18.21 51.14
N HIS E 563 9.86 18.01 52.42
CA HIS E 563 8.88 17.58 53.40
C HIS E 563 7.82 18.66 53.58
N PRO E 564 6.53 18.30 53.62
CA PRO E 564 5.49 19.33 53.74
C PRO E 564 5.54 20.09 55.06
N VAL E 565 6.15 19.53 56.10
CA VAL E 565 6.17 20.18 57.40
C VAL E 565 7.53 20.85 57.63
N SER E 566 8.60 20.07 57.63
CA SER E 566 9.92 20.58 57.98
C SER E 566 10.72 21.08 56.78
N ARG E 567 10.35 20.67 55.57
CA ARG E 567 10.87 21.25 54.32
C ARG E 567 12.38 21.06 54.15
N GLU E 568 12.92 19.94 54.62
CA GLU E 568 14.26 19.52 54.21
C GLU E 568 14.16 18.42 53.17
N TRP E 569 15.18 18.32 52.33
CA TRP E 569 15.20 17.33 51.27
C TRP E 569 15.19 15.93 51.87
N THR E 570 14.29 15.08 51.38
CA THR E 570 14.12 13.72 51.89
C THR E 570 13.98 12.76 50.72
N LEU E 571 14.37 11.51 50.95
CA LEU E 571 14.34 10.48 49.93
C LEU E 571 13.18 9.54 50.20
N GLU E 572 12.34 9.34 49.18
CA GLU E 572 11.24 8.38 49.24
C GLU E 572 11.57 7.22 48.33
N ALA E 573 11.61 6.01 48.90
CA ALA E 573 12.05 4.84 48.15
C ALA E 573 11.02 4.42 47.11
N GLY E 574 11.50 4.01 45.95
CA GLY E 574 10.66 3.49 44.89
C GLY E 574 10.39 2.01 45.06
N ALA E 575 9.77 1.43 44.03
CA ALA E 575 9.40 0.02 44.09
C ALA E 575 10.63 -0.87 44.17
N LEU E 576 11.66 -0.56 43.38
CA LEU E 576 12.86 -1.40 43.36
C LEU E 576 13.58 -1.36 44.71
N VAL E 577 13.64 -0.19 45.34
CA VAL E 577 14.31 -0.08 46.63
C VAL E 577 13.61 -0.94 47.68
N LEU E 578 12.27 -0.89 47.72
CA LEU E 578 11.52 -1.78 48.59
C LEU E 578 11.58 -3.23 48.14
N ALA E 579 12.01 -3.49 46.91
CA ALA E 579 12.20 -4.84 46.41
C ALA E 579 13.57 -5.40 46.77
N ASP E 580 14.40 -4.64 47.48
CA ASP E 580 15.72 -5.12 47.88
C ASP E 580 15.57 -6.38 48.73
N ARG E 581 16.36 -7.40 48.40
CA ARG E 581 16.34 -8.74 48.98
C ARG E 581 15.06 -9.49 48.62
N GLY E 582 14.11 -8.84 47.95
CA GLY E 582 12.89 -9.48 47.50
C GLY E 582 12.86 -9.66 46.00
N VAL E 583 11.66 -9.70 45.42
CA VAL E 583 11.48 -9.89 43.99
C VAL E 583 10.59 -8.78 43.45
N CYS E 584 10.88 -8.33 42.24
CA CYS E 584 10.12 -7.29 41.56
C CYS E 584 9.57 -7.85 40.25
N LEU E 585 8.29 -7.59 40.01
CA LEU E 585 7.58 -8.09 38.83
C LEU E 585 7.17 -6.90 37.96
N ILE E 586 7.51 -6.98 36.68
CA ILE E 586 7.14 -5.96 35.70
C ILE E 586 6.21 -6.60 34.69
N ASP E 587 5.03 -6.01 34.51
CA ASP E 587 4.04 -6.50 33.55
C ASP E 587 3.98 -5.56 32.37
N GLU E 588 3.91 -6.13 31.17
CA GLU E 588 3.90 -5.36 29.92
C GLU E 588 5.13 -4.47 29.82
N PHE E 589 6.31 -5.08 29.99
CA PHE E 589 7.56 -4.34 29.94
C PHE E 589 7.79 -3.70 28.57
N ASP E 590 7.16 -4.21 27.52
CA ASP E 590 7.29 -3.62 26.20
C ASP E 590 6.65 -2.25 26.10
N LYS E 591 5.86 -1.84 27.09
CA LYS E 591 5.23 -0.54 27.10
C LYS E 591 6.12 0.53 27.73
N MET E 592 7.25 0.13 28.31
CA MET E 592 8.16 1.08 28.96
C MET E 592 8.60 2.16 27.99
N ASN E 593 8.57 3.41 28.45
CA ASN E 593 9.19 4.51 27.73
C ASN E 593 10.71 4.38 27.82
N ASP E 594 11.39 4.75 26.74
CA ASP E 594 12.84 4.58 26.70
C ASP E 594 13.53 5.39 27.78
N GLN E 595 13.03 6.60 28.07
CA GLN E 595 13.58 7.40 29.14
C GLN E 595 13.46 6.66 30.48
N ASP E 596 12.31 6.05 30.73
CA ASP E 596 12.16 5.23 31.92
C ASP E 596 13.06 4.00 31.87
N ARG E 597 13.31 3.47 30.67
CA ARG E 597 14.20 2.32 30.53
C ARG E 597 15.62 2.66 30.91
N THR E 598 16.07 3.88 30.63
CA THR E 598 17.47 4.25 30.83
C THR E 598 17.92 4.02 32.28
N SER E 599 17.09 4.41 33.24
CA SER E 599 17.46 4.25 34.64
C SER E 599 17.54 2.80 35.08
N ILE E 600 16.93 1.88 34.32
CA ILE E 600 16.82 0.49 34.75
C ILE E 600 18.19 -0.20 34.69
N HIS E 601 19.00 0.12 33.67
CA HIS E 601 20.23 -0.63 33.44
C HIS E 601 21.19 -0.54 34.61
N GLU E 602 21.28 0.63 35.26
CA GLU E 602 22.19 0.79 36.38
C GLU E 602 21.85 -0.17 37.50
N ALA E 603 20.58 -0.21 37.90
CA ALA E 603 20.15 -1.12 38.95
C ALA E 603 20.26 -2.58 38.50
N MET E 604 20.06 -2.86 37.21
CA MET E 604 20.16 -4.23 36.74
C MET E 604 21.59 -4.74 36.82
N GLU E 605 22.56 -3.91 36.43
CA GLU E 605 23.94 -4.36 36.36
C GLU E 605 24.63 -4.31 37.72
N GLN E 606 24.40 -3.26 38.50
CA GLN E 606 25.15 -3.07 39.73
C GLN E 606 24.35 -3.34 41.00
N GLN E 607 23.03 -3.53 40.89
CA GLN E 607 22.17 -3.76 42.05
C GLN E 607 22.35 -2.67 43.11
N SER E 608 22.51 -1.44 42.65
CA SER E 608 22.62 -0.27 43.51
C SER E 608 22.25 0.94 42.69
N ILE E 609 21.65 1.92 43.36
CA ILE E 609 21.20 3.15 42.71
C ILE E 609 21.89 4.35 43.36
N SER E 610 22.42 5.23 42.54
CA SER E 610 23.05 6.47 42.99
C SER E 610 22.14 7.62 42.59
N ILE E 611 21.55 8.28 43.59
CA ILE E 611 20.65 9.41 43.38
C ILE E 611 21.43 10.69 43.62
N SER E 612 21.52 11.52 42.58
CA SER E 612 22.22 12.80 42.65
C SER E 612 21.21 13.88 42.25
N LYS E 613 20.46 14.39 43.23
CA LYS E 613 19.42 15.37 42.95
C LYS E 613 19.34 16.38 44.09
N ALA E 614 19.12 17.64 43.72
CA ALA E 614 18.89 18.73 44.67
C ALA E 614 20.02 18.83 45.69
N GLY E 615 21.25 18.66 45.22
CA GLY E 615 22.41 18.76 46.08
C GLY E 615 22.61 17.57 47.01
N ILE E 616 21.87 16.49 46.82
CA ILE E 616 21.97 15.30 47.66
C ILE E 616 22.43 14.14 46.78
N VAL E 617 23.53 13.52 47.16
CA VAL E 617 24.07 12.35 46.47
C VAL E 617 24.07 11.20 47.47
N THR E 618 23.33 10.14 47.14
CA THR E 618 23.17 9.01 48.04
C THR E 618 23.23 7.71 47.24
N SER E 619 23.59 6.63 47.93
CA SER E 619 23.64 5.30 47.34
C SER E 619 22.69 4.38 48.10
N LEU E 620 21.92 3.58 47.37
CA LEU E 620 20.95 2.69 47.97
C LEU E 620 21.08 1.30 47.34
N GLN E 621 20.87 0.28 48.17
CA GLN E 621 20.99 -1.10 47.73
C GLN E 621 19.79 -1.50 46.88
N ALA E 622 20.05 -2.23 45.80
CA ALA E 622 19.01 -2.66 44.87
C ALA E 622 19.22 -4.11 44.46
N ARG E 623 19.49 -4.97 45.44
CA ARG E 623 19.67 -6.40 45.20
C ARG E 623 18.30 -7.05 45.12
N CYS E 624 17.76 -7.15 43.91
CA CYS E 624 16.42 -7.70 43.70
C CYS E 624 16.43 -8.60 42.47
N THR E 625 15.49 -9.56 42.48
CA THR E 625 15.30 -10.48 41.36
C THR E 625 14.13 -9.98 40.52
N VAL E 626 14.38 -9.73 39.25
CA VAL E 626 13.43 -9.04 38.38
C VAL E 626 12.85 -10.03 37.38
N ILE E 627 11.51 -10.08 37.32
CA ILE E 627 10.79 -10.93 36.39
C ILE E 627 9.91 -10.03 35.53
N ALA E 628 10.17 -10.00 34.24
CA ALA E 628 9.50 -9.09 33.32
C ALA E 628 8.72 -9.87 32.28
N ALA E 629 7.55 -9.35 31.92
CA ALA E 629 6.68 -9.94 30.91
C ALA E 629 6.59 -9.03 29.69
N ALA E 630 6.41 -9.62 28.52
CA ALA E 630 6.39 -8.87 27.28
C ALA E 630 5.58 -9.60 26.23
N ASN E 631 5.01 -8.82 25.31
CA ASN E 631 4.24 -9.32 24.19
C ASN E 631 4.88 -8.84 22.90
N PRO E 632 5.00 -9.70 21.88
CA PRO E 632 5.65 -9.30 20.64
C PRO E 632 4.87 -8.21 19.91
N ILE E 633 5.60 -7.37 19.18
CA ILE E 633 4.96 -6.32 18.39
C ILE E 633 4.09 -6.96 17.33
N GLY E 634 2.86 -6.45 17.20
CA GLY E 634 1.88 -7.03 16.31
C GLY E 634 1.03 -8.12 16.92
N GLY E 635 1.34 -8.57 18.14
CA GLY E 635 0.54 -9.55 18.84
C GLY E 635 0.87 -10.99 18.53
N ARG E 636 1.77 -11.26 17.59
CA ARG E 636 2.11 -12.62 17.23
C ARG E 636 3.62 -12.73 17.02
N TYR E 637 4.21 -13.79 17.56
CA TYR E 637 5.64 -14.00 17.46
C TYR E 637 5.97 -14.62 16.10
N ASP E 638 6.87 -13.98 15.36
CA ASP E 638 7.26 -14.47 14.04
C ASP E 638 8.49 -15.36 14.17
N PRO E 639 8.40 -16.65 13.87
CA PRO E 639 9.59 -17.52 13.96
C PRO E 639 10.63 -17.26 12.90
N SER E 640 10.31 -16.49 11.86
CA SER E 640 11.24 -16.21 10.78
C SER E 640 12.16 -15.03 11.08
N LEU E 641 12.00 -14.39 12.23
CA LEU E 641 12.78 -13.21 12.59
C LEU E 641 13.58 -13.49 13.86
N THR E 642 14.62 -12.69 14.07
CA THR E 642 15.40 -12.78 15.29
C THR E 642 14.58 -12.32 16.49
N PHE E 643 14.99 -12.79 17.67
CA PHE E 643 14.30 -12.41 18.90
C PHE E 643 14.37 -10.91 19.13
N SER E 644 15.46 -10.27 18.72
CA SER E 644 15.59 -8.82 18.88
C SER E 644 14.53 -8.08 18.06
N GLU E 645 14.24 -8.58 16.86
CA GLU E 645 13.30 -7.88 15.99
C GLU E 645 11.87 -7.99 16.49
N ASN E 646 11.50 -9.12 17.11
CA ASN E 646 10.12 -9.33 17.53
C ASN E 646 9.74 -8.53 18.77
N VAL E 647 10.72 -8.09 19.56
CA VAL E 647 10.47 -7.39 20.82
C VAL E 647 11.06 -6.00 20.72
N ASP E 648 10.28 -4.99 21.11
CA ASP E 648 10.69 -3.59 21.00
C ASP E 648 11.52 -3.18 22.22
N LEU E 649 12.66 -3.84 22.38
CA LEU E 649 13.62 -3.52 23.44
C LEU E 649 15.02 -3.47 22.86
N THR E 650 15.84 -2.60 23.44
CA THR E 650 17.20 -2.44 22.97
C THR E 650 18.05 -3.64 23.36
N GLU E 651 19.14 -3.84 22.61
CA GLU E 651 20.04 -4.95 22.89
C GLU E 651 20.61 -4.95 24.31
N PRO E 652 21.05 -3.83 24.89
CA PRO E 652 21.57 -3.89 26.27
C PRO E 652 20.56 -4.43 27.28
N ILE E 653 19.28 -4.08 27.11
CA ILE E 653 18.27 -4.56 28.05
C ILE E 653 18.16 -6.08 28.01
N ILE E 654 18.13 -6.64 26.80
CA ILE E 654 18.10 -8.09 26.66
C ILE E 654 19.38 -8.71 27.21
N SER E 655 20.52 -8.05 26.98
CA SER E 655 21.79 -8.56 27.48
C SER E 655 21.80 -8.64 28.99
N ARG E 656 21.19 -7.65 29.67
CA ARG E 656 21.13 -7.69 31.12
C ARG E 656 20.32 -8.88 31.62
N PHE E 657 19.31 -9.30 30.87
CA PHE E 657 18.54 -10.48 31.26
C PHE E 657 19.38 -11.74 31.13
N ASP E 658 19.21 -12.65 32.08
CA ASP E 658 19.95 -13.90 32.09
C ASP E 658 19.18 -15.05 31.45
N ILE E 659 17.87 -15.11 31.64
CA ILE E 659 17.03 -16.16 31.08
C ILE E 659 15.95 -15.51 30.21
N LEU E 660 15.82 -16.01 28.98
CA LEU E 660 14.82 -15.55 28.03
C LEU E 660 13.92 -16.72 27.69
N CYS E 661 12.61 -16.52 27.77
CA CYS E 661 11.65 -17.58 27.45
C CYS E 661 10.57 -17.03 26.53
N VAL E 662 10.45 -17.62 25.34
CA VAL E 662 9.42 -17.25 24.37
C VAL E 662 8.39 -18.37 24.33
N VAL E 663 7.11 -17.99 24.33
CA VAL E 663 6.01 -18.94 24.30
C VAL E 663 5.16 -18.66 23.07
N ARG E 664 4.92 -19.70 22.27
CA ARG E 664 4.13 -19.60 21.05
C ARG E 664 2.83 -20.40 21.22
N ASP E 665 1.96 -20.26 20.23
CA ASP E 665 0.66 -20.93 20.21
C ASP E 665 0.61 -21.86 19.01
N THR E 666 0.38 -23.15 19.26
CA THR E 666 0.27 -24.16 18.22
C THR E 666 -1.06 -24.88 18.33
N VAL E 667 -1.59 -25.31 17.18
CA VAL E 667 -2.88 -25.99 17.12
C VAL E 667 -2.59 -27.49 17.09
N ASP E 668 -2.51 -28.09 18.28
CA ASP E 668 -2.29 -29.52 18.42
C ASP E 668 -3.52 -30.16 19.06
N PRO E 669 -4.23 -31.05 18.37
CA PRO E 669 -5.48 -31.58 18.93
C PRO E 669 -5.31 -32.32 20.24
N VAL E 670 -4.24 -33.10 20.41
CA VAL E 670 -4.05 -33.83 21.65
C VAL E 670 -3.70 -32.88 22.78
N GLN E 671 -2.84 -31.89 22.51
CA GLN E 671 -2.53 -30.89 23.52
C GLN E 671 -3.76 -30.06 23.85
N ASP E 672 -4.60 -29.79 22.85
CA ASP E 672 -5.85 -29.09 23.11
C ASP E 672 -6.76 -29.91 24.02
N GLU E 673 -6.83 -31.21 23.78
CA GLU E 673 -7.61 -32.10 24.65
C GLU E 673 -7.09 -32.04 26.08
N MET E 674 -5.76 -32.13 26.24
CA MET E 674 -5.19 -32.09 27.58
C MET E 674 -5.49 -30.75 28.27
N LEU E 675 -5.33 -29.65 27.54
CA LEU E 675 -5.62 -28.33 28.13
C LEU E 675 -7.08 -28.24 28.55
N ALA E 676 -7.99 -28.63 27.67
CA ALA E 676 -9.41 -28.52 27.98
C ALA E 676 -9.78 -29.38 29.19
N ARG E 677 -9.29 -30.61 29.22
CA ARG E 677 -9.61 -31.51 30.33
C ARG E 677 -9.06 -30.97 31.64
N PHE E 678 -7.81 -30.50 31.64
CA PHE E 678 -7.23 -29.97 32.87
C PHE E 678 -7.97 -28.72 33.34
N VAL E 679 -8.32 -27.84 32.41
CA VAL E 679 -9.01 -26.59 32.77
C VAL E 679 -10.38 -26.90 33.36
N VAL E 680 -11.14 -27.80 32.74
CA VAL E 680 -12.47 -28.09 33.25
C VAL E 680 -12.37 -28.81 34.59
N GLY E 681 -11.37 -29.68 34.77
CA GLY E 681 -11.17 -30.31 36.06
C GLY E 681 -10.86 -29.30 37.15
N SER E 682 -9.97 -28.34 36.85
CA SER E 682 -9.66 -27.30 37.81
C SER E 682 -10.89 -26.45 38.13
N HIS E 683 -11.71 -26.17 37.11
CA HIS E 683 -12.93 -25.42 37.35
C HIS E 683 -13.87 -26.17 38.29
N VAL E 684 -14.01 -27.49 38.09
CA VAL E 684 -14.86 -28.27 38.96
C VAL E 684 -14.30 -28.31 40.38
N ARG E 685 -12.98 -28.46 40.51
CA ARG E 685 -12.37 -28.61 41.83
C ARG E 685 -12.58 -27.37 42.70
N HIS E 686 -12.42 -26.18 42.12
CA HIS E 686 -12.32 -24.95 42.90
C HIS E 686 -13.63 -24.19 42.97
N HIS E 687 -14.76 -24.87 42.86
CA HIS E 687 -16.05 -24.22 43.03
C HIS E 687 -16.25 -23.88 44.51
N PRO E 688 -16.75 -22.68 44.82
CA PRO E 688 -16.95 -22.32 46.23
C PRO E 688 -17.89 -23.26 46.98
N SER E 689 -18.90 -23.80 46.30
CA SER E 689 -19.73 -24.82 46.92
C SER E 689 -18.93 -26.08 47.21
N ASN E 690 -18.07 -26.48 46.27
CA ASN E 690 -17.22 -27.65 46.48
C ASN E 690 -16.12 -27.38 47.49
N LYS E 691 -15.84 -26.11 47.80
CA LYS E 691 -14.78 -25.77 48.74
C LYS E 691 -15.13 -26.20 50.15
N ASN E 708 0.65 -35.10 36.33
CA ASN E 708 1.67 -34.12 35.98
C ASN E 708 2.62 -34.67 34.92
N THR E 709 3.37 -33.78 34.27
CA THR E 709 4.32 -34.20 33.25
C THR E 709 5.41 -35.08 33.84
N TYR E 710 5.94 -34.69 35.01
CA TYR E 710 6.97 -35.48 35.67
C TYR E 710 6.42 -36.65 36.47
N GLY E 711 5.11 -36.69 36.71
CA GLY E 711 4.52 -37.76 37.47
C GLY E 711 4.77 -37.71 38.96
N VAL E 712 5.30 -36.60 39.48
CA VAL E 712 5.64 -36.46 40.89
C VAL E 712 4.57 -35.63 41.59
N GLU E 713 4.34 -35.95 42.86
CA GLU E 713 3.33 -35.25 43.64
C GLU E 713 3.85 -33.88 44.07
N PRO E 714 3.08 -32.81 43.84
CA PRO E 714 3.52 -31.49 44.26
C PRO E 714 3.58 -31.36 45.77
N LEU E 715 4.49 -30.50 46.24
CA LEU E 715 4.67 -30.25 47.66
C LEU E 715 3.66 -29.22 48.16
N PRO E 716 3.33 -29.25 49.45
CA PRO E 716 2.45 -28.22 50.01
C PRO E 716 3.09 -26.84 49.91
N GLN E 717 2.23 -25.82 49.79
CA GLN E 717 2.71 -24.46 49.60
C GLN E 717 3.55 -23.98 50.78
N GLU E 718 3.07 -24.23 52.00
CA GLU E 718 3.81 -23.83 53.19
C GLU E 718 5.14 -24.56 53.28
N VAL E 719 5.14 -25.86 52.97
CA VAL E 719 6.38 -26.63 52.97
C VAL E 719 7.36 -26.09 51.94
N LEU E 720 6.86 -25.74 50.75
CA LEU E 720 7.73 -25.18 49.72
C LEU E 720 8.31 -23.85 50.16
N LYS E 721 7.49 -23.00 50.79
CA LYS E 721 7.98 -21.70 51.28
C LYS E 721 9.07 -21.90 52.33
N LYS E 722 8.85 -22.84 53.26
CA LYS E 722 9.83 -23.10 54.30
C LYS E 722 11.13 -23.65 53.71
N TYR E 723 11.02 -24.54 52.72
CA TYR E 723 12.19 -25.05 52.02
C TYR E 723 12.95 -23.92 51.35
N ILE E 724 12.23 -23.01 50.69
CA ILE E 724 12.87 -21.88 50.01
C ILE E 724 13.62 -21.02 51.02
N ILE E 725 12.98 -20.72 52.15
CA ILE E 725 13.61 -19.87 53.17
C ILE E 725 14.88 -20.53 53.70
N TYR E 726 14.79 -21.83 54.04
CA TYR E 726 15.95 -22.51 54.62
C TYR E 726 17.09 -22.59 53.61
N ALA E 727 16.77 -22.90 52.34
CA ALA E 727 17.80 -22.97 51.32
C ALA E 727 18.43 -21.61 51.08
N LYS E 728 17.63 -20.55 51.11
CA LYS E 728 18.17 -19.21 50.93
C LYS E 728 19.10 -18.83 52.08
N GLU E 729 18.78 -19.26 53.29
CA GLU E 729 19.50 -18.78 54.47
C GLU E 729 20.52 -19.77 55.03
N ARG E 730 20.75 -20.91 54.38
CA ARG E 730 21.72 -21.85 54.93
C ARG E 730 22.82 -22.24 53.96
N VAL E 731 22.49 -22.43 52.68
CA VAL E 731 23.42 -23.05 51.73
C VAL E 731 24.32 -22.00 51.12
N HIS E 732 25.61 -22.34 51.00
CA HIS E 732 26.58 -21.52 50.28
C HIS E 732 27.49 -22.45 49.51
N PRO E 733 27.15 -22.77 48.26
CA PRO E 733 27.91 -23.76 47.50
C PRO E 733 29.26 -23.24 47.04
N LYS E 734 30.16 -24.19 46.75
CA LYS E 734 31.52 -23.89 46.29
C LYS E 734 31.80 -24.64 45.00
N LEU E 735 32.37 -23.95 44.04
CA LEU E 735 32.63 -24.49 42.69
C LEU E 735 34.07 -24.97 42.56
N ASN E 736 34.41 -25.98 43.36
CA ASN E 736 35.78 -26.48 43.40
C ASN E 736 36.05 -27.65 42.46
N GLN E 737 35.03 -28.16 41.75
CA GLN E 737 35.16 -29.35 40.92
C GLN E 737 34.58 -29.11 39.54
N MET E 738 34.95 -27.99 38.91
CA MET E 738 34.50 -27.66 37.57
C MET E 738 35.65 -27.84 36.58
N ASP E 739 35.38 -28.55 35.48
CA ASP E 739 36.36 -28.74 34.42
C ASP E 739 36.35 -27.53 33.48
N GLN E 740 37.42 -26.75 33.52
CA GLN E 740 37.46 -25.50 32.76
C GLN E 740 37.63 -25.75 31.27
N ASP E 741 38.21 -26.89 30.88
CA ASP E 741 38.44 -27.16 29.47
C ASP E 741 37.12 -27.34 28.72
N LYS E 742 36.17 -28.08 29.31
CA LYS E 742 34.90 -28.32 28.64
C LYS E 742 34.14 -27.02 28.44
N VAL E 743 34.06 -26.19 29.49
CA VAL E 743 33.35 -24.92 29.36
C VAL E 743 34.07 -23.98 28.41
N ALA E 744 35.41 -24.02 28.39
CA ALA E 744 36.16 -23.18 27.46
C ALA E 744 35.88 -23.57 26.02
N LYS E 745 35.87 -24.87 25.72
CA LYS E 745 35.56 -25.33 24.37
C LYS E 745 34.11 -24.98 23.99
N MET E 746 33.19 -25.17 24.93
CA MET E 746 31.79 -24.81 24.67
C MET E 746 31.64 -23.32 24.40
N TYR E 747 32.37 -22.48 25.14
CA TYR E 747 32.29 -21.04 24.94
C TYR E 747 32.93 -20.63 23.63
N SER E 748 34.00 -21.30 23.22
CA SER E 748 34.56 -21.05 21.90
C SER E 748 33.58 -21.40 20.80
N ASP E 749 32.88 -22.54 20.95
CA ASP E 749 31.85 -22.90 19.99
C ASP E 749 30.71 -21.89 19.99
N LEU E 750 30.35 -21.38 21.18
CA LEU E 750 29.32 -20.36 21.28
C LEU E 750 29.72 -19.09 20.54
N ARG E 751 30.98 -18.67 20.71
CA ARG E 751 31.49 -17.53 19.96
C ARG E 751 31.42 -17.78 18.46
N LYS E 752 31.84 -18.96 18.03
CA LYS E 752 31.83 -19.29 16.60
C LYS E 752 30.40 -19.21 16.04
N GLU E 753 29.46 -19.84 16.71
CA GLU E 753 28.09 -19.91 16.21
C GLU E 753 27.28 -18.65 16.50
N SER E 754 27.81 -17.73 17.31
CA SER E 754 27.17 -16.44 17.48
C SER E 754 27.67 -15.42 16.46
N MET E 755 28.98 -15.42 16.17
CA MET E 755 29.47 -14.59 15.08
C MET E 755 29.01 -15.11 13.73
N ALA E 756 28.73 -16.41 13.63
CA ALA E 756 28.15 -16.96 12.41
C ALA E 756 26.73 -16.44 12.18
N THR E 757 26.01 -16.14 13.26
CA THR E 757 24.65 -15.62 13.15
C THR E 757 24.66 -14.10 13.08
N THR E 763 29.00 -13.89 25.52
CA THR E 763 29.82 -12.94 26.27
C THR E 763 30.15 -13.48 27.66
N VAL E 764 30.91 -12.70 28.43
CA VAL E 764 31.34 -13.12 29.75
C VAL E 764 30.15 -13.22 30.71
N ARG E 765 29.20 -12.30 30.59
CA ARG E 765 28.04 -12.34 31.47
C ARG E 765 27.19 -13.57 31.26
N HIS E 766 27.22 -14.18 30.07
CA HIS E 766 26.56 -15.47 29.88
C HIS E 766 27.24 -16.55 30.72
N ILE E 767 28.57 -16.53 30.77
CA ILE E 767 29.29 -17.46 31.64
C ILE E 767 28.92 -17.20 33.09
N GLU E 768 28.85 -15.94 33.50
CA GLU E 768 28.48 -15.60 34.87
C GLU E 768 27.07 -16.10 35.20
N SER E 769 26.13 -15.92 34.26
CA SER E 769 24.77 -16.40 34.46
C SER E 769 24.74 -17.90 34.61
N MET E 770 25.49 -18.62 33.78
CA MET E 770 25.55 -20.08 33.91
C MET E 770 26.16 -20.49 35.25
N ILE E 771 27.17 -19.76 35.70
CA ILE E 771 27.81 -20.07 36.98
C ILE E 771 26.83 -19.90 38.13
N ARG E 772 26.15 -18.75 38.19
CA ARG E 772 25.19 -18.55 39.26
C ARG E 772 23.98 -19.48 39.12
N MET E 773 23.67 -19.89 37.90
CA MET E 773 22.63 -20.88 37.68
C MET E 773 23.01 -22.23 38.28
N ALA E 774 24.25 -22.65 38.07
CA ALA E 774 24.72 -23.88 38.69
C ALA E 774 24.73 -23.76 40.20
N GLU E 775 25.11 -22.59 40.72
CA GLU E 775 25.09 -22.38 42.16
C GLU E 775 23.68 -22.50 42.72
N ALA E 776 22.69 -21.91 42.02
CA ALA E 776 21.30 -22.01 42.46
C ALA E 776 20.81 -23.45 42.39
N HIS E 777 21.17 -24.18 41.33
CA HIS E 777 20.75 -25.57 41.23
C HIS E 777 21.34 -26.40 42.35
N ALA E 778 22.59 -26.12 42.72
CA ALA E 778 23.19 -26.78 43.88
C ALA E 778 22.44 -26.42 45.16
N ARG E 779 22.08 -25.14 45.31
CA ARG E 779 21.29 -24.73 46.48
C ARG E 779 19.96 -25.46 46.55
N ILE E 780 19.38 -25.80 45.39
CA ILE E 780 18.13 -26.56 45.40
C ILE E 780 18.31 -27.89 46.11
N HIS E 781 19.43 -28.56 45.88
CA HIS E 781 19.69 -29.87 46.48
C HIS E 781 20.33 -29.78 47.85
N LEU E 782 20.53 -28.57 48.39
CA LEU E 782 21.07 -28.36 49.73
C LEU E 782 22.45 -29.00 49.87
N ARG E 783 23.32 -28.75 48.90
CA ARG E 783 24.67 -29.29 48.88
C ARG E 783 25.68 -28.17 49.07
N ASP E 784 26.60 -28.36 50.02
CA ASP E 784 27.63 -27.36 50.28
C ASP E 784 28.62 -27.28 49.12
N TYR E 785 28.75 -28.33 48.32
CA TYR E 785 29.64 -28.34 47.17
C TYR E 785 28.85 -28.72 45.93
N VAL E 786 29.27 -28.17 44.79
CA VAL E 786 28.55 -28.32 43.53
C VAL E 786 29.03 -29.56 42.81
N ILE E 787 28.10 -30.41 42.41
CA ILE E 787 28.39 -31.57 41.58
C ILE E 787 28.21 -31.17 40.12
N GLU E 788 28.97 -31.81 39.23
CA GLU E 788 28.95 -31.42 37.82
C GLU E 788 27.61 -31.63 37.16
N ASP E 789 26.71 -32.42 37.78
CA ASP E 789 25.36 -32.57 37.23
C ASP E 789 24.63 -31.24 37.21
N ASP E 790 24.85 -30.40 38.23
CA ASP E 790 24.29 -29.06 38.22
C ASP E 790 24.80 -28.28 37.02
N VAL E 791 26.09 -28.39 36.71
CA VAL E 791 26.65 -27.70 35.56
C VAL E 791 26.03 -28.21 34.28
N ASN E 792 25.86 -29.53 34.16
CA ASN E 792 25.26 -30.10 32.95
C ASN E 792 23.84 -29.60 32.75
N MET E 793 23.04 -29.58 33.82
CA MET E 793 21.66 -29.11 33.68
C MET E 793 21.61 -27.62 33.36
N ALA E 794 22.48 -26.82 33.97
CA ALA E 794 22.54 -25.40 33.66
C ALA E 794 22.92 -25.18 32.20
N ILE E 795 23.89 -25.93 31.70
CA ILE E 795 24.27 -25.85 30.30
C ILE E 795 23.10 -26.21 29.41
N ARG E 796 22.38 -27.28 29.75
CA ARG E 796 21.25 -27.71 28.95
C ARG E 796 20.19 -26.62 28.85
N VAL E 797 19.79 -26.06 29.99
CA VAL E 797 18.72 -25.07 29.97
C VAL E 797 19.18 -23.78 29.30
N MET E 798 20.44 -23.38 29.53
CA MET E 798 20.94 -22.18 28.87
C MET E 798 20.99 -22.35 27.36
N LEU E 799 21.41 -23.52 26.89
CA LEU E 799 21.45 -23.78 25.45
C LEU E 799 20.04 -23.78 24.87
N GLU E 800 19.08 -24.35 25.60
CA GLU E 800 17.69 -24.31 25.14
C GLU E 800 17.20 -22.87 25.02
N SER E 801 17.48 -22.05 26.03
CA SER E 801 17.06 -20.66 25.98
C SER E 801 17.72 -19.92 24.81
N PHE E 802 19.01 -20.21 24.57
CA PHE E 802 19.72 -19.53 23.48
C PHE E 802 19.16 -19.93 22.12
N ILE E 803 18.92 -21.23 21.91
CA ILE E 803 18.41 -21.67 20.61
C ILE E 803 16.98 -21.20 20.41
N ASP E 804 16.22 -21.01 21.50
CA ASP E 804 14.85 -20.53 21.35
C ASP E 804 14.77 -19.11 20.78
N THR E 805 15.85 -18.34 20.88
CA THR E 805 15.86 -16.96 20.43
C THR E 805 16.36 -16.79 19.00
N GLN E 806 16.65 -17.88 18.30
CA GLN E 806 17.22 -17.82 16.97
C GLN E 806 16.15 -18.05 15.90
N LYS E 807 16.51 -17.76 14.65
CA LYS E 807 15.62 -17.99 13.53
C LYS E 807 15.44 -19.48 13.29
N PHE E 808 14.36 -19.83 12.58
CA PHE E 808 14.08 -21.23 12.31
C PHE E 808 15.11 -21.84 11.37
N SER E 809 15.66 -21.06 10.44
CA SER E 809 16.61 -21.59 9.47
C SER E 809 17.93 -22.01 10.10
N VAL E 810 18.19 -21.61 11.34
CA VAL E 810 19.46 -21.90 11.99
C VAL E 810 19.32 -22.75 13.25
N MET E 811 18.14 -22.79 13.88
CA MET E 811 18.01 -23.55 15.12
C MET E 811 18.12 -25.05 14.87
N ARG E 812 17.73 -25.53 13.68
CA ARG E 812 17.92 -26.93 13.35
C ARG E 812 19.40 -27.28 13.31
N SER E 813 20.21 -26.42 12.68
CA SER E 813 21.65 -26.65 12.64
C SER E 813 22.25 -26.55 14.04
N MET E 814 21.76 -25.61 14.85
CA MET E 814 22.25 -25.49 16.22
C MET E 814 21.94 -26.75 17.03
N ARG E 815 20.74 -27.29 16.88
CA ARG E 815 20.38 -28.52 17.58
C ARG E 815 21.23 -29.69 17.11
N LYS E 816 21.47 -29.78 15.80
CA LYS E 816 22.32 -30.84 15.28
C LYS E 816 23.74 -30.73 15.85
N THR E 817 24.27 -29.51 15.90
CA THR E 817 25.62 -29.30 16.42
C THR E 817 25.70 -29.63 17.90
N PHE E 818 24.69 -29.23 18.68
CA PHE E 818 24.70 -29.38 20.13
C PHE E 818 23.82 -30.53 20.60
N ALA E 819 23.64 -31.56 19.77
CA ALA E 819 22.87 -32.72 20.19
C ALA E 819 23.53 -33.48 21.33
N ARG E 820 24.83 -33.30 21.53
CA ARG E 820 25.53 -33.96 22.63
C ARG E 820 24.97 -33.53 23.98
N TYR E 821 24.75 -32.22 24.15
CA TYR E 821 24.35 -31.69 25.44
C TYR E 821 22.84 -31.73 25.68
N LEU E 822 22.04 -31.58 24.61
CA LEU E 822 20.59 -31.57 24.77
C LEU E 822 20.05 -32.95 25.09
N SER E 823 20.74 -34.00 24.67
CA SER E 823 20.28 -35.37 24.92
C SER E 823 20.35 -35.71 26.41
N PRO F 191 -61.53 42.87 46.65
CA PRO F 191 -60.20 42.78 47.25
C PRO F 191 -59.59 41.38 47.08
N LEU F 192 -58.51 41.29 46.31
CA LEU F 192 -57.82 40.02 46.14
C LEU F 192 -57.00 39.65 47.37
N TYR F 193 -56.66 40.62 48.21
CA TYR F 193 -55.75 40.37 49.32
C TYR F 193 -56.43 39.55 50.43
N MET F 194 -57.73 39.72 50.63
CA MET F 194 -58.43 38.89 51.60
C MET F 194 -58.46 37.43 51.16
N GLN F 195 -58.68 37.19 49.86
CA GLN F 195 -58.61 35.83 49.35
C GLN F 195 -57.19 35.27 49.47
N ARG F 196 -56.19 36.12 49.24
CA ARG F 196 -54.81 35.70 49.43
C ARG F 196 -54.55 35.29 50.87
N LEU F 197 -55.07 36.08 51.82
CA LEU F 197 -54.91 35.76 53.23
C LEU F 197 -55.61 34.46 53.60
N GLY F 198 -56.81 34.24 53.04
CA GLY F 198 -57.50 32.97 53.28
C GLY F 198 -56.73 31.79 52.73
N GLU F 199 -56.16 31.95 51.52
CA GLU F 199 -55.35 30.89 50.94
C GLU F 199 -54.11 30.61 51.78
N ILE F 200 -53.47 31.67 52.29
CA ILE F 200 -52.35 31.50 53.20
C ILE F 200 -52.77 30.75 54.46
N ASN F 201 -53.93 31.10 55.01
CA ASN F 201 -54.47 30.38 56.15
C ASN F 201 -54.61 28.90 55.85
N VAL F 202 -55.14 28.58 54.66
CA VAL F 202 -55.33 27.18 54.30
C VAL F 202 -53.99 26.47 54.14
N ILE F 203 -53.00 27.15 53.57
CA ILE F 203 -51.72 26.51 53.31
C ILE F 203 -50.72 26.70 54.47
N GLY F 204 -50.81 27.81 55.20
CA GLY F 204 -49.92 28.04 56.32
C GLY F 204 -48.56 28.63 55.97
N GLU F 205 -48.38 29.13 54.74
CA GLU F 205 -47.11 29.71 54.35
C GLU F 205 -47.15 31.22 54.59
N PRO F 206 -46.38 31.75 55.53
CA PRO F 206 -46.46 33.19 55.87
C PRO F 206 -45.64 34.07 54.95
N PHE F 207 -46.12 34.20 53.71
CA PHE F 207 -45.45 35.05 52.72
C PHE F 207 -46.52 35.72 51.85
N LEU F 208 -46.39 37.03 51.69
CA LEU F 208 -47.31 37.82 50.89
C LEU F 208 -46.56 38.43 49.70
N ASN F 209 -47.07 38.20 48.50
CA ASN F 209 -46.55 38.81 47.29
C ASN F 209 -47.45 39.97 46.90
N VAL F 210 -46.90 41.17 46.88
CA VAL F 210 -47.66 42.38 46.61
C VAL F 210 -47.11 43.05 45.35
N ASN F 211 -47.99 43.35 44.40
CA ASN F 211 -47.58 43.98 43.17
C ASN F 211 -47.50 45.50 43.37
N CYS F 212 -46.35 46.08 43.02
CA CYS F 212 -46.12 47.49 43.29
C CYS F 212 -47.04 48.40 42.47
N GLU F 213 -47.48 47.95 41.29
CA GLU F 213 -48.41 48.74 40.51
C GLU F 213 -49.75 48.91 41.22
N HIS F 214 -50.18 47.88 41.96
CA HIS F 214 -51.40 48.01 42.75
C HIS F 214 -51.26 49.08 43.83
N ILE F 215 -50.11 49.12 44.49
CA ILE F 215 -49.86 50.17 45.49
C ILE F 215 -49.84 51.53 44.83
N LYS F 216 -49.18 51.65 43.67
CA LYS F 216 -49.13 52.93 42.97
C LYS F 216 -50.53 53.41 42.59
N SER F 217 -51.37 52.51 42.07
CA SER F 217 -52.74 52.89 41.73
C SER F 217 -53.54 53.28 42.96
N PHE F 218 -53.40 52.51 44.05
CA PHE F 218 -54.19 52.78 45.25
C PHE F 218 -53.72 54.03 45.97
N ASP F 219 -52.42 54.20 46.13
CA ASP F 219 -51.87 55.34 46.86
C ASP F 219 -50.50 55.67 46.30
N LYS F 220 -50.40 56.81 45.61
CA LYS F 220 -49.13 57.22 45.03
C LYS F 220 -48.13 57.61 46.11
N ASN F 221 -48.59 58.30 47.16
CA ASN F 221 -47.69 58.71 48.24
C ASN F 221 -47.14 57.50 48.98
N LEU F 222 -47.99 56.51 49.26
CA LEU F 222 -47.52 55.30 49.92
C LEU F 222 -46.52 54.55 49.04
N TYR F 223 -46.76 54.54 47.72
CA TYR F 223 -45.82 53.92 46.80
C TYR F 223 -44.48 54.63 46.80
N ARG F 224 -44.51 55.98 46.83
CA ARG F 224 -43.27 56.74 46.91
C ARG F 224 -42.53 56.47 48.21
N GLN F 225 -43.26 56.36 49.33
CA GLN F 225 -42.63 56.04 50.60
C GLN F 225 -42.01 54.65 50.57
N LEU F 226 -42.70 53.69 49.94
CA LEU F 226 -42.15 52.35 49.80
C LEU F 226 -40.85 52.38 48.99
N ILE F 227 -40.83 53.13 47.90
CA ILE F 227 -39.62 53.22 47.08
C ILE F 227 -38.49 53.89 47.87
N SER F 228 -38.79 54.99 48.56
CA SER F 228 -37.75 55.76 49.23
C SER F 228 -37.17 55.01 50.41
N TYR F 229 -38.03 54.48 51.29
CA TYR F 229 -37.60 53.82 52.52
C TYR F 229 -38.30 52.47 52.66
N PRO F 230 -37.93 51.49 51.84
CA PRO F 230 -38.53 50.15 52.00
C PRO F 230 -38.25 49.52 53.36
N GLN F 231 -37.06 49.74 53.91
CA GLN F 231 -36.68 49.08 55.16
C GLN F 231 -37.53 49.52 56.34
N GLU F 232 -38.23 50.65 56.22
CA GLU F 232 -39.08 51.14 57.30
C GLU F 232 -40.56 50.88 57.05
N VAL F 233 -40.98 50.79 55.79
CA VAL F 233 -42.39 50.52 55.50
C VAL F 233 -42.69 49.03 55.45
N ILE F 234 -41.69 48.19 55.16
CA ILE F 234 -41.91 46.74 55.20
C ILE F 234 -42.31 46.26 56.60
N PRO F 235 -41.65 46.68 57.69
CA PRO F 235 -42.16 46.30 59.01
C PRO F 235 -43.59 46.76 59.26
N THR F 236 -43.94 47.96 58.79
CA THR F 236 -45.31 48.44 58.96
C THR F 236 -46.30 47.57 58.20
N PHE F 237 -45.96 47.18 56.96
CA PHE F 237 -46.82 46.30 56.19
C PHE F 237 -46.96 44.95 56.88
N ASP F 238 -45.87 44.40 57.40
CA ASP F 238 -45.92 43.13 58.11
C ASP F 238 -46.81 43.24 59.34
N MET F 239 -46.68 44.33 60.11
CA MET F 239 -47.52 44.52 61.28
C MET F 239 -48.99 44.62 60.90
N ALA F 240 -49.30 45.37 59.84
CA ALA F 240 -50.69 45.53 59.44
C ALA F 240 -51.29 44.19 59.00
N VAL F 241 -50.57 43.45 58.16
CA VAL F 241 -51.13 42.19 57.66
C VAL F 241 -51.23 41.16 58.78
N ASN F 242 -50.24 41.14 59.69
CA ASN F 242 -50.32 40.23 60.83
C ASN F 242 -51.51 40.55 61.72
N GLU F 243 -51.73 41.84 61.99
CA GLU F 243 -52.87 42.23 62.81
C GLU F 243 -54.18 41.86 62.14
N ILE F 244 -54.30 42.10 60.84
CA ILE F 244 -55.54 41.76 60.14
C ILE F 244 -55.79 40.25 60.18
N PHE F 245 -54.74 39.46 59.90
CA PHE F 245 -54.91 38.01 59.87
C PHE F 245 -55.25 37.47 61.25
N PHE F 246 -54.59 37.96 62.30
CA PHE F 246 -54.91 37.51 63.65
C PHE F 246 -56.30 37.96 64.09
N ASP F 247 -56.75 39.13 63.61
CA ASP F 247 -58.12 39.55 63.90
C ASP F 247 -59.12 38.62 63.23
N ARG F 248 -58.88 38.25 61.98
CA ARG F 248 -59.81 37.37 61.28
C ARG F 248 -59.75 35.94 61.81
N TYR F 249 -58.54 35.39 61.99
CA TYR F 249 -58.37 34.01 62.44
C TYR F 249 -57.31 34.03 63.55
N PRO F 250 -57.72 34.17 64.80
CA PRO F 250 -56.73 34.29 65.90
C PRO F 250 -56.09 32.97 66.31
N ASP F 251 -56.58 31.83 65.84
CA ASP F 251 -56.09 30.53 66.26
C ASP F 251 -55.09 29.94 65.27
N SER F 252 -54.25 30.78 64.67
CA SER F 252 -53.31 30.33 63.65
C SER F 252 -52.00 29.92 64.30
N ILE F 253 -51.60 28.67 64.06
CA ILE F 253 -50.29 28.17 64.52
C ILE F 253 -49.35 28.34 63.33
N LEU F 254 -48.69 29.48 63.27
CA LEU F 254 -47.82 29.84 62.16
C LEU F 254 -46.36 29.53 62.50
N GLU F 255 -45.64 28.99 61.54
CA GLU F 255 -44.21 28.75 61.72
C GLU F 255 -43.46 30.05 61.93
N HIS F 256 -43.80 31.08 61.16
CA HIS F 256 -43.19 32.39 61.29
C HIS F 256 -44.25 33.45 61.03
N GLN F 257 -43.98 34.67 61.50
CA GLN F 257 -44.88 35.78 61.25
C GLN F 257 -44.93 36.09 59.76
N ILE F 258 -46.10 36.55 59.31
CA ILE F 258 -46.32 36.80 57.89
C ILE F 258 -45.45 37.94 57.43
N GLN F 259 -44.71 37.73 56.34
CA GLN F 259 -43.83 38.73 55.76
C GLN F 259 -44.35 39.16 54.40
N VAL F 260 -44.25 40.46 54.11
CA VAL F 260 -44.72 41.04 52.87
C VAL F 260 -43.55 41.16 51.90
N ARG F 261 -43.75 40.67 50.67
CA ARG F 261 -42.73 40.69 49.63
C ARG F 261 -43.23 41.50 48.45
N PRO F 262 -42.93 42.80 48.39
CA PRO F 262 -43.26 43.59 47.20
C PRO F 262 -42.39 43.17 46.03
N PHE F 263 -42.92 43.34 44.82
CA PHE F 263 -42.20 42.96 43.62
C PHE F 263 -42.70 43.80 42.44
N ASN F 264 -41.90 43.81 41.38
CA ASN F 264 -42.21 44.51 40.14
C ASN F 264 -42.36 46.01 40.38
N ALA F 265 -41.30 46.62 40.89
CA ALA F 265 -41.27 48.06 41.04
C ALA F 265 -41.10 48.76 39.69
N LEU F 266 -41.48 50.03 39.65
CA LEU F 266 -41.36 50.79 38.41
C LEU F 266 -39.91 50.97 38.00
N LYS F 267 -38.99 50.98 38.96
CA LYS F 267 -37.57 51.17 38.65
C LYS F 267 -36.97 49.91 38.03
N THR F 268 -37.37 49.59 36.80
CA THR F 268 -36.76 48.49 36.07
C THR F 268 -35.48 48.97 35.40
N LYS F 269 -34.59 49.56 36.20
CA LYS F 269 -33.36 50.13 35.67
C LYS F 269 -32.44 49.03 35.14
N ASN F 270 -31.70 49.37 34.08
CA ASN F 270 -30.66 48.48 33.59
C ASN F 270 -29.54 48.37 34.62
N MET F 271 -28.83 47.24 34.59
CA MET F 271 -27.76 47.00 35.55
C MET F 271 -26.67 48.07 35.45
N ARG F 272 -26.47 48.62 34.26
CA ARG F 272 -25.45 49.64 34.03
C ARG F 272 -25.94 51.05 34.33
N ASN F 273 -27.21 51.22 34.70
CA ASN F 273 -27.78 52.53 34.97
C ASN F 273 -27.78 52.87 36.45
N LEU F 274 -27.11 52.08 37.29
CA LEU F 274 -27.08 52.34 38.71
C LEU F 274 -26.34 53.64 39.01
N ASN F 275 -26.85 54.39 39.97
CA ASN F 275 -26.29 55.67 40.39
C ASN F 275 -26.20 55.72 41.90
N PRO F 276 -25.32 56.57 42.45
CA PRO F 276 -25.24 56.72 43.91
C PRO F 276 -26.50 57.33 44.53
N GLU F 277 -27.46 57.79 43.73
CA GLU F 277 -28.62 58.48 44.26
C GLU F 277 -29.64 57.53 44.88
N ASP F 278 -29.79 56.33 44.33
CA ASP F 278 -30.85 55.41 44.76
C ASP F 278 -30.40 54.47 45.87
N ILE F 279 -29.44 54.89 46.69
CA ILE F 279 -29.00 54.06 47.81
C ILE F 279 -30.14 53.87 48.79
N ASP F 280 -30.26 52.64 49.32
CA ASP F 280 -31.31 52.27 50.27
C ASP F 280 -32.70 52.41 49.66
N GLN F 281 -32.83 52.09 48.38
CA GLN F 281 -34.10 52.12 47.68
C GLN F 281 -34.32 50.80 46.96
N LEU F 282 -35.60 50.51 46.68
CA LEU F 282 -35.96 49.29 45.98
C LEU F 282 -35.58 49.38 44.51
N ILE F 283 -35.14 48.27 43.95
CA ILE F 283 -34.70 48.19 42.56
C ILE F 283 -35.04 46.82 42.01
N THR F 284 -35.40 46.78 40.73
CA THR F 284 -35.76 45.56 40.02
C THR F 284 -34.86 45.41 38.81
N ILE F 285 -34.18 44.28 38.71
CA ILE F 285 -33.21 44.04 37.63
C ILE F 285 -33.47 42.66 37.03
N SER F 286 -33.51 42.60 35.70
CA SER F 286 -33.57 41.33 34.98
C SER F 286 -32.15 40.88 34.66
N GLY F 287 -31.90 39.58 34.79
CA GLY F 287 -30.54 39.12 34.56
C GLY F 287 -30.43 37.61 34.46
N MET F 288 -29.22 37.19 34.10
CA MET F 288 -28.84 35.78 34.02
C MET F 288 -28.00 35.41 35.23
N VAL F 289 -28.23 34.22 35.77
CA VAL F 289 -27.50 33.73 36.93
C VAL F 289 -26.31 32.91 36.44
N ILE F 290 -25.12 33.20 36.96
CA ILE F 290 -23.91 32.51 36.56
C ILE F 290 -23.53 31.47 37.60
N ARG F 291 -23.28 31.92 38.83
CA ARG F 291 -22.83 31.04 39.90
C ARG F 291 -23.62 31.31 41.17
N THR F 292 -23.79 30.25 41.97
CA THR F 292 -24.41 30.34 43.28
C THR F 292 -23.49 29.73 44.31
N SER F 293 -23.28 30.42 45.42
CA SER F 293 -22.40 29.93 46.48
C SER F 293 -23.11 28.86 47.31
N GLN F 294 -22.33 28.20 48.15
CA GLN F 294 -22.90 27.20 49.05
C GLN F 294 -23.67 27.87 50.18
N LEU F 295 -24.30 27.05 51.01
CA LEU F 295 -25.09 27.56 52.12
C LEU F 295 -24.18 28.21 53.15
N ILE F 296 -24.43 29.48 53.44
CA ILE F 296 -23.63 30.23 54.41
C ILE F 296 -24.50 30.45 55.64
N PRO F 297 -24.15 29.87 56.80
CA PRO F 297 -24.94 30.12 58.02
C PRO F 297 -24.54 31.45 58.66
N GLU F 298 -25.53 32.23 59.06
CA GLU F 298 -25.31 33.49 59.77
C GLU F 298 -26.09 33.46 61.08
N MET F 299 -25.43 33.83 62.17
CA MET F 299 -26.08 33.87 63.46
C MET F 299 -27.15 34.95 63.50
N GLN F 300 -28.30 34.61 64.07
CA GLN F 300 -29.36 35.59 64.34
C GLN F 300 -29.79 35.63 65.79
N GLU F 301 -29.51 34.60 66.58
CA GLU F 301 -29.73 34.62 68.01
C GLU F 301 -28.54 33.95 68.70
N ALA F 302 -27.91 34.67 69.60
CA ALA F 302 -26.75 34.17 70.34
C ALA F 302 -27.23 33.56 71.66
N PHE F 303 -26.86 32.30 71.88
CA PHE F 303 -27.27 31.56 73.07
C PHE F 303 -26.10 31.57 74.05
N PHE F 304 -26.29 32.22 75.19
CA PHE F 304 -25.26 32.31 76.22
C PHE F 304 -25.69 31.52 77.45
N GLN F 305 -24.73 30.86 78.07
CA GLN F 305 -24.97 30.04 79.26
C GLN F 305 -24.01 30.44 80.37
N CYS F 306 -24.52 30.50 81.59
CA CYS F 306 -23.68 30.79 82.74
C CYS F 306 -22.74 29.61 82.99
N GLN F 307 -21.47 29.93 83.28
CA GLN F 307 -20.47 28.90 83.49
C GLN F 307 -20.58 28.23 84.86
N VAL F 308 -21.42 28.76 85.76
CA VAL F 308 -21.55 28.24 87.11
C VAL F 308 -22.89 27.52 87.30
N CYS F 309 -24.00 28.26 87.17
CA CYS F 309 -25.33 27.71 87.41
C CYS F 309 -26.06 27.35 86.12
N ALA F 310 -25.39 27.41 84.97
CA ALA F 310 -25.96 27.04 83.68
C ALA F 310 -27.22 27.86 83.36
N HIS F 311 -27.23 29.13 83.75
CA HIS F 311 -28.32 30.03 83.40
C HIS F 311 -28.22 30.42 81.93
N THR F 312 -29.33 30.31 81.21
CA THR F 312 -29.34 30.49 79.76
C THR F 312 -30.05 31.78 79.39
N THR F 313 -29.55 32.43 78.34
CA THR F 313 -30.14 33.65 77.81
C THR F 313 -29.92 33.71 76.31
N ARG F 314 -30.77 34.49 75.64
CA ARG F 314 -30.70 34.67 74.20
C ARG F 314 -30.57 36.15 73.89
N VAL F 315 -29.66 36.48 72.97
CA VAL F 315 -29.42 37.86 72.57
C VAL F 315 -29.69 37.98 71.08
N GLU F 316 -30.50 38.96 70.70
CA GLU F 316 -30.79 39.19 69.29
C GLU F 316 -29.60 39.85 68.61
N MET F 317 -29.23 39.33 67.43
CA MET F 317 -28.10 39.86 66.69
C MET F 317 -28.53 41.13 65.97
N ASP F 318 -27.83 42.24 66.24
CA ASP F 318 -28.23 43.53 65.70
C ASP F 318 -27.01 44.29 65.20
N ARG F 319 -27.10 44.78 63.96
CA ARG F 319 -26.14 45.73 63.39
C ARG F 319 -24.71 45.19 63.41
N GLY F 320 -24.55 43.89 63.22
CA GLY F 320 -23.22 43.31 63.12
C GLY F 320 -22.41 43.32 64.40
N ARG F 321 -23.04 43.52 65.55
CA ARG F 321 -22.35 43.50 66.83
C ARG F 321 -23.11 42.61 67.81
N ILE F 322 -22.38 41.94 68.69
CA ILE F 322 -22.94 40.99 69.63
C ILE F 322 -23.03 41.67 70.99
N ALA F 323 -24.24 41.72 71.55
CA ALA F 323 -24.46 42.27 72.87
C ALA F 323 -24.29 41.16 73.90
N GLU F 324 -23.03 40.81 74.13
CA GLU F 324 -22.71 39.74 75.07
C GLU F 324 -23.00 40.18 76.50
N PRO F 325 -23.80 39.42 77.26
CA PRO F 325 -24.03 39.78 78.65
C PRO F 325 -22.74 39.70 79.47
N SER F 326 -22.63 40.60 80.45
CA SER F 326 -21.44 40.65 81.29
C SER F 326 -21.69 40.15 82.70
N VAL F 327 -22.94 40.03 83.13
CA VAL F 327 -23.30 39.58 84.47
C VAL F 327 -24.28 38.43 84.34
N CYS F 328 -24.32 37.60 85.38
CA CYS F 328 -25.20 36.44 85.41
C CYS F 328 -26.57 36.83 85.94
N GLY F 329 -27.60 36.13 85.46
CA GLY F 329 -28.95 36.38 85.93
C GLY F 329 -29.31 35.64 87.21
N ARG F 330 -28.48 34.70 87.65
CA ARG F 330 -28.73 33.93 88.86
C ARG F 330 -27.70 34.22 89.94
N CYS F 331 -26.42 33.99 89.65
CA CYS F 331 -25.36 34.21 90.62
C CYS F 331 -24.69 35.57 90.48
N HIS F 332 -25.06 36.35 89.45
CA HIS F 332 -24.57 37.70 89.24
C HIS F 332 -23.04 37.75 89.06
N THR F 333 -22.43 36.63 88.70
CA THR F 333 -20.99 36.58 88.51
C THR F 333 -20.61 37.25 87.20
N THR F 334 -19.65 38.17 87.27
CA THR F 334 -19.23 38.90 86.09
C THR F 334 -18.36 38.03 85.20
N HIS F 335 -18.56 38.16 83.89
CA HIS F 335 -17.74 37.47 82.89
C HIS F 335 -17.79 35.96 83.06
N SER F 336 -19.01 35.42 83.20
CA SER F 336 -19.22 34.00 83.35
C SER F 336 -20.12 33.43 82.25
N MET F 337 -20.19 34.10 81.10
CA MET F 337 -21.04 33.69 79.99
C MET F 337 -20.21 32.95 78.95
N ALA F 338 -20.77 31.84 78.44
CA ALA F 338 -20.16 31.06 77.39
C ALA F 338 -21.14 30.94 76.23
N LEU F 339 -20.63 31.10 75.01
CA LEU F 339 -21.45 31.05 73.80
C LEU F 339 -21.41 29.66 73.20
N ILE F 340 -22.59 29.12 72.89
CA ILE F 340 -22.72 27.80 72.28
C ILE F 340 -23.15 28.00 70.83
N HIS F 341 -22.28 27.63 69.90
CA HIS F 341 -22.61 27.77 68.48
C HIS F 341 -23.77 26.85 68.09
N ASN F 342 -23.77 25.62 68.60
CA ASN F 342 -24.82 24.67 68.23
C ASN F 342 -26.19 25.16 68.69
N ARG F 343 -26.26 25.67 69.92
CA ARG F 343 -27.54 26.14 70.46
C ARG F 343 -28.02 27.41 69.75
N SER F 344 -27.13 28.16 69.13
CA SER F 344 -27.50 29.42 68.51
C SER F 344 -28.36 29.18 67.27
N LEU F 345 -29.10 30.23 66.87
CA LEU F 345 -29.99 30.16 65.72
C LEU F 345 -29.27 30.68 64.48
N PHE F 346 -29.35 29.92 63.39
CA PHE F 346 -28.68 30.27 62.14
C PHE F 346 -29.71 30.47 61.04
N SER F 347 -29.40 31.42 60.16
CA SER F 347 -30.16 31.65 58.94
C SER F 347 -29.27 31.38 57.74
N ASP F 348 -29.85 30.73 56.73
CA ASP F 348 -29.12 30.42 55.52
C ASP F 348 -29.07 31.64 54.61
N LYS F 349 -27.88 31.98 54.13
CA LYS F 349 -27.71 33.04 53.15
C LYS F 349 -26.78 32.55 52.05
N GLN F 350 -27.03 33.04 50.84
CA GLN F 350 -26.31 32.61 49.65
C GLN F 350 -25.89 33.82 48.82
N MET F 351 -24.65 33.77 48.34
CA MET F 351 -24.11 34.79 47.44
C MET F 351 -24.23 34.25 46.01
N ILE F 352 -24.78 35.08 45.13
CA ILE F 352 -25.06 34.69 43.75
C ILE F 352 -24.50 35.75 42.81
N LYS F 353 -23.94 35.32 41.70
CA LYS F 353 -23.42 36.22 40.68
C LYS F 353 -24.43 36.33 39.55
N LEU F 354 -24.92 37.55 39.30
CA LEU F 354 -25.93 37.80 38.28
C LEU F 354 -25.32 38.57 37.12
N GLN F 355 -25.68 38.17 35.90
CA GLN F 355 -25.20 38.84 34.71
C GLN F 355 -26.30 39.65 34.04
N THR F 369 -21.82 42.49 35.94
CA THR F 369 -22.34 41.52 36.91
C THR F 369 -22.59 42.18 38.26
N VAL F 370 -23.47 41.57 39.06
CA VAL F 370 -23.82 42.09 40.38
C VAL F 370 -23.86 40.93 41.35
N ILE F 371 -23.71 41.26 42.63
CA ILE F 371 -23.74 40.27 43.71
C ILE F 371 -25.11 40.33 44.38
N LEU F 372 -25.76 39.19 44.48
CA LEU F 372 -27.07 39.07 45.11
C LEU F 372 -26.92 38.24 46.38
N PHE F 373 -27.65 38.63 47.43
CA PHE F 373 -27.63 37.93 48.72
C PHE F 373 -29.03 37.43 49.01
N ALA F 374 -29.25 36.13 48.82
CA ALA F 374 -30.52 35.50 49.14
C ALA F 374 -30.50 35.04 50.59
N HIS F 375 -31.62 35.25 51.27
CA HIS F 375 -31.75 34.93 52.69
C HIS F 375 -32.92 33.99 52.94
N ASN F 376 -32.68 32.98 53.77
CA ASN F 376 -33.71 32.07 54.25
C ASN F 376 -34.45 31.36 53.11
N ASP F 377 -35.73 31.70 52.92
CA ASP F 377 -36.55 31.02 51.93
C ASP F 377 -36.03 31.26 50.52
N LEU F 378 -35.59 32.48 50.23
CA LEU F 378 -35.11 32.81 48.90
C LEU F 378 -33.86 32.03 48.51
N VAL F 379 -33.17 31.45 49.49
CA VAL F 379 -31.95 30.69 49.20
C VAL F 379 -32.29 29.43 48.42
N ASP F 380 -31.47 29.12 47.42
CA ASP F 380 -31.52 27.91 46.61
C ASP F 380 -32.72 27.83 45.68
N LYS F 381 -33.55 28.87 45.64
CA LYS F 381 -34.71 28.86 44.75
C LYS F 381 -34.36 29.12 43.30
N VAL F 382 -33.13 29.56 43.01
CA VAL F 382 -32.70 29.87 41.66
C VAL F 382 -31.49 29.01 41.33
N GLN F 383 -31.53 28.37 40.16
CA GLN F 383 -30.46 27.55 39.62
C GLN F 383 -29.68 28.33 38.57
N PRO F 384 -28.35 28.24 38.59
CA PRO F 384 -27.55 28.95 37.59
C PRO F 384 -27.92 28.55 36.18
N GLY F 385 -27.90 29.53 35.28
CA GLY F 385 -28.33 29.33 33.92
C GLY F 385 -29.76 29.72 33.64
N ASP F 386 -30.42 30.44 34.55
CA ASP F 386 -31.80 30.84 34.40
C ASP F 386 -31.90 32.36 34.40
N ARG F 387 -32.98 32.86 33.81
CA ARG F 387 -33.24 34.30 33.77
C ARG F 387 -34.22 34.68 34.87
N VAL F 388 -33.83 35.65 35.69
CA VAL F 388 -34.59 36.03 36.87
C VAL F 388 -34.76 37.54 36.92
N ASN F 389 -35.94 37.97 37.35
CA ASN F 389 -36.22 39.36 37.69
C ASN F 389 -36.12 39.47 39.21
N VAL F 390 -35.08 40.14 39.69
CA VAL F 390 -34.81 40.25 41.12
C VAL F 390 -35.28 41.61 41.60
N THR F 391 -36.11 41.62 42.64
CA THR F 391 -36.57 42.84 43.29
C THR F 391 -35.98 42.88 44.69
N GLY F 392 -35.29 43.97 45.01
CA GLY F 392 -34.66 44.05 46.32
C GLY F 392 -34.09 45.43 46.60
N ILE F 393 -33.62 45.60 47.83
CA ILE F 393 -33.09 46.88 48.29
C ILE F 393 -31.62 46.99 47.92
N TYR F 394 -31.23 48.15 47.40
CA TYR F 394 -29.86 48.43 47.03
C TYR F 394 -29.07 48.88 48.26
N ARG F 395 -27.91 48.26 48.47
CA ARG F 395 -27.04 48.60 49.58
C ARG F 395 -25.60 48.60 49.10
N ALA F 396 -24.78 49.44 49.74
CA ALA F 396 -23.37 49.57 49.39
C ALA F 396 -22.53 49.37 50.64
N VAL F 397 -21.46 48.59 50.50
CA VAL F 397 -20.58 48.30 51.62
C VAL F 397 -19.33 49.19 51.56
N THR F 414 -20.46 47.13 46.26
CA THR F 414 -21.89 47.21 46.02
C THR F 414 -22.53 45.83 45.96
N HIS F 415 -23.79 45.74 46.37
CA HIS F 415 -24.52 44.49 46.37
C HIS F 415 -26.01 44.78 46.40
N ILE F 416 -26.81 43.76 46.12
CA ILE F 416 -28.25 43.84 46.17
C ILE F 416 -28.78 42.73 47.06
N ASP F 417 -29.60 43.10 48.03
CA ASP F 417 -30.24 42.12 48.92
C ASP F 417 -31.60 41.76 48.33
N VAL F 418 -31.78 40.47 48.02
CA VAL F 418 -32.95 40.02 47.28
C VAL F 418 -34.17 40.02 48.20
N ILE F 419 -35.28 40.55 47.69
CA ILE F 419 -36.57 40.44 48.35
C ILE F 419 -37.49 39.45 47.65
N HIS F 420 -37.53 39.50 46.31
CA HIS F 420 -38.40 38.61 45.56
C HIS F 420 -37.75 38.23 44.24
N TYR F 421 -38.00 36.98 43.83
CA TYR F 421 -37.56 36.44 42.55
C TYR F 421 -38.76 36.28 41.62
N ARG F 422 -38.54 36.53 40.33
CA ARG F 422 -39.54 36.28 39.31
C ARG F 422 -38.90 35.47 38.19
N LYS F 423 -39.54 34.37 37.80
CA LYS F 423 -39.00 33.50 36.76
C LYS F 423 -39.77 33.64 35.46
N LYS F 439 -50.25 35.44 26.74
CA LYS F 439 -49.58 36.11 27.84
C LYS F 439 -48.91 37.40 27.38
N LEU F 440 -47.98 37.27 26.44
CA LEU F 440 -47.26 38.42 25.90
C LEU F 440 -47.94 39.02 24.67
N PHE F 441 -49.08 38.48 24.26
CA PHE F 441 -49.79 38.95 23.08
C PHE F 441 -51.21 39.37 23.46
N SER F 442 -51.64 40.50 22.92
CA SER F 442 -53.03 40.89 23.07
C SER F 442 -53.90 40.14 22.07
N GLU F 443 -55.22 40.28 22.23
CA GLU F 443 -56.15 39.58 21.36
C GLU F 443 -56.00 40.02 19.91
N LYS F 444 -55.73 41.31 19.70
CA LYS F 444 -55.59 41.82 18.34
C LYS F 444 -54.38 41.21 17.64
N ARG F 445 -53.30 40.97 18.39
CA ARG F 445 -52.13 40.32 17.80
C ARG F 445 -52.45 38.89 17.36
N VAL F 446 -53.17 38.15 18.20
CA VAL F 446 -53.56 36.79 17.83
C VAL F 446 -54.48 36.80 16.62
N GLU F 447 -55.41 37.76 16.57
CA GLU F 447 -56.30 37.87 15.43
C GLU F 447 -55.52 38.16 14.15
N LEU F 448 -54.54 39.07 14.23
CA LEU F 448 -53.73 39.39 13.07
C LEU F 448 -52.90 38.18 12.62
N LEU F 449 -52.37 37.43 13.58
CA LEU F 449 -51.62 36.21 13.24
C LEU F 449 -52.52 35.20 12.55
N LYS F 450 -53.75 35.03 13.05
CA LYS F 450 -54.70 34.12 12.41
C LYS F 450 -55.03 34.59 10.99
N GLU F 451 -55.25 35.90 10.82
CA GLU F 451 -55.53 36.44 9.50
C GLU F 451 -54.38 36.18 8.53
N LEU F 452 -53.15 36.40 8.99
CA LEU F 452 -51.99 36.13 8.14
C LEU F 452 -51.87 34.65 7.81
N SER F 453 -52.10 33.78 8.81
CA SER F 453 -52.00 32.34 8.57
C SER F 453 -53.05 31.84 7.60
N ARG F 454 -54.23 32.46 7.60
CA ARG F 454 -55.29 32.07 6.67
C ARG F 454 -54.90 32.33 5.23
N LYS F 455 -53.87 33.15 4.99
CA LYS F 455 -53.34 33.32 3.65
C LYS F 455 -52.60 32.06 3.24
N PRO F 456 -52.96 31.41 2.13
CA PRO F 456 -52.23 30.21 1.71
C PRO F 456 -50.80 30.49 1.27
N ASP F 457 -50.48 31.74 0.93
CA ASP F 457 -49.16 32.09 0.42
C ASP F 457 -48.16 32.47 1.51
N ILE F 458 -48.62 32.55 2.77
CA ILE F 458 -47.80 33.14 3.83
C ILE F 458 -46.44 32.46 3.92
N TYR F 459 -46.43 31.12 3.87
CA TYR F 459 -45.17 30.37 3.89
C TYR F 459 -44.20 30.93 2.86
N GLU F 460 -44.61 30.93 1.59
CA GLU F 460 -43.75 31.48 0.55
C GLU F 460 -43.46 32.95 0.83
N ARG F 461 -44.48 33.69 1.27
CA ARG F 461 -44.26 35.10 1.62
C ARG F 461 -43.23 35.21 2.74
N LEU F 462 -43.33 34.33 3.74
CA LEU F 462 -42.32 34.32 4.80
C LEU F 462 -40.95 33.97 4.23
N ALA F 463 -40.92 33.10 3.22
CA ALA F 463 -39.67 32.84 2.52
C ALA F 463 -39.13 34.12 1.89
N SER F 464 -40.02 34.94 1.33
CA SER F 464 -39.60 36.24 0.81
C SER F 464 -39.20 37.17 1.95
N ALA F 465 -39.71 36.95 3.15
CA ALA F 465 -39.39 37.83 4.27
C ALA F 465 -37.99 37.59 4.80
N LEU F 466 -37.49 36.35 4.68
CA LEU F 466 -36.20 36.00 5.26
C LEU F 466 -35.08 36.48 4.36
N ALA F 467 -34.14 37.26 4.93
CA ALA F 467 -32.94 37.72 4.26
C ALA F 467 -33.25 38.39 2.93
N PRO F 468 -33.80 39.61 2.94
CA PRO F 468 -34.13 40.27 1.68
C PRO F 468 -32.93 40.49 0.77
N SER F 469 -31.74 40.70 1.34
CA SER F 469 -30.56 40.95 0.53
C SER F 469 -30.04 39.71 -0.19
N ILE F 470 -30.57 38.53 0.12
CA ILE F 470 -30.14 37.29 -0.50
C ILE F 470 -31.13 36.92 -1.60
N TYR F 471 -30.60 36.53 -2.75
CA TYR F 471 -31.37 36.39 -3.99
C TYR F 471 -31.37 34.94 -4.45
N GLU F 472 -32.52 34.46 -4.92
CA GLU F 472 -32.66 33.16 -5.57
C GLU F 472 -32.08 32.03 -4.71
N HIS F 473 -32.44 32.02 -3.44
CA HIS F 473 -32.17 30.91 -2.53
C HIS F 473 -33.42 30.55 -1.75
N GLU F 474 -34.55 30.44 -2.47
CA GLU F 474 -35.84 30.27 -1.83
C GLU F 474 -35.90 28.97 -1.03
N ASP F 475 -35.35 27.88 -1.57
CA ASP F 475 -35.36 26.62 -0.84
C ASP F 475 -34.55 26.73 0.45
N ILE F 476 -33.44 27.45 0.41
CA ILE F 476 -32.63 27.65 1.62
C ILE F 476 -33.41 28.43 2.66
N LYS F 477 -34.11 29.49 2.25
CA LYS F 477 -34.93 30.24 3.18
C LYS F 477 -36.05 29.38 3.76
N LYS F 478 -36.65 28.53 2.93
CA LYS F 478 -37.68 27.62 3.40
C LYS F 478 -37.13 26.67 4.46
N GLY F 479 -35.94 26.11 4.20
CA GLY F 479 -35.32 25.23 5.17
C GLY F 479 -34.98 25.94 6.47
N ILE F 480 -34.50 27.18 6.36
CA ILE F 480 -34.18 27.96 7.56
C ILE F 480 -35.44 28.22 8.38
N LEU F 481 -36.53 28.58 7.71
CA LEU F 481 -37.78 28.81 8.41
C LEU F 481 -38.28 27.53 9.08
N LEU F 482 -38.18 26.40 8.40
CA LEU F 482 -38.59 25.12 8.99
C LEU F 482 -37.73 24.79 10.21
N GLN F 483 -36.42 25.07 10.13
CA GLN F 483 -35.56 24.87 11.29
C GLN F 483 -35.95 25.80 12.44
N LEU F 484 -36.33 27.03 12.12
CA LEU F 484 -36.79 27.96 13.15
C LEU F 484 -38.02 27.42 13.85
N PHE F 485 -38.99 26.93 13.08
CA PHE F 485 -40.14 26.26 13.68
C PHE F 485 -39.72 24.99 14.41
N GLY F 486 -38.84 24.20 13.80
CA GLY F 486 -38.40 22.96 14.41
C GLY F 486 -39.53 21.95 14.56
N GLY F 487 -39.25 20.92 15.36
CA GLY F 487 -40.23 19.91 15.67
C GLY F 487 -40.88 20.13 17.02
N THR F 488 -41.56 19.09 17.49
CA THR F 488 -42.19 19.08 18.80
C THR F 488 -41.43 18.14 19.73
N ARG F 489 -41.32 18.52 21.00
CA ARG F 489 -40.61 17.71 21.96
C ARG F 489 -41.53 16.63 22.52
N LYS F 490 -41.01 15.41 22.60
CA LYS F 490 -41.75 14.26 23.12
C LYS F 490 -40.89 13.56 24.15
N ASP F 491 -41.50 13.20 25.28
CA ASP F 491 -40.82 12.46 26.33
C ASP F 491 -41.22 10.99 26.24
N PHE F 492 -40.22 10.12 26.07
CA PHE F 492 -40.44 8.69 25.94
C PHE F 492 -40.04 7.94 27.21
N SER F 493 -40.24 8.57 28.37
CA SER F 493 -39.82 7.97 29.63
C SER F 493 -40.55 6.67 29.91
N HIS F 494 -41.82 6.57 29.51
CA HIS F 494 -42.56 5.33 29.71
C HIS F 494 -42.09 4.21 28.81
N THR F 495 -41.41 4.53 27.70
CA THR F 495 -40.96 3.52 26.76
C THR F 495 -39.60 2.92 27.13
N GLY F 496 -38.84 3.59 27.99
CA GLY F 496 -37.48 3.18 28.25
C GLY F 496 -36.46 3.68 27.25
N ARG F 497 -36.88 4.51 26.29
CA ARG F 497 -36.00 5.04 25.27
C ARG F 497 -35.47 6.40 25.69
N GLY F 498 -34.33 6.77 25.13
CA GLY F 498 -33.78 8.09 25.39
C GLY F 498 -34.57 9.19 24.70
N LYS F 499 -34.40 10.41 25.20
CA LYS F 499 -35.08 11.57 24.62
C LYS F 499 -34.62 11.79 23.18
N PHE F 500 -35.51 11.54 22.23
CA PHE F 500 -35.16 11.68 20.82
C PHE F 500 -34.98 13.15 20.45
N ARG F 501 -33.99 13.41 19.61
CA ARG F 501 -33.75 14.76 19.12
C ARG F 501 -34.96 15.26 18.33
N ALA F 502 -35.36 16.51 18.61
CA ALA F 502 -36.50 17.12 17.94
C ALA F 502 -36.14 18.46 17.31
N GLU F 503 -34.85 18.69 17.04
CA GLU F 503 -34.38 19.98 16.55
C GLU F 503 -33.55 19.76 15.29
N ILE F 504 -33.66 20.67 14.33
CA ILE F 504 -33.19 20.46 12.96
C ILE F 504 -31.82 21.10 12.78
N ASN F 505 -30.94 20.37 12.09
CA ASN F 505 -29.60 20.85 11.74
C ASN F 505 -29.45 20.85 10.23
N ILE F 506 -28.80 21.89 9.70
CA ILE F 506 -28.62 22.05 8.27
C ILE F 506 -27.15 22.34 7.97
N LEU F 507 -26.62 21.66 6.95
CA LEU F 507 -25.25 21.86 6.50
C LEU F 507 -25.23 22.56 5.15
N LEU F 508 -24.34 23.54 5.01
CA LEU F 508 -24.16 24.27 3.75
C LEU F 508 -22.71 24.14 3.31
N CYS F 509 -22.51 23.90 2.02
CA CYS F 509 -21.18 23.73 1.45
C CYS F 509 -21.08 24.49 0.14
N GLY F 510 -19.98 25.21 -0.05
CA GLY F 510 -19.78 25.95 -1.28
C GLY F 510 -18.52 26.77 -1.21
N ASP F 511 -18.32 27.59 -2.24
CA ASP F 511 -17.14 28.43 -2.31
C ASP F 511 -17.22 29.56 -1.28
N PRO F 512 -16.08 30.01 -0.77
CA PRO F 512 -16.08 31.14 0.16
C PRO F 512 -16.40 32.45 -0.56
N GLY F 513 -16.79 33.44 0.23
CA GLY F 513 -17.22 34.71 -0.31
C GLY F 513 -18.66 34.76 -0.74
N THR F 514 -19.37 33.64 -0.68
CA THR F 514 -20.79 33.58 -1.01
C THR F 514 -21.60 34.08 0.18
N SER F 515 -22.91 33.88 0.12
CA SER F 515 -23.83 34.34 1.16
C SER F 515 -23.71 33.56 2.46
N LYS F 516 -22.70 32.72 2.68
CA LYS F 516 -22.63 31.94 3.91
C LYS F 516 -22.52 32.85 5.14
N SER F 517 -21.47 33.68 5.18
CA SER F 517 -21.21 34.49 6.37
C SER F 517 -22.35 35.47 6.62
N GLN F 518 -22.85 36.11 5.57
CA GLN F 518 -23.94 37.05 5.73
C GLN F 518 -25.20 36.36 6.23
N LEU F 519 -25.52 35.17 5.70
CA LEU F 519 -26.67 34.43 6.18
C LEU F 519 -26.50 34.01 7.63
N LEU F 520 -25.30 33.57 8.00
CA LEU F 520 -25.05 33.18 9.38
C LEU F 520 -25.21 34.37 10.33
N GLN F 521 -24.69 35.53 9.93
CA GLN F 521 -24.87 36.73 10.74
C GLN F 521 -26.34 37.12 10.85
N TYR F 522 -27.09 37.00 9.74
CA TYR F 522 -28.51 37.31 9.76
C TYR F 522 -29.26 36.39 10.72
N VAL F 523 -28.95 35.10 10.69
CA VAL F 523 -29.60 34.15 11.58
C VAL F 523 -29.23 34.45 13.03
N TYR F 524 -27.94 34.71 13.30
CA TYR F 524 -27.51 34.99 14.66
C TYR F 524 -28.16 36.24 15.21
N ASN F 525 -28.29 37.29 14.39
CA ASN F 525 -28.91 38.53 14.84
C ASN F 525 -30.41 38.36 15.05
N LEU F 526 -31.09 37.70 14.10
CA LEU F 526 -32.54 37.57 14.20
C LEU F 526 -32.94 36.67 15.36
N VAL F 527 -32.31 35.50 15.46
CA VAL F 527 -32.74 34.50 16.45
C VAL F 527 -32.25 34.92 17.84
N PRO F 528 -33.12 35.01 18.83
CA PRO F 528 -32.65 35.19 20.21
C PRO F 528 -31.89 33.96 20.67
N ARG F 529 -30.91 34.20 21.54
CA ARG F 529 -30.04 33.18 22.12
C ARG F 529 -29.21 32.47 21.06
N GLY F 530 -29.03 33.09 19.90
CA GLY F 530 -28.20 32.50 18.87
C GLY F 530 -26.72 32.64 19.20
N GLN F 531 -25.93 31.75 18.61
CA GLN F 531 -24.50 31.73 18.84
C GLN F 531 -23.76 31.64 17.50
N TYR F 532 -22.68 32.41 17.39
CA TYR F 532 -21.81 32.40 16.22
C TYR F 532 -20.43 31.96 16.63
N THR F 533 -19.87 30.99 15.91
CA THR F 533 -18.55 30.45 16.23
C THR F 533 -17.79 30.20 14.94
N SER F 534 -16.46 30.16 15.06
CA SER F 534 -15.57 29.92 13.94
C SER F 534 -14.71 28.69 14.21
N GLY F 535 -14.29 28.03 13.13
CA GLY F 535 -13.47 26.84 13.24
C GLY F 535 -12.04 27.13 13.65
N THR F 544 -16.53 24.15 24.37
CA THR F 544 -17.12 23.18 25.27
C THR F 544 -16.91 23.57 26.73
N ALA F 545 -17.36 22.71 27.64
CA ALA F 545 -17.15 22.95 29.06
C ALA F 545 -15.68 22.83 29.42
N TYR F 546 -15.28 23.52 30.48
CA TYR F 546 -13.89 23.52 30.91
C TYR F 546 -13.85 23.62 32.43
N VAL F 547 -12.68 23.39 32.99
CA VAL F 547 -12.49 23.32 34.44
C VAL F 547 -11.77 24.58 34.91
N MET F 548 -12.35 25.27 35.88
CA MET F 548 -11.75 26.46 36.47
C MET F 548 -11.55 26.24 37.97
N LYS F 549 -10.37 26.61 38.46
CA LYS F 549 -10.08 26.53 39.89
C LYS F 549 -10.79 27.66 40.62
N ASP F 550 -11.51 27.33 41.68
CA ASP F 550 -12.10 28.35 42.53
C ASP F 550 -11.03 28.91 43.46
N PRO F 551 -10.70 30.20 43.38
CA PRO F 551 -9.67 30.74 44.29
C PRO F 551 -10.07 30.73 45.75
N GLU F 552 -11.36 30.58 46.06
CA GLU F 552 -11.81 30.65 47.44
C GLU F 552 -11.68 29.30 48.15
N THR F 553 -12.35 28.28 47.63
CA THR F 553 -12.38 26.96 48.24
C THR F 553 -11.40 25.98 47.59
N ARG F 554 -10.62 26.42 46.60
CA ARG F 554 -9.67 25.57 45.89
C ARG F 554 -10.36 24.37 45.24
N GLN F 555 -11.64 24.53 44.87
CA GLN F 555 -12.42 23.46 44.27
C GLN F 555 -12.56 23.70 42.77
N LEU F 556 -12.52 22.61 42.01
CA LEU F 556 -12.61 22.70 40.56
C LEU F 556 -14.08 22.78 40.15
N VAL F 557 -14.48 23.93 39.62
CA VAL F 557 -15.82 24.13 39.14
C VAL F 557 -15.81 24.10 37.61
N LEU F 558 -16.99 24.08 37.01
CA LEU F 558 -17.13 23.91 35.57
C LEU F 558 -17.66 25.19 34.93
N GLN F 559 -17.12 25.52 33.77
CA GLN F 559 -17.61 26.62 32.95
C GLN F 559 -18.20 26.04 31.67
N THR F 560 -19.30 26.64 31.22
CA THR F 560 -20.06 26.12 30.08
C THR F 560 -19.61 26.82 28.81
N GLY F 561 -19.32 26.03 27.77
CA GLY F 561 -18.94 26.57 26.50
C GLY F 561 -20.13 27.17 25.76
N ALA F 562 -19.84 27.71 24.57
CA ALA F 562 -20.88 28.36 23.79
C ALA F 562 -21.99 27.38 23.42
N LEU F 563 -21.64 26.11 23.20
CA LEU F 563 -22.66 25.12 22.86
C LEU F 563 -23.68 24.95 23.98
N VAL F 564 -23.20 24.84 25.22
CA VAL F 564 -24.12 24.74 26.35
C VAL F 564 -24.85 26.05 26.57
N LEU F 565 -24.15 27.17 26.38
CA LEU F 565 -24.76 28.48 26.58
C LEU F 565 -25.90 28.73 25.59
N SER F 566 -25.83 28.11 24.41
CA SER F 566 -26.86 28.27 23.40
C SER F 566 -27.99 27.26 23.52
N ASP F 567 -28.18 26.69 24.71
CA ASP F 567 -29.23 25.69 24.91
C ASP F 567 -30.60 26.29 24.59
N ASN F 568 -31.41 25.50 23.89
CA ASN F 568 -32.70 25.92 23.31
C ASN F 568 -32.54 27.02 22.27
N GLY F 569 -31.31 27.34 21.87
CA GLY F 569 -31.07 28.33 20.85
C GLY F 569 -30.50 27.73 19.59
N ILE F 570 -29.90 28.57 18.73
CA ILE F 570 -29.32 28.12 17.46
C ILE F 570 -27.84 28.47 17.47
N CYS F 571 -27.01 27.47 17.19
CA CYS F 571 -25.57 27.65 17.07
C CYS F 571 -25.16 27.53 15.62
N CYS F 572 -24.42 28.52 15.12
CA CYS F 572 -23.97 28.55 13.74
C CYS F 572 -22.44 28.54 13.71
N ILE F 573 -21.88 27.75 12.80
CA ILE F 573 -20.45 27.52 12.70
C ILE F 573 -20.01 27.78 11.28
N ASP F 574 -18.89 28.49 11.11
CA ASP F 574 -18.31 28.75 9.80
C ASP F 574 -17.04 27.92 9.63
N GLU F 575 -16.75 27.59 8.37
CA GLU F 575 -15.56 26.81 8.01
C GLU F 575 -15.53 25.48 8.77
N PHE F 576 -16.55 24.65 8.51
CA PHE F 576 -16.66 23.37 9.18
C PHE F 576 -15.50 22.44 8.83
N ASP F 577 -15.08 22.46 7.56
CA ASP F 577 -14.04 21.54 7.11
C ASP F 577 -12.73 21.80 7.84
N LYS F 578 -12.42 23.06 8.12
CA LYS F 578 -11.13 23.45 8.66
C LYS F 578 -11.01 23.24 10.18
N MET F 579 -11.88 22.44 10.78
CA MET F 579 -11.87 22.26 12.23
C MET F 579 -11.10 20.99 12.60
N ASN F 580 -10.56 20.98 13.82
CA ASN F 580 -9.79 19.85 14.30
C ASN F 580 -10.66 18.60 14.41
N GLU F 581 -10.03 17.44 14.27
CA GLU F 581 -10.77 16.18 14.31
C GLU F 581 -11.25 15.84 15.71
N SER F 582 -10.56 16.32 16.75
CA SER F 582 -11.03 16.06 18.10
C SER F 582 -12.37 16.73 18.37
N THR F 583 -12.51 17.99 17.95
CA THR F 583 -13.78 18.69 18.14
C THR F 583 -14.90 18.03 17.34
N ARG F 584 -14.60 17.62 16.10
CA ARG F 584 -15.62 16.96 15.30
C ARG F 584 -16.00 15.59 15.88
N SER F 585 -15.04 14.91 16.53
CA SER F 585 -15.38 13.69 17.24
C SER F 585 -16.31 13.96 18.41
N VAL F 586 -16.04 15.05 19.13
CA VAL F 586 -16.96 15.46 20.21
C VAL F 586 -18.33 15.78 19.64
N LEU F 587 -18.40 16.37 18.44
CA LEU F 587 -19.67 16.84 17.90
C LEU F 587 -20.68 15.72 17.69
N HIS F 588 -20.22 14.48 17.53
CA HIS F 588 -21.14 13.38 17.25
C HIS F 588 -22.17 13.22 18.37
N GLU F 589 -21.71 13.28 19.62
CA GLU F 589 -22.61 13.06 20.74
C GLU F 589 -23.66 14.17 20.83
N VAL F 590 -23.25 15.43 20.65
CA VAL F 590 -24.20 16.53 20.73
C VAL F 590 -25.17 16.49 19.55
N MET F 591 -24.68 16.09 18.37
CA MET F 591 -25.56 15.95 17.22
C MET F 591 -26.60 14.86 17.43
N GLU F 592 -26.22 13.74 18.06
CA GLU F 592 -27.12 12.59 18.14
C GLU F 592 -28.02 12.63 19.38
N GLN F 593 -27.41 12.64 20.56
CA GLN F 593 -28.15 12.47 21.81
C GLN F 593 -28.50 13.79 22.49
N GLN F 594 -28.07 14.93 21.93
CA GLN F 594 -28.31 16.25 22.49
C GLN F 594 -27.72 16.42 23.89
N THR F 595 -26.91 15.47 24.35
CA THR F 595 -26.26 15.53 25.64
C THR F 595 -24.75 15.46 25.44
N LEU F 596 -24.01 15.71 26.53
CA LEU F 596 -22.56 15.68 26.45
C LEU F 596 -22.00 15.20 27.78
N SER F 597 -21.18 14.17 27.75
CA SER F 597 -20.61 13.56 28.94
C SER F 597 -19.11 13.78 28.97
N ILE F 598 -18.60 14.18 30.15
CA ILE F 598 -17.18 14.45 30.35
C ILE F 598 -16.69 13.57 31.50
N ALA F 599 -15.56 12.90 31.29
CA ALA F 599 -14.87 12.12 32.32
C ALA F 599 -13.39 12.46 32.21
N LYS F 600 -12.96 13.49 32.94
CA LYS F 600 -11.57 13.94 32.88
C LYS F 600 -11.10 14.39 34.26
N ALA F 601 -9.94 13.90 34.67
CA ALA F 601 -9.30 14.28 35.94
C ALA F 601 -10.24 14.04 37.13
N GLY F 602 -10.96 12.93 37.10
CA GLY F 602 -11.90 12.60 38.15
C GLY F 602 -13.20 13.34 38.09
N ILE F 603 -13.37 14.26 37.14
CA ILE F 603 -14.61 15.00 36.98
C ILE F 603 -15.49 14.24 35.98
N ILE F 604 -16.66 13.82 36.44
CA ILE F 604 -17.63 13.09 35.63
C ILE F 604 -18.93 13.86 35.66
N CYS F 605 -19.39 14.28 34.48
CA CYS F 605 -20.58 15.12 34.40
C CYS F 605 -21.30 14.87 33.09
N GLN F 606 -22.59 15.20 33.10
CA GLN F 606 -23.44 15.15 31.91
C GLN F 606 -24.20 16.46 31.78
N LEU F 607 -24.28 16.98 30.56
CA LEU F 607 -24.86 18.28 30.30
C LEU F 607 -25.86 18.19 29.16
N ASN F 608 -26.92 18.98 29.27
CA ASN F 608 -27.91 19.09 28.20
C ASN F 608 -27.44 20.10 27.17
N ALA F 609 -27.59 19.77 25.89
CA ALA F 609 -27.07 20.56 24.80
C ALA F 609 -28.11 20.72 23.70
N ARG F 610 -29.32 21.10 24.08
CA ARG F 610 -30.40 21.27 23.10
C ARG F 610 -30.14 22.47 22.20
N THR F 611 -29.38 22.25 21.13
CA THR F 611 -29.03 23.29 20.18
C THR F 611 -29.20 22.79 18.76
N SER F 612 -29.38 23.72 17.82
CA SER F 612 -29.44 23.42 16.40
C SER F 612 -28.15 23.90 15.75
N VAL F 613 -27.53 23.04 14.96
CA VAL F 613 -26.26 23.35 14.31
C VAL F 613 -26.52 23.78 12.88
N LEU F 614 -26.03 24.97 12.52
CA LEU F 614 -26.05 25.46 11.15
C LEU F 614 -24.61 25.67 10.73
N ALA F 615 -24.10 24.78 9.89
CA ALA F 615 -22.68 24.73 9.56
C ALA F 615 -22.44 25.12 8.11
N ALA F 616 -21.34 25.84 7.89
CA ALA F 616 -20.88 26.20 6.56
C ALA F 616 -19.51 25.58 6.31
N ALA F 617 -19.33 25.00 5.13
CA ALA F 617 -18.11 24.27 4.82
C ALA F 617 -17.63 24.65 3.43
N ASN F 618 -16.33 24.44 3.20
CA ASN F 618 -15.67 24.73 1.94
C ASN F 618 -15.14 23.43 1.34
N PRO F 619 -15.44 23.15 0.07
CA PRO F 619 -14.88 21.95 -0.55
C PRO F 619 -13.36 22.00 -0.59
N ILE F 620 -12.75 20.81 -0.51
CA ILE F 620 -11.30 20.73 -0.39
C ILE F 620 -10.59 21.30 -1.61
N GLU F 621 -11.18 21.14 -2.80
CA GLU F 621 -10.57 21.67 -4.00
C GLU F 621 -10.72 23.17 -4.15
N SER F 622 -11.50 23.83 -3.30
CA SER F 622 -11.89 25.23 -3.43
C SER F 622 -12.59 25.50 -4.75
N GLN F 623 -13.08 24.44 -5.40
CA GLN F 623 -13.76 24.52 -6.68
C GLN F 623 -14.49 23.20 -6.87
N TRP F 624 -15.68 23.26 -7.46
CA TRP F 624 -16.54 22.09 -7.57
C TRP F 624 -16.00 21.18 -8.67
N ASN F 625 -15.10 20.29 -8.28
CA ASN F 625 -14.58 19.30 -9.21
C ASN F 625 -15.70 18.34 -9.61
N PRO F 626 -15.87 18.04 -10.90
CA PRO F 626 -16.92 17.11 -11.31
C PRO F 626 -16.67 15.71 -10.78
N LYS F 627 -17.47 15.29 -9.79
CA LYS F 627 -17.29 14.01 -9.13
C LYS F 627 -18.68 13.47 -8.79
N LYS F 628 -18.72 12.43 -7.95
CA LYS F 628 -19.98 11.74 -7.65
C LYS F 628 -20.46 11.95 -6.23
N THR F 629 -19.65 11.63 -5.23
CA THR F 629 -20.06 11.74 -3.84
C THR F 629 -19.55 13.04 -3.25
N THR F 630 -20.31 13.56 -2.27
CA THR F 630 -19.93 14.81 -1.62
C THR F 630 -18.61 14.69 -0.88
N ILE F 631 -18.25 13.48 -0.43
CA ILE F 631 -16.97 13.29 0.23
C ILE F 631 -15.82 13.52 -0.73
N GLU F 632 -16.02 13.16 -2.01
CA GLU F 632 -14.98 13.38 -3.00
C GLU F 632 -14.64 14.85 -3.18
N ASN F 633 -15.53 15.75 -2.76
CA ASN F 633 -15.27 17.18 -2.84
C ASN F 633 -15.00 17.82 -1.47
N ILE F 634 -15.48 17.21 -0.39
CA ILE F 634 -15.45 17.85 0.93
C ILE F 634 -14.66 17.01 1.92
N GLN F 635 -14.60 15.70 1.68
CA GLN F 635 -13.86 14.77 2.54
C GLN F 635 -14.39 14.81 3.98
N LEU F 636 -15.65 14.38 4.14
CA LEU F 636 -16.23 14.27 5.46
C LEU F 636 -16.65 12.83 5.74
N PRO F 637 -16.54 12.38 6.99
CA PRO F 637 -16.93 11.00 7.30
C PRO F 637 -18.43 10.78 7.14
N HIS F 638 -18.80 9.53 6.90
CA HIS F 638 -20.20 9.19 6.68
C HIS F 638 -21.05 9.44 7.93
N THR F 639 -20.46 9.34 9.12
CA THR F 639 -21.24 9.53 10.34
C THR F 639 -21.77 10.96 10.44
N LEU F 640 -20.89 11.95 10.27
CA LEU F 640 -21.32 13.34 10.35
C LEU F 640 -22.32 13.69 9.27
N LEU F 641 -22.10 13.21 8.05
CA LEU F 641 -23.05 13.48 6.97
C LEU F 641 -24.41 12.84 7.25
N SER F 642 -24.42 11.61 7.78
CA SER F 642 -25.66 10.95 8.11
C SER F 642 -26.40 11.64 9.25
N ARG F 643 -25.66 12.30 10.15
CA ARG F 643 -26.33 12.98 11.26
C ARG F 643 -27.07 14.23 10.80
N PHE F 644 -26.58 14.91 9.77
CA PHE F 644 -27.23 16.11 9.28
C PHE F 644 -28.61 15.79 8.71
N ASP F 645 -29.60 16.61 9.07
CA ASP F 645 -30.93 16.43 8.52
C ASP F 645 -31.00 16.93 7.08
N LEU F 646 -30.42 18.10 6.81
CA LEU F 646 -30.48 18.71 5.49
C LEU F 646 -29.09 19.18 5.09
N ILE F 647 -28.67 18.83 3.88
CA ILE F 647 -27.40 19.26 3.32
C ILE F 647 -27.70 20.02 2.02
N PHE F 648 -27.20 21.25 1.93
CA PHE F 648 -27.38 22.08 0.75
C PHE F 648 -26.03 22.51 0.23
N LEU F 649 -25.92 22.62 -1.09
CA LEU F 649 -24.67 22.97 -1.75
C LEU F 649 -24.86 24.27 -2.52
N MET F 650 -23.96 25.23 -2.29
CA MET F 650 -23.99 26.52 -2.97
C MET F 650 -22.99 26.47 -4.12
N LEU F 651 -23.51 26.40 -5.35
CA LEU F 651 -22.69 26.38 -6.55
C LEU F 651 -22.98 27.64 -7.36
N ASP F 652 -21.94 28.38 -7.71
CA ASP F 652 -22.10 29.54 -8.56
C ASP F 652 -22.18 29.08 -10.00
N PRO F 653 -23.36 29.12 -10.61
CA PRO F 653 -23.50 28.59 -11.97
C PRO F 653 -22.79 29.45 -12.99
N GLN F 654 -22.32 28.81 -14.05
CA GLN F 654 -21.68 29.52 -15.16
C GLN F 654 -22.70 29.94 -16.20
N ASP F 655 -23.75 30.62 -15.74
CA ASP F 655 -24.82 31.12 -16.60
C ASP F 655 -24.81 32.64 -16.57
N GLU F 656 -24.80 33.25 -17.76
CA GLU F 656 -24.61 34.69 -17.85
C GLU F 656 -25.77 35.46 -17.22
N ALA F 657 -27.01 35.01 -17.44
CA ALA F 657 -28.16 35.73 -16.91
C ALA F 657 -28.13 35.77 -15.39
N TYR F 658 -27.62 34.71 -14.75
CA TYR F 658 -27.48 34.72 -13.30
C TYR F 658 -26.52 35.82 -12.86
N ASP F 659 -25.44 36.01 -13.61
CA ASP F 659 -24.51 37.10 -13.30
C ASP F 659 -25.16 38.46 -13.51
N ARG F 660 -25.97 38.60 -14.56
CA ARG F 660 -26.74 39.83 -14.73
C ARG F 660 -27.58 40.11 -13.50
N ARG F 661 -28.36 39.12 -13.06
CA ARG F 661 -29.25 39.33 -11.92
C ARG F 661 -28.47 39.63 -10.65
N LEU F 662 -27.35 38.94 -10.42
CA LEU F 662 -26.54 39.22 -9.25
C LEU F 662 -26.01 40.66 -9.27
N ALA F 663 -25.48 41.09 -10.42
CA ALA F 663 -24.93 42.44 -10.50
C ALA F 663 -26.03 43.49 -10.32
N HIS F 664 -27.21 43.26 -10.90
CA HIS F 664 -28.30 44.21 -10.73
C HIS F 664 -28.77 44.26 -9.29
N HIS F 665 -28.86 43.10 -8.62
CA HIS F 665 -29.24 43.08 -7.22
C HIS F 665 -28.21 43.82 -6.36
N LEU F 666 -26.94 43.69 -6.71
CA LEU F 666 -25.89 44.38 -5.98
C LEU F 666 -25.99 45.89 -6.15
N VAL F 667 -26.10 46.35 -7.40
CA VAL F 667 -26.11 47.79 -7.64
C VAL F 667 -27.39 48.43 -7.10
N ALA F 668 -28.52 47.70 -7.14
CA ALA F 668 -29.76 48.21 -6.60
C ALA F 668 -29.88 48.00 -5.10
N LEU F 669 -28.93 47.30 -4.49
CA LEU F 669 -28.95 47.04 -3.05
C LEU F 669 -28.72 48.31 -2.25
N GLU F 680 -42.07 44.06 3.56
CA GLU F 680 -40.86 43.42 4.07
C GLU F 680 -40.65 43.74 5.55
N LEU F 681 -40.55 45.04 5.86
CA LEU F 681 -40.36 45.46 7.24
C LEU F 681 -41.53 45.06 8.12
N LEU F 682 -42.72 44.93 7.55
CA LEU F 682 -43.88 44.49 8.31
C LEU F 682 -43.79 43.02 8.69
N ASP F 683 -42.83 42.28 8.13
CA ASP F 683 -42.82 40.82 8.27
C ASP F 683 -41.93 40.30 9.39
N MET F 684 -40.66 40.72 9.47
CA MET F 684 -39.75 40.06 10.41
C MET F 684 -40.07 40.39 11.86
N ALA F 685 -40.47 41.64 12.14
CA ALA F 685 -40.82 42.01 13.50
C ALA F 685 -42.03 41.22 14.00
N VAL F 686 -43.04 41.07 13.14
CA VAL F 686 -44.18 40.23 13.47
C VAL F 686 -43.76 38.77 13.55
N LEU F 687 -42.81 38.36 12.70
CA LEU F 687 -42.42 36.96 12.58
C LEU F 687 -41.71 36.46 13.82
N LYS F 688 -40.91 37.30 14.47
CA LYS F 688 -40.27 36.88 15.71
C LYS F 688 -41.31 36.45 16.74
N ASP F 689 -42.30 37.32 17.00
CA ASP F 689 -43.36 36.98 17.95
C ASP F 689 -44.23 35.84 17.44
N TYR F 690 -44.43 35.76 16.12
CA TYR F 690 -45.22 34.67 15.56
C TYR F 690 -44.54 33.32 15.78
N ILE F 691 -43.22 33.26 15.59
CA ILE F 691 -42.46 32.05 15.85
C ILE F 691 -42.50 31.70 17.34
N ALA F 692 -42.36 32.71 18.19
CA ALA F 692 -42.46 32.46 19.63
C ALA F 692 -43.83 31.89 20.00
N TYR F 693 -44.89 32.46 19.44
CA TYR F 693 -46.25 31.98 19.70
C TYR F 693 -46.43 30.55 19.21
N ALA F 694 -45.92 30.26 18.00
CA ALA F 694 -46.04 28.90 17.47
C ALA F 694 -45.29 27.90 18.34
N HIS F 695 -44.09 28.28 18.80
CA HIS F 695 -43.32 27.40 19.67
C HIS F 695 -44.04 27.16 20.99
N SER F 696 -44.62 28.20 21.58
CA SER F 696 -45.21 28.06 22.90
C SER F 696 -46.56 27.37 22.87
N THR F 697 -47.36 27.61 21.83
CA THR F 697 -48.78 27.25 21.86
C THR F 697 -49.06 25.89 21.21
N ILE F 698 -48.73 25.75 19.93
CA ILE F 698 -49.20 24.62 19.14
C ILE F 698 -48.16 23.51 19.15
N MET F 699 -48.65 22.28 19.01
CA MET F 699 -47.82 21.13 18.75
C MET F 699 -48.62 20.23 17.82
N PRO F 700 -48.05 19.81 16.68
CA PRO F 700 -48.75 18.88 15.80
C PRO F 700 -48.57 17.44 16.26
N ARG F 701 -49.41 16.56 15.71
CA ARG F 701 -49.29 15.14 15.94
C ARG F 701 -49.55 14.39 14.63
N LEU F 702 -49.03 13.17 14.57
CA LEU F 702 -49.02 12.41 13.33
C LEU F 702 -50.36 11.69 13.12
N SER F 703 -50.69 11.45 11.86
CA SER F 703 -51.95 10.82 11.46
C SER F 703 -51.67 9.53 10.70
N GLU F 704 -52.75 8.81 10.38
CA GLU F 704 -52.63 7.53 9.67
C GLU F 704 -52.25 7.72 8.22
N GLU F 705 -52.87 8.70 7.55
CA GLU F 705 -52.54 8.98 6.15
C GLU F 705 -51.07 9.37 6.01
N ALA F 706 -50.59 10.26 6.88
CA ALA F 706 -49.18 10.61 6.88
C ALA F 706 -48.31 9.41 7.24
N SER F 707 -48.80 8.52 8.09
CA SER F 707 -48.09 7.28 8.40
C SER F 707 -47.85 6.46 7.14
N GLN F 708 -48.92 6.22 6.37
CA GLN F 708 -48.78 5.44 5.15
C GLN F 708 -47.89 6.15 4.15
N ALA F 709 -48.03 7.48 4.03
CA ALA F 709 -47.20 8.23 3.12
C ALA F 709 -45.72 8.13 3.48
N LEU F 710 -45.40 8.23 4.77
CA LEU F 710 -44.02 8.13 5.21
C LEU F 710 -43.46 6.73 4.99
N ILE F 711 -44.27 5.69 5.24
CA ILE F 711 -43.82 4.33 5.00
C ILE F 711 -43.50 4.12 3.53
N GLU F 712 -44.39 4.59 2.65
CA GLU F 712 -44.14 4.49 1.21
C GLU F 712 -42.90 5.28 0.82
N ALA F 713 -42.73 6.47 1.39
CA ALA F 713 -41.55 7.28 1.08
C ALA F 713 -40.27 6.57 1.48
N TYR F 714 -40.26 5.92 2.65
CA TYR F 714 -39.07 5.20 3.09
C TYR F 714 -38.77 4.02 2.16
N VAL F 715 -39.79 3.22 1.85
CA VAL F 715 -39.54 2.04 1.03
C VAL F 715 -39.12 2.44 -0.39
N ASP F 716 -39.60 3.59 -0.87
CA ASP F 716 -39.15 4.07 -2.18
C ASP F 716 -37.74 4.64 -2.10
N MET F 717 -37.41 5.34 -1.01
CA MET F 717 -36.10 5.96 -0.88
C MET F 717 -34.99 4.91 -0.81
N ARG F 718 -35.23 3.81 -0.09
CA ARG F 718 -34.16 2.82 0.03
C ARG F 718 -33.79 2.20 -1.31
N LYS F 719 -34.72 2.14 -2.26
CA LYS F 719 -34.39 1.61 -3.58
C LYS F 719 -33.35 2.46 -4.30
N ILE F 720 -33.26 3.75 -3.99
CA ILE F 720 -32.27 4.61 -4.63
C ILE F 720 -30.85 4.20 -4.22
N GLY F 721 -30.65 3.92 -2.93
CA GLY F 721 -29.34 3.53 -2.45
C GLY F 721 -28.84 2.21 -3.00
N ALA F 729 -29.92 4.50 2.64
CA ALA F 729 -31.10 4.90 3.39
C ALA F 729 -31.03 4.42 4.83
N TYR F 730 -31.22 5.35 5.76
CA TYR F 730 -31.15 5.07 7.18
C TYR F 730 -32.45 5.52 7.85
N PRO F 731 -32.81 4.94 9.00
CA PRO F 731 -33.99 5.43 9.72
C PRO F 731 -33.86 6.87 10.19
N ARG F 732 -32.63 7.39 10.29
CA ARG F 732 -32.44 8.76 10.74
C ARG F 732 -33.00 9.78 9.74
N GLN F 733 -32.89 9.51 8.45
CA GLN F 733 -33.54 10.39 7.48
C GLN F 733 -35.06 10.31 7.59
N LEU F 734 -35.60 9.14 7.95
CA LEU F 734 -37.03 9.04 8.20
C LEU F 734 -37.43 9.89 9.40
N GLU F 735 -36.61 9.87 10.46
CA GLU F 735 -36.86 10.74 11.61
C GLU F 735 -36.79 12.21 11.20
N SER F 736 -35.83 12.56 10.36
CA SER F 736 -35.72 13.93 9.88
C SER F 736 -36.93 14.33 9.06
N LEU F 737 -37.46 13.41 8.26
CA LEU F 737 -38.67 13.69 7.49
C LEU F 737 -39.86 13.92 8.42
N ILE F 738 -39.97 13.12 9.49
CA ILE F 738 -41.01 13.34 10.49
C ILE F 738 -40.86 14.74 11.09
N ARG F 739 -39.63 15.12 11.42
CA ARG F 739 -39.38 16.43 12.01
C ARG F 739 -39.76 17.55 11.03
N LEU F 740 -39.43 17.38 9.76
CA LEU F 740 -39.77 18.38 8.74
C LEU F 740 -41.28 18.50 8.57
N ALA F 741 -41.98 17.36 8.60
CA ALA F 741 -43.44 17.39 8.53
C ALA F 741 -44.03 18.13 9.73
N GLU F 742 -43.49 17.89 10.92
CA GLU F 742 -43.93 18.63 12.09
C GLU F 742 -43.67 20.12 11.94
N ALA F 743 -42.52 20.48 11.37
CA ALA F 743 -42.20 21.88 11.16
C ALA F 743 -43.17 22.54 10.20
N HIS F 744 -43.51 21.85 9.11
CA HIS F 744 -44.46 22.42 8.15
C HIS F 744 -45.85 22.53 8.76
N ALA F 745 -46.25 21.55 9.57
CA ALA F 745 -47.53 21.63 10.27
C ALA F 745 -47.57 22.82 11.21
N LYS F 746 -46.45 23.08 11.90
CA LYS F 746 -46.36 24.28 12.72
C LYS F 746 -46.43 25.54 11.86
N VAL F 747 -45.86 25.48 10.65
CA VAL F 747 -45.91 26.62 9.74
C VAL F 747 -47.36 26.96 9.41
N ARG F 748 -48.16 25.94 9.10
CA ARG F 748 -49.57 26.21 8.82
C ARG F 748 -50.39 26.40 10.09
N LEU F 749 -49.78 26.31 11.27
CA LEU F 749 -50.50 26.40 12.54
C LEU F 749 -51.59 25.34 12.63
N SER F 750 -51.30 24.15 12.13
CA SER F 750 -52.24 23.04 12.14
C SER F 750 -51.85 22.06 13.24
N ASN F 751 -52.83 21.68 14.06
CA ASN F 751 -52.57 20.75 15.16
C ASN F 751 -52.41 19.31 14.70
N LYS F 752 -52.69 19.02 13.43
CA LYS F 752 -52.56 17.67 12.89
C LYS F 752 -51.68 17.69 11.65
N VAL F 753 -50.82 16.69 11.53
CA VAL F 753 -49.96 16.56 10.35
C VAL F 753 -50.75 15.84 9.27
N GLU F 754 -50.80 16.45 8.08
CA GLU F 754 -51.59 15.94 6.98
C GLU F 754 -50.69 15.59 5.79
N ALA F 755 -51.33 15.28 4.65
CA ALA F 755 -50.59 14.85 3.48
C ALA F 755 -49.69 15.96 2.94
N ILE F 756 -50.14 17.21 3.05
CA ILE F 756 -49.40 18.33 2.45
C ILE F 756 -48.03 18.47 3.08
N ASP F 757 -47.95 18.33 4.41
CA ASP F 757 -46.66 18.45 5.09
C ASP F 757 -45.68 17.38 4.62
N VAL F 758 -46.13 16.13 4.56
CA VAL F 758 -45.27 15.04 4.15
C VAL F 758 -44.84 15.23 2.70
N GLU F 759 -45.77 15.62 1.83
CA GLU F 759 -45.44 15.83 0.43
C GLU F 759 -44.43 16.95 0.25
N GLU F 760 -44.60 18.06 0.98
CA GLU F 760 -43.65 19.16 0.88
C GLU F 760 -42.27 18.76 1.40
N ALA F 761 -42.23 18.03 2.52
CA ALA F 761 -40.96 17.58 3.06
C ALA F 761 -40.25 16.65 2.10
N LYS F 762 -40.99 15.71 1.50
CA LYS F 762 -40.40 14.80 0.52
C LYS F 762 -39.91 15.55 -0.70
N ARG F 763 -40.69 16.55 -1.16
CA ARG F 763 -40.28 17.36 -2.28
C ARG F 763 -38.96 18.08 -1.99
N LEU F 764 -38.86 18.70 -0.81
CA LEU F 764 -37.64 19.43 -0.47
C LEU F 764 -36.45 18.48 -0.35
N HIS F 765 -36.65 17.32 0.27
CA HIS F 765 -35.58 16.34 0.41
C HIS F 765 -35.11 15.85 -0.95
N ARG F 766 -36.04 15.54 -1.85
CA ARG F 766 -35.67 15.04 -3.17
C ARG F 766 -35.01 16.13 -4.01
N GLU F 767 -35.45 17.39 -3.84
CA GLU F 767 -34.79 18.50 -4.53
C GLU F 767 -33.36 18.66 -4.05
N ALA F 768 -33.14 18.57 -2.74
CA ALA F 768 -31.79 18.67 -2.20
C ALA F 768 -30.91 17.53 -2.70
N LEU F 769 -31.46 16.31 -2.73
CA LEU F 769 -30.70 15.16 -3.21
C LEU F 769 -30.36 15.30 -4.69
N LYS F 770 -31.31 15.77 -5.49
CA LYS F 770 -31.05 15.92 -6.93
C LYS F 770 -29.94 16.93 -7.18
N GLN F 771 -29.94 18.05 -6.45
CA GLN F 771 -28.94 19.08 -6.62
C GLN F 771 -27.58 18.61 -6.14
N ASP G 20 -31.75 21.16 82.33
CA ASP G 20 -32.82 20.85 81.40
C ASP G 20 -33.73 19.75 81.97
N GLU G 21 -34.95 20.15 82.34
CA GLU G 21 -35.91 19.19 82.89
C GLU G 21 -36.30 18.16 81.84
N VAL G 22 -36.47 18.59 80.59
CA VAL G 22 -36.84 17.67 79.52
C VAL G 22 -35.72 16.65 79.28
N ALA G 23 -34.46 17.06 79.47
CA ALA G 23 -33.36 16.11 79.33
C ALA G 23 -33.42 15.03 80.40
N GLU G 24 -33.71 15.42 81.64
CA GLU G 24 -33.85 14.43 82.71
C GLU G 24 -35.05 13.52 82.45
N LYS G 25 -36.14 14.08 81.94
CA LYS G 25 -37.29 13.25 81.56
C LYS G 25 -36.91 12.25 80.48
N CYS G 26 -36.14 12.70 79.48
CA CYS G 26 -35.69 11.80 78.43
C CYS G 26 -34.79 10.70 78.99
N GLN G 27 -33.92 11.05 79.93
CA GLN G 27 -33.06 10.04 80.55
C GLN G 27 -33.89 9.00 81.30
N LYS G 28 -34.88 9.46 82.07
CA LYS G 28 -35.73 8.53 82.80
C LYS G 28 -36.54 7.65 81.86
N LEU G 29 -37.06 8.23 80.77
CA LEU G 29 -37.81 7.45 79.79
C LEU G 29 -36.91 6.44 79.08
N PHE G 30 -35.66 6.80 78.81
CA PHE G 30 -34.74 5.85 78.21
C PHE G 30 -34.40 4.71 79.17
N LEU G 31 -34.28 5.02 80.47
CA LEU G 31 -34.15 3.97 81.46
C LEU G 31 -35.36 3.05 81.45
N ASP G 32 -36.55 3.65 81.35
CA ASP G 32 -37.79 2.86 81.29
C ASP G 32 -37.79 1.94 80.08
N PHE G 33 -37.40 2.47 78.91
CA PHE G 33 -37.34 1.64 77.71
C PHE G 33 -36.32 0.52 77.85
N LEU G 34 -35.15 0.82 78.40
CA LEU G 34 -34.12 -0.21 78.59
C LEU G 34 -34.59 -1.29 79.56
N GLU G 35 -35.36 -0.91 80.57
CA GLU G 35 -35.72 -1.85 81.64
C GLU G 35 -37.04 -2.57 81.39
N GLU G 36 -37.86 -2.13 80.44
CA GLU G 36 -39.17 -2.73 80.22
C GLU G 36 -39.42 -3.23 78.81
N PHE G 37 -38.58 -2.91 77.84
CA PHE G 37 -38.79 -3.40 76.48
C PHE G 37 -38.63 -4.91 76.43
N GLN G 38 -39.51 -5.57 75.71
CA GLN G 38 -39.46 -7.03 75.57
C GLN G 38 -39.79 -7.46 74.15
N GLY G 42 -40.65 -12.86 74.72
CA GLY G 42 -40.90 -12.37 76.06
C GLY G 42 -39.63 -12.04 76.80
N GLU G 43 -38.52 -11.95 76.08
CA GLU G 43 -37.22 -11.65 76.65
C GLU G 43 -36.85 -10.20 76.34
N ILE G 44 -36.27 -9.52 77.33
CA ILE G 44 -35.76 -8.17 77.11
C ILE G 44 -34.57 -8.26 76.17
N LYS G 45 -34.66 -7.54 75.05
CA LYS G 45 -33.66 -7.65 74.00
C LYS G 45 -32.31 -7.10 74.43
N TYR G 46 -32.32 -6.05 75.26
CA TYR G 46 -31.11 -5.28 75.52
C TYR G 46 -30.33 -5.76 76.75
N LEU G 47 -30.83 -6.75 77.49
CA LEU G 47 -30.09 -7.21 78.67
C LEU G 47 -28.77 -7.85 78.27
N GLN G 48 -28.79 -8.72 77.27
CA GLN G 48 -27.56 -9.37 76.81
C GLN G 48 -26.59 -8.34 76.24
N LEU G 49 -27.10 -7.35 75.50
CA LEU G 49 -26.24 -6.31 74.95
C LEU G 49 -25.61 -5.49 76.07
N ALA G 50 -26.37 -5.16 77.11
CA ALA G 50 -25.82 -4.41 78.23
C ALA G 50 -24.77 -5.23 78.97
N GLU G 51 -25.01 -6.53 79.15
CA GLU G 51 -24.01 -7.37 79.79
C GLU G 51 -22.74 -7.48 78.95
N GLU G 52 -22.89 -7.56 77.63
CA GLU G 52 -21.73 -7.55 76.74
C GLU G 52 -21.03 -6.21 76.69
N LEU G 53 -21.73 -5.12 77.05
CA LEU G 53 -21.09 -3.81 77.12
C LEU G 53 -20.01 -3.75 78.19
N ILE G 54 -20.04 -4.66 79.17
CA ILE G 54 -18.97 -4.75 80.15
C ILE G 54 -17.66 -5.11 79.47
N ARG G 55 -17.74 -5.82 78.34
CA ARG G 55 -16.54 -6.21 77.62
C ARG G 55 -15.78 -4.96 77.16
N PRO G 56 -14.47 -4.90 77.38
CA PRO G 56 -13.73 -3.68 77.03
C PRO G 56 -13.77 -3.32 75.55
N GLU G 57 -13.78 -4.31 74.66
CA GLU G 57 -13.84 -4.06 73.23
C GLU G 57 -15.21 -3.61 72.77
N ARG G 58 -16.23 -3.68 73.63
CA ARG G 58 -17.59 -3.26 73.31
C ARG G 58 -17.96 -2.09 74.21
N ASN G 59 -18.14 -0.91 73.61
CA ASN G 59 -18.48 0.27 74.39
C ASN G 59 -19.59 1.12 73.77
N THR G 60 -20.22 0.69 72.70
CA THR G 60 -21.37 1.38 72.12
C THR G 60 -22.56 0.43 72.07
N LEU G 61 -23.75 0.95 72.33
CA LEU G 61 -24.98 0.17 72.33
C LEU G 61 -25.80 0.54 71.10
N VAL G 62 -26.28 -0.48 70.39
CA VAL G 62 -27.09 -0.29 69.19
C VAL G 62 -28.56 -0.44 69.60
N VAL G 63 -29.36 0.59 69.32
CA VAL G 63 -30.77 0.63 69.68
C VAL G 63 -31.58 0.88 68.42
N SER G 64 -32.59 0.02 68.19
CA SER G 64 -33.47 0.20 67.06
C SER G 64 -34.40 1.39 67.28
N PHE G 65 -34.64 2.16 66.21
CA PHE G 65 -35.56 3.27 66.29
C PHE G 65 -37.01 2.83 66.29
N VAL G 66 -37.32 1.72 65.61
CA VAL G 66 -38.69 1.25 65.54
C VAL G 66 -39.18 0.78 66.91
N ASP G 67 -38.30 0.12 67.68
CA ASP G 67 -38.68 -0.27 69.03
C ASP G 67 -38.93 0.94 69.91
N LEU G 68 -38.08 1.97 69.77
CA LEU G 68 -38.28 3.19 70.54
C LEU G 68 -39.61 3.85 70.20
N GLU G 69 -39.95 3.93 68.91
CA GLU G 69 -41.19 4.62 68.55
C GLU G 69 -42.42 3.80 68.91
N GLN G 70 -42.34 2.46 68.83
CA GLN G 70 -43.49 1.65 69.20
C GLN G 70 -43.69 1.63 70.71
N PHE G 71 -42.61 1.65 71.49
CA PHE G 71 -42.74 1.68 72.94
C PHE G 71 -43.41 2.98 73.40
N ASN G 72 -43.01 4.10 72.82
CA ASN G 72 -43.64 5.39 73.10
C ASN G 72 -43.29 6.35 71.98
N GLN G 73 -44.17 7.33 71.75
CA GLN G 73 -44.00 8.25 70.64
C GLN G 73 -43.42 9.60 71.07
N GLN G 74 -43.78 10.09 72.26
CA GLN G 74 -43.23 11.35 72.73
C GLN G 74 -41.71 11.29 72.86
N LEU G 75 -41.21 10.20 73.46
CA LEU G 75 -39.77 10.01 73.60
C LEU G 75 -39.09 9.91 72.25
N SER G 76 -39.70 9.16 71.31
CA SER G 76 -39.11 9.01 69.99
C SER G 76 -39.00 10.35 69.27
N THR G 77 -40.07 11.14 69.31
CA THR G 77 -40.04 12.46 68.68
C THR G 77 -39.02 13.36 69.35
N THR G 78 -38.96 13.33 70.69
CA THR G 78 -38.00 14.18 71.40
C THR G 78 -36.56 13.82 71.02
N ILE G 79 -36.26 12.53 70.94
CA ILE G 79 -34.92 12.11 70.55
C ILE G 79 -34.63 12.48 69.10
N GLN G 80 -35.61 12.30 68.21
CA GLN G 80 -35.42 12.67 66.82
C GLN G 80 -35.23 14.17 66.64
N GLU G 81 -35.76 14.97 67.57
CA GLU G 81 -35.74 16.43 67.43
C GLU G 81 -34.62 17.10 68.21
N GLU G 82 -34.26 16.58 69.39
CA GLU G 82 -33.22 17.16 70.24
C GLU G 82 -32.16 16.12 70.56
N PHE G 83 -31.67 15.43 69.53
CA PHE G 83 -30.70 14.36 69.73
C PHE G 83 -29.43 14.88 70.39
N TYR G 84 -28.91 16.00 69.90
CA TYR G 84 -27.72 16.60 70.50
C TYR G 84 -28.00 17.06 71.93
N ARG G 85 -29.23 17.46 72.22
CA ARG G 85 -29.56 17.98 73.54
C ARG G 85 -29.57 16.88 74.59
N VAL G 86 -30.02 15.68 74.24
CA VAL G 86 -30.25 14.62 75.20
C VAL G 86 -29.26 13.47 75.07
N TYR G 87 -28.36 13.52 74.08
CA TYR G 87 -27.43 12.40 73.90
C TYR G 87 -26.54 12.15 75.11
N PRO G 88 -25.90 13.14 75.73
CA PRO G 88 -25.15 12.85 76.96
C PRO G 88 -26.03 12.29 78.07
N TYR G 89 -27.30 12.74 78.15
CA TYR G 89 -28.21 12.15 79.12
C TYR G 89 -28.54 10.70 78.76
N LEU G 90 -28.63 10.38 77.48
CA LEU G 90 -28.79 8.99 77.07
C LEU G 90 -27.58 8.16 77.48
N CYS G 91 -26.38 8.72 77.32
CA CYS G 91 -25.18 8.01 77.77
C CYS G 91 -25.18 7.81 79.27
N ARG G 92 -25.63 8.81 80.02
CA ARG G 92 -25.73 8.68 81.48
C ARG G 92 -26.73 7.60 81.85
N ALA G 93 -27.87 7.54 81.15
CA ALA G 93 -28.85 6.50 81.40
C ALA G 93 -28.27 5.12 81.11
N LEU G 94 -27.53 4.99 80.01
CA LEU G 94 -26.89 3.72 79.68
C LEU G 94 -25.89 3.32 80.77
N LYS G 95 -25.08 4.26 81.23
CA LYS G 95 -24.11 3.97 82.28
C LYS G 95 -24.80 3.54 83.57
N THR G 96 -25.89 4.23 83.93
CA THR G 96 -26.64 3.85 85.13
C THR G 96 -27.23 2.45 84.99
N PHE G 97 -27.80 2.15 83.82
CA PHE G 97 -28.41 0.84 83.61
C PHE G 97 -27.37 -0.28 83.66
N VAL G 98 -26.19 -0.04 83.07
CA VAL G 98 -25.14 -1.05 83.11
C VAL G 98 -24.59 -1.21 84.53
N LYS G 99 -24.40 -0.10 85.24
CA LYS G 99 -23.82 -0.17 86.59
C LYS G 99 -24.75 -0.88 87.57
N ASP G 100 -26.05 -0.90 87.30
CA ASP G 100 -27.00 -1.56 88.20
C ASP G 100 -26.82 -3.07 88.25
N ARG G 101 -26.07 -3.65 87.33
CA ARG G 101 -25.92 -5.10 87.29
C ARG G 101 -24.45 -5.52 87.45
N PHE G 110 -19.32 4.45 77.92
CA PHE G 110 -20.38 3.80 77.17
C PHE G 110 -21.06 4.79 76.24
N TYR G 111 -21.50 4.31 75.07
CA TYR G 111 -22.09 5.17 74.05
C TYR G 111 -23.34 4.49 73.48
N VAL G 112 -24.19 5.31 72.88
CA VAL G 112 -25.48 4.87 72.36
C VAL G 112 -25.49 5.07 70.85
N ALA G 113 -25.90 4.02 70.12
CA ALA G 113 -26.01 4.07 68.68
C ALA G 113 -27.43 3.70 68.26
N PHE G 114 -27.93 4.37 67.22
CA PHE G 114 -29.28 4.15 66.73
C PHE G 114 -29.25 3.67 65.29
N GLN G 115 -30.28 2.90 64.92
CA GLN G 115 -30.38 2.30 63.61
C GLN G 115 -31.82 2.30 63.14
N ASP G 116 -32.00 1.97 61.86
CA ASP G 116 -33.31 1.72 61.27
C ASP G 116 -34.22 2.95 61.32
N LEU G 117 -33.65 4.11 61.03
CA LEU G 117 -34.48 5.30 60.85
C LEU G 117 -35.21 5.18 59.52
N PRO G 118 -36.54 5.38 59.51
CA PRO G 118 -37.31 5.07 58.29
C PRO G 118 -37.14 6.06 57.15
N THR G 119 -36.54 7.22 57.38
CA THR G 119 -36.46 8.27 56.37
C THR G 119 -35.03 8.40 55.86
N ARG G 120 -34.88 8.41 54.53
CA ARG G 120 -33.61 8.70 53.89
C ARG G 120 -33.63 10.10 53.31
N HIS G 121 -32.49 10.78 53.38
CA HIS G 121 -32.37 12.15 52.92
C HIS G 121 -31.20 12.28 51.96
N LYS G 122 -31.22 13.34 51.16
CA LYS G 122 -30.17 13.61 50.19
C LYS G 122 -29.19 14.64 50.73
N ILE G 123 -27.97 14.60 50.20
CA ILE G 123 -26.94 15.54 50.63
C ILE G 123 -27.31 16.96 50.28
N ARG G 124 -27.94 17.16 49.12
CA ARG G 124 -28.39 18.49 48.74
C ARG G 124 -29.52 19.00 49.62
N GLU G 125 -30.13 18.13 50.43
CA GLU G 125 -31.20 18.52 51.34
C GLU G 125 -30.68 19.04 52.67
N LEU G 126 -29.38 18.88 52.96
CA LEU G 126 -28.84 19.27 54.25
C LEU G 126 -28.77 20.78 54.36
N THR G 127 -29.63 21.36 55.20
CA THR G 127 -29.69 22.79 55.43
C THR G 127 -29.54 23.08 56.91
N SER G 128 -29.39 24.37 57.24
CA SER G 128 -29.22 24.78 58.63
C SER G 128 -30.47 24.53 59.46
N SER G 129 -31.64 24.45 58.83
CA SER G 129 -32.87 24.19 59.57
C SER G 129 -32.92 22.77 60.14
N ARG G 130 -32.03 21.89 59.71
CA ARG G 130 -32.01 20.51 60.17
C ARG G 130 -30.92 20.23 61.20
N ILE G 131 -30.30 21.28 61.74
CA ILE G 131 -29.24 21.09 62.72
C ILE G 131 -29.83 20.52 64.01
N GLY G 132 -29.18 19.49 64.56
CA GLY G 132 -29.63 18.85 65.77
C GLY G 132 -30.64 17.75 65.57
N LEU G 133 -31.13 17.54 64.35
CA LEU G 133 -32.09 16.49 64.06
C LEU G 133 -31.37 15.19 63.77
N LEU G 134 -31.95 14.08 64.23
CA LEU G 134 -31.37 12.76 63.98
C LEU G 134 -31.80 12.30 62.59
N THR G 135 -30.85 12.31 61.65
CA THR G 135 -31.13 11.94 60.27
C THR G 135 -30.04 11.00 59.76
N ARG G 136 -30.36 10.27 58.71
CA ARG G 136 -29.41 9.36 58.08
C ARG G 136 -29.23 9.76 56.62
N ILE G 137 -27.98 9.75 56.17
CA ILE G 137 -27.58 10.30 54.89
C ILE G 137 -26.87 9.23 54.08
N SER G 138 -27.13 9.22 52.77
CA SER G 138 -26.55 8.23 51.87
C SER G 138 -25.50 8.89 50.99
N GLY G 139 -24.33 8.27 50.89
CA GLY G 139 -23.26 8.82 50.09
C GLY G 139 -22.25 7.75 49.74
N GLN G 140 -21.16 8.18 49.10
CA GLN G 140 -20.08 7.27 48.73
C GLN G 140 -18.76 7.79 49.28
N VAL G 141 -18.05 6.93 50.01
CA VAL G 141 -16.79 7.31 50.65
C VAL G 141 -15.72 7.43 49.58
N VAL G 142 -15.00 8.56 49.56
CA VAL G 142 -13.98 8.77 48.55
C VAL G 142 -12.60 8.84 49.18
N ARG G 143 -12.51 9.38 50.41
CA ARG G 143 -11.23 9.53 51.09
C ARG G 143 -11.35 9.12 52.54
N THR G 144 -10.24 8.64 53.10
CA THR G 144 -10.17 8.23 54.49
C THR G 144 -8.91 8.79 55.13
N HIS G 145 -8.96 8.96 56.45
CA HIS G 145 -7.85 9.47 57.25
C HIS G 145 -7.59 8.53 58.43
N PRO G 146 -6.36 8.49 58.93
CA PRO G 146 -6.02 7.53 59.99
C PRO G 146 -6.73 7.85 61.29
N VAL G 147 -6.67 6.88 62.20
CA VAL G 147 -7.36 6.97 63.48
C VAL G 147 -6.57 7.89 64.41
N HIS G 148 -7.26 8.85 65.03
CA HIS G 148 -6.59 9.76 65.95
C HIS G 148 -7.24 9.72 67.33
N PRO G 149 -6.45 9.87 68.39
CA PRO G 149 -7.05 10.01 69.73
C PRO G 149 -7.63 11.42 69.91
N GLU G 150 -8.86 11.48 70.41
CA GLU G 150 -9.53 12.74 70.71
C GLU G 150 -9.74 12.82 72.21
N LEU G 151 -9.23 13.91 72.81
CA LEU G 151 -9.36 14.10 74.25
C LEU G 151 -10.76 14.65 74.54
N VAL G 152 -11.53 13.92 75.35
CA VAL G 152 -12.89 14.33 75.65
C VAL G 152 -12.92 15.12 76.97
N SER G 153 -12.51 14.46 78.05
CA SER G 153 -12.39 15.10 79.35
C SER G 153 -10.92 15.09 79.76
N GLY G 154 -10.39 16.28 80.06
CA GLY G 154 -8.98 16.43 80.36
C GLY G 154 -8.76 16.85 81.80
N THR G 155 -7.78 16.21 82.44
CA THR G 155 -7.36 16.58 83.78
C THR G 155 -6.19 17.56 83.67
N PHE G 156 -6.44 18.83 83.96
CA PHE G 156 -5.46 19.88 83.78
C PHE G 156 -4.78 20.20 85.10
N LEU G 157 -3.47 20.42 85.04
CA LEU G 157 -2.67 20.79 86.21
C LEU G 157 -2.26 22.25 86.08
N CYS G 158 -2.66 23.07 87.05
CA CYS G 158 -2.27 24.47 87.05
C CYS G 158 -0.78 24.59 87.38
N LEU G 159 -0.07 25.41 86.61
CA LEU G 159 1.37 25.57 86.81
C LEU G 159 1.70 26.59 87.90
N ASP G 160 0.71 27.30 88.43
CA ASP G 160 0.94 28.33 89.45
C ASP G 160 0.67 27.84 90.86
N CYS G 161 -0.39 27.08 91.07
CA CYS G 161 -0.76 26.60 92.40
C CYS G 161 -0.87 25.08 92.48
N GLN G 162 -0.47 24.37 91.41
CA GLN G 162 -0.49 22.91 91.39
C GLN G 162 -1.88 22.35 91.71
N THR G 163 -2.91 22.99 91.17
CA THR G 163 -4.29 22.54 91.36
C THR G 163 -4.70 21.66 90.20
N VAL G 164 -5.22 20.47 90.50
CA VAL G 164 -5.65 19.53 89.49
C VAL G 164 -7.11 19.81 89.15
N ILE G 165 -7.38 20.14 87.90
CA ILE G 165 -8.72 20.41 87.41
C ILE G 165 -9.16 19.21 86.57
N ARG G 166 -10.17 18.49 87.03
CA ARG G 166 -10.60 17.25 86.41
C ARG G 166 -11.94 17.44 85.69
N ASP G 167 -12.18 16.58 84.71
CA ASP G 167 -13.45 16.54 83.97
C ASP G 167 -13.72 17.88 83.27
N VAL G 168 -12.78 18.30 82.45
CA VAL G 168 -12.90 19.51 81.66
C VAL G 168 -13.31 19.10 80.24
N GLU G 169 -14.54 19.42 79.86
CA GLU G 169 -14.99 19.13 78.51
C GLU G 169 -14.26 20.02 77.50
N GLN G 170 -14.15 19.52 76.27
CA GLN G 170 -13.44 20.22 75.22
C GLN G 170 -14.42 20.80 74.21
N GLN G 171 -14.13 22.02 73.76
CA GLN G 171 -15.00 22.78 72.88
C GLN G 171 -14.59 22.64 71.41
N PHE G 172 -14.03 21.50 71.03
CA PHE G 172 -13.55 21.27 69.67
C PHE G 172 -12.52 22.31 69.26
N ASP G 194 -2.65 16.71 82.11
CA ASP G 194 -2.32 15.32 82.41
C ASP G 194 -2.98 14.37 81.42
N THR G 195 -2.16 13.75 80.57
CA THR G 195 -2.68 12.77 79.63
C THR G 195 -3.03 11.46 80.32
N ASN G 196 -2.35 11.15 81.43
CA ASN G 196 -2.56 9.87 82.10
C ASN G 196 -3.99 9.76 82.65
N LYS G 197 -4.50 10.83 83.27
CA LYS G 197 -5.79 10.78 83.94
C LYS G 197 -6.93 11.32 83.08
N SER G 198 -6.65 11.74 81.86
CA SER G 198 -7.69 12.22 80.96
C SER G 198 -8.28 11.06 80.17
N ARG G 199 -9.42 11.33 79.51
CA ARG G 199 -10.13 10.33 78.74
C ARG G 199 -10.00 10.62 77.24
N PHE G 200 -9.68 9.60 76.47
CA PHE G 200 -9.51 9.70 75.03
C PHE G 200 -10.44 8.73 74.32
N VAL G 201 -10.88 9.12 73.13
CA VAL G 201 -11.79 8.33 72.30
C VAL G 201 -11.20 8.25 70.90
N ASP G 202 -11.28 7.06 70.30
CA ASP G 202 -10.80 6.89 68.94
C ASP G 202 -11.64 7.71 67.96
N PHE G 203 -10.97 8.26 66.94
CA PHE G 203 -11.62 9.12 65.97
C PHE G 203 -11.21 8.72 64.56
N GLN G 204 -12.16 8.87 63.63
CA GLN G 204 -11.91 8.71 62.21
C GLN G 204 -12.62 9.82 61.45
N LYS G 205 -11.96 10.35 60.44
CA LYS G 205 -12.53 11.35 59.54
C LYS G 205 -12.78 10.71 58.18
N VAL G 206 -13.95 10.94 57.63
CA VAL G 206 -14.35 10.38 56.35
C VAL G 206 -14.81 11.51 55.45
N ARG G 207 -14.46 11.44 54.17
CA ARG G 207 -14.92 12.39 53.18
C ARG G 207 -15.82 11.66 52.18
N ILE G 208 -17.04 12.15 52.03
CA ILE G 208 -18.05 11.46 51.23
C ILE G 208 -18.51 12.36 50.10
N GLN G 209 -19.00 11.73 49.04
CA GLN G 209 -19.44 12.40 47.83
C GLN G 209 -20.85 11.95 47.48
N GLU G 210 -21.57 12.82 46.79
CA GLU G 210 -22.94 12.55 46.39
C GLU G 210 -23.00 11.35 45.46
N THR G 211 -24.07 10.58 45.58
CA THR G 211 -24.30 9.45 44.68
C THR G 211 -24.63 9.96 43.28
N GLN G 212 -24.30 9.15 42.28
CA GLN G 212 -24.51 9.55 40.89
C GLN G 212 -25.99 9.70 40.57
N ALA G 213 -26.83 8.79 41.09
CA ALA G 213 -28.26 8.85 40.79
C ALA G 213 -28.90 10.13 41.31
N GLU G 214 -28.56 10.53 42.53
CA GLU G 214 -29.14 11.74 43.10
C GLU G 214 -28.56 13.01 42.50
N LEU G 215 -27.50 12.91 41.70
CA LEU G 215 -26.85 14.10 41.15
C LEU G 215 -27.71 14.71 40.06
N PRO G 216 -28.18 15.94 40.22
CA PRO G 216 -28.91 16.60 39.13
C PRO G 216 -28.00 16.96 37.99
N ARG G 217 -28.56 16.95 36.78
CA ARG G 217 -27.76 17.15 35.57
C ARG G 217 -27.11 18.53 35.59
N GLY G 218 -25.81 18.55 35.29
CA GLY G 218 -25.05 19.79 35.27
C GLY G 218 -24.59 20.28 36.62
N SER G 219 -24.71 19.47 37.67
CA SER G 219 -24.36 19.89 39.02
C SER G 219 -23.11 19.18 39.50
N ILE G 220 -22.26 19.91 40.21
CA ILE G 220 -21.06 19.33 40.79
C ILE G 220 -21.44 18.58 42.08
N PRO G 221 -21.06 17.31 42.21
CA PRO G 221 -21.40 16.57 43.44
C PRO G 221 -20.64 17.13 44.63
N ARG G 222 -21.38 17.63 45.61
CA ARG G 222 -20.77 18.20 46.80
C ARG G 222 -20.18 17.10 47.69
N SER G 223 -19.20 17.49 48.49
CA SER G 223 -18.53 16.59 49.41
C SER G 223 -18.83 17.00 50.85
N LEU G 224 -18.88 16.01 51.73
CA LEU G 224 -19.21 16.23 53.13
C LEU G 224 -18.20 15.53 54.02
N GLU G 225 -17.92 16.15 55.17
CA GLU G 225 -17.03 15.58 56.17
C GLU G 225 -17.84 14.89 57.25
N VAL G 226 -17.40 13.69 57.62
CA VAL G 226 -18.10 12.83 58.56
C VAL G 226 -17.13 12.45 59.67
N ILE G 227 -17.60 12.53 60.92
CA ILE G 227 -16.81 12.17 62.09
C ILE G 227 -17.36 10.89 62.68
N LEU G 228 -16.49 9.90 62.85
CA LEU G 228 -16.81 8.61 63.44
C LEU G 228 -16.01 8.42 64.72
N ARG G 229 -16.65 7.86 65.74
CA ARG G 229 -16.01 7.66 67.03
C ARG G 229 -16.28 6.26 67.55
N ALA G 230 -15.35 5.78 68.39
CA ALA G 230 -15.48 4.53 69.14
C ALA G 230 -15.62 3.37 68.16
N GLU G 231 -16.73 2.62 68.17
CA GLU G 231 -16.85 1.45 67.32
C GLU G 231 -17.05 1.81 65.85
N ALA G 232 -17.51 3.03 65.57
CA ALA G 232 -17.69 3.45 64.18
C ALA G 232 -16.38 3.67 63.44
N VAL G 233 -15.25 3.68 64.17
CA VAL G 233 -13.96 3.91 63.54
C VAL G 233 -13.54 2.69 62.74
N GLU G 234 -12.99 2.93 61.55
CA GLU G 234 -12.45 1.91 60.64
C GLU G 234 -13.52 0.96 60.13
N SER G 235 -14.80 1.25 60.37
CA SER G 235 -15.87 0.41 59.85
C SER G 235 -16.23 0.73 58.41
N ALA G 236 -15.67 1.79 57.84
CA ALA G 236 -15.94 2.20 56.47
C ALA G 236 -14.65 2.19 55.66
N GLN G 237 -14.76 1.83 54.39
CA GLN G 237 -13.62 1.72 53.49
C GLN G 237 -13.84 2.64 52.29
N ALA G 238 -12.75 3.15 51.74
CA ALA G 238 -12.82 4.03 50.59
C ALA G 238 -13.44 3.32 49.40
N GLY G 239 -14.27 4.05 48.65
CA GLY G 239 -14.94 3.51 47.49
C GLY G 239 -16.26 2.82 47.75
N ASP G 240 -16.70 2.76 49.01
CA ASP G 240 -17.94 2.10 49.37
C ASP G 240 -19.07 3.11 49.51
N LYS G 241 -20.29 2.63 49.30
CA LYS G 241 -21.50 3.44 49.47
C LYS G 241 -22.12 3.11 50.82
N CYS G 242 -22.39 4.14 51.62
CA CYS G 242 -22.86 3.94 52.98
C CYS G 242 -23.92 4.96 53.36
N ASP G 243 -24.77 4.57 54.30
CA ASP G 243 -25.73 5.44 54.95
C ASP G 243 -25.29 5.62 56.41
N PHE G 244 -25.17 6.87 56.83
CA PHE G 244 -24.68 7.22 58.16
C PHE G 244 -25.81 7.85 58.95
N THR G 245 -26.01 7.38 60.17
CA THR G 245 -27.06 7.87 61.07
C THR G 245 -26.43 8.78 62.10
N GLY G 246 -26.94 10.01 62.21
CA GLY G 246 -26.42 10.93 63.19
C GLY G 246 -26.99 12.33 63.07
N THR G 247 -26.14 13.34 63.20
CA THR G 247 -26.60 14.72 63.20
C THR G 247 -25.65 15.59 62.38
N LEU G 248 -26.13 16.79 62.08
CA LEU G 248 -25.32 17.82 61.42
C LEU G 248 -24.92 18.85 62.46
N ILE G 249 -23.64 18.87 62.80
CA ILE G 249 -23.14 19.77 63.84
C ILE G 249 -22.51 20.99 63.18
N VAL G 250 -22.27 22.02 63.98
CA VAL G 250 -21.74 23.29 63.50
C VAL G 250 -20.29 23.37 63.95
N VAL G 251 -19.38 23.32 62.98
CA VAL G 251 -17.94 23.47 63.23
C VAL G 251 -17.53 24.86 62.75
N PRO G 252 -16.70 25.59 63.51
CA PRO G 252 -16.28 26.92 63.04
C PRO G 252 -15.40 26.85 61.79
N TYR G 294 -19.38 29.61 59.10
CA TYR G 294 -18.71 28.50 59.75
C TYR G 294 -18.51 27.33 58.78
N ARG G 295 -18.71 26.11 59.28
CA ARG G 295 -18.44 24.90 58.52
C ARG G 295 -19.53 23.88 58.80
N LEU G 296 -19.73 22.97 57.85
CA LEU G 296 -20.76 21.94 57.95
C LEU G 296 -20.09 20.57 58.05
N VAL G 297 -20.37 19.86 59.14
CA VAL G 297 -19.81 18.53 59.38
C VAL G 297 -20.92 17.65 59.94
N PHE G 298 -20.90 16.37 59.56
CA PHE G 298 -21.86 15.39 60.05
C PHE G 298 -21.18 14.47 61.05
N LEU G 299 -21.78 14.35 62.23
CA LEU G 299 -21.36 13.38 63.23
C LEU G 299 -22.20 12.12 63.06
N ALA G 300 -21.54 10.99 62.84
CA ALA G 300 -22.24 9.74 62.59
C ALA G 300 -21.99 8.75 63.71
N CYS G 301 -22.86 7.75 63.80
CA CYS G 301 -22.75 6.73 64.84
C CYS G 301 -22.75 5.33 64.25
N CYS G 302 -23.50 5.13 63.16
CA CYS G 302 -23.63 3.82 62.53
C CYS G 302 -23.39 3.94 61.04
N VAL G 303 -23.13 2.79 60.41
CA VAL G 303 -22.85 2.72 58.98
C VAL G 303 -23.75 1.67 58.35
N ALA G 304 -23.96 1.81 57.05
CA ALA G 304 -24.82 0.94 56.27
C ALA G 304 -24.13 0.56 54.98
N PRO G 305 -24.54 -0.54 54.33
CA PRO G 305 -24.02 -0.89 53.02
C PRO G 305 -24.91 -0.40 51.88
N ASN G 327 -37.10 -14.53 52.13
CA ASN G 327 -37.84 -15.08 53.26
C ASN G 327 -38.88 -14.10 53.77
N GLN G 328 -38.46 -12.85 53.97
CA GLN G 328 -39.29 -11.82 54.57
C GLN G 328 -40.07 -11.01 53.52
N MET G 329 -39.95 -11.35 52.25
CA MET G 329 -40.68 -10.64 51.21
C MET G 329 -42.17 -10.93 51.30
N THR G 330 -42.97 -10.01 50.77
CA THR G 330 -44.42 -10.15 50.83
C THR G 330 -44.88 -11.38 50.05
N VAL G 331 -46.08 -11.86 50.42
CA VAL G 331 -46.57 -13.12 49.87
C VAL G 331 -46.85 -12.98 48.37
N LYS G 332 -47.48 -11.89 47.95
CA LYS G 332 -47.88 -11.76 46.55
C LYS G 332 -46.68 -11.56 45.63
N GLU G 333 -45.70 -10.74 46.05
CA GLU G 333 -44.48 -10.60 45.25
C GLU G 333 -43.74 -11.92 45.15
N TRP G 334 -43.65 -12.65 46.26
CA TRP G 334 -42.98 -13.94 46.26
C TRP G 334 -43.69 -14.93 45.34
N GLU G 335 -45.02 -14.93 45.35
CA GLU G 335 -45.78 -15.85 44.52
C GLU G 335 -45.67 -15.47 43.05
N LYS G 336 -45.65 -14.17 42.74
CA LYS G 336 -45.43 -13.75 41.36
C LYS G 336 -44.06 -14.20 40.86
N VAL G 337 -43.04 -14.03 41.69
CA VAL G 337 -41.69 -14.48 41.32
C VAL G 337 -41.68 -15.98 41.11
N PHE G 338 -42.35 -16.73 42.00
CA PHE G 338 -42.43 -18.18 41.85
C PHE G 338 -43.11 -18.57 40.54
N GLU G 339 -44.25 -17.94 40.25
CA GLU G 339 -45.00 -18.28 39.05
C GLU G 339 -44.21 -17.98 37.80
N MET G 340 -43.57 -16.80 37.74
CA MET G 340 -42.80 -16.45 36.56
C MET G 340 -41.52 -17.27 36.47
N SER G 341 -41.04 -17.83 37.58
CA SER G 341 -39.90 -18.73 37.54
C SER G 341 -40.24 -20.06 36.90
N GLN G 342 -41.52 -20.43 36.85
CA GLN G 342 -41.95 -21.69 36.26
C GLN G 342 -42.37 -21.57 34.81
N ASP G 343 -42.27 -20.38 34.23
CA ASP G 343 -42.66 -20.20 32.83
C ASP G 343 -41.72 -20.97 31.92
N LYS G 344 -42.30 -21.72 30.97
CA LYS G 344 -41.48 -22.44 30.01
C LYS G 344 -40.92 -21.51 28.93
N ASN G 345 -41.64 -20.45 28.60
CA ASN G 345 -41.19 -19.45 27.65
C ASN G 345 -40.62 -18.21 28.33
N LEU G 346 -40.03 -18.39 29.51
CA LEU G 346 -39.51 -17.26 30.27
C LEU G 346 -38.40 -16.54 29.52
N TYR G 347 -37.53 -17.29 28.85
CA TYR G 347 -36.37 -16.68 28.19
C TYR G 347 -36.79 -15.73 27.07
N HIS G 348 -37.64 -16.20 26.17
CA HIS G 348 -38.10 -15.36 25.07
C HIS G 348 -38.97 -14.23 25.56
N ASN G 349 -39.82 -14.48 26.56
CA ASN G 349 -40.66 -13.41 27.10
C ASN G 349 -39.81 -12.30 27.71
N LEU G 350 -38.77 -12.66 28.46
CA LEU G 350 -37.86 -11.66 29.01
C LEU G 350 -37.14 -10.91 27.90
N CYS G 351 -36.69 -11.63 26.86
CA CYS G 351 -36.00 -10.97 25.76
C CYS G 351 -36.90 -9.96 25.07
N THR G 352 -38.17 -10.30 24.86
CA THR G 352 -39.09 -9.37 24.23
C THR G 352 -39.43 -8.20 25.14
N SER G 353 -39.67 -8.46 26.42
CA SER G 353 -40.09 -7.40 27.32
C SER G 353 -38.98 -6.41 27.61
N LEU G 354 -37.72 -6.87 27.65
CA LEU G 354 -36.62 -5.98 28.01
C LEU G 354 -36.38 -4.93 26.94
N PHE G 355 -36.67 -5.23 25.68
CA PHE G 355 -36.52 -4.29 24.57
C PHE G 355 -37.78 -4.29 23.74
N PRO G 356 -38.87 -3.71 24.27
CA PRO G 356 -40.14 -3.76 23.52
C PRO G 356 -40.12 -2.97 22.22
N THR G 357 -39.27 -1.95 22.11
CA THR G 357 -39.31 -1.04 20.97
C THR G 357 -38.22 -1.32 19.94
N ILE G 358 -37.45 -2.39 20.11
CA ILE G 358 -36.36 -2.72 19.21
C ILE G 358 -36.79 -3.90 18.34
N HIS G 359 -36.63 -3.75 17.03
CA HIS G 359 -37.06 -4.76 16.07
C HIS G 359 -35.88 -5.63 15.66
N GLY G 360 -36.06 -6.95 15.79
CA GLY G 360 -35.05 -7.88 15.36
C GLY G 360 -33.80 -7.86 16.24
N ASN G 361 -32.73 -8.45 15.70
CA ASN G 361 -31.43 -8.48 16.36
C ASN G 361 -31.52 -9.12 17.75
N ASP G 362 -32.36 -10.15 17.87
CA ASP G 362 -32.62 -10.77 19.16
C ASP G 362 -31.39 -11.45 19.76
N GLU G 363 -30.38 -11.77 18.94
CA GLU G 363 -29.16 -12.34 19.47
C GLU G 363 -28.46 -11.37 20.41
N VAL G 364 -28.43 -10.08 20.03
CA VAL G 364 -27.88 -9.06 20.91
C VAL G 364 -28.66 -8.99 22.20
N LYS G 365 -29.99 -9.10 22.11
CA LYS G 365 -30.82 -9.09 23.30
C LYS G 365 -30.47 -10.25 24.23
N ARG G 366 -30.30 -11.45 23.65
CA ARG G 366 -29.92 -12.60 24.47
C ARG G 366 -28.57 -12.39 25.11
N GLY G 367 -27.61 -11.85 24.36
CA GLY G 367 -26.28 -11.63 24.92
C GLY G 367 -26.28 -10.64 26.06
N VAL G 368 -26.99 -9.52 25.90
CA VAL G 368 -27.02 -8.53 26.96
C VAL G 368 -27.77 -9.06 28.17
N LEU G 369 -28.82 -9.85 27.96
CA LEU G 369 -29.50 -10.48 29.08
C LEU G 369 -28.56 -11.40 29.84
N LEU G 370 -27.78 -12.21 29.10
CA LEU G 370 -26.85 -13.12 29.75
C LEU G 370 -25.80 -12.36 30.55
N MET G 371 -25.25 -11.27 29.99
CA MET G 371 -24.25 -10.53 30.75
C MET G 371 -24.88 -9.82 31.94
N LEU G 372 -26.16 -9.48 31.86
CA LEU G 372 -26.86 -8.99 33.05
C LEU G 372 -26.93 -10.07 34.12
N PHE G 373 -27.24 -11.31 33.75
CA PHE G 373 -27.22 -12.40 34.72
C PHE G 373 -25.81 -12.65 35.23
N GLY G 374 -24.85 -12.81 34.32
CA GLY G 374 -23.47 -13.03 34.70
C GLY G 374 -23.19 -14.39 35.32
N GLY G 375 -21.93 -14.81 35.27
CA GLY G 375 -21.51 -16.08 35.82
C GLY G 375 -21.05 -15.96 37.27
N VAL G 376 -20.42 -17.02 37.75
CA VAL G 376 -19.91 -17.06 39.12
C VAL G 376 -18.41 -16.90 39.12
N PRO G 377 -17.85 -16.05 39.99
CA PRO G 377 -16.40 -15.96 40.11
C PRO G 377 -15.85 -17.09 40.98
N LYS G 378 -14.68 -17.59 40.61
CA LYS G 378 -14.01 -18.65 41.36
C LYS G 378 -12.58 -18.23 41.67
N THR G 379 -12.15 -18.54 42.88
CA THR G 379 -10.78 -18.30 43.32
C THR G 379 -10.09 -19.61 43.58
N THR G 380 -8.92 -19.82 42.96
CA THR G 380 -8.21 -21.06 43.10
C THR G 380 -7.47 -21.11 44.44
N GLY G 381 -7.06 -22.33 44.81
CA GLY G 381 -6.24 -22.51 46.00
C GLY G 381 -4.92 -21.77 45.94
N GLU G 382 -4.43 -21.51 44.73
CA GLU G 382 -3.26 -20.67 44.52
C GLU G 382 -3.56 -19.19 44.68
N GLY G 383 -4.78 -18.84 45.11
CA GLY G 383 -5.15 -17.46 45.31
C GLY G 383 -5.54 -16.71 44.05
N THR G 384 -5.48 -17.34 42.89
CA THR G 384 -5.82 -16.67 41.64
C THR G 384 -7.33 -16.63 41.47
N SER G 385 -7.84 -15.46 41.09
CA SER G 385 -9.28 -15.25 40.92
C SER G 385 -9.65 -15.40 39.46
N LEU G 386 -10.68 -16.19 39.19
CA LEU G 386 -11.20 -16.38 37.85
C LEU G 386 -12.41 -15.48 37.64
N ARG G 387 -12.40 -14.70 36.56
CA ARG G 387 -13.45 -13.72 36.33
C ARG G 387 -14.78 -14.43 36.10
N GLY G 388 -15.81 -13.98 36.83
CA GLY G 388 -17.14 -14.54 36.68
C GLY G 388 -18.09 -13.60 35.98
N ASP G 389 -17.56 -12.72 35.13
CA ASP G 389 -18.34 -11.72 34.43
C ASP G 389 -18.19 -11.91 32.93
N ILE G 390 -18.93 -11.10 32.16
CA ILE G 390 -18.99 -11.21 30.71
C ILE G 390 -18.77 -9.83 30.12
N ASN G 391 -17.94 -9.76 29.08
CA ASN G 391 -17.67 -8.53 28.35
C ASN G 391 -18.18 -8.68 26.93
N VAL G 392 -18.89 -7.67 26.43
CA VAL G 392 -19.59 -7.76 25.16
C VAL G 392 -19.16 -6.61 24.25
N CYS G 393 -18.90 -6.93 22.98
CA CYS G 393 -18.56 -5.93 21.97
C CYS G 393 -19.56 -5.99 20.84
N ILE G 394 -20.07 -4.82 20.45
CA ILE G 394 -20.95 -4.67 19.30
C ILE G 394 -20.25 -3.77 18.30
N VAL G 395 -20.06 -4.25 17.09
CA VAL G 395 -19.43 -3.49 16.02
C VAL G 395 -20.35 -3.56 14.81
N GLY G 396 -20.64 -2.42 14.21
CA GLY G 396 -21.58 -2.44 13.10
C GLY G 396 -21.55 -1.16 12.29
N ASP G 397 -22.10 -1.26 11.08
CA ASP G 397 -22.31 -0.13 10.20
C ASP G 397 -23.33 0.79 10.85
N PRO G 398 -23.36 2.08 10.49
CA PRO G 398 -24.23 3.02 11.20
C PRO G 398 -25.71 2.76 11.01
N SER G 399 -26.54 3.59 11.64
CA SER G 399 -28.00 3.55 11.54
C SER G 399 -28.57 2.31 12.22
N THR G 400 -27.72 1.46 12.76
CA THR G 400 -28.19 0.31 13.52
C THR G 400 -28.49 0.74 14.95
N ALA G 401 -28.79 -0.24 15.80
CA ALA G 401 -29.18 0.02 17.18
C ALA G 401 -27.99 0.02 18.13
N LYS G 402 -26.81 0.42 17.65
CA LYS G 402 -25.59 0.34 18.45
C LYS G 402 -25.74 1.04 19.80
N SER G 403 -26.33 2.24 19.81
CA SER G 403 -26.44 3.03 21.03
C SER G 403 -27.61 2.60 21.90
N GLN G 404 -28.80 2.46 21.30
CA GLN G 404 -30.04 2.24 22.04
C GLN G 404 -29.93 1.15 23.11
N PHE G 405 -29.19 0.08 22.83
CA PHE G 405 -28.98 -0.95 23.85
C PHE G 405 -28.25 -0.37 25.06
N LEU G 406 -27.27 0.50 24.83
CA LEU G 406 -26.56 1.13 25.94
C LEU G 406 -27.51 1.93 26.81
N LYS G 407 -28.38 2.73 26.17
CA LYS G 407 -29.32 3.53 26.93
C LYS G 407 -30.32 2.67 27.68
N HIS G 408 -30.80 1.59 27.05
CA HIS G 408 -31.76 0.72 27.71
C HIS G 408 -31.15 0.07 28.95
N VAL G 409 -29.92 -0.45 28.80
CA VAL G 409 -29.28 -1.10 29.94
C VAL G 409 -28.90 -0.09 31.02
N GLU G 410 -28.61 1.16 30.61
CA GLU G 410 -28.31 2.19 31.60
C GLU G 410 -29.53 2.56 32.40
N GLU G 411 -30.67 2.75 31.73
CA GLU G 411 -31.88 3.15 32.45
C GLU G 411 -32.46 1.99 33.26
N PHE G 412 -32.26 0.76 32.81
CA PHE G 412 -32.84 -0.37 33.53
C PHE G 412 -32.02 -0.70 34.77
N SER G 413 -30.73 -0.95 34.61
CA SER G 413 -29.89 -1.32 35.73
C SER G 413 -29.45 -0.06 36.49
N PRO G 414 -29.78 0.05 37.78
CA PRO G 414 -29.33 1.23 38.54
C PRO G 414 -27.82 1.31 38.71
N ARG G 415 -27.11 0.20 38.54
CA ARG G 415 -25.66 0.15 38.74
C ARG G 415 -24.90 0.27 37.43
N ALA G 416 -25.43 1.04 36.48
CA ALA G 416 -24.85 1.19 35.16
C ALA G 416 -24.20 2.55 35.02
N VAL G 417 -23.06 2.59 34.34
CA VAL G 417 -22.34 3.83 34.05
C VAL G 417 -22.16 3.93 32.56
N TYR G 418 -22.34 5.14 32.01
CA TYR G 418 -22.21 5.40 30.58
C TYR G 418 -21.07 6.36 30.33
N THR G 419 -20.37 6.17 29.21
CA THR G 419 -19.30 7.10 28.86
C THR G 419 -19.05 7.08 27.35
N SER G 420 -18.49 8.18 26.87
CA SER G 420 -18.09 8.33 25.48
C SER G 420 -16.62 7.96 25.30
N GLY G 421 -16.24 7.73 24.05
CA GLY G 421 -14.90 7.25 23.76
C GLY G 421 -13.78 8.26 23.89
N LYS G 422 -13.78 9.28 23.02
CA LYS G 422 -12.63 10.18 22.94
C LYS G 422 -12.56 11.11 24.15
N ALA G 423 -13.72 11.53 24.67
CA ALA G 423 -13.74 12.48 25.78
C ALA G 423 -13.15 11.91 27.06
N SER G 424 -12.97 10.60 27.15
CA SER G 424 -12.44 9.97 28.36
C SER G 424 -10.93 9.81 28.24
N SER G 425 -10.22 10.22 29.28
CA SER G 425 -8.77 10.08 29.33
C SER G 425 -8.38 8.81 30.07
N ALA G 426 -7.08 8.50 30.06
CA ALA G 426 -6.58 7.34 30.77
C ALA G 426 -6.82 7.46 32.27
N ALA G 427 -6.56 8.65 32.83
CA ALA G 427 -6.77 8.86 34.25
C ALA G 427 -8.24 8.75 34.63
N GLY G 428 -9.13 9.31 33.79
CA GLY G 428 -10.54 9.32 34.12
C GLY G 428 -11.19 7.95 34.08
N LEU G 429 -10.58 6.98 33.40
CA LEU G 429 -11.18 5.66 33.30
C LEU G 429 -10.91 4.82 34.55
N THR G 430 -9.64 4.63 34.89
CA THR G 430 -9.28 3.78 36.02
C THR G 430 -9.18 4.57 37.31
N ALA G 431 -8.27 5.54 37.36
CA ALA G 431 -8.06 6.39 38.54
C ALA G 431 -6.99 7.41 38.18
N ALA G 432 -6.85 8.42 39.04
CA ALA G 432 -5.83 9.45 38.88
C ALA G 432 -5.16 9.72 40.21
N VAL G 433 -3.95 10.26 40.15
CA VAL G 433 -3.20 10.65 41.34
C VAL G 433 -3.15 12.18 41.38
N VAL G 434 -3.77 12.76 42.40
CA VAL G 434 -3.88 14.20 42.53
C VAL G 434 -3.38 14.61 43.91
N ARG G 435 -2.71 15.75 43.97
CA ARG G 435 -2.23 16.27 45.25
C ARG G 435 -3.34 16.99 45.98
N ASP G 436 -3.54 16.62 47.25
CA ASP G 436 -4.57 17.23 48.08
C ASP G 436 -4.10 18.59 48.56
N GLU G 437 -4.98 19.59 48.47
CA GLU G 437 -4.60 20.96 48.78
C GLU G 437 -4.23 21.12 50.25
N GLU G 438 -5.09 20.63 51.14
CA GLU G 438 -4.87 20.85 52.57
C GLU G 438 -3.78 19.96 53.14
N SER G 439 -3.75 18.68 52.76
CA SER G 439 -2.81 17.74 53.36
C SER G 439 -1.41 17.84 52.79
N HIS G 440 -1.24 18.51 51.65
CA HIS G 440 0.06 18.64 50.98
C HIS G 440 0.68 17.27 50.70
N GLU G 441 -0.14 16.30 50.31
CA GLU G 441 0.31 14.98 49.95
C GLU G 441 -0.41 14.56 48.68
N PHE G 442 -0.26 13.29 48.30
CA PHE G 442 -0.86 12.76 47.08
C PHE G 442 -1.90 11.71 47.44
N VAL G 443 -3.09 11.83 46.85
CA VAL G 443 -4.18 10.89 47.04
C VAL G 443 -4.68 10.44 45.67
N ILE G 444 -5.65 9.54 45.69
CA ILE G 444 -6.18 8.91 44.48
C ILE G 444 -7.61 9.38 44.28
N GLU G 445 -7.89 9.91 43.09
CA GLU G 445 -9.25 10.26 42.69
C GLU G 445 -9.80 9.15 41.80
N ALA G 446 -11.01 8.70 42.12
CA ALA G 446 -11.57 7.51 41.50
C ALA G 446 -11.89 7.73 40.03
N GLY G 447 -11.76 6.66 39.25
CA GLY G 447 -12.17 6.66 37.86
C GLY G 447 -13.50 5.96 37.65
N ALA G 448 -13.95 5.97 36.39
CA ALA G 448 -15.26 5.41 36.08
C ALA G 448 -15.31 3.91 36.36
N LEU G 449 -14.24 3.19 36.02
CA LEU G 449 -14.24 1.74 36.17
C LEU G 449 -14.43 1.33 37.62
N MET G 450 -13.72 1.98 38.54
CA MET G 450 -13.84 1.61 39.94
C MET G 450 -15.15 2.11 40.56
N LEU G 451 -15.77 3.14 39.97
CA LEU G 451 -17.10 3.53 40.41
C LEU G 451 -18.16 2.56 39.92
N ALA G 452 -17.91 1.90 38.79
CA ALA G 452 -18.83 0.92 38.23
C ALA G 452 -18.65 -0.47 38.83
N ASP G 453 -18.05 -0.56 40.01
CA ASP G 453 -17.76 -1.85 40.63
C ASP G 453 -19.04 -2.66 40.82
N ASN G 454 -18.96 -3.94 40.47
CA ASN G 454 -20.10 -4.87 40.56
C ASN G 454 -21.30 -4.37 39.75
N GLY G 455 -21.03 -3.59 38.70
CA GLY G 455 -22.04 -3.08 37.82
C GLY G 455 -21.69 -3.33 36.37
N VAL G 456 -22.16 -2.45 35.50
CA VAL G 456 -21.88 -2.52 34.08
C VAL G 456 -21.44 -1.15 33.59
N CYS G 457 -20.38 -1.12 32.79
CA CYS G 457 -19.85 0.10 32.20
C CYS G 457 -20.01 0.04 30.69
N CYS G 458 -20.61 1.08 30.12
CA CYS G 458 -20.89 1.16 28.70
C CYS G 458 -19.99 2.22 28.06
N ILE G 459 -19.31 1.84 26.99
CA ILE G 459 -18.44 2.75 26.25
C ILE G 459 -18.98 2.91 24.84
N ASP G 460 -19.18 4.15 24.43
CA ASP G 460 -19.66 4.46 23.09
C ASP G 460 -18.50 4.97 22.25
N GLU G 461 -18.50 4.59 20.96
CA GLU G 461 -17.43 4.93 20.03
C GLU G 461 -16.07 4.50 20.58
N PHE G 462 -15.95 3.19 20.81
CA PHE G 462 -14.71 2.63 21.34
C PHE G 462 -13.54 2.76 20.36
N ASP G 463 -13.82 2.87 19.07
CA ASP G 463 -12.75 2.96 18.08
C ASP G 463 -11.97 4.26 18.21
N LYS G 464 -12.67 5.37 18.48
CA LYS G 464 -12.01 6.67 18.55
C LYS G 464 -11.06 6.79 19.73
N MET G 465 -11.13 5.88 20.70
CA MET G 465 -10.22 5.93 21.83
C MET G 465 -8.80 5.65 21.38
N ASP G 466 -7.85 6.37 21.97
CA ASP G 466 -6.45 6.16 21.65
C ASP G 466 -5.95 4.84 22.23
N VAL G 467 -4.89 4.32 21.63
CA VAL G 467 -4.28 3.07 22.12
C VAL G 467 -3.78 3.27 23.55
N ARG G 468 -3.30 4.48 23.86
CA ARG G 468 -2.80 4.77 25.20
C ARG G 468 -3.88 4.60 26.26
N ASP G 469 -5.15 4.73 25.88
CA ASP G 469 -6.25 4.52 26.82
C ASP G 469 -6.64 3.05 26.90
N GLN G 470 -6.68 2.37 25.76
CA GLN G 470 -7.04 0.95 25.76
C GLN G 470 -6.00 0.10 26.48
N VAL G 471 -4.72 0.46 26.37
CA VAL G 471 -3.70 -0.29 27.10
C VAL G 471 -3.90 -0.15 28.60
N ALA G 472 -4.38 1.02 29.06
CA ALA G 472 -4.74 1.18 30.46
C ALA G 472 -5.94 0.30 30.81
N ILE G 473 -6.92 0.21 29.89
CA ILE G 473 -8.08 -0.64 30.15
C ILE G 473 -7.68 -2.11 30.27
N HIS G 474 -6.65 -2.52 29.53
CA HIS G 474 -6.20 -3.91 29.47
C HIS G 474 -6.24 -4.65 30.80
N GLU G 475 -5.64 -4.05 31.84
CA GLU G 475 -5.54 -4.75 33.12
C GLU G 475 -6.93 -5.00 33.72
N ALA G 476 -7.77 -3.97 33.76
CA ALA G 476 -9.11 -4.14 34.31
C ALA G 476 -9.94 -5.10 33.47
N MET G 477 -9.62 -5.24 32.18
CA MET G 477 -10.37 -6.15 31.33
C MET G 477 -10.27 -7.59 31.84
N GLU G 478 -9.03 -8.06 32.07
CA GLU G 478 -8.80 -9.46 32.43
C GLU G 478 -8.58 -9.67 33.93
N GLN G 479 -7.58 -9.01 34.49
CA GLN G 479 -7.23 -9.27 35.88
C GLN G 479 -8.25 -8.72 36.86
N GLN G 480 -9.23 -7.95 36.39
CA GLN G 480 -10.35 -7.46 37.19
C GLN G 480 -9.92 -6.49 38.27
N THR G 481 -8.65 -6.08 38.26
CA THR G 481 -8.11 -5.13 39.22
C THR G 481 -7.23 -4.13 38.50
N ILE G 482 -7.00 -2.98 39.14
CA ILE G 482 -6.16 -1.92 38.60
C ILE G 482 -5.08 -1.59 39.61
N SER G 483 -3.83 -1.51 39.15
CA SER G 483 -2.70 -1.23 40.00
C SER G 483 -2.07 0.11 39.62
N ILE G 484 -1.74 0.90 40.62
CA ILE G 484 -1.13 2.22 40.43
C ILE G 484 0.19 2.25 41.20
N THR G 485 1.25 2.67 40.51
CA THR G 485 2.60 2.75 41.06
C THR G 485 3.23 4.10 40.71
N LYS G 486 2.50 5.18 40.94
CA LYS G 486 2.85 6.48 40.40
C LYS G 486 3.22 7.45 41.51
N ALA G 487 4.36 8.13 41.34
CA ALA G 487 4.76 9.26 42.18
C ALA G 487 4.75 8.91 43.66
N GLY G 488 5.37 7.78 44.00
CA GLY G 488 5.42 7.36 45.38
C GLY G 488 4.12 6.85 45.94
N VAL G 489 3.12 6.59 45.10
CA VAL G 489 1.84 6.06 45.52
C VAL G 489 1.69 4.67 44.93
N LYS G 490 1.54 3.67 45.79
CA LYS G 490 1.46 2.27 45.41
C LYS G 490 0.16 1.70 45.94
N ALA G 491 -0.69 1.20 45.05
CA ALA G 491 -1.97 0.67 45.47
C ALA G 491 -2.53 -0.28 44.42
N THR G 492 -3.46 -1.11 44.86
CA THR G 492 -4.25 -1.98 44.00
C THR G 492 -5.72 -1.83 44.37
N LEU G 493 -6.59 -1.79 43.36
CA LEU G 493 -8.00 -1.54 43.56
C LEU G 493 -8.81 -2.54 42.75
N ASN G 494 -9.98 -2.89 43.28
CA ASN G 494 -10.87 -3.82 42.61
C ASN G 494 -11.61 -3.12 41.47
N ALA G 495 -11.74 -3.81 40.34
CA ALA G 495 -12.41 -3.29 39.15
C ALA G 495 -13.38 -4.32 38.60
N ARG G 496 -14.17 -4.92 39.49
CA ARG G 496 -15.09 -5.98 39.11
C ARG G 496 -16.25 -5.41 38.30
N THR G 497 -16.04 -5.27 36.99
CA THR G 497 -17.01 -4.64 36.11
C THR G 497 -17.22 -5.48 34.86
N SER G 498 -18.37 -5.29 34.24
CA SER G 498 -18.68 -5.87 32.94
C SER G 498 -18.74 -4.76 31.90
N ILE G 499 -17.97 -4.91 30.82
CA ILE G 499 -17.78 -3.85 29.84
C ILE G 499 -18.61 -4.15 28.61
N LEU G 500 -19.42 -3.17 28.20
CA LEU G 500 -20.20 -3.23 26.98
C LEU G 500 -19.70 -2.13 26.05
N ALA G 501 -19.08 -2.52 24.94
CA ALA G 501 -18.44 -1.57 24.04
C ALA G 501 -19.18 -1.51 22.71
N ALA G 502 -19.30 -0.30 22.16
CA ALA G 502 -19.95 -0.08 20.88
C ALA G 502 -18.97 0.56 19.91
N ALA G 503 -18.98 0.11 18.66
CA ALA G 503 -18.03 0.60 17.68
C ALA G 503 -18.54 0.35 16.27
N ASN G 504 -17.90 1.01 15.31
CA ASN G 504 -18.14 0.84 13.89
C ASN G 504 -16.86 0.37 13.19
N PRO G 505 -16.98 -0.25 12.02
CA PRO G 505 -15.77 -0.69 11.30
C PRO G 505 -15.02 0.50 10.72
N ILE G 506 -13.89 0.18 10.09
CA ILE G 506 -13.04 1.21 9.51
C ILE G 506 -13.80 1.93 8.40
N SER G 507 -13.67 3.26 8.38
CA SER G 507 -14.30 4.16 7.43
C SER G 507 -15.83 4.19 7.55
N GLY G 508 -16.39 3.51 8.54
CA GLY G 508 -17.81 3.53 8.78
C GLY G 508 -18.63 2.55 7.95
N HIS G 509 -18.04 1.93 6.93
CA HIS G 509 -18.75 0.98 6.09
C HIS G 509 -17.95 -0.31 5.99
N TYR G 510 -18.64 -1.43 6.11
CA TYR G 510 -18.01 -2.74 5.94
C TYR G 510 -17.78 -2.97 4.45
N ASP G 511 -16.53 -2.86 4.02
CA ASP G 511 -16.16 -3.04 2.63
C ASP G 511 -15.92 -4.52 2.38
N ARG G 512 -16.79 -5.15 1.59
CA ARG G 512 -16.65 -6.57 1.28
C ARG G 512 -15.48 -6.86 0.36
N SER G 513 -14.92 -5.85 -0.30
CA SER G 513 -13.75 -6.05 -1.14
C SER G 513 -12.49 -6.34 -0.33
N LYS G 514 -12.53 -6.15 0.98
CA LYS G 514 -11.40 -6.40 1.85
C LYS G 514 -11.70 -7.55 2.79
N SER G 515 -10.65 -8.11 3.38
CA SER G 515 -10.81 -9.23 4.29
C SER G 515 -11.48 -8.78 5.58
N LEU G 516 -12.00 -9.76 6.32
CA LEU G 516 -12.65 -9.47 7.60
C LEU G 516 -11.68 -8.84 8.59
N LYS G 517 -10.46 -9.35 8.66
CA LYS G 517 -9.48 -8.80 9.59
C LYS G 517 -9.16 -7.35 9.26
N GLN G 518 -9.05 -7.02 7.97
CA GLN G 518 -8.76 -5.66 7.57
C GLN G 518 -9.90 -4.69 7.85
N ASN G 519 -11.08 -5.20 8.19
CA ASN G 519 -12.23 -4.34 8.45
C ASN G 519 -12.37 -3.90 9.90
N ILE G 520 -11.54 -4.43 10.80
CA ILE G 520 -11.58 -4.05 12.21
C ILE G 520 -10.19 -3.59 12.62
N ASN G 521 -10.09 -2.34 13.08
CA ASN G 521 -8.82 -1.77 13.55
C ASN G 521 -8.74 -1.88 15.07
N LEU G 522 -8.60 -3.11 15.55
CA LEU G 522 -8.45 -3.37 16.97
C LEU G 522 -7.29 -4.33 17.20
N SER G 523 -6.63 -4.16 18.35
CA SER G 523 -5.49 -5.00 18.69
C SER G 523 -5.94 -6.41 19.01
N ALA G 524 -5.01 -7.35 18.84
CA ALA G 524 -5.34 -8.77 19.03
C ALA G 524 -5.79 -9.11 20.44
N PRO G 525 -5.08 -8.70 21.51
CA PRO G 525 -5.59 -9.04 22.86
C PRO G 525 -6.95 -8.46 23.14
N ILE G 526 -7.24 -7.23 22.68
CA ILE G 526 -8.55 -6.64 22.88
C ILE G 526 -9.61 -7.47 22.19
N MET G 527 -9.34 -7.90 20.96
CA MET G 527 -10.25 -8.80 20.26
C MET G 527 -10.45 -10.10 21.04
N SER G 528 -9.38 -10.60 21.66
CA SER G 528 -9.46 -11.87 22.37
C SER G 528 -10.28 -11.77 23.65
N ARG G 529 -10.21 -10.64 24.35
CA ARG G 529 -10.75 -10.55 25.70
C ARG G 529 -12.24 -10.27 25.77
N PHE G 530 -12.93 -10.14 24.63
CA PHE G 530 -14.39 -10.04 24.64
C PHE G 530 -15.01 -11.42 24.48
N ASP G 531 -15.92 -11.76 25.39
CA ASP G 531 -16.59 -13.06 25.32
C ASP G 531 -17.48 -13.14 24.09
N LEU G 532 -18.34 -12.15 23.90
CA LEU G 532 -19.22 -12.07 22.75
C LEU G 532 -18.83 -10.90 21.87
N PHE G 533 -18.67 -11.17 20.58
CA PHE G 533 -18.27 -10.16 19.59
C PHE G 533 -19.28 -10.23 18.44
N PHE G 534 -20.19 -9.28 18.39
CA PHE G 534 -21.20 -9.25 17.34
C PHE G 534 -20.87 -8.20 16.30
N ILE G 535 -21.05 -8.57 15.02
CA ILE G 535 -20.84 -7.67 13.89
C ILE G 535 -22.15 -7.57 13.14
N LEU G 536 -22.63 -6.35 12.93
CA LEU G 536 -23.92 -6.10 12.30
C LEU G 536 -23.69 -5.52 10.91
N VAL G 537 -24.36 -6.10 9.92
CA VAL G 537 -24.27 -5.67 8.53
C VAL G 537 -25.66 -5.27 8.06
N ASP G 538 -25.75 -4.12 7.40
CA ASP G 538 -27.02 -3.57 6.94
C ASP G 538 -27.25 -3.95 5.49
N GLU G 539 -28.45 -4.42 5.18
CA GLU G 539 -28.83 -4.83 3.83
C GLU G 539 -30.15 -4.21 3.44
N CYS G 540 -30.36 -4.05 2.13
CA CYS G 540 -31.58 -3.44 1.60
C CYS G 540 -32.57 -4.55 1.26
N ASN G 541 -33.55 -4.75 2.13
CA ASN G 541 -34.62 -5.71 1.91
C ASN G 541 -35.96 -5.01 2.13
N GLU G 542 -36.90 -5.25 1.21
CA GLU G 542 -38.17 -4.53 1.26
C GLU G 542 -38.98 -4.88 2.51
N VAL G 543 -39.01 -6.16 2.90
CA VAL G 543 -39.81 -6.55 4.06
C VAL G 543 -39.22 -5.97 5.34
N THR G 544 -37.89 -5.99 5.47
CA THR G 544 -37.26 -5.37 6.64
C THR G 544 -37.51 -3.87 6.67
N ASP G 545 -37.45 -3.22 5.50
CA ASP G 545 -37.73 -1.80 5.44
C ASP G 545 -39.16 -1.49 5.88
N TYR G 546 -40.12 -2.28 5.40
CA TYR G 546 -41.51 -2.10 5.81
C TYR G 546 -41.68 -2.27 7.30
N ALA G 547 -41.08 -3.33 7.86
CA ALA G 547 -41.21 -3.58 9.30
C ALA G 547 -40.61 -2.44 10.11
N ILE G 548 -39.40 -2.00 9.73
CA ILE G 548 -38.74 -0.92 10.46
C ILE G 548 -39.56 0.36 10.38
N ALA G 549 -40.04 0.70 9.19
CA ALA G 549 -40.81 1.92 9.02
C ALA G 549 -42.09 1.88 9.83
N ARG G 550 -42.82 0.76 9.79
CA ARG G 550 -44.08 0.70 10.53
C ARG G 550 -43.84 0.75 12.03
N ARG G 551 -42.78 0.08 12.51
CA ARG G 551 -42.47 0.15 13.94
C ARG G 551 -42.14 1.58 14.36
N ILE G 552 -41.30 2.28 13.59
CA ILE G 552 -40.90 3.63 13.95
C ILE G 552 -42.11 4.56 13.95
N VAL G 553 -42.93 4.49 12.90
CA VAL G 553 -44.07 5.39 12.81
C VAL G 553 -45.11 5.07 13.89
N ASP G 554 -45.31 3.79 14.19
CA ASP G 554 -46.23 3.42 15.26
C ASP G 554 -45.74 3.96 16.60
N LEU G 555 -44.45 3.86 16.86
CA LEU G 555 -43.91 4.43 18.10
C LEU G 555 -44.08 5.95 18.13
N HIS G 556 -43.85 6.61 17.00
CA HIS G 556 -43.98 8.06 16.96
C HIS G 556 -45.43 8.52 17.16
N SER G 557 -46.39 7.78 16.63
CA SER G 557 -47.79 8.15 16.71
C SER G 557 -48.50 7.59 17.93
N ARG G 558 -48.28 6.31 18.24
CA ARG G 558 -48.93 5.63 19.36
C ARG G 558 -47.84 5.29 20.36
N ILE G 559 -47.59 6.22 21.29
CA ILE G 559 -46.43 6.11 22.16
C ILE G 559 -46.63 5.00 23.19
N GLU G 560 -47.76 4.98 23.87
CA GLU G 560 -47.98 4.07 24.99
C GLU G 560 -48.80 2.85 24.64
N GLU G 561 -49.83 2.99 23.79
CA GLU G 561 -50.69 1.86 23.46
C GLU G 561 -50.01 0.85 22.54
N SER G 562 -48.83 1.19 22.00
CA SER G 562 -48.08 0.27 21.15
C SER G 562 -47.00 -0.47 21.91
N ILE G 563 -47.16 -0.62 23.22
CA ILE G 563 -46.17 -1.30 24.06
C ILE G 563 -46.89 -2.43 24.79
N ASP G 564 -46.43 -3.65 24.60
CA ASP G 564 -46.97 -4.84 25.27
C ASP G 564 -45.80 -5.54 25.96
N ARG G 565 -45.72 -5.39 27.28
CA ARG G 565 -44.64 -5.96 28.07
C ARG G 565 -45.19 -7.16 28.85
N VAL G 566 -44.56 -8.32 28.66
CA VAL G 566 -45.03 -9.54 29.33
C VAL G 566 -44.86 -9.40 30.84
N TYR G 567 -43.75 -8.84 31.28
CA TYR G 567 -43.48 -8.68 32.70
C TYR G 567 -43.04 -7.25 32.98
N SER G 568 -43.35 -6.77 34.17
CA SER G 568 -42.98 -5.42 34.57
C SER G 568 -41.48 -5.30 34.77
N LEU G 569 -40.95 -4.11 34.50
CA LEU G 569 -39.52 -3.87 34.66
C LEU G 569 -39.08 -4.09 36.11
N ASP G 570 -39.89 -3.63 37.06
CA ASP G 570 -39.58 -3.87 38.46
C ASP G 570 -39.60 -5.36 38.78
N ASP G 571 -40.54 -6.11 38.19
CA ASP G 571 -40.57 -7.55 38.37
C ASP G 571 -39.30 -8.19 37.83
N ILE G 572 -38.84 -7.76 36.66
CA ILE G 572 -37.59 -8.26 36.10
C ILE G 572 -36.43 -7.97 37.04
N ARG G 573 -36.39 -6.76 37.60
CA ARG G 573 -35.32 -6.40 38.51
C ARG G 573 -35.33 -7.28 39.75
N ARG G 574 -36.51 -7.51 40.34
CA ARG G 574 -36.61 -8.35 41.52
C ARG G 574 -36.19 -9.78 41.21
N TYR G 575 -36.63 -10.32 40.07
CA TYR G 575 -36.26 -11.67 39.70
C TYR G 575 -34.76 -11.79 39.48
N LEU G 576 -34.15 -10.80 38.83
CA LEU G 576 -32.71 -10.84 38.61
C LEU G 576 -31.96 -10.78 39.93
N LEU G 577 -32.41 -9.92 40.85
CA LEU G 577 -31.77 -9.84 42.17
C LEU G 577 -31.87 -11.16 42.91
N PHE G 578 -33.04 -11.81 42.85
CA PHE G 578 -33.21 -13.10 43.51
C PHE G 578 -32.33 -14.16 42.86
N ALA G 579 -32.22 -14.14 41.53
CA ALA G 579 -31.50 -15.20 40.83
C ALA G 579 -29.98 -15.08 40.95
N ARG G 580 -29.46 -13.85 41.07
CA ARG G 580 -28.02 -13.67 41.03
C ARG G 580 -27.30 -14.33 42.21
N GLN G 581 -27.99 -14.63 43.29
CA GLN G 581 -27.31 -15.18 44.46
C GLN G 581 -27.11 -16.69 44.42
N PHE G 582 -27.77 -17.39 43.50
CA PHE G 582 -27.54 -18.82 43.36
C PHE G 582 -26.24 -19.11 42.62
N LYS G 583 -25.61 -20.23 42.98
CA LYS G 583 -24.34 -20.65 42.41
C LYS G 583 -24.47 -22.09 41.93
N PRO G 584 -24.85 -22.30 40.67
CA PRO G 584 -25.08 -23.66 40.18
C PRO G 584 -23.79 -24.47 40.09
N LYS G 585 -23.96 -25.79 40.20
CA LYS G 585 -22.87 -26.74 40.05
C LYS G 585 -22.87 -27.33 38.65
N ILE G 586 -21.69 -27.69 38.17
CA ILE G 586 -21.53 -28.27 36.84
C ILE G 586 -21.61 -29.79 36.94
N SER G 587 -22.46 -30.39 36.10
CA SER G 587 -22.62 -31.84 36.10
C SER G 587 -21.58 -32.50 35.21
N LYS G 588 -21.39 -33.80 35.45
CA LYS G 588 -20.43 -34.58 34.67
C LYS G 588 -20.85 -34.66 33.21
N GLU G 589 -22.15 -34.84 32.94
CA GLU G 589 -22.63 -34.84 31.57
C GLU G 589 -22.36 -33.50 30.90
N SER G 590 -22.65 -32.40 31.61
CA SER G 590 -22.27 -31.09 31.09
C SER G 590 -20.76 -30.99 30.90
N GLU G 591 -19.99 -31.62 31.79
CA GLU G 591 -18.53 -31.56 31.68
C GLU G 591 -18.05 -32.18 30.38
N ASP G 592 -18.45 -33.42 30.10
CA ASP G 592 -17.92 -34.06 28.90
C ASP G 592 -18.56 -33.48 27.64
N PHE G 593 -19.80 -33.00 27.72
CA PHE G 593 -20.39 -32.30 26.59
C PHE G 593 -19.59 -31.05 26.26
N ILE G 594 -19.20 -30.28 27.28
CA ILE G 594 -18.38 -29.09 27.04
C ILE G 594 -17.04 -29.48 26.46
N VAL G 595 -16.44 -30.56 26.97
CA VAL G 595 -15.14 -31.01 26.45
C VAL G 595 -15.24 -31.30 24.95
N GLU G 596 -16.25 -32.09 24.55
CA GLU G 596 -16.35 -32.46 23.14
C GLU G 596 -16.73 -31.27 22.27
N GLN G 597 -17.61 -30.39 22.78
CA GLN G 597 -17.98 -29.21 22.01
C GLN G 597 -16.78 -28.30 21.77
N TYR G 598 -15.96 -28.09 22.81
CA TYR G 598 -14.77 -27.27 22.65
C TYR G 598 -13.76 -27.94 21.73
N LYS G 599 -13.65 -29.26 21.82
CA LYS G 599 -12.84 -30.01 20.85
C LYS G 599 -13.24 -29.63 19.42
N HIS G 600 -14.52 -29.83 19.11
CA HIS G 600 -14.99 -29.57 17.74
C HIS G 600 -14.80 -28.10 17.36
N LEU G 601 -15.08 -27.18 18.28
CA LEU G 601 -15.00 -25.77 17.95
C LEU G 601 -13.56 -25.34 17.70
N ARG G 602 -12.63 -25.73 18.57
CA ARG G 602 -11.24 -25.32 18.41
C ARG G 602 -10.53 -26.05 17.29
N GLN G 603 -11.01 -27.24 16.90
CA GLN G 603 -10.40 -27.93 15.77
C GLN G 603 -10.62 -27.21 14.45
N ARG G 604 -11.51 -26.21 14.41
CA ARG G 604 -11.66 -25.37 13.23
C ARG G 604 -10.90 -24.07 13.41
N SER G 613 -8.54 -14.79 12.43
CA SER G 613 -8.45 -13.53 13.14
C SER G 613 -8.76 -13.72 14.62
N TRP G 614 -10.06 -13.83 14.94
CA TRP G 614 -10.50 -13.98 16.31
C TRP G 614 -10.26 -15.42 16.75
N ARG G 615 -8.99 -15.69 17.09
CA ARG G 615 -8.60 -17.03 17.49
C ARG G 615 -9.29 -17.45 18.77
N ILE G 616 -9.53 -18.75 18.88
CA ILE G 616 -10.23 -19.34 20.02
C ILE G 616 -9.21 -19.98 20.95
N THR G 617 -9.01 -19.37 22.12
CA THR G 617 -8.09 -19.86 23.12
C THR G 617 -8.86 -20.30 24.36
N VAL G 618 -8.12 -20.63 25.43
CA VAL G 618 -8.74 -21.06 26.68
C VAL G 618 -9.71 -20.02 27.19
N ARG G 619 -9.50 -18.75 26.83
CA ARG G 619 -10.40 -17.69 27.25
C ARG G 619 -11.82 -17.93 26.73
N GLN G 620 -11.93 -18.42 25.49
CA GLN G 620 -13.25 -18.76 24.96
C GLN G 620 -13.87 -19.93 25.71
N LEU G 621 -13.05 -20.89 26.14
CA LEU G 621 -13.58 -21.99 26.95
C LEU G 621 -14.14 -21.47 28.27
N GLU G 622 -13.42 -20.56 28.93
CA GLU G 622 -13.94 -19.98 30.16
C GLU G 622 -15.21 -19.18 29.89
N SER G 623 -15.27 -18.48 28.76
CA SER G 623 -16.49 -17.76 28.40
C SER G 623 -17.65 -18.72 28.21
N MET G 624 -17.40 -19.88 27.59
CA MET G 624 -18.44 -20.88 27.39
C MET G 624 -18.94 -21.40 28.73
N ILE G 625 -18.02 -21.66 29.67
CA ILE G 625 -18.43 -22.09 31.01
C ILE G 625 -19.27 -21.02 31.68
N ARG G 626 -18.85 -19.76 31.56
CA ARG G 626 -19.61 -18.66 32.15
C ARG G 626 -21.00 -18.57 31.56
N LEU G 627 -21.11 -18.74 30.24
CA LEU G 627 -22.41 -18.66 29.58
C LEU G 627 -23.32 -19.79 30.04
N SER G 628 -22.77 -21.00 30.17
CA SER G 628 -23.57 -22.11 30.68
C SER G 628 -24.06 -21.84 32.09
N GLU G 629 -23.18 -21.28 32.94
CA GLU G 629 -23.58 -20.96 34.30
C GLU G 629 -24.66 -19.87 34.31
N ALA G 630 -24.54 -18.90 33.40
CA ALA G 630 -25.57 -17.85 33.31
C ALA G 630 -26.91 -18.43 32.89
N MET G 631 -26.91 -19.35 31.92
CA MET G 631 -28.14 -20.04 31.56
C MET G 631 -28.72 -20.81 32.74
N ALA G 632 -27.86 -21.47 33.51
CA ALA G 632 -28.33 -22.21 34.68
C ALA G 632 -28.96 -21.28 35.71
N ARG G 633 -28.33 -20.14 35.97
CA ARG G 633 -28.89 -19.17 36.92
C ARG G 633 -30.19 -18.58 36.41
N MET G 634 -30.33 -18.41 35.09
CA MET G 634 -31.57 -17.86 34.55
C MET G 634 -32.76 -18.76 34.87
N HIS G 635 -32.56 -20.06 34.77
CA HIS G 635 -33.63 -21.04 34.96
C HIS G 635 -33.80 -21.46 36.41
N CYS G 636 -33.06 -20.84 37.33
CA CYS G 636 -33.13 -21.16 38.76
C CYS G 636 -32.87 -22.64 39.02
N CYS G 637 -31.88 -23.18 38.32
CA CYS G 637 -31.49 -24.58 38.47
C CYS G 637 -30.20 -24.67 39.27
N ASP G 638 -30.20 -25.52 40.30
CA ASP G 638 -29.03 -25.69 41.14
C ASP G 638 -27.89 -26.45 40.46
N GLU G 639 -28.15 -27.06 39.30
CA GLU G 639 -27.13 -27.79 38.56
C GLU G 639 -27.20 -27.39 37.09
N VAL G 640 -26.07 -27.53 36.40
CA VAL G 640 -25.95 -27.15 35.00
C VAL G 640 -26.27 -28.35 34.12
N GLN G 641 -27.08 -28.13 33.09
CA GLN G 641 -27.53 -29.18 32.18
C GLN G 641 -26.96 -28.95 30.78
N PRO G 642 -26.76 -30.03 30.01
CA PRO G 642 -26.18 -29.88 28.66
C PRO G 642 -26.99 -29.02 27.71
N LYS G 643 -28.29 -28.86 27.94
CA LYS G 643 -29.10 -28.00 27.08
C LYS G 643 -28.56 -26.58 27.06
N HIS G 644 -28.09 -26.09 28.22
CA HIS G 644 -27.50 -24.78 28.28
C HIS G 644 -26.24 -24.70 27.42
N VAL G 645 -25.43 -25.76 27.44
CA VAL G 645 -24.23 -25.81 26.61
C VAL G 645 -24.59 -25.74 25.13
N LYS G 646 -25.58 -26.53 24.72
CA LYS G 646 -26.01 -26.49 23.32
C LYS G 646 -26.53 -25.11 22.95
N GLU G 647 -27.26 -24.45 23.86
CA GLU G 647 -27.75 -23.11 23.60
C GLU G 647 -26.61 -22.12 23.41
N ALA G 648 -25.61 -22.17 24.29
CA ALA G 648 -24.52 -21.19 24.23
C ALA G 648 -23.59 -21.44 23.06
N PHE G 649 -23.52 -22.68 22.57
CA PHE G 649 -22.65 -22.99 21.44
C PHE G 649 -23.04 -22.19 20.20
N ARG G 650 -24.34 -22.10 19.92
CA ARG G 650 -24.81 -21.30 18.80
C ARG G 650 -24.39 -19.84 18.95
N LEU G 651 -24.66 -19.26 20.13
CA LEU G 651 -24.37 -17.84 20.34
C LEU G 651 -22.89 -17.55 20.19
N LEU G 652 -22.04 -18.47 20.64
CA LEU G 652 -20.61 -18.28 20.44
C LEU G 652 -20.24 -18.42 18.96
N ASN G 653 -20.96 -19.28 18.22
CA ASN G 653 -20.60 -19.50 16.83
C ASN G 653 -21.00 -18.37 15.88
N LYS G 654 -22.16 -17.75 16.11
CA LYS G 654 -22.84 -17.01 15.03
C LYS G 654 -21.99 -15.88 14.47
N SER G 655 -21.34 -15.10 15.33
CA SER G 655 -20.53 -13.96 14.89
C SER G 655 -21.34 -13.01 14.01
N ILE G 656 -20.97 -12.91 12.73
CA ILE G 656 -21.67 -12.01 11.81
C ILE G 656 -23.13 -12.43 11.70
N ILE G 657 -24.02 -11.45 11.84
CA ILE G 657 -25.46 -11.71 11.96
C ILE G 657 -26.22 -10.66 11.17
N ARG G 658 -27.23 -11.09 10.41
CA ARG G 658 -28.11 -10.19 9.70
C ARG G 658 -29.13 -9.56 10.65
N VAL G 659 -29.85 -8.57 10.14
CA VAL G 659 -30.95 -7.98 10.90
C VAL G 659 -32.08 -8.99 11.07
N GLU G 660 -32.50 -9.62 9.98
CA GLU G 660 -33.59 -10.59 10.00
C GLU G 660 -33.44 -11.53 8.82
N THR G 661 -33.70 -12.82 9.07
CA THR G 661 -33.67 -13.80 8.00
C THR G 661 -34.93 -13.69 7.14
N PRO G 662 -34.82 -13.90 5.84
CA PRO G 662 -36.00 -13.84 4.97
C PRO G 662 -36.89 -15.07 5.17
N ASP G 663 -38.15 -14.91 4.77
CA ASP G 663 -39.12 -15.98 4.91
C ASP G 663 -38.92 -17.05 3.85
N VAL G 664 -39.43 -18.25 4.15
CA VAL G 664 -39.37 -19.39 3.24
C VAL G 664 -40.79 -19.90 3.04
N ASN G 665 -41.18 -20.10 1.78
CA ASN G 665 -42.52 -20.57 1.47
C ASN G 665 -42.67 -22.05 1.80
N LEU G 713 -48.72 -18.28 3.87
CA LEU G 713 -48.04 -19.18 4.78
C LEU G 713 -46.53 -19.10 4.54
N ARG G 714 -45.79 -18.66 5.56
CA ARG G 714 -44.34 -18.57 5.48
C ARG G 714 -43.74 -19.02 6.80
N LEU G 715 -42.49 -19.47 6.74
CA LEU G 715 -41.80 -20.01 7.91
C LEU G 715 -40.35 -19.55 7.90
N GLY G 716 -39.81 -19.32 9.10
CA GLY G 716 -38.48 -18.76 9.23
C GLY G 716 -37.37 -19.78 9.00
N PHE G 717 -36.21 -19.26 8.60
CA PHE G 717 -35.09 -20.13 8.26
C PHE G 717 -34.61 -20.93 9.46
N SER G 718 -34.60 -20.30 10.64
CA SER G 718 -34.15 -20.99 11.84
C SER G 718 -35.07 -22.17 12.18
N GLU G 719 -36.38 -21.97 12.08
CA GLU G 719 -37.32 -23.05 12.34
C GLU G 719 -37.15 -24.17 11.31
N TYR G 720 -36.89 -23.80 10.05
CA TYR G 720 -36.66 -24.79 9.01
C TYR G 720 -35.45 -25.66 9.35
N CYS G 721 -34.35 -25.01 9.76
CA CYS G 721 -33.17 -25.77 10.17
C CYS G 721 -33.44 -26.63 11.39
N ARG G 722 -34.21 -26.11 12.34
CA ARG G 722 -34.53 -26.87 13.54
C ARG G 722 -35.31 -28.14 13.19
N ILE G 723 -36.32 -28.01 12.34
CA ILE G 723 -37.12 -29.17 11.94
C ILE G 723 -36.25 -30.18 11.19
N SER G 724 -35.41 -29.68 10.28
CA SER G 724 -34.53 -30.58 9.54
C SER G 724 -33.60 -31.32 10.48
N ASN G 725 -33.00 -30.62 11.44
CA ASN G 725 -32.10 -31.26 12.38
C ASN G 725 -32.83 -32.32 13.21
N LEU G 726 -34.03 -31.99 13.70
CA LEU G 726 -34.77 -32.94 14.52
C LEU G 726 -35.11 -34.20 13.73
N ILE G 727 -35.60 -34.03 12.50
CA ILE G 727 -36.01 -35.19 11.72
C ILE G 727 -34.80 -36.05 11.34
N VAL G 728 -33.69 -35.41 10.96
CA VAL G 728 -32.49 -36.16 10.62
C VAL G 728 -31.97 -36.91 11.84
N LEU G 729 -31.95 -36.26 13.00
CA LEU G 729 -31.46 -36.92 14.20
C LEU G 729 -32.32 -38.12 14.57
N HIS G 730 -33.65 -37.98 14.50
CA HIS G 730 -34.51 -39.10 14.83
C HIS G 730 -34.32 -40.27 13.86
N LEU G 731 -34.29 -39.97 12.55
CA LEU G 731 -34.13 -41.05 11.58
C LEU G 731 -32.77 -41.73 11.76
N ARG G 732 -31.73 -40.95 12.00
CA ARG G 732 -30.39 -41.51 12.16
C ARG G 732 -30.29 -42.34 13.43
N LYS G 733 -30.97 -41.91 14.50
CA LYS G 733 -31.00 -42.70 15.72
C LYS G 733 -31.74 -44.02 15.52
N VAL G 734 -32.90 -43.97 14.86
CA VAL G 734 -33.66 -45.20 14.60
C VAL G 734 -32.91 -46.12 13.66
N GLU G 735 -31.99 -45.58 12.85
CA GLU G 735 -31.20 -46.43 11.95
C GLU G 735 -30.50 -47.55 12.70
N GLU G 736 -30.00 -47.28 13.91
CA GLU G 736 -29.47 -48.34 14.75
C GLU G 736 -30.49 -48.73 15.82
N LEU G 743 -37.87 -45.52 8.52
CA LEU G 743 -39.19 -45.61 9.13
C LEU G 743 -40.29 -45.32 8.11
N LYS G 744 -41.48 -45.04 8.63
CA LYS G 744 -42.64 -44.72 7.81
C LYS G 744 -42.97 -43.24 7.94
N ARG G 745 -43.59 -42.68 6.90
CA ARG G 745 -43.96 -41.27 6.91
C ARG G 745 -44.96 -40.97 8.02
N SER G 746 -46.06 -41.74 8.06
CA SER G 746 -47.10 -41.49 9.05
C SER G 746 -46.59 -41.69 10.47
N GLU G 747 -45.78 -42.74 10.68
CA GLU G 747 -45.21 -42.98 12.00
C GLU G 747 -44.31 -41.82 12.43
N LEU G 748 -43.50 -41.31 11.52
CA LEU G 748 -42.61 -40.19 11.85
C LEU G 748 -43.40 -38.93 12.16
N VAL G 749 -44.45 -38.66 11.39
CA VAL G 749 -45.30 -37.50 11.69
C VAL G 749 -45.96 -37.66 13.05
N ASN G 750 -46.43 -38.87 13.36
CA ASN G 750 -47.04 -39.12 14.66
C ASN G 750 -46.04 -38.89 15.79
N TRP G 751 -44.80 -39.35 15.61
CA TRP G 751 -43.77 -39.08 16.60
C TRP G 751 -43.56 -37.58 16.78
N TYR G 752 -43.46 -36.85 15.68
CA TYR G 752 -43.21 -35.41 15.77
C TYR G 752 -44.33 -34.72 16.55
N LEU G 753 -45.58 -35.05 16.20
CA LEU G 753 -46.70 -34.43 16.91
C LEU G 753 -46.74 -34.85 18.37
N LYS G 754 -46.29 -36.06 18.68
CA LYS G 754 -46.17 -36.46 20.08
C LYS G 754 -45.11 -35.63 20.81
N GLU G 755 -44.00 -35.35 20.13
CA GLU G 755 -42.91 -34.61 20.75
C GLU G 755 -43.24 -33.13 20.95
N ILE G 756 -44.07 -32.57 20.07
CA ILE G 756 -44.39 -31.14 20.10
C ILE G 756 -45.69 -30.86 20.84
N GLU G 757 -46.25 -31.88 21.51
CA GLU G 757 -47.50 -31.70 22.24
C GLU G 757 -47.37 -30.67 23.36
N SER G 758 -46.16 -30.45 23.88
CA SER G 758 -45.95 -29.51 24.97
C SER G 758 -46.18 -28.05 24.57
N GLU G 759 -46.30 -27.76 23.27
CA GLU G 759 -46.46 -26.39 22.78
C GLU G 759 -47.83 -26.12 22.20
N ILE G 760 -48.43 -27.09 21.50
CA ILE G 760 -49.73 -26.89 20.89
C ILE G 760 -50.79 -26.79 21.98
N ASP G 761 -51.67 -25.79 21.86
CA ASP G 761 -52.74 -25.58 22.83
C ASP G 761 -54.13 -25.54 22.20
N SER G 762 -54.24 -25.68 20.88
CA SER G 762 -55.54 -25.59 20.22
C SER G 762 -55.55 -26.50 19.00
N GLU G 763 -56.76 -26.79 18.54
CA GLU G 763 -56.93 -27.61 17.34
C GLU G 763 -56.35 -26.93 16.11
N GLU G 764 -56.54 -25.62 16.00
CA GLU G 764 -56.01 -24.89 14.85
C GLU G 764 -54.49 -24.98 14.80
N GLU G 765 -53.82 -24.88 15.95
CA GLU G 765 -52.37 -25.02 15.96
C GLU G 765 -51.95 -26.43 15.56
N LEU G 766 -52.73 -27.44 15.97
CA LEU G 766 -52.39 -28.80 15.57
C LEU G 766 -52.50 -28.98 14.06
N ILE G 767 -53.59 -28.49 13.46
CA ILE G 767 -53.72 -28.65 12.02
C ILE G 767 -52.66 -27.82 11.29
N ASN G 768 -52.31 -26.65 11.83
CA ASN G 768 -51.22 -25.87 11.24
C ASN G 768 -49.91 -26.64 11.30
N LYS G 769 -49.62 -27.28 12.43
CA LYS G 769 -48.38 -28.04 12.56
C LYS G 769 -48.36 -29.22 11.60
N LYS G 770 -49.51 -29.89 11.44
CA LYS G 770 -49.58 -30.99 10.47
C LYS G 770 -49.31 -30.49 9.06
N ARG G 771 -49.92 -29.36 8.69
CA ARG G 771 -49.66 -28.76 7.38
C ARG G 771 -48.18 -28.46 7.21
N ILE G 772 -47.58 -27.84 8.22
CA ILE G 772 -46.17 -27.44 8.14
C ILE G 772 -45.27 -28.64 7.98
N ILE G 773 -45.49 -29.69 8.79
CA ILE G 773 -44.60 -30.84 8.72
C ILE G 773 -44.78 -31.59 7.41
N GLU G 774 -46.01 -31.70 6.90
CA GLU G 774 -46.20 -32.32 5.60
C GLU G 774 -45.47 -31.55 4.52
N LYS G 775 -45.61 -30.22 4.53
CA LYS G 775 -44.94 -29.41 3.52
C LYS G 775 -43.42 -29.53 3.62
N VAL G 776 -42.89 -29.51 4.85
CA VAL G 776 -41.45 -29.58 5.03
C VAL G 776 -40.90 -30.93 4.58
N ILE G 777 -41.58 -32.02 4.93
CA ILE G 777 -41.13 -33.34 4.51
C ILE G 777 -41.16 -33.45 2.99
N HIS G 778 -42.24 -32.96 2.36
CA HIS G 778 -42.29 -32.99 0.90
C HIS G 778 -41.17 -32.16 0.29
N ARG G 779 -40.92 -30.98 0.86
CA ARG G 779 -39.89 -30.09 0.32
C ARG G 779 -38.51 -30.70 0.44
N LEU G 780 -38.22 -31.34 1.57
CA LEU G 780 -36.95 -32.04 1.73
C LEU G 780 -36.83 -33.21 0.78
N THR G 781 -37.94 -33.93 0.55
CA THR G 781 -37.91 -35.07 -0.34
C THR G 781 -37.62 -34.66 -1.79
N HIS G 782 -38.26 -33.58 -2.25
CA HIS G 782 -38.24 -33.27 -3.67
C HIS G 782 -37.38 -32.08 -4.05
N TYR G 783 -36.87 -31.30 -3.10
CA TYR G 783 -36.04 -30.15 -3.44
C TYR G 783 -34.63 -30.24 -2.89
N ASP G 784 -34.48 -30.47 -1.58
CA ASP G 784 -33.15 -30.48 -0.98
C ASP G 784 -32.46 -31.84 -1.07
N HIS G 785 -33.17 -32.89 -1.50
CA HIS G 785 -32.64 -34.22 -1.70
C HIS G 785 -32.04 -34.84 -0.45
N VAL G 786 -32.29 -34.27 0.72
CA VAL G 786 -31.77 -34.85 1.95
C VAL G 786 -32.52 -36.11 2.33
N LEU G 787 -33.77 -36.26 1.88
CA LEU G 787 -34.59 -37.41 2.17
C LEU G 787 -34.91 -38.14 0.88
N ILE G 788 -34.74 -39.47 0.91
CA ILE G 788 -34.93 -40.31 -0.27
C ILE G 788 -36.10 -41.25 -0.02
N GLU G 789 -36.97 -41.37 -1.02
CA GLU G 789 -38.16 -42.20 -0.96
C GLU G 789 -37.85 -43.61 -1.44
N LEU G 790 -38.40 -44.59 -0.74
CA LEU G 790 -38.31 -46.00 -1.11
C LEU G 790 -39.70 -46.60 -1.15
N THR G 791 -40.01 -47.31 -2.24
CA THR G 791 -41.31 -47.94 -2.42
C THR G 791 -41.29 -49.36 -1.86
N GLU G 807 -49.04 -45.69 -0.05
CA GLU G 807 -49.58 -44.52 0.65
C GLU G 807 -48.68 -44.13 1.81
N ASP G 808 -47.83 -45.06 2.23
CA ASP G 808 -46.88 -44.84 3.33
C ASP G 808 -45.49 -45.25 2.84
N PRO G 809 -44.86 -44.41 2.02
CA PRO G 809 -43.53 -44.76 1.50
C PRO G 809 -42.48 -44.70 2.58
N TYR G 810 -41.45 -45.52 2.42
CA TYR G 810 -40.33 -45.50 3.35
C TYR G 810 -39.43 -44.30 3.08
N LEU G 811 -38.89 -43.71 4.14
CA LEU G 811 -38.03 -42.55 4.03
C LEU G 811 -36.66 -42.89 4.59
N VAL G 812 -35.61 -42.51 3.86
CA VAL G 812 -34.24 -42.73 4.31
C VAL G 812 -33.48 -41.42 4.18
N VAL G 813 -32.42 -41.29 4.98
CA VAL G 813 -31.59 -40.10 4.98
C VAL G 813 -30.51 -40.25 3.92
N ASN G 814 -30.29 -39.19 3.15
CA ASN G 814 -29.19 -39.17 2.20
C ASN G 814 -27.89 -39.36 2.97
N PRO G 815 -27.07 -40.37 2.63
CA PRO G 815 -25.93 -40.73 3.48
C PRO G 815 -24.83 -39.67 3.55
N ASN G 816 -25.01 -38.50 2.93
CA ASN G 816 -23.99 -37.46 2.94
C ASN G 816 -24.44 -36.21 3.68
N TYR G 817 -25.39 -36.34 4.60
CA TYR G 817 -25.79 -35.25 5.48
C TYR G 817 -25.23 -35.49 6.87
N LEU G 818 -24.56 -34.49 7.42
CA LEU G 818 -23.92 -34.62 8.73
C LEU G 818 -24.67 -33.85 9.81
N LEU H 319 -8.63 74.64 2.51
CA LEU H 319 -7.57 75.40 1.83
C LEU H 319 -7.96 76.86 1.65
N THR H 320 -6.98 77.68 1.33
CA THR H 320 -7.26 78.96 0.69
C THR H 320 -7.57 78.69 -0.78
N ARG H 321 -8.66 79.27 -1.28
CA ARG H 321 -9.16 78.91 -2.61
C ARG H 321 -8.12 79.20 -3.70
N GLU H 322 -7.25 80.18 -3.47
CA GLU H 322 -6.16 80.44 -4.41
C GLU H 322 -5.23 79.23 -4.50
N GLU H 323 -4.96 78.57 -3.37
CA GLU H 323 -4.16 77.35 -3.41
C GLU H 323 -4.88 76.23 -4.15
N LEU H 324 -6.20 76.16 -4.02
CA LEU H 324 -6.97 75.17 -4.79
C LEU H 324 -6.85 75.45 -6.28
N ARG H 325 -6.88 76.72 -6.67
CA ARG H 325 -6.61 77.07 -8.07
C ARG H 325 -5.19 76.68 -8.46
N GLN H 326 -4.23 76.90 -7.57
CA GLN H 326 -2.85 76.47 -7.81
C GLN H 326 -2.76 74.95 -7.93
N ILE H 327 -3.78 74.23 -7.47
CA ILE H 327 -3.86 72.79 -7.72
C ILE H 327 -4.58 72.49 -9.03
N ALA H 328 -5.45 73.39 -9.49
CA ALA H 328 -6.41 73.10 -10.57
C ALA H 328 -5.94 73.59 -11.93
N GLU H 329 -4.65 73.54 -12.23
CA GLU H 329 -4.18 73.82 -13.58
C GLU H 329 -4.52 72.66 -14.51
N GLU H 330 -4.10 72.78 -15.76
CA GLU H 330 -4.31 71.73 -16.73
C GLU H 330 -3.53 70.48 -16.36
N ASP H 331 -4.09 69.31 -16.69
CA ASP H 331 -3.51 68.01 -16.37
C ASP H 331 -3.27 67.85 -14.87
N PHE H 332 -4.16 68.44 -14.06
CA PHE H 332 -3.97 68.43 -12.61
C PHE H 332 -3.95 67.02 -12.04
N TYR H 333 -4.69 66.09 -12.66
CA TYR H 333 -4.67 64.71 -12.19
C TYR H 333 -3.28 64.10 -12.31
N GLU H 334 -2.61 64.34 -13.44
CA GLU H 334 -1.26 63.82 -13.63
C GLU H 334 -0.29 64.46 -12.65
N LYS H 335 -0.40 65.76 -12.42
CA LYS H 335 0.49 66.43 -11.47
C LYS H 335 0.28 65.89 -10.06
N LEU H 336 -0.98 65.68 -9.65
CA LEU H 336 -1.25 65.13 -8.33
C LEU H 336 -0.71 63.71 -8.21
N ALA H 337 -0.88 62.89 -9.26
CA ALA H 337 -0.35 61.54 -9.23
C ALA H 337 1.17 61.53 -9.11
N ALA H 338 1.84 62.41 -9.87
CA ALA H 338 3.30 62.44 -9.84
C ALA H 338 3.83 63.05 -8.54
N SER H 339 3.05 63.91 -7.89
CA SER H 339 3.50 64.57 -6.67
C SER H 339 3.70 63.59 -5.53
N ILE H 340 3.08 62.41 -5.58
CA ILE H 340 3.25 61.41 -4.54
C ILE H 340 4.51 60.60 -4.84
N ALA H 341 5.49 60.69 -3.95
CA ALA H 341 6.78 60.01 -4.09
C ALA H 341 7.43 60.28 -5.45
N PRO H 342 7.74 61.54 -5.77
CA PRO H 342 8.41 61.82 -7.05
C PRO H 342 9.85 61.32 -7.10
N GLU H 343 10.45 61.00 -5.96
CA GLU H 343 11.84 60.56 -5.93
C GLU H 343 12.04 59.19 -6.57
N ILE H 344 10.97 58.42 -6.72
CA ILE H 344 11.04 57.09 -7.32
C ILE H 344 10.52 57.19 -8.76
N TYR H 345 11.39 56.89 -9.72
CA TYR H 345 11.06 57.07 -11.12
C TYR H 345 10.01 56.05 -11.58
N GLY H 346 9.09 56.50 -12.41
CA GLY H 346 8.07 55.63 -12.97
C GLY H 346 6.99 55.27 -11.96
N HIS H 347 6.32 54.16 -12.26
CA HIS H 347 5.23 53.62 -11.42
C HIS H 347 4.13 54.65 -11.20
N GLU H 348 3.72 55.32 -12.28
CA GLU H 348 2.65 56.30 -12.19
C GLU H 348 1.31 55.63 -11.86
N ASP H 349 1.11 54.39 -12.31
CA ASP H 349 -0.12 53.68 -12.00
C ASP H 349 -0.23 53.40 -10.50
N VAL H 350 0.88 52.99 -9.88
CA VAL H 350 0.88 52.77 -8.44
C VAL H 350 0.66 54.08 -7.70
N LYS H 351 1.20 55.18 -8.24
CA LYS H 351 0.97 56.50 -7.64
C LYS H 351 -0.51 56.87 -7.70
N LYS H 352 -1.16 56.61 -8.84
CA LYS H 352 -2.60 56.87 -8.94
C LYS H 352 -3.38 55.99 -7.97
N ALA H 353 -2.99 54.73 -7.82
CA ALA H 353 -3.66 53.85 -6.88
C ALA H 353 -3.53 54.35 -5.45
N LEU H 354 -2.33 54.81 -5.08
CA LEU H 354 -2.13 55.36 -3.74
C LEU H 354 -2.92 56.65 -3.55
N LEU H 355 -3.00 57.48 -4.58
CA LEU H 355 -3.79 58.71 -4.49
C LEU H 355 -5.27 58.39 -4.27
N LEU H 356 -5.79 57.41 -5.00
CA LEU H 356 -7.18 57.01 -4.80
C LEU H 356 -7.39 56.38 -3.43
N LEU H 357 -6.40 55.64 -2.93
CA LEU H 357 -6.48 55.14 -1.56
C LEU H 357 -6.55 56.29 -0.56
N LEU H 358 -5.75 57.32 -0.78
CA LEU H 358 -5.81 58.50 0.08
C LEU H 358 -7.18 59.16 0.02
N VAL H 359 -7.75 59.28 -1.19
CA VAL H 359 -9.08 59.86 -1.32
C VAL H 359 -10.13 58.92 -0.75
N GLY H 360 -10.20 57.70 -1.27
CA GLY H 360 -11.13 56.71 -0.79
C GLY H 360 -12.52 56.87 -1.38
N GLY H 361 -13.29 55.80 -1.30
CA GLY H 361 -14.65 55.79 -1.81
C GLY H 361 -15.64 56.37 -0.83
N VAL H 362 -16.91 56.01 -1.02
CA VAL H 362 -17.99 56.48 -0.16
C VAL H 362 -18.50 55.31 0.67
N ASP H 363 -19.04 55.64 1.84
CA ASP H 363 -19.59 54.65 2.75
C ASP H 363 -21.11 54.81 2.81
N GLN H 364 -21.82 53.71 2.57
CA GLN H 364 -23.28 53.70 2.58
C GLN H 364 -23.77 52.50 3.37
N SER H 365 -24.98 52.63 3.92
CA SER H 365 -25.63 51.56 4.68
C SER H 365 -27.04 51.37 4.14
N PRO H 366 -27.18 50.82 2.93
CA PRO H 366 -28.52 50.68 2.34
C PRO H 366 -29.21 49.37 2.70
N ARG H 367 -30.47 49.47 3.14
CA ARG H 367 -31.32 48.31 3.40
C ARG H 367 -30.70 47.34 4.41
N GLY H 368 -30.13 47.88 5.48
CA GLY H 368 -29.71 47.09 6.61
C GLY H 368 -28.31 46.52 6.53
N MET H 369 -27.62 46.67 5.41
CA MET H 369 -26.25 46.18 5.27
C MET H 369 -25.29 47.36 5.11
N LYS H 370 -24.06 47.17 5.58
CA LYS H 370 -23.03 48.18 5.50
C LYS H 370 -22.01 47.81 4.43
N ILE H 371 -21.74 48.75 3.52
CA ILE H 371 -20.75 48.56 2.47
C ILE H 371 -19.52 49.39 2.80
N ARG H 372 -18.38 48.96 2.28
CA ARG H 372 -17.12 49.63 2.51
C ARG H 372 -16.78 50.57 1.36
N GLY H 373 -16.13 51.68 1.70
CA GLY H 373 -15.60 52.58 0.71
C GLY H 373 -14.10 52.65 0.79
N ASN H 374 -13.54 51.99 1.81
CA ASN H 374 -12.10 51.96 2.00
C ASN H 374 -11.42 51.19 0.87
N ILE H 375 -10.27 51.69 0.44
CA ILE H 375 -9.49 51.08 -0.63
C ILE H 375 -8.27 50.43 -0.01
N ASN H 376 -8.17 49.10 -0.15
CA ASN H 376 -7.06 48.33 0.39
C ASN H 376 -6.25 47.77 -0.77
N ILE H 377 -4.96 48.09 -0.79
CA ILE H 377 -4.10 47.78 -1.93
C ILE H 377 -2.95 46.91 -1.45
N CYS H 378 -2.64 45.86 -2.21
CA CYS H 378 -1.52 44.98 -1.93
C CYS H 378 -0.49 45.13 -3.06
N LEU H 379 0.72 45.54 -2.69
CA LEU H 379 1.82 45.71 -3.62
C LEU H 379 2.84 44.63 -3.35
N MET H 380 3.14 43.81 -4.35
CA MET H 380 4.11 42.73 -4.19
C MET H 380 5.17 42.81 -5.27
N GLY H 381 6.41 42.56 -4.86
CA GLY H 381 7.52 42.64 -5.80
C GLY H 381 8.80 42.09 -5.21
N ASP H 382 9.78 41.90 -6.09
CA ASP H 382 11.10 41.47 -5.66
C ASP H 382 11.75 42.55 -4.81
N PRO H 383 12.62 42.17 -3.86
CA PRO H 383 13.27 43.18 -3.03
C PRO H 383 14.11 44.13 -3.88
N GLY H 384 14.09 45.41 -3.49
CA GLY H 384 14.80 46.44 -4.22
C GLY H 384 13.98 47.25 -5.18
N VAL H 385 12.66 47.10 -5.18
CA VAL H 385 11.79 47.88 -6.05
C VAL H 385 11.19 49.09 -5.31
N ALA H 386 11.80 49.48 -4.19
CA ALA H 386 11.45 50.70 -3.47
C ALA H 386 10.02 50.67 -2.93
N LYS H 387 9.61 49.50 -2.42
CA LYS H 387 8.31 49.41 -1.76
C LYS H 387 8.34 50.07 -0.39
N SER H 388 9.43 49.86 0.36
CA SER H 388 9.52 50.41 1.71
C SER H 388 9.55 51.93 1.70
N GLN H 389 10.24 52.53 0.72
CA GLN H 389 10.26 53.98 0.61
C GLN H 389 8.88 54.53 0.25
N LEU H 390 8.15 53.85 -0.63
CA LEU H 390 6.77 54.26 -0.91
C LEU H 390 5.91 54.18 0.34
N LEU H 391 6.07 53.11 1.13
CA LEU H 391 5.30 52.98 2.36
C LEU H 391 5.65 54.07 3.36
N SER H 392 6.94 54.40 3.48
CA SER H 392 7.33 55.48 4.38
C SER H 392 6.77 56.82 3.92
N TYR H 393 6.80 57.08 2.61
CA TYR H 393 6.26 58.34 2.10
C TYR H 393 4.75 58.43 2.34
N ILE H 394 4.02 57.34 2.11
CA ILE H 394 2.57 57.38 2.32
C ILE H 394 2.24 57.46 3.80
N ASP H 395 3.09 56.88 4.66
CA ASP H 395 2.93 57.06 6.10
C ASP H 395 3.13 58.52 6.49
N ARG H 396 4.13 59.18 5.90
CA ARG H 396 4.35 60.59 6.19
C ARG H 396 3.20 61.45 5.69
N LEU H 397 2.71 61.19 4.48
CA LEU H 397 1.74 62.08 3.85
C LEU H 397 0.34 61.93 4.43
N ALA H 398 -0.06 60.70 4.76
CA ALA H 398 -1.42 60.48 5.25
C ALA H 398 -1.60 61.17 6.60
N PRO H 399 -2.76 61.81 6.83
CA PRO H 399 -2.98 62.45 8.14
C PRO H 399 -2.96 61.46 9.29
N ARG H 400 -3.77 60.41 9.21
CA ARG H 400 -3.75 59.31 10.17
C ARG H 400 -3.12 58.12 9.46
N SER H 401 -1.89 57.78 9.84
CA SER H 401 -1.16 56.69 9.20
C SER H 401 -0.40 55.91 10.26
N GLN H 402 -0.44 54.58 10.14
CA GLN H 402 0.26 53.69 11.06
C GLN H 402 1.13 52.76 10.24
N TYR H 403 2.45 52.88 10.39
CA TYR H 403 3.42 52.09 9.64
C TYR H 403 3.93 50.96 10.54
N THR H 404 3.77 49.72 10.07
CA THR H 404 4.13 48.55 10.85
C THR H 404 4.70 47.45 9.96
N THR H 405 5.42 46.54 10.60
CA THR H 405 6.07 45.41 9.93
C THR H 405 5.37 44.11 10.29
N GLY H 406 5.83 43.03 9.65
CA GLY H 406 5.31 41.72 9.93
C GLY H 406 5.47 41.32 11.38
N ARG H 407 6.72 41.13 11.82
CA ARG H 407 6.96 40.76 13.21
C ARG H 407 6.53 41.87 14.17
N GLY H 408 6.85 43.11 13.84
CA GLY H 408 6.76 44.21 14.79
C GLY H 408 5.39 44.47 15.36
N SER H 409 4.37 43.74 14.90
CA SER H 409 3.03 43.89 15.41
C SER H 409 2.34 42.53 15.52
N ALA H 433 -2.48 48.39 16.47
CA ALA H 433 -2.07 49.21 15.34
C ALA H 433 -3.27 49.50 14.42
N LEU H 434 -4.10 48.48 14.21
CA LEU H 434 -5.28 48.64 13.36
C LEU H 434 -6.26 49.64 13.98
N VAL H 435 -6.45 49.57 15.30
CA VAL H 435 -7.36 50.50 15.96
C VAL H 435 -6.77 51.91 15.94
N LEU H 436 -5.46 52.03 16.12
CA LEU H 436 -4.82 53.34 16.17
C LEU H 436 -4.97 54.11 14.86
N ALA H 437 -5.12 53.40 13.74
CA ALA H 437 -5.25 54.02 12.43
C ALA H 437 -6.70 54.13 11.98
N ASP H 438 -7.62 54.27 12.92
CA ASP H 438 -9.03 54.42 12.56
C ASP H 438 -9.24 55.70 11.76
N GLN H 439 -10.05 55.60 10.72
CA GLN H 439 -10.27 56.70 9.77
C GLN H 439 -8.95 57.19 9.18
N GLY H 440 -8.06 56.25 8.91
CA GLY H 440 -6.74 56.56 8.37
C GLY H 440 -6.24 55.46 7.48
N VAL H 441 -4.91 55.32 7.40
CA VAL H 441 -4.26 54.35 6.55
C VAL H 441 -3.30 53.51 7.39
N CYS H 442 -3.45 52.18 7.31
CA CYS H 442 -2.54 51.26 7.96
C CYS H 442 -1.62 50.67 6.89
N CYS H 443 -0.36 51.11 6.91
CA CYS H 443 0.65 50.63 5.97
C CYS H 443 1.47 49.53 6.66
N ILE H 444 1.39 48.32 6.13
CA ILE H 444 2.04 47.15 6.72
C ILE H 444 2.95 46.53 5.67
N ASP H 445 4.20 46.27 6.04
CA ASP H 445 5.14 45.64 5.14
C ASP H 445 5.57 44.28 5.69
N GLU H 446 6.22 43.49 4.83
CA GLU H 446 6.56 42.10 5.12
C GLU H 446 5.31 41.31 5.50
N PHE H 447 4.24 41.50 4.72
CA PHE H 447 3.01 40.76 4.95
C PHE H 447 3.21 39.26 4.77
N ASP H 448 3.99 38.87 3.76
CA ASP H 448 4.25 37.47 3.51
C ASP H 448 5.09 36.81 4.60
N LYS H 449 5.68 37.59 5.50
CA LYS H 449 6.56 37.09 6.55
C LYS H 449 5.88 37.11 7.91
N MET H 450 4.58 36.79 7.95
CA MET H 450 3.81 36.77 9.18
C MET H 450 3.06 35.45 9.29
N ALA H 451 2.81 35.03 10.54
CA ALA H 451 2.09 33.80 10.80
C ALA H 451 0.64 33.92 10.37
N GLU H 452 0.03 32.76 10.07
CA GLU H 452 -1.34 32.73 9.61
C GLU H 452 -2.35 33.09 10.70
N ALA H 453 -1.95 33.00 11.98
CA ALA H 453 -2.89 33.30 13.06
C ALA H 453 -3.33 34.75 13.01
N ASP H 454 -2.39 35.68 12.80
CA ASP H 454 -2.75 37.09 12.67
C ASP H 454 -3.50 37.31 11.35
N ARG H 455 -3.09 36.60 10.30
CA ARG H 455 -3.78 36.69 9.01
C ARG H 455 -5.26 36.38 9.14
N THR H 456 -5.61 35.39 9.98
CA THR H 456 -7.01 35.04 10.16
C THR H 456 -7.81 36.21 10.73
N ALA H 457 -7.26 36.91 11.72
CA ALA H 457 -7.93 38.09 12.26
C ALA H 457 -7.95 39.24 11.27
N ILE H 458 -6.99 39.28 10.34
CA ILE H 458 -6.98 40.35 9.33
C ILE H 458 -8.22 40.26 8.43
N HIS H 459 -8.76 39.06 8.22
CA HIS H 459 -9.89 38.91 7.31
C HIS H 459 -11.12 39.64 7.81
N GLU H 460 -11.40 39.57 9.11
CA GLU H 460 -12.56 40.29 9.66
C GLU H 460 -12.39 41.79 9.50
N VAL H 461 -11.18 42.30 9.75
CA VAL H 461 -10.91 43.72 9.58
C VAL H 461 -11.12 44.13 8.13
N MET H 462 -10.65 43.30 7.20
CA MET H 462 -10.84 43.61 5.78
C MET H 462 -12.31 43.61 5.38
N GLU H 463 -13.06 42.61 5.86
CA GLU H 463 -14.44 42.43 5.40
C GLU H 463 -15.42 43.41 6.05
N GLN H 464 -15.23 43.74 7.32
CA GLN H 464 -16.22 44.53 8.04
C GLN H 464 -15.66 45.79 8.68
N GLN H 465 -14.36 46.04 8.60
CA GLN H 465 -13.73 47.21 9.22
C GLN H 465 -14.01 47.28 10.71
N THR H 466 -14.13 46.12 11.35
CA THR H 466 -14.43 46.04 12.78
C THR H 466 -13.58 44.94 13.40
N ILE H 467 -13.34 45.08 14.70
CA ILE H 467 -12.59 44.08 15.46
C ILE H 467 -13.43 43.58 16.63
N LEU H 478 -14.85 46.54 18.44
CA LEU H 478 -14.26 47.84 18.10
C LEU H 478 -14.26 48.05 16.59
N ASN H 479 -14.19 49.31 16.17
CA ASN H 479 -14.18 49.65 14.76
C ASN H 479 -12.75 49.76 14.25
N ALA H 480 -12.52 49.24 13.05
CA ALA H 480 -11.22 49.28 12.39
C ALA H 480 -11.36 49.87 10.98
N ARG H 481 -12.10 50.96 10.87
CA ARG H 481 -12.36 51.60 9.58
C ARG H 481 -11.08 52.24 9.08
N CYS H 482 -10.24 51.43 8.44
CA CYS H 482 -8.95 51.88 7.96
C CYS H 482 -8.68 51.31 6.58
N SER H 483 -7.85 52.02 5.81
CA SER H 483 -7.43 51.57 4.51
C SER H 483 -6.12 50.81 4.65
N ILE H 484 -6.13 49.52 4.27
CA ILE H 484 -4.97 48.65 4.45
C ILE H 484 -4.10 48.71 3.20
N LEU H 485 -2.83 49.03 3.39
CA LEU H 485 -1.84 49.03 2.31
C LEU H 485 -0.76 48.02 2.69
N ALA H 486 -0.78 46.86 2.02
CA ALA H 486 0.10 45.75 2.35
C ALA H 486 1.23 45.65 1.33
N ALA H 487 2.40 45.25 1.81
CA ALA H 487 3.56 45.02 0.97
C ALA H 487 4.01 43.57 1.10
N ALA H 488 4.42 42.98 -0.03
CA ALA H 488 4.75 41.56 -0.05
C ALA H 488 5.90 41.31 -1.02
N ASN H 489 6.58 40.18 -0.79
CA ASN H 489 7.73 39.74 -1.56
C ASN H 489 7.51 38.28 -1.95
N PRO H 490 8.17 37.83 -3.03
CA PRO H 490 8.05 36.42 -3.41
C PRO H 490 8.72 35.51 -2.40
N ALA H 491 8.25 34.26 -2.37
CA ALA H 491 8.76 33.31 -1.39
C ALA H 491 10.23 33.01 -1.59
N TYR H 492 10.66 32.86 -2.85
CA TYR H 492 12.04 32.52 -3.15
C TYR H 492 12.94 33.73 -3.34
N GLY H 493 12.40 34.94 -3.18
CA GLY H 493 13.14 36.16 -3.44
C GLY H 493 13.01 36.68 -4.85
N ARG H 494 12.55 35.86 -5.79
CA ARG H 494 12.29 36.27 -7.16
C ARG H 494 10.92 35.76 -7.57
N TYR H 495 10.15 36.61 -8.24
CA TYR H 495 8.83 36.21 -8.73
C TYR H 495 8.99 35.26 -9.90
N ASN H 496 8.36 34.09 -9.81
CA ASN H 496 8.43 33.09 -10.86
C ASN H 496 7.11 33.07 -11.63
N PRO H 497 7.06 33.54 -12.87
CA PRO H 497 5.81 33.51 -13.63
C PRO H 497 5.31 32.10 -13.91
N ARG H 498 6.19 31.10 -13.88
CA ARG H 498 5.75 29.72 -14.10
C ARG H 498 4.79 29.26 -13.01
N ARG H 499 5.12 29.55 -11.74
CA ARG H 499 4.28 29.14 -10.64
C ARG H 499 3.03 30.01 -10.57
N SER H 500 1.99 29.46 -9.96
CA SER H 500 0.73 30.19 -9.82
C SER H 500 0.90 31.36 -8.86
N LEU H 501 -0.02 32.32 -8.95
CA LEU H 501 0.07 33.54 -8.14
C LEU H 501 -0.03 33.20 -6.66
N GLU H 502 -0.95 32.31 -6.29
CA GLU H 502 -1.12 31.97 -4.87
C GLU H 502 0.13 31.32 -4.31
N GLN H 503 0.76 30.42 -5.08
CA GLN H 503 1.98 29.77 -4.61
C GLN H 503 3.11 30.76 -4.47
N ASN H 504 3.25 31.69 -5.43
CA ASN H 504 4.28 32.71 -5.34
C ASN H 504 4.04 33.69 -4.20
N ILE H 505 2.78 33.84 -3.77
CA ILE H 505 2.44 34.76 -2.67
C ILE H 505 2.27 34.03 -1.34
N GLN H 506 2.15 32.70 -1.36
CA GLN H 506 1.85 31.85 -0.21
C GLN H 506 0.79 32.46 0.70
N LEU H 507 -0.27 32.99 0.10
CA LEU H 507 -1.42 33.51 0.80
C LEU H 507 -2.70 32.93 0.21
N PRO H 508 -3.77 32.83 1.00
CA PRO H 508 -5.02 32.28 0.47
C PRO H 508 -5.64 33.17 -0.59
N ALA H 509 -6.42 32.55 -1.48
CA ALA H 509 -7.06 33.28 -2.55
C ALA H 509 -8.08 34.29 -2.02
N ALA H 510 -8.76 33.94 -0.93
CA ALA H 510 -9.75 34.84 -0.35
C ALA H 510 -9.10 36.13 0.16
N LEU H 511 -7.93 36.01 0.80
CA LEU H 511 -7.24 37.18 1.30
C LEU H 511 -6.86 38.13 0.16
N LEU H 512 -6.36 37.58 -0.95
CA LEU H 512 -6.03 38.40 -2.10
C LEU H 512 -7.29 39.01 -2.73
N SER H 513 -8.38 38.24 -2.73
CA SER H 513 -9.64 38.75 -3.28
C SER H 513 -10.16 39.93 -2.46
N ARG H 514 -10.00 39.88 -1.13
CA ARG H 514 -10.44 40.97 -0.28
C ARG H 514 -9.64 42.25 -0.53
N PHE H 515 -8.42 42.15 -1.02
CA PHE H 515 -7.70 43.32 -1.50
C PHE H 515 -8.30 43.77 -2.82
N ASP H 516 -8.79 45.01 -2.86
CA ASP H 516 -9.44 45.51 -4.06
C ASP H 516 -8.46 45.78 -5.18
N LEU H 517 -7.17 45.94 -4.88
CA LEU H 517 -6.16 46.20 -5.90
C LEU H 517 -4.91 45.39 -5.60
N LEU H 518 -4.36 44.75 -6.62
CA LEU H 518 -3.11 44.02 -6.55
C LEU H 518 -2.14 44.60 -7.57
N TRP H 519 -0.93 44.93 -7.15
CA TRP H 519 0.08 45.50 -8.04
C TRP H 519 1.37 44.71 -7.93
N LEU H 520 1.76 44.08 -9.03
CA LEU H 520 3.03 43.37 -9.15
C LEU H 520 4.09 44.27 -9.77
N ILE H 521 5.25 44.34 -9.12
CA ILE H 521 6.42 45.03 -9.66
C ILE H 521 7.55 44.02 -9.80
N GLN H 522 8.05 43.88 -11.01
CA GLN H 522 9.15 42.96 -11.31
C GLN H 522 10.37 43.75 -11.76
N ASP H 523 11.55 43.32 -11.29
CA ASP H 523 12.82 43.96 -11.65
C ASP H 523 13.31 43.39 -12.98
N ARG H 524 12.60 43.76 -14.04
CA ARG H 524 12.94 43.29 -15.39
C ARG H 524 14.15 44.06 -15.90
N PRO H 525 15.22 43.38 -16.30
CA PRO H 525 16.44 44.08 -16.73
C PRO H 525 16.33 44.63 -18.14
N ASP H 526 16.28 45.95 -18.26
CA ASP H 526 16.32 46.64 -19.54
C ASP H 526 17.46 47.65 -19.50
N ARG H 527 18.30 47.64 -20.53
CA ARG H 527 19.53 48.45 -20.51
C ARG H 527 19.20 49.94 -20.43
N ASP H 528 18.36 50.44 -21.33
CA ASP H 528 18.03 51.86 -21.34
C ASP H 528 17.31 52.27 -20.06
N ASN H 529 16.36 51.43 -19.61
CA ASN H 529 15.65 51.74 -18.37
C ASN H 529 16.60 51.72 -17.18
N ASP H 530 17.53 50.77 -17.15
CA ASP H 530 18.51 50.73 -16.07
C ASP H 530 19.39 51.98 -16.07
N LEU H 531 19.83 52.42 -17.25
CA LEU H 531 20.63 53.63 -17.33
C LEU H 531 19.85 54.86 -16.88
N ARG H 532 18.58 54.95 -17.27
CA ARG H 532 17.77 56.09 -16.85
C ARG H 532 17.56 56.08 -15.34
N LEU H 533 17.26 54.91 -14.77
CA LEU H 533 17.11 54.82 -13.32
C LEU H 533 18.41 55.19 -12.61
N ALA H 534 19.54 54.71 -13.13
CA ALA H 534 20.83 55.02 -12.51
C ALA H 534 21.12 56.51 -12.56
N GLN H 535 20.88 57.15 -13.70
CA GLN H 535 21.17 58.58 -13.79
C GLN H 535 20.23 59.39 -12.90
N HIS H 536 18.96 59.00 -12.82
CA HIS H 536 18.05 59.69 -11.90
C HIS H 536 18.50 59.54 -10.46
N ILE H 537 18.96 58.35 -10.08
CA ILE H 537 19.46 58.15 -8.73
C ILE H 537 20.68 59.01 -8.49
N THR H 538 21.57 59.11 -9.48
CA THR H 538 22.74 59.97 -9.34
C THR H 538 22.34 61.42 -9.13
N TYR H 539 21.37 61.90 -9.91
CA TYR H 539 20.96 63.30 -9.78
C TYR H 539 20.30 63.56 -8.43
N VAL H 540 19.48 62.62 -7.97
CA VAL H 540 18.86 62.76 -6.64
C VAL H 540 19.93 62.79 -5.56
N HIS H 541 20.96 61.94 -5.70
CA HIS H 541 22.02 61.88 -4.70
C HIS H 541 22.84 63.16 -4.68
N GLN H 542 23.22 63.66 -5.86
CA GLN H 542 24.12 64.80 -5.93
C GLN H 542 23.42 66.12 -5.62
N HIS H 543 22.26 66.36 -6.25
CA HIS H 543 21.58 67.65 -6.18
C HIS H 543 20.62 67.78 -5.01
N SER H 544 20.55 66.79 -4.13
CA SER H 544 19.71 66.84 -2.93
C SER H 544 18.24 66.96 -3.26
N ARG H 545 17.87 66.76 -4.53
CA ARG H 545 16.55 67.10 -5.03
C ARG H 545 16.14 66.09 -6.09
N GLN H 546 14.85 66.13 -6.42
CA GLN H 546 14.36 65.33 -7.53
C GLN H 546 14.88 65.92 -8.85
N PRO H 547 14.97 65.12 -9.90
CA PRO H 547 15.30 65.68 -11.20
C PRO H 547 14.20 66.60 -11.68
N PRO H 548 14.54 67.61 -12.48
CA PRO H 548 13.53 68.59 -12.90
C PRO H 548 12.51 68.01 -13.87
N SER H 549 11.27 67.84 -13.40
CA SER H 549 10.19 67.33 -14.23
C SER H 549 9.46 68.49 -14.90
N GLN H 550 8.36 68.19 -15.59
CA GLN H 550 7.60 69.23 -16.27
C GLN H 550 6.99 70.21 -15.27
N PHE H 551 6.47 69.71 -14.16
CA PHE H 551 5.80 70.53 -13.17
C PHE H 551 6.32 70.18 -11.78
N GLU H 552 6.59 71.20 -10.98
CA GLU H 552 7.09 70.98 -9.62
C GLU H 552 5.98 70.39 -8.75
N PRO H 553 6.26 69.32 -8.01
CA PRO H 553 5.20 68.68 -7.22
C PRO H 553 4.73 69.59 -6.09
N LEU H 554 3.47 69.41 -5.72
CA LEU H 554 2.86 70.21 -4.68
C LEU H 554 3.42 69.82 -3.31
N ASP H 555 3.30 70.76 -2.37
CA ASP H 555 3.79 70.52 -1.01
C ASP H 555 2.94 69.47 -0.31
N MET H 556 3.54 68.85 0.71
CA MET H 556 2.84 67.80 1.45
C MET H 556 1.62 68.36 2.19
N LYS H 557 1.76 69.53 2.82
CA LYS H 557 0.64 70.12 3.54
C LYS H 557 -0.51 70.47 2.59
N LEU H 558 -0.19 71.02 1.42
CA LEU H 558 -1.21 71.36 0.45
C LEU H 558 -1.95 70.12 -0.03
N MET H 559 -1.21 69.04 -0.31
CA MET H 559 -1.85 67.79 -0.72
C MET H 559 -2.73 67.22 0.39
N ARG H 560 -2.25 67.29 1.64
CA ARG H 560 -3.04 66.80 2.77
C ARG H 560 -4.35 67.57 2.89
N ARG H 561 -4.28 68.90 2.78
CA ARG H 561 -5.50 69.71 2.86
C ARG H 561 -6.44 69.40 1.69
N TYR H 562 -5.88 69.22 0.49
CA TYR H 562 -6.71 68.89 -0.66
C TYR H 562 -7.41 67.55 -0.48
N ILE H 563 -6.71 66.56 0.05
CA ILE H 563 -7.31 65.25 0.31
C ILE H 563 -8.39 65.38 1.38
N ALA H 564 -8.13 66.16 2.43
CA ALA H 564 -9.12 66.35 3.48
C ALA H 564 -10.39 66.99 2.93
N MET H 565 -10.25 67.99 2.05
CA MET H 565 -11.42 68.61 1.46
C MET H 565 -12.15 67.67 0.49
N CYS H 566 -11.40 66.88 -0.27
CA CYS H 566 -12.06 65.98 -1.23
C CYS H 566 -12.77 64.84 -0.52
N ARG H 567 -12.30 64.45 0.67
CA ARG H 567 -13.01 63.45 1.45
C ARG H 567 -14.36 63.94 1.95
N GLU H 568 -14.56 65.26 2.00
CA GLU H 568 -15.79 65.81 2.57
C GLU H 568 -17.01 65.59 1.69
N LYS H 569 -16.82 65.31 0.41
CA LYS H 569 -17.94 65.21 -0.52
C LYS H 569 -18.36 63.76 -0.70
N GLN H 570 -19.66 63.57 -0.93
CA GLN H 570 -20.28 62.24 -1.05
C GLN H 570 -21.05 62.19 -2.36
N PRO H 571 -20.38 61.92 -3.47
CA PRO H 571 -21.07 61.87 -4.77
C PRO H 571 -22.14 60.78 -4.81
N MET H 572 -23.20 61.05 -5.56
CA MET H 572 -24.30 60.11 -5.74
C MET H 572 -24.22 59.52 -7.15
N VAL H 573 -24.33 58.19 -7.24
CA VAL H 573 -24.19 57.49 -8.51
C VAL H 573 -25.46 57.69 -9.34
N PRO H 574 -25.36 58.25 -10.54
CA PRO H 574 -26.54 58.36 -11.41
C PRO H 574 -26.98 56.99 -11.91
N GLU H 575 -28.28 56.90 -12.19
CA GLU H 575 -28.85 55.63 -12.66
C GLU H 575 -28.61 55.40 -14.14
N SER H 576 -28.22 56.43 -14.89
CA SER H 576 -28.00 56.28 -16.33
C SER H 576 -26.78 55.40 -16.62
N LEU H 577 -25.70 55.55 -15.85
CA LEU H 577 -24.48 54.81 -16.07
C LEU H 577 -24.55 53.38 -15.53
N ALA H 578 -25.64 53.01 -14.86
CA ALA H 578 -25.73 51.69 -14.25
C ALA H 578 -25.69 50.58 -15.30
N ASP H 579 -26.39 50.78 -16.43
CA ASP H 579 -26.40 49.76 -17.47
C ASP H 579 -25.01 49.56 -18.06
N TYR H 580 -24.30 50.66 -18.32
CA TYR H 580 -22.95 50.56 -18.86
C TYR H 580 -22.02 49.88 -17.85
N ILE H 581 -22.16 50.21 -16.57
CA ILE H 581 -21.34 49.58 -15.54
C ILE H 581 -21.62 48.08 -15.49
N THR H 582 -22.90 47.69 -15.57
CA THR H 582 -23.23 46.27 -15.57
C THR H 582 -22.64 45.56 -16.78
N ALA H 583 -22.71 46.20 -17.95
CA ALA H 583 -22.14 45.59 -19.15
C ALA H 583 -20.62 45.41 -19.02
N ALA H 584 -19.94 46.43 -18.50
CA ALA H 584 -18.49 46.32 -18.32
C ALA H 584 -18.13 45.25 -17.30
N TYR H 585 -18.89 45.17 -16.21
CA TYR H 585 -18.65 44.14 -15.21
C TYR H 585 -18.89 42.75 -15.79
N VAL H 586 -19.93 42.60 -16.62
CA VAL H 586 -20.17 41.34 -17.29
C VAL H 586 -19.00 40.96 -18.19
N GLU H 587 -18.50 41.92 -18.96
CA GLU H 587 -17.36 41.63 -19.84
C GLU H 587 -16.14 41.20 -19.03
N MET H 588 -15.85 41.92 -17.95
CA MET H 588 -14.69 41.59 -17.13
C MET H 588 -14.84 40.23 -16.47
N ARG H 589 -16.04 39.90 -15.98
CA ARG H 589 -16.24 38.62 -15.33
C ARG H 589 -16.21 37.47 -16.33
N ARG H 590 -16.72 37.69 -17.55
CA ARG H 590 -16.59 36.70 -18.60
C ARG H 590 -15.12 36.44 -18.94
N GLU H 591 -14.34 37.52 -19.04
CA GLU H 591 -12.91 37.36 -19.31
C GLU H 591 -12.22 36.60 -18.18
N ALA H 592 -12.58 36.91 -16.94
CA ALA H 592 -11.96 36.22 -15.80
C ALA H 592 -12.42 34.78 -15.69
N TRP H 593 -13.60 34.46 -16.22
CA TRP H 593 -14.03 33.06 -16.23
C TRP H 593 -13.32 32.28 -17.33
N ALA H 594 -13.08 32.92 -18.48
CA ALA H 594 -12.37 32.22 -19.55
C ALA H 594 -10.93 31.92 -19.17
N SER H 595 -10.32 32.75 -18.33
CA SER H 595 -8.93 32.57 -17.90
C SER H 595 -8.92 31.96 -16.51
N LYS H 596 -8.27 30.81 -16.37
CA LYS H 596 -8.24 30.12 -15.08
C LYS H 596 -7.31 30.80 -14.08
N ASP H 597 -6.28 31.49 -14.56
CA ASP H 597 -5.30 32.12 -13.68
C ASP H 597 -5.72 33.50 -13.20
N ALA H 598 -6.87 34.01 -13.65
CA ALA H 598 -7.36 35.30 -13.20
C ALA H 598 -8.00 35.19 -11.82
N THR H 599 -7.95 36.29 -11.08
CA THR H 599 -8.56 36.33 -9.76
C THR H 599 -10.07 36.16 -9.86
N TYR H 600 -10.67 35.56 -8.83
CA TYR H 600 -12.11 35.33 -8.81
C TYR H 600 -12.86 36.64 -8.75
N THR H 601 -13.49 37.02 -9.87
CA THR H 601 -14.20 38.29 -9.96
C THR H 601 -15.62 38.12 -9.43
N SER H 602 -15.73 38.12 -8.11
CA SER H 602 -17.00 38.05 -7.42
C SER H 602 -17.58 39.47 -7.29
N ALA H 603 -18.57 39.63 -6.42
CA ALA H 603 -19.17 40.94 -6.17
C ALA H 603 -18.14 41.95 -5.70
N ARG H 604 -17.03 41.48 -5.10
CA ARG H 604 -16.04 42.38 -4.54
C ARG H 604 -15.37 43.23 -5.62
N THR H 605 -15.22 42.68 -6.83
CA THR H 605 -14.66 43.47 -7.93
C THR H 605 -15.57 44.63 -8.31
N LEU H 606 -16.88 44.36 -8.38
CA LEU H 606 -17.84 45.43 -8.69
C LEU H 606 -17.85 46.48 -7.58
N LEU H 607 -17.79 46.03 -6.32
CA LEU H 607 -17.70 46.98 -5.22
C LEU H 607 -16.43 47.82 -5.31
N ALA H 608 -15.32 47.19 -5.67
CA ALA H 608 -14.05 47.90 -5.79
C ALA H 608 -14.09 48.95 -6.90
N ILE H 609 -14.66 48.60 -8.06
CA ILE H 609 -14.71 49.55 -9.16
C ILE H 609 -15.67 50.70 -8.82
N LEU H 610 -16.76 50.40 -8.12
CA LEU H 610 -17.65 51.48 -7.66
C LEU H 610 -16.92 52.40 -6.69
N ARG H 611 -16.13 51.83 -5.78
CA ARG H 611 -15.35 52.65 -4.85
C ARG H 611 -14.34 53.50 -5.60
N LEU H 612 -13.71 52.94 -6.62
CA LEU H 612 -12.74 53.70 -7.42
C LEU H 612 -13.42 54.86 -8.13
N SER H 613 -14.60 54.61 -8.70
CA SER H 613 -15.32 55.68 -9.37
C SER H 613 -15.73 56.78 -8.40
N THR H 614 -16.20 56.41 -7.21
CA THR H 614 -16.57 57.40 -6.22
C THR H 614 -15.35 58.20 -5.75
N ALA H 615 -14.22 57.53 -5.57
CA ALA H 615 -12.99 58.22 -5.20
C ALA H 615 -12.56 59.20 -6.27
N LEU H 616 -12.66 58.80 -7.54
CA LEU H 616 -12.34 59.72 -8.64
C LEU H 616 -13.28 60.92 -8.65
N ALA H 617 -14.57 60.68 -8.40
CA ALA H 617 -15.53 61.78 -8.36
C ALA H 617 -15.21 62.74 -7.22
N ARG H 618 -14.82 62.21 -6.06
CA ARG H 618 -14.36 63.06 -4.96
C ARG H 618 -13.11 63.84 -5.35
N LEU H 619 -12.19 63.19 -6.07
CA LEU H 619 -10.97 63.86 -6.48
C LEU H 619 -11.25 65.04 -7.41
N ARG H 620 -12.18 64.86 -8.35
CA ARG H 620 -12.52 65.93 -9.28
C ARG H 620 -13.53 66.91 -8.70
N MET H 621 -13.99 66.69 -7.48
CA MET H 621 -14.91 67.59 -6.78
C MET H 621 -16.20 67.78 -7.60
N VAL H 622 -16.92 66.67 -7.77
CA VAL H 622 -18.22 66.66 -8.43
C VAL H 622 -19.15 65.76 -7.64
N ASP H 623 -20.38 66.23 -7.43
CA ASP H 623 -21.36 65.49 -6.65
C ASP H 623 -22.02 64.36 -7.44
N VAL H 624 -21.74 64.25 -8.74
CA VAL H 624 -22.30 63.21 -9.59
C VAL H 624 -21.16 62.50 -10.29
N VAL H 625 -21.16 61.17 -10.25
CA VAL H 625 -20.12 60.38 -10.90
C VAL H 625 -20.40 60.34 -12.39
N GLU H 626 -19.39 60.69 -13.20
CA GLU H 626 -19.51 60.68 -14.64
C GLU H 626 -18.88 59.44 -15.23
N LYS H 627 -19.11 59.23 -16.53
CA LYS H 627 -18.60 58.06 -17.22
C LYS H 627 -17.08 58.07 -17.31
N GLU H 628 -16.44 59.24 -17.25
CA GLU H 628 -14.98 59.29 -17.28
C GLU H 628 -14.38 58.61 -16.06
N ASP H 629 -15.01 58.78 -14.89
CA ASP H 629 -14.53 58.09 -13.69
C ASP H 629 -14.66 56.58 -13.83
N VAL H 630 -15.76 56.11 -14.41
CA VAL H 630 -15.94 54.67 -14.62
C VAL H 630 -14.89 54.15 -15.60
N ASN H 631 -14.63 54.89 -16.67
CA ASN H 631 -13.63 54.47 -17.64
C ASN H 631 -12.23 54.44 -17.01
N GLU H 632 -11.92 55.43 -16.18
CA GLU H 632 -10.62 55.44 -15.50
C GLU H 632 -10.49 54.29 -14.52
N ALA H 633 -11.57 53.96 -13.81
CA ALA H 633 -11.54 52.81 -12.90
C ALA H 633 -11.32 51.52 -13.67
N ILE H 634 -12.01 51.37 -14.81
CA ILE H 634 -11.82 50.18 -15.64
C ILE H 634 -10.38 50.11 -16.14
N ARG H 635 -9.84 51.25 -16.57
CA ARG H 635 -8.46 51.31 -17.05
C ARG H 635 -7.48 50.90 -15.94
N LEU H 636 -7.69 51.41 -14.73
CA LEU H 636 -6.80 51.07 -13.62
C LEU H 636 -6.88 49.60 -13.27
N MET H 637 -8.10 49.04 -13.25
CA MET H 637 -8.26 47.62 -12.95
C MET H 637 -7.61 46.76 -14.02
N GLU H 638 -7.77 47.15 -15.29
CA GLU H 638 -7.16 46.39 -16.38
C GLU H 638 -5.64 46.45 -16.30
N MET H 639 -5.08 47.62 -15.97
CA MET H 639 -3.63 47.70 -15.81
C MET H 639 -3.15 46.87 -14.63
N SER H 640 -3.90 46.88 -13.53
CA SER H 640 -3.52 46.09 -12.36
C SER H 640 -3.54 44.60 -12.67
N LYS H 641 -4.58 44.13 -13.37
CA LYS H 641 -4.66 42.72 -13.73
C LYS H 641 -3.67 42.34 -14.81
N ASP H 642 -3.25 43.30 -15.65
CA ASP H 642 -2.23 43.01 -16.66
C ASP H 642 -0.84 42.88 -16.05
N SER H 643 -0.61 43.47 -14.88
CA SER H 643 0.67 43.35 -14.21
C SER H 643 0.94 41.94 -13.70
N LEU H 644 -0.05 41.07 -13.69
CA LEU H 644 0.12 39.72 -13.20
C LEU H 644 0.35 38.74 -14.35
N ARG H 656 -15.17 46.56 -49.13
CA ARG H 656 -15.52 46.89 -50.51
C ARG H 656 -17.03 46.90 -50.71
N PRO H 657 -17.50 47.64 -51.72
CA PRO H 657 -18.93 47.58 -52.06
C PRO H 657 -19.41 46.17 -52.41
N ALA H 658 -18.52 45.33 -52.94
CA ALA H 658 -18.91 43.98 -53.29
C ALA H 658 -19.37 43.20 -52.07
N ASP H 659 -18.61 43.27 -50.97
CA ASP H 659 -18.97 42.55 -49.76
C ASP H 659 -20.28 43.08 -49.17
N VAL H 660 -20.44 44.40 -49.14
CA VAL H 660 -21.64 44.99 -48.57
C VAL H 660 -22.87 44.60 -49.38
N ILE H 661 -22.77 44.66 -50.71
CA ILE H 661 -23.89 44.29 -51.57
C ILE H 661 -24.18 42.79 -51.46
N PHE H 662 -23.14 41.97 -51.30
CA PHE H 662 -23.35 40.54 -51.09
C PHE H 662 -24.10 40.29 -49.80
N ALA H 663 -23.75 41.01 -48.73
CA ALA H 663 -24.49 40.88 -47.47
C ALA H 663 -25.93 41.37 -47.64
N THR H 664 -26.11 42.46 -48.40
CA THR H 664 -27.46 43.00 -48.62
C THR H 664 -28.35 41.98 -49.33
N VAL H 665 -27.82 41.32 -50.36
CA VAL H 665 -28.61 40.32 -51.07
C VAL H 665 -28.70 39.03 -50.26
N ARG H 666 -27.74 38.77 -49.37
CA ARG H 666 -27.83 37.64 -48.47
C ARG H 666 -28.97 37.81 -47.48
N GLU H 667 -29.22 39.06 -47.06
CA GLU H 667 -30.35 39.33 -46.18
C GLU H 667 -31.68 38.92 -46.80
N LEU H 668 -31.75 38.84 -48.13
CA LEU H 668 -32.96 38.44 -48.84
C LEU H 668 -32.97 36.96 -49.19
N VAL H 669 -32.31 36.13 -48.39
CA VAL H 669 -32.25 34.69 -48.65
C VAL H 669 -33.04 34.02 -47.55
N SER H 670 -34.05 34.72 -47.04
CA SER H 670 -34.88 34.20 -45.95
C SER H 670 -35.80 33.09 -46.46
N GLY H 671 -35.24 31.91 -46.72
CA GLY H 671 -36.02 30.77 -47.13
C GLY H 671 -36.24 30.64 -48.63
N GLY H 672 -35.56 31.42 -49.44
CA GLY H 672 -35.72 31.35 -50.88
C GLY H 672 -34.40 31.17 -51.60
N ARG H 673 -34.44 30.41 -52.68
CA ARG H 673 -33.27 30.19 -53.51
C ARG H 673 -33.10 31.24 -54.59
N SER H 674 -34.19 31.80 -55.10
CA SER H 674 -34.17 32.81 -56.14
C SER H 674 -34.66 34.14 -55.58
N VAL H 675 -34.02 35.22 -56.00
CA VAL H 675 -34.29 36.56 -55.50
C VAL H 675 -34.58 37.48 -56.67
N ARG H 676 -35.61 38.31 -56.53
CA ARG H 676 -35.96 39.28 -57.55
C ARG H 676 -34.86 40.33 -57.71
N PHE H 677 -34.62 40.74 -58.95
CA PHE H 677 -33.60 41.74 -59.23
C PHE H 677 -34.01 43.11 -58.69
N SER H 678 -35.27 43.50 -58.89
CA SER H 678 -35.71 44.85 -58.53
C SER H 678 -35.63 45.08 -57.03
N GLU H 679 -36.06 44.10 -56.23
CA GLU H 679 -36.03 44.26 -54.79
C GLU H 679 -34.60 44.42 -54.27
N ALA H 680 -33.68 43.59 -54.77
CA ALA H 680 -32.29 43.68 -54.35
C ALA H 680 -31.69 45.01 -54.78
N GLU H 681 -31.98 45.45 -56.00
CA GLU H 681 -31.47 46.73 -56.48
C GLU H 681 -31.97 47.88 -55.61
N GLN H 682 -33.27 47.87 -55.29
CA GLN H 682 -33.84 48.94 -54.45
C GLN H 682 -33.23 48.92 -53.06
N ARG H 683 -33.04 47.74 -52.48
CA ARG H 683 -32.46 47.66 -51.14
C ARG H 683 -31.01 48.12 -51.15
N CYS H 684 -30.26 47.80 -52.21
CA CYS H 684 -28.88 48.24 -52.29
C CYS H 684 -28.79 49.75 -52.48
N VAL H 685 -29.67 50.33 -53.30
CA VAL H 685 -29.68 51.77 -53.50
C VAL H 685 -30.07 52.48 -52.21
N SER H 686 -31.01 51.91 -51.46
CA SER H 686 -31.41 52.50 -50.18
C SER H 686 -30.26 52.50 -49.18
N ARG H 687 -29.26 51.64 -49.35
CA ARG H 687 -28.11 51.60 -48.46
C ARG H 687 -27.05 52.63 -48.80
N GLY H 688 -27.16 53.29 -49.96
CA GLY H 688 -26.23 54.34 -50.32
C GLY H 688 -25.25 53.94 -51.40
N PHE H 689 -25.62 52.99 -52.25
CA PHE H 689 -24.77 52.52 -53.33
C PHE H 689 -25.44 52.77 -54.68
N THR H 690 -24.66 53.28 -55.63
CA THR H 690 -25.16 53.54 -56.96
C THR H 690 -25.42 52.22 -57.69
N PRO H 691 -26.32 52.21 -58.68
CA PRO H 691 -26.57 50.97 -59.42
C PRO H 691 -25.34 50.43 -60.14
N ALA H 692 -24.39 51.30 -60.51
CA ALA H 692 -23.16 50.81 -61.15
C ALA H 692 -22.37 49.92 -60.20
N GLN H 693 -22.24 50.34 -58.93
CA GLN H 693 -21.58 49.49 -57.95
C GLN H 693 -22.35 48.21 -57.69
N PHE H 694 -23.69 48.29 -57.73
CA PHE H 694 -24.50 47.08 -57.59
C PHE H 694 -24.21 46.09 -58.70
N GLN H 695 -24.15 46.59 -59.94
CA GLN H 695 -23.84 45.72 -61.07
C GLN H 695 -22.43 45.13 -60.96
N ALA H 696 -21.47 45.96 -60.52
CA ALA H 696 -20.10 45.48 -60.38
C ALA H 696 -20.01 44.38 -59.33
N ALA H 697 -20.68 44.57 -58.18
CA ALA H 697 -20.67 43.55 -57.14
C ALA H 697 -21.38 42.28 -57.61
N LEU H 698 -22.49 42.44 -58.32
CA LEU H 698 -23.20 41.28 -58.86
C LEU H 698 -22.30 40.48 -59.79
N ASP H 699 -21.60 41.15 -60.70
CA ASP H 699 -20.70 40.46 -61.60
C ASP H 699 -19.55 39.81 -60.86
N GLU H 700 -18.98 40.51 -59.87
CA GLU H 700 -17.82 39.98 -59.15
C GLU H 700 -18.17 38.73 -58.37
N TYR H 701 -19.35 38.71 -57.72
CA TYR H 701 -19.77 37.51 -57.03
C TYR H 701 -20.34 36.46 -57.97
N GLU H 702 -20.73 36.85 -59.19
CA GLU H 702 -21.10 35.86 -60.18
C GLU H 702 -19.87 35.13 -60.72
N GLU H 703 -18.73 35.79 -60.74
CA GLU H 703 -17.49 35.14 -61.16
C GLU H 703 -17.13 33.99 -60.22
N LEU H 704 -17.44 34.13 -58.93
CA LEU H 704 -17.08 33.14 -57.93
C LEU H 704 -18.04 31.95 -57.90
N ASN H 705 -18.91 31.80 -58.91
CA ASN H 705 -19.83 30.67 -59.01
C ASN H 705 -20.82 30.64 -57.85
N VAL H 706 -21.05 31.78 -57.21
CA VAL H 706 -21.99 31.83 -56.09
C VAL H 706 -23.42 31.69 -56.59
N TRP H 707 -23.75 32.37 -57.68
CA TRP H 707 -25.11 32.36 -58.21
C TRP H 707 -25.08 32.60 -59.70
N GLN H 708 -26.26 32.47 -60.33
CA GLN H 708 -26.44 32.73 -61.74
C GLN H 708 -27.59 33.69 -61.95
N VAL H 709 -27.36 34.73 -62.74
CA VAL H 709 -28.36 35.75 -63.02
C VAL H 709 -29.06 35.41 -64.32
N ASN H 710 -30.39 35.55 -64.34
CA ASN H 710 -31.16 35.28 -65.54
C ASN H 710 -30.78 36.23 -66.66
N ALA H 711 -30.88 35.75 -67.89
CA ALA H 711 -30.55 36.57 -69.05
C ALA H 711 -31.47 37.77 -69.18
N SER H 712 -32.67 37.70 -68.62
CA SER H 712 -33.60 38.83 -68.64
C SER H 712 -33.36 39.82 -67.50
N ARG H 713 -32.41 39.53 -66.61
CA ARG H 713 -32.08 40.40 -65.48
C ARG H 713 -33.33 40.69 -64.62
N THR H 714 -34.14 39.66 -64.42
CA THR H 714 -35.33 39.78 -63.58
C THR H 714 -35.28 38.93 -62.32
N ARG H 715 -34.54 37.82 -62.33
CA ARG H 715 -34.41 36.96 -61.17
C ARG H 715 -33.00 36.41 -61.12
N ILE H 716 -32.51 36.13 -59.91
CA ILE H 716 -31.18 35.57 -59.70
C ILE H 716 -31.33 34.30 -58.89
N THR H 717 -30.79 33.20 -59.42
CA THR H 717 -30.88 31.90 -58.77
C THR H 717 -29.56 31.60 -58.06
N PHE H 718 -29.64 31.36 -56.75
CA PHE H 718 -28.45 31.18 -55.93
C PHE H 718 -28.03 29.72 -55.96
N VAL H 719 -26.86 29.44 -56.51
CA VAL H 719 -26.35 28.09 -56.62
C VAL H 719 -26.04 27.53 -55.24
N GLN I 270 38.32 -1.84 -34.60
CA GLN I 270 38.67 -3.24 -34.41
C GLN I 270 39.58 -3.72 -35.54
N THR I 271 39.91 -2.83 -36.46
CA THR I 271 40.83 -3.17 -37.53
C THR I 271 42.23 -3.43 -36.98
N LEU I 272 42.62 -2.69 -35.94
CA LEU I 272 43.92 -2.87 -35.30
C LEU I 272 44.21 -4.32 -34.96
N ARG I 273 43.17 -5.16 -34.82
CA ARG I 273 43.36 -6.57 -34.52
C ARG I 273 44.33 -7.22 -35.50
N ASN I 274 44.26 -6.85 -36.78
CA ASN I 274 45.14 -7.46 -37.78
C ASN I 274 46.60 -7.24 -37.45
N LEU I 275 46.95 -6.12 -36.83
CA LEU I 275 48.33 -5.83 -36.45
C LEU I 275 48.68 -6.32 -35.05
N LEU I 276 47.72 -6.88 -34.31
CA LEU I 276 47.97 -7.27 -32.93
C LEU I 276 48.62 -8.64 -32.79
N SER I 277 48.84 -9.36 -33.90
CA SER I 277 49.41 -10.69 -33.85
C SER I 277 50.91 -10.70 -33.59
N LYS I 278 51.53 -9.54 -33.37
CA LYS I 278 52.98 -9.48 -33.18
C LYS I 278 53.40 -9.78 -31.75
N VAL I 279 52.47 -9.99 -30.83
CA VAL I 279 52.81 -10.28 -29.45
C VAL I 279 53.32 -11.70 -29.33
N SER I 280 54.46 -11.87 -28.65
CA SER I 280 55.06 -13.18 -28.48
C SER I 280 54.41 -13.91 -27.30
N PRO I 281 54.34 -15.25 -27.36
CA PRO I 281 53.78 -16.02 -26.25
C PRO I 281 54.77 -16.13 -25.10
N SER I 282 54.27 -16.63 -23.97
CA SER I 282 55.04 -16.75 -22.75
C SER I 282 55.02 -18.19 -22.25
N PHE I 283 56.16 -18.63 -21.72
CA PHE I 283 56.27 -19.94 -21.06
C PHE I 283 55.94 -21.08 -22.01
N SER I 284 56.45 -21.01 -23.24
CA SER I 284 56.08 -21.98 -24.26
C SER I 284 56.63 -23.38 -24.00
N ALA I 285 57.68 -23.50 -23.18
CA ALA I 285 58.25 -24.83 -22.91
C ALA I 285 57.24 -25.73 -22.20
N GLU I 286 56.58 -25.21 -21.17
CA GLU I 286 55.57 -25.99 -20.47
C GLU I 286 54.43 -26.38 -21.40
N LEU I 287 54.05 -25.48 -22.31
CA LEU I 287 53.06 -25.84 -23.31
C LEU I 287 53.56 -26.96 -24.21
N LYS I 288 54.84 -26.96 -24.58
CA LYS I 288 55.38 -28.03 -25.40
C LYS I 288 55.29 -29.37 -24.69
N GLN I 289 55.71 -29.41 -23.41
CA GLN I 289 55.57 -30.66 -22.65
C GLN I 289 54.12 -31.06 -22.50
N LEU I 290 53.21 -30.09 -22.35
CA LEU I 290 51.80 -30.38 -22.21
C LEU I 290 51.25 -31.05 -23.47
N ASN I 291 51.61 -30.50 -24.64
CA ASN I 291 51.19 -31.11 -25.90
C ASN I 291 51.80 -32.50 -26.07
N GLN I 292 53.07 -32.66 -25.69
CA GLN I 292 53.68 -33.99 -25.78
C GLN I 292 52.94 -34.99 -24.91
N GLN I 293 52.54 -34.59 -23.70
CA GLN I 293 51.75 -35.46 -22.85
C GLN I 293 50.41 -35.79 -23.46
N TYR I 294 49.76 -34.79 -24.07
CA TYR I 294 48.45 -35.04 -24.68
C TYR I 294 48.55 -35.98 -25.89
N GLU I 295 49.68 -35.95 -26.61
CA GLU I 295 49.79 -36.71 -27.85
C GLU I 295 49.63 -38.22 -27.66
N LYS I 296 49.87 -38.74 -26.45
CA LYS I 296 49.96 -40.18 -26.26
C LYS I 296 48.60 -40.86 -26.11
N LEU I 297 47.51 -40.12 -26.04
CA LEU I 297 46.18 -40.69 -25.82
C LEU I 297 45.48 -41.09 -27.11
N PHE I 298 46.14 -40.91 -28.27
CA PHE I 298 45.47 -41.13 -29.54
C PHE I 298 45.07 -42.58 -29.73
N HIS I 299 45.94 -43.51 -29.37
CA HIS I 299 45.63 -44.93 -29.55
C HIS I 299 44.44 -45.34 -28.69
N LYS I 300 44.42 -44.90 -27.43
CA LYS I 300 43.29 -45.22 -26.56
C LYS I 300 42.00 -44.59 -27.07
N TRP I 301 42.08 -43.36 -27.57
CA TRP I 301 40.88 -42.72 -28.13
C TRP I 301 40.37 -43.50 -29.34
N MET I 302 41.27 -43.93 -30.21
CA MET I 302 40.85 -44.72 -31.37
C MET I 302 40.22 -46.03 -30.95
N LEU I 303 40.79 -46.70 -29.95
CA LEU I 303 40.22 -47.94 -29.46
C LEU I 303 38.82 -47.72 -28.90
N GLN I 304 38.64 -46.65 -28.12
CA GLN I 304 37.33 -46.38 -27.54
C GLN I 304 36.30 -46.01 -28.60
N LEU I 305 36.71 -45.23 -29.61
CA LEU I 305 35.82 -44.98 -30.74
C LEU I 305 35.41 -46.26 -31.44
N HIS I 306 36.39 -47.11 -31.74
CA HIS I 306 36.13 -48.24 -32.62
C HIS I 306 35.24 -49.30 -31.95
N LEU I 307 35.07 -49.23 -30.63
CA LEU I 307 34.17 -50.13 -29.91
C LEU I 307 32.77 -49.57 -29.73
N GLY I 308 32.52 -48.35 -30.20
CA GLY I 308 31.17 -47.78 -30.11
C GLY I 308 30.99 -46.77 -29.00
N PHE I 309 31.96 -45.89 -28.82
CA PHE I 309 31.87 -44.79 -27.87
C PHE I 309 32.22 -43.48 -28.56
N ASN I 310 31.53 -42.40 -28.16
CA ASN I 310 31.79 -41.07 -28.67
C ASN I 310 32.43 -40.23 -27.57
N ILE I 311 33.42 -39.42 -27.95
CA ILE I 311 34.27 -38.74 -26.97
C ILE I 311 34.17 -37.23 -27.13
N VAL I 312 34.01 -36.55 -26.00
CA VAL I 312 33.99 -35.09 -25.91
C VAL I 312 35.30 -34.64 -25.29
N LEU I 313 35.90 -33.59 -25.86
CA LEU I 313 37.06 -32.94 -25.28
C LEU I 313 36.65 -31.61 -24.66
N TYR I 314 37.02 -31.42 -23.40
CA TYR I 314 36.72 -30.20 -22.66
C TYR I 314 37.98 -29.75 -21.93
N GLY I 315 38.13 -28.45 -21.80
CA GLY I 315 39.28 -27.87 -21.13
C GLY I 315 39.59 -26.49 -21.67
N LEU I 316 40.38 -25.76 -20.89
CA LEU I 316 40.74 -24.39 -21.26
C LEU I 316 41.79 -24.38 -22.37
N GLY I 317 41.68 -23.42 -23.27
CA GLY I 317 42.62 -23.28 -24.36
C GLY I 317 42.07 -23.85 -25.66
N SER I 318 42.58 -23.32 -26.77
CA SER I 318 42.13 -23.76 -28.08
C SER I 318 42.66 -25.15 -28.38
N LYS I 319 41.74 -26.11 -28.54
CA LYS I 319 42.10 -27.50 -28.78
C LYS I 319 42.03 -27.88 -30.26
N ARG I 320 41.88 -26.89 -31.14
CA ARG I 320 41.82 -27.18 -32.57
C ARG I 320 43.13 -27.79 -33.06
N ASP I 321 44.26 -27.29 -32.57
CA ASP I 321 45.56 -27.80 -33.01
C ASP I 321 45.72 -29.28 -32.67
N LEU I 322 45.28 -29.67 -31.47
CA LEU I 322 45.38 -31.08 -31.08
C LEU I 322 44.52 -31.96 -31.96
N LEU I 323 43.30 -31.51 -32.29
CA LEU I 323 42.44 -32.28 -33.18
C LEU I 323 43.05 -32.40 -34.57
N GLU I 324 43.62 -31.31 -35.08
CA GLU I 324 44.25 -31.35 -36.39
C GLU I 324 45.44 -32.31 -36.39
N ARG I 325 46.24 -32.29 -35.31
CA ARG I 325 47.34 -33.22 -35.18
C ARG I 325 46.85 -34.66 -35.16
N PHE I 326 45.78 -34.92 -34.41
CA PHE I 326 45.22 -36.27 -34.35
C PHE I 326 44.74 -36.72 -35.72
N ARG I 327 44.08 -35.84 -36.46
CA ARG I 327 43.62 -36.17 -37.81
C ARG I 327 44.80 -36.49 -38.73
N THR I 328 45.79 -35.58 -38.78
CA THR I 328 46.89 -35.77 -39.71
C THR I 328 47.82 -36.91 -39.29
N THR I 329 47.72 -37.38 -38.06
CA THR I 329 48.55 -38.50 -37.62
C THR I 329 47.85 -39.84 -37.81
N MET I 330 46.57 -39.93 -37.49
CA MET I 330 45.89 -41.22 -37.43
C MET I 330 44.75 -41.39 -38.42
N LEU I 331 44.19 -40.31 -38.97
CA LEU I 331 43.01 -40.40 -39.81
C LEU I 331 43.31 -40.13 -41.28
N GLN I 332 44.52 -40.45 -41.75
CA GLN I 332 44.86 -40.26 -43.14
C GLN I 332 44.60 -41.50 -43.99
N ASP I 333 44.03 -42.56 -43.41
CA ASP I 333 43.79 -43.80 -44.13
C ASP I 333 42.31 -44.19 -44.17
N SER I 334 41.41 -43.32 -43.72
CA SER I 334 39.99 -43.66 -43.64
C SER I 334 39.15 -42.44 -43.96
N ILE I 335 37.90 -42.69 -44.31
CA ILE I 335 36.95 -41.62 -44.61
C ILE I 335 36.65 -40.85 -43.34
N HIS I 336 36.72 -39.52 -43.43
CA HIS I 336 36.49 -38.67 -42.27
C HIS I 336 35.99 -37.32 -42.74
N VAL I 337 35.06 -36.74 -41.97
CA VAL I 337 34.43 -35.47 -42.28
C VAL I 337 34.67 -34.52 -41.12
N VAL I 338 35.11 -33.30 -41.43
CA VAL I 338 35.41 -32.29 -40.43
C VAL I 338 34.43 -31.13 -40.61
N ILE I 339 33.74 -30.77 -39.53
CA ILE I 339 32.81 -29.66 -39.50
C ILE I 339 33.27 -28.71 -38.40
N ASN I 340 33.70 -27.51 -38.79
CA ASN I 340 34.16 -26.51 -37.83
C ASN I 340 33.01 -25.55 -37.53
N GLY I 341 32.10 -26.01 -36.66
CA GLY I 341 30.84 -25.34 -36.39
C GLY I 341 30.96 -23.90 -35.92
N PHE I 342 32.16 -23.44 -35.57
CA PHE I 342 32.32 -22.06 -35.13
C PHE I 342 32.03 -21.06 -36.24
N PHE I 343 32.01 -21.50 -37.50
CA PHE I 343 31.61 -20.63 -38.60
C PHE I 343 30.12 -20.34 -38.48
N PRO I 344 29.71 -19.08 -38.40
CA PRO I 344 28.29 -18.78 -38.12
C PRO I 344 27.34 -19.11 -39.26
N GLY I 345 27.83 -19.60 -40.40
CA GLY I 345 26.98 -19.96 -41.51
C GLY I 345 26.65 -21.43 -41.64
N ILE I 346 27.03 -22.25 -40.66
CA ILE I 346 26.83 -23.70 -40.76
C ILE I 346 25.47 -24.06 -40.19
N SER I 347 24.79 -24.98 -40.88
CA SER I 347 23.54 -25.56 -40.42
C SER I 347 23.57 -27.07 -40.63
N VAL I 348 22.72 -27.77 -39.88
CA VAL I 348 22.71 -29.22 -39.93
C VAL I 348 22.31 -29.72 -41.31
N LYS I 349 21.41 -28.99 -41.98
CA LYS I 349 21.02 -29.38 -43.33
C LYS I 349 22.20 -29.35 -44.27
N SER I 350 23.11 -28.39 -44.08
CA SER I 350 24.32 -28.35 -44.89
C SER I 350 25.18 -29.58 -44.67
N VAL I 351 25.32 -30.02 -43.41
CA VAL I 351 26.08 -31.23 -43.12
C VAL I 351 25.42 -32.44 -43.78
N LEU I 352 24.09 -32.53 -43.70
CA LEU I 352 23.40 -33.66 -44.33
C LEU I 352 23.59 -33.65 -45.83
N ASN I 353 23.49 -32.47 -46.46
CA ASN I 353 23.70 -32.38 -47.90
C ASN I 353 25.12 -32.79 -48.27
N SER I 354 26.12 -32.36 -47.50
CA SER I 354 27.49 -32.74 -47.78
C SER I 354 27.67 -34.25 -47.69
N ILE I 355 27.12 -34.85 -46.64
CA ILE I 355 27.22 -36.30 -46.47
C ILE I 355 26.58 -37.01 -47.65
N THR I 356 25.38 -36.58 -48.04
CA THR I 356 24.69 -37.22 -49.15
C THR I 356 25.44 -37.06 -50.46
N GLU I 357 26.02 -35.87 -50.69
CA GLU I 357 26.64 -35.61 -51.99
C GLU I 357 28.00 -36.29 -52.12
N GLU I 358 28.74 -36.49 -51.03
CA GLU I 358 30.05 -37.10 -51.16
C GLU I 358 30.13 -38.53 -50.61
N VAL I 359 29.68 -38.75 -49.37
CA VAL I 359 29.83 -40.07 -48.76
C VAL I 359 29.06 -41.12 -49.57
N LEU I 360 27.84 -40.80 -49.96
CA LEU I 360 27.03 -41.68 -50.78
C LEU I 360 26.98 -41.27 -52.25
N ASP I 361 27.57 -40.11 -52.58
CA ASP I 361 27.63 -39.62 -53.97
C ASP I 361 26.25 -39.54 -54.60
N HIS I 362 25.30 -39.00 -53.85
CA HIS I 362 23.92 -38.86 -54.30
C HIS I 362 23.63 -37.37 -54.54
N MET I 363 22.98 -37.09 -55.67
CA MET I 363 22.68 -35.72 -56.05
C MET I 363 21.21 -35.35 -55.91
N GLY I 364 20.31 -36.33 -55.85
CA GLY I 364 18.89 -36.06 -55.74
C GLY I 364 18.50 -35.25 -54.52
N THR I 365 17.67 -34.24 -54.72
CA THR I 365 17.23 -33.39 -53.63
C THR I 365 16.27 -34.14 -52.70
N PHE I 366 16.08 -33.58 -51.51
CA PHE I 366 15.24 -34.19 -50.49
C PHE I 366 14.09 -33.26 -50.13
N ARG I 367 12.90 -33.85 -49.94
CA ARG I 367 11.72 -33.06 -49.64
C ARG I 367 11.78 -32.46 -48.23
N SER I 368 12.37 -33.17 -47.27
CA SER I 368 12.44 -32.69 -45.90
C SER I 368 13.67 -33.27 -45.22
N ILE I 369 14.06 -32.63 -44.11
CA ILE I 369 15.23 -33.08 -43.36
C ILE I 369 15.00 -34.48 -42.82
N LEU I 370 13.81 -34.75 -42.29
CA LEU I 370 13.51 -36.06 -41.73
C LEU I 370 13.59 -37.14 -42.79
N ASP I 371 13.12 -36.85 -44.00
CA ASP I 371 13.21 -37.83 -45.08
C ASP I 371 14.67 -38.12 -45.43
N GLN I 372 15.51 -37.07 -45.43
CA GLN I 372 16.94 -37.27 -45.68
C GLN I 372 17.55 -38.15 -44.61
N LEU I 373 17.19 -37.91 -43.34
CA LEU I 373 17.69 -38.75 -42.25
C LEU I 373 17.24 -40.19 -42.42
N ASP I 374 15.97 -40.40 -42.81
CA ASP I 374 15.48 -41.74 -43.02
C ASP I 374 16.25 -42.45 -44.12
N TRP I 375 16.50 -41.74 -45.23
CA TRP I 375 17.27 -42.34 -46.32
C TRP I 375 18.67 -42.70 -45.88
N ILE I 376 19.33 -41.80 -45.14
CA ILE I 376 20.70 -42.06 -44.70
C ILE I 376 20.74 -43.26 -43.75
N VAL I 377 19.79 -43.32 -42.82
CA VAL I 377 19.76 -44.43 -41.87
C VAL I 377 19.52 -45.74 -42.60
N ASN I 378 18.58 -45.76 -43.53
CA ASN I 378 18.30 -46.99 -44.27
C ASN I 378 19.50 -47.41 -45.11
N LYS I 379 20.17 -46.45 -45.75
CA LYS I 379 21.33 -46.77 -46.57
C LYS I 379 22.46 -47.34 -45.73
N PHE I 380 22.73 -46.73 -44.56
CA PHE I 380 23.81 -47.22 -43.72
C PHE I 380 23.47 -48.55 -43.07
N LYS I 381 22.19 -48.79 -42.79
CA LYS I 381 21.80 -50.09 -42.25
C LYS I 381 21.89 -51.19 -43.31
N GLU I 382 21.57 -50.85 -44.56
CA GLU I 382 21.66 -51.84 -45.62
C GLU I 382 23.12 -52.14 -45.98
N ASP I 383 23.98 -51.13 -45.95
CA ASP I 383 25.39 -51.28 -46.32
C ASP I 383 26.22 -51.23 -45.03
N SER I 384 26.66 -52.39 -44.57
CA SER I 384 27.45 -52.50 -43.35
C SER I 384 28.94 -52.28 -43.59
N SER I 385 29.35 -52.03 -44.82
CA SER I 385 30.76 -51.83 -45.16
C SER I 385 31.19 -50.37 -45.10
N LEU I 386 30.30 -49.47 -44.69
CA LEU I 386 30.59 -48.04 -44.67
C LEU I 386 30.92 -47.59 -43.25
N GLU I 387 32.08 -46.97 -43.09
CA GLU I 387 32.53 -46.43 -41.82
C GLU I 387 32.86 -44.95 -42.00
N LEU I 388 32.37 -44.13 -41.08
CA LEU I 388 32.55 -42.68 -41.17
C LEU I 388 33.03 -42.13 -39.85
N PHE I 389 33.92 -41.14 -39.91
CA PHE I 389 34.45 -40.46 -38.74
C PHE I 389 34.03 -39.00 -38.77
N LEU I 390 33.66 -38.46 -37.61
CA LEU I 390 33.21 -37.08 -37.49
C LEU I 390 34.16 -36.31 -36.60
N LEU I 391 34.58 -35.13 -37.07
CA LEU I 391 35.44 -34.23 -36.30
C LEU I 391 34.74 -32.88 -36.25
N ILE I 392 34.07 -32.60 -35.14
CA ILE I 392 33.29 -31.37 -34.98
C ILE I 392 34.03 -30.43 -34.05
N HIS I 393 34.27 -29.22 -34.54
CA HIS I 393 34.91 -28.16 -33.76
C HIS I 393 33.83 -27.25 -33.18
N ASN I 394 33.89 -27.01 -31.87
CA ASN I 394 33.01 -26.08 -31.17
C ASN I 394 31.54 -26.46 -31.39
N LEU I 395 31.19 -27.61 -30.82
CA LEU I 395 29.82 -28.11 -30.93
C LEU I 395 28.81 -27.18 -30.26
N ASP I 396 29.26 -26.25 -29.42
CA ASP I 396 28.39 -25.34 -28.71
C ASP I 396 28.05 -24.09 -29.51
N SER I 397 28.16 -24.15 -30.84
CA SER I 397 27.92 -22.97 -31.67
C SER I 397 26.46 -22.52 -31.59
N GLN I 398 26.26 -21.22 -31.85
CA GLN I 398 24.91 -20.66 -31.80
C GLN I 398 23.98 -21.36 -32.79
N MET I 399 24.52 -21.79 -33.93
CA MET I 399 23.69 -22.41 -34.96
C MET I 399 23.43 -23.89 -34.71
N LEU I 400 24.19 -24.52 -33.81
CA LEU I 400 24.02 -25.94 -33.50
C LEU I 400 23.35 -26.16 -32.15
N ARG I 401 22.86 -25.11 -31.50
CA ARG I 401 22.21 -25.25 -30.21
C ARG I 401 20.74 -25.64 -30.31
N GLY I 402 20.19 -25.74 -31.51
CA GLY I 402 18.80 -26.13 -31.64
C GLY I 402 18.58 -27.55 -31.13
N GLU I 403 17.42 -27.75 -30.50
CA GLU I 403 17.10 -29.08 -29.97
C GLU I 403 17.02 -30.11 -31.08
N LYS I 404 16.39 -29.75 -32.20
CA LYS I 404 16.32 -30.66 -33.33
C LYS I 404 17.69 -30.95 -33.91
N SER I 405 18.59 -29.95 -33.89
CA SER I 405 19.95 -30.18 -34.37
C SER I 405 20.64 -31.28 -33.57
N GLN I 406 20.61 -31.18 -32.24
CA GLN I 406 21.24 -32.19 -31.41
C GLN I 406 20.52 -33.53 -31.50
N GLN I 407 19.19 -33.51 -31.66
CA GLN I 407 18.47 -34.76 -31.86
C GLN I 407 18.94 -35.45 -33.14
N ILE I 408 19.09 -34.68 -34.22
CA ILE I 408 19.57 -35.24 -35.49
C ILE I 408 20.96 -35.82 -35.33
N ILE I 409 21.86 -35.07 -34.68
CA ILE I 409 23.23 -35.53 -34.52
C ILE I 409 23.28 -36.79 -33.66
N GLY I 410 22.49 -36.83 -32.60
CA GLY I 410 22.44 -38.02 -31.77
C GLY I 410 21.89 -39.23 -32.49
N GLN I 411 20.84 -39.03 -33.29
CA GLN I 411 20.31 -40.11 -34.11
C GLN I 411 21.36 -40.62 -35.08
N LEU I 412 22.14 -39.71 -35.66
CA LEU I 412 23.24 -40.11 -36.53
C LEU I 412 24.28 -40.93 -35.77
N SER I 413 24.64 -40.49 -34.56
CA SER I 413 25.67 -41.15 -33.79
C SER I 413 25.22 -42.46 -33.16
N SER I 414 23.92 -42.71 -33.12
CA SER I 414 23.42 -43.97 -32.55
C SER I 414 23.86 -45.18 -33.37
N LEU I 415 24.16 -44.99 -34.65
CA LEU I 415 24.63 -46.09 -35.48
C LEU I 415 25.99 -46.57 -35.01
N HIS I 416 26.25 -47.87 -35.20
CA HIS I 416 27.52 -48.46 -34.81
C HIS I 416 28.59 -48.30 -35.88
N ASN I 417 28.26 -47.68 -37.01
CA ASN I 417 29.22 -47.47 -38.09
C ASN I 417 29.72 -46.04 -38.15
N ILE I 418 29.46 -45.24 -37.12
CA ILE I 418 29.84 -43.83 -37.09
C ILE I 418 30.55 -43.55 -35.78
N TYR I 419 31.66 -42.79 -35.85
CA TYR I 419 32.47 -42.45 -34.71
C TYR I 419 32.49 -40.94 -34.54
N LEU I 420 32.35 -40.48 -33.28
CA LEU I 420 32.12 -39.06 -33.02
C LEU I 420 33.13 -38.53 -32.02
N ILE I 421 33.86 -37.50 -32.42
CA ILE I 421 34.73 -36.71 -31.56
C ILE I 421 34.21 -35.28 -31.57
N ALA I 422 33.89 -34.77 -30.39
CA ALA I 422 33.31 -33.44 -30.26
C ALA I 422 34.14 -32.62 -29.29
N SER I 423 33.92 -31.30 -29.31
CA SER I 423 34.61 -30.38 -28.44
C SER I 423 33.61 -29.45 -27.76
N ILE I 424 33.89 -29.11 -26.51
CA ILE I 424 33.08 -28.17 -25.75
C ILE I 424 33.94 -26.98 -25.34
N ASP I 425 33.44 -25.78 -25.59
CA ASP I 425 34.08 -24.55 -25.14
C ASP I 425 33.15 -23.61 -24.40
N HIS I 426 31.86 -23.94 -24.27
CA HIS I 426 30.91 -23.10 -23.56
C HIS I 426 30.61 -23.70 -22.19
N LEU I 427 30.24 -22.83 -21.25
CA LEU I 427 30.12 -23.25 -19.86
C LEU I 427 28.86 -24.08 -19.64
N ASN I 428 27.75 -23.69 -20.26
CA ASN I 428 26.45 -24.33 -20.02
C ASN I 428 26.19 -25.50 -20.96
N ALA I 429 27.24 -26.14 -21.48
CA ALA I 429 27.05 -27.26 -22.40
C ALA I 429 26.22 -28.40 -21.82
N PRO I 430 26.39 -28.85 -20.56
CA PRO I 430 25.65 -30.03 -20.10
C PRO I 430 24.13 -29.88 -20.18
N LEU I 431 23.60 -28.66 -20.19
CA LEU I 431 22.16 -28.48 -20.35
C LEU I 431 21.67 -28.91 -21.73
N MET I 432 22.56 -29.11 -22.70
CA MET I 432 22.12 -29.50 -24.03
C MET I 432 21.58 -30.92 -24.07
N TRP I 433 22.14 -31.81 -23.25
CA TRP I 433 21.87 -33.23 -23.36
C TRP I 433 20.84 -33.67 -22.33
N ASP I 434 19.84 -34.41 -22.79
CA ASP I 434 18.82 -35.00 -21.93
C ASP I 434 19.15 -36.46 -21.68
N HIS I 435 18.36 -37.10 -20.81
CA HIS I 435 18.60 -38.49 -20.47
C HIS I 435 18.56 -39.39 -21.70
N ALA I 436 17.53 -39.23 -22.52
CA ALA I 436 17.46 -40.00 -23.76
C ALA I 436 18.60 -39.64 -24.69
N LYS I 437 18.91 -38.34 -24.79
CA LYS I 437 20.05 -37.91 -25.60
C LYS I 437 21.36 -38.45 -25.03
N GLN I 438 21.49 -38.49 -23.70
CA GLN I 438 22.67 -39.08 -23.09
C GLN I 438 22.81 -40.55 -23.45
N SER I 439 21.70 -41.29 -23.42
CA SER I 439 21.74 -42.70 -23.80
C SER I 439 22.13 -42.87 -25.26
N LEU I 440 21.58 -42.01 -26.14
CA LEU I 440 21.87 -42.12 -27.56
C LEU I 440 23.34 -41.80 -27.85
N PHE I 441 23.87 -40.74 -27.22
CA PHE I 441 25.22 -40.30 -27.55
C PHE I 441 26.29 -41.23 -27.00
N ASN I 442 26.08 -41.77 -25.79
CA ASN I 442 27.03 -42.69 -25.15
C ASN I 442 28.39 -42.01 -24.97
N TRP I 443 28.40 -40.96 -24.16
CA TRP I 443 29.56 -40.09 -24.04
C TRP I 443 30.63 -40.64 -23.09
N LEU I 444 31.88 -40.39 -23.45
CA LEU I 444 33.02 -40.44 -22.54
C LEU I 444 33.74 -39.10 -22.60
N TRP I 445 34.36 -38.72 -21.49
CA TRP I 445 34.93 -37.40 -21.34
C TRP I 445 36.43 -37.47 -21.15
N TYR I 446 37.13 -36.42 -21.60
CA TYR I 446 38.56 -36.30 -21.42
C TYR I 446 38.93 -34.84 -21.19
N GLU I 447 39.70 -34.58 -20.15
CA GLU I 447 40.17 -33.24 -19.82
C GLU I 447 41.49 -32.98 -20.53
N THR I 448 41.50 -32.01 -21.43
CA THR I 448 42.72 -31.64 -22.16
C THR I 448 42.75 -30.11 -22.25
N THR I 449 43.51 -29.49 -21.35
CA THR I 449 43.68 -28.04 -21.34
C THR I 449 44.97 -27.69 -22.05
N THR I 450 44.89 -26.91 -23.12
CA THR I 450 46.04 -26.58 -23.94
C THR I 450 46.49 -25.14 -23.82
N TYR I 451 45.68 -24.26 -23.23
CA TYR I 451 46.02 -22.85 -23.01
C TYR I 451 46.25 -22.09 -24.30
N SER I 452 45.84 -22.66 -25.44
CA SER I 452 46.10 -22.00 -26.71
C SER I 452 45.13 -20.84 -26.93
N PRO I 453 45.59 -19.73 -27.50
CA PRO I 453 44.69 -18.62 -27.78
C PRO I 453 43.65 -18.99 -28.83
N TYR I 454 42.48 -18.38 -28.72
CA TYR I 454 41.36 -18.66 -29.62
C TYR I 454 41.37 -17.68 -30.81
N THR I 455 42.44 -17.75 -31.59
CA THR I 455 42.62 -16.81 -32.69
C THR I 455 41.62 -17.05 -33.81
N GLU I 456 41.67 -18.24 -34.42
CA GLU I 456 40.80 -18.53 -35.55
C GLU I 456 39.33 -18.52 -35.14
N GLU I 457 39.02 -19.08 -33.97
CA GLU I 457 37.64 -19.18 -33.53
C GLU I 457 37.03 -17.83 -33.22
N THR I 458 37.84 -16.83 -32.86
CA THR I 458 37.36 -15.46 -32.72
C THR I 458 37.50 -14.66 -34.00
N SER I 459 38.21 -15.18 -35.00
CA SER I 459 38.42 -14.43 -36.24
C SER I 459 37.12 -14.26 -37.02
N TYR I 460 36.42 -15.37 -37.30
CA TYR I 460 35.21 -15.29 -38.10
C TYR I 460 34.10 -14.55 -37.37
N GLU I 461 34.12 -14.55 -36.04
CA GLU I 461 33.08 -13.89 -35.27
C GLU I 461 33.16 -12.38 -35.45
N ASN I 462 32.01 -11.75 -35.67
CA ASN I 462 31.92 -10.31 -35.85
C ASN I 462 31.34 -9.69 -34.58
N SER I 463 32.20 -9.04 -33.80
CA SER I 463 31.78 -8.43 -32.54
C SER I 463 30.85 -7.24 -32.78
N SER I 475 35.18 5.29 -39.39
CA SER I 475 35.67 4.70 -40.62
C SER I 475 34.61 4.78 -41.72
N SER I 476 33.46 4.13 -41.49
CA SER I 476 32.39 4.15 -42.48
C SER I 476 31.85 5.56 -42.70
N LEU I 477 31.67 6.32 -41.60
CA LEU I 477 31.11 7.66 -41.72
C LEU I 477 32.01 8.57 -42.55
N THR I 478 33.32 8.52 -42.31
CA THR I 478 34.24 9.36 -43.06
C THR I 478 34.23 9.00 -44.54
N HIS I 479 34.23 7.70 -44.86
CA HIS I 479 34.21 7.29 -46.26
C HIS I 479 32.91 7.69 -46.95
N VAL I 480 31.78 7.58 -46.25
CA VAL I 480 30.51 7.97 -46.83
C VAL I 480 30.48 9.48 -47.08
N LEU I 481 30.93 10.27 -46.10
CA LEU I 481 30.84 11.72 -46.23
C LEU I 481 31.94 12.33 -47.08
N ARG I 482 32.98 11.56 -47.43
CA ARG I 482 34.05 12.11 -48.27
C ARG I 482 33.53 12.50 -49.64
N SER I 483 32.75 11.64 -50.27
CA SER I 483 32.30 11.85 -51.65
C SER I 483 30.93 12.51 -51.73
N LEU I 484 30.31 12.84 -50.60
CA LEU I 484 29.04 13.54 -50.61
C LEU I 484 29.26 15.02 -50.87
N THR I 485 28.17 15.70 -51.25
CA THR I 485 28.26 17.12 -51.54
C THR I 485 28.59 17.90 -50.28
N PRO I 486 29.35 19.00 -50.40
CA PRO I 486 29.71 19.78 -49.21
C PRO I 486 28.52 20.32 -48.43
N ASN I 487 27.42 20.63 -49.11
CA ASN I 487 26.23 21.11 -48.41
C ASN I 487 25.69 20.05 -47.46
N ALA I 488 25.64 18.79 -47.92
CA ALA I 488 25.23 17.70 -47.05
C ALA I 488 26.19 17.53 -45.89
N ARG I 489 27.49 17.70 -46.14
CA ARG I 489 28.48 17.61 -45.07
C ARG I 489 28.22 18.67 -44.01
N GLY I 490 27.95 19.91 -44.43
CA GLY I 490 27.66 20.96 -43.48
C GLY I 490 26.38 20.73 -42.71
N ILE I 491 25.34 20.24 -43.39
CA ILE I 491 24.08 19.95 -42.72
C ILE I 491 24.27 18.86 -41.68
N PHE I 492 25.00 17.80 -42.04
CA PHE I 492 25.25 16.72 -41.11
C PHE I 492 26.11 17.18 -39.94
N ARG I 493 27.05 18.10 -40.20
CA ARG I 493 27.85 18.68 -39.12
C ARG I 493 26.97 19.45 -38.16
N LEU I 494 26.03 20.25 -38.68
CA LEU I 494 25.13 21.00 -37.82
C LEU I 494 24.26 20.06 -36.99
N LEU I 495 23.77 18.99 -37.62
CA LEU I 495 22.96 18.00 -36.90
C LEU I 495 23.77 17.35 -35.78
N ILE I 496 25.02 16.98 -36.07
CA ILE I 496 25.89 16.41 -35.04
C ILE I 496 26.12 17.40 -33.92
N LYS I 497 26.34 18.67 -34.26
CA LYS I 497 26.57 19.69 -33.24
C LYS I 497 25.38 19.81 -32.32
N TYR I 498 24.17 19.88 -32.88
CA TYR I 498 22.99 20.01 -32.03
C TYR I 498 22.79 18.76 -31.19
N GLN I 499 23.02 17.58 -31.78
CA GLN I 499 22.88 16.34 -31.01
C GLN I 499 23.85 16.30 -29.85
N LEU I 500 25.09 16.75 -30.06
CA LEU I 500 26.08 16.76 -28.98
C LEU I 500 25.78 17.86 -27.97
N ASP I 501 25.07 18.91 -28.37
CA ASP I 501 24.72 19.96 -27.42
C ASP I 501 23.84 19.44 -26.30
N ASN I 502 22.86 18.59 -26.63
CA ASN I 502 21.94 18.06 -25.63
C ASN I 502 22.14 16.56 -25.38
N GLY I 510 16.34 15.09 -29.64
CA GLY I 510 16.23 15.08 -31.09
C GLY I 510 15.61 16.34 -31.66
N LEU I 511 16.05 16.75 -32.84
CA LEU I 511 15.53 17.93 -33.49
C LEU I 511 14.13 17.70 -34.07
N SER I 512 13.26 18.68 -33.87
CA SER I 512 12.01 18.72 -34.62
C SER I 512 12.29 19.16 -36.05
N PHE I 513 11.40 18.77 -36.97
CA PHE I 513 11.62 19.06 -38.37
C PHE I 513 11.59 20.57 -38.64
N GLN I 514 10.69 21.29 -37.97
CA GLN I 514 10.56 22.72 -38.22
C GLN I 514 11.79 23.49 -37.77
N ASP I 515 12.27 23.22 -36.56
CA ASP I 515 13.47 23.90 -36.07
C ASP I 515 14.68 23.57 -36.92
N PHE I 516 14.81 22.30 -37.32
CA PHE I 516 15.92 21.91 -38.18
C PHE I 516 15.85 22.64 -39.52
N TYR I 517 14.65 22.75 -40.11
CA TYR I 517 14.50 23.48 -41.36
C TYR I 517 14.86 24.95 -41.20
N GLN I 518 14.43 25.57 -40.09
CA GLN I 518 14.77 26.96 -39.86
C GLN I 518 16.27 27.17 -39.72
N GLN I 519 16.94 26.28 -38.97
CA GLN I 519 18.38 26.40 -38.81
C GLN I 519 19.10 26.19 -40.13
N CYS I 520 18.64 25.23 -40.93
CA CYS I 520 19.23 25.02 -42.25
C CYS I 520 19.03 26.23 -43.16
N ARG I 521 17.86 26.86 -43.07
CA ARG I 521 17.65 28.15 -43.73
C ARG I 521 18.70 29.17 -43.30
N GLU I 522 18.96 29.24 -41.99
CA GLU I 522 19.87 30.26 -41.48
C GLU I 522 21.28 30.08 -42.02
N ALA I 523 21.68 28.83 -42.28
CA ALA I 523 22.99 28.56 -42.85
C ALA I 523 23.00 28.62 -44.37
N PHE I 524 21.84 28.83 -45.01
CA PHE I 524 21.72 28.89 -46.46
C PHE I 524 22.18 27.62 -47.15
N LEU I 525 22.10 26.47 -46.46
CA LEU I 525 22.42 25.20 -47.08
C LEU I 525 21.21 24.56 -47.74
N VAL I 526 20.01 25.10 -47.53
CA VAL I 526 18.78 24.56 -48.09
C VAL I 526 17.98 25.71 -48.69
N ASN I 527 17.43 25.49 -49.88
CA ASN I 527 16.60 26.47 -50.55
C ASN I 527 15.12 26.12 -50.55
N SER I 528 14.77 24.85 -50.36
CA SER I 528 13.38 24.43 -50.31
C SER I 528 13.27 23.18 -49.45
N ASP I 529 12.12 23.02 -48.79
CA ASP I 529 11.92 21.88 -47.90
C ASP I 529 11.97 20.56 -48.65
N LEU I 530 11.60 20.57 -49.94
CA LEU I 530 11.71 19.35 -50.73
C LEU I 530 13.16 18.90 -50.85
N THR I 531 14.08 19.85 -51.05
CA THR I 531 15.50 19.51 -51.12
C THR I 531 16.00 18.96 -49.79
N LEU I 532 15.57 19.57 -48.67
CA LEU I 532 15.98 19.09 -47.36
C LEU I 532 15.47 17.67 -47.12
N ARG I 533 14.22 17.40 -47.50
CA ARG I 533 13.71 16.04 -47.34
C ARG I 533 14.42 15.06 -48.27
N ALA I 534 14.84 15.52 -49.45
CA ALA I 534 15.63 14.66 -50.33
C ALA I 534 16.95 14.30 -49.70
N GLN I 535 17.63 15.27 -49.08
CA GLN I 535 18.88 14.98 -48.40
C GLN I 535 18.65 14.06 -47.20
N LEU I 536 17.54 14.26 -46.48
CA LEU I 536 17.24 13.37 -45.36
C LEU I 536 17.00 11.94 -45.83
N THR I 537 16.30 11.78 -46.95
CA THR I 537 16.10 10.44 -47.51
C THR I 537 17.42 9.84 -47.99
N GLU I 538 18.31 10.67 -48.55
CA GLU I 538 19.63 10.19 -48.94
C GLU I 538 20.42 9.68 -47.75
N PHE I 539 20.36 10.41 -46.63
CA PHE I 539 20.99 9.94 -45.40
C PHE I 539 20.35 8.66 -44.90
N ARG I 540 19.01 8.58 -44.99
CA ARG I 540 18.30 7.39 -44.52
C ARG I 540 18.69 6.15 -45.34
N ASP I 541 18.88 6.32 -46.65
CA ASP I 541 19.22 5.20 -47.51
C ASP I 541 20.53 4.54 -47.08
N HIS I 542 21.41 5.30 -46.45
CA HIS I 542 22.66 4.77 -45.91
C HIS I 542 22.57 4.46 -44.43
N LYS I 543 21.35 4.45 -43.87
CA LYS I 543 21.12 4.13 -42.45
C LYS I 543 21.91 5.05 -41.54
N LEU I 544 21.94 6.34 -41.88
CA LEU I 544 22.67 7.32 -41.09
C LEU I 544 21.73 8.05 -40.12
N LEU I 557 14.28 13.41 -34.40
CA LEU I 557 15.33 12.85 -35.25
C LEU I 557 16.61 12.64 -34.44
N LEU I 558 17.09 11.39 -34.41
CA LEU I 558 18.27 11.02 -33.64
C LEU I 558 19.23 10.25 -34.52
N ILE I 559 20.52 10.53 -34.38
CA ILE I 559 21.57 9.83 -35.11
C ILE I 559 21.98 8.61 -34.29
N PRO I 560 21.91 7.40 -34.86
CA PRO I 560 22.34 6.18 -34.15
C PRO I 560 23.85 5.97 -34.17
N VAL I 561 24.60 6.99 -33.76
CA VAL I 561 26.06 6.95 -33.73
C VAL I 561 26.52 7.45 -32.37
N ASP I 562 27.54 6.80 -31.81
CA ASP I 562 28.03 7.13 -30.48
C ASP I 562 28.58 8.56 -30.45
N ASN I 563 28.41 9.21 -29.29
CA ASN I 563 28.83 10.60 -29.14
C ASN I 563 30.35 10.75 -29.27
N GLY I 564 31.11 9.84 -28.66
CA GLY I 564 32.56 9.93 -28.73
C GLY I 564 33.09 9.78 -30.14
N THR I 565 32.49 8.87 -30.92
CA THR I 565 32.88 8.72 -32.32
C THR I 565 32.61 9.99 -33.10
N LEU I 566 31.47 10.64 -32.85
CA LEU I 566 31.16 11.89 -33.53
C LEU I 566 32.14 12.99 -33.14
N THR I 567 32.50 13.07 -31.86
CA THR I 567 33.47 14.08 -31.42
C THR I 567 34.82 13.86 -32.07
N ASP I 568 35.27 12.60 -32.14
CA ASP I 568 36.55 12.32 -32.80
C ASP I 568 36.49 12.60 -34.29
N PHE I 569 35.35 12.28 -34.92
CA PHE I 569 35.21 12.50 -36.36
C PHE I 569 35.17 13.98 -36.72
N LEU I 570 34.58 14.80 -35.84
CA LEU I 570 34.43 16.22 -36.16
C LEU I 570 35.79 16.90 -36.35
N GLU I 571 36.74 16.61 -35.46
CA GLU I 571 38.05 17.22 -35.57
C GLU I 571 38.90 16.59 -36.67
N LYS I 572 38.72 15.29 -36.93
CA LYS I 572 39.46 14.62 -38.00
C LYS I 572 39.05 15.14 -39.37
N THR J 3 43.68 -26.40 -45.53
CA THR J 3 42.41 -26.68 -46.19
C THR J 3 41.26 -26.68 -45.18
N SER J 4 41.61 -26.70 -43.89
CA SER J 4 40.64 -26.72 -42.81
C SER J 4 40.40 -25.34 -42.22
N SER J 5 40.56 -24.28 -43.03
CA SER J 5 40.35 -22.93 -42.53
C SER J 5 39.63 -22.03 -43.53
N MET J 6 38.95 -22.61 -44.52
CA MET J 6 38.29 -21.83 -45.54
C MET J 6 36.97 -21.26 -45.02
N SER J 7 36.32 -20.45 -45.87
CA SER J 7 35.05 -19.85 -45.49
C SER J 7 33.96 -20.92 -45.33
N LYS J 8 33.97 -21.94 -46.19
CA LYS J 8 32.97 -22.98 -46.10
C LYS J 8 33.25 -23.89 -44.92
N GLY J 9 32.23 -24.13 -44.10
CA GLY J 9 32.39 -24.93 -42.90
C GLY J 9 32.30 -26.42 -43.10
N CYS J 10 31.96 -26.87 -44.31
CA CYS J 10 31.83 -28.30 -44.60
C CYS J 10 33.08 -28.78 -45.32
N PHE J 11 33.85 -29.64 -44.66
CA PHE J 11 35.04 -30.25 -45.23
C PHE J 11 34.93 -31.76 -45.12
N VAL J 12 35.43 -32.44 -46.15
CA VAL J 12 35.28 -33.89 -46.27
C VAL J 12 36.48 -34.43 -47.03
N PHE J 13 36.97 -35.59 -46.61
CA PHE J 13 38.21 -36.15 -47.14
C PHE J 13 38.01 -37.62 -47.46
N LYS J 14 38.73 -38.08 -48.49
CA LYS J 14 38.71 -39.46 -48.94
C LYS J 14 40.14 -39.96 -49.08
N PRO J 15 40.41 -41.22 -48.68
CA PRO J 15 41.76 -41.78 -48.82
C PRO J 15 42.07 -42.19 -50.25
N PRO J 25 43.21 -54.13 -38.16
CA PRO J 25 42.57 -55.07 -37.22
C PRO J 25 42.18 -54.40 -35.90
N ILE J 26 41.20 -54.97 -35.22
CA ILE J 26 40.67 -54.36 -34.00
C ILE J 26 41.71 -54.43 -32.89
N GLU J 27 42.37 -55.57 -32.73
CA GLU J 27 43.23 -55.80 -31.57
C GLU J 27 44.48 -54.94 -31.61
N ASP J 28 44.95 -54.58 -32.80
CA ASP J 28 46.20 -53.82 -32.90
C ASP J 28 46.09 -52.45 -32.23
N TYR J 29 44.89 -51.88 -32.16
CA TYR J 29 44.72 -50.61 -31.48
C TYR J 29 44.93 -50.73 -29.97
N PHE J 30 44.79 -51.94 -29.42
CA PHE J 30 44.95 -52.14 -27.99
C PHE J 30 46.41 -52.23 -27.57
N ASN J 31 47.33 -52.40 -28.51
CA ASN J 31 48.75 -52.54 -28.20
C ASN J 31 49.44 -51.18 -28.15
N PRO J 37 51.83 -58.49 -26.88
CA PRO J 37 50.66 -58.45 -27.75
C PRO J 37 49.81 -59.71 -27.63
N GLU J 38 50.46 -60.86 -27.44
CA GLU J 38 49.71 -62.10 -27.21
C GLU J 38 48.87 -62.01 -25.95
N ASP J 39 49.45 -61.45 -24.88
CA ASP J 39 48.66 -61.18 -23.68
C ASP J 39 47.54 -60.19 -23.97
N SER J 40 47.84 -59.19 -24.80
CA SER J 40 46.80 -58.24 -25.21
C SER J 40 45.68 -58.95 -25.99
N LYS J 41 46.05 -59.85 -26.89
CA LYS J 41 45.06 -60.59 -27.65
C LYS J 41 44.17 -61.43 -26.73
N LEU J 42 44.80 -62.15 -25.79
CA LEU J 42 44.02 -62.97 -24.86
C LEU J 42 43.11 -62.11 -23.99
N ARG J 43 43.61 -60.96 -23.53
CA ARG J 43 42.80 -60.06 -22.72
C ARG J 43 41.60 -59.54 -23.52
N PHE J 44 41.82 -59.18 -24.79
CA PHE J 44 40.71 -58.72 -25.61
C PHE J 44 39.69 -59.82 -25.85
N GLU J 45 40.15 -61.04 -26.11
CA GLU J 45 39.22 -62.15 -26.31
C GLU J 45 38.39 -62.40 -25.06
N THR J 46 39.04 -62.40 -23.88
CA THR J 46 38.31 -62.59 -22.64
C THR J 46 37.33 -61.46 -22.40
N TYR J 47 37.73 -60.22 -22.70
CA TYR J 47 36.83 -59.08 -22.59
C TYR J 47 35.58 -59.28 -23.43
N GLN J 48 35.77 -59.64 -24.70
CA GLN J 48 34.63 -59.82 -25.58
C GLN J 48 33.71 -60.94 -25.10
N LEU J 49 34.31 -62.07 -24.68
CA LEU J 49 33.52 -63.20 -24.22
C LEU J 49 32.71 -62.84 -22.97
N ILE J 50 33.37 -62.19 -22.00
CA ILE J 50 32.69 -61.84 -20.76
C ILE J 50 31.59 -60.82 -21.01
N TRP J 51 31.84 -59.84 -21.88
CA TRP J 51 30.81 -58.87 -22.21
C TRP J 51 29.61 -59.53 -22.88
N GLN J 52 29.89 -60.46 -23.81
CA GLN J 52 28.82 -61.23 -24.43
C GLN J 52 27.97 -61.95 -23.39
N GLN J 53 28.62 -62.68 -22.48
CA GLN J 53 27.87 -63.42 -21.46
C GLN J 53 27.07 -62.48 -20.56
N MET J 54 27.68 -61.37 -20.16
CA MET J 54 27.01 -60.43 -19.26
C MET J 54 25.77 -59.84 -19.89
N LYS J 55 25.87 -59.40 -21.15
CA LYS J 55 24.70 -58.79 -21.79
C LYS J 55 23.65 -59.85 -22.11
N SER J 56 24.06 -61.08 -22.41
CA SER J 56 23.09 -62.15 -22.61
C SER J 56 22.29 -62.41 -21.33
N GLU J 57 22.98 -62.47 -20.19
CA GLU J 57 22.27 -62.65 -18.93
C GLU J 57 21.36 -61.47 -18.62
N ASN J 58 21.81 -60.26 -18.93
CA ASN J 58 20.96 -59.09 -18.72
C ASN J 58 19.68 -59.18 -19.54
N GLU J 59 19.80 -59.59 -20.81
CA GLU J 59 18.62 -59.76 -21.66
C GLU J 59 17.72 -60.87 -21.12
N ARG J 60 18.31 -61.95 -20.64
CA ARG J 60 17.52 -63.03 -20.06
C ARG J 60 16.69 -62.53 -18.89
N LEU J 61 17.31 -61.78 -17.98
CA LEU J 61 16.59 -61.24 -16.83
C LEU J 61 15.50 -60.26 -17.28
N GLN J 62 15.82 -59.42 -18.26
CA GLN J 62 14.85 -58.43 -18.75
C GLN J 62 13.61 -59.13 -19.30
N GLU J 63 13.81 -60.19 -20.09
CA GLU J 63 12.67 -60.95 -20.59
C GLU J 63 11.93 -61.67 -19.47
N GLU J 64 12.67 -62.21 -18.50
CA GLU J 64 12.05 -63.02 -17.45
C GLU J 64 11.14 -62.19 -16.54
N LEU J 65 11.54 -60.95 -16.24
CA LEU J 65 10.89 -60.21 -15.16
C LEU J 65 9.62 -59.45 -15.60
N ASN J 66 8.93 -59.86 -16.67
CA ASN J 66 7.72 -59.17 -17.08
C ASN J 66 6.57 -60.10 -17.46
N LYS J 67 6.68 -61.40 -17.18
CA LYS J 67 5.64 -62.34 -17.57
C LYS J 67 4.34 -62.07 -16.82
N ASN J 68 4.44 -61.74 -15.53
CA ASN J 68 3.24 -61.55 -14.71
C ASN J 68 2.41 -60.36 -15.15
N LEU J 69 2.97 -59.49 -15.98
CA LEU J 69 2.20 -58.40 -16.59
C LEU J 69 1.86 -58.66 -18.05
N PHE J 70 2.74 -59.36 -18.77
CA PHE J 70 2.46 -59.68 -20.16
C PHE J 70 1.25 -60.59 -20.28
N ASP J 71 1.15 -61.59 -19.39
CA ASP J 71 -0.02 -62.46 -19.41
C ASP J 71 -1.30 -61.69 -19.10
N ASN J 72 -1.23 -60.75 -18.16
CA ASN J 72 -2.39 -59.92 -17.84
C ASN J 72 -2.81 -59.08 -19.03
N LEU J 73 -1.84 -58.49 -19.74
CA LEU J 73 -2.17 -57.74 -20.95
C LEU J 73 -2.81 -58.64 -22.00
N ILE J 74 -2.28 -59.84 -22.19
CA ILE J 74 -2.84 -60.73 -23.20
C ILE J 74 -4.27 -61.11 -22.86
N GLU J 75 -4.53 -61.43 -21.59
CA GLU J 75 -5.89 -61.81 -21.20
C GLU J 75 -6.84 -60.61 -21.31
N PHE J 76 -6.37 -59.41 -20.97
CA PHE J 76 -7.21 -58.23 -21.10
C PHE J 76 -7.56 -57.97 -22.56
N LEU J 77 -6.58 -58.06 -23.46
CA LEU J 77 -6.85 -57.88 -24.88
C LEU J 77 -7.81 -58.95 -25.41
N GLN J 78 -7.63 -60.20 -24.98
CA GLN J 78 -8.53 -61.26 -25.41
C GLN J 78 -9.96 -60.97 -24.94
N LYS J 79 -10.12 -60.57 -23.69
CA LYS J 79 -11.45 -60.25 -23.17
C LYS J 79 -12.07 -59.07 -23.93
N SER J 80 -11.27 -58.04 -24.21
CA SER J 80 -11.79 -56.87 -24.91
C SER J 80 -12.22 -57.23 -26.33
N HIS J 81 -11.42 -58.03 -27.04
CA HIS J 81 -11.78 -58.37 -28.41
C HIS J 81 -12.89 -59.42 -28.48
N SER J 82 -13.14 -60.15 -27.39
CA SER J 82 -14.24 -61.11 -27.39
C SER J 82 -15.57 -60.41 -27.62
N GLY J 83 -15.74 -59.21 -27.06
CA GLY J 83 -17.00 -58.50 -27.23
C GLY J 83 -17.26 -58.10 -28.67
N PHE J 84 -16.21 -57.71 -29.40
CA PHE J 84 -16.39 -57.28 -30.79
C PHE J 84 -16.90 -58.42 -31.66
N GLN J 85 -16.41 -59.64 -31.42
CA GLN J 85 -16.83 -60.81 -32.20
C GLN J 85 -18.34 -61.06 -32.04
N GLU J 99 -17.53 -46.67 -26.98
CA GLU J 99 -16.68 -47.36 -26.01
C GLU J 99 -15.48 -47.99 -26.69
N ILE J 100 -14.29 -47.48 -26.38
CA ILE J 100 -13.04 -47.96 -26.94
C ILE J 100 -12.22 -48.57 -25.80
N PRO J 101 -11.87 -49.85 -25.86
CA PRO J 101 -11.03 -50.42 -24.79
C PRO J 101 -9.66 -49.78 -24.78
N THR J 102 -9.14 -49.55 -23.57
CA THR J 102 -7.88 -48.86 -23.38
C THR J 102 -7.24 -49.33 -22.09
N ALA J 103 -5.94 -49.58 -22.13
CA ALA J 103 -5.18 -50.02 -20.96
C ALA J 103 -4.17 -48.95 -20.60
N ALA J 104 -4.12 -48.61 -19.31
CA ALA J 104 -3.18 -47.63 -18.80
C ALA J 104 -2.01 -48.35 -18.14
N LEU J 105 -0.79 -48.02 -18.57
CA LEU J 105 0.41 -48.68 -18.10
C LEU J 105 1.34 -47.65 -17.50
N VAL J 106 1.60 -47.76 -16.20
CA VAL J 106 2.48 -46.84 -15.48
C VAL J 106 3.90 -47.38 -15.56
N LEU J 107 4.84 -46.54 -15.96
CA LEU J 107 6.20 -46.97 -16.21
C LEU J 107 7.27 -46.16 -15.49
N GLY J 108 6.89 -45.16 -14.70
CA GLY J 108 7.85 -44.42 -13.91
C GLY J 108 8.70 -43.47 -14.73
N VAL J 109 9.76 -42.98 -14.06
CA VAL J 109 10.63 -41.96 -14.65
C VAL J 109 11.80 -42.58 -15.40
N ASN J 110 11.93 -43.91 -15.37
CA ASN J 110 13.09 -44.59 -15.95
C ASN J 110 13.01 -44.51 -17.47
N VAL J 111 13.31 -43.32 -18.00
CA VAL J 111 13.09 -43.04 -19.41
C VAL J 111 13.96 -43.93 -20.30
N THR J 112 15.11 -44.38 -19.79
CA THR J 112 15.99 -45.22 -20.61
C THR J 112 15.47 -46.65 -20.73
N ASP J 113 14.80 -47.16 -19.69
CA ASP J 113 14.35 -48.54 -19.71
C ASP J 113 13.28 -48.79 -20.77
N HIS J 114 12.35 -47.84 -20.91
CA HIS J 114 11.10 -48.06 -21.64
C HIS J 114 11.30 -48.84 -22.93
N ASP J 115 12.16 -48.31 -23.81
CA ASP J 115 12.34 -48.89 -25.14
C ASP J 115 12.59 -50.39 -25.06
N LEU J 116 13.55 -50.80 -24.23
CA LEU J 116 13.86 -52.21 -24.10
C LEU J 116 12.60 -53.00 -23.75
N THR J 117 11.90 -52.58 -22.69
CA THR J 117 10.66 -53.24 -22.31
C THR J 117 9.71 -53.27 -23.50
N PHE J 118 9.53 -52.13 -24.16
CA PHE J 118 8.60 -52.07 -25.28
C PHE J 118 8.95 -53.09 -26.34
N GLY J 119 10.25 -53.30 -26.57
CA GLY J 119 10.68 -54.35 -27.48
C GLY J 119 10.01 -55.65 -27.10
N SER J 120 10.31 -56.14 -25.90
CA SER J 120 9.71 -57.40 -25.45
C SER J 120 8.20 -57.33 -25.57
N LEU J 121 7.63 -56.16 -25.28
CA LEU J 121 6.18 -56.01 -25.34
C LEU J 121 5.64 -56.44 -26.69
N THR J 122 6.19 -55.88 -27.78
CA THR J 122 5.65 -56.27 -29.07
C THR J 122 5.96 -57.73 -29.37
N GLU J 123 7.12 -58.21 -28.90
CA GLU J 123 7.49 -59.59 -29.12
C GLU J 123 6.49 -60.55 -28.48
N ALA J 124 5.69 -60.07 -27.53
CA ALA J 124 4.59 -60.89 -27.04
C ALA J 124 3.41 -60.84 -28.00
N LEU J 125 2.94 -59.62 -28.32
CA LEU J 125 1.66 -59.49 -29.01
C LEU J 125 1.70 -60.14 -30.39
N GLN J 126 2.69 -59.77 -31.20
CA GLN J 126 2.81 -60.36 -32.53
C GLN J 126 3.03 -61.87 -32.46
N ASN J 127 3.47 -62.38 -31.32
CA ASN J 127 3.64 -63.82 -31.18
C ASN J 127 2.37 -64.53 -30.74
N ASN J 128 1.45 -63.83 -30.08
CA ASN J 128 0.32 -64.49 -29.43
C ASN J 128 -1.02 -64.09 -30.05
N VAL J 129 -1.34 -62.81 -30.08
CA VAL J 129 -2.70 -62.36 -30.33
C VAL J 129 -2.84 -61.68 -31.70
N THR J 130 -1.91 -60.80 -32.06
CA THR J 130 -2.13 -59.99 -33.25
C THR J 130 -0.81 -59.60 -33.93
N PRO J 131 -0.66 -59.85 -35.23
CA PRO J 131 0.54 -59.45 -35.94
C PRO J 131 0.57 -57.99 -36.39
N TYR J 132 -0.33 -57.16 -35.87
CA TYR J 132 -0.40 -55.74 -36.22
C TYR J 132 -0.11 -54.92 -34.96
N VAL J 133 1.13 -54.45 -34.83
CA VAL J 133 1.55 -53.59 -33.73
C VAL J 133 2.25 -52.38 -34.32
N VAL J 134 1.78 -51.19 -33.96
CA VAL J 134 2.34 -49.93 -34.45
C VAL J 134 2.62 -49.04 -33.26
N SER J 135 3.89 -48.81 -32.97
CA SER J 135 4.30 -47.90 -31.90
C SER J 135 4.66 -46.55 -32.52
N LEU J 136 4.29 -45.48 -31.82
CA LEU J 136 4.46 -44.14 -32.37
C LEU J 136 5.10 -43.21 -31.35
N GLN J 137 5.78 -42.20 -31.88
CA GLN J 137 6.43 -41.17 -31.08
C GLN J 137 5.60 -39.89 -31.08
N ALA J 138 5.93 -39.00 -30.14
CA ALA J 138 5.33 -37.68 -30.11
C ALA J 138 6.15 -36.64 -30.87
N LYS J 139 7.46 -36.87 -31.00
CA LYS J 139 8.31 -35.93 -31.72
C LYS J 139 7.93 -35.86 -33.19
N ASP J 140 7.61 -36.98 -33.79
CA ASP J 140 7.38 -37.07 -35.23
C ASP J 140 5.92 -36.84 -35.63
N CYS J 141 5.04 -36.52 -34.68
CA CYS J 141 3.63 -36.29 -34.96
C CYS J 141 3.18 -34.97 -34.34
N PRO J 142 3.63 -33.84 -34.89
CA PRO J 142 3.13 -32.55 -34.40
C PRO J 142 1.76 -32.19 -34.94
N ASP J 143 1.38 -32.74 -36.10
CA ASP J 143 0.09 -32.47 -36.71
C ASP J 143 -0.60 -33.78 -37.03
N MET J 144 -1.94 -33.74 -37.07
CA MET J 144 -2.72 -34.95 -37.29
C MET J 144 -2.48 -35.53 -38.68
N LYS J 145 -2.19 -34.67 -39.67
CA LYS J 145 -1.85 -35.17 -41.00
C LYS J 145 -0.63 -36.08 -40.95
N HIS J 146 0.45 -35.61 -40.32
CA HIS J 146 1.65 -36.43 -40.18
C HIS J 146 1.37 -37.66 -39.34
N PHE J 147 0.51 -37.51 -38.33
CA PHE J 147 0.15 -38.64 -37.47
C PHE J 147 -0.47 -39.77 -38.29
N LEU J 148 -1.50 -39.44 -39.08
CA LEU J 148 -2.15 -40.45 -39.90
C LEU J 148 -1.21 -40.97 -40.98
N GLN J 149 -0.36 -40.11 -41.53
CA GLN J 149 0.58 -40.55 -42.56
C GLN J 149 1.53 -41.60 -42.00
N LYS J 150 2.13 -41.34 -40.84
CA LYS J 150 3.01 -42.31 -40.22
C LYS J 150 2.27 -43.59 -39.85
N LEU J 151 1.05 -43.45 -39.30
CA LEU J 151 0.29 -44.63 -38.91
C LEU J 151 0.03 -45.54 -40.10
N ILE J 152 -0.49 -44.98 -41.20
CA ILE J 152 -0.79 -45.80 -42.37
C ILE J 152 0.49 -46.33 -43.00
N SER J 153 1.58 -45.54 -42.99
CA SER J 153 2.83 -46.00 -43.57
C SER J 153 3.36 -47.22 -42.83
N GLN J 154 3.28 -47.22 -41.49
CA GLN J 154 3.75 -48.39 -40.75
C GLN J 154 2.76 -49.55 -40.84
N LEU J 155 1.46 -49.27 -40.90
CA LEU J 155 0.50 -50.34 -41.14
C LEU J 155 0.73 -51.02 -42.48
N MET J 156 1.24 -50.28 -43.47
CA MET J 156 1.48 -50.87 -44.78
C MET J 156 2.49 -51.99 -44.72
N ASP J 157 3.61 -51.79 -44.02
CA ASP J 157 4.66 -52.80 -43.96
C ASP J 157 4.60 -53.66 -42.71
N CYS J 158 3.62 -53.46 -41.83
CA CYS J 158 3.39 -54.44 -40.77
C CYS J 158 2.96 -55.78 -41.36
N CYS J 159 2.18 -55.76 -42.43
CA CYS J 159 1.73 -56.99 -43.09
C CYS J 159 2.90 -57.73 -43.72
N HIS J 178 -3.54 -38.04 -50.60
CA HIS J 178 -3.93 -37.76 -49.23
C HIS J 178 -4.40 -39.03 -48.53
N TYR J 179 -4.23 -39.08 -47.21
CA TYR J 179 -4.58 -40.24 -46.40
C TYR J 179 -5.69 -39.86 -45.44
N SER J 180 -6.70 -40.72 -45.33
CA SER J 180 -7.85 -40.46 -44.48
C SER J 180 -8.36 -41.77 -43.90
N MET J 181 -9.34 -41.66 -42.98
CA MET J 181 -9.86 -42.83 -42.29
C MET J 181 -10.54 -43.79 -43.24
N ASP J 182 -11.16 -43.29 -44.31
CA ASP J 182 -11.76 -44.17 -45.29
C ASP J 182 -10.72 -45.05 -45.95
N SER J 183 -9.54 -44.48 -46.26
CA SER J 183 -8.46 -45.27 -46.84
C SER J 183 -7.99 -46.35 -45.87
N LEU J 184 -7.86 -46.01 -44.58
CA LEU J 184 -7.45 -47.00 -43.60
C LEU J 184 -8.49 -48.12 -43.48
N SER J 185 -9.77 -47.76 -43.48
CA SER J 185 -10.83 -48.77 -43.43
C SER J 185 -10.78 -49.67 -44.65
N SER J 186 -10.58 -49.09 -45.83
CA SER J 186 -10.49 -49.90 -47.04
C SER J 186 -9.29 -50.84 -46.98
N TRP J 187 -8.15 -50.34 -46.50
CA TRP J 187 -6.97 -51.19 -46.38
C TRP J 187 -7.23 -52.35 -45.42
N TYR J 188 -7.87 -52.07 -44.28
CA TYR J 188 -8.16 -53.14 -43.33
C TYR J 188 -9.13 -54.15 -43.92
N MET J 189 -10.13 -53.68 -44.68
CA MET J 189 -11.06 -54.60 -45.31
C MET J 189 -10.34 -55.49 -46.33
N THR J 190 -9.44 -54.90 -47.11
CA THR J 190 -8.70 -55.69 -48.09
C THR J 190 -7.82 -56.73 -47.42
N VAL J 191 -7.08 -56.34 -46.39
CA VAL J 191 -6.16 -57.29 -45.76
C VAL J 191 -6.93 -58.35 -44.98
N THR J 192 -8.10 -58.01 -44.44
CA THR J 192 -8.89 -58.99 -43.71
C THR J 192 -9.57 -59.97 -44.66
N GLN J 193 -10.05 -59.49 -45.79
CA GLN J 193 -10.73 -60.35 -46.76
C GLN J 193 -9.72 -61.23 -47.48
N SER J 212 -10.67 -62.50 -37.50
CA SER J 212 -10.50 -61.08 -37.71
C SER J 212 -9.58 -60.48 -36.65
N PRO J 213 -8.31 -60.27 -37.01
CA PRO J 213 -7.35 -59.72 -36.05
C PRO J 213 -7.60 -58.23 -35.84
N PRO J 214 -7.46 -57.75 -34.61
CA PRO J 214 -7.58 -56.31 -34.36
C PRO J 214 -6.30 -55.58 -34.73
N VAL J 215 -6.22 -54.28 -34.42
CA VAL J 215 -5.02 -53.49 -34.65
C VAL J 215 -4.59 -52.89 -33.31
N VAL J 216 -3.28 -52.87 -33.08
CA VAL J 216 -2.71 -52.44 -31.81
C VAL J 216 -1.85 -51.21 -32.07
N VAL J 217 -2.10 -50.14 -31.32
CA VAL J 217 -1.32 -48.91 -31.41
C VAL J 217 -0.76 -48.58 -30.04
N ILE J 218 0.51 -48.19 -30.02
CA ILE J 218 1.27 -47.92 -28.82
C ILE J 218 1.61 -46.44 -28.84
N LEU J 219 1.20 -45.71 -27.80
CA LEU J 219 1.60 -44.33 -27.60
C LEU J 219 2.63 -44.33 -26.48
N LYS J 220 3.85 -43.88 -26.79
CA LYS J 220 4.96 -44.01 -25.85
C LYS J 220 5.03 -42.82 -24.90
N ASP J 221 5.18 -41.62 -25.44
CA ASP J 221 5.33 -40.41 -24.65
C ASP J 221 4.19 -39.47 -25.00
N MET J 222 3.11 -39.55 -24.23
CA MET J 222 1.96 -38.66 -24.44
C MET J 222 2.16 -37.29 -23.82
N GLU J 223 3.15 -37.13 -22.94
CA GLU J 223 3.39 -35.84 -22.33
C GLU J 223 3.75 -34.80 -23.38
N SER J 224 4.52 -35.19 -24.39
CA SER J 224 4.88 -34.30 -25.48
C SER J 224 3.79 -34.17 -26.54
N PHE J 225 2.78 -35.05 -26.53
CA PHE J 225 1.70 -34.95 -27.50
C PHE J 225 0.84 -33.73 -27.24
N ALA J 226 0.53 -33.00 -28.32
CA ALA J 226 -0.46 -31.95 -28.24
C ALA J 226 -1.84 -32.56 -28.02
N THR J 227 -2.66 -31.91 -27.21
CA THR J 227 -3.97 -32.46 -26.88
C THR J 227 -4.86 -32.57 -28.11
N LYS J 228 -4.87 -31.52 -28.94
CA LYS J 228 -5.88 -31.40 -29.99
C LYS J 228 -5.91 -32.60 -30.91
N VAL J 229 -4.73 -33.08 -31.32
CA VAL J 229 -4.68 -34.26 -32.18
C VAL J 229 -5.24 -35.47 -31.44
N LEU J 230 -5.00 -35.54 -30.13
CA LEU J 230 -5.54 -36.66 -29.35
C LEU J 230 -7.05 -36.65 -29.34
N GLN J 231 -7.67 -35.52 -29.00
CA GLN J 231 -9.13 -35.49 -28.98
C GLN J 231 -9.70 -35.74 -30.37
N ASP J 232 -9.07 -35.17 -31.40
CA ASP J 232 -9.57 -35.37 -32.75
C ASP J 232 -9.53 -36.85 -33.14
N PHE J 233 -8.40 -37.50 -32.86
CA PHE J 233 -8.30 -38.92 -33.21
C PHE J 233 -9.30 -39.76 -32.44
N ILE J 234 -9.49 -39.47 -31.15
CA ILE J 234 -10.45 -40.25 -30.36
C ILE J 234 -11.86 -40.07 -30.91
N ILE J 235 -12.25 -38.83 -31.17
CA ILE J 235 -13.62 -38.59 -31.61
C ILE J 235 -13.86 -39.15 -33.01
N ILE J 236 -12.84 -39.14 -33.88
CA ILE J 236 -13.00 -39.74 -35.20
C ILE J 236 -13.11 -41.26 -35.07
N SER J 237 -12.21 -41.88 -34.30
CA SER J 237 -12.19 -43.33 -34.19
C SER J 237 -13.41 -43.87 -33.47
N SER J 238 -14.08 -43.05 -32.64
CA SER J 238 -15.26 -43.53 -31.93
C SER J 238 -16.37 -43.92 -32.90
N GLN J 239 -16.52 -43.17 -33.99
CA GLN J 239 -17.63 -43.39 -34.92
C GLN J 239 -17.36 -44.48 -35.95
N HIS J 240 -16.18 -45.10 -35.94
CA HIS J 240 -15.85 -46.14 -36.90
C HIS J 240 -15.38 -47.42 -36.20
N LEU J 241 -15.79 -47.63 -34.96
CA LEU J 241 -15.43 -48.87 -34.27
C LEU J 241 -16.02 -50.08 -34.96
N HIS J 242 -17.26 -49.97 -35.45
CA HIS J 242 -17.88 -51.07 -36.16
C HIS J 242 -17.10 -51.42 -37.42
N GLU J 243 -16.54 -50.41 -38.10
CA GLU J 243 -15.82 -50.66 -39.34
C GLU J 243 -14.57 -51.49 -39.08
N PHE J 244 -13.81 -51.17 -38.03
CA PHE J 244 -12.61 -51.93 -37.72
C PHE J 244 -12.30 -51.76 -36.24
N PRO J 245 -11.86 -52.82 -35.56
CA PRO J 245 -11.55 -52.70 -34.14
C PRO J 245 -10.30 -51.87 -33.91
N LEU J 246 -10.25 -51.22 -32.74
CA LEU J 246 -9.11 -50.39 -32.37
C LEU J 246 -8.91 -50.48 -30.86
N ILE J 247 -7.66 -50.66 -30.45
CA ILE J 247 -7.30 -50.68 -29.03
C ILE J 247 -6.06 -49.80 -28.85
N LEU J 248 -6.07 -49.00 -27.79
CA LEU J 248 -5.00 -48.06 -27.51
C LEU J 248 -4.17 -48.58 -26.35
N ILE J 249 -2.86 -48.38 -26.41
CA ILE J 249 -1.99 -48.62 -25.26
C ILE J 249 -1.29 -47.31 -24.92
N PHE J 250 -1.36 -46.92 -23.65
CA PHE J 250 -0.82 -45.66 -23.17
C PHE J 250 0.43 -45.90 -22.34
N GLY J 251 1.46 -45.08 -22.58
CA GLY J 251 2.62 -45.09 -21.71
C GLY J 251 2.74 -43.81 -20.91
N ILE J 252 2.52 -43.90 -19.59
CA ILE J 252 2.50 -42.75 -18.71
C ILE J 252 3.69 -42.84 -17.77
N ALA J 253 4.53 -41.80 -17.75
CA ALA J 253 5.69 -41.78 -16.88
C ALA J 253 5.33 -41.28 -15.48
N THR J 254 4.40 -40.35 -15.38
CA THR J 254 4.01 -39.75 -14.12
C THR J 254 2.83 -40.57 -13.57
N SER J 255 2.16 -40.08 -12.52
CA SER J 255 1.00 -40.76 -11.99
C SER J 255 -0.14 -40.75 -13.02
N PRO J 256 -1.05 -41.73 -12.94
CA PRO J 256 -2.14 -41.80 -13.94
C PRO J 256 -3.05 -40.58 -13.94
N ILE J 257 -3.08 -39.80 -12.85
CA ILE J 257 -3.96 -38.65 -12.75
C ILE J 257 -3.82 -37.71 -13.94
N ILE J 258 -2.65 -37.71 -14.57
CA ILE J 258 -2.39 -36.80 -15.69
C ILE J 258 -3.38 -37.01 -16.83
N ILE J 259 -3.95 -38.21 -16.96
CA ILE J 259 -4.90 -38.46 -18.04
C ILE J 259 -6.12 -37.57 -17.90
N HIS J 260 -6.50 -37.24 -16.66
CA HIS J 260 -7.63 -36.35 -16.43
C HIS J 260 -7.32 -34.92 -16.85
N ARG J 261 -6.04 -34.55 -16.88
CA ARG J 261 -5.63 -33.19 -17.20
C ARG J 261 -5.37 -32.98 -18.68
N LEU J 262 -5.51 -34.02 -19.50
CA LEU J 262 -5.24 -33.95 -20.93
C LEU J 262 -6.50 -34.04 -21.79
N LEU J 263 -7.47 -34.84 -21.39
CA LEU J 263 -8.67 -35.08 -22.20
C LEU J 263 -9.88 -34.44 -21.54
N PRO J 264 -10.58 -33.52 -22.22
CA PRO J 264 -11.85 -33.05 -21.69
C PRO J 264 -12.84 -34.19 -21.53
N HIS J 265 -13.72 -34.05 -20.53
CA HIS J 265 -14.61 -35.15 -20.18
C HIS J 265 -15.50 -35.55 -21.34
N ALA J 266 -15.86 -34.60 -22.22
CA ALA J 266 -16.65 -34.95 -23.39
C ALA J 266 -15.95 -35.98 -24.26
N VAL J 267 -14.63 -35.99 -24.25
CA VAL J 267 -13.85 -37.00 -24.97
C VAL J 267 -13.54 -38.18 -24.07
N SER J 268 -13.26 -37.92 -22.79
CA SER J 268 -12.90 -38.99 -21.87
C SER J 268 -14.03 -39.99 -21.68
N SER J 269 -15.28 -39.55 -21.82
CA SER J 269 -16.43 -40.41 -21.61
C SER J 269 -16.53 -41.53 -22.64
N LEU J 270 -15.79 -41.46 -23.73
CA LEU J 270 -15.84 -42.46 -24.79
C LEU J 270 -14.83 -43.58 -24.61
N LEU J 271 -14.05 -43.56 -23.54
CA LEU J 271 -12.99 -44.54 -23.32
C LEU J 271 -13.27 -45.34 -22.05
N CYS J 272 -13.03 -46.64 -22.11
CA CYS J 272 -13.11 -47.53 -20.96
C CYS J 272 -11.68 -47.84 -20.54
N ILE J 273 -11.11 -46.95 -19.73
CA ILE J 273 -9.70 -47.06 -19.34
C ILE J 273 -9.57 -48.04 -18.19
N GLU J 274 -8.46 -48.77 -18.18
CA GLU J 274 -8.13 -49.71 -17.12
C GLU J 274 -6.65 -49.61 -16.83
N LEU J 275 -6.26 -49.84 -15.58
CA LEU J 275 -4.95 -49.46 -15.08
C LEU J 275 -4.11 -50.69 -14.74
N PHE J 276 -2.90 -50.75 -15.31
CA PHE J 276 -1.84 -51.65 -14.90
C PHE J 276 -0.65 -50.86 -14.38
N GLN J 277 0.21 -51.55 -13.63
CA GLN J 277 1.41 -50.97 -13.07
C GLN J 277 2.59 -51.90 -13.34
N SER J 278 3.77 -51.30 -13.50
CA SER J 278 4.96 -52.04 -13.92
C SER J 278 5.89 -52.30 -12.73
N LEU J 279 7.00 -52.96 -13.01
CA LEU J 279 7.94 -53.36 -11.98
C LEU J 279 8.72 -52.16 -11.46
N SER J 280 8.98 -52.15 -10.15
CA SER J 280 9.79 -51.11 -9.55
C SER J 280 11.26 -51.28 -9.93
N CYS J 281 11.96 -50.15 -10.04
CA CYS J 281 13.35 -50.18 -10.45
C CYS J 281 14.26 -50.77 -9.37
N LYS J 282 13.93 -50.56 -8.10
CA LYS J 282 14.78 -51.06 -7.02
C LYS J 282 14.87 -52.58 -7.04
N GLU J 283 13.73 -53.26 -7.21
CA GLU J 283 13.75 -54.72 -7.28
C GLU J 283 14.54 -55.19 -8.49
N HIS J 284 14.42 -54.48 -9.61
CA HIS J 284 15.20 -54.80 -10.80
C HIS J 284 16.70 -54.71 -10.50
N LEU J 285 17.12 -53.62 -9.85
CA LEU J 285 18.53 -53.47 -9.52
C LEU J 285 19.01 -54.57 -8.58
N THR J 286 18.21 -54.89 -7.57
CA THR J 286 18.61 -55.94 -6.63
C THR J 286 18.75 -57.28 -7.32
N THR J 287 17.81 -57.62 -8.21
CA THR J 287 17.90 -58.88 -8.94
C THR J 287 19.13 -58.91 -9.83
N VAL J 288 19.39 -57.81 -10.54
CA VAL J 288 20.57 -57.76 -11.41
C VAL J 288 21.85 -57.92 -10.62
N LEU J 289 21.95 -57.20 -9.49
CA LEU J 289 23.14 -57.29 -8.65
C LEU J 289 23.32 -58.69 -8.11
N ASP J 290 22.24 -59.32 -7.66
CA ASP J 290 22.34 -60.68 -7.13
C ASP J 290 22.77 -61.67 -8.21
N LYS J 291 22.20 -61.54 -9.41
CA LYS J 291 22.47 -62.52 -10.46
C LYS J 291 23.84 -62.34 -11.10
N LEU J 292 24.36 -61.11 -11.14
CA LEU J 292 25.56 -60.83 -11.93
C LEU J 292 26.81 -60.56 -11.11
N LEU J 293 26.68 -60.27 -9.81
CA LEU J 293 27.89 -60.00 -9.04
C LEU J 293 28.03 -60.90 -7.82
N LEU J 294 26.94 -61.21 -7.13
CA LEU J 294 26.98 -62.06 -5.94
C LEU J 294 26.96 -63.54 -6.29
N THR J 295 27.11 -63.90 -7.56
CA THR J 295 27.18 -65.28 -7.99
C THR J 295 28.63 -65.67 -8.24
N THR J 296 28.82 -66.97 -8.47
CA THR J 296 30.15 -67.54 -8.66
C THR J 296 30.47 -67.81 -10.13
N GLN J 297 29.61 -67.37 -11.05
CA GLN J 297 29.77 -67.68 -12.46
C GLN J 297 30.67 -66.71 -13.20
N PHE J 298 31.14 -65.65 -12.55
CA PHE J 298 31.95 -64.65 -13.20
C PHE J 298 33.20 -64.39 -12.37
N PRO J 299 34.40 -64.44 -12.97
CA PRO J 299 35.63 -64.26 -12.18
C PRO J 299 35.89 -62.82 -11.77
N PHE J 300 35.30 -61.84 -12.45
CA PHE J 300 35.60 -60.44 -12.16
C PHE J 300 34.88 -59.99 -10.89
N LYS J 301 35.57 -59.16 -10.11
CA LYS J 301 35.01 -58.57 -8.90
C LYS J 301 35.45 -57.11 -8.81
N ILE J 302 34.81 -56.38 -7.89
CA ILE J 302 34.95 -54.93 -7.80
C ILE J 302 35.25 -54.54 -6.37
N ASN J 303 36.12 -53.55 -6.19
CA ASN J 303 36.38 -53.00 -4.87
C ASN J 303 35.19 -52.18 -4.39
N GLU J 304 35.26 -51.77 -3.12
CA GLU J 304 34.13 -51.09 -2.48
C GLU J 304 33.91 -49.69 -3.03
N LYS J 305 34.98 -48.98 -3.39
CA LYS J 305 34.85 -47.59 -3.82
C LYS J 305 33.99 -47.47 -5.07
N VAL J 306 34.24 -48.34 -6.06
CA VAL J 306 33.47 -48.30 -7.30
C VAL J 306 32.02 -48.66 -7.04
N LEU J 307 31.78 -49.65 -6.18
CA LEU J 307 30.41 -49.99 -5.84
C LEU J 307 29.69 -48.81 -5.21
N GLN J 308 30.36 -48.11 -4.29
CA GLN J 308 29.73 -46.97 -3.64
C GLN J 308 29.44 -45.84 -4.64
N VAL J 309 30.38 -45.56 -5.55
CA VAL J 309 30.15 -44.46 -6.48
C VAL J 309 29.03 -44.80 -7.46
N LEU J 310 28.99 -46.04 -7.94
CA LEU J 310 27.90 -46.45 -8.83
C LEU J 310 26.56 -46.42 -8.10
N THR J 311 26.53 -46.89 -6.86
CA THR J 311 25.28 -46.86 -6.09
C THR J 311 24.82 -45.42 -5.86
N ASN J 312 25.76 -44.52 -5.55
CA ASN J 312 25.42 -43.12 -5.36
C ASN J 312 24.83 -42.53 -6.64
N ILE J 313 25.48 -42.78 -7.78
CA ILE J 313 24.98 -42.24 -9.05
C ILE J 313 23.58 -42.76 -9.32
N PHE J 314 23.39 -44.08 -9.17
CA PHE J 314 22.08 -44.67 -9.45
C PHE J 314 21.00 -44.09 -8.55
N LEU J 315 21.24 -44.11 -7.23
CA LEU J 315 20.21 -43.74 -6.27
C LEU J 315 19.96 -42.25 -6.23
N TYR J 316 20.91 -41.43 -6.67
CA TYR J 316 20.77 -39.99 -6.57
C TYR J 316 20.44 -39.33 -7.90
N HIS J 317 20.59 -40.01 -9.03
CA HIS J 317 20.51 -39.35 -10.32
C HIS J 317 19.39 -39.87 -11.21
N ASP J 318 19.34 -41.17 -11.52
CA ASP J 318 18.50 -41.62 -12.62
C ASP J 318 17.62 -42.83 -12.31
N PHE J 319 17.95 -43.65 -11.31
CA PHE J 319 17.25 -44.92 -11.08
C PHE J 319 17.26 -45.80 -12.32
N SER J 320 18.34 -45.72 -13.10
CA SER J 320 18.43 -46.47 -14.35
C SER J 320 19.50 -47.55 -14.25
N VAL J 321 19.23 -48.68 -14.91
CA VAL J 321 20.15 -49.80 -14.85
C VAL J 321 21.17 -49.76 -15.99
N GLN J 322 20.83 -49.16 -17.13
CA GLN J 322 21.75 -49.12 -18.27
C GLN J 322 22.98 -48.30 -17.96
N ASN J 323 22.82 -47.22 -17.19
CA ASN J 323 23.99 -46.45 -16.76
C ASN J 323 24.92 -47.29 -15.90
N PHE J 324 24.34 -48.10 -15.00
CA PHE J 324 25.13 -49.01 -14.18
C PHE J 324 25.86 -50.03 -15.05
N ILE J 325 25.18 -50.57 -16.05
CA ILE J 325 25.80 -51.54 -16.96
C ILE J 325 26.96 -50.90 -17.71
N LYS J 326 26.77 -49.67 -18.18
CA LYS J 326 27.84 -48.97 -18.90
C LYS J 326 29.03 -48.72 -17.99
N GLY J 327 28.77 -48.33 -16.74
CA GLY J 327 29.86 -48.17 -15.80
C GLY J 327 30.61 -49.47 -15.55
N LEU J 328 29.87 -50.57 -15.42
CA LEU J 328 30.51 -51.88 -15.25
C LEU J 328 31.38 -52.23 -16.45
N GLN J 329 30.87 -51.98 -17.66
CA GLN J 329 31.64 -52.29 -18.86
C GLN J 329 32.91 -51.45 -18.94
N LEU J 330 32.81 -50.17 -18.60
CA LEU J 330 33.98 -49.30 -18.60
C LEU J 330 35.00 -49.78 -17.56
N SER J 331 34.51 -50.21 -16.39
CA SER J 331 35.41 -50.74 -15.38
C SER J 331 36.14 -51.98 -15.87
N LEU J 332 35.43 -52.88 -16.53
CA LEU J 332 36.06 -54.08 -17.08
C LEU J 332 37.10 -53.73 -18.13
N LEU J 333 36.76 -52.80 -19.03
CA LEU J 333 37.70 -52.41 -20.07
C LEU J 333 38.96 -51.79 -19.47
N GLU J 334 38.80 -50.91 -18.49
CA GLU J 334 39.96 -50.30 -17.86
C GLU J 334 40.79 -51.34 -17.11
N HIS J 335 40.14 -52.29 -16.46
CA HIS J 335 40.86 -53.32 -15.72
C HIS J 335 41.70 -54.18 -16.65
N PHE J 336 41.14 -54.57 -17.81
CA PHE J 336 41.94 -55.34 -18.75
C PHE J 336 42.97 -54.49 -19.48
N TYR J 337 42.76 -53.19 -19.59
CA TYR J 337 43.77 -52.33 -20.22
C TYR J 337 44.96 -52.13 -19.29
N SER J 338 44.71 -51.97 -17.99
CA SER J 338 45.77 -51.57 -17.06
C SER J 338 46.66 -52.74 -16.69
N GLN J 339 46.09 -53.78 -16.07
CA GLN J 339 46.88 -54.85 -15.48
C GLN J 339 47.29 -55.87 -16.54
N PRO J 340 48.59 -56.03 -16.82
CA PRO J 340 49.00 -57.14 -17.70
C PRO J 340 48.68 -58.50 -17.14
N LEU J 341 48.73 -58.66 -15.82
CA LEU J 341 48.48 -59.94 -15.17
C LEU J 341 47.01 -60.32 -15.16
N SER J 342 46.12 -59.42 -15.56
CA SER J 342 44.69 -59.73 -15.63
C SER J 342 44.35 -60.75 -16.72
N VAL J 343 45.36 -61.30 -17.40
CA VAL J 343 45.13 -62.31 -18.42
C VAL J 343 44.45 -63.54 -17.82
N LEU J 344 44.67 -63.79 -16.53
CA LEU J 344 44.07 -64.93 -15.86
C LEU J 344 42.56 -64.78 -15.74
N LEU J 348 37.77 -70.84 -14.59
CA LEU J 348 38.78 -71.34 -13.67
C LEU J 348 39.86 -72.21 -14.36
N PRO J 349 39.46 -73.27 -15.08
CA PRO J 349 40.49 -74.10 -15.72
C PRO J 349 41.33 -73.36 -16.74
N GLU J 350 40.79 -72.29 -17.33
CA GLU J 350 41.54 -71.52 -18.31
C GLU J 350 42.82 -70.95 -17.68
N ALA J 351 42.68 -70.35 -16.49
CA ALA J 351 43.86 -69.85 -15.79
C ALA J 351 44.76 -71.01 -15.36
N LYS J 352 44.16 -72.14 -14.99
CA LYS J 352 44.94 -73.31 -14.59
C LYS J 352 45.90 -73.73 -15.69
N ARG J 353 45.40 -73.77 -16.93
CA ARG J 353 46.25 -74.12 -18.06
C ARG J 353 47.17 -72.97 -18.48
N ARG J 354 46.69 -71.72 -18.36
CA ARG J 354 47.49 -70.57 -18.75
C ARG J 354 48.70 -70.35 -17.85
N ILE J 355 48.64 -70.83 -16.61
CA ILE J 355 49.78 -70.69 -15.70
C ILE J 355 51.01 -71.36 -16.30
N ASN J 356 50.84 -72.52 -16.94
CA ASN J 356 51.98 -73.25 -17.49
C ASN J 356 52.73 -72.45 -18.53
N PHE J 357 52.03 -71.57 -19.27
CA PHE J 357 52.62 -70.82 -20.37
C PHE J 357 53.11 -69.44 -19.94
N LEU J 358 53.49 -69.28 -18.67
CA LEU J 358 53.86 -67.98 -18.13
C LEU J 358 55.25 -67.57 -18.61
N SER J 359 55.46 -66.26 -18.70
CA SER J 359 56.71 -65.70 -19.20
C SER J 359 57.51 -65.10 -18.04
N ASN J 360 58.83 -64.99 -18.26
CA ASN J 360 59.73 -64.53 -17.21
C ASN J 360 59.43 -63.10 -16.78
N ASN J 361 59.14 -62.22 -17.75
CA ASN J 361 58.76 -60.85 -17.39
C ASN J 361 57.48 -60.84 -16.56
N GLN J 362 56.52 -61.70 -16.91
CA GLN J 362 55.34 -61.84 -16.09
C GLN J 362 55.66 -62.45 -14.72
N CYS J 363 56.66 -63.32 -14.65
CA CYS J 363 57.11 -63.83 -13.36
C CYS J 363 57.61 -62.69 -12.48
N GLU J 364 58.42 -61.79 -13.06
CA GLU J 364 58.91 -60.64 -12.30
C GLU J 364 57.76 -59.72 -11.90
N ASN J 365 56.79 -59.54 -12.80
CA ASN J 365 55.63 -58.71 -12.47
C ASN J 365 54.85 -59.29 -11.30
N ILE J 366 54.67 -60.62 -11.29
CA ILE J 366 54.04 -61.28 -10.15
C ILE J 366 54.87 -61.07 -8.90
N ARG J 367 56.19 -61.17 -9.03
CA ARG J 367 57.09 -60.95 -7.89
C ARG J 367 56.96 -59.55 -7.31
N ARG J 368 56.48 -58.58 -8.10
CA ARG J 368 56.41 -57.19 -7.69
C ARG J 368 55.11 -56.84 -6.97
N LEU J 369 54.16 -57.75 -6.89
CA LEU J 369 52.84 -57.42 -6.35
C LEU J 369 52.94 -57.10 -4.86
N PRO J 370 52.17 -56.12 -4.37
CA PRO J 370 52.24 -55.75 -2.95
C PRO J 370 51.71 -56.84 -2.03
N SER J 371 50.55 -57.41 -2.39
CA SER J 371 50.03 -58.53 -1.62
C SER J 371 50.98 -59.72 -1.68
N PHE J 372 51.55 -59.98 -2.86
CA PHE J 372 52.52 -61.06 -2.98
C PHE J 372 53.74 -60.81 -2.11
N ARG J 373 54.25 -59.57 -2.08
CA ARG J 373 55.43 -59.31 -1.27
C ARG J 373 55.13 -59.39 0.22
N ARG J 374 53.92 -58.97 0.64
CA ARG J 374 53.54 -59.18 2.04
C ARG J 374 53.47 -60.66 2.38
N TYR J 375 52.90 -61.47 1.47
CA TYR J 375 52.82 -62.90 1.73
C TYR J 375 54.20 -63.53 1.79
N VAL J 376 55.11 -63.09 0.92
CA VAL J 376 56.49 -63.57 0.98
C VAL J 376 57.15 -63.18 2.29
N GLU J 377 56.92 -61.94 2.74
CA GLU J 377 57.43 -61.52 4.04
C GLU J 377 56.86 -62.37 5.17
N LYS J 378 55.63 -62.87 5.00
CA LYS J 378 55.03 -63.72 6.02
C LYS J 378 55.79 -65.03 6.18
N GLN J 379 56.21 -65.63 5.07
CA GLN J 379 56.85 -66.94 5.11
C GLN J 379 58.30 -66.82 5.54
N ALA J 380 58.96 -67.97 5.67
CA ALA J 380 60.32 -68.05 6.20
C ALA J 380 61.34 -67.60 5.16
N SER J 381 62.59 -67.45 5.62
CA SER J 381 63.66 -66.98 4.75
C SER J 381 63.96 -67.99 3.64
N GLU J 382 63.99 -69.28 3.96
CA GLU J 382 64.27 -70.29 2.94
C GLU J 382 63.16 -70.32 1.89
N LYS J 383 61.90 -70.28 2.33
CA LYS J 383 60.80 -70.17 1.38
C LYS J 383 60.87 -68.86 0.62
N GLN J 384 61.32 -67.79 1.27
CA GLN J 384 61.51 -66.51 0.58
C GLN J 384 62.48 -66.65 -0.57
N VAL J 385 63.64 -67.28 -0.32
CA VAL J 385 64.63 -67.46 -1.37
C VAL J 385 64.09 -68.37 -2.47
N ALA J 386 63.39 -69.43 -2.09
CA ALA J 386 62.84 -70.36 -3.07
C ALA J 386 61.85 -69.65 -3.98
N LEU J 387 61.01 -68.78 -3.43
CA LEU J 387 60.06 -68.03 -4.25
C LEU J 387 60.78 -67.00 -5.12
N LEU J 388 61.76 -66.30 -4.55
CA LEU J 388 62.41 -65.22 -5.28
C LEU J 388 63.34 -65.73 -6.37
N THR J 389 63.77 -66.99 -6.31
CA THR J 389 64.71 -67.54 -7.28
C THR J 389 64.08 -68.52 -8.25
N ASN J 390 63.22 -69.41 -7.79
CA ASN J 390 62.63 -70.42 -8.65
C ASN J 390 61.37 -69.89 -9.33
N GLU J 391 61.04 -70.49 -10.47
CA GLU J 391 59.89 -70.09 -11.27
C GLU J 391 58.75 -71.09 -11.23
N ARG J 392 59.04 -72.38 -11.42
CA ARG J 392 57.99 -73.40 -11.39
C ARG J 392 57.35 -73.48 -10.01
N TYR J 393 58.16 -73.40 -8.95
CA TYR J 393 57.62 -73.37 -7.59
C TYR J 393 56.71 -72.16 -7.40
N LEU J 394 57.12 -71.01 -7.95
CA LEU J 394 56.26 -69.84 -7.90
C LEU J 394 54.95 -70.08 -8.62
N LYS J 395 55.00 -70.73 -9.79
CA LYS J 395 53.79 -71.02 -10.54
C LYS J 395 52.85 -71.91 -9.73
N GLU J 396 53.39 -72.97 -9.13
CA GLU J 396 52.57 -73.89 -8.34
C GLU J 396 51.97 -73.19 -7.13
N GLU J 397 52.77 -72.37 -6.43
CA GLU J 397 52.26 -71.68 -5.24
C GLU J 397 51.17 -70.68 -5.62
N THR J 398 51.36 -69.94 -6.72
CA THR J 398 50.33 -69.01 -7.17
C THR J 398 49.07 -69.76 -7.58
N GLN J 399 49.24 -70.94 -8.19
CA GLN J 399 48.08 -71.78 -8.52
C GLN J 399 47.30 -72.16 -7.28
N LEU J 400 48.01 -72.60 -6.23
CA LEU J 400 47.35 -72.96 -4.98
C LEU J 400 46.65 -71.76 -4.37
N LEU J 401 47.29 -70.59 -4.40
CA LEU J 401 46.68 -69.38 -3.84
C LEU J 401 45.43 -69.00 -4.62
N LEU J 402 45.45 -69.17 -5.94
CA LEU J 402 44.28 -68.87 -6.75
C LEU J 402 43.12 -69.81 -6.42
N GLU J 403 43.42 -71.10 -6.23
CA GLU J 403 42.37 -72.02 -5.79
C GLU J 403 41.82 -71.64 -4.43
N ASN J 404 42.68 -71.23 -3.51
CA ASN J 404 42.23 -70.79 -2.20
C ASN J 404 41.34 -69.56 -2.31
N LEU J 405 41.70 -68.62 -3.20
CA LEU J 405 40.87 -67.45 -3.42
C LEU J 405 39.50 -67.83 -3.98
N HIS J 406 39.48 -68.81 -4.89
CA HIS J 406 38.20 -69.29 -5.41
C HIS J 406 37.32 -69.85 -4.29
N VAL J 407 37.92 -70.67 -3.42
CA VAL J 407 37.17 -71.24 -2.31
C VAL J 407 36.65 -70.13 -1.38
N TYR J 408 37.50 -69.13 -1.14
CA TYR J 408 37.08 -67.99 -0.32
C TYR J 408 35.89 -67.27 -0.95
N HIS J 409 35.93 -67.06 -2.26
CA HIS J 409 34.80 -66.42 -2.92
C HIS J 409 33.52 -67.24 -2.75
N MET J 410 33.63 -68.56 -2.94
CA MET J 410 32.46 -69.43 -2.83
C MET J 410 31.85 -69.31 -1.44
N ASN J 411 32.66 -69.52 -0.39
CA ASN J 411 32.08 -69.56 0.94
C ASN J 411 31.68 -68.18 1.42
N TYR J 412 32.37 -67.13 0.95
CA TYR J 412 31.95 -65.77 1.27
C TYR J 412 30.56 -65.48 0.72
N PHE J 413 30.33 -65.81 -0.55
CA PHE J 413 29.00 -65.57 -1.12
C PHE J 413 27.92 -66.38 -0.39
N LEU J 414 28.20 -67.66 -0.12
CA LEU J 414 27.19 -68.49 0.54
C LEU J 414 26.88 -67.96 1.94
N VAL J 415 27.93 -67.63 2.71
CA VAL J 415 27.73 -67.15 4.07
C VAL J 415 27.01 -65.81 4.08
N LEU J 416 27.36 -64.91 3.16
CA LEU J 416 26.68 -63.62 3.10
C LEU J 416 25.21 -63.79 2.74
N ARG J 417 24.90 -64.68 1.81
CA ARG J 417 23.50 -64.92 1.47
C ARG J 417 22.72 -65.48 2.66
N CYS J 418 23.32 -66.43 3.38
CA CYS J 418 22.65 -66.97 4.57
C CYS J 418 22.46 -65.90 5.63
N LEU J 419 23.47 -65.05 5.83
CA LEU J 419 23.37 -63.98 6.83
C LEU J 419 22.28 -62.99 6.46
N HIS J 420 22.16 -62.66 5.17
CA HIS J 420 21.08 -61.78 4.76
C HIS J 420 19.72 -62.44 4.95
N LYS J 421 19.65 -63.76 4.73
CA LYS J 421 18.40 -64.47 5.00
C LYS J 421 18.02 -64.37 6.47
N PHE J 422 19.01 -64.51 7.37
CA PHE J 422 18.73 -64.32 8.79
C PHE J 422 18.29 -62.89 9.07
N THR J 423 18.96 -61.91 8.46
CA THR J 423 18.73 -60.50 8.79
C THR J 423 17.43 -59.96 8.21
N SER J 424 16.91 -60.58 7.15
CA SER J 424 15.78 -60.00 6.43
C SER J 424 14.53 -59.85 7.30
N SER J 425 14.36 -60.73 8.28
CA SER J 425 13.19 -60.68 9.14
C SER J 425 13.39 -59.84 10.39
N LEU J 426 14.55 -59.23 10.57
CA LEU J 426 14.81 -58.44 11.75
C LEU J 426 14.07 -57.11 11.67
N PRO J 427 13.36 -56.71 12.73
CA PRO J 427 12.63 -55.44 12.70
C PRO J 427 13.58 -54.25 12.66
N LYS J 428 13.09 -53.16 12.04
CA LYS J 428 13.78 -51.88 11.94
C LYS J 428 15.02 -51.96 11.06
N TYR J 429 15.37 -53.17 10.62
CA TYR J 429 16.48 -53.44 9.70
C TYR J 429 17.74 -52.69 10.11
N PRO J 430 18.41 -53.11 11.18
CA PRO J 430 19.60 -52.36 11.64
C PRO J 430 20.71 -52.29 10.61
N LEU J 431 20.87 -53.32 9.77
CA LEU J 431 21.93 -53.35 8.78
C LEU J 431 21.37 -53.35 7.35
N GLY J 432 20.17 -52.84 7.17
CA GLY J 432 19.59 -52.68 5.85
C GLY J 432 18.56 -53.74 5.52
N ARG J 433 17.95 -53.57 4.35
CA ARG J 433 16.91 -54.46 3.85
C ARG J 433 17.36 -55.35 2.72
N GLN J 434 18.14 -54.82 1.78
CA GLN J 434 18.50 -55.52 0.56
C GLN J 434 19.94 -56.03 0.62
N ILE J 435 20.35 -56.72 -0.43
CA ILE J 435 21.68 -57.30 -0.50
C ILE J 435 22.75 -56.21 -0.52
N ARG J 436 22.54 -55.15 -1.29
CA ARG J 436 23.61 -54.20 -1.58
C ARG J 436 24.10 -53.50 -0.33
N GLU J 437 23.19 -53.10 0.57
CA GLU J 437 23.61 -52.35 1.75
C GLU J 437 24.46 -53.21 2.68
N LEU J 438 23.99 -54.44 2.96
CA LEU J 438 24.77 -55.34 3.80
C LEU J 438 26.10 -55.68 3.14
N TYR J 439 26.10 -55.90 1.83
CA TYR J 439 27.34 -56.24 1.13
C TYR J 439 28.36 -55.11 1.21
N CYS J 440 27.91 -53.87 1.00
CA CYS J 440 28.86 -52.76 1.03
C CYS J 440 29.32 -52.45 2.44
N THR J 441 28.44 -52.57 3.44
CA THR J 441 28.88 -52.34 4.80
C THR J 441 29.79 -53.46 5.30
N CYS J 442 29.70 -54.66 4.72
CA CYS J 442 30.69 -55.69 5.01
C CYS J 442 32.00 -55.42 4.29
N LEU J 443 31.92 -54.89 3.07
CA LEU J 443 33.13 -54.59 2.30
C LEU J 443 33.92 -53.46 2.93
N GLU J 444 33.24 -52.49 3.55
CA GLU J 444 33.93 -51.33 4.11
C GLU J 444 34.94 -51.74 5.17
N LYS J 445 34.46 -52.31 6.28
CA LYS J 445 35.32 -52.78 7.35
C LYS J 445 34.72 -54.06 7.92
N ASN J 446 35.39 -54.62 8.92
CA ASN J 446 34.88 -55.79 9.60
C ASN J 446 33.63 -55.43 10.39
N ILE J 447 32.56 -56.21 10.20
CA ILE J 447 31.32 -55.95 10.92
C ILE J 447 31.50 -56.23 12.40
N TRP J 448 32.20 -57.31 12.74
CA TRP J 448 32.33 -57.74 14.13
C TRP J 448 33.10 -56.73 15.00
N ASP J 449 33.86 -55.81 14.39
CA ASP J 449 34.56 -54.80 15.16
C ASP J 449 33.70 -53.60 15.51
N SER J 450 32.45 -53.58 15.08
CA SER J 450 31.55 -52.45 15.31
C SER J 450 30.53 -52.81 16.38
N GLU J 451 30.16 -51.80 17.18
CA GLU J 451 29.13 -51.99 18.20
C GLU J 451 27.78 -52.29 17.58
N GLU J 452 27.55 -51.85 16.34
CA GLU J 452 26.31 -52.17 15.65
C GLU J 452 26.15 -53.67 15.47
N TYR J 453 27.26 -54.40 15.32
CA TYR J 453 27.19 -55.85 15.27
C TYR J 453 26.64 -56.42 16.57
N ALA J 454 27.11 -55.89 17.71
CA ALA J 454 26.59 -56.33 19.00
C ALA J 454 25.11 -55.99 19.14
N SER J 455 24.70 -54.81 18.66
CA SER J 455 23.29 -54.46 18.71
C SER J 455 22.45 -55.41 17.86
N VAL J 456 22.95 -55.76 16.67
CA VAL J 456 22.24 -56.70 15.82
C VAL J 456 22.12 -58.05 16.49
N LEU J 457 23.19 -58.52 17.13
CA LEU J 457 23.15 -59.81 17.81
C LEU J 457 22.16 -59.80 18.97
N GLN J 458 22.17 -58.73 19.77
CA GLN J 458 21.25 -58.68 20.91
C GLN J 458 19.80 -58.47 20.47
N LEU J 459 19.58 -57.89 19.29
CA LEU J 459 18.22 -57.86 18.73
C LEU J 459 17.82 -59.23 18.20
N LEU J 460 18.76 -59.96 17.60
CA LEU J 460 18.50 -61.34 17.18
C LEU J 460 18.12 -62.21 18.37
N ARG J 461 18.75 -61.96 19.51
CA ARG J 461 18.51 -62.75 20.72
C ARG J 461 17.10 -62.55 21.32
N MET J 462 16.20 -61.80 20.69
CA MET J 462 14.86 -61.56 21.22
C MET J 462 13.76 -62.16 20.36
N LEU J 463 14.10 -62.98 19.37
CA LEU J 463 13.10 -63.49 18.45
C LEU J 463 12.19 -64.52 19.11
N ALA J 464 10.92 -64.50 18.71
CA ALA J 464 9.97 -65.51 19.16
C ALA J 464 10.25 -66.85 18.47
N LYS J 465 9.83 -67.93 19.13
CA LYS J 465 10.21 -69.26 18.67
C LYS J 465 9.59 -69.59 17.32
N ASP J 466 8.33 -69.18 17.08
CA ASP J 466 7.68 -69.50 15.82
C ASP J 466 8.33 -68.75 14.66
N GLU J 467 8.56 -67.45 14.83
CA GLU J 467 9.28 -66.70 13.81
C GLU J 467 10.71 -67.18 13.67
N LEU J 468 11.33 -67.60 14.78
CA LEU J 468 12.68 -68.15 14.70
C LEU J 468 12.71 -69.42 13.84
N MET J 469 11.73 -70.31 14.03
CA MET J 469 11.73 -71.53 13.24
C MET J 469 11.31 -71.27 11.80
N THR J 470 10.50 -70.23 11.55
CA THR J 470 10.24 -69.85 10.16
C THR J 470 11.50 -69.34 9.48
N ILE J 471 12.28 -68.51 10.18
CA ILE J 471 13.55 -68.05 9.64
C ILE J 471 14.49 -69.23 9.41
N LEU J 472 14.52 -70.17 10.35
CA LEU J 472 15.33 -71.37 10.20
C LEU J 472 14.87 -72.21 9.01
N GLU J 473 13.56 -72.26 8.75
CA GLU J 473 13.05 -72.98 7.59
C GLU J 473 13.51 -72.32 6.30
N LYS J 474 13.47 -70.99 6.24
CA LYS J 474 13.98 -70.29 5.06
C LYS J 474 15.47 -70.54 4.88
N CYS J 475 16.24 -70.49 5.96
CA CYS J 475 17.66 -70.77 5.87
C CYS J 475 17.92 -72.20 5.43
N PHE J 476 17.13 -73.15 5.94
CA PHE J 476 17.24 -74.54 5.52
C PHE J 476 16.93 -74.70 4.04
N LYS J 477 15.95 -73.94 3.53
CA LYS J 477 15.70 -73.94 2.10
C LYS J 477 16.93 -73.46 1.34
N VAL J 478 17.59 -72.42 1.86
CA VAL J 478 18.82 -71.92 1.22
C VAL J 478 19.90 -73.01 1.23
N PHE J 479 20.08 -73.67 2.38
CA PHE J 479 21.08 -74.74 2.49
C PHE J 479 20.80 -75.87 1.51
N LYS J 480 19.55 -76.33 1.46
CA LYS J 480 19.19 -77.43 0.57
C LYS J 480 19.28 -77.01 -0.89
N SER J 481 19.13 -75.71 -1.17
CA SER J 481 19.23 -75.24 -2.55
C SER J 481 20.68 -75.20 -3.02
N TYR J 482 21.53 -74.43 -2.33
CA TYR J 482 22.88 -74.22 -2.86
C TYR J 482 23.99 -74.22 -1.82
N CYS J 483 23.75 -74.67 -0.60
CA CYS J 483 24.85 -74.95 0.34
C CYS J 483 25.16 -76.44 0.21
N GLU J 484 26.11 -76.76 -0.67
CA GLU J 484 26.32 -78.13 -1.11
C GLU J 484 27.66 -78.73 -0.72
N ASN J 485 28.63 -77.91 -0.31
CA ASN J 485 29.99 -78.40 -0.11
C ASN J 485 30.45 -78.43 1.34
N HIS J 486 29.87 -77.61 2.22
CA HIS J 486 30.37 -77.52 3.57
C HIS J 486 29.23 -77.37 4.57
N LEU J 487 29.38 -78.04 5.72
CA LEU J 487 28.55 -77.83 6.90
C LEU J 487 27.07 -78.12 6.62
N GLY J 488 26.80 -79.38 6.24
CA GLY J 488 25.44 -79.88 6.32
C GLY J 488 25.01 -80.17 7.74
N SER J 489 25.97 -80.31 8.65
CA SER J 489 25.64 -80.46 10.07
C SER J 489 24.93 -79.22 10.60
N THR J 490 25.16 -78.06 9.99
CA THR J 490 24.40 -76.87 10.36
C THR J 490 22.91 -77.08 10.12
N ALA J 491 22.55 -77.56 8.92
CA ALA J 491 21.15 -77.84 8.62
C ALA J 491 20.63 -78.97 9.50
N LYS J 492 21.47 -79.96 9.82
CA LYS J 492 21.06 -81.04 10.70
C LYS J 492 20.70 -80.51 12.09
N ARG J 493 21.54 -79.61 12.63
CA ARG J 493 21.24 -78.99 13.91
C ARG J 493 19.97 -78.16 13.83
N ILE J 494 19.80 -77.41 12.74
CA ILE J 494 18.58 -76.63 12.55
C ILE J 494 17.36 -77.53 12.59
N GLU J 495 17.45 -78.71 11.96
CA GLU J 495 16.37 -79.69 12.08
C GLU J 495 16.19 -80.12 13.53
N GLU J 496 17.30 -80.30 14.26
CA GLU J 496 17.20 -80.74 15.65
C GLU J 496 16.47 -79.72 16.51
N PHE J 497 16.76 -78.44 16.33
CA PHE J 497 16.10 -77.40 17.12
C PHE J 497 14.65 -77.22 16.67
N GLU J 549 15.68 -70.77 25.25
CA GLU J 549 16.66 -69.70 25.33
C GLU J 549 18.07 -70.24 25.14
N VAL J 550 18.36 -71.37 25.80
CA VAL J 550 19.69 -71.98 25.70
C VAL J 550 19.96 -72.40 24.26
N LEU J 551 18.99 -73.03 23.62
CA LEU J 551 19.15 -73.41 22.21
C LEU J 551 19.29 -72.18 21.33
N ARG J 552 18.50 -71.13 21.61
CA ARG J 552 18.61 -69.89 20.85
C ARG J 552 19.97 -69.25 21.05
N GLU J 553 20.47 -69.25 22.29
CA GLU J 553 21.81 -68.71 22.55
C GLU J 553 22.88 -69.50 21.80
N ASN J 554 22.76 -70.83 21.79
CA ASN J 554 23.72 -71.65 21.06
C ASN J 554 23.68 -71.35 19.57
N VAL J 555 22.49 -71.20 19.01
CA VAL J 555 22.36 -70.88 17.58
C VAL J 555 22.99 -69.52 17.29
N VAL J 556 22.71 -68.53 18.14
CA VAL J 556 23.27 -67.19 17.92
C VAL J 556 24.78 -67.21 18.00
N ASN J 557 25.34 -67.93 18.99
CA ASN J 557 26.78 -68.01 19.12
C ASN J 557 27.41 -68.73 17.93
N PHE J 558 26.76 -69.78 17.43
CA PHE J 558 27.28 -70.49 16.26
C PHE J 558 27.26 -69.58 15.02
N ILE J 559 26.19 -68.81 14.85
CA ILE J 559 26.13 -67.87 13.74
C ILE J 559 27.22 -66.82 13.86
N ASP J 560 27.45 -66.33 15.08
CA ASP J 560 28.52 -65.36 15.31
C ASP J 560 29.88 -65.96 14.98
N CYS J 561 30.10 -67.23 15.36
CA CYS J 561 31.35 -67.90 15.02
C CYS J 561 31.53 -68.00 13.51
N LEU J 562 30.46 -68.34 12.80
CA LEU J 562 30.53 -68.36 11.34
C LEU J 562 30.89 -66.98 10.79
N VAL J 563 30.29 -65.93 11.35
CA VAL J 563 30.56 -64.58 10.87
C VAL J 563 32.02 -64.22 11.07
N ARG J 564 32.56 -64.53 12.26
CA ARG J 564 33.96 -64.24 12.52
C ARG J 564 34.89 -65.03 11.61
N GLU J 565 34.55 -66.30 11.36
CA GLU J 565 35.43 -67.15 10.58
C GLU J 565 35.43 -66.77 9.10
N TYR J 566 34.25 -66.52 8.53
CA TYR J 566 34.13 -66.47 7.08
C TYR J 566 33.99 -65.05 6.52
N LEU J 567 33.51 -64.10 7.29
CA LEU J 567 33.32 -62.73 6.80
C LEU J 567 34.61 -61.96 7.01
N LEU J 568 35.46 -61.97 5.99
CA LEU J 568 36.73 -61.25 6.00
C LEU J 568 36.89 -60.48 4.71
N PRO J 569 37.55 -59.32 4.76
CA PRO J 569 37.72 -58.50 3.55
C PRO J 569 38.61 -59.21 2.53
N PRO J 570 38.24 -59.17 1.25
CA PRO J 570 39.10 -59.77 0.22
C PRO J 570 40.47 -59.11 0.10
N GLU J 571 40.60 -57.86 0.57
CA GLU J 571 41.89 -57.18 0.52
C GLU J 571 42.92 -57.85 1.41
N THR J 572 42.49 -58.68 2.37
CA THR J 572 43.40 -59.35 3.29
C THR J 572 44.11 -60.55 2.68
N GLN J 573 43.75 -60.94 1.46
CA GLN J 573 44.34 -62.12 0.85
C GLN J 573 45.26 -61.71 -0.31
N PRO J 574 46.35 -62.46 -0.53
CA PRO J 574 47.25 -62.13 -1.63
C PRO J 574 46.64 -62.47 -2.99
N LEU J 575 47.20 -61.84 -4.02
CA LEU J 575 46.81 -62.03 -5.42
C LEU J 575 45.38 -61.61 -5.69
N HIS J 576 44.79 -60.80 -4.81
CA HIS J 576 43.45 -60.29 -5.05
C HIS J 576 43.44 -59.28 -6.19
N GLU J 577 44.54 -58.56 -6.38
CA GLU J 577 44.59 -57.50 -7.38
C GLU J 577 44.34 -58.00 -8.80
N VAL J 578 44.50 -59.31 -9.02
CA VAL J 578 44.22 -59.87 -10.33
C VAL J 578 42.74 -59.73 -10.68
N VAL J 579 41.86 -59.85 -9.68
CA VAL J 579 40.43 -59.87 -9.93
C VAL J 579 39.75 -58.69 -9.25
N TYR J 580 40.46 -57.57 -9.12
CA TYR J 580 39.88 -56.39 -8.50
C TYR J 580 40.41 -55.13 -9.18
N PHE J 581 39.60 -54.07 -9.14
CA PHE J 581 39.91 -52.79 -9.75
C PHE J 581 39.79 -51.71 -8.69
N SER J 582 40.66 -50.71 -8.75
CA SER J 582 40.74 -49.72 -7.67
C SER J 582 40.86 -48.27 -8.12
N ALA J 583 40.88 -47.99 -9.42
CA ALA J 583 41.03 -46.60 -9.89
C ALA J 583 39.66 -45.94 -9.97
N ALA J 584 39.11 -45.64 -8.79
CA ALA J 584 37.76 -45.09 -8.72
C ALA J 584 37.72 -43.63 -9.16
N HIS J 585 38.75 -42.85 -8.85
CA HIS J 585 38.74 -41.44 -9.19
C HIS J 585 38.73 -41.24 -10.70
N ALA J 586 39.45 -42.09 -11.44
CA ALA J 586 39.41 -42.04 -12.90
C ALA J 586 38.00 -42.31 -13.41
N LEU J 587 37.30 -43.28 -12.80
CA LEU J 587 35.92 -43.54 -13.19
C LEU J 587 35.02 -42.35 -12.91
N ARG J 588 35.20 -41.71 -11.75
CA ARG J 588 34.46 -40.49 -11.45
C ARG J 588 34.68 -39.43 -12.52
N GLU J 589 35.95 -39.19 -12.86
CA GLU J 589 36.26 -38.12 -13.80
C GLU J 589 35.88 -38.47 -15.24
N HIS J 590 35.73 -39.75 -15.56
CA HIS J 590 35.35 -40.14 -16.91
C HIS J 590 33.86 -40.34 -17.09
N LEU J 591 33.09 -40.46 -16.01
CA LEU J 591 31.64 -40.54 -16.11
C LEU J 591 30.92 -39.30 -15.60
N ASN J 592 31.32 -38.77 -14.45
CA ASN J 592 30.70 -37.59 -13.86
C ASN J 592 31.69 -36.43 -13.99
N ALA J 593 31.65 -35.75 -15.12
CA ALA J 593 32.52 -34.61 -15.36
C ALA J 593 32.05 -33.39 -14.58
N ALA J 594 32.99 -32.51 -14.25
CA ALA J 594 32.72 -31.27 -13.55
C ALA J 594 33.38 -30.13 -14.32
N PRO J 595 32.80 -29.75 -15.46
CA PRO J 595 33.44 -28.70 -16.28
C PRO J 595 33.62 -27.38 -15.55
N ARG J 596 32.65 -26.97 -14.72
CA ARG J 596 32.78 -25.70 -14.02
C ARG J 596 33.90 -25.75 -13.00
N ILE J 597 34.01 -26.84 -12.25
CA ILE J 597 35.06 -26.96 -11.25
C ILE J 597 36.43 -26.97 -11.91
N ALA J 598 36.57 -27.74 -13.00
CA ALA J 598 37.85 -27.79 -13.70
C ALA J 598 38.22 -26.43 -14.28
N LEU J 599 37.24 -25.73 -14.87
CA LEU J 599 37.50 -24.41 -15.42
C LEU J 599 37.92 -23.42 -14.33
N HIS J 600 37.24 -23.46 -13.19
CA HIS J 600 37.60 -22.57 -12.10
C HIS J 600 38.98 -22.88 -11.55
N THR J 601 39.32 -24.17 -11.45
CA THR J 601 40.65 -24.55 -10.99
C THR J 601 41.72 -24.07 -11.97
N ALA J 602 41.45 -24.19 -13.27
CA ALA J 602 42.40 -23.69 -14.27
C ALA J 602 42.56 -22.18 -14.16
N LEU J 603 41.46 -21.47 -13.93
CA LEU J 603 41.51 -20.02 -13.89
C LEU J 603 42.23 -19.51 -12.65
N ASN J 604 41.90 -20.07 -11.48
CA ASN J 604 42.34 -19.48 -10.21
C ASN J 604 43.82 -19.75 -9.93
N ASN J 605 44.21 -21.02 -9.92
CA ASN J 605 45.55 -21.44 -9.53
C ASN J 605 46.21 -22.29 -10.61
N PRO J 606 46.72 -21.65 -11.67
CA PRO J 606 47.34 -22.40 -12.76
C PRO J 606 48.63 -23.11 -12.37
N TYR J 607 49.14 -22.88 -11.15
CA TYR J 607 50.33 -23.60 -10.69
C TYR J 607 50.14 -25.10 -10.79
N TYR J 608 48.95 -25.59 -10.43
CA TYR J 608 48.69 -27.02 -10.47
C TYR J 608 48.84 -27.59 -11.87
N TYR J 609 48.75 -26.74 -12.90
CA TYR J 609 48.96 -27.18 -14.28
C TYR J 609 50.35 -26.87 -14.81
N LEU J 610 51.13 -26.03 -14.11
CA LEU J 610 52.39 -25.54 -14.64
C LEU J 610 53.59 -25.80 -13.76
N LYS J 611 53.41 -25.90 -12.45
CA LYS J 611 54.51 -26.11 -11.51
C LYS J 611 55.58 -25.03 -11.64
N ASN J 612 55.14 -23.79 -11.83
CA ASN J 612 56.03 -22.63 -11.91
C ASN J 612 55.99 -21.91 -10.57
N GLU J 613 57.13 -21.85 -9.88
CA GLU J 613 57.18 -21.31 -8.53
C GLU J 613 56.73 -19.86 -8.46
N ALA J 614 56.78 -19.13 -9.58
CA ALA J 614 56.36 -17.74 -9.59
C ALA J 614 54.88 -17.58 -9.24
N LEU J 615 54.07 -18.62 -9.42
CA LEU J 615 52.64 -18.54 -9.14
C LEU J 615 52.28 -18.90 -7.71
N LYS J 616 53.24 -19.38 -6.91
CA LYS J 616 52.99 -19.78 -5.53
C LYS J 616 53.17 -18.58 -4.62
N SER J 617 52.11 -17.77 -4.48
CA SER J 617 52.12 -16.67 -3.53
C SER J 617 51.12 -16.86 -2.41
N GLU J 618 49.83 -16.95 -2.72
CA GLU J 618 48.76 -17.16 -1.74
C GLU J 618 47.57 -17.77 -2.47
N GLU J 619 46.42 -17.78 -1.79
CA GLU J 619 45.13 -18.05 -2.40
C GLU J 619 44.30 -16.77 -2.38
N GLY J 620 43.87 -16.32 -3.55
CA GLY J 620 43.09 -15.11 -3.68
C GLY J 620 43.89 -13.87 -3.97
N CYS J 621 45.22 -13.90 -3.78
CA CYS J 621 46.06 -12.78 -4.14
C CYS J 621 46.27 -12.74 -5.65
N ILE J 622 46.97 -11.71 -6.11
CA ILE J 622 47.11 -11.46 -7.54
C ILE J 622 48.54 -11.74 -7.98
N PRO J 623 48.81 -12.90 -8.60
CA PRO J 623 50.14 -13.12 -9.22
C PRO J 623 50.22 -12.41 -10.56
N ASN J 624 50.99 -11.33 -10.60
CA ASN J 624 51.13 -10.57 -11.83
C ASN J 624 51.82 -11.37 -12.93
N ILE J 625 52.65 -12.35 -12.55
CA ILE J 625 53.38 -13.15 -13.52
C ILE J 625 52.45 -14.09 -14.29
N ALA J 626 51.24 -14.32 -13.77
CA ALA J 626 50.31 -15.25 -14.40
C ALA J 626 49.90 -14.75 -15.78
N PRO J 627 49.49 -15.66 -16.67
CA PRO J 627 49.10 -15.25 -18.03
C PRO J 627 47.98 -14.22 -18.03
N ASP J 628 47.77 -13.64 -19.21
CA ASP J 628 46.85 -12.51 -19.34
C ASP J 628 45.42 -12.92 -18.99
N ILE J 629 44.99 -14.09 -19.44
CA ILE J 629 43.61 -14.51 -19.20
C ILE J 629 43.37 -14.71 -17.70
N CYS J 630 44.32 -15.32 -17.00
CA CYS J 630 44.14 -15.58 -15.58
C CYS J 630 44.06 -14.28 -14.78
N ILE J 631 44.98 -13.35 -15.04
CA ILE J 631 44.98 -12.08 -14.30
C ILE J 631 43.76 -11.27 -14.66
N ALA J 632 43.32 -11.31 -15.92
CA ALA J 632 42.11 -10.59 -16.31
C ALA J 632 40.90 -11.14 -15.56
N TYR J 633 40.77 -12.47 -15.51
CA TYR J 633 39.65 -13.07 -14.78
C TYR J 633 39.70 -12.73 -13.30
N LYS J 634 40.89 -12.76 -12.71
CA LYS J 634 41.00 -12.47 -11.29
C LYS J 634 40.70 -11.02 -10.98
N LEU J 635 41.09 -10.10 -11.87
CA LEU J 635 40.70 -8.71 -11.72
C LEU J 635 39.18 -8.55 -11.86
N HIS J 636 38.58 -9.29 -12.79
CA HIS J 636 37.13 -9.23 -12.95
C HIS J 636 36.42 -9.71 -11.70
N LEU J 637 36.95 -10.73 -11.04
CA LEU J 637 36.27 -11.32 -9.89
C LEU J 637 36.05 -10.28 -8.78
N GLU J 638 37.07 -9.51 -8.45
CA GLU J 638 36.98 -8.58 -7.33
C GLU J 638 36.15 -7.33 -7.63
N CYS J 639 35.84 -7.07 -8.89
CA CYS J 639 35.12 -5.85 -9.24
C CYS J 639 33.62 -6.03 -9.03
N SER J 640 32.86 -5.00 -9.39
CA SER J 640 31.42 -4.98 -9.15
C SER J 640 30.71 -5.89 -10.14
N ARG J 641 29.37 -5.93 -10.04
CA ARG J 641 28.54 -6.75 -10.90
C ARG J 641 28.43 -6.19 -12.31
N LEU J 642 28.79 -4.92 -12.51
CA LEU J 642 28.88 -4.33 -13.84
C LEU J 642 30.31 -3.86 -14.06
N ILE J 643 30.90 -4.29 -15.18
CA ILE J 643 32.34 -4.13 -15.41
C ILE J 643 32.54 -3.04 -16.45
N ASN J 644 33.22 -1.97 -16.08
CA ASN J 644 33.54 -0.91 -17.02
C ASN J 644 34.79 -1.29 -17.79
N LEU J 645 34.70 -1.26 -19.12
CA LEU J 645 35.79 -1.77 -19.94
C LEU J 645 37.02 -0.87 -19.87
N VAL J 646 36.83 0.45 -19.86
CA VAL J 646 37.98 1.35 -19.80
C VAL J 646 38.69 1.23 -18.45
N ASP J 647 37.93 1.17 -17.36
CA ASP J 647 38.54 0.99 -16.05
C ASP J 647 39.22 -0.36 -15.94
N TRP J 648 38.60 -1.41 -16.48
CA TRP J 648 39.22 -2.73 -16.48
C TRP J 648 40.51 -2.74 -17.28
N SER J 649 40.53 -2.07 -18.43
CA SER J 649 41.74 -1.97 -19.23
C SER J 649 42.83 -1.22 -18.48
N GLU J 650 42.46 -0.14 -17.80
CA GLU J 650 43.44 0.60 -17.01
C GLU J 650 44.03 -0.27 -15.91
N ALA J 651 43.17 -1.03 -15.21
CA ALA J 651 43.66 -1.91 -14.16
C ALA J 651 44.57 -3.00 -14.72
N PHE J 652 44.20 -3.56 -15.87
CA PHE J 652 45.03 -4.60 -16.50
C PHE J 652 46.38 -4.03 -16.91
N ALA J 653 46.39 -2.82 -17.47
CA ALA J 653 47.66 -2.18 -17.83
C ALA J 653 48.51 -1.93 -16.60
N THR J 654 47.89 -1.49 -15.50
CA THR J 654 48.64 -1.28 -14.26
C THR J 654 49.23 -2.59 -13.76
N VAL J 655 48.46 -3.67 -13.83
CA VAL J 655 48.95 -4.96 -13.33
C VAL J 655 50.11 -5.46 -14.19
N VAL J 656 49.97 -5.40 -15.51
CA VAL J 656 51.02 -5.92 -16.39
C VAL J 656 52.23 -5.01 -16.42
N THR J 657 52.07 -3.74 -16.05
CA THR J 657 53.22 -2.83 -16.05
C THR J 657 54.26 -3.24 -15.01
N ALA J 658 53.81 -3.62 -13.82
CA ALA J 658 54.72 -4.03 -12.76
C ALA J 658 55.31 -5.40 -13.03
N GLU J 671 53.70 2.44 -28.30
CA GLU J 671 54.01 1.08 -28.71
C GLU J 671 53.62 0.08 -27.62
N MET J 672 54.08 0.34 -26.40
CA MET J 672 53.72 -0.53 -25.28
C MET J 672 52.21 -0.49 -25.02
N ASN J 673 51.62 0.70 -25.10
CA ASN J 673 50.20 0.84 -24.82
C ASN J 673 49.36 0.02 -25.78
N GLU J 674 49.71 0.03 -27.07
CA GLU J 674 48.96 -0.73 -28.05
C GLU J 674 49.08 -2.23 -27.81
N ILE J 675 50.26 -2.70 -27.44
CA ILE J 675 50.45 -4.12 -27.16
C ILE J 675 49.63 -4.54 -25.94
N ILE J 676 49.66 -3.72 -24.88
CA ILE J 676 48.88 -4.04 -23.69
C ILE J 676 47.39 -4.05 -24.02
N HIS J 677 46.94 -3.08 -24.81
CA HIS J 677 45.54 -3.03 -25.23
C HIS J 677 45.18 -4.25 -26.06
N ALA J 678 46.12 -4.72 -26.90
CA ALA J 678 45.89 -5.93 -27.68
C ALA J 678 45.67 -7.14 -26.78
N ARG J 679 46.55 -7.30 -25.79
CA ARG J 679 46.40 -8.42 -24.87
C ARG J 679 45.08 -8.34 -24.11
N PHE J 680 44.70 -7.12 -23.68
CA PHE J 680 43.44 -6.94 -22.98
C PHE J 680 42.25 -7.30 -23.85
N ILE J 681 42.26 -6.86 -25.11
CA ILE J 681 41.17 -7.17 -26.01
C ILE J 681 41.07 -8.66 -26.25
N ARG J 682 42.22 -9.34 -26.44
CA ARG J 682 42.19 -10.77 -26.66
C ARG J 682 41.63 -11.51 -25.45
N ALA J 683 42.05 -11.11 -24.25
CA ALA J 683 41.52 -11.74 -23.04
C ALA J 683 40.03 -11.49 -22.88
N VAL J 684 39.57 -10.28 -23.17
CA VAL J 684 38.15 -9.96 -23.07
C VAL J 684 37.35 -10.79 -24.05
N SER J 685 37.84 -10.92 -25.29
CA SER J 685 37.14 -11.73 -26.28
C SER J 685 37.09 -13.19 -25.86
N GLU J 686 38.19 -13.70 -25.31
CA GLU J 686 38.19 -15.09 -24.85
C GLU J 686 37.17 -15.30 -23.74
N LEU J 687 37.14 -14.42 -22.75
CA LEU J 687 36.17 -14.55 -21.67
C LEU J 687 34.74 -14.40 -22.17
N GLU J 688 34.52 -13.52 -23.15
CA GLU J 688 33.20 -13.38 -23.75
C GLU J 688 32.78 -14.67 -24.46
N LEU J 689 33.73 -15.30 -25.15
CA LEU J 689 33.43 -16.57 -25.81
C LEU J 689 33.09 -17.65 -24.80
N LEU J 690 33.81 -17.71 -23.67
CA LEU J 690 33.57 -18.75 -22.69
C LEU J 690 32.25 -18.59 -21.94
N GLY J 691 31.60 -17.44 -22.02
CA GLY J 691 30.29 -17.25 -21.43
C GLY J 691 30.27 -16.44 -20.15
N PHE J 692 31.42 -16.15 -19.56
CA PHE J 692 31.46 -15.31 -18.36
C PHE J 692 31.02 -13.87 -18.63
N ILE J 693 30.97 -13.46 -19.89
CA ILE J 693 30.71 -12.08 -20.27
C ILE J 693 29.39 -12.02 -21.04
N LYS J 694 28.48 -11.17 -20.58
CA LYS J 694 27.30 -10.80 -21.33
C LYS J 694 27.23 -9.28 -21.37
N PRO J 695 27.30 -8.67 -22.55
CA PRO J 695 27.32 -7.20 -22.63
C PRO J 695 25.96 -6.59 -22.35
N THR J 696 25.98 -5.33 -21.91
CA THR J 696 24.76 -4.59 -21.63
C THR J 696 24.82 -3.24 -22.32
N LYS J 697 23.65 -2.73 -22.71
CA LYS J 697 23.53 -1.42 -23.33
C LYS J 697 22.99 -0.36 -22.38
N GLN J 698 22.69 -0.72 -21.14
CA GLN J 698 22.27 0.28 -20.16
C GLN J 698 23.37 1.30 -19.92
N LYS J 699 24.59 0.82 -19.71
CA LYS J 699 25.77 1.67 -19.55
C LYS J 699 26.81 1.23 -20.57
N THR J 700 27.38 2.19 -21.28
CA THR J 700 28.37 1.87 -22.31
C THR J 700 29.55 1.15 -21.70
N ASP J 701 29.99 0.08 -22.39
CA ASP J 701 31.14 -0.72 -21.97
C ASP J 701 30.91 -1.35 -20.60
N HIS J 702 29.82 -2.10 -20.48
CA HIS J 702 29.51 -2.80 -19.23
C HIS J 702 29.02 -4.22 -19.53
N VAL J 703 29.27 -5.10 -18.56
CA VAL J 703 29.06 -6.54 -18.71
C VAL J 703 28.56 -7.10 -17.39
N ALA J 704 27.64 -8.05 -17.45
CA ALA J 704 27.12 -8.73 -16.28
C ALA J 704 27.68 -10.14 -16.20
N ARG J 705 27.50 -10.77 -15.03
CA ARG J 705 27.94 -12.14 -14.82
C ARG J 705 26.75 -13.08 -14.79
N GLY K 154 18.28 25.78 -88.64
CA GLY K 154 17.59 24.67 -88.01
C GLY K 154 18.48 23.46 -87.78
N THR K 155 19.37 23.20 -88.74
CA THR K 155 20.29 22.08 -88.60
C THR K 155 21.26 22.27 -87.45
N CYS K 156 21.56 23.53 -87.10
CA CYS K 156 22.46 23.79 -85.98
C CYS K 156 21.87 23.28 -84.68
N TYR K 157 20.58 23.55 -84.44
CA TYR K 157 19.92 23.08 -83.23
C TYR K 157 19.88 21.56 -83.19
N GLN K 158 19.58 20.93 -84.33
CA GLN K 158 19.54 19.47 -84.39
C GLN K 158 20.91 18.87 -84.09
N GLN K 159 21.97 19.43 -84.67
CA GLN K 159 23.31 18.93 -84.41
C GLN K 159 23.71 19.13 -82.95
N ALA K 160 23.36 20.28 -82.38
CA ALA K 160 23.67 20.53 -80.97
C ALA K 160 22.95 19.54 -80.07
N LYS K 161 21.69 19.23 -80.38
CA LYS K 161 20.96 18.23 -79.61
C LYS K 161 21.58 16.85 -79.77
N LEU K 162 22.00 16.51 -81.00
CA LEU K 162 22.58 15.19 -81.24
C LEU K 162 23.90 15.01 -80.50
N VAL K 163 24.76 16.03 -80.52
CA VAL K 163 26.06 15.92 -79.86
C VAL K 163 25.89 15.79 -78.35
N LEU K 164 24.92 16.49 -77.78
CA LEU K 164 24.70 16.54 -76.35
C LEU K 164 23.85 15.37 -75.84
N ASN K 165 23.79 14.27 -76.59
CA ASN K 165 23.03 13.11 -76.15
C ASN K 165 23.79 12.37 -75.04
N THR K 166 23.13 11.34 -74.49
CA THR K 166 23.70 10.55 -73.42
C THR K 166 24.58 9.41 -73.92
N ALA K 167 24.73 9.25 -75.24
CA ALA K 167 25.54 8.17 -75.77
C ALA K 167 27.01 8.38 -75.40
N VAL K 168 27.71 7.26 -75.21
CA VAL K 168 29.11 7.28 -74.81
C VAL K 168 29.94 7.93 -75.91
N PRO K 169 30.71 8.99 -75.60
CA PRO K 169 31.50 9.65 -76.64
C PRO K 169 32.85 8.98 -76.85
N ASP K 170 33.61 9.46 -77.83
CA ASP K 170 34.94 8.91 -78.08
C ASP K 170 35.93 9.30 -77.00
N ARG K 171 35.78 10.48 -76.42
CA ARG K 171 36.68 10.97 -75.38
C ARG K 171 35.89 11.48 -74.19
N LEU K 172 36.39 11.18 -72.99
CA LEU K 172 35.83 11.69 -71.74
C LEU K 172 36.87 12.52 -71.02
N PRO K 173 36.89 13.84 -71.19
CA PRO K 173 37.87 14.67 -70.51
C PRO K 173 37.56 14.79 -69.02
N ALA K 174 38.52 15.37 -68.29
CA ALA K 174 38.46 15.65 -66.85
C ALA K 174 38.49 14.39 -66.01
N ARG K 175 38.59 13.21 -66.61
CA ARG K 175 38.70 11.96 -65.88
C ARG K 175 40.01 11.24 -66.19
N GLU K 176 41.04 12.01 -66.57
CA GLU K 176 42.30 11.41 -66.99
C GLU K 176 43.02 10.70 -65.85
N ARG K 177 42.85 11.18 -64.61
CA ARG K 177 43.52 10.56 -63.48
C ARG K 177 43.00 9.14 -63.23
N GLU K 178 41.69 8.99 -63.15
CA GLU K 178 41.11 7.66 -62.90
C GLU K 178 41.39 6.73 -64.06
N MET K 179 41.28 7.23 -65.29
CA MET K 179 41.56 6.41 -66.46
C MET K 179 43.02 5.95 -66.46
N ASP K 180 43.95 6.85 -66.11
CA ASP K 180 45.35 6.46 -66.03
C ASP K 180 45.58 5.42 -64.94
N VAL K 181 44.93 5.58 -63.79
CA VAL K 181 45.08 4.60 -62.72
C VAL K 181 44.59 3.23 -63.16
N ILE K 182 43.42 3.19 -63.80
CA ILE K 182 42.87 1.92 -64.28
C ILE K 182 43.78 1.31 -65.34
N ARG K 183 44.31 2.15 -66.25
CA ARG K 183 45.20 1.64 -67.28
C ARG K 183 46.47 1.06 -66.69
N ASN K 184 47.06 1.74 -65.71
CA ASN K 184 48.27 1.20 -65.06
C ASN K 184 47.97 -0.11 -64.35
N PHE K 185 46.85 -0.17 -63.62
CA PHE K 185 46.48 -1.40 -62.93
C PHE K 185 46.32 -2.56 -63.92
N LEU K 186 45.58 -2.32 -65.00
CA LEU K 186 45.32 -3.38 -65.97
C LEU K 186 46.60 -3.80 -66.70
N ARG K 187 47.47 -2.84 -67.03
CA ARG K 187 48.71 -3.18 -67.72
C ARG K 187 49.68 -3.92 -66.79
N GLU K 188 49.63 -3.63 -65.48
CA GLU K 188 50.43 -4.40 -64.55
C GLU K 188 49.89 -5.81 -64.38
N HIS K 189 48.57 -5.97 -64.42
CA HIS K 189 47.95 -7.29 -64.23
C HIS K 189 47.75 -8.06 -65.53
N ILE K 190 48.17 -7.51 -66.68
CA ILE K 190 48.13 -8.25 -67.91
C ILE K 190 49.51 -8.67 -68.40
N CYS K 191 50.56 -7.94 -68.04
CA CYS K 191 51.92 -8.27 -68.47
C CYS K 191 52.57 -9.26 -67.50
N SER K 197 42.17 -7.61 -58.54
CA SER K 197 40.88 -7.27 -57.97
C SER K 197 40.72 -5.76 -57.80
N LEU K 198 39.84 -5.18 -58.60
CA LEU K 198 39.61 -3.74 -58.61
C LEU K 198 38.14 -3.46 -58.34
N TYR K 199 37.88 -2.46 -57.50
CA TYR K 199 36.53 -2.07 -57.12
C TYR K 199 36.35 -0.57 -57.37
N LEU K 200 35.57 -0.23 -58.39
CA LEU K 200 35.25 1.15 -58.70
C LEU K 200 33.90 1.50 -58.07
N SER K 201 33.89 2.55 -57.25
CA SER K 201 32.69 3.03 -56.60
C SER K 201 32.47 4.49 -56.98
N GLY K 202 31.24 4.82 -57.38
CA GLY K 202 30.98 6.18 -57.81
C GLY K 202 29.51 6.52 -57.82
N ALA K 203 29.25 7.83 -57.72
CA ALA K 203 27.90 8.35 -57.79
C ALA K 203 27.32 8.15 -59.19
N PRO K 204 26.00 8.10 -59.31
CA PRO K 204 25.40 7.98 -60.65
C PRO K 204 25.73 9.19 -61.52
N GLY K 205 25.92 8.92 -62.81
CA GLY K 205 26.27 9.96 -63.75
C GLY K 205 27.75 10.28 -63.83
N THR K 206 28.60 9.53 -63.16
CA THR K 206 30.04 9.75 -63.22
C THR K 206 30.70 9.10 -64.43
N GLY K 207 29.95 8.35 -65.24
CA GLY K 207 30.50 7.76 -66.43
C GLY K 207 31.50 6.65 -66.20
N LYS K 208 31.40 5.95 -65.06
CA LYS K 208 32.32 4.85 -64.79
C LYS K 208 32.19 3.75 -65.83
N THR K 209 30.96 3.41 -66.19
CA THR K 209 30.75 2.40 -67.22
C THR K 209 31.34 2.85 -68.56
N ALA K 210 31.12 4.12 -68.93
CA ALA K 210 31.61 4.62 -70.20
C ALA K 210 33.14 4.62 -70.24
N CYS K 211 33.79 5.12 -69.19
CA CYS K 211 35.24 5.19 -69.19
C CYS K 211 35.86 3.80 -69.14
N LEU K 212 35.26 2.88 -68.37
CA LEU K 212 35.78 1.52 -68.33
C LEU K 212 35.63 0.84 -69.68
N SER K 213 34.49 1.03 -70.35
CA SER K 213 34.31 0.47 -71.69
C SER K 213 35.33 1.06 -72.66
N ARG K 214 35.57 2.36 -72.59
CA ARG K 214 36.52 3.00 -73.50
C ARG K 214 37.93 2.46 -73.27
N ILE K 215 38.35 2.35 -72.01
CA ILE K 215 39.70 1.88 -71.73
C ILE K 215 39.84 0.40 -72.08
N LEU K 216 38.78 -0.39 -71.89
CA LEU K 216 38.83 -1.79 -72.28
C LEU K 216 38.92 -1.94 -73.80
N GLN K 217 38.19 -1.12 -74.54
CA GLN K 217 38.30 -1.13 -75.99
C GLN K 217 39.71 -0.73 -76.43
N ASP K 218 40.29 0.28 -75.77
CA ASP K 218 41.65 0.69 -76.09
C ASP K 218 42.64 -0.44 -75.84
N LEU K 219 42.49 -1.15 -74.71
CA LEU K 219 43.39 -2.25 -74.41
C LEU K 219 43.21 -3.40 -75.40
N LYS K 220 41.98 -3.66 -75.82
CA LYS K 220 41.75 -4.66 -76.86
C LYS K 220 42.45 -4.27 -78.15
N LYS K 221 42.38 -2.99 -78.51
CA LYS K 221 43.04 -2.53 -79.73
C LYS K 221 44.56 -2.64 -79.63
N GLU K 222 45.12 -2.30 -78.48
CA GLU K 222 46.58 -2.24 -78.36
C GLU K 222 47.21 -3.56 -77.90
N LEU K 223 46.50 -4.34 -77.09
CA LEU K 223 47.05 -5.57 -76.52
C LEU K 223 46.21 -6.77 -76.92
N LYS K 224 46.87 -7.92 -77.04
CA LYS K 224 46.23 -9.17 -77.41
C LYS K 224 46.67 -10.26 -76.45
N GLY K 225 45.80 -11.26 -76.27
CA GLY K 225 46.11 -12.38 -75.41
C GLY K 225 45.24 -12.47 -74.17
N PHE K 226 44.12 -11.74 -74.18
CA PHE K 226 43.20 -11.74 -73.05
C PHE K 226 41.77 -11.74 -73.57
N LYS K 227 40.88 -12.32 -72.77
CA LYS K 227 39.45 -12.38 -73.08
C LYS K 227 38.69 -11.55 -72.05
N THR K 228 37.90 -10.60 -72.52
CA THR K 228 37.17 -9.67 -71.67
C THR K 228 35.68 -10.00 -71.72
N ILE K 229 35.06 -10.12 -70.55
CA ILE K 229 33.67 -10.55 -70.43
C ILE K 229 32.88 -9.49 -69.66
N MET K 230 31.92 -8.87 -70.32
CA MET K 230 31.00 -7.94 -69.70
C MET K 230 29.78 -8.70 -69.17
N LEU K 231 29.22 -8.21 -68.06
CA LEU K 231 27.94 -8.73 -67.61
C LEU K 231 27.23 -7.69 -66.76
N ASN K 232 25.94 -7.49 -67.01
CA ASN K 232 25.11 -6.56 -66.26
C ASN K 232 24.29 -7.35 -65.24
N CYS K 233 24.36 -6.94 -63.97
CA CYS K 233 23.68 -7.67 -62.91
C CYS K 233 22.17 -7.51 -62.99
N MET K 234 21.67 -6.40 -63.53
CA MET K 234 20.22 -6.18 -63.60
C MET K 234 19.55 -7.19 -64.52
N SER K 235 20.27 -7.70 -65.52
CA SER K 235 19.70 -8.68 -66.43
C SER K 235 19.45 -10.02 -65.77
N LEU K 236 19.95 -10.24 -64.57
CA LEU K 236 19.79 -11.50 -63.85
C LEU K 236 18.68 -11.34 -62.81
N ARG K 237 17.69 -12.23 -62.86
CA ARG K 237 16.60 -12.16 -61.89
C ARG K 237 17.03 -12.65 -60.52
N THR K 238 18.04 -13.52 -60.46
CA THR K 238 18.52 -14.10 -59.22
C THR K 238 20.04 -13.94 -59.17
N ALA K 239 20.55 -13.71 -57.95
CA ALA K 239 21.99 -13.56 -57.78
C ALA K 239 22.74 -14.81 -58.24
N GLN K 240 22.23 -15.98 -57.85
CA GLN K 240 22.89 -17.24 -58.22
C GLN K 240 23.02 -17.39 -59.73
N ALA K 241 22.13 -16.75 -60.48
CA ALA K 241 22.15 -16.84 -61.95
C ALA K 241 23.41 -16.20 -62.53
N VAL K 242 24.23 -15.57 -61.69
CA VAL K 242 25.51 -15.09 -62.19
C VAL K 242 26.41 -16.25 -62.55
N PHE K 243 26.26 -17.38 -61.87
CA PHE K 243 27.13 -18.53 -62.13
C PHE K 243 26.98 -19.09 -63.54
N PRO K 244 25.76 -19.37 -64.05
CA PRO K 244 25.68 -19.85 -65.44
C PRO K 244 26.06 -18.80 -66.46
N ALA K 245 25.64 -17.55 -66.26
CA ALA K 245 25.88 -16.50 -67.26
C ALA K 245 27.37 -16.35 -67.54
N ILE K 246 28.21 -16.51 -66.52
CA ILE K 246 29.66 -16.46 -66.73
C ILE K 246 30.10 -17.66 -67.55
N ALA K 247 29.64 -18.86 -67.19
CA ALA K 247 30.07 -20.07 -67.88
C ALA K 247 29.68 -20.04 -69.35
N GLN K 248 28.45 -19.60 -69.64
CA GLN K 248 28.01 -19.49 -71.03
C GLN K 248 28.89 -18.54 -71.83
N GLU K 249 29.62 -17.65 -71.17
CA GLU K 249 30.50 -16.71 -71.85
C GLU K 249 31.91 -17.23 -72.03
N ILE K 250 32.26 -18.38 -71.44
CA ILE K 250 33.59 -18.95 -71.61
C ILE K 250 33.58 -20.21 -72.47
N CYS K 251 32.53 -21.01 -72.42
CA CYS K 251 32.45 -22.23 -73.22
C CYS K 251 31.75 -21.98 -74.54
N ASP K 262 28.00 -27.96 -59.32
CA ASP K 262 28.88 -28.58 -60.30
C ASP K 262 29.41 -27.54 -61.27
N MET K 263 28.55 -26.58 -61.63
CA MET K 263 28.95 -25.55 -62.59
C MET K 263 30.04 -24.66 -62.02
N MET K 264 29.98 -24.37 -60.72
CA MET K 264 31.04 -23.58 -60.09
C MET K 264 32.37 -24.33 -60.11
N ARG K 265 32.33 -25.65 -59.94
CA ARG K 265 33.56 -26.44 -60.05
C ARG K 265 34.12 -26.40 -61.46
N LYS K 266 33.24 -26.44 -62.47
CA LYS K 266 33.68 -26.29 -63.85
C LYS K 266 34.31 -24.91 -64.07
N LEU K 267 33.70 -23.88 -63.51
CA LEU K 267 34.27 -22.53 -63.62
C LEU K 267 35.66 -22.48 -63.01
N GLU K 268 35.82 -23.05 -61.82
CA GLU K 268 37.11 -23.04 -61.14
C GLU K 268 38.15 -23.82 -61.92
N LYS K 269 37.79 -25.00 -62.43
CA LYS K 269 38.74 -25.81 -63.19
C LYS K 269 39.12 -25.12 -64.49
N HIS K 270 38.19 -24.40 -65.12
CA HIS K 270 38.53 -23.62 -66.30
C HIS K 270 39.34 -22.38 -65.96
N MET K 271 39.28 -21.92 -64.71
CA MET K 271 39.99 -20.70 -64.34
C MET K 271 41.36 -20.97 -63.73
N THR K 272 41.57 -22.15 -63.15
CA THR K 272 42.85 -22.50 -62.54
C THR K 272 43.76 -23.26 -63.48
N ALA K 273 43.44 -23.29 -64.78
CA ALA K 273 44.26 -24.03 -65.73
C ALA K 273 45.67 -23.48 -65.79
N GLU K 274 46.64 -24.39 -65.95
CA GLU K 274 48.05 -23.98 -65.97
C GLU K 274 48.34 -23.09 -67.18
N LYS K 275 47.77 -23.43 -68.34
CA LYS K 275 47.93 -22.64 -69.55
C LYS K 275 46.57 -22.13 -69.99
N GLY K 276 46.47 -20.82 -70.23
CA GLY K 276 45.24 -20.21 -70.66
C GLY K 276 45.33 -18.70 -70.69
N PRO K 277 44.65 -18.07 -71.64
CA PRO K 277 44.66 -16.61 -71.72
C PRO K 277 44.03 -15.98 -70.49
N MET K 278 44.51 -14.78 -70.15
CA MET K 278 43.95 -14.05 -69.02
C MET K 278 42.49 -13.71 -69.27
N ILE K 279 41.71 -13.69 -68.20
CA ILE K 279 40.28 -13.40 -68.25
C ILE K 279 40.01 -12.14 -67.44
N VAL K 280 39.39 -11.16 -68.07
CA VAL K 280 39.03 -9.90 -67.42
C VAL K 280 37.51 -9.85 -67.36
N LEU K 281 36.96 -10.11 -66.17
CA LEU K 281 35.52 -10.15 -65.97
C LEU K 281 35.07 -8.87 -65.30
N VAL K 282 34.10 -8.19 -65.91
CA VAL K 282 33.52 -6.98 -65.34
C VAL K 282 32.02 -7.20 -65.17
N LEU K 283 31.52 -6.91 -63.98
CA LEU K 283 30.12 -7.07 -63.62
C LEU K 283 29.58 -5.70 -63.20
N ASP K 284 28.90 -5.03 -64.13
CA ASP K 284 28.36 -3.70 -63.86
C ASP K 284 27.27 -3.77 -62.80
N GLU K 285 27.24 -2.75 -61.94
CA GLU K 285 26.30 -2.66 -60.82
C GLU K 285 26.43 -3.88 -59.91
N MET K 286 27.61 -3.97 -59.30
CA MET K 286 27.93 -5.08 -58.42
C MET K 286 26.96 -5.17 -57.25
N ASP K 287 26.40 -4.04 -56.81
CA ASP K 287 25.54 -4.02 -55.64
C ASP K 287 24.30 -4.88 -55.80
N GLN K 288 23.92 -5.22 -57.02
CA GLN K 288 22.76 -6.09 -57.24
C GLN K 288 23.05 -7.55 -56.97
N LEU K 289 24.30 -7.93 -56.75
CA LEU K 289 24.67 -9.32 -56.50
C LEU K 289 24.65 -9.69 -55.02
N ASP K 290 23.84 -9.00 -54.22
CA ASP K 290 23.74 -9.32 -52.80
C ASP K 290 23.03 -10.66 -52.61
N SER K 291 23.37 -11.33 -51.51
CA SER K 291 22.78 -12.61 -51.15
C SER K 291 22.39 -12.59 -49.68
N LYS K 292 21.52 -13.53 -49.31
CA LYS K 292 21.12 -13.64 -47.92
C LYS K 292 22.29 -13.97 -47.00
N GLY K 293 23.34 -14.59 -47.52
CA GLY K 293 24.52 -14.89 -46.74
C GLY K 293 25.78 -14.33 -47.37
N GLN K 294 25.62 -13.57 -48.46
CA GLN K 294 26.73 -12.94 -49.17
C GLN K 294 27.74 -13.97 -49.69
N ASP K 295 27.27 -15.21 -49.89
CA ASP K 295 28.16 -16.28 -50.30
C ASP K 295 28.71 -16.06 -51.71
N VAL K 296 27.86 -15.62 -52.63
CA VAL K 296 28.27 -15.46 -54.01
C VAL K 296 29.40 -14.43 -54.11
N LEU K 297 29.24 -13.30 -53.43
CA LEU K 297 30.27 -12.27 -53.44
C LEU K 297 31.56 -12.77 -52.82
N TYR K 298 31.45 -13.55 -51.74
CA TYR K 298 32.64 -14.09 -51.08
C TYR K 298 33.41 -15.01 -52.01
N THR K 299 32.69 -15.91 -52.70
CA THR K 299 33.35 -16.80 -53.66
C THR K 299 33.98 -16.01 -54.80
N LEU K 300 33.26 -15.02 -55.32
CA LEU K 300 33.79 -14.22 -56.42
C LEU K 300 35.07 -13.50 -56.02
N PHE K 301 35.11 -12.95 -54.81
CA PHE K 301 36.30 -12.25 -54.35
C PHE K 301 37.42 -13.19 -53.94
N GLU K 302 37.11 -14.44 -53.58
CA GLU K 302 38.17 -15.38 -53.25
C GLU K 302 38.71 -16.14 -54.45
N TRP K 303 38.00 -16.12 -55.57
CA TRP K 303 38.51 -16.75 -56.80
C TRP K 303 39.89 -16.24 -57.23
N PRO K 304 40.16 -14.93 -57.29
CA PRO K 304 41.46 -14.48 -57.84
C PRO K 304 42.66 -14.90 -57.01
N TRP K 305 42.47 -15.31 -55.75
CA TRP K 305 43.59 -15.64 -54.88
C TRP K 305 43.72 -17.13 -54.63
N LEU K 306 43.23 -17.96 -55.55
CA LEU K 306 43.45 -19.40 -55.48
C LEU K 306 44.71 -19.78 -56.27
N SER K 307 45.06 -21.06 -56.19
CA SER K 307 46.27 -21.53 -56.86
C SER K 307 46.11 -21.48 -58.38
N ASN K 308 47.16 -21.04 -59.05
CA ASN K 308 47.20 -20.94 -60.52
C ASN K 308 46.04 -20.08 -61.04
N SER K 309 45.75 -19.00 -60.33
CA SER K 309 44.68 -18.09 -60.73
C SER K 309 45.18 -17.09 -61.76
N HIS K 310 44.34 -16.80 -62.75
CA HIS K 310 44.66 -15.85 -63.81
C HIS K 310 43.55 -14.81 -63.96
N LEU K 311 42.93 -14.42 -62.86
CA LEU K 311 41.72 -13.62 -62.89
C LEU K 311 42.02 -12.17 -62.49
N VAL K 312 41.53 -11.24 -63.29
CA VAL K 312 41.52 -9.82 -62.97
C VAL K 312 40.06 -9.38 -62.97
N LEU K 313 39.48 -9.23 -61.78
CA LEU K 313 38.06 -8.96 -61.64
C LEU K 313 37.83 -7.50 -61.31
N ILE K 314 36.88 -6.88 -62.01
CA ILE K 314 36.54 -5.48 -61.83
C ILE K 314 35.08 -5.38 -61.43
N GLY K 315 34.81 -4.66 -60.36
CA GLY K 315 33.45 -4.48 -59.88
C GLY K 315 33.01 -3.03 -59.77
N ILE K 316 31.96 -2.66 -60.51
CA ILE K 316 31.45 -1.29 -60.53
C ILE K 316 30.24 -1.21 -59.61
N ALA K 317 30.20 -0.17 -58.77
CA ALA K 317 29.08 0.00 -57.86
C ALA K 317 28.82 1.48 -57.60
N ASN K 318 27.56 1.78 -57.32
CA ASN K 318 27.16 3.09 -56.84
C ASN K 318 27.16 3.18 -55.32
N THR K 319 27.04 2.06 -54.63
CA THR K 319 27.04 2.02 -53.18
C THR K 319 28.46 2.10 -52.65
N LEU K 320 28.66 2.90 -51.60
CA LEU K 320 29.97 3.13 -51.04
C LEU K 320 30.32 2.17 -49.90
N ASP K 321 29.36 1.37 -49.43
CA ASP K 321 29.56 0.53 -48.27
C ASP K 321 29.70 -0.95 -48.62
N LEU K 322 29.85 -1.28 -49.91
CA LEU K 322 30.01 -2.68 -50.29
C LEU K 322 31.30 -3.27 -49.70
N THR K 323 32.38 -2.50 -49.72
CA THR K 323 33.62 -2.95 -49.10
C THR K 323 33.57 -2.90 -47.58
N ASP K 324 32.54 -2.28 -47.00
CA ASP K 324 32.40 -2.14 -45.56
C ASP K 324 31.35 -3.10 -44.99
N ARG K 325 30.12 -3.04 -45.52
CA ARG K 325 29.05 -3.88 -45.00
C ARG K 325 29.25 -5.34 -45.37
N ILE K 326 29.66 -5.61 -46.61
CA ILE K 326 29.59 -6.97 -47.14
C ILE K 326 30.83 -7.79 -46.83
N LEU K 327 32.00 -7.15 -46.69
CA LEU K 327 33.29 -7.86 -46.68
C LEU K 327 34.08 -7.56 -45.42
N PRO K 328 33.67 -8.10 -44.26
CA PRO K 328 34.54 -8.04 -43.08
C PRO K 328 35.63 -9.10 -43.14
N ARG K 329 35.29 -10.26 -43.71
CA ARG K 329 36.24 -11.37 -43.77
C ARG K 329 37.43 -11.02 -44.67
N LEU K 330 37.17 -10.29 -45.76
CA LEU K 330 38.28 -9.86 -46.62
C LEU K 330 39.19 -8.88 -45.90
N GLN K 331 38.64 -8.12 -44.94
CA GLN K 331 39.49 -7.29 -44.09
C GLN K 331 40.23 -8.14 -43.06
N ALA K 332 39.64 -9.27 -42.66
CA ALA K 332 40.31 -10.16 -41.71
C ALA K 332 41.55 -10.80 -42.32
N ARG K 333 41.50 -11.17 -43.60
CA ARG K 333 42.62 -11.79 -44.29
C ARG K 333 43.26 -10.76 -45.22
N GLU K 334 44.51 -10.41 -44.93
CA GLU K 334 45.16 -9.31 -45.63
C GLU K 334 45.37 -9.61 -47.11
N LYS K 335 45.57 -10.88 -47.46
CA LYS K 335 45.89 -11.22 -48.84
C LYS K 335 44.72 -11.02 -49.79
N CYS K 336 43.50 -10.90 -49.28
CA CYS K 336 42.30 -10.85 -50.12
C CYS K 336 41.66 -9.48 -50.17
N LYS K 337 42.41 -8.43 -49.86
CA LYS K 337 41.86 -7.08 -49.94
C LYS K 337 42.02 -6.54 -51.36
N PRO K 338 40.94 -6.16 -52.04
CA PRO K 338 41.06 -5.59 -53.38
C PRO K 338 41.48 -4.12 -53.32
N GLN K 339 41.77 -3.57 -54.50
CA GLN K 339 42.14 -2.17 -54.64
C GLN K 339 40.90 -1.37 -54.98
N LEU K 340 40.62 -0.35 -54.18
CA LEU K 340 39.41 0.46 -54.33
C LEU K 340 39.74 1.80 -54.99
N LEU K 341 38.84 2.25 -55.86
CA LEU K 341 38.96 3.53 -56.53
C LEU K 341 37.59 4.19 -56.54
N ASN K 342 37.54 5.44 -56.08
CA ASN K 342 36.30 6.19 -56.00
C ASN K 342 36.28 7.29 -57.05
N PHE K 343 35.11 7.53 -57.63
CA PHE K 343 34.94 8.57 -58.64
C PHE K 343 34.34 9.81 -57.98
N PRO K 344 35.10 10.89 -57.82
CA PRO K 344 34.51 12.10 -57.23
C PRO K 344 33.53 12.73 -58.20
N PRO K 345 32.55 13.47 -57.70
CA PRO K 345 31.60 14.14 -58.60
C PRO K 345 32.29 15.22 -59.43
N TYR K 346 31.75 15.44 -60.62
CA TYR K 346 32.30 16.45 -61.52
C TYR K 346 32.19 17.84 -60.90
N THR K 347 33.27 18.61 -60.98
CA THR K 347 33.28 19.98 -60.52
C THR K 347 32.81 20.91 -61.64
N ARG K 348 32.61 22.19 -61.28
CA ARG K 348 32.09 23.15 -62.24
C ARG K 348 33.05 23.32 -63.42
N ASN K 349 34.35 23.43 -63.16
CA ASN K 349 35.32 23.57 -64.24
C ASN K 349 35.34 22.35 -65.13
N GLN K 350 35.24 21.15 -64.54
CA GLN K 350 35.21 19.93 -65.33
C GLN K 350 33.97 19.87 -66.21
N ILE K 351 32.82 20.27 -65.66
CA ILE K 351 31.58 20.28 -66.45
C ILE K 351 31.70 21.27 -67.61
N VAL K 352 32.26 22.45 -67.33
CA VAL K 352 32.45 23.44 -68.40
C VAL K 352 33.38 22.91 -69.47
N THR K 353 34.47 22.24 -69.07
CA THR K 353 35.39 21.66 -70.04
C THR K 353 34.70 20.62 -70.90
N ILE K 354 33.90 19.75 -70.28
CA ILE K 354 33.18 18.73 -71.04
C ILE K 354 32.20 19.39 -72.02
N LEU K 355 31.46 20.40 -71.55
CA LEU K 355 30.48 21.06 -72.41
C LEU K 355 31.14 21.74 -73.60
N GLN K 356 32.27 22.43 -73.37
CA GLN K 356 32.95 23.07 -74.49
C GLN K 356 33.62 22.04 -75.39
N ASP K 357 33.96 20.87 -74.84
CA ASP K 357 34.46 19.78 -75.69
C ASP K 357 33.36 19.26 -76.62
N ARG K 358 32.12 19.18 -76.11
CA ARG K 358 31.02 18.74 -76.96
C ARG K 358 30.79 19.71 -78.11
N LEU K 359 30.82 21.01 -77.83
CA LEU K 359 30.55 22.04 -78.84
C LEU K 359 31.87 22.72 -79.19
N ASN K 360 32.57 22.16 -80.18
CA ASN K 360 33.78 22.75 -80.71
C ASN K 360 33.52 23.61 -81.94
N GLN K 361 32.26 23.78 -82.33
CA GLN K 361 31.92 24.55 -83.51
C GLN K 361 31.88 26.05 -83.21
N VAL K 373 25.98 28.50 -69.43
CA VAL K 373 27.03 27.49 -69.42
C VAL K 373 27.63 27.38 -68.02
N GLN K 374 28.28 28.47 -67.58
CA GLN K 374 28.87 28.48 -66.24
C GLN K 374 27.80 28.36 -65.17
N PHE K 375 26.67 29.05 -65.36
CA PHE K 375 25.59 29.03 -64.37
C PHE K 375 24.98 27.63 -64.27
N CYS K 376 24.68 27.00 -65.41
CA CYS K 376 24.16 25.64 -65.40
C CYS K 376 25.14 24.68 -64.76
N ALA K 377 26.43 24.81 -65.11
CA ALA K 377 27.44 23.93 -64.52
C ALA K 377 27.50 24.10 -63.02
N ARG K 378 27.42 25.35 -62.53
CA ARG K 378 27.45 25.59 -61.10
C ARG K 378 26.26 24.92 -60.41
N LYS K 379 25.06 25.10 -60.95
CA LYS K 379 23.90 24.49 -60.31
C LYS K 379 23.97 22.98 -60.34
N VAL K 380 24.41 22.40 -61.46
CA VAL K 380 24.52 20.94 -61.55
C VAL K 380 25.52 20.42 -60.53
N SER K 381 26.68 21.08 -60.42
CA SER K 381 27.68 20.64 -59.47
C SER K 381 27.19 20.78 -58.03
N ALA K 382 26.48 21.87 -57.73
CA ALA K 382 26.01 22.10 -56.37
C ALA K 382 24.90 21.13 -55.99
N VAL K 383 24.05 20.75 -56.94
CA VAL K 383 22.93 19.87 -56.62
C VAL K 383 23.38 18.41 -56.59
N SER K 384 23.83 17.90 -57.74
CA SER K 384 24.23 16.50 -57.84
C SER K 384 25.56 16.27 -58.54
N GLY K 385 26.04 17.20 -59.35
CA GLY K 385 27.26 16.95 -60.11
C GLY K 385 27.12 15.93 -61.21
N ASP K 386 25.90 15.73 -61.71
CA ASP K 386 25.62 14.71 -62.71
C ASP K 386 25.72 15.34 -64.09
N VAL K 387 26.69 14.88 -64.88
CA VAL K 387 26.88 15.42 -66.23
C VAL K 387 25.65 15.12 -67.10
N ARG K 388 24.99 13.99 -66.85
CA ARG K 388 23.78 13.66 -67.61
C ARG K 388 22.68 14.68 -67.35
N LYS K 389 22.55 15.15 -66.10
CA LYS K 389 21.56 16.17 -65.80
C LYS K 389 21.86 17.47 -66.54
N ALA K 390 23.14 17.86 -66.60
CA ALA K 390 23.51 19.07 -67.35
C ALA K 390 23.21 18.90 -68.83
N LEU K 391 23.49 17.71 -69.39
CA LEU K 391 23.17 17.45 -70.79
C LEU K 391 21.67 17.57 -71.03
N ASP K 392 20.86 17.02 -70.13
CA ASP K 392 19.42 17.14 -70.26
C ASP K 392 18.97 18.59 -70.17
N VAL K 393 19.56 19.37 -69.27
CA VAL K 393 19.19 20.77 -69.11
C VAL K 393 19.49 21.54 -70.39
N CYS K 394 20.68 21.36 -70.95
CA CYS K 394 21.01 22.11 -72.16
C CYS K 394 20.20 21.62 -73.36
N ARG K 395 19.88 20.33 -73.41
CA ARG K 395 19.00 19.83 -74.47
C ARG K 395 17.63 20.47 -74.38
N ARG K 396 17.07 20.57 -73.17
CA ARG K 396 15.75 21.19 -73.01
C ARG K 396 15.80 22.68 -73.33
N ALA K 397 16.89 23.35 -72.97
CA ALA K 397 17.05 24.75 -73.33
C ALA K 397 17.09 24.94 -74.84
N ILE K 398 17.83 24.08 -75.54
CA ILE K 398 17.87 24.15 -77.00
C ILE K 398 16.49 23.88 -77.59
N GLU K 399 15.77 22.92 -77.01
CA GLU K 399 14.41 22.63 -77.49
C GLU K 399 13.50 23.84 -77.34
N ILE K 400 13.55 24.51 -76.18
CA ILE K 400 12.70 25.67 -75.98
C ILE K 400 13.10 26.82 -76.92
N VAL K 401 14.42 27.02 -77.11
CA VAL K 401 14.89 28.08 -78.00
C VAL K 401 14.42 27.82 -79.43
N GLU K 402 14.55 26.58 -79.89
CA GLU K 402 14.14 26.28 -81.26
C GLU K 402 12.62 26.35 -81.42
N SER K 403 11.87 25.97 -80.38
CA SER K 403 10.42 26.12 -80.44
C SER K 403 10.03 27.59 -80.52
N ASP K 404 10.69 28.45 -79.74
CA ASP K 404 10.40 29.88 -79.80
C ASP K 404 10.77 30.46 -81.15
N VAL K 405 11.91 30.05 -81.71
CA VAL K 405 12.32 30.56 -83.02
C VAL K 405 11.33 30.12 -84.10
N LYS K 406 10.90 28.86 -84.06
CA LYS K 406 9.96 28.37 -85.05
C LYS K 406 8.62 29.11 -84.97
N SER K 407 8.19 29.45 -83.75
CA SER K 407 6.95 30.20 -83.57
C SER K 407 7.09 31.63 -84.06
N LEU K 431 20.84 32.18 -70.31
CA LEU K 431 20.65 32.24 -68.87
C LEU K 431 19.18 32.09 -68.51
N ILE K 432 18.33 32.79 -69.27
CA ILE K 432 16.89 32.74 -69.00
C ILE K 432 16.34 31.34 -69.22
N HIS K 433 16.74 30.70 -70.33
CA HIS K 433 16.21 29.37 -70.64
C HIS K 433 16.67 28.33 -69.62
N ILE K 434 17.95 28.35 -69.26
CA ILE K 434 18.48 27.36 -68.33
C ILE K 434 17.81 27.48 -66.98
N SER K 435 17.76 28.69 -66.43
CA SER K 435 17.13 28.90 -65.14
C SER K 435 15.65 28.59 -65.20
N GLN K 436 15.00 28.93 -66.32
CA GLN K 436 13.58 28.62 -66.50
C GLN K 436 13.34 27.12 -66.40
N VAL K 437 14.10 26.33 -67.16
CA VAL K 437 13.91 24.88 -67.16
C VAL K 437 14.17 24.30 -65.78
N ILE K 438 15.28 24.72 -65.16
CA ILE K 438 15.64 24.15 -63.86
C ILE K 438 14.60 24.51 -62.80
N SER K 439 14.14 25.76 -62.78
CA SER K 439 13.08 26.14 -61.85
C SER K 439 11.78 25.40 -62.15
N GLU K 440 11.51 25.11 -63.42
CA GLU K 440 10.33 24.31 -63.75
C GLU K 440 10.42 22.92 -63.13
N VAL K 441 11.59 22.30 -63.20
CA VAL K 441 11.75 20.95 -62.65
C VAL K 441 12.17 21.01 -61.18
N ASP K 442 13.23 21.73 -60.85
CA ASP K 442 13.67 21.83 -59.46
C ASP K 442 12.85 22.85 -58.69
N SER K 456 -6.33 25.60 -62.28
CA SER K 456 -6.75 26.18 -61.00
C SER K 456 -7.30 25.12 -60.07
N PHE K 457 -7.02 25.28 -58.78
CA PHE K 457 -7.52 24.34 -57.79
C PHE K 457 -9.04 24.43 -57.70
N PRO K 458 -9.73 23.30 -57.52
CA PRO K 458 -11.17 23.35 -57.28
C PRO K 458 -11.49 24.07 -55.97
N LEU K 459 -12.61 24.78 -55.95
CA LEU K 459 -12.98 25.58 -54.79
C LEU K 459 -13.15 24.71 -53.55
N GLN K 460 -13.75 23.53 -53.71
CA GLN K 460 -13.90 22.61 -52.59
C GLN K 460 -12.54 22.19 -52.04
N GLN K 461 -11.56 21.96 -52.94
CA GLN K 461 -10.22 21.62 -52.48
C GLN K 461 -9.59 22.78 -51.71
N LYS K 462 -9.82 24.02 -52.16
CA LYS K 462 -9.32 25.18 -51.42
C LYS K 462 -9.93 25.23 -50.02
N ILE K 463 -11.24 25.01 -49.93
CA ILE K 463 -11.90 25.03 -48.63
C ILE K 463 -11.35 23.92 -47.74
N LEU K 464 -11.13 22.74 -48.32
CA LEU K 464 -10.63 21.61 -47.54
C LEU K 464 -9.22 21.88 -47.02
N VAL K 465 -8.34 22.40 -47.86
CA VAL K 465 -6.97 22.65 -47.42
C VAL K 465 -6.94 23.78 -46.39
N CYS K 466 -7.79 24.79 -46.56
CA CYS K 466 -7.87 25.85 -45.55
C CYS K 466 -8.37 25.31 -44.22
N SER K 467 -9.37 24.42 -44.26
CA SER K 467 -9.87 23.81 -43.03
C SER K 467 -8.78 22.97 -42.36
N LEU K 468 -8.02 22.21 -43.14
CA LEU K 468 -6.94 21.41 -42.56
C LEU K 468 -5.85 22.30 -41.97
N MET K 469 -5.54 23.41 -42.62
CA MET K 469 -4.58 24.37 -42.07
C MET K 469 -5.10 24.94 -40.75
N LEU K 470 -6.39 25.27 -40.70
CA LEU K 470 -6.97 25.75 -39.45
C LEU K 470 -6.88 24.70 -38.35
N LEU K 471 -7.14 23.44 -38.71
CA LEU K 471 -7.07 22.37 -37.70
C LEU K 471 -5.66 22.18 -37.18
N ILE K 472 -4.66 22.19 -38.07
CA ILE K 472 -3.28 21.97 -37.61
C ILE K 472 -2.81 23.17 -36.81
N ARG K 473 -3.26 24.39 -37.15
CA ARG K 473 -2.93 25.54 -36.32
C ARG K 473 -3.63 25.48 -34.97
N GLN K 474 -4.85 24.93 -34.91
CA GLN K 474 -5.64 24.97 -33.69
C GLN K 474 -5.22 23.88 -32.71
N LEU K 475 -5.31 22.61 -33.12
CA LEU K 475 -5.07 21.51 -32.21
C LEU K 475 -3.59 21.13 -32.13
N LYS K 476 -2.75 21.65 -33.04
CA LYS K 476 -1.30 21.59 -33.05
C LYS K 476 -0.79 20.21 -33.50
N ILE K 477 -1.65 19.20 -33.67
CA ILE K 477 -1.19 17.87 -34.05
C ILE K 477 -0.63 17.91 -35.47
N LYS K 478 0.35 17.03 -35.73
CA LYS K 478 0.92 16.93 -37.06
C LYS K 478 -0.05 16.29 -38.04
N GLU K 479 -0.76 15.25 -37.61
CA GLU K 479 -1.62 14.47 -38.49
C GLU K 479 -3.04 14.49 -37.96
N VAL K 480 -4.01 14.64 -38.86
CA VAL K 480 -5.41 14.84 -38.51
C VAL K 480 -6.23 13.70 -39.08
N THR K 481 -7.13 13.15 -38.24
CA THR K 481 -8.05 12.12 -38.69
C THR K 481 -9.02 12.67 -39.72
N LEU K 482 -9.43 11.80 -40.66
CA LEU K 482 -10.31 12.22 -41.74
C LEU K 482 -11.67 12.69 -41.23
N GLY K 483 -12.17 12.07 -40.15
CA GLY K 483 -13.47 12.47 -39.65
C GLY K 483 -13.49 13.90 -39.14
N LYS K 484 -12.47 14.27 -38.35
CA LYS K 484 -12.38 15.64 -37.86
C LYS K 484 -12.18 16.62 -39.02
N LEU K 485 -11.41 16.22 -40.03
CA LEU K 485 -11.23 17.06 -41.20
C LEU K 485 -12.55 17.30 -41.92
N TYR K 486 -13.36 16.25 -42.07
CA TYR K 486 -14.67 16.43 -42.71
C TYR K 486 -15.59 17.29 -41.86
N GLU K 487 -15.54 17.13 -40.54
CA GLU K 487 -16.36 17.97 -39.67
C GLU K 487 -15.98 19.43 -39.82
N ALA K 488 -14.68 19.73 -39.84
CA ALA K 488 -14.22 21.10 -40.03
C ALA K 488 -14.62 21.63 -41.40
N TYR K 489 -14.53 20.78 -42.42
CA TYR K 489 -14.92 21.18 -43.76
C TYR K 489 -16.40 21.55 -43.80
N SER K 490 -17.25 20.73 -43.17
CA SER K 490 -18.68 21.02 -43.12
C SER K 490 -18.95 22.31 -42.37
N LYS K 491 -18.26 22.52 -41.25
CA LYS K 491 -18.45 23.76 -40.49
C LYS K 491 -18.05 24.98 -41.32
N VAL K 492 -16.92 24.91 -42.02
CA VAL K 492 -16.48 26.02 -42.85
C VAL K 492 -17.47 26.27 -43.98
N CYS K 493 -17.96 25.20 -44.62
CA CYS K 493 -18.96 25.37 -45.68
C CYS K 493 -20.23 26.01 -45.15
N ARG K 494 -20.64 25.64 -43.93
CA ARG K 494 -21.81 26.29 -43.32
C ARG K 494 -21.53 27.76 -43.04
N LYS K 495 -20.31 28.09 -42.62
CA LYS K 495 -19.96 29.48 -42.38
C LYS K 495 -20.05 30.29 -43.67
N GLN K 496 -19.55 29.75 -44.77
CA GLN K 496 -19.61 30.42 -46.07
C GLN K 496 -20.85 30.07 -46.87
N GLN K 497 -21.76 29.25 -46.31
CA GLN K 497 -23.01 28.87 -46.96
C GLN K 497 -22.76 28.20 -48.31
N VAL K 498 -21.77 27.32 -48.35
CA VAL K 498 -21.43 26.60 -49.57
C VAL K 498 -21.90 25.16 -49.47
N GLN K 503 -19.29 11.80 -47.25
CA GLN K 503 -17.88 11.66 -46.88
C GLN K 503 -17.05 11.12 -48.04
N SER K 504 -17.75 10.53 -49.03
CA SER K 504 -17.05 10.02 -50.21
C SER K 504 -16.37 11.14 -50.99
N GLU K 505 -17.05 12.27 -51.13
CA GLU K 505 -16.47 13.40 -51.85
C GLU K 505 -15.21 13.91 -51.16
N CYS K 506 -15.25 13.98 -49.82
CA CYS K 506 -14.07 14.45 -49.07
C CYS K 506 -12.89 13.53 -49.28
N LEU K 507 -13.11 12.21 -49.20
CA LEU K 507 -12.02 11.26 -49.41
C LEU K 507 -11.49 11.32 -50.84
N SER K 508 -12.38 11.47 -51.82
CA SER K 508 -11.94 11.60 -53.20
C SER K 508 -11.10 12.86 -53.39
N LEU K 509 -11.51 13.97 -52.78
CA LEU K 509 -10.73 15.19 -52.88
C LEU K 509 -9.38 15.06 -52.19
N SER K 510 -9.34 14.34 -51.06
CA SER K 510 -8.07 14.08 -50.40
C SER K 510 -7.14 13.26 -51.29
N GLY K 511 -7.68 12.24 -51.95
CA GLY K 511 -6.86 11.47 -52.87
C GLY K 511 -6.36 12.30 -54.04
N LEU K 512 -7.23 13.15 -54.59
CA LEU K 512 -6.83 14.02 -55.69
C LEU K 512 -5.73 14.99 -55.25
N LEU K 513 -5.84 15.54 -54.03
CA LEU K 513 -4.80 16.41 -53.51
C LEU K 513 -3.49 15.65 -53.33
N GLU K 514 -3.57 14.40 -52.87
CA GLU K 514 -2.36 13.58 -52.80
C GLU K 514 -1.77 13.35 -54.18
N ALA K 515 -2.61 13.27 -55.21
CA ALA K 515 -2.11 13.08 -56.57
C ALA K 515 -1.26 14.27 -57.01
N ARG K 516 -1.68 15.50 -56.67
CA ARG K 516 -0.92 16.68 -57.02
C ARG K 516 0.37 16.82 -56.22
N GLY K 517 0.54 16.04 -55.16
CA GLY K 517 1.69 16.17 -54.30
C GLY K 517 1.61 17.26 -53.26
N ILE K 518 0.44 17.89 -53.10
CA ILE K 518 0.27 18.90 -52.07
C ILE K 518 0.23 18.25 -50.68
N LEU K 519 -0.50 17.14 -50.55
CA LEU K 519 -0.71 16.49 -49.27
C LEU K 519 -0.22 15.04 -49.34
N GLY K 520 0.23 14.53 -48.21
CA GLY K 520 0.65 13.15 -48.07
C GLY K 520 -0.33 12.38 -47.21
N LEU K 521 -0.60 11.14 -47.60
CA LEU K 521 -1.56 10.29 -46.89
C LEU K 521 -0.86 9.01 -46.45
N LYS K 522 -0.87 8.75 -45.15
CA LYS K 522 -0.48 7.47 -44.60
C LYS K 522 -1.71 6.57 -44.62
N ARG K 523 -1.74 5.62 -45.55
CA ARG K 523 -2.91 4.78 -45.77
C ARG K 523 -2.88 3.61 -44.82
N ASN K 524 -3.88 3.51 -43.95
CA ASN K 524 -3.99 2.43 -42.98
C ASN K 524 -5.19 1.54 -43.27
N LYS K 525 -5.51 1.35 -44.55
CA LYS K 525 -6.52 0.42 -45.05
C LYS K 525 -7.94 0.78 -44.65
N GLU K 526 -8.15 1.94 -44.03
CA GLU K 526 -9.50 2.38 -43.66
C GLU K 526 -9.63 3.87 -43.94
N THR K 527 -10.89 4.30 -44.10
CA THR K 527 -11.17 5.71 -44.37
C THR K 527 -10.74 6.59 -43.19
N ARG K 528 -11.12 6.19 -41.98
CA ARG K 528 -10.78 6.98 -40.80
C ARG K 528 -9.31 6.85 -40.42
N LEU K 529 -8.72 5.68 -40.65
CA LEU K 529 -7.34 5.45 -40.23
C LEU K 529 -6.31 6.05 -41.17
N THR K 530 -6.72 6.50 -42.36
CA THR K 530 -5.80 7.15 -43.28
C THR K 530 -5.49 8.54 -42.75
N LYS K 531 -4.23 8.82 -42.48
CA LYS K 531 -3.81 10.05 -41.84
C LYS K 531 -3.24 11.02 -42.87
N VAL K 532 -3.45 12.31 -42.63
CA VAL K 532 -3.16 13.36 -43.61
C VAL K 532 -2.09 14.28 -43.04
N PHE K 533 -1.14 14.67 -43.89
CA PHE K 533 -0.12 15.64 -43.49
C PHE K 533 0.23 16.53 -44.68
N PHE K 534 0.79 17.70 -44.36
CA PHE K 534 1.17 18.69 -45.36
C PHE K 534 2.60 18.44 -45.84
N LYS K 535 2.97 19.13 -46.92
CA LYS K 535 4.31 19.08 -47.48
C LYS K 535 4.90 20.44 -47.79
N ILE K 536 4.16 21.53 -47.60
CA ILE K 536 4.58 22.85 -48.04
C ILE K 536 4.62 23.80 -46.84
N GLU K 537 5.60 24.68 -46.82
CA GLU K 537 5.69 25.71 -45.80
C GLU K 537 4.49 26.65 -45.88
N GLU K 538 4.06 27.14 -44.71
CA GLU K 538 2.88 27.98 -44.63
C GLU K 538 3.00 29.22 -45.50
N LYS K 539 4.17 29.86 -45.49
CA LYS K 539 4.35 31.09 -46.26
C LYS K 539 4.20 30.83 -47.76
N GLU K 540 4.78 29.74 -48.25
CA GLU K 540 4.60 29.37 -49.65
C GLU K 540 3.14 29.06 -49.95
N ILE K 541 2.44 28.45 -49.00
CA ILE K 541 1.01 28.16 -49.19
C ILE K 541 0.23 29.46 -49.34
N GLU K 542 0.50 30.44 -48.46
CA GLU K 542 -0.20 31.71 -48.53
C GLU K 542 0.10 32.44 -49.84
N HIS K 543 1.37 32.43 -50.26
CA HIS K 543 1.74 33.14 -51.48
C HIS K 543 1.28 32.41 -52.75
N ALA K 544 1.01 31.11 -52.65
CA ALA K 544 0.42 30.41 -53.79
C ALA K 544 -1.00 30.88 -54.05
N LEU K 545 -1.69 31.36 -53.02
CA LEU K 545 -3.03 31.91 -53.16
C LEU K 545 -2.95 33.32 -53.75
N LYS K 546 -3.74 33.58 -54.79
CA LYS K 546 -3.72 34.85 -55.48
C LYS K 546 -4.79 35.82 -54.99
N ASP K 547 -5.62 35.41 -54.03
CA ASP K 547 -6.67 36.27 -53.52
C ASP K 547 -6.63 36.27 -52.00
N LYS K 548 -6.60 37.46 -51.40
CA LYS K 548 -6.63 37.61 -49.96
C LYS K 548 -8.03 37.70 -49.39
N ALA K 549 -9.04 37.94 -50.24
CA ALA K 549 -10.41 38.03 -49.74
C ALA K 549 -10.88 36.70 -49.18
N LEU K 550 -10.62 35.60 -49.90
CA LEU K 550 -10.97 34.28 -49.41
C LEU K 550 -10.18 33.94 -48.15
N ILE K 551 -8.91 34.33 -48.10
CA ILE K 551 -8.08 34.08 -46.92
C ILE K 551 -8.69 34.77 -45.71
N GLY K 552 -9.05 36.04 -45.86
CA GLY K 552 -9.66 36.76 -44.74
C GLY K 552 -11.01 36.20 -44.34
N ASN K 553 -11.82 35.82 -45.33
CA ASN K 553 -13.14 35.27 -45.04
C ASN K 553 -13.04 33.96 -44.28
N ILE K 554 -12.12 33.07 -44.69
CA ILE K 554 -11.96 31.79 -44.00
C ILE K 554 -11.36 32.00 -42.62
N LEU K 555 -10.37 32.90 -42.51
CA LEU K 555 -9.80 33.21 -41.20
C LEU K 555 -10.84 33.82 -40.27
N ALA K 556 -11.68 34.70 -40.80
CA ALA K 556 -12.73 35.33 -40.01
C ALA K 556 -14.06 34.59 -40.21
N ILE L 283 51.62 70.41 13.12
CA ILE L 283 50.94 70.94 11.95
C ILE L 283 51.92 71.10 10.80
N ALA L 284 53.10 71.67 11.10
CA ALA L 284 54.13 71.83 10.08
C ALA L 284 54.61 70.49 9.56
N LYS L 285 54.80 69.52 10.45
CA LYS L 285 55.21 68.18 10.02
C LYS L 285 54.15 67.53 9.15
N ILE L 286 52.88 67.68 9.52
CA ILE L 286 51.80 67.12 8.72
C ILE L 286 51.77 67.73 7.33
N LYS L 287 51.92 69.05 7.25
CA LYS L 287 51.94 69.72 5.95
C LYS L 287 53.13 69.27 5.11
N LYS L 288 54.30 69.15 5.74
CA LYS L 288 55.49 68.70 5.02
C LYS L 288 55.32 67.29 4.50
N PHE L 289 54.77 66.39 5.32
CA PHE L 289 54.56 65.01 4.88
C PHE L 289 53.53 64.94 3.76
N SER L 290 52.47 65.75 3.83
CA SER L 290 51.47 65.77 2.78
C SER L 290 52.04 66.31 1.47
N LYS L 291 52.86 67.36 1.55
CA LYS L 291 53.40 67.95 0.34
C LYS L 291 54.47 67.06 -0.29
N THR L 292 55.36 66.49 0.52
CA THR L 292 56.39 65.61 -0.01
C THR L 292 55.79 64.32 -0.55
N ARG L 293 55.12 63.56 0.30
CA ARG L 293 54.40 62.35 -0.11
C ARG L 293 53.03 62.77 -0.61
N SER L 294 52.92 62.97 -1.93
CA SER L 294 51.66 63.40 -2.51
C SER L 294 50.71 62.22 -2.70
N LYS L 295 51.14 61.22 -3.47
CA LYS L 295 50.31 60.06 -3.76
C LYS L 295 50.61 58.86 -2.87
N ASP L 296 51.72 58.88 -2.14
CA ASP L 296 52.14 57.74 -1.34
C ASP L 296 51.41 57.62 -0.01
N ILE L 297 50.69 58.67 0.42
CA ILE L 297 50.05 58.66 1.73
C ILE L 297 49.13 57.46 1.87
N PHE L 298 48.14 57.36 0.99
CA PHE L 298 47.22 56.22 1.02
C PHE L 298 47.96 54.91 0.85
N ASP L 299 49.11 54.93 0.17
CA ASP L 299 49.93 53.72 0.05
C ASP L 299 50.66 53.44 1.36
N GLN L 300 51.19 54.47 2.02
CA GLN L 300 51.98 54.25 3.22
C GLN L 300 51.12 53.90 4.41
N LEU L 301 50.00 54.62 4.60
CA LEU L 301 49.17 54.41 5.78
C LEU L 301 48.59 53.01 5.80
N ALA L 302 48.16 52.51 4.63
CA ALA L 302 47.72 51.12 4.55
C ALA L 302 48.86 50.17 4.82
N LYS L 303 50.07 50.51 4.37
CA LYS L 303 51.22 49.64 4.59
C LYS L 303 51.60 49.58 6.07
N SER L 304 51.64 50.74 6.73
CA SER L 304 52.04 50.84 8.12
C SER L 304 50.87 50.71 9.09
N LEU L 305 49.73 50.20 8.61
CA LEU L 305 48.55 50.10 9.46
C LEU L 305 48.78 49.13 10.61
N ALA L 306 49.24 47.92 10.30
CA ALA L 306 49.45 46.89 11.33
C ALA L 306 50.71 46.09 10.98
N PRO L 307 51.86 46.50 11.51
CA PRO L 307 53.09 45.72 11.27
C PRO L 307 53.02 44.30 11.79
N SER L 308 52.30 44.06 12.89
CA SER L 308 52.21 42.72 13.47
C SER L 308 51.41 41.76 12.62
N ILE L 309 50.66 42.24 11.63
CA ILE L 309 49.86 41.41 10.75
C ILE L 309 50.45 41.47 9.35
N HIS L 310 50.72 40.30 8.77
CA HIS L 310 51.38 40.21 7.48
C HIS L 310 50.35 40.00 6.37
N GLY L 311 50.51 40.75 5.28
CA GLY L 311 49.63 40.62 4.14
C GLY L 311 48.31 41.35 4.34
N HIS L 312 47.34 40.97 3.50
CA HIS L 312 46.00 41.55 3.51
C HIS L 312 46.05 43.07 3.27
N ASP L 313 46.63 43.43 2.13
CA ASP L 313 46.73 44.85 1.76
C ASP L 313 45.36 45.45 1.50
N TYR L 314 44.46 44.70 0.84
CA TYR L 314 43.13 45.22 0.56
C TYR L 314 42.33 45.40 1.84
N VAL L 315 42.47 44.47 2.79
CA VAL L 315 41.80 44.61 4.08
C VAL L 315 42.31 45.84 4.82
N LYS L 316 43.63 46.07 4.77
CA LYS L 316 44.19 47.26 5.41
C LYS L 316 43.68 48.54 4.75
N LYS L 317 43.58 48.54 3.42
CA LYS L 317 43.04 49.70 2.72
C LYS L 317 41.59 49.95 3.11
N ALA L 318 40.79 48.89 3.22
CA ALA L 318 39.40 49.03 3.63
C ALA L 318 39.30 49.58 5.06
N ILE L 319 40.16 49.09 5.95
CA ILE L 319 40.16 49.60 7.32
C ILE L 319 40.55 51.07 7.34
N LEU L 320 41.53 51.45 6.52
CA LEU L 320 41.91 52.86 6.41
C LEU L 320 40.76 53.71 5.91
N CYS L 321 40.02 53.21 4.91
CA CYS L 321 38.87 53.94 4.40
C CYS L 321 37.80 54.09 5.47
N LEU L 322 37.59 53.05 6.28
CA LEU L 322 36.66 53.14 7.39
C LEU L 322 37.10 54.20 8.40
N LEU L 323 38.40 54.24 8.71
CA LEU L 323 38.90 55.24 9.64
C LEU L 323 38.70 56.65 9.08
N LEU L 324 38.95 56.83 7.78
CA LEU L 324 38.73 58.12 7.15
C LEU L 324 37.25 58.47 7.10
N GLY L 325 36.43 57.53 6.63
CA GLY L 325 35.00 57.73 6.57
C GLY L 325 34.55 58.50 5.34
N GLY L 326 33.25 58.48 5.11
CA GLY L 326 32.64 59.21 4.01
C GLY L 326 32.17 60.58 4.42
N VAL L 327 31.22 61.11 3.65
CA VAL L 327 30.63 62.42 3.89
C VAL L 327 29.12 62.25 4.04
N GLU L 328 28.59 62.75 5.14
CA GLU L 328 27.15 62.74 5.36
C GLU L 328 26.53 63.98 4.72
N ARG L 329 25.50 63.76 3.90
CA ARG L 329 24.85 64.85 3.20
C ARG L 329 23.40 64.97 3.66
N ASP L 330 23.01 66.17 4.08
CA ASP L 330 21.64 66.46 4.44
C ASP L 330 21.00 67.31 3.36
N LEU L 331 19.72 67.05 3.09
CA LEU L 331 19.06 67.64 1.93
C LEU L 331 18.09 68.71 2.39
N GLU L 332 17.61 69.52 1.43
CA GLU L 332 16.63 70.55 1.77
C GLU L 332 15.33 69.93 2.25
N ASN L 333 14.93 68.82 1.61
CA ASN L 333 13.75 68.08 2.03
C ASN L 333 13.93 67.37 3.36
N GLY L 334 15.16 67.31 3.90
CA GLY L 334 15.43 66.67 5.16
C GLY L 334 15.79 65.20 5.08
N SER L 335 15.75 64.61 3.89
CA SER L 335 16.11 63.21 3.73
C SER L 335 17.59 63.00 4.06
N HIS L 336 17.88 61.87 4.69
CA HIS L 336 19.23 61.55 5.16
C HIS L 336 19.84 60.48 4.28
N ILE L 337 21.09 60.68 3.88
CA ILE L 337 21.85 59.72 3.09
C ILE L 337 23.02 59.24 3.93
N ARG L 338 23.14 57.92 4.09
CA ARG L 338 24.16 57.35 4.96
C ARG L 338 25.56 57.65 4.42
N GLY L 339 26.49 57.90 5.34
CA GLY L 339 27.87 58.17 4.98
C GLY L 339 28.83 57.17 5.58
N ASP L 340 28.31 56.06 6.09
CA ASP L 340 29.12 55.01 6.69
C ASP L 340 29.27 53.83 5.75
N ILE L 341 30.29 53.01 6.02
CA ILE L 341 30.62 51.85 5.20
C ILE L 341 30.58 50.61 6.09
N ASN L 342 30.00 49.54 5.58
CA ASN L 342 29.92 48.26 6.28
C ASN L 342 30.72 47.21 5.53
N ILE L 343 31.62 46.53 6.22
CA ILE L 343 32.51 45.54 5.62
C ILE L 343 32.38 44.23 6.39
N LEU L 344 32.22 43.14 5.65
CA LEU L 344 32.11 41.80 6.24
C LEU L 344 33.25 40.94 5.75
N LEU L 345 33.98 40.32 6.68
CA LEU L 345 35.11 39.45 6.39
C LEU L 345 34.72 38.01 6.68
N ILE L 346 34.91 37.13 5.70
CA ILE L 346 34.61 35.71 5.85
C ILE L 346 35.84 34.93 5.38
N GLY L 347 36.22 33.91 6.14
CA GLY L 347 37.37 33.12 5.75
C GLY L 347 37.63 32.00 6.72
N ASP L 348 38.73 31.30 6.47
CA ASP L 348 39.15 30.18 7.29
C ASP L 348 39.61 30.67 8.67
N PRO L 349 39.63 29.79 9.66
CA PRO L 349 40.19 30.17 10.96
C PRO L 349 41.68 30.45 10.88
N SER L 350 42.16 31.30 11.79
CA SER L 350 43.57 31.64 11.94
C SER L 350 44.11 32.35 10.70
N VAL L 351 43.39 33.40 10.27
CA VAL L 351 43.85 34.29 9.23
C VAL L 351 43.95 35.73 9.75
N ALA L 352 44.02 35.87 11.07
CA ALA L 352 44.21 37.15 11.74
C ALA L 352 43.10 38.15 11.42
N LYS L 353 41.86 37.72 11.72
CA LYS L 353 40.70 38.61 11.64
C LYS L 353 40.35 39.20 13.00
N SER L 354 40.33 38.38 14.05
CA SER L 354 40.12 38.89 15.39
C SER L 354 41.25 39.83 15.80
N GLN L 355 42.47 39.57 15.33
CA GLN L 355 43.57 40.49 15.58
C GLN L 355 43.30 41.86 14.96
N LEU L 356 42.80 41.87 13.72
CA LEU L 356 42.44 43.13 13.09
C LEU L 356 41.31 43.83 13.85
N LEU L 357 40.32 43.07 14.31
CA LEU L 357 39.23 43.67 15.07
C LEU L 357 39.73 44.28 16.37
N ARG L 358 40.63 43.59 17.08
CA ARG L 358 41.18 44.12 18.32
C ARG L 358 42.03 45.35 18.05
N TYR L 359 42.80 45.35 16.95
CA TYR L 359 43.60 46.53 16.61
C TYR L 359 42.71 47.73 16.32
N VAL L 360 41.62 47.51 15.58
CA VAL L 360 40.67 48.60 15.31
C VAL L 360 40.04 49.09 16.60
N LEU L 361 39.71 48.17 17.50
CA LEU L 361 39.16 48.57 18.81
C LEU L 361 40.14 49.45 19.57
N CYS L 362 41.43 49.08 19.55
CA CYS L 362 42.43 49.87 20.26
C CYS L 362 42.62 51.24 19.61
N THR L 363 42.68 51.29 18.27
CA THR L 363 42.98 52.54 17.59
C THR L 363 41.79 53.49 17.54
N ALA L 364 40.59 52.97 17.31
CA ALA L 364 39.43 53.83 17.13
C ALA L 364 39.09 54.54 18.45
N PRO L 365 38.65 55.81 18.38
CA PRO L 365 38.31 56.53 19.61
C PRO L 365 37.08 55.95 20.31
N ARG L 366 36.00 55.76 19.56
CA ARG L 366 34.76 55.17 20.08
C ARG L 366 34.56 53.83 19.38
N ALA L 367 35.16 52.78 19.94
CA ALA L 367 35.04 51.44 19.42
C ALA L 367 34.43 50.54 20.48
N ILE L 368 33.38 49.81 20.11
CA ILE L 368 32.65 48.96 21.04
C ILE L 368 32.62 47.54 20.48
N PRO L 369 33.14 46.54 21.20
CA PRO L 369 33.02 45.15 20.75
C PRO L 369 31.74 44.49 21.25
N THR L 370 30.97 43.91 20.34
CA THR L 370 29.74 43.19 20.70
C THR L 370 29.75 41.85 19.98
N THR L 371 29.90 40.77 20.76
CA THR L 371 29.94 39.44 20.18
C THR L 371 28.56 39.03 19.68
N GLY L 372 28.50 37.83 19.10
CA GLY L 372 27.26 37.33 18.52
C GLY L 372 26.16 37.13 19.53
N ARG L 373 26.34 36.18 20.45
CA ARG L 373 25.34 35.88 21.48
C ARG L 373 25.60 36.62 22.79
N GLY L 374 26.66 37.43 22.86
CA GLY L 374 26.91 38.19 24.07
C GLY L 374 25.85 39.24 24.34
N SER L 375 25.41 39.93 23.29
CA SER L 375 24.38 40.96 23.41
C SER L 375 23.25 40.64 22.44
N SER L 376 22.02 40.74 22.92
CA SER L 376 20.84 40.48 22.12
C SER L 376 20.31 41.80 21.55
N GLY L 377 19.11 41.74 20.96
CA GLY L 377 18.51 42.96 20.44
C GLY L 377 18.24 44.00 21.50
N VAL L 378 17.90 43.56 22.72
CA VAL L 378 17.68 44.49 23.82
C VAL L 378 18.98 45.20 24.17
N GLY L 379 20.09 44.47 24.16
CA GLY L 379 21.38 45.10 24.43
C GLY L 379 21.80 46.07 23.33
N LEU L 380 21.58 45.70 22.07
CA LEU L 380 22.03 46.52 20.96
C LEU L 380 21.13 47.73 20.74
N THR L 381 19.82 47.58 20.97
CA THR L 381 18.86 48.64 20.72
C THR L 381 18.37 49.23 22.04
N ALA L 382 18.27 50.56 22.09
CA ALA L 382 17.83 51.24 23.30
C ALA L 382 16.44 50.77 23.71
N ALA L 383 16.22 50.69 25.02
CA ALA L 383 15.00 50.13 25.58
C ALA L 383 14.29 51.16 26.44
N VAL L 384 13.07 50.81 26.86
CA VAL L 384 12.23 51.66 27.69
C VAL L 384 12.01 50.95 29.02
N THR L 385 12.27 51.67 30.12
CA THR L 385 12.09 51.14 31.45
C THR L 385 11.16 52.05 32.25
N THR L 386 10.19 51.45 32.93
CA THR L 386 9.25 52.21 33.74
C THR L 386 9.87 52.47 35.11
N ASP L 387 10.13 53.74 35.43
CA ASP L 387 10.74 54.10 36.69
C ASP L 387 9.71 54.04 37.81
N GLN L 388 10.02 53.28 38.85
CA GLN L 388 9.09 53.13 39.96
C GLN L 388 9.04 54.36 40.86
N GLU L 389 10.13 55.13 40.91
CA GLU L 389 10.17 56.28 41.81
C GLU L 389 9.15 57.34 41.42
N THR L 390 9.02 57.62 40.12
CA THR L 390 8.14 58.68 39.64
C THR L 390 6.98 58.17 38.80
N GLY L 391 7.02 56.92 38.34
CA GLY L 391 5.97 56.37 37.52
C GLY L 391 6.08 56.66 36.04
N GLU L 392 7.09 57.39 35.61
CA GLU L 392 7.29 57.69 34.20
C GLU L 392 8.15 56.61 33.53
N ARG L 393 8.22 56.70 32.21
CA ARG L 393 9.01 55.77 31.40
C ARG L 393 10.22 56.51 30.84
N ARG L 394 11.40 55.91 31.02
CA ARG L 394 12.64 56.50 30.56
C ARG L 394 13.30 55.60 29.53
N LEU L 395 14.21 56.19 28.76
CA LEU L 395 14.92 55.49 27.69
C LEU L 395 16.36 55.21 28.12
N GLU L 396 16.77 53.96 28.00
CA GLU L 396 18.14 53.55 28.28
C GLU L 396 18.81 53.18 26.96
N ALA L 397 19.96 53.82 26.69
CA ALA L 397 20.63 53.66 25.42
C ALA L 397 21.20 52.26 25.25
N GLY L 398 21.16 51.75 24.02
CA GLY L 398 21.72 50.46 23.69
C GLY L 398 23.21 50.56 23.35
N ALA L 399 23.73 49.44 22.85
CA ALA L 399 25.14 49.39 22.49
C ALA L 399 25.44 50.29 21.30
N MET L 400 24.60 50.25 20.27
CA MET L 400 24.85 51.05 19.07
C MET L 400 24.51 52.53 19.30
N VAL L 401 23.58 52.82 20.20
CA VAL L 401 23.21 54.22 20.46
C VAL L 401 24.39 54.97 21.05
N LEU L 402 25.10 54.36 22.01
CA LEU L 402 26.25 55.02 22.62
C LEU L 402 27.37 55.25 21.60
N ALA L 403 27.58 54.30 20.69
CA ALA L 403 28.65 54.40 19.69
C ALA L 403 28.17 55.24 18.51
N ASP L 404 28.04 56.54 18.76
CA ASP L 404 27.68 57.49 17.73
C ASP L 404 28.94 58.00 17.03
N ARG L 405 28.94 57.92 15.70
CA ARG L 405 30.11 58.29 14.90
C ARG L 405 31.35 57.50 15.34
N GLY L 406 31.15 56.21 15.62
CA GLY L 406 32.21 55.34 16.08
C GLY L 406 32.25 54.05 15.27
N VAL L 407 32.79 53.01 15.90
CA VAL L 407 32.95 51.70 15.29
C VAL L 407 32.39 50.65 16.22
N VAL L 408 31.60 49.73 15.67
CA VAL L 408 31.05 48.60 16.40
C VAL L 408 31.60 47.33 15.77
N CYS L 409 32.30 46.52 16.57
CA CYS L 409 32.92 45.30 16.10
C CYS L 409 32.11 44.10 16.58
N ILE L 410 31.79 43.20 15.65
CA ILE L 410 30.96 42.03 15.93
C ILE L 410 31.72 40.80 15.45
N ASP L 411 32.31 40.06 16.38
CA ASP L 411 32.94 38.79 16.07
C ASP L 411 31.92 37.67 16.15
N GLU L 412 32.18 36.59 15.39
CA GLU L 412 31.25 35.47 15.28
C GLU L 412 29.86 35.94 14.83
N PHE L 413 29.85 36.74 13.77
CA PHE L 413 28.58 37.30 13.27
C PHE L 413 27.65 36.21 12.78
N ASP L 414 28.19 35.06 12.38
CA ASP L 414 27.34 33.95 11.93
C ASP L 414 26.48 33.43 13.07
N LYS L 415 27.03 33.36 14.28
CA LYS L 415 26.28 32.84 15.42
C LYS L 415 25.15 33.77 15.84
N MET L 416 25.17 35.03 15.39
CA MET L 416 24.08 35.94 15.71
C MET L 416 22.79 35.49 15.04
N SER L 417 21.68 35.64 15.76
CA SER L 417 20.39 35.26 15.21
C SER L 417 19.97 36.22 14.11
N ASP L 418 19.06 35.75 13.26
CA ASP L 418 18.53 36.57 12.19
C ASP L 418 17.80 37.80 12.73
N MET L 419 17.25 37.70 13.93
CA MET L 419 16.39 38.78 14.40
C MET L 419 17.21 40.00 14.81
N ASP L 420 18.34 39.77 15.47
CA ASP L 420 19.26 40.87 15.73
C ASP L 420 19.79 41.46 14.43
N ARG L 421 19.92 40.64 13.38
CA ARG L 421 20.28 41.16 12.07
C ARG L 421 19.21 42.10 11.54
N THR L 422 17.94 41.75 11.69
CA THR L 422 16.86 42.64 11.28
C THR L 422 16.88 43.93 12.11
N ALA L 423 17.16 43.82 13.40
CA ALA L 423 17.26 45.01 14.25
C ALA L 423 18.39 45.92 13.79
N ILE L 424 19.55 45.34 13.45
CA ILE L 424 20.70 46.10 13.00
C ILE L 424 20.49 46.65 11.59
N HIS L 425 19.54 46.07 10.84
CA HIS L 425 19.30 46.51 9.46
C HIS L 425 18.91 47.99 9.41
N GLU L 426 18.08 48.45 10.35
CA GLU L 426 17.68 49.85 10.35
C GLU L 426 18.86 50.77 10.55
N VAL L 427 19.76 50.42 11.48
CA VAL L 427 20.96 51.22 11.70
C VAL L 427 21.85 51.20 10.47
N MET L 428 22.01 50.03 9.86
CA MET L 428 22.87 49.93 8.67
C MET L 428 22.27 50.65 7.46
N GLU L 429 20.96 50.85 7.44
CA GLU L 429 20.31 51.53 6.32
C GLU L 429 20.28 53.04 6.51
N GLN L 430 19.71 53.51 7.61
CA GLN L 430 19.53 54.93 7.84
C GLN L 430 20.22 55.46 9.09
N GLY L 431 20.81 54.59 9.91
CA GLY L 431 21.51 55.05 11.10
C GLY L 431 20.61 55.71 12.12
N ARG L 432 19.42 55.15 12.34
CA ARG L 432 18.48 55.70 13.31
C ARG L 432 17.65 54.58 13.89
N VAL L 433 17.20 54.77 15.13
CA VAL L 433 16.40 53.79 15.85
C VAL L 433 15.14 54.48 16.34
N THR L 434 13.98 53.96 15.94
CA THR L 434 12.70 54.51 16.35
C THR L 434 12.08 53.62 17.42
N ILE L 435 11.72 54.22 18.55
CA ILE L 435 11.17 53.49 19.68
C ILE L 435 9.82 54.10 20.03
N ALA L 436 8.83 53.26 20.34
CA ALA L 436 7.51 53.75 20.68
C ALA L 436 6.85 52.75 21.62
N LYS L 437 6.71 53.14 22.88
CA LYS L 437 6.00 52.34 23.88
C LYS L 437 4.99 53.23 24.57
N ALA L 438 3.78 52.71 24.76
CA ALA L 438 2.61 53.51 25.14
C ALA L 438 2.95 54.56 26.20
N GLY L 439 2.75 55.83 25.85
CA GLY L 439 3.10 56.95 26.70
C GLY L 439 4.36 57.69 26.32
N ILE L 440 5.13 57.17 25.36
CA ILE L 440 6.41 57.77 24.98
C ILE L 440 6.81 57.23 23.62
N HIS L 441 7.45 58.09 22.82
CA HIS L 441 7.98 57.72 21.52
C HIS L 441 9.12 58.66 21.19
N ALA L 442 10.17 58.12 20.58
CA ALA L 442 11.37 58.89 20.29
C ALA L 442 12.14 58.26 19.14
N ARG L 443 13.07 59.02 18.60
CA ARG L 443 13.99 58.54 17.56
C ARG L 443 15.40 58.96 17.95
N LEU L 444 16.31 57.98 17.96
CA LEU L 444 17.69 58.18 18.37
C LEU L 444 18.63 57.98 17.19
N ASN L 445 19.70 58.78 17.17
CA ASN L 445 20.67 58.70 16.10
C ASN L 445 21.61 57.52 16.32
N ALA L 446 21.88 56.78 15.24
CA ALA L 446 22.76 55.61 15.27
C ALA L 446 23.69 55.62 14.07
N ARG L 447 24.26 56.79 13.77
CA ARG L 447 25.20 56.94 12.67
C ARG L 447 26.52 56.31 13.08
N CYS L 448 26.74 55.06 12.66
CA CYS L 448 27.91 54.30 13.08
C CYS L 448 28.33 53.36 11.96
N SER L 449 29.58 52.90 12.05
CA SER L 449 30.15 51.93 11.13
C SER L 449 30.35 50.60 11.86
N VAL L 450 30.20 49.51 11.11
CA VAL L 450 30.21 48.17 11.69
C VAL L 450 31.27 47.32 11.01
N LEU L 451 32.10 46.68 11.82
CA LEU L 451 32.96 45.57 11.37
C LEU L 451 32.32 44.26 11.80
N ALA L 452 32.31 43.28 10.90
CA ALA L 452 31.71 41.99 11.18
C ALA L 452 32.67 40.89 10.75
N ALA L 453 32.84 39.90 11.63
CA ALA L 453 33.67 38.73 11.35
C ALA L 453 32.84 37.48 11.56
N ALA L 454 32.79 36.63 10.54
CA ALA L 454 31.99 35.42 10.58
C ALA L 454 32.75 34.27 9.94
N ASN L 455 32.39 33.05 10.34
CA ASN L 455 32.95 31.80 9.86
C ASN L 455 32.00 31.13 8.88
N PRO L 456 32.51 30.35 7.94
CA PRO L 456 31.64 29.66 6.99
C PRO L 456 30.79 28.60 7.68
N VAL L 457 29.70 28.23 7.00
CA VAL L 457 28.76 27.26 7.56
C VAL L 457 29.42 25.90 7.74
N TYR L 458 30.32 25.53 6.84
CA TYR L 458 31.01 24.24 6.91
C TYR L 458 32.25 24.28 7.81
N GLY L 459 32.56 25.42 8.39
CA GLY L 459 33.77 25.57 9.20
C GLY L 459 34.96 26.09 8.42
N ARG L 460 35.22 25.48 7.26
CA ARG L 460 36.27 25.93 6.36
C ARG L 460 35.66 26.20 4.99
N TYR L 461 36.15 27.24 4.33
CA TYR L 461 35.59 27.66 3.05
C TYR L 461 35.81 26.58 2.00
N ASP L 462 34.77 26.30 1.22
CA ASP L 462 34.83 25.27 0.18
C ASP L 462 35.21 25.92 -1.15
N GLN L 463 36.30 25.47 -1.75
CA GLN L 463 36.74 26.01 -3.03
C GLN L 463 35.78 25.62 -4.15
N TYR L 464 35.31 24.37 -4.15
CA TYR L 464 34.45 23.90 -5.23
C TYR L 464 33.05 24.51 -5.14
N LYS L 465 32.47 24.56 -3.95
CA LYS L 465 31.12 25.09 -3.80
C LYS L 465 31.10 26.59 -4.03
N THR L 466 29.95 27.08 -4.50
CA THR L 466 29.80 28.50 -4.80
C THR L 466 29.84 29.32 -3.51
N PRO L 467 30.25 30.59 -3.61
CA PRO L 467 30.28 31.44 -2.40
C PRO L 467 28.91 31.60 -1.75
N MET L 468 27.82 31.50 -2.52
CA MET L 468 26.49 31.65 -1.95
C MET L 468 26.21 30.57 -0.91
N GLU L 469 26.58 29.32 -1.20
CA GLU L 469 26.39 28.25 -0.23
C GLU L 469 27.30 28.43 0.98
N ASN L 470 28.54 28.86 0.76
CA ASN L 470 29.50 28.98 1.86
C ASN L 470 29.11 30.09 2.82
N ILE L 471 28.69 31.26 2.29
CA ILE L 471 28.33 32.37 3.15
C ILE L 471 27.04 32.06 3.91
N GLY L 472 26.02 31.56 3.20
CA GLY L 472 24.77 31.19 3.82
C GLY L 472 24.03 32.34 4.46
N LEU L 473 23.92 33.46 3.76
CA LEU L 473 23.24 34.65 4.26
C LEU L 473 22.26 35.16 3.21
N GLN L 474 21.26 35.89 3.69
CA GLN L 474 20.21 36.42 2.82
C GLN L 474 20.77 37.53 1.92
N ASP L 475 20.06 37.77 0.81
CA ASP L 475 20.51 38.77 -0.15
C ASP L 475 20.42 40.18 0.43
N SER L 476 19.40 40.45 1.25
CA SER L 476 19.24 41.80 1.81
C SER L 476 20.40 42.16 2.73
N LEU L 477 20.83 41.23 3.58
CA LEU L 477 21.95 41.51 4.48
C LEU L 477 23.23 41.78 3.71
N LEU L 478 23.51 40.97 2.69
CA LEU L 478 24.71 41.17 1.88
C LEU L 478 24.65 42.49 1.13
N SER L 479 23.47 42.85 0.59
CA SER L 479 23.32 44.10 -0.13
C SER L 479 23.53 45.29 0.80
N ARG L 480 23.00 45.22 2.03
CA ARG L 480 23.19 46.30 2.98
C ARG L 480 24.66 46.46 3.36
N PHE L 481 25.41 45.37 3.38
CA PHE L 481 26.85 45.47 3.54
C PHE L 481 27.48 46.09 2.30
N ASP L 482 28.46 46.96 2.51
CA ASP L 482 29.09 47.67 1.41
C ASP L 482 30.22 46.88 0.78
N LEU L 483 31.04 46.20 1.58
CA LEU L 483 32.18 45.44 1.09
C LEU L 483 32.17 44.04 1.68
N LEU L 484 32.51 43.06 0.84
CA LEU L 484 32.66 41.67 1.26
C LEU L 484 34.08 41.22 0.93
N PHE L 485 34.78 40.68 1.93
CA PHE L 485 36.12 40.16 1.74
C PHE L 485 36.13 38.68 2.08
N ILE L 486 36.74 37.88 1.22
CA ILE L 486 36.90 36.44 1.43
C ILE L 486 38.39 36.15 1.55
N MET L 487 38.77 35.55 2.66
CA MET L 487 40.16 35.25 2.96
C MET L 487 40.37 33.74 2.94
N LEU L 488 41.40 33.29 2.22
CA LEU L 488 41.70 31.87 2.09
C LEU L 488 43.08 31.59 2.67
N ASP L 489 43.18 30.50 3.43
CA ASP L 489 44.45 30.10 4.04
C ASP L 489 45.23 29.24 3.04
N GLN L 490 45.66 29.89 1.96
CA GLN L 490 46.43 29.23 0.91
C GLN L 490 47.82 28.92 1.44
N MET L 491 48.12 27.63 1.59
CA MET L 491 49.40 27.18 2.13
C MET L 491 50.44 27.00 1.03
N ASP L 492 50.85 28.13 0.47
CA ASP L 492 51.89 28.19 -0.55
C ASP L 492 53.26 28.04 0.09
N PRO L 493 54.24 27.41 -0.58
CA PRO L 493 55.56 27.27 0.04
C PRO L 493 56.13 28.59 0.52
N GLU L 494 56.24 29.57 -0.38
CA GLU L 494 56.84 30.84 -0.02
C GLU L 494 55.97 31.60 0.98
N GLN L 495 54.65 31.53 0.83
CA GLN L 495 53.77 32.20 1.78
C GLN L 495 53.90 31.60 3.18
N ASP L 496 53.94 30.26 3.28
CA ASP L 496 54.13 29.65 4.58
C ASP L 496 55.47 30.04 5.18
N ARG L 497 56.53 30.04 4.37
CA ARG L 497 57.85 30.41 4.88
C ARG L 497 57.86 31.86 5.37
N GLU L 498 57.25 32.77 4.60
CA GLU L 498 57.22 34.17 4.99
C GLU L 498 56.41 34.39 6.26
N ILE L 499 55.25 33.73 6.36
CA ILE L 499 54.42 33.88 7.55
C ILE L 499 55.15 33.34 8.77
N SER L 500 55.80 32.18 8.64
CA SER L 500 56.56 31.63 9.76
C SER L 500 57.70 32.55 10.16
N ASP L 501 58.41 33.12 9.18
CA ASP L 501 59.50 34.04 9.50
C ASP L 501 58.99 35.28 10.22
N HIS L 502 57.88 35.85 9.75
CA HIS L 502 57.32 37.03 10.41
C HIS L 502 56.89 36.71 11.83
N VAL L 503 56.22 35.57 12.02
CA VAL L 503 55.76 35.19 13.35
C VAL L 503 56.94 34.96 14.28
N LEU L 504 57.98 34.29 13.80
CA LEU L 504 59.17 34.05 14.63
C LEU L 504 59.88 35.35 14.97
N ARG L 505 59.98 36.27 14.01
CA ARG L 505 60.62 37.56 14.28
C ARG L 505 59.84 38.35 15.31
N MET L 506 58.51 38.35 15.21
CA MET L 506 57.70 39.05 16.20
C MET L 506 57.79 38.39 17.57
N HIS L 507 57.81 37.06 17.61
CA HIS L 507 57.91 36.35 18.88
C HIS L 507 59.24 36.60 19.57
N ARG L 508 60.35 36.57 18.81
CA ARG L 508 61.67 36.77 19.40
C ARG L 508 61.92 38.22 19.81
N TYR L 509 61.09 39.15 19.37
CA TYR L 509 61.30 40.55 19.72
C TYR L 509 61.04 40.79 21.21
N ARG L 510 61.87 41.63 21.81
CA ARG L 510 61.71 42.06 23.19
C ARG L 510 61.82 43.57 23.26
N ALA L 511 61.03 44.18 24.14
CA ALA L 511 61.02 45.63 24.25
C ALA L 511 62.36 46.14 24.78
N PRO L 512 62.89 47.22 24.21
CA PRO L 512 64.16 47.76 24.70
C PRO L 512 64.03 48.38 26.08
N GLY L 513 65.17 48.48 26.77
CA GLY L 513 65.19 48.99 28.13
C GLY L 513 64.88 47.97 29.19
N GLU L 514 64.69 46.71 28.83
CA GLU L 514 64.27 45.69 29.76
C GLU L 514 65.29 44.56 29.79
N GLN L 515 65.58 44.05 30.99
CA GLN L 515 66.52 42.96 31.16
C GLN L 515 65.97 41.65 30.59
N ASP L 516 66.84 40.88 29.94
CA ASP L 516 66.45 39.61 29.36
C ASP L 516 66.10 38.59 30.43
N GLY L 517 65.06 37.80 30.17
CA GLY L 517 64.63 36.77 31.09
C GLY L 517 63.80 37.25 32.26
N ASP L 518 63.46 38.54 32.31
CA ASP L 518 62.67 39.08 33.40
C ASP L 518 61.20 38.70 33.24
N ALA L 519 60.59 38.28 34.35
CA ALA L 519 59.15 38.08 34.38
C ALA L 519 58.45 39.44 34.40
N MET L 520 57.16 39.46 34.08
CA MET L 520 56.57 40.76 33.78
C MET L 520 55.08 40.77 34.04
N THR L 544 57.45 63.70 18.57
CA THR L 544 57.21 62.39 17.98
C THR L 544 57.59 62.39 16.50
N GLN L 545 58.57 61.56 16.14
CA GLN L 545 59.00 61.47 14.76
C GLN L 545 57.91 60.85 13.89
N ILE L 546 57.84 61.32 12.64
CA ILE L 546 56.84 60.81 11.71
C ILE L 546 57.08 59.33 11.42
N TYR L 547 58.33 58.95 11.20
CA TYR L 547 58.69 57.58 10.88
C TYR L 547 59.22 56.86 12.11
N GLU L 548 58.74 55.65 12.33
CA GLU L 548 59.17 54.86 13.48
C GLU L 548 60.64 54.46 13.34
N LYS L 549 61.32 54.38 14.49
CA LYS L 549 62.71 53.95 14.50
C LYS L 549 62.82 52.52 13.98
N HIS L 550 63.80 52.30 13.11
CA HIS L 550 63.99 50.97 12.52
C HIS L 550 64.46 49.98 13.57
N ASP L 551 63.91 48.78 13.52
CA ASP L 551 64.29 47.69 14.41
C ASP L 551 64.71 46.48 13.58
N ASN L 552 65.77 45.80 14.03
CA ASN L 552 66.27 44.66 13.28
C ASN L 552 65.30 43.49 13.30
N LEU L 553 64.46 43.39 14.32
CA LEU L 553 63.51 42.29 14.46
C LEU L 553 62.11 42.66 13.94
N LEU L 554 61.60 43.82 14.34
CA LEU L 554 60.27 44.22 13.89
C LEU L 554 60.23 44.48 12.39
N HIS L 555 61.26 45.13 11.84
CA HIS L 555 61.30 45.48 10.43
C HIS L 555 62.15 44.50 9.63
N GLY L 556 63.41 44.32 10.00
CA GLY L 556 64.30 43.44 9.29
C GLY L 556 65.32 44.20 8.45
N THR L 557 66.40 43.50 8.10
CA THR L 557 67.47 44.12 7.33
C THR L 557 67.00 44.54 5.94
N LYS L 558 66.15 43.72 5.31
CA LYS L 558 65.67 44.06 3.97
C LYS L 558 64.79 45.29 3.99
N LYS L 559 63.99 45.46 5.05
CA LYS L 559 63.06 46.58 5.15
C LYS L 559 63.72 47.88 5.59
N LYS L 560 65.05 47.97 5.53
CA LYS L 560 65.73 49.21 5.89
C LYS L 560 65.43 50.34 4.92
N LYS L 561 65.04 50.03 3.69
CA LYS L 561 64.76 51.05 2.68
C LYS L 561 63.46 51.79 2.93
N GLU L 562 62.58 51.28 3.79
CA GLU L 562 61.29 51.90 4.05
C GLU L 562 61.06 51.97 5.55
N LYS L 563 60.25 52.94 5.97
CA LYS L 563 59.96 53.16 7.38
C LYS L 563 58.45 53.26 7.58
N MET L 564 58.01 52.93 8.79
CA MET L 564 56.61 52.93 9.15
C MET L 564 56.24 54.19 9.92
N VAL L 565 54.99 54.62 9.76
CA VAL L 565 54.51 55.83 10.42
C VAL L 565 54.20 55.53 11.88
N SER L 566 54.51 56.47 12.76
CA SER L 566 54.24 56.30 14.18
C SER L 566 52.74 56.35 14.45
N ALA L 567 52.34 55.71 15.54
CA ALA L 567 50.92 55.60 15.86
C ALA L 567 50.29 56.95 16.15
N ALA L 568 50.97 57.80 16.94
CA ALA L 568 50.41 59.09 17.31
C ALA L 568 50.27 60.01 16.10
N PHE L 569 51.30 60.08 15.27
CA PHE L 569 51.22 60.90 14.06
C PHE L 569 50.15 60.38 13.12
N MET L 570 50.03 59.05 13.01
CA MET L 570 48.98 58.47 12.18
C MET L 570 47.60 58.84 12.70
N LYS L 571 47.40 58.80 14.02
CA LYS L 571 46.11 59.17 14.59
C LYS L 571 45.79 60.65 14.33
N LYS L 572 46.79 61.52 14.52
CA LYS L 572 46.57 62.94 14.27
C LYS L 572 46.23 63.20 12.80
N TYR L 573 46.97 62.55 11.89
CA TYR L 573 46.68 62.73 10.46
C TYR L 573 45.30 62.20 10.10
N ILE L 574 44.91 61.07 10.71
CA ILE L 574 43.58 60.52 10.45
C ILE L 574 42.50 61.49 10.91
N HIS L 575 42.69 62.08 12.10
CA HIS L 575 41.71 63.05 12.59
C HIS L 575 41.63 64.27 11.69
N VAL L 576 42.78 64.79 11.25
CA VAL L 576 42.79 65.95 10.37
C VAL L 576 42.12 65.62 9.04
N ALA L 577 42.39 64.44 8.49
CA ALA L 577 41.77 64.03 7.25
C ALA L 577 40.26 63.89 7.40
N LYS L 578 39.81 63.33 8.52
CA LYS L 578 38.38 63.22 8.78
C LYS L 578 37.73 64.59 8.90
N ILE L 579 38.49 65.58 9.37
CA ILE L 579 37.96 66.95 9.40
C ILE L 579 37.73 67.46 7.98
N ILE L 580 38.61 67.08 7.04
CA ILE L 580 38.55 67.62 5.69
C ILE L 580 37.27 67.18 5.00
N LYS L 581 36.66 68.10 4.25
CA LYS L 581 35.42 67.85 3.53
C LYS L 581 35.67 67.95 2.03
N PRO L 582 35.79 66.82 1.33
CA PRO L 582 36.06 66.87 -0.12
C PRO L 582 34.82 67.22 -0.93
N VAL L 583 35.05 67.55 -2.19
CA VAL L 583 34.00 67.86 -3.15
C VAL L 583 34.21 67.01 -4.40
N LEU L 584 33.15 66.35 -4.85
CA LEU L 584 33.22 65.52 -6.04
C LEU L 584 33.26 66.38 -7.30
N THR L 585 33.97 65.88 -8.31
CA THR L 585 34.14 66.59 -9.58
C THR L 585 33.29 65.95 -10.67
N GLN L 586 33.06 66.73 -11.73
CA GLN L 586 32.25 66.25 -12.85
C GLN L 586 32.99 65.22 -13.69
N GLU L 587 34.32 65.37 -13.81
CA GLU L 587 35.08 64.45 -14.65
C GLU L 587 35.01 63.02 -14.13
N SER L 588 35.10 62.85 -12.81
CA SER L 588 35.02 61.51 -12.23
C SER L 588 33.61 60.95 -12.27
N ALA L 589 32.58 61.80 -12.31
CA ALA L 589 31.20 61.32 -12.24
C ALA L 589 30.85 60.47 -13.46
N THR L 590 31.19 60.94 -14.66
CA THR L 590 30.89 60.18 -15.87
C THR L 590 31.66 58.87 -15.90
N TYR L 591 32.93 58.89 -15.48
CA TYR L 591 33.73 57.67 -15.44
C TYR L 591 33.14 56.66 -14.47
N ILE L 592 32.71 57.13 -13.29
CA ILE L 592 32.10 56.24 -12.31
C ILE L 592 30.80 55.66 -12.84
N ALA L 593 29.99 56.50 -13.49
CA ALA L 593 28.73 56.01 -14.05
C ALA L 593 28.97 54.96 -15.13
N GLU L 594 29.95 55.21 -16.00
CA GLU L 594 30.25 54.24 -17.06
C GLU L 594 30.76 52.93 -16.48
N GLU L 595 31.62 53.00 -15.45
CA GLU L 595 32.12 51.79 -14.82
C GLU L 595 31.01 51.04 -14.09
N TYR L 596 30.08 51.76 -13.48
CA TYR L 596 28.93 51.12 -12.85
C TYR L 596 28.05 50.42 -13.88
N SER L 597 27.83 51.05 -15.02
CA SER L 597 27.08 50.40 -16.09
C SER L 597 27.79 49.17 -16.60
N ARG L 598 29.12 49.25 -16.73
CA ARG L 598 29.90 48.08 -17.12
C ARG L 598 29.77 46.96 -16.09
N LEU L 599 29.82 47.30 -14.81
CA LEU L 599 29.68 46.29 -13.76
C LEU L 599 28.30 45.63 -13.82
N ARG L 600 27.26 46.43 -14.06
CA ARG L 600 25.91 45.86 -14.13
C ARG L 600 25.74 44.99 -15.37
N SER L 601 26.38 45.36 -16.48
CA SER L 601 26.30 44.57 -17.70
C SER L 601 27.28 43.40 -17.71
N GLN L 602 28.17 43.32 -16.72
CA GLN L 602 29.15 42.24 -16.66
C GLN L 602 28.51 40.87 -16.44
N ASP L 603 27.20 40.81 -16.17
CA ASP L 603 26.53 39.52 -16.00
C ASP L 603 26.70 38.64 -17.22
N SER L 604 26.75 39.23 -18.41
CA SER L 604 27.02 38.48 -19.64
C SER L 604 28.50 38.29 -19.89
N MET L 605 29.37 38.89 -19.09
CA MET L 605 30.82 38.78 -19.26
C MET L 605 31.50 38.21 -18.03
N SER L 606 30.74 37.56 -17.15
CA SER L 606 31.31 37.03 -15.90
C SER L 606 32.21 35.83 -16.14
N SER L 607 32.12 35.19 -17.30
CA SER L 607 32.91 34.00 -17.64
C SER L 607 32.61 32.92 -16.59
N ASP L 608 33.61 32.19 -16.11
CA ASP L 608 33.40 31.20 -15.06
C ASP L 608 33.42 31.80 -13.66
N THR L 609 33.74 33.08 -13.52
CA THR L 609 33.78 33.73 -12.22
C THR L 609 32.37 33.99 -11.71
N ALA L 610 32.18 33.78 -10.41
CA ALA L 610 30.91 34.05 -9.75
C ALA L 610 31.01 35.33 -8.93
N ARG L 611 29.84 35.85 -8.54
CA ARG L 611 29.77 37.07 -7.77
C ARG L 611 29.47 36.77 -6.32
N THR L 612 30.18 37.44 -5.41
CA THR L 612 29.98 37.22 -3.98
C THR L 612 28.72 37.92 -3.48
N SER L 613 28.44 39.12 -3.98
CA SER L 613 27.30 39.91 -3.55
C SER L 613 26.54 40.45 -4.76
N PRO L 614 25.22 40.57 -4.66
CA PRO L 614 24.45 41.17 -5.76
C PRO L 614 24.80 42.65 -5.94
N VAL L 615 24.67 43.10 -7.18
CA VAL L 615 24.95 44.49 -7.53
C VAL L 615 23.63 45.25 -7.59
N THR L 616 23.46 46.22 -6.68
CA THR L 616 22.24 47.01 -6.62
C THR L 616 22.57 48.49 -6.71
N ALA L 617 21.58 49.34 -6.47
CA ALA L 617 21.81 50.78 -6.47
C ALA L 617 22.74 51.21 -5.34
N ARG L 618 22.86 50.40 -4.28
CA ARG L 618 23.76 50.75 -3.18
C ARG L 618 25.23 50.61 -3.56
N THR L 619 25.54 49.86 -4.62
CA THR L 619 26.94 49.74 -5.04
C THR L 619 27.47 51.07 -5.57
N LEU L 620 26.64 51.85 -6.26
CA LEU L 620 27.04 53.18 -6.69
C LEU L 620 27.31 54.08 -5.49
N GLU L 621 26.46 53.99 -4.46
CA GLU L 621 26.71 54.75 -3.23
C GLU L 621 28.03 54.34 -2.60
N THR L 622 28.31 53.04 -2.57
CA THR L 622 29.56 52.54 -2.02
C THR L 622 30.75 53.05 -2.81
N LEU L 623 30.64 53.06 -4.15
CA LEU L 623 31.72 53.58 -4.97
C LEU L 623 31.98 55.05 -4.65
N ILE L 624 30.92 55.85 -4.56
CA ILE L 624 31.09 57.27 -4.25
C ILE L 624 31.71 57.45 -2.87
N ARG L 625 31.27 56.65 -1.90
CA ARG L 625 31.78 56.78 -0.53
C ARG L 625 33.25 56.35 -0.44
N LEU L 626 33.63 55.28 -1.14
CA LEU L 626 35.03 54.87 -1.15
C LEU L 626 35.90 55.91 -1.85
N ALA L 627 35.39 56.51 -2.93
CA ALA L 627 36.13 57.60 -3.58
C ALA L 627 36.30 58.77 -2.62
N THR L 628 35.25 59.11 -1.87
CA THR L 628 35.35 60.20 -0.91
C THR L 628 36.37 59.89 0.17
N ALA L 629 36.39 58.66 0.66
CA ALA L 629 37.37 58.26 1.67
C ALA L 629 38.79 58.34 1.13
N HIS L 630 39.00 57.87 -0.11
CA HIS L 630 40.33 57.93 -0.69
C HIS L 630 40.76 59.36 -0.95
N ALA L 631 39.82 60.24 -1.30
CA ALA L 631 40.14 61.66 -1.39
C ALA L 631 40.45 62.27 -0.04
N LYS L 632 39.81 61.76 1.02
CA LYS L 632 40.16 62.17 2.37
C LYS L 632 41.54 61.68 2.79
N ALA L 633 42.02 60.58 2.20
CA ALA L 633 43.30 60.03 2.59
C ALA L 633 44.43 61.03 2.38
N ARG L 634 44.42 61.73 1.25
CA ARG L 634 45.40 62.77 0.95
C ARG L 634 44.75 64.14 1.04
N MET L 635 45.41 65.08 1.71
CA MET L 635 44.84 66.39 1.93
C MET L 635 44.64 67.12 0.61
N SER L 636 43.40 67.24 0.16
CA SER L 636 43.06 67.87 -1.10
C SER L 636 41.67 68.46 -0.99
N LYS L 637 41.10 68.88 -2.13
CA LYS L 637 39.79 69.50 -2.15
C LYS L 637 38.89 68.88 -3.20
N THR L 638 39.47 68.28 -4.24
CA THR L 638 38.72 67.76 -5.36
C THR L 638 39.00 66.28 -5.56
N VAL L 639 38.11 65.63 -6.32
CA VAL L 639 38.21 64.22 -6.64
C VAL L 639 38.84 64.06 -8.02
N ASP L 640 39.86 63.22 -8.11
CA ASP L 640 40.60 62.99 -9.35
C ASP L 640 40.24 61.62 -9.91
N LEU L 641 40.83 61.30 -11.07
CA LEU L 641 40.51 60.05 -11.75
C LEU L 641 41.03 58.84 -10.97
N GLN L 642 42.29 58.91 -10.52
CA GLN L 642 42.85 57.80 -9.75
C GLN L 642 42.10 57.57 -8.45
N ASP L 643 41.47 58.61 -7.92
CA ASP L 643 40.65 58.47 -6.72
C ASP L 643 39.50 57.50 -6.95
N ALA L 644 38.83 57.62 -8.10
CA ALA L 644 37.78 56.66 -8.45
C ALA L 644 38.36 55.33 -8.91
N GLU L 645 39.55 55.35 -9.53
CA GLU L 645 40.16 54.11 -10.00
C GLU L 645 40.50 53.19 -8.85
N GLU L 646 40.99 53.74 -7.73
CA GLU L 646 41.31 52.92 -6.58
C GLU L 646 40.07 52.21 -6.03
N ALA L 647 38.96 52.95 -5.92
CA ALA L 647 37.72 52.34 -5.44
C ALA L 647 37.22 51.29 -6.43
N VAL L 648 37.35 51.56 -7.73
CA VAL L 648 36.93 50.60 -8.73
C VAL L 648 37.75 49.32 -8.64
N GLU L 649 39.06 49.46 -8.46
CA GLU L 649 39.92 48.28 -8.29
C GLU L 649 39.54 47.50 -7.03
N LEU L 650 39.25 48.20 -5.94
CA LEU L 650 38.83 47.53 -4.72
C LEU L 650 37.52 46.76 -4.94
N VAL L 651 36.58 47.36 -5.65
CA VAL L 651 35.31 46.68 -5.92
C VAL L 651 35.53 45.48 -6.83
N GLN L 652 36.41 45.61 -7.83
CA GLN L 652 36.73 44.48 -8.69
C GLN L 652 37.31 43.33 -7.89
N TYR L 653 38.23 43.63 -6.97
CA TYR L 653 38.83 42.58 -6.15
C TYR L 653 37.79 41.93 -5.23
N ALA L 654 36.96 42.73 -4.58
CA ALA L 654 36.04 42.20 -3.58
C ALA L 654 34.87 41.44 -4.21
N TYR L 655 34.32 41.96 -5.30
CA TYR L 655 33.02 41.48 -5.79
C TYR L 655 33.12 40.14 -6.51
N PHE L 656 34.20 39.91 -7.26
CA PHE L 656 34.32 38.73 -8.11
C PHE L 656 35.37 37.78 -7.57
N LYS L 657 35.02 36.49 -7.54
CA LYS L 657 35.92 35.43 -7.12
C LYS L 657 35.80 34.27 -8.11
N LYS L 658 36.93 33.63 -8.40
CA LYS L 658 36.94 32.50 -9.33
C LYS L 658 36.49 31.22 -8.62
N SER L 742 34.94 43.08 -41.37
CA SER L 742 35.09 42.48 -40.05
C SER L 742 34.08 41.37 -39.84
N GLU L 743 33.88 41.00 -38.57
CA GLU L 743 32.94 39.94 -38.22
C GLU L 743 31.55 40.48 -37.96
N SER L 744 31.45 41.59 -37.23
CA SER L 744 30.16 42.27 -37.07
C SER L 744 29.65 42.76 -38.43
N ARG L 745 30.56 43.21 -39.29
CA ARG L 745 30.20 43.55 -40.67
C ARG L 745 29.51 42.39 -41.36
N LEU L 746 30.13 41.20 -41.31
CA LEU L 746 29.57 40.03 -41.99
C LEU L 746 28.23 39.63 -41.38
N LYS L 747 28.12 39.67 -40.04
CA LYS L 747 26.87 39.29 -39.39
C LYS L 747 25.74 40.25 -39.76
N ALA L 748 26.01 41.56 -39.74
CA ALA L 748 24.99 42.53 -40.13
C ALA L 748 24.60 42.36 -41.59
N PHE L 749 25.58 42.09 -42.45
CA PHE L 749 25.29 41.87 -43.86
C PHE L 749 24.37 40.67 -44.05
N LYS L 750 24.66 39.57 -43.36
CA LYS L 750 23.84 38.37 -43.47
C LYS L 750 22.44 38.59 -42.93
N VAL L 751 22.33 39.29 -41.79
CA VAL L 751 21.00 39.55 -41.21
C VAL L 751 20.18 40.42 -42.16
N ALA L 752 20.80 41.46 -42.72
CA ALA L 752 20.10 42.31 -43.67
C ALA L 752 19.67 41.53 -44.90
N LEU L 753 20.54 40.63 -45.39
CA LEU L 753 20.18 39.82 -46.55
C LEU L 753 19.01 38.89 -46.25
N LEU L 754 19.00 38.28 -45.07
CA LEU L 754 17.86 37.47 -44.65
C LEU L 754 16.57 38.29 -44.64
N ASP L 755 16.61 39.47 -44.01
CA ASP L 755 15.43 40.31 -43.94
C ASP L 755 14.96 40.72 -45.33
N VAL L 756 15.88 41.08 -46.21
CA VAL L 756 15.52 41.50 -47.56
C VAL L 756 14.89 40.34 -48.33
N PHE L 757 15.49 39.15 -48.24
CA PHE L 757 15.04 38.05 -49.10
C PHE L 757 13.73 37.44 -48.62
N ARG L 758 13.50 37.34 -47.30
CA ARG L 758 12.17 36.91 -46.88
C ARG L 758 11.29 38.05 -46.40
N GLU L 759 11.55 39.27 -46.86
CA GLU L 759 10.50 40.27 -46.99
C GLU L 759 9.97 40.35 -48.41
N ALA L 760 10.63 39.66 -49.36
CA ALA L 760 10.21 39.64 -50.75
C ALA L 760 9.49 38.36 -51.14
N HIS L 761 9.84 37.24 -50.52
CA HIS L 761 9.18 35.95 -50.78
C HIS L 761 9.39 35.49 -52.22
N ALA L 762 10.47 35.94 -52.84
CA ALA L 762 10.82 35.56 -54.20
C ALA L 762 12.35 35.48 -54.31
N GLN L 763 12.81 34.79 -55.35
CA GLN L 763 14.24 34.57 -55.54
C GLN L 763 14.93 35.70 -56.30
N SER L 764 14.18 36.69 -56.78
CA SER L 764 14.74 37.83 -57.50
C SER L 764 14.22 39.11 -56.85
N ILE L 765 15.12 40.06 -56.58
CA ILE L 765 14.78 41.29 -55.91
C ILE L 765 15.42 42.46 -56.66
N GLY L 766 14.67 43.54 -56.84
CA GLY L 766 15.20 44.70 -57.53
C GLY L 766 16.29 45.39 -56.73
N MET L 767 17.24 45.97 -57.45
CA MET L 767 18.42 46.57 -56.80
C MET L 767 18.03 47.78 -55.95
N ASN L 768 17.09 48.59 -56.42
CA ASN L 768 16.70 49.77 -55.68
C ASN L 768 16.15 49.39 -54.31
N ARG L 769 15.20 48.43 -54.28
CA ARG L 769 14.66 47.97 -53.01
C ARG L 769 15.73 47.32 -52.15
N LEU L 770 16.62 46.53 -52.77
CA LEU L 770 17.74 45.94 -52.05
C LEU L 770 18.51 47.00 -51.27
N THR L 771 19.03 48.01 -51.98
CA THR L 771 19.85 49.03 -51.33
C THR L 771 19.05 49.82 -50.31
N GLU L 772 17.81 50.19 -50.65
CA GLU L 772 17.01 51.01 -49.74
C GLU L 772 16.72 50.27 -48.44
N SER L 773 16.35 48.99 -48.52
CA SER L 773 16.04 48.24 -47.32
C SER L 773 17.29 47.88 -46.54
N ILE L 774 18.43 47.67 -47.21
CA ILE L 774 19.66 47.38 -46.49
C ILE L 774 20.14 48.59 -45.72
N ASN L 775 20.11 49.77 -46.34
CA ASN L 775 20.60 50.99 -45.70
C ASN L 775 19.51 51.75 -44.95
N ARG L 776 18.29 51.22 -44.88
CA ARG L 776 17.20 51.89 -44.18
C ARG L 776 17.08 51.43 -42.73
N ASP L 777 17.02 50.11 -42.51
CA ASP L 777 16.90 49.58 -41.16
C ASP L 777 18.23 49.53 -40.43
N SER L 778 19.34 49.85 -41.09
CA SER L 778 20.66 49.87 -40.48
C SER L 778 21.07 51.31 -40.19
N GLU L 779 21.64 51.53 -39.00
CA GLU L 779 22.07 52.86 -38.61
C GLU L 779 23.19 53.40 -39.48
N GLU L 780 23.92 52.54 -40.17
CA GLU L 780 25.06 52.94 -40.97
C GLU L 780 24.88 52.48 -42.41
N PRO L 781 24.75 53.38 -43.38
CA PRO L 781 24.81 52.95 -44.79
C PRO L 781 26.19 52.46 -45.15
N PHE L 782 26.31 51.16 -45.39
CA PHE L 782 27.62 50.53 -45.46
C PHE L 782 28.34 50.90 -46.75
N SER L 783 29.67 50.83 -46.70
CA SER L 783 30.50 51.22 -47.83
C SER L 783 30.32 50.26 -49.00
N SER L 784 30.26 50.81 -50.22
CA SER L 784 30.02 50.00 -51.40
C SER L 784 31.17 49.03 -51.66
N VAL L 785 32.41 49.47 -51.43
CA VAL L 785 33.57 48.61 -51.72
C VAL L 785 33.54 47.38 -50.81
N GLU L 786 33.27 47.57 -49.52
CA GLU L 786 33.22 46.45 -48.60
C GLU L 786 31.99 45.57 -48.86
N ILE L 787 30.88 46.17 -49.30
CA ILE L 787 29.72 45.38 -49.69
C ILE L 787 30.07 44.46 -50.86
N GLN L 788 30.77 45.01 -51.86
CA GLN L 788 31.16 44.19 -53.01
C GLN L 788 32.19 43.14 -52.62
N ALA L 789 33.09 43.45 -51.68
CA ALA L 789 34.03 42.45 -51.19
C ALA L 789 33.29 41.30 -50.51
N ALA L 790 32.29 41.62 -49.69
CA ALA L 790 31.48 40.58 -49.06
C ALA L 790 30.72 39.77 -50.10
N LEU L 791 30.21 40.44 -51.14
CA LEU L 791 29.53 39.73 -52.22
C LEU L 791 30.47 38.78 -52.94
N SER L 792 31.71 39.21 -53.19
CA SER L 792 32.68 38.32 -53.82
C SER L 792 33.01 37.13 -52.93
N LYS L 793 33.18 37.38 -51.62
CA LYS L 793 33.46 36.29 -50.70
C LYS L 793 32.31 35.28 -50.68
N MET L 794 31.07 35.76 -50.68
CA MET L 794 29.92 34.86 -50.68
C MET L 794 29.78 34.14 -52.02
N GLN L 795 30.17 34.80 -53.11
CA GLN L 795 30.19 34.13 -54.41
C GLN L 795 31.20 32.99 -54.42
N ASP L 796 32.36 33.20 -53.80
CA ASP L 796 33.31 32.11 -53.62
C ASP L 796 32.72 31.00 -52.74
N ASP L 797 31.76 31.35 -51.88
CA ASP L 797 31.05 30.37 -51.07
C ASP L 797 29.84 29.78 -51.79
N ASN L 798 29.54 30.23 -53.01
CA ASN L 798 28.41 29.74 -53.80
C ASN L 798 27.09 29.92 -53.05
N GLN L 799 26.94 31.04 -52.37
CA GLN L 799 25.71 31.38 -51.67
C GLN L 799 24.88 32.44 -52.37
N VAL L 800 25.53 33.39 -53.04
CA VAL L 800 24.86 34.52 -53.68
C VAL L 800 25.48 34.76 -55.05
N MET L 801 24.64 35.00 -56.05
CA MET L 801 25.08 35.39 -57.38
C MET L 801 24.39 36.69 -57.79
N VAL L 802 25.17 37.67 -58.23
CA VAL L 802 24.65 38.95 -58.70
C VAL L 802 24.85 39.00 -60.21
N SER L 803 23.77 39.22 -60.94
CA SER L 803 23.81 39.29 -62.40
C SER L 803 22.97 40.46 -62.86
N GLU L 804 23.59 41.39 -63.59
CA GLU L 804 22.91 42.53 -64.18
C GLU L 804 22.10 43.32 -63.15
N GLY L 805 22.66 43.46 -61.95
CA GLY L 805 22.02 44.21 -60.89
C GLY L 805 20.92 43.48 -60.15
N ILE L 806 20.74 42.19 -60.39
CA ILE L 806 19.71 41.39 -59.72
C ILE L 806 20.41 40.28 -58.95
N ILE L 807 20.02 40.10 -57.69
CA ILE L 807 20.66 39.14 -56.79
C ILE L 807 19.81 37.89 -56.69
N PHE L 808 20.43 36.73 -56.86
CA PHE L 808 19.79 35.44 -56.74
C PHE L 808 20.53 34.62 -55.69
N LEU L 809 19.78 33.86 -54.90
CA LEU L 809 20.37 32.99 -53.88
C LEU L 809 20.80 31.66 -54.49
N SER M 486 -34.89 11.80 -83.49
CA SER M 486 -35.28 12.96 -82.70
C SER M 486 -34.06 13.79 -82.31
N VAL M 487 -34.30 15.06 -81.99
CA VAL M 487 -33.20 15.93 -81.56
C VAL M 487 -32.61 15.43 -80.25
N LEU M 488 -33.46 14.97 -79.32
CA LEU M 488 -32.95 14.42 -78.07
C LEU M 488 -32.12 13.17 -78.32
N GLU M 489 -32.56 12.32 -79.26
CA GLU M 489 -31.78 11.13 -79.60
C GLU M 489 -30.44 11.51 -80.19
N GLU M 490 -30.41 12.52 -81.07
CA GLU M 490 -29.15 12.99 -81.63
C GLU M 490 -28.22 13.52 -80.55
N ALA M 491 -28.77 14.30 -79.62
CA ALA M 491 -27.95 14.82 -78.52
C ALA M 491 -27.39 13.69 -77.66
N ARG M 492 -28.22 12.67 -77.39
CA ARG M 492 -27.74 11.52 -76.63
C ARG M 492 -26.61 10.81 -77.37
N LEU M 493 -26.75 10.64 -78.69
CA LEU M 493 -25.71 9.97 -79.46
C LEU M 493 -24.42 10.77 -79.46
N ARG M 494 -24.50 12.09 -79.62
CA ARG M 494 -23.30 12.92 -79.67
C ARG M 494 -22.59 12.96 -78.32
N LEU M 495 -23.33 12.88 -77.21
CA LEU M 495 -22.76 13.04 -75.88
C LEU M 495 -22.20 11.75 -75.31
N HIS M 496 -22.23 10.65 -76.05
CA HIS M 496 -21.71 9.38 -75.52
C HIS M 496 -20.20 9.46 -75.32
N VAL M 497 -19.71 8.71 -74.33
CA VAL M 497 -18.31 8.78 -73.96
C VAL M 497 -17.42 8.24 -75.08
N SER M 498 -17.79 7.09 -75.64
CA SER M 498 -16.97 6.45 -76.66
C SER M 498 -16.93 7.23 -77.97
N ALA M 499 -17.82 8.21 -78.16
CA ALA M 499 -17.84 9.02 -79.37
C ALA M 499 -16.69 10.03 -79.31
N VAL M 500 -15.51 9.56 -79.69
CA VAL M 500 -14.31 10.41 -79.64
C VAL M 500 -14.37 11.42 -80.79
N PRO M 501 -14.08 12.70 -80.55
CA PRO M 501 -13.98 13.66 -81.65
C PRO M 501 -12.66 13.50 -82.40
N GLU M 502 -12.64 14.04 -83.62
CA GLU M 502 -11.44 13.96 -84.44
C GLU M 502 -10.28 14.71 -83.78
N SER M 503 -10.50 15.97 -83.41
CA SER M 503 -9.48 16.76 -82.75
C SER M 503 -10.09 18.01 -82.11
N LEU M 504 -9.85 18.21 -80.82
CA LEU M 504 -10.30 19.42 -80.14
C LEU M 504 -9.10 20.23 -79.68
N PRO M 505 -8.97 21.48 -80.12
CA PRO M 505 -7.78 22.28 -79.78
C PRO M 505 -7.64 22.61 -78.30
N CYS M 506 -8.54 22.13 -77.43
CA CYS M 506 -8.46 22.47 -76.02
C CYS M 506 -7.14 22.02 -75.40
N ARG M 507 -6.54 20.95 -75.93
CA ARG M 507 -5.23 20.50 -75.50
C ARG M 507 -4.18 20.65 -76.60
N GLU M 508 -4.50 21.42 -77.65
CA GLU M 508 -3.65 21.48 -78.84
C GLU M 508 -2.21 21.81 -78.47
N GLN M 509 -2.02 22.82 -77.61
CA GLN M 509 -0.70 23.18 -77.13
C GLN M 509 0.08 21.93 -76.70
N GLU M 510 -0.46 21.21 -75.72
CA GLU M 510 0.16 19.96 -75.29
C GLU M 510 0.42 19.05 -76.48
N PHE M 511 -0.62 18.83 -77.29
CA PHE M 511 -0.48 18.07 -78.53
C PHE M 511 0.75 18.53 -79.29
N GLN M 512 0.82 19.83 -79.59
CA GLN M 512 1.94 20.35 -80.37
C GLN M 512 3.26 19.95 -79.74
N ASP M 513 3.39 20.15 -78.42
CA ASP M 513 4.62 19.77 -77.74
C ASP M 513 4.94 18.30 -78.00
N ILE M 514 3.98 17.42 -77.74
CA ILE M 514 4.19 16.01 -78.00
C ILE M 514 4.48 15.80 -79.48
N TYR M 515 3.73 16.49 -80.35
CA TYR M 515 3.91 16.34 -81.79
C TYR M 515 5.32 16.70 -82.21
N ASN M 516 6.05 17.48 -81.41
CA ASN M 516 7.45 17.72 -81.72
C ASN M 516 8.33 16.57 -81.25
N PHE M 517 8.17 16.16 -79.98
CA PHE M 517 9.18 15.33 -79.33
C PHE M 517 9.45 14.05 -80.12
N VAL M 518 8.44 13.19 -80.23
CA VAL M 518 8.61 11.94 -80.95
C VAL M 518 9.02 12.21 -82.38
N GLU M 519 8.49 13.29 -82.97
CA GLU M 519 8.88 13.64 -84.33
C GLU M 519 10.39 13.78 -84.45
N SER M 520 11.00 14.53 -83.53
CA SER M 520 12.46 14.62 -83.52
C SER M 520 13.07 13.24 -83.32
N LYS M 521 12.54 12.48 -82.36
CA LYS M 521 13.03 11.12 -82.14
C LYS M 521 12.78 10.23 -83.35
N LEU M 522 11.82 10.57 -84.21
CA LEU M 522 11.61 9.81 -85.42
C LEU M 522 12.52 10.26 -86.56
N LEU M 523 13.05 11.48 -86.49
CA LEU M 523 13.88 11.99 -87.57
C LEU M 523 15.37 11.71 -87.35
N ASP M 524 15.81 11.62 -86.10
CA ASP M 524 17.20 11.37 -85.79
C ASP M 524 17.52 9.88 -85.62
N HIS M 525 16.53 9.02 -85.74
CA HIS M 525 16.69 7.57 -85.52
C HIS M 525 17.28 7.28 -84.15
N THR M 526 16.79 8.02 -83.14
CA THR M 526 17.24 7.87 -81.77
C THR M 526 16.04 7.74 -80.84
N GLY M 527 16.15 6.84 -79.86
CA GLY M 527 15.07 6.62 -78.92
C GLY M 527 14.97 7.70 -77.87
N GLY M 528 13.94 7.58 -77.04
CA GLY M 528 13.71 8.54 -75.98
C GLY M 528 12.65 8.05 -75.03
N CYS M 529 12.48 8.79 -73.93
CA CYS M 529 11.50 8.45 -72.92
C CYS M 529 10.86 9.71 -72.37
N MET M 530 9.55 9.66 -72.16
CA MET M 530 8.81 10.77 -71.58
C MET M 530 7.79 10.24 -70.58
N TYR M 531 7.63 10.96 -69.48
CA TYR M 531 6.67 10.63 -68.43
C TYR M 531 5.59 11.70 -68.38
N ILE M 532 4.33 11.28 -68.48
CA ILE M 532 3.19 12.20 -68.42
C ILE M 532 2.32 11.78 -67.25
N SER M 533 2.13 12.71 -66.32
CA SER M 533 1.30 12.48 -65.14
C SER M 533 0.09 13.40 -65.17
N GLY M 534 -1.06 12.84 -64.84
CA GLY M 534 -2.29 13.62 -64.82
C GLY M 534 -3.43 12.92 -64.13
N VAL M 535 -4.37 13.70 -63.58
CA VAL M 535 -5.55 13.15 -62.91
C VAL M 535 -6.43 12.49 -63.97
N PRO M 536 -7.22 11.47 -63.62
CA PRO M 536 -8.05 10.81 -64.62
C PRO M 536 -9.12 11.74 -65.16
N GLY M 537 -9.48 11.52 -66.42
CA GLY M 537 -10.47 12.34 -67.10
C GLY M 537 -9.94 13.54 -67.83
N THR M 538 -8.63 13.66 -67.99
CA THR M 538 -8.02 14.77 -68.71
C THR M 538 -7.79 14.48 -70.18
N GLY M 539 -8.20 13.31 -70.66
CA GLY M 539 -8.03 12.99 -72.07
C GLY M 539 -6.62 12.62 -72.47
N LYS M 540 -5.82 12.12 -71.54
CA LYS M 540 -4.44 11.74 -71.86
C LYS M 540 -4.41 10.60 -72.88
N THR M 541 -5.20 9.55 -72.64
CA THR M 541 -5.24 8.42 -73.57
C THR M 541 -5.74 8.86 -74.94
N ALA M 542 -6.78 9.67 -74.97
CA ALA M 542 -7.30 10.16 -76.25
C ALA M 542 -6.27 11.01 -76.98
N THR M 543 -5.56 11.87 -76.24
CA THR M 543 -4.53 12.70 -76.85
C THR M 543 -3.41 11.84 -77.44
N VAL M 544 -2.95 10.85 -76.69
CA VAL M 544 -1.89 9.97 -77.17
C VAL M 544 -2.34 9.21 -78.41
N HIS M 545 -3.58 8.70 -78.38
CA HIS M 545 -4.09 7.95 -79.53
C HIS M 545 -4.23 8.85 -80.75
N GLU M 546 -4.67 10.10 -80.56
CA GLU M 546 -4.77 11.03 -81.68
C GLU M 546 -3.40 11.35 -82.25
N VAL M 547 -2.39 11.53 -81.39
CA VAL M 547 -1.04 11.77 -81.87
C VAL M 547 -0.52 10.56 -82.66
N ILE M 548 -0.81 9.36 -82.17
CA ILE M 548 -0.41 8.14 -82.87
C ILE M 548 -1.10 8.06 -84.23
N ARG M 549 -2.38 8.43 -84.27
CA ARG M 549 -3.10 8.45 -85.55
C ARG M 549 -2.47 9.43 -86.52
N CYS M 550 -2.12 10.61 -86.04
CA CYS M 550 -1.47 11.61 -86.92
C CYS M 550 -0.13 11.11 -87.41
N LEU M 551 0.66 10.48 -86.54
CA LEU M 551 1.95 9.94 -86.95
C LEU M 551 1.79 8.84 -87.97
N GLN M 552 0.79 7.96 -87.78
CA GLN M 552 0.54 6.90 -88.75
C GLN M 552 0.12 7.47 -90.09
N GLN M 553 -0.73 8.50 -90.08
CA GLN M 553 -1.15 9.14 -91.33
C GLN M 553 0.04 9.78 -92.03
N ALA M 554 0.92 10.43 -91.27
CA ALA M 554 2.13 11.01 -91.87
C ALA M 554 3.03 9.94 -92.46
N ALA M 555 3.17 8.81 -91.76
CA ALA M 555 3.98 7.71 -92.27
C ALA M 555 3.40 7.14 -93.56
N GLN M 556 2.07 7.03 -93.63
CA GLN M 556 1.43 6.56 -94.85
C GLN M 556 1.68 7.52 -96.02
N ALA M 557 1.94 8.80 -95.72
CA ALA M 557 2.29 9.79 -96.71
C ALA M 557 3.79 9.96 -96.86
N ASN M 558 4.55 8.89 -96.65
CA ASN M 558 6.00 8.77 -96.81
C ASN M 558 6.77 10.04 -96.43
N ASP M 559 6.37 10.66 -95.33
CA ASP M 559 7.11 11.79 -94.76
C ASP M 559 7.94 11.40 -93.55
N VAL M 560 7.56 10.33 -92.85
CA VAL M 560 8.28 9.84 -91.69
C VAL M 560 8.71 8.41 -91.97
N PRO M 561 9.91 7.99 -91.59
CA PRO M 561 10.30 6.60 -91.78
C PRO M 561 9.35 5.67 -91.05
N PRO M 562 9.09 4.50 -91.60
CA PRO M 562 8.09 3.61 -91.00
C PRO M 562 8.52 3.13 -89.62
N PHE M 563 7.52 2.92 -88.76
CA PHE M 563 7.75 2.56 -87.37
C PHE M 563 6.74 1.53 -86.93
N GLN M 564 7.09 0.79 -85.89
CA GLN M 564 6.24 -0.24 -85.31
C GLN M 564 5.70 0.25 -83.97
N TYR M 565 4.37 0.30 -83.85
CA TYR M 565 3.71 0.79 -82.65
C TYR M 565 3.20 -0.36 -81.81
N ILE M 566 3.54 -0.36 -80.53
CA ILE M 566 3.07 -1.37 -79.58
C ILE M 566 2.47 -0.65 -78.38
N GLU M 567 1.26 -1.07 -77.98
CA GLU M 567 0.56 -0.49 -76.84
C GLU M 567 0.26 -1.59 -75.83
N VAL M 568 0.54 -1.32 -74.56
CA VAL M 568 0.27 -2.26 -73.48
C VAL M 568 -0.37 -1.50 -72.32
N ASN M 569 -1.29 -2.17 -71.63
CA ASN M 569 -1.97 -1.61 -70.47
C ASN M 569 -1.52 -2.38 -69.24
N GLY M 570 -1.09 -1.65 -68.21
CA GLY M 570 -0.60 -2.31 -67.01
C GLY M 570 -1.66 -3.08 -66.27
N MET M 571 -2.87 -2.51 -66.15
CA MET M 571 -3.92 -3.12 -65.35
C MET M 571 -4.67 -4.21 -66.12
N LYS M 572 -4.38 -4.40 -67.40
CA LYS M 572 -4.97 -5.48 -68.18
C LYS M 572 -4.12 -6.75 -68.16
N LEU M 573 -3.20 -6.87 -67.20
CA LEU M 573 -2.26 -7.98 -67.14
C LEU M 573 -2.46 -8.72 -65.82
N THR M 574 -2.54 -10.06 -65.90
CA THR M 574 -2.69 -10.86 -64.69
C THR M 574 -1.46 -10.78 -63.80
N GLU M 575 -0.27 -10.80 -64.40
CA GLU M 575 0.98 -10.71 -63.66
C GLU M 575 1.87 -9.65 -64.27
N PRO M 576 2.73 -9.03 -63.47
CA PRO M 576 3.64 -8.00 -64.02
C PRO M 576 4.60 -8.55 -65.06
N HIS M 577 5.35 -9.61 -64.71
CA HIS M 577 6.38 -10.13 -65.60
C HIS M 577 5.80 -10.55 -66.95
N GLN M 578 4.52 -10.90 -66.99
CA GLN M 578 3.90 -11.33 -68.23
C GLN M 578 3.94 -10.26 -69.31
N VAL M 579 4.16 -8.99 -68.93
CA VAL M 579 4.28 -7.93 -69.93
C VAL M 579 5.40 -8.25 -70.91
N TYR M 580 6.47 -8.89 -70.43
CA TYR M 580 7.57 -9.26 -71.31
C TYR M 580 7.07 -10.15 -72.44
N VAL M 581 6.14 -11.06 -72.15
CA VAL M 581 5.54 -11.87 -73.20
C VAL M 581 4.69 -10.99 -74.12
N GLN M 582 3.86 -10.11 -73.52
CA GLN M 582 2.91 -9.33 -74.31
C GLN M 582 3.62 -8.46 -75.33
N ILE M 583 4.74 -7.85 -74.95
CA ILE M 583 5.55 -7.10 -75.89
C ILE M 583 6.13 -8.04 -76.94
N LEU M 584 6.71 -9.16 -76.51
CA LEU M 584 7.43 -10.04 -77.42
C LEU M 584 6.50 -10.59 -78.49
N GLN M 585 5.36 -11.16 -78.08
CA GLN M 585 4.40 -11.68 -79.04
C GLN M 585 3.87 -10.58 -79.95
N LYS M 586 3.94 -9.31 -79.52
CA LYS M 586 3.51 -8.23 -80.39
C LYS M 586 4.53 -7.92 -81.48
N LEU M 587 5.81 -8.20 -81.23
CA LEU M 587 6.85 -7.88 -82.19
C LEU M 587 7.37 -9.08 -82.97
N THR M 588 7.28 -10.28 -82.41
CA THR M 588 7.71 -11.49 -83.10
C THR M 588 6.70 -12.62 -83.09
N GLY M 589 5.67 -12.56 -82.24
CA GLY M 589 4.68 -13.61 -82.19
C GLY M 589 5.11 -14.88 -81.51
N GLN M 590 6.25 -14.87 -80.82
CA GLN M 590 6.78 -16.07 -80.19
C GLN M 590 6.23 -16.21 -78.77
N LYS M 591 5.96 -17.45 -78.37
CA LYS M 591 5.50 -17.77 -77.03
C LYS M 591 6.67 -18.30 -76.21
N ALA M 592 6.91 -17.69 -75.05
CA ALA M 592 8.01 -18.09 -74.20
C ALA M 592 7.69 -17.73 -72.76
N THR M 593 8.43 -18.33 -71.83
CA THR M 593 8.26 -18.03 -70.42
C THR M 593 8.73 -16.62 -70.11
N ALA M 594 8.33 -16.12 -68.95
CA ALA M 594 8.62 -14.73 -68.59
C ALA M 594 10.13 -14.48 -68.57
N ASN M 595 10.89 -15.36 -67.93
CA ASN M 595 12.34 -15.19 -67.89
C ASN M 595 12.95 -15.30 -69.29
N HIS M 596 12.51 -16.29 -70.07
CA HIS M 596 13.04 -16.45 -71.43
C HIS M 596 12.63 -15.30 -72.32
N ALA M 597 11.39 -14.82 -72.19
CA ALA M 597 10.96 -13.68 -72.98
C ALA M 597 11.77 -12.43 -72.62
N ALA M 598 12.02 -12.21 -71.34
CA ALA M 598 12.86 -11.09 -70.93
C ALA M 598 14.27 -11.22 -71.48
N GLU M 599 14.83 -12.42 -71.44
CA GLU M 599 16.17 -12.64 -71.99
C GLU M 599 16.21 -12.36 -73.48
N LEU M 600 15.21 -12.82 -74.22
CA LEU M 600 15.19 -12.58 -75.67
C LEU M 600 15.00 -11.11 -75.99
N LEU M 601 14.14 -10.41 -75.23
CA LEU M 601 13.98 -8.98 -75.43
C LEU M 601 15.28 -8.25 -75.15
N ALA M 602 15.97 -8.64 -74.07
CA ALA M 602 17.26 -8.03 -73.75
C ALA M 602 18.27 -8.26 -74.86
N LYS M 603 18.32 -9.49 -75.39
CA LYS M 603 19.25 -9.79 -76.47
C LYS M 603 18.93 -8.97 -77.72
N GLN M 604 17.65 -8.84 -78.04
CA GLN M 604 17.27 -8.09 -79.24
C GLN M 604 17.55 -6.60 -79.08
N PHE M 605 17.38 -6.05 -77.88
CA PHE M 605 17.57 -4.63 -77.66
C PHE M 605 18.99 -4.24 -77.26
N CYS M 606 19.88 -5.21 -77.01
CA CYS M 606 21.25 -4.89 -76.65
C CYS M 606 22.26 -5.26 -77.73
N THR M 607 21.91 -6.16 -78.63
CA THR M 607 22.82 -6.63 -79.67
C THR M 607 22.51 -5.93 -80.99
N ARG M 608 23.56 -5.67 -81.76
CA ARG M 608 23.39 -5.04 -83.07
C ARG M 608 22.82 -6.06 -84.06
N GLY M 609 21.49 -6.14 -84.12
CA GLY M 609 20.81 -7.04 -85.03
C GLY M 609 20.51 -6.38 -86.36
N SER M 610 19.58 -6.97 -87.08
CA SER M 610 19.16 -6.42 -88.36
C SER M 610 18.49 -5.06 -88.14
N PRO M 611 18.68 -4.11 -89.05
CA PRO M 611 18.05 -2.80 -88.88
C PRO M 611 16.53 -2.89 -88.96
N GLN M 612 15.87 -2.64 -87.84
CA GLN M 612 14.42 -2.69 -87.75
C GLN M 612 13.83 -1.29 -87.73
N GLU M 613 12.52 -1.23 -87.94
CA GLU M 613 11.81 0.04 -87.83
C GLU M 613 11.85 0.54 -86.39
N THR M 614 11.83 1.86 -86.24
CA THR M 614 11.81 2.46 -84.92
C THR M 614 10.59 1.98 -84.15
N THR M 615 10.79 1.61 -82.88
CA THR M 615 9.74 1.03 -82.06
C THR M 615 9.17 2.11 -81.14
N VAL M 616 7.86 2.30 -81.22
CA VAL M 616 7.15 3.24 -80.36
C VAL M 616 6.34 2.43 -79.36
N LEU M 617 6.76 2.45 -78.10
CA LEU M 617 6.14 1.68 -77.03
C LEU M 617 5.32 2.60 -76.15
N LEU M 618 4.06 2.24 -75.94
CA LEU M 618 3.19 2.95 -75.01
C LEU M 618 2.80 2.01 -73.88
N VAL M 619 2.97 2.48 -72.64
CA VAL M 619 2.61 1.73 -71.45
C VAL M 619 1.61 2.55 -70.66
N ASP M 620 0.47 1.95 -70.34
CA ASP M 620 -0.58 2.62 -69.59
C ASP M 620 -0.64 2.07 -68.18
N GLU M 621 -1.02 2.94 -67.24
CA GLU M 621 -1.13 2.61 -65.82
C GLU M 621 0.22 2.11 -65.27
N LEU M 622 1.19 3.03 -65.31
CA LEU M 622 2.57 2.67 -64.97
C LEU M 622 2.70 2.23 -63.52
N ASP M 623 2.02 2.91 -62.60
CA ASP M 623 2.21 2.65 -61.17
C ASP M 623 1.84 1.22 -60.78
N LEU M 624 1.06 0.53 -61.61
CA LEU M 624 0.64 -0.83 -61.34
C LEU M 624 1.65 -1.87 -61.78
N LEU M 625 2.77 -1.44 -62.37
CA LEU M 625 3.86 -2.34 -62.72
C LEU M 625 4.94 -2.38 -61.65
N TRP M 626 4.68 -1.78 -60.48
CA TRP M 626 5.67 -1.74 -59.42
C TRP M 626 6.00 -3.13 -58.91
N THR M 627 7.25 -3.30 -58.46
CA THR M 627 7.71 -4.53 -57.85
C THR M 627 8.71 -4.15 -56.76
N HIS M 628 8.80 -4.99 -55.72
CA HIS M 628 9.74 -4.74 -54.64
C HIS M 628 11.18 -4.68 -55.14
N LYS M 629 11.48 -5.36 -56.25
CA LYS M 629 12.80 -5.33 -56.85
C LYS M 629 12.95 -4.26 -57.93
N GLN M 630 11.84 -3.74 -58.46
CA GLN M 630 11.84 -2.64 -59.42
C GLN M 630 12.61 -2.99 -60.69
N ASP M 631 12.70 -4.29 -61.01
CA ASP M 631 13.47 -4.69 -62.19
C ASP M 631 12.74 -4.35 -63.48
N ILE M 632 11.42 -4.58 -63.52
CA ILE M 632 10.66 -4.34 -64.74
C ILE M 632 10.69 -2.86 -65.10
N MET M 633 10.43 -1.99 -64.12
CA MET M 633 10.45 -0.55 -64.37
C MET M 633 11.83 -0.08 -64.78
N TYR M 634 12.87 -0.58 -64.10
CA TYR M 634 14.25 -0.23 -64.46
C TYR M 634 14.53 -0.58 -65.91
N ASN M 635 14.21 -1.82 -66.31
CA ASN M 635 14.47 -2.21 -67.70
C ASN M 635 13.67 -1.36 -68.67
N LEU M 636 12.39 -1.11 -68.36
CA LEU M 636 11.54 -0.35 -69.27
C LEU M 636 12.08 1.05 -69.50
N PHE M 637 12.55 1.71 -68.44
CA PHE M 637 13.04 3.07 -68.58
C PHE M 637 14.54 3.16 -68.84
N ASP M 638 15.24 2.03 -68.89
CA ASP M 638 16.66 2.05 -69.22
C ASP M 638 16.97 1.55 -70.62
N TRP M 639 16.12 0.70 -71.19
CA TRP M 639 16.41 0.15 -72.51
C TRP M 639 16.50 1.20 -73.61
N PRO M 640 15.61 2.21 -73.69
CA PRO M 640 15.77 3.23 -74.74
C PRO M 640 17.07 4.02 -74.63
N THR M 641 17.74 3.99 -73.48
CA THR M 641 19.02 4.69 -73.37
C THR M 641 20.06 4.12 -74.33
N HIS M 642 20.01 2.82 -74.58
CA HIS M 642 20.92 2.21 -75.54
C HIS M 642 20.65 2.74 -76.94
N LYS M 643 21.73 3.03 -77.67
CA LYS M 643 21.59 3.56 -79.02
C LYS M 643 20.91 2.57 -79.95
N GLU M 644 21.27 1.28 -79.84
CA GLU M 644 20.72 0.26 -80.72
C GLU M 644 19.24 0.00 -80.49
N ALA M 645 18.67 0.49 -79.39
CA ALA M 645 17.28 0.17 -79.05
C ALA M 645 16.31 0.73 -80.09
N ARG M 646 16.53 1.97 -80.52
CA ARG M 646 15.58 2.66 -81.40
C ARG M 646 14.18 2.66 -80.78
N LEU M 647 14.12 2.88 -79.47
CA LEU M 647 12.89 2.73 -78.70
C LEU M 647 12.47 4.06 -78.12
N VAL M 648 11.19 4.40 -78.28
CA VAL M 648 10.59 5.58 -77.69
C VAL M 648 9.47 5.13 -76.77
N VAL M 649 9.53 5.55 -75.51
CA VAL M 649 8.61 5.10 -74.48
C VAL M 649 7.90 6.30 -73.88
N LEU M 650 6.58 6.21 -73.75
CA LEU M 650 5.77 7.22 -73.09
C LEU M 650 5.02 6.55 -71.95
N ALA M 651 5.22 7.05 -70.73
CA ALA M 651 4.66 6.44 -69.53
C ALA M 651 3.55 7.35 -69.00
N ILE M 652 2.32 6.86 -69.08
CA ILE M 652 1.15 7.60 -68.60
C ILE M 652 0.83 7.16 -67.19
N ALA M 653 0.65 8.12 -66.28
CA ALA M 653 0.36 7.80 -64.90
C ALA M 653 -0.49 8.90 -64.28
N ASN M 654 -0.96 8.64 -63.07
CA ASN M 654 -1.78 9.61 -62.33
C ASN M 654 -0.99 10.40 -61.30
N THR M 655 0.06 9.83 -60.72
CA THR M 655 0.84 10.48 -59.69
C THR M 655 2.12 11.07 -60.29
N MET M 656 2.35 12.35 -60.01
CA MET M 656 3.58 13.01 -60.44
C MET M 656 4.75 12.75 -59.50
N ASP M 657 4.49 12.18 -58.32
CA ASP M 657 5.53 11.87 -57.36
C ASP M 657 6.25 10.57 -57.70
N LEU M 658 5.69 9.77 -58.61
CA LEU M 658 6.23 8.44 -58.92
C LEU M 658 7.72 8.42 -59.22
N PRO M 659 8.27 9.32 -60.05
CA PRO M 659 9.72 9.24 -60.31
C PRO M 659 10.59 9.60 -59.10
N GLU M 660 10.02 10.19 -58.05
CA GLU M 660 10.81 10.61 -56.89
C GLU M 660 10.72 9.62 -55.72
N ARG M 661 9.52 9.37 -55.21
CA ARG M 661 9.36 8.54 -54.02
C ARG M 661 9.10 7.07 -54.36
N ILE M 662 8.87 6.74 -55.63
CA ILE M 662 8.69 5.36 -56.04
C ILE M 662 9.86 4.86 -56.88
N MET M 663 10.55 5.75 -57.58
CA MET M 663 11.61 5.39 -58.51
C MET M 663 12.97 5.67 -57.91
N MET M 664 13.91 4.75 -58.10
CA MET M 664 15.23 4.89 -57.50
C MET M 664 16.08 5.89 -58.29
N ASN M 665 17.31 6.10 -57.81
CA ASN M 665 18.05 7.32 -58.17
C ASN M 665 18.42 7.35 -59.64
N ARG M 666 19.05 6.29 -60.15
CA ARG M 666 19.49 6.32 -61.55
C ARG M 666 18.32 6.43 -62.52
N VAL M 667 17.23 5.71 -62.24
CA VAL M 667 16.08 5.79 -63.13
C VAL M 667 15.33 7.11 -62.95
N SER M 668 15.42 7.72 -61.76
CA SER M 668 14.75 8.99 -61.53
C SER M 668 15.31 10.09 -62.43
N SER M 669 16.63 10.15 -62.56
CA SER M 669 17.24 11.14 -63.45
C SER M 669 17.01 10.82 -64.92
N ARG M 670 16.73 9.56 -65.25
CA ARG M 670 16.49 9.20 -66.65
C ARG M 670 15.18 9.77 -67.16
N LEU M 671 14.12 9.73 -66.34
CA LEU M 671 12.89 10.43 -66.64
C LEU M 671 12.88 11.87 -66.14
N GLY M 672 13.92 12.29 -65.43
CA GLY M 672 13.95 13.64 -64.92
C GLY M 672 13.99 14.67 -66.04
N LEU M 673 13.43 15.85 -65.77
CA LEU M 673 13.40 16.99 -66.67
C LEU M 673 12.50 16.77 -67.88
N THR M 674 11.75 15.67 -67.92
CA THR M 674 10.86 15.34 -69.01
C THR M 674 9.48 14.91 -68.48
N ARG M 675 8.91 15.72 -67.59
CA ARG M 675 7.62 15.41 -66.97
C ARG M 675 6.58 16.38 -67.52
N MET M 676 5.54 15.84 -68.15
CA MET M 676 4.42 16.62 -68.65
C MET M 676 3.25 16.47 -67.70
N CYS M 677 2.71 17.60 -67.23
CA CYS M 677 1.59 17.61 -66.31
C CYS M 677 0.38 18.22 -67.01
N PHE M 678 -0.73 17.49 -67.01
CA PHE M 678 -1.97 17.95 -67.64
C PHE M 678 -2.90 18.49 -66.56
N GLN M 679 -3.11 19.81 -66.58
CA GLN M 679 -3.99 20.44 -65.61
C GLN M 679 -5.45 20.15 -65.96
N PRO M 680 -6.34 20.15 -64.96
CA PRO M 680 -7.75 19.94 -65.24
C PRO M 680 -8.35 21.08 -66.04
N TYR M 681 -9.41 20.77 -66.79
CA TYR M 681 -10.05 21.76 -67.64
C TYR M 681 -10.69 22.87 -66.82
N THR M 682 -10.49 24.10 -67.26
CA THR M 682 -11.22 25.23 -66.72
C THR M 682 -12.66 25.19 -67.21
N TYR M 683 -13.55 25.89 -66.51
CA TYR M 683 -14.96 25.91 -66.91
C TYR M 683 -15.10 26.42 -68.34
N SER M 684 -14.22 27.31 -68.78
CA SER M 684 -14.21 27.72 -70.18
C SER M 684 -13.88 26.55 -71.09
N GLN M 685 -12.91 25.73 -70.71
CA GLN M 685 -12.56 24.54 -71.50
C GLN M 685 -13.74 23.58 -71.56
N LEU M 686 -14.39 23.34 -70.42
CA LEU M 686 -15.55 22.44 -70.39
C LEU M 686 -16.68 22.98 -71.26
N GLN M 687 -16.92 24.29 -71.19
CA GLN M 687 -17.97 24.90 -72.01
C GLN M 687 -17.64 24.76 -73.49
N GLN M 688 -16.38 24.97 -73.86
CA GLN M 688 -15.96 24.79 -75.24
C GLN M 688 -16.16 23.35 -75.71
N ILE M 689 -15.81 22.38 -74.85
CA ILE M 689 -15.97 20.98 -75.20
C ILE M 689 -17.44 20.65 -75.40
N LEU M 690 -18.29 21.10 -74.49
CA LEU M 690 -19.72 20.83 -74.59
C LEU M 690 -20.31 21.48 -75.84
N ARG M 691 -19.91 22.72 -76.14
CA ARG M 691 -20.39 23.39 -77.35
C ARG M 691 -19.95 22.64 -78.60
N SER M 692 -18.71 22.16 -78.62
CA SER M 692 -18.23 21.39 -79.75
C SER M 692 -18.99 20.07 -79.89
N ARG M 693 -19.39 19.47 -78.77
CA ARG M 693 -20.19 18.25 -78.85
C ARG M 693 -21.53 18.49 -79.52
N LEU M 694 -22.15 19.64 -79.23
CA LEU M 694 -23.50 19.94 -79.70
C LEU M 694 -23.51 21.07 -80.73
N LYS M 695 -22.54 21.08 -81.65
CA LYS M 695 -22.56 22.04 -82.73
C LYS M 695 -23.75 21.80 -83.65
N HIS M 696 -24.35 22.89 -84.12
CA HIS M 696 -25.47 22.86 -85.05
C HIS M 696 -26.71 22.18 -84.46
N LEU M 697 -26.76 22.06 -83.13
CA LEU M 697 -27.86 21.39 -82.45
C LEU M 697 -28.33 22.26 -81.29
N LYS M 698 -29.58 22.70 -81.35
CA LYS M 698 -30.17 23.55 -80.32
C LYS M 698 -31.13 22.72 -79.48
N ALA M 699 -30.57 22.09 -78.45
CA ALA M 699 -31.36 21.28 -77.52
C ALA M 699 -31.27 21.75 -76.08
N PHE M 700 -30.14 22.29 -75.66
CA PHE M 700 -29.95 22.76 -74.29
C PHE M 700 -29.85 24.28 -74.26
N GLU M 701 -30.28 24.86 -73.14
CA GLU M 701 -30.10 26.29 -72.92
C GLU M 701 -28.71 26.58 -72.41
N ASP M 702 -28.23 27.79 -72.68
CA ASP M 702 -26.87 28.17 -72.29
C ASP M 702 -26.71 28.18 -70.77
N ASP M 703 -27.75 28.57 -70.04
CA ASP M 703 -27.64 28.63 -68.59
C ASP M 703 -27.40 27.26 -67.98
N ALA M 704 -28.12 26.24 -68.47
CA ALA M 704 -27.94 24.89 -67.93
C ALA M 704 -26.54 24.37 -68.20
N ILE M 705 -26.04 24.56 -69.42
CA ILE M 705 -24.69 24.10 -69.77
C ILE M 705 -23.65 24.83 -68.92
N GLN M 706 -23.81 26.15 -68.76
CA GLN M 706 -22.87 26.91 -67.95
C GLN M 706 -22.89 26.44 -66.50
N LEU M 707 -24.08 26.16 -65.96
CA LEU M 707 -24.15 25.70 -64.58
C LEU M 707 -23.53 24.31 -64.42
N VAL M 708 -23.75 23.43 -65.40
CA VAL M 708 -23.14 22.10 -65.34
C VAL M 708 -21.62 22.22 -65.36
N ALA M 709 -21.10 23.04 -66.27
CA ALA M 709 -19.65 23.21 -66.35
C ALA M 709 -19.09 23.82 -65.07
N ARG M 710 -19.80 24.81 -64.51
CA ARG M 710 -19.36 25.45 -63.28
C ARG M 710 -19.36 24.46 -62.13
N LYS M 711 -20.41 23.64 -62.02
CA LYS M 711 -20.47 22.64 -60.96
C LYS M 711 -19.36 21.62 -61.11
N VAL M 712 -19.10 21.16 -62.33
CA VAL M 712 -18.02 20.19 -62.55
C VAL M 712 -16.67 20.79 -62.17
N ALA M 713 -16.43 22.04 -62.59
CA ALA M 713 -15.18 22.70 -62.21
C ALA M 713 -15.06 22.87 -60.71
N ALA M 714 -16.18 23.11 -60.02
CA ALA M 714 -16.16 23.27 -58.57
C ALA M 714 -16.12 21.94 -57.84
N LEU M 715 -16.32 20.81 -58.51
CA LEU M 715 -16.31 19.50 -57.87
C LEU M 715 -15.06 18.72 -58.23
N SER M 716 -14.88 18.33 -59.49
CA SER M 716 -13.72 17.57 -59.91
C SER M 716 -13.07 18.07 -61.19
N GLY M 717 -13.79 18.80 -62.04
CA GLY M 717 -13.24 19.20 -63.32
C GLY M 717 -12.98 18.04 -64.26
N ASP M 718 -13.91 17.10 -64.35
CA ASP M 718 -13.76 15.93 -65.20
C ASP M 718 -14.83 15.95 -66.28
N ALA M 719 -14.42 15.56 -67.50
CA ALA M 719 -15.36 15.56 -68.63
C ALA M 719 -16.32 14.38 -68.58
N ARG M 720 -15.88 13.24 -68.03
CA ARG M 720 -16.72 12.04 -68.04
C ARG M 720 -17.98 12.25 -67.23
N ARG M 721 -17.85 12.76 -66.01
CA ARG M 721 -19.02 12.99 -65.18
C ARG M 721 -19.88 14.13 -65.73
N CYS M 722 -19.27 15.10 -66.41
CA CYS M 722 -20.05 16.14 -67.08
C CYS M 722 -20.93 15.53 -68.18
N LEU M 723 -20.36 14.64 -68.98
CA LEU M 723 -21.14 13.96 -70.01
C LEU M 723 -22.23 13.11 -69.39
N ASP M 724 -21.93 12.42 -68.29
CA ASP M 724 -22.94 11.63 -67.60
C ASP M 724 -24.09 12.51 -67.11
N ILE M 725 -23.76 13.67 -66.54
CA ILE M 725 -24.80 14.59 -66.06
C ILE M 725 -25.64 15.09 -67.24
N CYS M 726 -25.00 15.41 -68.36
CA CYS M 726 -25.76 15.85 -69.53
C CYS M 726 -26.70 14.76 -70.04
N ARG M 727 -26.21 13.52 -70.08
CA ARG M 727 -27.06 12.40 -70.49
C ARG M 727 -28.25 12.22 -69.55
N ARG M 728 -27.99 12.29 -68.24
CA ARG M 728 -29.08 12.13 -67.28
C ARG M 728 -30.08 13.28 -67.38
N ALA M 729 -29.59 14.49 -67.63
CA ALA M 729 -30.48 15.63 -67.83
C ALA M 729 -31.35 15.44 -69.06
N THR M 730 -30.77 14.91 -70.14
CA THR M 730 -31.57 14.59 -71.32
C THR M 730 -32.62 13.54 -70.99
N GLU M 731 -32.26 12.53 -70.21
CA GLU M 731 -33.20 11.49 -69.81
C GLU M 731 -34.36 12.09 -69.01
N ILE M 732 -34.05 12.99 -68.08
CA ILE M 732 -35.09 13.61 -67.27
C ILE M 732 -35.98 14.52 -68.12
N CYS M 733 -35.38 15.28 -69.03
CA CYS M 733 -36.17 16.12 -69.93
C CYS M 733 -37.07 15.28 -70.82
N GLU M 734 -36.66 14.04 -71.13
CA GLU M 734 -37.54 13.14 -71.87
C GLU M 734 -38.79 12.82 -71.08
N PHE M 735 -38.66 12.69 -69.76
CA PHE M 735 -39.79 12.35 -68.89
C PHE M 735 -40.91 13.37 -68.98
N THR M 747 -34.63 22.22 -68.74
CA THR M 747 -34.37 23.32 -67.83
C THR M 747 -33.19 23.01 -66.90
N ILE M 748 -32.78 24.01 -66.12
CA ILE M 748 -31.71 23.80 -65.16
C ILE M 748 -32.11 22.81 -64.06
N ALA M 749 -33.41 22.66 -63.82
CA ALA M 749 -33.86 21.71 -62.80
C ALA M 749 -33.43 20.29 -63.13
N HIS M 750 -33.44 19.93 -64.42
CA HIS M 750 -33.01 18.59 -64.82
C HIS M 750 -31.54 18.36 -64.47
N SER M 751 -30.69 19.33 -64.79
CA SER M 751 -29.27 19.21 -64.46
C SER M 751 -29.05 19.18 -62.96
N MET M 752 -29.81 19.98 -62.21
CA MET M 752 -29.70 19.97 -60.75
C MET M 752 -30.09 18.60 -60.20
N GLU M 753 -31.17 18.02 -60.71
CA GLU M 753 -31.57 16.69 -60.26
C GLU M 753 -30.50 15.66 -60.59
N ALA M 754 -29.93 15.73 -61.79
CA ALA M 754 -28.87 14.79 -62.16
C ALA M 754 -27.68 14.92 -61.23
N VAL M 755 -27.23 16.15 -60.98
CA VAL M 755 -26.00 16.34 -60.20
C VAL M 755 -26.22 15.97 -58.73
N ASP M 756 -27.39 16.31 -58.17
CA ASP M 756 -27.63 15.99 -56.77
C ASP M 756 -28.15 14.57 -56.55
N GLU M 757 -28.44 13.83 -57.62
CA GLU M 757 -28.73 12.42 -57.48
C GLU M 757 -27.51 11.54 -57.72
N MET M 758 -26.60 11.95 -58.61
CA MET M 758 -25.43 11.15 -58.92
C MET M 758 -24.20 11.52 -58.12
N PHE M 759 -24.31 12.47 -57.19
CA PHE M 759 -23.16 12.86 -56.37
C PHE M 759 -23.46 12.80 -54.88
N SER M 760 -24.69 13.15 -54.49
CA SER M 760 -25.03 13.23 -53.08
C SER M 760 -25.08 11.84 -52.45
N SER M 761 -24.86 11.82 -51.13
CA SER M 761 -24.87 10.59 -50.37
C SER M 761 -26.28 10.24 -49.92
N SER M 762 -26.55 8.93 -49.82
CA SER M 762 -27.87 8.43 -49.48
C SER M 762 -27.98 7.98 -48.02
N TYR M 763 -27.01 8.34 -47.18
CA TYR M 763 -27.08 7.93 -45.78
C TYR M 763 -28.27 8.54 -45.07
N ILE M 764 -28.56 9.81 -45.33
CA ILE M 764 -29.61 10.52 -44.60
C ILE M 764 -30.97 9.89 -44.87
N THR M 765 -31.28 9.61 -46.14
CA THR M 765 -32.58 9.03 -46.45
C THR M 765 -32.68 7.59 -45.95
N ALA M 766 -31.58 6.84 -45.97
CA ALA M 766 -31.60 5.49 -45.42
C ALA M 766 -31.88 5.52 -43.93
N ILE M 767 -31.27 6.47 -43.21
CA ILE M 767 -31.56 6.63 -41.79
C ILE M 767 -33.02 7.02 -41.58
N LYS M 768 -33.52 7.92 -42.42
CA LYS M 768 -34.90 8.39 -42.27
C LYS M 768 -35.90 7.26 -42.48
N ASN M 769 -35.65 6.38 -43.45
CA ASN M 769 -36.55 5.27 -43.72
C ASN M 769 -36.32 4.07 -42.81
N SER M 770 -35.46 4.20 -41.80
CA SER M 770 -35.19 3.10 -40.89
C SER M 770 -36.42 2.82 -40.01
N SER M 771 -36.36 1.70 -39.31
CA SER M 771 -37.47 1.28 -38.45
C SER M 771 -37.42 2.03 -37.12
N VAL M 772 -38.50 1.87 -36.34
CA VAL M 772 -38.61 2.56 -35.06
C VAL M 772 -37.57 2.04 -34.08
N LEU M 773 -37.39 0.71 -34.00
CA LEU M 773 -36.42 0.16 -33.07
C LEU M 773 -34.99 0.58 -33.43
N GLU M 774 -34.69 0.64 -34.72
CA GLU M 774 -33.38 1.14 -35.15
C GLU M 774 -33.18 2.59 -34.75
N GLN M 775 -34.24 3.40 -34.85
CA GLN M 775 -34.16 4.78 -34.41
C GLN M 775 -33.89 4.87 -32.92
N SER M 776 -34.57 4.03 -32.13
CA SER M 776 -34.34 4.00 -30.69
C SER M 776 -32.91 3.57 -30.37
N PHE M 777 -32.40 2.59 -31.11
CA PHE M 777 -31.02 2.15 -30.91
C PHE M 777 -30.04 3.28 -31.20
N LEU M 778 -30.26 4.02 -32.29
CA LEU M 778 -29.39 5.13 -32.63
C LEU M 778 -29.45 6.22 -31.57
N ARG M 779 -30.66 6.52 -31.07
CA ARG M 779 -30.79 7.52 -30.01
C ARG M 779 -30.07 7.07 -28.74
N ALA M 780 -30.16 5.78 -28.41
CA ALA M 780 -29.44 5.27 -27.25
C ALA M 780 -27.94 5.40 -27.42
N ILE M 781 -27.44 5.09 -28.62
CA ILE M 781 -26.01 5.23 -28.89
C ILE M 781 -25.59 6.69 -28.74
N LEU M 782 -26.37 7.62 -29.28
CA LEU M 782 -26.04 9.03 -29.18
C LEU M 782 -26.04 9.49 -27.73
N ALA M 783 -27.04 9.05 -26.96
CA ALA M 783 -27.11 9.45 -25.55
C ALA M 783 -25.92 8.90 -24.77
N GLU M 784 -25.54 7.65 -25.01
CA GLU M 784 -24.39 7.08 -24.33
C GLU M 784 -23.12 7.82 -24.71
N PHE M 785 -22.97 8.18 -25.99
CA PHE M 785 -21.79 8.91 -26.43
C PHE M 785 -21.72 10.27 -25.77
N ARG M 786 -22.86 10.96 -25.67
CA ARG M 786 -22.89 12.26 -24.99
C ARG M 786 -22.54 12.12 -23.52
N ARG M 787 -23.05 11.06 -22.86
CA ARG M 787 -22.74 10.84 -21.46
C ARG M 787 -21.26 10.57 -21.26
N SER M 788 -20.65 9.79 -22.16
CA SER M 788 -19.26 9.38 -22.01
C SER M 788 -18.29 10.32 -22.72
N GLY M 789 -18.57 10.66 -23.98
CA GLY M 789 -17.68 11.44 -24.80
C GLY M 789 -16.75 10.63 -25.66
N LEU M 790 -16.73 9.31 -25.51
CA LEU M 790 -15.88 8.44 -26.31
C LEU M 790 -16.58 8.02 -27.59
N GLU M 791 -15.79 7.67 -28.59
CA GLU M 791 -16.29 7.20 -29.87
C GLU M 791 -16.37 5.68 -29.95
N GLU M 792 -16.02 4.97 -28.87
CA GLU M 792 -16.18 3.54 -28.79
C GLU M 792 -16.95 3.20 -27.51
N ALA M 793 -17.94 2.32 -27.65
CA ALA M 793 -18.79 1.93 -26.52
C ALA M 793 -19.10 0.45 -26.61
N THR M 794 -19.08 -0.22 -25.47
CA THR M 794 -19.42 -1.63 -25.42
C THR M 794 -20.92 -1.83 -25.64
N PHE M 795 -21.28 -3.03 -26.08
CA PHE M 795 -22.68 -3.33 -26.37
C PHE M 795 -23.54 -3.34 -25.11
N GLN M 796 -22.96 -3.59 -23.95
CA GLN M 796 -23.75 -3.67 -22.72
C GLN M 796 -24.33 -2.32 -22.32
N GLN M 797 -23.50 -1.28 -22.32
CA GLN M 797 -23.99 0.04 -21.97
C GLN M 797 -25.01 0.54 -22.99
N ILE M 798 -24.78 0.24 -24.27
CA ILE M 798 -25.74 0.61 -25.30
C ILE M 798 -27.07 -0.10 -25.05
N TYR M 799 -27.02 -1.38 -24.68
CA TYR M 799 -28.24 -2.12 -24.37
C TYR M 799 -28.96 -1.51 -23.18
N SER M 800 -28.21 -1.12 -22.15
CA SER M 800 -28.84 -0.50 -20.98
C SER M 800 -29.53 0.81 -21.34
N GLN M 801 -28.86 1.65 -22.14
CA GLN M 801 -29.47 2.90 -22.57
C GLN M 801 -30.70 2.65 -23.43
N HIS M 802 -30.64 1.62 -24.28
CA HIS M 802 -31.79 1.27 -25.10
C HIS M 802 -32.97 0.82 -24.25
N VAL M 803 -32.69 0.04 -23.20
CA VAL M 803 -33.75 -0.39 -22.28
C VAL M 803 -34.37 0.82 -21.59
N ALA M 804 -33.51 1.75 -21.14
CA ALA M 804 -34.04 2.95 -20.49
C ALA M 804 -34.91 3.77 -21.45
N LEU M 805 -34.46 3.91 -22.69
CA LEU M 805 -35.25 4.66 -23.67
C LEU M 805 -36.57 3.96 -23.98
N CYS M 806 -36.56 2.64 -24.05
CA CYS M 806 -37.80 1.89 -24.28
C CYS M 806 -38.76 2.08 -23.11
N ARG M 807 -38.25 2.05 -21.88
CA ARG M 807 -39.10 2.29 -20.71
C ARG M 807 -39.68 3.70 -20.75
N MET M 808 -38.86 4.68 -21.14
CA MET M 808 -39.37 6.04 -21.27
C MET M 808 -40.46 6.13 -22.33
N GLU M 809 -40.27 5.46 -23.46
CA GLU M 809 -41.22 5.48 -24.56
C GLU M 809 -42.41 4.57 -24.33
N GLY M 810 -42.37 3.69 -23.33
CA GLY M 810 -43.45 2.77 -23.08
C GLY M 810 -43.46 1.54 -23.98
N LEU M 811 -42.41 1.34 -24.78
CA LEU M 811 -42.35 0.18 -25.65
C LEU M 811 -42.17 -1.09 -24.84
N PRO M 812 -42.58 -2.24 -25.38
CA PRO M 812 -42.41 -3.50 -24.63
C PRO M 812 -40.94 -3.82 -24.41
N TYR M 813 -40.69 -4.58 -23.34
CA TYR M 813 -39.32 -4.91 -22.95
C TYR M 813 -38.65 -5.73 -24.04
N PRO M 814 -37.51 -5.30 -24.57
CA PRO M 814 -36.85 -6.06 -25.64
C PRO M 814 -35.86 -7.07 -25.11
N THR M 815 -35.79 -8.21 -25.79
CA THR M 815 -34.83 -9.25 -25.45
C THR M 815 -33.45 -8.92 -26.00
N MET M 816 -32.44 -9.60 -25.46
CA MET M 816 -31.08 -9.41 -25.94
C MET M 816 -30.92 -9.88 -27.38
N SER M 817 -31.58 -11.00 -27.73
CA SER M 817 -31.45 -11.55 -29.08
C SER M 817 -31.98 -10.58 -30.13
N GLU M 818 -33.12 -9.94 -29.85
CA GLU M 818 -33.68 -8.98 -30.80
C GLU M 818 -32.74 -7.80 -31.00
N THR M 819 -32.16 -7.29 -29.92
CA THR M 819 -31.22 -6.18 -30.03
C THR M 819 -29.99 -6.59 -30.83
N MET M 820 -29.47 -7.80 -30.60
CA MET M 820 -28.31 -8.26 -31.36
C MET M 820 -28.64 -8.43 -32.83
N ALA M 821 -29.85 -8.93 -33.13
CA ALA M 821 -30.26 -9.07 -34.52
C ALA M 821 -30.35 -7.71 -35.20
N VAL M 822 -30.92 -6.72 -34.51
CA VAL M 822 -30.99 -5.37 -35.07
C VAL M 822 -29.59 -4.81 -35.29
N CYS M 823 -28.69 -5.05 -34.33
CA CYS M 823 -27.31 -4.58 -34.47
C CYS M 823 -26.64 -5.22 -35.68
N SER M 824 -26.84 -6.52 -35.88
CA SER M 824 -26.25 -7.20 -37.02
C SER M 824 -26.82 -6.65 -38.33
N HIS M 825 -28.13 -6.40 -38.37
CA HIS M 825 -28.74 -5.86 -39.57
C HIS M 825 -28.19 -4.47 -39.89
N LEU M 826 -28.02 -3.64 -38.86
CA LEU M 826 -27.44 -2.31 -39.06
C LEU M 826 -25.99 -2.40 -39.53
N GLY M 827 -25.22 -3.32 -38.95
CA GLY M 827 -23.82 -3.46 -39.34
C GLY M 827 -23.66 -4.05 -40.73
N SER M 828 -24.67 -4.78 -41.21
CA SER M 828 -24.58 -5.35 -42.56
C SER M 828 -24.54 -4.27 -43.63
N CYS M 829 -25.27 -3.17 -43.44
CA CYS M 829 -25.32 -2.09 -44.42
C CYS M 829 -24.26 -1.02 -44.14
N ARG M 830 -23.26 -1.33 -43.32
CA ARG M 830 -22.12 -0.44 -43.07
C ARG M 830 -22.55 0.91 -42.51
N LEU M 831 -23.58 0.90 -41.66
CA LEU M 831 -23.90 2.08 -40.87
C LEU M 831 -23.13 2.12 -39.56
N LEU M 832 -22.69 0.97 -39.06
CA LEU M 832 -21.89 0.90 -37.86
C LEU M 832 -20.64 0.06 -38.11
N LEU M 833 -19.87 -0.21 -37.07
CA LEU M 833 -18.66 -1.02 -37.18
C LEU M 833 -18.59 -1.94 -35.98
N VAL M 834 -18.53 -3.25 -36.23
CA VAL M 834 -18.64 -4.25 -35.18
C VAL M 834 -18.12 -5.57 -35.71
N GLU M 835 -17.70 -6.46 -34.81
CA GLU M 835 -17.28 -7.82 -35.14
C GLU M 835 -18.06 -8.80 -34.28
N PRO M 836 -19.35 -8.99 -34.55
CA PRO M 836 -20.20 -9.80 -33.69
C PRO M 836 -20.10 -11.31 -33.92
N SER M 837 -19.13 -11.77 -34.71
CA SER M 837 -19.04 -13.18 -35.02
C SER M 837 -18.79 -14.02 -33.76
N ARG M 838 -17.91 -13.55 -32.90
CA ARG M 838 -17.55 -14.28 -31.69
C ARG M 838 -17.95 -13.56 -30.42
N ASN M 839 -17.54 -12.30 -30.27
CA ASN M 839 -17.96 -11.50 -29.13
C ASN M 839 -19.42 -11.09 -29.28
N ASP M 840 -20.17 -11.19 -28.19
CA ASP M 840 -21.58 -10.82 -28.20
C ASP M 840 -21.89 -9.64 -27.28
N LEU M 841 -21.52 -9.72 -26.01
CA LEU M 841 -21.82 -8.68 -25.05
C LEU M 841 -20.72 -7.64 -24.94
N LEU M 842 -19.56 -7.87 -25.57
CA LEU M 842 -18.43 -6.97 -25.43
C LEU M 842 -18.02 -6.41 -26.80
N LEU M 843 -18.99 -5.93 -27.56
CA LEU M 843 -18.75 -5.47 -28.92
C LEU M 843 -18.50 -3.97 -28.93
N ARG M 844 -17.38 -3.55 -29.51
CA ARG M 844 -17.10 -2.14 -29.72
C ARG M 844 -17.91 -1.63 -30.91
N VAL M 845 -18.56 -0.48 -30.73
CA VAL M 845 -19.43 0.09 -31.75
C VAL M 845 -18.91 1.48 -32.10
N ARG M 846 -18.72 1.73 -33.39
CA ARG M 846 -18.28 3.03 -33.89
C ARG M 846 -19.23 3.49 -34.98
N LEU M 847 -19.57 4.77 -34.95
CA LEU M 847 -20.44 5.34 -35.98
C LEU M 847 -19.68 5.49 -37.29
N ASN M 848 -20.29 5.04 -38.38
CA ASN M 848 -19.66 5.16 -39.69
C ASN M 848 -19.95 6.48 -40.37
N VAL M 849 -20.80 7.32 -39.77
CA VAL M 849 -21.15 8.62 -40.33
C VAL M 849 -20.98 9.68 -39.25
N SER M 850 -20.93 10.94 -39.68
CA SER M 850 -20.73 12.04 -38.75
C SER M 850 -21.94 12.18 -37.83
N GLN M 851 -21.67 12.61 -36.59
CA GLN M 851 -22.72 12.74 -35.60
C GLN M 851 -23.74 13.81 -35.98
N ASP M 852 -23.28 14.91 -36.57
CA ASP M 852 -24.20 15.97 -36.96
C ASP M 852 -25.14 15.51 -38.06
N ASP M 853 -24.69 14.65 -38.98
CA ASP M 853 -25.59 14.09 -39.97
C ASP M 853 -26.68 13.26 -39.30
N VAL M 854 -26.31 12.46 -38.30
CA VAL M 854 -27.30 11.68 -37.55
C VAL M 854 -28.29 12.61 -36.86
N LEU M 855 -27.80 13.69 -36.26
CA LEU M 855 -28.68 14.63 -35.59
C LEU M 855 -29.65 15.28 -36.57
N TYR M 856 -29.15 15.69 -37.75
CA TYR M 856 -30.01 16.32 -38.74
C TYR M 856 -31.01 15.33 -39.34
N ALA M 857 -30.65 14.05 -39.39
CA ALA M 857 -31.58 13.04 -39.88
C ALA M 857 -32.64 12.71 -38.84
N LEU M 858 -32.28 12.73 -37.56
CA LEU M 858 -33.19 12.32 -36.50
C LEU M 858 -34.04 13.45 -35.96
N LYS M 859 -33.66 14.71 -36.20
CA LYS M 859 -34.49 15.83 -35.73
C LYS M 859 -35.85 15.82 -36.42
N ASP M 860 -35.88 15.51 -37.71
CA ASP M 860 -37.13 15.44 -38.46
C ASP M 860 -37.94 14.23 -38.02
N HIS N 13 -61.45 -31.57 -50.53
CA HIS N 13 -61.00 -32.29 -49.34
C HIS N 13 -59.48 -32.39 -49.28
N THR N 14 -58.98 -33.62 -49.13
CA THR N 14 -57.55 -33.82 -48.91
C THR N 14 -56.73 -33.36 -50.11
N GLU N 15 -57.22 -33.63 -51.33
CA GLU N 15 -56.46 -33.25 -52.52
C GLU N 15 -56.29 -31.73 -52.62
N CYS N 16 -57.36 -30.98 -52.31
CA CYS N 16 -57.27 -29.53 -52.34
C CYS N 16 -56.26 -29.03 -51.31
N LEU N 17 -56.26 -29.62 -50.11
CA LEU N 17 -55.29 -29.22 -49.09
C LEU N 17 -53.86 -29.52 -49.55
N SER N 18 -53.65 -30.68 -50.17
CA SER N 18 -52.31 -31.00 -50.68
C SER N 18 -51.88 -30.01 -51.75
N GLN N 19 -52.79 -29.66 -52.66
CA GLN N 19 -52.43 -28.73 -53.73
C GLN N 19 -52.12 -27.34 -53.17
N VAL N 20 -52.94 -26.84 -52.24
CA VAL N 20 -52.68 -25.51 -51.69
C VAL N 20 -51.40 -25.53 -50.87
N GLN N 21 -51.13 -26.63 -50.17
CA GLN N 21 -49.87 -26.78 -49.46
C GLN N 21 -48.69 -26.67 -50.40
N ARG N 22 -48.76 -27.38 -51.54
CA ARG N 22 -47.69 -27.33 -52.52
C ARG N 22 -47.51 -25.92 -53.05
N ILE N 23 -48.62 -25.25 -53.39
CA ILE N 23 -48.52 -23.92 -53.99
C ILE N 23 -47.90 -22.93 -53.02
N LEU N 24 -48.36 -22.95 -51.76
CA LEU N 24 -47.83 -22.00 -50.79
C LEU N 24 -46.38 -22.32 -50.44
N ARG N 25 -46.03 -23.60 -50.36
CA ARG N 25 -44.64 -23.97 -50.10
C ARG N 25 -43.73 -23.48 -51.23
N GLU N 26 -44.20 -23.61 -52.47
CA GLU N 26 -43.43 -23.10 -53.60
C GLU N 26 -43.34 -21.58 -53.54
N ARG N 27 -44.41 -20.91 -53.14
CA ARG N 27 -44.40 -19.46 -53.05
C ARG N 27 -43.40 -18.96 -52.01
N PHE N 28 -43.35 -19.61 -50.85
CA PHE N 28 -42.51 -19.14 -49.75
C PHE N 28 -41.09 -19.70 -49.82
N CYS N 29 -40.96 -21.01 -49.82
CA CYS N 29 -39.64 -21.63 -49.67
C CYS N 29 -38.73 -21.31 -50.84
N ARG N 30 -39.22 -21.50 -52.07
CA ARG N 30 -38.39 -21.30 -53.26
C ARG N 30 -38.40 -19.85 -53.76
N GLN N 31 -39.34 -19.03 -53.29
CA GLN N 31 -39.52 -17.66 -53.75
C GLN N 31 -39.79 -17.63 -55.26
N SER N 32 -40.85 -18.33 -55.65
CA SER N 32 -41.26 -18.34 -57.04
C SER N 32 -41.76 -16.95 -57.45
N PRO N 33 -41.57 -16.56 -58.71
CA PRO N 33 -41.98 -15.23 -59.14
C PRO N 33 -43.49 -15.04 -59.04
N HIS N 34 -43.89 -13.83 -58.68
CA HIS N 34 -45.29 -13.46 -58.59
C HIS N 34 -45.49 -12.06 -59.18
N SER N 35 -46.61 -11.87 -59.86
CA SER N 35 -46.87 -10.60 -60.54
C SER N 35 -47.02 -9.43 -59.58
N ASN N 36 -47.28 -9.69 -58.30
CA ASN N 36 -47.52 -8.62 -57.34
C ASN N 36 -46.20 -7.98 -56.93
N LEU N 37 -46.13 -6.66 -57.05
CA LEU N 37 -44.97 -5.88 -56.67
C LEU N 37 -45.42 -4.74 -55.75
N PHE N 38 -44.66 -4.50 -54.70
CA PHE N 38 -45.04 -3.55 -53.65
C PHE N 38 -44.02 -2.43 -53.58
N GLY N 39 -44.48 -1.20 -53.81
CA GLY N 39 -43.66 -0.02 -53.60
C GLY N 39 -42.38 0.01 -54.40
N VAL N 40 -42.35 -0.65 -55.56
CA VAL N 40 -41.14 -0.71 -56.37
C VAL N 40 -41.48 -0.34 -57.81
N GLN N 41 -42.55 0.44 -57.99
CA GLN N 41 -43.01 0.78 -59.33
C GLN N 41 -41.98 1.63 -60.08
N VAL N 42 -41.50 2.70 -59.44
CA VAL N 42 -40.57 3.60 -60.11
C VAL N 42 -39.26 2.90 -60.41
N GLN N 43 -38.73 2.15 -59.43
CA GLN N 43 -37.45 1.48 -59.61
C GLN N 43 -37.52 0.44 -60.71
N TYR N 44 -38.57 -0.38 -60.69
CA TYR N 44 -38.73 -1.41 -61.73
C TYR N 44 -38.95 -0.78 -63.09
N LYS N 45 -39.72 0.31 -63.15
CA LYS N 45 -39.92 1.00 -64.43
C LYS N 45 -38.60 1.49 -64.99
N HIS N 46 -37.78 2.14 -64.15
CA HIS N 46 -36.49 2.63 -64.59
C HIS N 46 -35.60 1.48 -65.07
N LEU N 47 -35.53 0.40 -64.30
CA LEU N 47 -34.64 -0.70 -64.65
C LEU N 47 -35.09 -1.39 -65.94
N SER N 48 -36.40 -1.60 -66.10
CA SER N 48 -36.90 -2.22 -67.32
C SER N 48 -36.68 -1.32 -68.53
N GLU N 49 -36.87 -0.01 -68.37
CA GLU N 49 -36.60 0.91 -69.47
C GLU N 49 -35.14 0.85 -69.88
N LEU N 50 -34.23 0.83 -68.90
CA LEU N 50 -32.82 0.80 -69.24
C LEU N 50 -32.42 -0.54 -69.88
N LEU N 51 -33.00 -1.64 -69.40
CA LEU N 51 -32.74 -2.93 -70.03
C LEU N 51 -33.22 -2.94 -71.47
N LYS N 52 -34.39 -2.37 -71.73
CA LYS N 52 -34.88 -2.29 -73.10
C LYS N 52 -33.96 -1.44 -73.97
N ARG N 53 -33.46 -0.33 -73.42
CA ARG N 53 -32.51 0.50 -74.15
C ARG N 53 -31.24 -0.29 -74.48
N THR N 54 -30.73 -1.04 -73.51
CA THR N 54 -29.49 -1.79 -73.74
C THR N 54 -29.69 -2.96 -74.69
N ALA N 55 -30.90 -3.52 -74.75
CA ALA N 55 -31.16 -4.67 -75.61
C ALA N 55 -31.47 -4.25 -77.05
N LEU N 56 -32.39 -3.31 -77.22
CA LEU N 56 -32.80 -2.92 -78.56
C LEU N 56 -31.76 -2.06 -79.28
N HIS N 57 -30.73 -1.62 -78.58
CA HIS N 57 -29.68 -0.80 -79.18
C HIS N 57 -28.32 -1.28 -78.70
N GLY N 58 -27.27 -0.75 -79.31
CA GLY N 58 -25.91 -1.11 -78.98
C GLY N 58 -25.30 -0.32 -77.84
N GLU N 59 -26.11 0.42 -77.09
CA GLU N 59 -25.58 1.25 -76.01
C GLU N 59 -25.35 0.42 -74.75
N SER N 60 -24.38 0.86 -73.95
CA SER N 60 -23.95 0.14 -72.75
C SER N 60 -24.24 0.96 -71.51
N ASN N 61 -24.52 0.26 -70.40
CA ASN N 61 -24.84 0.91 -69.15
C ASN N 61 -24.35 0.06 -67.98
N SER N 62 -24.14 0.72 -66.84
CA SER N 62 -23.70 0.06 -65.62
C SER N 62 -24.52 0.60 -64.46
N VAL N 63 -25.12 -0.31 -63.68
CA VAL N 63 -26.03 0.06 -62.60
C VAL N 63 -25.73 -0.80 -61.38
N LEU N 64 -25.84 -0.18 -60.20
CA LEU N 64 -25.75 -0.89 -58.93
C LEU N 64 -27.06 -0.73 -58.17
N ILE N 65 -27.50 -1.80 -57.53
CA ILE N 65 -28.71 -1.81 -56.72
C ILE N 65 -28.32 -2.11 -55.28
N ILE N 66 -28.67 -1.21 -54.38
CA ILE N 66 -28.27 -1.27 -52.98
C ILE N 66 -29.51 -1.48 -52.13
N GLY N 67 -29.46 -2.46 -51.24
CA GLY N 67 -30.57 -2.74 -50.36
C GLY N 67 -30.23 -3.69 -49.24
N PRO N 68 -31.08 -3.73 -48.21
CA PRO N 68 -30.88 -4.71 -47.13
C PRO N 68 -31.17 -6.12 -47.64
N ARG N 69 -30.51 -7.09 -47.01
CA ARG N 69 -30.66 -8.47 -47.42
C ARG N 69 -32.09 -8.94 -47.20
N GLY N 70 -32.60 -9.72 -48.16
CA GLY N 70 -33.96 -10.22 -48.09
C GLY N 70 -35.02 -9.24 -48.56
N SER N 71 -34.63 -8.12 -49.16
CA SER N 71 -35.58 -7.13 -49.65
C SER N 71 -35.94 -7.32 -51.12
N GLY N 72 -35.83 -8.54 -51.63
CA GLY N 72 -36.22 -8.82 -53.00
C GLY N 72 -35.38 -8.15 -54.05
N LYS N 73 -34.06 -8.11 -53.87
CA LYS N 73 -33.19 -7.56 -54.90
C LYS N 73 -33.24 -8.40 -56.17
N THR N 74 -33.12 -9.72 -56.02
CA THR N 74 -33.11 -10.61 -57.17
C THR N 74 -34.45 -10.61 -57.90
N MET N 75 -35.54 -10.37 -57.18
CA MET N 75 -36.86 -10.43 -57.79
C MET N 75 -37.03 -9.37 -58.87
N LEU N 76 -36.49 -8.17 -58.65
CA LEU N 76 -36.59 -7.12 -59.65
C LEU N 76 -35.94 -7.55 -60.96
N ILE N 77 -34.72 -8.06 -60.89
CA ILE N 77 -34.01 -8.48 -62.09
C ILE N 77 -34.73 -9.64 -62.76
N ASN N 78 -35.17 -10.64 -61.98
CA ASN N 78 -35.83 -11.79 -62.57
C ASN N 78 -37.12 -11.38 -63.27
N HIS N 79 -37.93 -10.54 -62.63
CA HIS N 79 -39.17 -10.08 -63.24
C HIS N 79 -38.90 -9.25 -64.48
N ALA N 80 -37.90 -8.37 -64.44
CA ALA N 80 -37.57 -7.56 -65.61
C ALA N 80 -37.12 -8.44 -66.78
N LEU N 81 -36.30 -9.46 -66.49
CA LEU N 81 -35.84 -10.34 -67.56
C LEU N 81 -36.99 -11.14 -68.15
N LYS N 82 -37.84 -11.72 -67.29
CA LYS N 82 -38.99 -12.46 -67.82
C LYS N 82 -39.94 -11.56 -68.57
N GLU N 83 -39.98 -10.27 -68.22
CA GLU N 83 -40.86 -9.33 -68.91
C GLU N 83 -40.30 -8.94 -70.28
N LEU N 84 -38.98 -8.75 -70.38
CA LEU N 84 -38.41 -8.12 -71.57
C LEU N 84 -37.76 -9.08 -72.54
N MET N 85 -37.30 -10.26 -72.11
CA MET N 85 -36.64 -11.17 -73.03
C MET N 85 -37.60 -11.65 -74.10
N GLU N 86 -38.84 -11.96 -73.72
CA GLU N 86 -39.81 -12.54 -74.66
C GLU N 86 -40.51 -11.50 -75.52
N ILE N 87 -40.02 -10.26 -75.55
CA ILE N 87 -40.66 -9.23 -76.37
C ILE N 87 -40.56 -9.57 -77.85
N GLU N 88 -39.34 -9.87 -78.31
CA GLU N 88 -39.10 -10.15 -79.72
C GLU N 88 -37.95 -11.15 -79.81
N GLU N 89 -37.39 -11.30 -81.01
CA GLU N 89 -36.25 -12.17 -81.25
C GLU N 89 -34.94 -11.61 -80.71
N VAL N 90 -35.00 -10.49 -79.99
CA VAL N 90 -33.79 -9.94 -79.37
C VAL N 90 -33.17 -10.95 -78.43
N SER N 91 -34.00 -11.79 -77.79
CA SER N 91 -33.49 -12.82 -76.90
C SER N 91 -32.51 -13.75 -77.61
N GLU N 92 -32.67 -13.93 -78.93
CA GLU N 92 -31.72 -14.74 -79.67
C GLU N 92 -30.34 -14.09 -79.68
N ASN N 93 -30.26 -12.78 -79.88
CA ASN N 93 -28.98 -12.10 -79.91
C ASN N 93 -28.42 -11.85 -78.51
N VAL N 94 -29.28 -11.71 -77.52
CA VAL N 94 -28.85 -11.39 -76.16
C VAL N 94 -28.32 -12.65 -75.48
N LEU N 95 -27.19 -12.52 -74.81
CA LEU N 95 -26.62 -13.58 -73.99
C LEU N 95 -26.52 -13.09 -72.55
N GLN N 96 -26.72 -14.02 -71.61
CA GLN N 96 -26.72 -13.69 -70.19
C GLN N 96 -25.66 -14.51 -69.46
N VAL N 97 -24.93 -13.85 -68.58
CA VAL N 97 -23.93 -14.51 -67.73
C VAL N 97 -24.24 -14.13 -66.29
N HIS N 98 -24.21 -15.11 -65.40
CA HIS N 98 -24.47 -14.90 -63.98
C HIS N 98 -23.23 -15.30 -63.19
N LEU N 99 -22.78 -14.40 -62.32
CA LEU N 99 -21.61 -14.63 -61.48
C LEU N 99 -21.98 -14.29 -60.04
N ASN N 100 -21.67 -15.20 -59.12
CA ASN N 100 -21.95 -15.01 -57.71
C ASN N 100 -20.65 -14.88 -56.93
N GLY N 101 -20.61 -13.90 -56.02
CA GLY N 101 -19.40 -13.66 -55.26
C GLY N 101 -19.01 -14.80 -54.35
N LEU N 102 -19.93 -15.70 -54.04
CA LEU N 102 -19.63 -16.81 -53.14
C LEU N 102 -18.95 -17.96 -53.89
N LEU N 103 -19.48 -18.33 -55.05
CA LEU N 103 -18.91 -19.46 -55.79
C LEU N 103 -17.57 -19.09 -56.41
N GLN N 104 -17.47 -17.91 -57.02
CA GLN N 104 -16.24 -17.45 -57.66
C GLN N 104 -15.51 -16.53 -56.69
N ILE N 105 -14.52 -17.07 -55.99
CA ILE N 105 -13.73 -16.29 -55.05
C ILE N 105 -12.40 -15.84 -55.63
N ASN N 106 -11.96 -16.44 -56.73
CA ASN N 106 -10.69 -16.10 -57.36
C ASN N 106 -10.92 -15.73 -58.82
N ASP N 107 -10.07 -14.84 -59.33
CA ASP N 107 -10.23 -14.36 -60.70
C ASP N 107 -10.04 -15.48 -61.71
N LYS N 108 -9.17 -16.45 -61.42
CA LYS N 108 -9.01 -17.59 -62.31
C LYS N 108 -10.30 -18.38 -62.43
N ILE N 109 -10.97 -18.63 -61.31
CA ILE N 109 -12.24 -19.36 -61.33
C ILE N 109 -13.30 -18.55 -62.05
N ALA N 110 -13.30 -17.24 -61.85
CA ALA N 110 -14.26 -16.38 -62.55
C ALA N 110 -14.04 -16.43 -64.05
N LEU N 111 -12.79 -16.39 -64.49
CA LEU N 111 -12.49 -16.50 -65.91
C LEU N 111 -12.92 -17.86 -66.46
N LYS N 112 -12.67 -18.92 -65.70
CA LYS N 112 -13.10 -20.25 -66.15
C LYS N 112 -14.62 -20.32 -66.30
N GLU N 113 -15.36 -19.77 -65.33
CA GLU N 113 -16.81 -19.77 -65.42
C GLU N 113 -17.29 -18.94 -66.59
N ILE N 114 -16.67 -17.78 -66.82
CA ILE N 114 -17.07 -16.93 -67.95
C ILE N 114 -16.85 -17.66 -69.26
N THR N 115 -15.68 -18.32 -69.41
CA THR N 115 -15.41 -19.06 -70.64
C THR N 115 -16.38 -20.21 -70.82
N ARG N 116 -16.68 -20.95 -69.75
CA ARG N 116 -17.53 -22.12 -69.87
C ARG N 116 -18.98 -21.74 -70.16
N GLN N 117 -19.48 -20.68 -69.53
CA GLN N 117 -20.86 -20.26 -69.78
C GLN N 117 -21.03 -19.71 -71.19
N LEU N 118 -19.99 -19.10 -71.75
CA LEU N 118 -20.05 -18.58 -73.11
C LEU N 118 -19.76 -19.64 -74.16
N ASN N 119 -19.45 -20.87 -73.76
CA ASN N 119 -19.21 -21.99 -74.67
C ASN N 119 -18.10 -21.67 -75.67
N LEU N 120 -17.05 -20.99 -75.19
CA LEU N 120 -15.90 -20.66 -76.00
C LEU N 120 -14.66 -21.45 -75.63
N GLU N 121 -14.78 -22.42 -74.72
CA GLU N 121 -13.63 -23.24 -74.35
C GLU N 121 -13.07 -23.97 -75.56
N ASN N 122 -13.94 -24.37 -76.50
CA ASN N 122 -13.46 -24.93 -77.76
C ASN N 122 -12.63 -23.90 -78.52
N VAL N 123 -13.10 -22.66 -78.57
CA VAL N 123 -12.36 -21.60 -79.26
C VAL N 123 -11.11 -21.23 -78.48
N VAL N 124 -11.26 -21.02 -77.16
CA VAL N 124 -10.14 -20.54 -76.36
C VAL N 124 -9.12 -21.65 -76.11
N GLY N 125 -9.59 -22.84 -75.73
CA GLY N 125 -8.69 -23.91 -75.36
C GLY N 125 -9.05 -24.54 -74.04
N ASP N 126 -8.54 -25.75 -73.79
CA ASP N 126 -8.92 -26.49 -72.59
C ASP N 126 -7.91 -26.39 -71.46
N LYS N 127 -6.65 -26.11 -71.77
CA LYS N 127 -5.62 -26.16 -70.74
C LYS N 127 -5.68 -24.92 -69.84
N VAL N 128 -4.85 -24.95 -68.80
CA VAL N 128 -4.95 -24.06 -67.66
C VAL N 128 -4.17 -22.77 -67.96
N PHE N 129 -3.78 -22.60 -69.22
CA PHE N 129 -2.92 -21.48 -69.59
C PHE N 129 -3.55 -20.15 -69.18
N GLY N 130 -2.72 -19.29 -68.57
CA GLY N 130 -3.21 -18.06 -67.99
C GLY N 130 -3.57 -16.98 -68.98
N SER N 131 -3.23 -17.15 -70.25
CA SER N 131 -3.57 -16.15 -71.25
C SER N 131 -5.08 -16.06 -71.41
N PHE N 132 -5.60 -14.83 -71.39
CA PHE N 132 -7.02 -14.57 -71.57
C PHE N 132 -7.28 -13.64 -72.74
N ALA N 133 -6.24 -13.27 -73.49
CA ALA N 133 -6.42 -12.39 -74.64
C ALA N 133 -7.26 -13.05 -75.73
N GLU N 134 -7.45 -14.37 -75.67
CA GLU N 134 -8.33 -15.03 -76.62
C GLU N 134 -9.75 -14.49 -76.51
N ASN N 135 -10.25 -14.34 -75.29
CA ASN N 135 -11.54 -13.71 -75.08
C ASN N 135 -11.45 -12.19 -75.22
N LEU N 136 -10.42 -11.60 -74.61
CA LEU N 136 -10.32 -10.14 -74.55
C LEU N 136 -10.25 -9.53 -75.95
N SER N 137 -9.43 -10.10 -76.83
CA SER N 137 -9.38 -9.61 -78.20
C SER N 137 -10.70 -9.86 -78.92
N PHE N 138 -11.30 -11.03 -78.71
CA PHE N 138 -12.58 -11.33 -79.34
C PHE N 138 -13.70 -10.48 -78.77
N LEU N 139 -13.65 -10.17 -77.47
CA LEU N 139 -14.65 -9.32 -76.85
C LEU N 139 -14.46 -7.87 -77.30
N PRO N 153 -24.51 -8.88 -78.20
CA PRO N 153 -24.70 -8.24 -76.90
C PRO N 153 -24.86 -9.26 -75.77
N VAL N 154 -24.04 -9.13 -74.73
CA VAL N 154 -24.06 -10.04 -73.59
C VAL N 154 -24.28 -9.22 -72.32
N ILE N 155 -25.20 -9.68 -71.47
CA ILE N 155 -25.50 -9.01 -70.22
C ILE N 155 -24.83 -9.77 -69.08
N PHE N 156 -24.36 -9.03 -68.08
CA PHE N 156 -23.68 -9.59 -66.92
C PHE N 156 -24.52 -9.31 -65.67
N ILE N 157 -24.67 -10.33 -64.83
CA ILE N 157 -25.34 -10.20 -63.54
C ILE N 157 -24.34 -10.61 -62.48
N LEU N 158 -24.18 -9.78 -61.46
CA LEU N 158 -23.16 -9.96 -60.43
C LEU N 158 -23.82 -9.94 -59.05
N ASP N 159 -24.04 -11.12 -58.48
CA ASP N 159 -24.54 -11.21 -57.11
C ASP N 159 -23.41 -11.07 -56.11
N GLU N 160 -23.69 -10.41 -54.99
CA GLU N 160 -22.70 -10.11 -53.96
C GLU N 160 -21.51 -9.37 -54.58
N PHE N 161 -21.83 -8.20 -55.15
CA PHE N 161 -20.82 -7.41 -55.86
C PHE N 161 -19.69 -6.95 -54.94
N ASP N 162 -19.97 -6.82 -53.63
CA ASP N 162 -18.96 -6.33 -52.71
C ASP N 162 -17.76 -7.26 -52.63
N LEU N 163 -17.98 -8.57 -52.74
CA LEU N 163 -16.88 -9.52 -52.60
C LEU N 163 -15.84 -9.34 -53.71
N PHE N 164 -16.27 -8.95 -54.91
CA PHE N 164 -15.32 -8.77 -56.00
C PHE N 164 -14.38 -7.60 -55.74
N ALA N 165 -14.82 -6.60 -54.99
CA ALA N 165 -13.97 -5.46 -54.68
C ALA N 165 -12.80 -5.81 -53.76
N HIS N 166 -12.84 -6.97 -53.11
CA HIS N 166 -11.77 -7.39 -52.21
C HIS N 166 -10.69 -8.20 -52.91
N HIS N 167 -10.76 -8.34 -54.23
CA HIS N 167 -9.73 -9.07 -54.95
C HIS N 167 -8.43 -8.27 -54.95
N LYS N 168 -7.35 -8.93 -55.39
CA LYS N 168 -6.01 -8.37 -55.24
C LYS N 168 -5.86 -7.07 -56.01
N ASN N 169 -6.36 -7.01 -57.24
CA ASN N 169 -6.19 -5.83 -58.08
C ASN N 169 -7.46 -5.35 -58.73
N GLN N 170 -8.61 -5.98 -58.45
CA GLN N 170 -9.89 -5.61 -59.07
C GLN N 170 -9.79 -5.68 -60.59
N THR N 171 -9.04 -6.67 -61.08
CA THR N 171 -8.78 -6.76 -62.52
C THR N 171 -10.06 -7.03 -63.29
N LEU N 172 -10.91 -7.94 -62.81
CA LEU N 172 -12.13 -8.29 -63.51
C LEU N 172 -13.08 -7.09 -63.61
N LEU N 173 -13.27 -6.39 -62.48
CA LEU N 173 -14.14 -5.22 -62.47
C LEU N 173 -13.61 -4.14 -63.41
N TYR N 174 -12.30 -3.91 -63.39
CA TYR N 174 -11.70 -2.90 -64.26
C TYR N 174 -11.88 -3.25 -65.72
N ASN N 175 -11.66 -4.52 -66.09
CA ASN N 175 -11.83 -4.93 -67.47
C ASN N 175 -13.28 -4.81 -67.91
N LEU N 176 -14.22 -5.18 -67.03
CA LEU N 176 -15.64 -5.06 -67.36
C LEU N 176 -16.03 -3.61 -67.58
N PHE N 177 -15.56 -2.71 -66.70
CA PHE N 177 -15.87 -1.29 -66.88
C PHE N 177 -15.22 -0.74 -68.14
N ASP N 178 -14.01 -1.19 -68.46
CA ASP N 178 -13.32 -0.74 -69.66
C ASP N 178 -14.08 -1.14 -70.91
N ILE N 179 -14.47 -2.42 -71.00
CA ILE N 179 -15.19 -2.87 -72.19
C ILE N 179 -16.58 -2.24 -72.24
N SER N 180 -17.16 -1.91 -71.09
CA SER N 180 -18.41 -1.14 -71.08
C SER N 180 -18.20 0.24 -71.66
N GLN N 181 -17.10 0.90 -71.30
CA GLN N 181 -16.80 2.23 -71.82
C GLN N 181 -16.18 2.19 -73.21
N SER N 182 -15.73 1.03 -73.67
CA SER N 182 -15.15 0.92 -75.00
C SER N 182 -16.25 0.96 -76.06
N ALA N 183 -15.82 1.03 -77.32
CA ALA N 183 -16.74 1.11 -78.46
C ALA N 183 -16.68 -0.14 -79.34
N GLN N 184 -16.35 -1.29 -78.76
CA GLN N 184 -16.27 -2.53 -79.53
C GLN N 184 -17.59 -3.29 -79.52
N THR N 185 -18.08 -3.66 -78.34
CA THR N 185 -19.29 -4.44 -78.21
C THR N 185 -20.13 -3.89 -77.07
N PRO N 186 -21.46 -4.06 -77.14
CA PRO N 186 -22.32 -3.57 -76.06
C PRO N 186 -22.34 -4.54 -74.88
N ILE N 187 -22.10 -4.01 -73.68
CA ILE N 187 -22.11 -4.80 -72.46
C ILE N 187 -22.88 -4.03 -71.40
N ALA N 188 -23.83 -4.69 -70.75
CA ALA N 188 -24.61 -4.13 -69.66
C ALA N 188 -24.18 -4.78 -68.36
N VAL N 189 -23.89 -3.97 -67.35
CA VAL N 189 -23.38 -4.44 -66.07
C VAL N 189 -24.40 -4.10 -64.99
N ILE N 190 -24.79 -5.12 -64.23
CA ILE N 190 -25.73 -4.97 -63.12
C ILE N 190 -25.11 -5.57 -61.87
N GLY N 191 -25.08 -4.79 -60.79
CA GLY N 191 -24.50 -5.24 -59.54
C GLY N 191 -25.50 -5.17 -58.41
N LEU N 192 -25.35 -6.07 -57.44
CA LEU N 192 -26.20 -6.13 -56.27
C LEU N 192 -25.35 -5.96 -55.02
N THR N 193 -25.83 -5.16 -54.06
CA THR N 193 -25.03 -4.88 -52.88
C THR N 193 -25.94 -4.63 -51.68
N CYS N 194 -25.51 -5.12 -50.52
CA CYS N 194 -26.13 -4.80 -49.25
C CYS N 194 -25.43 -3.67 -48.53
N ARG N 195 -24.12 -3.51 -48.71
CA ARG N 195 -23.40 -2.39 -48.12
C ARG N 195 -23.81 -1.08 -48.77
N LEU N 196 -23.93 -0.04 -47.94
CA LEU N 196 -24.23 1.29 -48.45
C LEU N 196 -22.98 2.05 -48.89
N ASP N 197 -21.79 1.55 -48.56
CA ASP N 197 -20.53 2.21 -48.87
C ASP N 197 -19.80 1.54 -50.02
N ILE N 198 -20.53 1.02 -51.00
CA ILE N 198 -19.90 0.32 -52.12
C ILE N 198 -19.06 1.28 -52.96
N LEU N 199 -19.30 2.59 -52.86
CA LEU N 199 -18.53 3.53 -53.67
C LEU N 199 -17.09 3.66 -53.19
N GLU N 200 -16.86 3.60 -51.89
CA GLU N 200 -15.52 3.78 -51.32
C GLU N 200 -14.69 2.50 -51.34
N LEU N 201 -15.30 1.35 -51.63
CA LEU N 201 -14.55 0.11 -51.74
C LEU N 201 -13.92 -0.07 -53.11
N LEU N 202 -14.16 0.86 -54.04
CA LEU N 202 -13.60 0.79 -55.38
C LEU N 202 -12.40 1.74 -55.49
N GLU N 203 -11.49 1.39 -56.39
CA GLU N 203 -10.35 2.24 -56.64
C GLU N 203 -10.77 3.46 -57.47
N LYS N 204 -9.90 4.46 -57.53
CA LYS N 204 -10.24 5.72 -58.20
C LYS N 204 -10.52 5.50 -59.68
N ARG N 205 -9.72 4.67 -60.35
CA ARG N 205 -9.88 4.48 -61.79
C ARG N 205 -11.23 3.87 -62.13
N VAL N 206 -11.56 2.74 -61.49
CA VAL N 206 -12.84 2.10 -61.77
C VAL N 206 -14.00 2.97 -61.33
N LYS N 207 -13.85 3.71 -60.24
CA LYS N 207 -14.90 4.63 -59.80
C LYS N 207 -15.15 5.70 -60.85
N SER N 208 -14.09 6.25 -61.43
CA SER N 208 -14.25 7.23 -62.51
C SER N 208 -14.90 6.59 -63.73
N ARG N 209 -14.50 5.38 -64.07
CA ARG N 209 -15.09 4.69 -65.21
C ARG N 209 -16.46 4.08 -64.91
N PHE N 210 -16.90 4.12 -63.65
CA PHE N 210 -18.19 3.56 -63.27
C PHE N 210 -19.28 4.61 -63.46
N SER N 211 -20.27 4.29 -64.28
CA SER N 211 -21.42 5.17 -64.45
C SER N 211 -22.21 5.22 -63.15
N HIS N 212 -22.37 6.41 -62.59
CA HIS N 212 -22.99 6.56 -61.27
C HIS N 212 -24.49 6.34 -61.36
N ARG N 213 -24.91 5.11 -61.66
CA ARG N 213 -26.31 4.74 -61.73
C ARG N 213 -26.62 3.84 -60.53
N GLN N 214 -27.40 4.35 -59.60
CA GLN N 214 -27.73 3.63 -58.38
C GLN N 214 -29.23 3.55 -58.19
N ILE N 215 -29.71 2.39 -57.78
CA ILE N 215 -31.09 2.18 -57.39
C ILE N 215 -31.10 1.70 -55.95
N HIS N 216 -32.01 2.25 -55.15
CA HIS N 216 -32.09 1.95 -53.72
C HIS N 216 -33.39 1.20 -53.44
N LEU N 217 -33.27 0.09 -52.74
CA LEU N 217 -34.42 -0.75 -52.39
C LEU N 217 -34.65 -0.66 -50.89
N MET N 218 -35.56 0.22 -50.47
CA MET N 218 -35.94 0.35 -49.08
C MET N 218 -37.41 -0.01 -48.90
N ASN N 219 -37.73 -0.53 -47.71
CA ASN N 219 -39.10 -0.90 -47.37
C ASN N 219 -39.90 0.34 -46.94
N SER N 220 -40.04 1.26 -47.89
CA SER N 220 -40.68 2.55 -47.63
C SER N 220 -42.20 2.38 -47.74
N PHE N 221 -42.78 1.80 -46.70
CA PHE N 221 -44.23 1.67 -46.61
C PHE N 221 -44.63 1.56 -45.15
N GLY N 222 -45.86 1.98 -44.86
CA GLY N 222 -46.36 2.02 -43.51
C GLY N 222 -46.94 0.69 -43.05
N PHE N 223 -47.32 0.66 -41.77
CA PHE N 223 -47.93 -0.53 -41.21
C PHE N 223 -49.20 -0.97 -41.91
N PRO N 224 -50.15 -0.09 -42.28
CA PRO N 224 -51.31 -0.58 -43.04
C PRO N 224 -50.93 -1.22 -44.36
N GLN N 225 -49.91 -0.70 -45.04
CA GLN N 225 -49.43 -1.34 -46.26
C GLN N 225 -48.84 -2.71 -45.96
N TYR N 226 -48.17 -2.86 -44.82
CA TYR N 226 -47.69 -4.17 -44.40
C TYR N 226 -48.85 -5.13 -44.18
N VAL N 227 -49.93 -4.65 -43.58
CA VAL N 227 -51.11 -5.50 -43.38
C VAL N 227 -51.71 -5.91 -44.72
N LYS N 228 -51.76 -4.98 -45.68
CA LYS N 228 -52.25 -5.31 -47.01
C LYS N 228 -51.36 -6.35 -47.67
N ILE N 229 -50.04 -6.22 -47.51
CA ILE N 229 -49.11 -7.20 -48.08
C ILE N 229 -49.35 -8.58 -47.48
N PHE N 230 -49.53 -8.63 -46.15
CA PHE N 230 -49.84 -9.90 -45.51
C PHE N 230 -51.13 -10.50 -46.03
N LYS N 231 -52.16 -9.66 -46.19
CA LYS N 231 -53.45 -10.15 -46.67
C LYS N 231 -53.33 -10.70 -48.09
N GLU N 232 -52.57 -10.01 -48.95
CA GLU N 232 -52.46 -10.44 -50.33
C GLU N 232 -51.59 -11.69 -50.46
N GLN N 233 -50.52 -11.78 -49.66
CA GLN N 233 -49.58 -12.89 -49.81
C GLN N 233 -50.24 -14.22 -49.51
N LEU N 234 -51.12 -14.27 -48.52
CA LEU N 234 -51.81 -15.49 -48.12
C LEU N 234 -53.11 -15.69 -48.91
N SER N 235 -53.26 -15.02 -50.06
CA SER N 235 -54.45 -15.11 -50.87
C SER N 235 -54.23 -16.10 -52.01
N LEU N 236 -55.18 -17.02 -52.18
CA LEU N 236 -55.07 -18.02 -53.23
C LEU N 236 -55.18 -17.35 -54.61
N PRO N 237 -54.46 -17.88 -55.60
CA PRO N 237 -54.54 -17.32 -56.95
C PRO N 237 -55.86 -17.67 -57.61
N ALA N 238 -56.14 -17.00 -58.72
CA ALA N 238 -57.38 -17.19 -59.46
C ALA N 238 -57.35 -18.44 -60.34
N GLU N 239 -56.22 -19.13 -60.44
CA GLU N 239 -56.09 -20.30 -61.28
C GLU N 239 -56.32 -21.61 -60.53
N PHE N 240 -56.69 -21.54 -59.26
CA PHE N 240 -56.96 -22.76 -58.50
C PHE N 240 -58.21 -23.45 -59.05
N PRO N 241 -58.25 -24.78 -59.05
CA PRO N 241 -59.44 -25.46 -59.62
C PRO N 241 -60.73 -25.16 -58.89
N ASP N 242 -60.77 -25.37 -57.58
CA ASP N 242 -61.99 -25.13 -56.80
C ASP N 242 -62.16 -23.63 -56.59
N LYS N 243 -63.30 -23.09 -56.99
CA LYS N 243 -63.54 -21.66 -56.91
C LYS N 243 -64.25 -21.26 -55.62
N VAL N 244 -65.25 -22.03 -55.19
CA VAL N 244 -65.95 -21.69 -53.95
C VAL N 244 -65.03 -21.85 -52.75
N PHE N 245 -64.17 -22.87 -52.77
CA PHE N 245 -63.20 -23.02 -51.70
C PHE N 245 -62.23 -21.86 -51.67
N ALA N 246 -61.79 -21.40 -52.85
CA ALA N 246 -60.90 -20.24 -52.90
C ALA N 246 -61.59 -18.98 -52.37
N GLU N 247 -62.86 -18.79 -52.72
CA GLU N 247 -63.60 -17.63 -52.22
C GLU N 247 -63.76 -17.70 -50.70
N LYS N 248 -64.05 -18.88 -50.17
CA LYS N 248 -64.14 -19.05 -48.73
C LYS N 248 -62.80 -18.77 -48.05
N TRP N 249 -61.71 -19.21 -48.67
CA TRP N 249 -60.38 -18.94 -48.15
C TRP N 249 -60.09 -17.44 -48.13
N ASN N 250 -60.46 -16.75 -49.21
CA ASN N 250 -60.26 -15.30 -49.27
C ASN N 250 -61.08 -14.60 -48.20
N GLU N 251 -62.33 -15.02 -48.00
CA GLU N 251 -63.15 -14.43 -46.95
C GLU N 251 -62.54 -14.69 -45.57
N ASN N 252 -62.01 -15.90 -45.37
CA ASN N 252 -61.39 -16.25 -44.09
C ASN N 252 -60.18 -15.38 -43.80
N VAL N 253 -59.30 -15.21 -44.80
CA VAL N 253 -58.12 -14.39 -44.58
C VAL N 253 -58.51 -12.92 -44.40
N GLN N 254 -59.54 -12.47 -45.13
CA GLN N 254 -60.02 -11.10 -44.94
C GLN N 254 -60.53 -10.89 -43.52
N TYR N 255 -61.29 -11.86 -43.00
CA TYR N 255 -61.76 -11.77 -41.62
C TYR N 255 -60.61 -11.79 -40.63
N LEU N 256 -59.63 -12.67 -40.85
CA LEU N 256 -58.48 -12.73 -39.96
C LEU N 256 -57.61 -11.49 -40.04
N SER N 257 -57.76 -10.69 -41.10
CA SER N 257 -56.95 -9.48 -41.24
C SER N 257 -57.21 -8.50 -40.11
N GLU N 258 -58.47 -8.29 -39.73
CA GLU N 258 -58.80 -7.25 -38.76
C GLU N 258 -58.86 -7.75 -37.32
N ASP N 259 -58.56 -9.03 -37.07
CA ASP N 259 -58.53 -9.51 -35.69
C ASP N 259 -57.39 -8.85 -34.94
N ARG N 260 -57.68 -8.36 -33.74
CA ARG N 260 -56.71 -7.53 -33.02
C ARG N 260 -55.52 -8.33 -32.51
N SER N 261 -55.67 -9.64 -32.29
CA SER N 261 -54.51 -10.46 -31.95
C SER N 261 -53.57 -10.60 -33.15
N VAL N 262 -54.13 -10.85 -34.33
CA VAL N 262 -53.32 -10.94 -35.54
C VAL N 262 -52.64 -9.61 -35.81
N GLN N 263 -53.38 -8.50 -35.63
CA GLN N 263 -52.77 -7.19 -35.81
C GLN N 263 -51.68 -6.92 -34.77
N GLU N 264 -51.86 -7.42 -33.55
CA GLU N 264 -50.82 -7.28 -32.53
C GLU N 264 -49.56 -8.03 -32.92
N VAL N 265 -49.71 -9.26 -33.41
CA VAL N 265 -48.56 -10.04 -33.86
C VAL N 265 -47.87 -9.34 -35.02
N LEU N 266 -48.65 -8.84 -35.99
CA LEU N 266 -48.07 -8.14 -37.12
C LEU N 266 -47.36 -6.87 -36.69
N GLN N 267 -47.93 -6.14 -35.72
CA GLN N 267 -47.29 -4.94 -35.20
C GLN N 267 -45.97 -5.28 -34.53
N LYS N 268 -45.94 -6.35 -33.74
CA LYS N 268 -44.68 -6.77 -33.11
C LYS N 268 -43.62 -7.08 -34.16
N HIS N 269 -43.97 -7.91 -35.14
CA HIS N 269 -42.99 -8.29 -36.15
C HIS N 269 -42.59 -7.11 -37.03
N PHE N 270 -43.52 -6.18 -37.28
CA PHE N 270 -43.21 -5.00 -38.07
C PHE N 270 -42.26 -4.07 -37.31
N ASN N 271 -42.46 -3.94 -36.00
CA ASN N 271 -41.51 -3.20 -35.19
C ASN N 271 -40.13 -3.85 -35.21
N ILE N 272 -40.10 -5.19 -35.12
CA ILE N 272 -38.82 -5.90 -35.11
C ILE N 272 -38.09 -5.67 -36.43
N SER N 273 -38.71 -6.02 -37.55
CA SER N 273 -38.06 -5.88 -38.85
C SER N 273 -39.12 -5.81 -39.94
N LYS N 274 -38.86 -4.98 -40.95
CA LYS N 274 -39.77 -4.81 -42.09
C LYS N 274 -39.43 -5.73 -43.25
N ASN N 275 -38.43 -6.58 -43.13
CA ASN N 275 -38.03 -7.44 -44.23
C ASN N 275 -39.10 -8.49 -44.51
N LEU N 276 -39.37 -8.70 -45.80
CA LEU N 276 -40.41 -9.65 -46.19
C LEU N 276 -40.00 -11.10 -46.00
N ARG N 277 -38.69 -11.37 -45.91
CA ARG N 277 -38.24 -12.75 -45.73
C ARG N 277 -38.71 -13.32 -44.39
N SER N 278 -38.62 -12.51 -43.33
CA SER N 278 -39.12 -12.96 -42.04
C SER N 278 -40.62 -13.17 -42.06
N LEU N 279 -41.35 -12.31 -42.78
CA LEU N 279 -42.79 -12.50 -42.92
C LEU N 279 -43.11 -13.80 -43.62
N HIS N 280 -42.37 -14.12 -44.69
CA HIS N 280 -42.58 -15.38 -45.39
C HIS N 280 -42.28 -16.57 -44.48
N MET N 281 -41.21 -16.48 -43.69
CA MET N 281 -40.88 -17.55 -42.77
C MET N 281 -41.99 -17.74 -41.73
N LEU N 282 -42.49 -16.65 -41.18
CA LEU N 282 -43.56 -16.73 -40.19
C LEU N 282 -44.83 -17.33 -40.79
N LEU N 283 -45.17 -16.92 -42.01
CA LEU N 283 -46.35 -17.47 -42.67
C LEU N 283 -46.18 -18.96 -42.94
N MET N 284 -44.98 -19.37 -43.36
CA MET N 284 -44.73 -20.78 -43.59
C MET N 284 -44.89 -21.59 -42.31
N LEU N 285 -44.32 -21.09 -41.21
CA LEU N 285 -44.44 -21.79 -39.94
C LEU N 285 -45.90 -21.85 -39.49
N ALA N 286 -46.65 -20.78 -39.70
CA ALA N 286 -48.07 -20.79 -39.37
C ALA N 286 -48.82 -21.82 -40.21
N LEU N 287 -48.55 -21.86 -41.51
CA LEU N 287 -49.23 -22.81 -42.39
C LEU N 287 -48.84 -24.25 -42.11
N ASN N 288 -47.68 -24.47 -41.48
CA ASN N 288 -47.29 -25.83 -41.13
C ASN N 288 -48.32 -26.51 -40.23
N ARG N 289 -48.99 -25.74 -39.37
CA ARG N 289 -49.98 -26.29 -38.44
C ARG N 289 -51.38 -26.36 -39.04
N VAL N 290 -51.49 -26.40 -40.37
CA VAL N 290 -52.78 -26.50 -41.04
C VAL N 290 -52.98 -27.94 -41.46
N THR N 291 -54.02 -28.57 -40.92
CA THR N 291 -54.33 -29.98 -41.16
C THR N 291 -55.73 -30.11 -41.73
N ALA N 292 -56.14 -31.36 -41.96
CA ALA N 292 -57.48 -31.62 -42.49
C ALA N 292 -58.56 -31.18 -41.52
N SER N 293 -58.37 -31.48 -40.22
CA SER N 293 -59.37 -31.11 -39.23
C SER N 293 -59.51 -29.60 -39.10
N HIS N 294 -58.47 -28.85 -39.46
CA HIS N 294 -58.46 -27.39 -39.39
C HIS N 294 -58.03 -26.82 -40.73
N PRO N 295 -58.91 -26.87 -41.73
CA PRO N 295 -58.54 -26.36 -43.06
C PRO N 295 -58.23 -24.88 -43.07
N PHE N 296 -58.86 -24.09 -42.19
CA PHE N 296 -58.66 -22.66 -42.13
C PHE N 296 -57.94 -22.29 -40.85
N MET N 297 -57.03 -21.32 -40.95
CA MET N 297 -56.15 -20.99 -39.84
C MET N 297 -56.93 -20.29 -38.71
N THR N 298 -56.22 -19.97 -37.64
CA THR N 298 -56.79 -19.32 -36.48
C THR N 298 -55.79 -18.32 -35.93
N ALA N 299 -56.30 -17.28 -35.28
CA ALA N 299 -55.42 -16.28 -34.67
C ALA N 299 -54.53 -16.91 -33.60
N VAL N 300 -55.02 -17.94 -32.90
CA VAL N 300 -54.19 -18.61 -31.91
C VAL N 300 -53.02 -19.31 -32.59
N ASP N 301 -53.20 -19.82 -33.81
CA ASP N 301 -52.10 -20.41 -34.54
C ASP N 301 -51.02 -19.38 -34.85
N LEU N 302 -51.42 -18.19 -35.27
CA LEU N 302 -50.44 -17.13 -35.53
C LEU N 302 -49.76 -16.69 -34.25
N MET N 303 -50.49 -16.64 -33.14
CA MET N 303 -49.88 -16.33 -31.85
C MET N 303 -48.84 -17.38 -31.48
N GLU N 304 -49.16 -18.65 -31.69
CA GLU N 304 -48.21 -19.71 -31.39
C GLU N 304 -46.97 -19.61 -32.27
N ALA N 305 -47.15 -19.32 -33.56
CA ALA N 305 -46.01 -19.16 -34.45
C ALA N 305 -45.12 -17.99 -34.02
N SER N 306 -45.75 -16.87 -33.67
CA SER N 306 -44.98 -15.71 -33.23
C SER N 306 -44.22 -16.02 -31.95
N GLN N 307 -44.85 -16.74 -31.02
CA GLN N 307 -44.16 -17.13 -29.80
C GLN N 307 -42.99 -18.05 -30.10
N LEU N 308 -43.17 -18.99 -31.02
CA LEU N 308 -42.09 -19.90 -31.38
C LEU N 308 -40.94 -19.18 -32.05
N CYS N 309 -41.22 -18.12 -32.80
CA CYS N 309 -40.18 -17.40 -33.51
C CYS N 309 -39.39 -16.44 -32.64
N SER N 310 -39.86 -16.13 -31.43
CA SER N 310 -39.31 -15.04 -30.63
C SER N 310 -38.94 -15.51 -29.23
N MET N 311 -38.17 -16.59 -29.14
CA MET N 311 -37.66 -17.07 -27.86
C MET N 311 -36.13 -16.96 -27.84
N ASP N 312 -35.59 -16.58 -26.68
CA ASP N 312 -34.16 -16.39 -26.54
C ASP N 312 -33.46 -17.69 -26.20
N SER N 313 -32.32 -17.94 -26.85
CA SER N 313 -31.59 -19.18 -26.65
C SER N 313 -30.81 -19.20 -25.35
N LYS N 314 -30.31 -18.04 -24.90
CA LYS N 314 -29.47 -18.01 -23.70
C LYS N 314 -30.25 -18.48 -22.47
N ALA N 315 -31.49 -18.01 -22.33
CA ALA N 315 -32.30 -18.43 -21.20
C ALA N 315 -32.57 -19.93 -21.24
N ASN N 316 -32.82 -20.46 -22.44
CA ASN N 316 -33.03 -21.90 -22.59
C ASN N 316 -31.79 -22.69 -22.17
N ILE N 317 -30.62 -22.23 -22.62
CA ILE N 317 -29.38 -22.93 -22.29
C ILE N 317 -29.14 -22.90 -20.79
N VAL N 318 -29.37 -21.75 -20.15
CA VAL N 318 -29.21 -21.67 -18.70
C VAL N 318 -30.20 -22.59 -18.00
N HIS N 319 -31.45 -22.62 -18.48
CA HIS N 319 -32.45 -23.51 -17.90
C HIS N 319 -32.04 -24.97 -18.01
N GLY N 320 -31.29 -25.33 -19.05
CA GLY N 320 -30.91 -26.72 -19.22
C GLY N 320 -29.74 -27.18 -18.40
N LEU N 321 -29.26 -26.39 -17.44
CA LEU N 321 -28.06 -26.70 -16.68
C LEU N 321 -28.40 -27.58 -15.48
N SER N 322 -27.43 -27.76 -14.59
CA SER N 322 -27.58 -28.55 -13.36
C SER N 322 -27.32 -27.65 -12.15
N VAL N 323 -27.43 -28.25 -10.96
CA VAL N 323 -27.35 -27.49 -9.72
C VAL N 323 -25.94 -26.91 -9.53
N LEU N 324 -24.92 -27.74 -9.74
CA LEU N 324 -23.56 -27.31 -9.51
C LEU N 324 -23.18 -26.15 -10.42
N GLU N 325 -23.60 -26.22 -11.69
CA GLU N 325 -23.34 -25.12 -12.62
C GLU N 325 -24.04 -23.84 -12.15
N ILE N 326 -25.25 -23.97 -11.62
CA ILE N 326 -25.96 -22.80 -11.12
C ILE N 326 -25.22 -22.17 -9.95
N CYS N 327 -24.72 -23.00 -9.02
CA CYS N 327 -23.95 -22.48 -7.90
C CYS N 327 -22.71 -21.76 -8.39
N LEU N 328 -22.01 -22.37 -9.36
CA LEU N 328 -20.80 -21.74 -9.90
C LEU N 328 -21.12 -20.40 -10.56
N ILE N 329 -22.23 -20.35 -11.29
CA ILE N 329 -22.62 -19.11 -11.96
C ILE N 329 -22.97 -18.03 -10.95
N ILE N 330 -23.64 -18.39 -9.86
CA ILE N 330 -23.95 -17.41 -8.83
C ILE N 330 -22.68 -16.88 -8.18
N ALA N 331 -21.73 -17.77 -7.92
CA ALA N 331 -20.43 -17.32 -7.39
C ALA N 331 -19.75 -16.37 -8.38
N MET N 332 -19.84 -16.68 -9.68
CA MET N 332 -19.26 -15.82 -10.69
C MET N 332 -19.92 -14.45 -10.69
N LYS N 333 -21.24 -14.40 -10.55
CA LYS N 333 -21.94 -13.13 -10.50
C LYS N 333 -21.51 -12.33 -9.27
N HIS N 334 -21.36 -13.00 -8.13
CA HIS N 334 -20.89 -12.29 -6.94
C HIS N 334 -19.49 -11.73 -7.14
N LEU N 335 -18.62 -12.49 -7.80
CA LEU N 335 -17.28 -11.98 -8.11
C LEU N 335 -17.35 -10.75 -9.01
N ASN N 336 -18.20 -10.80 -10.03
CA ASN N 336 -18.33 -9.66 -10.93
C ASN N 336 -18.89 -8.44 -10.20
N ASP N 337 -19.76 -8.64 -9.23
CA ASP N 337 -20.31 -7.52 -8.48
C ASP N 337 -19.27 -6.92 -7.54
N ILE N 338 -18.55 -7.76 -6.79
CA ILE N 338 -17.57 -7.25 -5.83
C ILE N 338 -16.42 -6.56 -6.55
N TYR N 339 -15.85 -7.22 -7.55
CA TYR N 339 -14.76 -6.66 -8.35
C TYR N 339 -15.37 -6.20 -9.68
N GLU N 340 -15.55 -4.89 -9.81
CA GLU N 340 -16.29 -4.33 -10.93
C GLU N 340 -15.52 -4.52 -12.24
N GLU N 341 -16.03 -5.38 -13.11
CA GLU N 341 -15.52 -5.57 -14.46
C GLU N 341 -14.04 -5.94 -14.45
N GLU N 342 -13.73 -7.03 -13.76
CA GLU N 342 -12.38 -7.58 -13.75
C GLU N 342 -12.43 -9.07 -14.01
N PRO N 343 -11.38 -9.62 -14.63
CA PRO N 343 -11.35 -11.07 -14.88
C PRO N 343 -11.14 -11.87 -13.61
N PHE N 344 -11.06 -13.19 -13.73
CA PHE N 344 -10.96 -14.08 -12.59
C PHE N 344 -10.42 -15.42 -13.07
N ASN N 345 -10.23 -16.33 -12.12
CA ASN N 345 -9.68 -17.65 -12.42
C ASN N 345 -10.50 -18.69 -11.67
N PHE N 346 -10.01 -19.93 -11.69
CA PHE N 346 -10.71 -21.03 -11.02
C PHE N 346 -10.55 -20.99 -9.51
N GLN N 347 -9.38 -20.55 -9.03
CA GLN N 347 -9.08 -20.66 -7.61
C GLN N 347 -9.98 -19.77 -6.76
N MET N 348 -10.22 -18.53 -7.20
CA MET N 348 -11.08 -17.63 -6.43
C MET N 348 -12.51 -18.18 -6.35
N VAL N 349 -13.02 -18.67 -7.48
CA VAL N 349 -14.36 -19.24 -7.49
C VAL N 349 -14.45 -20.43 -6.55
N TYR N 350 -13.45 -21.30 -6.61
CA TYR N 350 -13.43 -22.47 -5.72
C TYR N 350 -13.37 -22.04 -4.25
N ASN N 351 -12.55 -21.03 -3.94
CA ASN N 351 -12.40 -20.59 -2.55
C ASN N 351 -13.72 -20.04 -2.02
N GLU N 352 -14.41 -19.22 -2.82
CA GLU N 352 -15.66 -18.65 -2.31
C GLU N 352 -16.81 -19.66 -2.32
N PHE N 353 -16.80 -20.63 -3.23
CA PHE N 353 -17.75 -21.74 -3.12
C PHE N 353 -17.51 -22.52 -1.83
N GLN N 354 -16.24 -22.75 -1.49
CA GLN N 354 -15.92 -23.39 -0.22
C GLN N 354 -16.39 -22.56 0.96
N LYS N 355 -16.22 -21.25 0.88
CA LYS N 355 -16.73 -20.37 1.93
C LYS N 355 -18.24 -20.51 2.09
N PHE N 356 -18.97 -20.54 0.97
CA PHE N 356 -20.41 -20.69 1.04
C PHE N 356 -20.82 -22.02 1.66
N VAL N 357 -20.15 -23.11 1.27
CA VAL N 357 -20.55 -24.40 1.80
C VAL N 357 -20.06 -24.61 3.23
N GLN N 358 -19.07 -23.84 3.68
CA GLN N 358 -18.61 -23.95 5.05
C GLN N 358 -19.41 -23.10 6.02
N ARG N 359 -19.90 -21.94 5.57
CA ARG N 359 -20.75 -21.14 6.45
C ARG N 359 -22.01 -21.90 6.85
N LYS N 360 -22.62 -22.61 5.90
CA LYS N 360 -23.76 -23.46 6.22
C LYS N 360 -23.27 -24.66 7.02
N ALA N 361 -24.09 -25.09 8.00
CA ALA N 361 -23.64 -26.03 9.01
C ALA N 361 -23.25 -27.37 8.39
N HIS N 362 -24.21 -28.07 7.78
CA HIS N 362 -23.96 -29.44 7.33
C HIS N 362 -24.66 -29.75 6.01
N SER N 363 -24.73 -28.79 5.10
CA SER N 363 -25.42 -29.02 3.83
C SER N 363 -24.68 -30.07 3.00
N VAL N 364 -25.43 -30.78 2.17
CA VAL N 364 -24.89 -31.90 1.39
C VAL N 364 -24.32 -31.32 0.10
N TYR N 365 -23.11 -30.76 0.21
CA TYR N 365 -22.38 -30.29 -0.96
C TYR N 365 -20.90 -30.62 -0.85
N ASN N 366 -20.56 -31.73 -0.20
CA ASN N 366 -19.17 -32.12 0.00
C ASN N 366 -18.58 -32.68 -1.29
N PHE N 367 -18.01 -31.80 -2.12
CA PHE N 367 -17.40 -32.19 -3.38
C PHE N 367 -15.92 -31.84 -3.36
N GLU N 368 -15.14 -32.64 -4.08
CA GLU N 368 -13.70 -32.43 -4.13
C GLU N 368 -13.33 -31.53 -5.31
N LYS N 369 -12.03 -31.27 -5.45
CA LYS N 369 -11.56 -30.39 -6.52
C LYS N 369 -11.83 -30.93 -7.92
N PRO N 370 -11.53 -32.21 -8.25
CA PRO N 370 -11.65 -32.63 -9.65
C PRO N 370 -13.04 -32.49 -10.25
N VAL N 371 -14.09 -32.76 -9.47
CA VAL N 371 -15.44 -32.69 -10.04
C VAL N 371 -15.81 -31.24 -10.34
N VAL N 372 -15.44 -30.31 -9.45
CA VAL N 372 -15.68 -28.90 -9.73
C VAL N 372 -14.87 -28.44 -10.93
N MET N 373 -13.65 -28.96 -11.06
CA MET N 373 -12.83 -28.63 -12.24
C MET N 373 -13.50 -29.12 -13.52
N LYS N 374 -14.05 -30.33 -13.50
CA LYS N 374 -14.75 -30.84 -14.67
C LYS N 374 -15.99 -30.00 -14.98
N ALA N 375 -16.72 -29.59 -13.95
CA ALA N 375 -17.88 -28.72 -14.17
C ALA N 375 -17.47 -27.40 -14.81
N PHE N 376 -16.36 -26.82 -14.34
CA PHE N 376 -15.86 -25.59 -14.94
C PHE N 376 -15.45 -25.80 -16.40
N GLU N 377 -14.82 -26.95 -16.69
CA GLU N 377 -14.47 -27.26 -18.07
C GLU N 377 -15.71 -27.37 -18.94
N HIS N 378 -16.77 -28.00 -18.42
CA HIS N 378 -18.02 -28.10 -19.19
C HIS N 378 -18.61 -26.72 -19.43
N LEU N 379 -18.61 -25.86 -18.41
CA LEU N 379 -19.13 -24.51 -18.58
C LEU N 379 -18.35 -23.76 -19.65
N GLN N 380 -17.02 -23.88 -19.64
CA GLN N 380 -16.22 -23.23 -20.68
C GLN N 380 -16.50 -23.84 -22.04
N GLN N 381 -16.80 -25.14 -22.09
CA GLN N 381 -17.11 -25.81 -23.35
C GLN N 381 -18.41 -25.27 -23.95
N LEU N 382 -19.41 -24.99 -23.10
CA LEU N 382 -20.65 -24.43 -23.62
C LEU N 382 -20.51 -22.98 -24.07
N GLU N 383 -19.33 -22.38 -23.94
CA GLU N 383 -19.03 -21.05 -24.43
C GLU N 383 -19.90 -19.98 -23.76
N LEU N 384 -20.13 -20.14 -22.46
CA LEU N 384 -20.62 -19.03 -21.65
C LEU N 384 -19.49 -18.23 -21.03
N ILE N 385 -18.26 -18.74 -21.11
CA ILE N 385 -17.08 -18.11 -20.54
C ILE N 385 -15.99 -18.14 -21.59
N LYS N 386 -15.31 -17.00 -21.79
CA LYS N 386 -14.31 -16.95 -22.85
C LYS N 386 -12.97 -16.46 -22.30
N PRO N 387 -11.86 -17.04 -22.75
CA PRO N 387 -10.54 -16.61 -22.28
C PRO N 387 -10.15 -15.27 -22.88
N MET N 388 -9.17 -14.64 -22.24
CA MET N 388 -8.60 -13.38 -22.70
C MET N 388 -7.15 -13.60 -23.10
N GLU N 389 -6.79 -13.14 -24.31
CA GLU N 389 -5.42 -13.25 -24.82
C GLU N 389 -4.95 -14.70 -24.75
N ARG N 390 -5.61 -15.52 -25.57
CA ARG N 390 -5.47 -16.97 -25.48
C ARG N 390 -4.02 -17.42 -25.58
N THR N 391 -3.65 -18.34 -24.69
CA THR N 391 -2.36 -19.01 -24.76
C THR N 391 -2.48 -20.33 -23.99
N SER N 392 -1.59 -21.26 -24.31
CA SER N 392 -1.59 -22.57 -23.69
C SER N 392 -0.16 -22.99 -23.40
N GLY N 393 -0.02 -23.90 -22.44
CA GLY N 393 1.30 -24.35 -22.02
C GLY N 393 1.91 -23.44 -20.99
N ASN N 394 2.07 -22.16 -21.34
CA ASN N 394 2.58 -21.18 -20.38
C ASN N 394 1.65 -21.04 -19.19
N SER N 395 0.35 -21.01 -19.44
CA SER N 395 -0.66 -20.93 -18.39
C SER N 395 -1.57 -22.14 -18.47
N GLN N 396 -1.84 -22.75 -17.31
CA GLN N 396 -2.72 -23.90 -17.24
C GLN N 396 -4.18 -23.45 -17.39
N ARG N 397 -5.09 -24.41 -17.29
CA ARG N 397 -6.50 -24.06 -17.18
C ARG N 397 -6.75 -23.27 -15.90
N GLU N 398 -6.10 -23.67 -14.81
CA GLU N 398 -6.07 -22.86 -13.61
C GLU N 398 -5.28 -21.58 -13.86
N TYR N 399 -5.54 -20.58 -13.03
CA TYR N 399 -4.82 -19.31 -13.08
C TYR N 399 -4.99 -18.62 -14.43
N GLN N 400 -6.11 -18.87 -15.10
CA GLN N 400 -6.41 -18.29 -16.41
C GLN N 400 -7.51 -17.26 -16.27
N LEU N 401 -7.33 -16.12 -16.95
CA LEU N 401 -8.25 -15.00 -16.81
C LEU N 401 -9.54 -15.27 -17.58
N MET N 402 -10.63 -15.52 -16.86
CA MET N 402 -11.93 -15.80 -17.44
C MET N 402 -12.87 -14.62 -17.24
N LYS N 403 -13.86 -14.53 -18.13
CA LYS N 403 -14.91 -13.52 -18.02
C LYS N 403 -16.26 -14.16 -18.32
N LEU N 404 -17.31 -13.58 -17.74
CA LEU N 404 -18.66 -14.07 -17.93
C LEU N 404 -19.34 -13.32 -19.07
N LEU N 405 -20.21 -14.02 -19.79
CA LEU N 405 -20.93 -13.48 -20.94
C LEU N 405 -22.43 -13.45 -20.69
N LEU N 406 -22.83 -13.04 -19.49
CA LEU N 406 -24.23 -12.99 -19.11
C LEU N 406 -24.50 -11.72 -18.31
N ASP N 407 -25.78 -11.37 -18.23
CA ASP N 407 -26.23 -10.21 -17.47
C ASP N 407 -26.99 -10.66 -16.23
N ASN N 408 -26.97 -9.79 -15.21
CA ASN N 408 -27.59 -10.14 -13.94
C ASN N 408 -29.08 -10.40 -14.08
N THR N 409 -29.78 -9.55 -14.83
CA THR N 409 -31.22 -9.75 -15.01
C THR N 409 -31.51 -11.05 -15.74
N GLN N 410 -30.65 -11.45 -16.68
CA GLN N 410 -30.83 -12.73 -17.34
C GLN N 410 -30.71 -13.87 -16.35
N ILE N 411 -29.72 -13.81 -15.46
CA ILE N 411 -29.55 -14.86 -14.47
C ILE N 411 -30.75 -14.92 -13.54
N MET N 412 -31.24 -13.76 -13.10
CA MET N 412 -32.40 -13.74 -12.21
C MET N 412 -33.63 -14.34 -12.89
N ASN N 413 -33.89 -13.93 -14.14
CA ASN N 413 -35.05 -14.44 -14.85
C ASN N 413 -34.95 -15.95 -15.09
N ALA N 414 -33.76 -16.43 -15.46
CA ALA N 414 -33.58 -17.86 -15.66
C ALA N 414 -33.75 -18.62 -14.35
N LEU N 415 -33.22 -18.07 -13.25
CA LEU N 415 -33.34 -18.75 -11.96
C LEU N 415 -34.78 -18.78 -11.47
N GLN N 416 -35.58 -17.77 -11.84
CA GLN N 416 -36.99 -17.78 -11.45
C GLN N 416 -37.72 -18.98 -12.04
N LYS N 417 -37.37 -19.37 -13.28
CA LYS N 417 -38.03 -20.47 -13.95
C LYS N 417 -37.35 -21.81 -13.72
N TYR N 418 -36.33 -21.87 -12.88
CA TYR N 418 -35.68 -23.13 -12.59
C TYR N 418 -36.66 -24.08 -11.90
N PRO N 419 -36.77 -25.33 -12.35
CA PRO N 419 -37.78 -26.24 -11.80
C PRO N 419 -37.64 -26.50 -10.30
N ASN N 420 -36.48 -26.99 -9.87
CA ASN N 420 -36.32 -27.44 -8.49
C ASN N 420 -35.16 -26.74 -7.78
N CYS N 421 -35.09 -25.43 -7.91
CA CYS N 421 -34.03 -24.67 -7.25
C CYS N 421 -34.19 -24.77 -5.74
N PRO N 422 -33.17 -25.23 -5.01
CA PRO N 422 -33.26 -25.28 -3.54
C PRO N 422 -33.31 -23.88 -2.94
N THR N 423 -33.83 -23.84 -1.71
CA THR N 423 -33.98 -22.56 -1.01
C THR N 423 -32.63 -21.93 -0.71
N ASP N 424 -31.65 -22.74 -0.29
CA ASP N 424 -30.37 -22.20 0.13
C ASP N 424 -29.67 -21.46 -1.00
N VAL N 425 -29.63 -22.08 -2.19
CA VAL N 425 -28.95 -21.46 -3.32
C VAL N 425 -29.69 -20.20 -3.76
N ARG N 426 -31.03 -20.21 -3.69
CA ARG N 426 -31.79 -19.03 -4.04
C ARG N 426 -31.47 -17.86 -3.11
N GLN N 427 -31.44 -18.13 -1.80
CA GLN N 427 -31.14 -17.05 -0.85
C GLN N 427 -29.70 -16.59 -0.99
N TRP N 428 -28.77 -17.50 -1.30
CA TRP N 428 -27.40 -17.08 -1.54
C TRP N 428 -27.32 -16.18 -2.76
N ALA N 429 -28.09 -16.50 -3.82
CA ALA N 429 -28.13 -15.65 -4.99
C ALA N 429 -28.69 -14.28 -4.66
N THR N 430 -29.75 -14.22 -3.84
CA THR N 430 -30.31 -12.93 -3.46
C THR N 430 -29.33 -12.11 -2.64
N SER N 431 -28.57 -12.76 -1.76
CA SER N 431 -27.63 -12.06 -0.89
C SER N 431 -26.50 -11.40 -1.66
N VAL O 7 -36.20 -47.03 -30.95
CA VAL O 7 -37.40 -46.37 -30.50
C VAL O 7 -37.05 -45.11 -29.71
N VAL O 8 -38.02 -44.19 -29.61
CA VAL O 8 -37.83 -42.93 -28.90
C VAL O 8 -38.87 -42.83 -27.79
N LEU O 9 -38.43 -42.36 -26.63
CA LEU O 9 -39.31 -42.17 -25.48
C LEU O 9 -39.27 -40.72 -25.04
N CYS O 10 -40.44 -40.19 -24.66
CA CYS O 10 -40.58 -38.79 -24.26
C CYS O 10 -40.13 -37.85 -25.37
N ARG O 11 -40.31 -38.27 -26.63
CA ARG O 11 -39.94 -37.47 -27.80
C ARG O 11 -41.08 -37.61 -28.81
N GLU O 12 -42.10 -36.76 -28.68
CA GLU O 12 -43.26 -36.87 -29.54
C GLU O 12 -43.63 -35.53 -30.16
N SER O 13 -43.31 -34.43 -29.48
CA SER O 13 -43.59 -33.11 -30.04
C SER O 13 -42.67 -32.79 -31.21
N GLN O 14 -41.37 -33.01 -31.03
CA GLN O 14 -40.40 -32.68 -32.06
C GLN O 14 -40.57 -33.57 -33.29
N VAL O 15 -40.83 -34.85 -33.07
CA VAL O 15 -41.06 -35.77 -34.20
C VAL O 15 -42.27 -35.33 -35.00
N SER O 16 -43.36 -34.98 -34.31
CA SER O 16 -44.56 -34.52 -34.99
C SER O 16 -44.29 -33.24 -35.77
N ILE O 17 -43.54 -32.31 -35.17
CA ILE O 17 -43.23 -31.06 -35.85
C ILE O 17 -42.41 -31.32 -37.11
N LEU O 18 -41.41 -32.19 -37.02
CA LEU O 18 -40.59 -32.51 -38.19
C LEU O 18 -41.41 -33.19 -39.28
N GLN O 19 -42.28 -34.13 -38.89
CA GLN O 19 -43.11 -34.82 -39.87
C GLN O 19 -44.06 -33.85 -40.57
N SER O 20 -44.64 -32.91 -39.81
CA SER O 20 -45.48 -31.89 -40.43
C SER O 20 -44.66 -31.01 -41.36
N LEU O 21 -43.43 -30.68 -40.98
CA LEU O 21 -42.57 -29.86 -41.81
C LEU O 21 -42.27 -30.55 -43.14
N PHE O 22 -41.98 -31.85 -43.09
CA PHE O 22 -41.58 -32.56 -44.31
C PHE O 22 -42.73 -32.63 -45.32
N GLY O 23 -43.96 -32.85 -44.84
CA GLY O 23 -45.08 -32.97 -45.75
C GLY O 23 -44.95 -34.20 -46.63
N GLU O 24 -45.13 -34.01 -47.93
CA GLU O 24 -45.00 -35.09 -48.90
C GLU O 24 -43.64 -35.06 -49.57
N ARG O 25 -43.30 -36.16 -50.24
CA ARG O 25 -41.99 -36.28 -50.86
C ARG O 25 -41.79 -35.25 -51.96
N HIS O 26 -42.80 -35.04 -52.80
CA HIS O 26 -42.67 -34.06 -53.88
C HIS O 26 -42.73 -32.63 -53.39
N HIS O 27 -43.13 -32.40 -52.14
CA HIS O 27 -43.23 -31.05 -51.60
C HIS O 27 -41.85 -30.49 -51.28
N PHE O 28 -41.77 -29.16 -51.21
CA PHE O 28 -40.57 -28.45 -50.81
C PHE O 28 -40.61 -28.17 -49.31
N SER O 29 -39.47 -27.73 -48.78
CA SER O 29 -39.34 -27.43 -47.36
C SER O 29 -38.38 -26.27 -47.20
N PHE O 30 -37.97 -26.01 -45.96
CA PHE O 30 -37.04 -24.93 -45.68
C PHE O 30 -35.67 -25.23 -46.30
N PRO O 31 -34.92 -24.19 -46.64
CA PRO O 31 -33.54 -24.42 -47.11
C PRO O 31 -32.59 -24.77 -45.99
N SER O 32 -32.82 -24.29 -44.78
CA SER O 32 -31.88 -24.50 -43.69
C SER O 32 -32.61 -24.57 -42.36
N ILE O 33 -32.39 -25.65 -41.62
CA ILE O 33 -32.90 -25.83 -40.27
C ILE O 33 -31.72 -26.02 -39.34
N PHE O 34 -31.69 -25.24 -38.26
CA PHE O 34 -30.61 -25.25 -37.29
C PHE O 34 -31.15 -25.77 -35.97
N ILE O 35 -30.75 -26.97 -35.59
CA ILE O 35 -31.21 -27.63 -34.37
C ILE O 35 -30.12 -27.52 -33.32
N TYR O 36 -30.47 -27.03 -32.14
CA TYR O 36 -29.50 -26.91 -31.05
C TYR O 36 -30.11 -27.46 -29.76
N GLY O 37 -29.23 -27.94 -28.88
CA GLY O 37 -29.68 -28.52 -27.63
C GLY O 37 -28.50 -28.87 -26.76
N HIS O 38 -28.79 -29.58 -25.67
CA HIS O 38 -27.76 -29.96 -24.72
C HIS O 38 -27.04 -31.22 -25.20
N THR O 39 -26.10 -31.70 -24.38
CA THR O 39 -25.25 -32.82 -24.77
C THR O 39 -26.04 -34.12 -24.87
N ALA O 40 -26.89 -34.39 -23.88
CA ALA O 40 -27.61 -35.66 -23.81
C ALA O 40 -29.06 -35.52 -24.27
N SER O 41 -29.34 -34.56 -25.15
CA SER O 41 -30.69 -34.37 -25.64
C SER O 41 -31.09 -35.42 -26.66
N GLY O 42 -30.12 -36.15 -27.23
CA GLY O 42 -30.43 -37.17 -28.21
C GLY O 42 -30.64 -36.66 -29.62
N LYS O 43 -29.92 -35.61 -30.01
CA LYS O 43 -30.11 -35.05 -31.36
C LYS O 43 -29.79 -36.07 -32.44
N THR O 44 -28.68 -36.78 -32.30
CA THR O 44 -28.28 -37.76 -33.31
C THR O 44 -29.27 -38.91 -33.36
N TYR O 45 -29.69 -39.42 -32.20
CA TYR O 45 -30.58 -40.57 -32.17
C TYR O 45 -31.92 -40.27 -32.84
N VAL O 46 -32.55 -39.16 -32.45
CA VAL O 46 -33.91 -38.87 -32.90
C VAL O 46 -33.95 -38.66 -34.41
N THR O 47 -33.06 -37.81 -34.93
CA THR O 47 -33.09 -37.50 -36.35
C THR O 47 -32.75 -38.71 -37.20
N GLN O 48 -31.79 -39.53 -36.76
CA GLN O 48 -31.41 -40.70 -37.54
C GLN O 48 -32.52 -41.74 -37.54
N THR O 49 -33.15 -41.97 -36.38
CA THR O 49 -34.27 -42.90 -36.32
C THR O 49 -35.43 -42.41 -37.18
N LEU O 50 -35.71 -41.11 -37.16
CA LEU O 50 -36.78 -40.56 -37.98
C LEU O 50 -36.48 -40.74 -39.46
N LEU O 51 -35.24 -40.47 -39.87
CA LEU O 51 -34.88 -40.64 -41.28
C LEU O 51 -34.98 -42.09 -41.70
N LYS O 52 -34.54 -43.02 -40.84
CA LYS O 52 -34.66 -44.43 -41.17
C LYS O 52 -36.11 -44.85 -41.29
N THR O 53 -36.97 -44.35 -40.40
CA THR O 53 -38.38 -44.73 -40.43
C THR O 53 -39.07 -44.19 -41.69
N LEU O 54 -38.85 -42.92 -42.00
CA LEU O 54 -39.51 -42.33 -43.17
C LEU O 54 -38.95 -42.83 -44.48
N GLU O 55 -37.77 -43.48 -44.46
CA GLU O 55 -37.15 -44.02 -45.66
C GLU O 55 -36.93 -42.93 -46.71
N LEU O 56 -36.11 -41.95 -46.34
CA LEU O 56 -35.83 -40.81 -47.19
C LEU O 56 -34.39 -40.84 -47.68
N PRO O 57 -34.11 -40.27 -48.85
CA PRO O 57 -32.71 -40.18 -49.29
C PRO O 57 -31.94 -39.13 -48.50
N HIS O 58 -31.07 -39.59 -47.61
CA HIS O 58 -30.34 -38.70 -46.71
C HIS O 58 -28.88 -39.11 -46.66
N VAL O 59 -28.01 -38.11 -46.53
CA VAL O 59 -26.58 -38.34 -46.40
C VAL O 59 -26.13 -37.82 -45.05
N PHE O 60 -25.58 -38.71 -44.22
CA PHE O 60 -25.14 -38.38 -42.88
C PHE O 60 -23.64 -38.08 -42.91
N VAL O 61 -23.25 -36.96 -42.34
CA VAL O 61 -21.87 -36.48 -42.41
C VAL O 61 -21.42 -35.97 -41.05
N ASN O 62 -20.20 -36.33 -40.68
CA ASN O 62 -19.53 -35.80 -39.50
C ASN O 62 -18.53 -34.74 -39.94
N CYS O 63 -18.64 -33.54 -39.35
CA CYS O 63 -17.71 -32.47 -39.69
C CYS O 63 -16.29 -32.80 -39.27
N VAL O 64 -16.14 -33.46 -38.12
CA VAL O 64 -14.80 -33.75 -37.61
C VAL O 64 -14.06 -34.70 -38.55
N GLU O 65 -14.75 -35.73 -39.04
CA GLU O 65 -14.11 -36.67 -39.95
C GLU O 65 -13.62 -35.97 -41.21
N CYS O 66 -14.44 -35.08 -41.76
CA CYS O 66 -14.06 -34.30 -42.94
C CYS O 66 -13.41 -33.00 -42.48
N PHE O 67 -12.15 -33.11 -42.08
CA PHE O 67 -11.40 -31.94 -41.62
C PHE O 67 -10.88 -31.08 -42.76
N THR O 68 -11.04 -31.52 -44.01
CA THR O 68 -10.65 -30.75 -45.18
C THR O 68 -11.83 -30.63 -46.13
N LEU O 69 -11.85 -29.53 -46.88
CA LEU O 69 -12.97 -29.26 -47.78
C LEU O 69 -13.10 -30.35 -48.83
N ARG O 70 -11.98 -30.78 -49.41
CA ARG O 70 -12.03 -31.82 -50.44
C ARG O 70 -12.60 -33.11 -49.89
N LEU O 71 -12.20 -33.50 -48.68
CA LEU O 71 -12.74 -34.70 -48.07
C LEU O 71 -14.24 -34.60 -47.87
N LEU O 72 -14.71 -33.45 -47.39
CA LEU O 72 -16.13 -33.24 -47.16
C LEU O 72 -16.92 -33.39 -48.46
N LEU O 73 -16.51 -32.67 -49.51
CA LEU O 73 -17.24 -32.72 -50.77
C LEU O 73 -17.19 -34.12 -51.38
N GLU O 74 -16.02 -34.75 -51.36
CA GLU O 74 -15.91 -36.08 -51.95
C GLU O 74 -16.74 -37.11 -51.21
N GLN O 75 -16.75 -37.05 -49.88
CA GLN O 75 -17.58 -37.98 -49.12
C GLN O 75 -19.05 -37.76 -49.41
N ILE O 76 -19.49 -36.50 -49.47
CA ILE O 76 -20.89 -36.21 -49.77
C ILE O 76 -21.26 -36.77 -51.14
N LEU O 77 -20.42 -36.49 -52.14
CA LEU O 77 -20.73 -36.95 -53.50
C LEU O 77 -20.74 -38.47 -53.60
N ASN O 78 -19.75 -39.13 -52.97
CA ASN O 78 -19.68 -40.58 -53.05
C ASN O 78 -20.87 -41.23 -52.37
N LYS O 79 -21.25 -40.74 -51.19
CA LYS O 79 -22.41 -41.32 -50.50
C LYS O 79 -23.69 -41.07 -51.29
N LEU O 80 -23.84 -39.87 -51.86
CA LEU O 80 -25.03 -39.59 -52.65
C LEU O 80 -25.10 -40.49 -53.89
N ASN O 81 -23.95 -40.70 -54.55
CA ASN O 81 -23.92 -41.60 -55.70
C ASN O 81 -24.26 -43.03 -55.30
N HIS O 82 -23.74 -43.49 -54.16
CA HIS O 82 -24.05 -44.83 -53.69
C HIS O 82 -25.54 -44.98 -53.38
N LEU O 83 -26.16 -43.91 -52.88
CA LEU O 83 -27.60 -43.94 -52.66
C LEU O 83 -28.36 -44.12 -53.96
N SER O 84 -27.91 -43.46 -55.02
CA SER O 84 -28.58 -43.53 -56.32
C SER O 84 -28.51 -44.93 -56.90
N GLU O 93 -15.84 -43.43 -59.66
CA GLU O 93 -15.51 -42.55 -58.55
C GLU O 93 -15.54 -41.09 -58.98
N ILE O 94 -15.93 -40.20 -58.07
CA ILE O 94 -16.08 -38.79 -58.34
C ILE O 94 -15.16 -38.01 -57.42
N THR O 95 -14.37 -37.10 -57.98
CA THR O 95 -13.46 -36.25 -57.22
C THR O 95 -13.65 -34.80 -57.65
N CYS O 96 -13.80 -33.92 -56.67
CA CYS O 96 -13.94 -32.49 -56.93
C CYS O 96 -13.06 -31.73 -55.96
N GLU O 97 -12.75 -30.48 -56.32
CA GLU O 97 -11.78 -29.70 -55.59
C GLU O 97 -12.30 -28.35 -55.10
N THR O 98 -13.17 -27.69 -55.87
CA THR O 98 -13.66 -26.37 -55.52
C THR O 98 -15.17 -26.41 -55.30
N PHE O 99 -15.66 -25.43 -54.55
CA PHE O 99 -17.08 -25.40 -54.19
C PHE O 99 -17.95 -25.23 -55.43
N ASN O 100 -17.51 -24.41 -56.39
CA ASN O 100 -18.26 -24.27 -57.63
C ASN O 100 -18.33 -25.59 -58.40
N ASP O 101 -17.22 -26.32 -58.44
CA ASP O 101 -17.23 -27.64 -59.07
C ASP O 101 -18.15 -28.58 -58.32
N PHE O 102 -18.19 -28.48 -56.99
CA PHE O 102 -19.12 -29.30 -56.22
C PHE O 102 -20.57 -28.96 -56.57
N VAL O 103 -20.88 -27.68 -56.74
CA VAL O 103 -22.23 -27.27 -57.12
C VAL O 103 -22.59 -27.86 -58.48
N ARG O 104 -21.68 -27.74 -59.44
CA ARG O 104 -21.94 -28.25 -60.78
C ARG O 104 -22.13 -29.76 -60.78
N LEU O 105 -21.28 -30.48 -60.05
CA LEU O 105 -21.39 -31.94 -60.00
C LEU O 105 -22.65 -32.38 -59.26
N PHE O 106 -23.03 -31.64 -58.22
CA PHE O 106 -24.29 -31.92 -57.53
C PHE O 106 -25.48 -31.74 -58.45
N LYS O 107 -25.47 -30.65 -59.25
CA LYS O 107 -26.53 -30.45 -60.22
C LYS O 107 -26.57 -31.58 -61.24
N GLN O 108 -25.40 -32.04 -61.68
CA GLN O 108 -25.35 -33.15 -62.63
C GLN O 108 -25.89 -34.43 -62.01
N VAL O 109 -25.53 -34.72 -60.76
CA VAL O 109 -25.86 -36.01 -60.16
C VAL O 109 -27.29 -36.07 -59.63
N THR O 110 -27.90 -34.93 -59.31
CA THR O 110 -29.23 -34.96 -58.72
C THR O 110 -30.34 -35.31 -59.72
N THR O 111 -30.03 -35.39 -61.02
CA THR O 111 -31.04 -35.58 -62.04
C THR O 111 -31.55 -37.02 -62.15
N ALA O 112 -31.20 -37.90 -61.21
CA ALA O 112 -31.65 -39.28 -61.26
C ALA O 112 -33.16 -39.37 -61.08
N GLU O 113 -33.75 -40.44 -61.63
CA GLU O 113 -35.18 -40.64 -61.51
C GLU O 113 -35.59 -40.81 -60.05
N ASN O 114 -34.80 -41.57 -59.28
CA ASN O 114 -35.05 -41.66 -57.85
C ASN O 114 -34.83 -40.34 -57.14
N LEU O 115 -34.15 -39.39 -57.77
CA LEU O 115 -33.85 -38.09 -57.19
C LEU O 115 -34.53 -36.94 -57.94
N LYS O 116 -35.61 -37.24 -58.67
CA LYS O 116 -36.25 -36.25 -59.52
C LYS O 116 -37.23 -35.38 -58.74
N ASP O 117 -38.23 -35.98 -58.12
CA ASP O 117 -39.27 -35.27 -57.38
C ASP O 117 -39.22 -35.59 -55.90
N GLN O 118 -38.02 -35.68 -55.34
CA GLN O 118 -37.84 -35.97 -53.92
C GLN O 118 -36.86 -34.98 -53.33
N THR O 119 -37.08 -34.65 -52.05
CA THR O 119 -36.19 -33.75 -51.33
C THR O 119 -34.95 -34.50 -50.88
N VAL O 120 -33.78 -33.88 -51.04
CA VAL O 120 -32.51 -34.46 -50.66
C VAL O 120 -32.06 -33.82 -49.35
N TYR O 121 -31.73 -34.65 -48.37
CA TYR O 121 -31.37 -34.18 -47.03
C TYR O 121 -29.89 -34.47 -46.76
N ILE O 122 -29.17 -33.46 -46.28
CA ILE O 122 -27.77 -33.58 -45.94
C ILE O 122 -27.66 -33.27 -44.45
N VAL O 123 -27.60 -34.31 -43.63
CA VAL O 123 -27.47 -34.15 -42.18
C VAL O 123 -26.00 -33.97 -41.86
N LEU O 124 -25.68 -32.87 -41.18
CA LEU O 124 -24.33 -32.58 -40.70
C LEU O 124 -24.36 -32.53 -39.19
N ASP O 125 -23.46 -33.26 -38.54
CA ASP O 125 -23.37 -33.18 -37.10
C ASP O 125 -22.00 -32.67 -36.67
N LYS O 126 -21.94 -32.17 -35.43
CA LYS O 126 -20.75 -31.52 -34.90
C LYS O 126 -20.34 -30.33 -35.77
N ALA O 127 -21.30 -29.46 -36.05
CA ALA O 127 -21.10 -28.33 -36.96
C ALA O 127 -20.31 -27.19 -36.33
N GLU O 128 -19.95 -27.28 -35.05
CA GLU O 128 -19.24 -26.20 -34.38
C GLU O 128 -17.94 -25.85 -35.07
N TYR O 129 -17.33 -26.80 -35.78
CA TYR O 129 -16.06 -26.56 -36.46
C TYR O 129 -16.23 -25.91 -37.83
N LEU O 130 -17.46 -25.87 -38.36
CA LEU O 130 -17.66 -25.31 -39.70
C LEU O 130 -17.24 -23.85 -39.78
N ARG O 131 -17.42 -23.09 -38.70
CA ARG O 131 -17.02 -21.69 -38.71
C ARG O 131 -15.50 -21.52 -38.72
N ASP O 132 -14.73 -22.59 -38.49
CA ASP O 132 -13.28 -22.53 -38.53
C ASP O 132 -12.69 -23.14 -39.79
N MET O 133 -13.52 -23.55 -40.74
CA MET O 133 -13.02 -24.18 -41.96
C MET O 133 -12.75 -23.17 -43.06
N GLU O 134 -13.80 -22.46 -43.50
CA GLU O 134 -13.64 -21.43 -44.52
C GLU O 134 -14.68 -20.33 -44.28
N ALA O 135 -14.40 -19.16 -44.84
CA ALA O 135 -15.27 -18.01 -44.62
C ALA O 135 -16.61 -18.18 -45.33
N ASN O 136 -16.57 -18.57 -46.61
CA ASN O 136 -17.77 -18.60 -47.43
C ASN O 136 -18.45 -19.97 -47.48
N LEU O 137 -17.88 -20.98 -46.84
CA LEU O 137 -18.46 -22.32 -46.92
C LEU O 137 -19.83 -22.37 -46.24
N LEU O 138 -19.94 -21.79 -45.04
CA LEU O 138 -21.22 -21.77 -44.34
C LEU O 138 -22.28 -20.97 -45.09
N PRO O 139 -22.02 -19.75 -45.57
CA PRO O 139 -23.05 -19.07 -46.39
C PRO O 139 -23.44 -19.85 -47.62
N GLY O 140 -22.48 -20.51 -48.28
CA GLY O 140 -22.83 -21.33 -49.43
C GLY O 140 -23.73 -22.49 -49.08
N PHE O 141 -23.45 -23.15 -47.95
CA PHE O 141 -24.31 -24.24 -47.51
C PHE O 141 -25.68 -23.75 -47.10
N LEU O 142 -25.77 -22.53 -46.57
CA LEU O 142 -27.06 -22.01 -46.14
C LEU O 142 -28.01 -21.80 -47.32
N ARG O 143 -27.51 -21.27 -48.43
CA ARG O 143 -28.33 -20.96 -49.59
C ARG O 143 -28.18 -21.99 -50.71
N LEU O 144 -28.00 -23.26 -50.34
CA LEU O 144 -27.79 -24.30 -51.35
C LEU O 144 -29.01 -24.48 -52.23
N GLN O 145 -30.21 -24.35 -51.66
CA GLN O 145 -31.42 -24.61 -52.44
C GLN O 145 -31.64 -23.57 -53.52
N GLU O 146 -31.22 -22.32 -53.29
CA GLU O 146 -31.31 -21.31 -54.34
C GLU O 146 -30.35 -21.62 -55.48
N LEU O 147 -29.10 -21.94 -55.16
CA LEU O 147 -28.09 -22.16 -56.20
C LEU O 147 -28.40 -23.42 -57.00
N ALA O 148 -28.68 -24.53 -56.32
CA ALA O 148 -28.96 -25.78 -57.01
C ALA O 148 -30.35 -25.77 -57.64
N ASP O 149 -31.34 -25.20 -56.94
CA ASP O 149 -32.72 -25.18 -57.39
C ASP O 149 -33.21 -26.60 -57.70
N ARG O 150 -32.93 -27.52 -56.78
CA ARG O 150 -33.18 -28.93 -57.04
C ARG O 150 -33.80 -29.64 -55.84
N ASN O 151 -34.61 -28.92 -55.06
CA ASN O 151 -35.35 -29.49 -53.93
C ASN O 151 -34.39 -30.12 -52.92
N VAL O 152 -33.57 -29.27 -52.31
CA VAL O 152 -32.50 -29.69 -51.41
C VAL O 152 -32.71 -29.04 -50.05
N THR O 153 -32.52 -29.81 -48.99
CA THR O 153 -32.63 -29.33 -47.62
C THR O 153 -31.39 -29.72 -46.83
N VAL O 154 -30.91 -28.81 -46.00
CA VAL O 154 -29.70 -29.00 -45.21
C VAL O 154 -30.05 -28.81 -43.74
N LEU O 155 -29.62 -29.76 -42.90
CA LEU O 155 -29.87 -29.72 -41.47
C LEU O 155 -28.57 -29.50 -40.72
N PHE O 156 -28.68 -28.86 -39.54
CA PHE O 156 -27.54 -28.60 -38.68
C PHE O 156 -27.81 -29.16 -37.29
N LEU O 157 -26.78 -29.75 -36.70
CA LEU O 157 -26.81 -30.20 -35.31
C LEU O 157 -25.61 -29.59 -34.61
N SER O 158 -25.85 -28.94 -33.47
CA SER O 158 -24.78 -28.26 -32.77
C SER O 158 -25.17 -28.08 -31.31
N GLU O 159 -24.15 -27.78 -30.49
CA GLU O 159 -24.36 -27.48 -29.07
C GLU O 159 -24.32 -25.99 -28.77
N ILE O 160 -23.77 -25.18 -29.67
CA ILE O 160 -23.67 -23.74 -29.48
C ILE O 160 -24.90 -23.08 -30.09
N VAL O 161 -25.35 -21.99 -29.46
CA VAL O 161 -26.51 -21.28 -29.97
C VAL O 161 -26.20 -20.67 -31.34
N TRP O 162 -27.27 -20.36 -32.07
CA TRP O 162 -27.11 -19.76 -33.39
C TRP O 162 -26.49 -18.37 -33.32
N GLU O 163 -26.53 -17.71 -32.15
CA GLU O 163 -26.04 -16.35 -32.04
C GLU O 163 -24.57 -16.25 -32.44
N LYS O 164 -23.79 -17.29 -32.19
CA LYS O 164 -22.36 -17.27 -32.48
C LYS O 164 -22.02 -17.82 -33.86
N PHE O 165 -22.99 -18.36 -34.58
CA PHE O 165 -22.76 -18.85 -35.94
C PHE O 165 -23.03 -17.80 -37.01
N ARG O 166 -23.42 -16.59 -36.61
CA ARG O 166 -23.77 -15.56 -37.59
C ARG O 166 -22.52 -14.97 -38.21
N PRO O 167 -22.39 -14.98 -39.54
CA PRO O 167 -21.27 -14.28 -40.17
C PRO O 167 -21.47 -12.77 -40.11
N ASN O 168 -20.37 -12.04 -40.33
CA ASN O 168 -20.42 -10.59 -40.25
C ASN O 168 -21.34 -10.00 -41.31
N THR O 169 -21.29 -10.54 -42.53
CA THR O 169 -22.08 -10.00 -43.62
C THR O 169 -23.56 -10.37 -43.54
N GLY O 170 -23.93 -11.34 -42.71
CA GLY O 170 -25.32 -11.75 -42.62
C GLY O 170 -25.73 -12.64 -43.78
N CYS O 171 -26.58 -13.63 -43.52
CA CYS O 171 -26.94 -14.61 -44.54
C CYS O 171 -28.39 -15.02 -44.35
N PHE O 172 -28.80 -16.04 -45.10
CA PHE O 172 -30.18 -16.53 -45.04
C PHE O 172 -30.43 -17.19 -43.70
N GLU O 173 -31.36 -16.63 -42.93
CA GLU O 173 -31.59 -17.11 -41.57
C GLU O 173 -32.27 -18.47 -41.59
N PRO O 174 -31.68 -19.50 -40.99
CA PRO O 174 -32.35 -20.80 -40.91
C PRO O 174 -33.46 -20.79 -39.86
N PHE O 175 -34.32 -21.79 -39.96
CA PHE O 175 -35.33 -21.99 -38.92
C PHE O 175 -34.67 -22.61 -37.70
N VAL O 176 -34.76 -21.94 -36.56
CA VAL O 176 -34.10 -22.39 -35.34
C VAL O 176 -35.03 -23.34 -34.59
N LEU O 177 -34.44 -24.39 -34.02
CA LEU O 177 -35.20 -25.38 -33.27
C LEU O 177 -34.41 -25.80 -32.04
N TYR O 178 -35.13 -26.08 -30.96
CA TYR O 178 -34.56 -26.46 -29.68
C TYR O 178 -35.12 -27.80 -29.22
N PHE O 179 -34.25 -28.68 -28.76
CA PHE O 179 -34.68 -29.95 -28.18
C PHE O 179 -34.84 -29.81 -26.67
N PRO O 180 -36.01 -30.17 -26.13
CA PRO O 180 -36.26 -29.93 -24.70
C PRO O 180 -35.32 -30.73 -23.80
N ASP O 181 -35.02 -30.16 -22.65
CA ASP O 181 -34.19 -30.82 -21.66
C ASP O 181 -35.00 -31.89 -20.93
N TYR O 182 -34.28 -32.84 -20.34
CA TYR O 182 -34.90 -33.99 -19.71
C TYR O 182 -35.26 -33.70 -18.26
N SER O 183 -36.10 -34.56 -17.69
CA SER O 183 -36.58 -34.42 -16.32
C SER O 183 -36.40 -35.74 -15.59
N ILE O 184 -36.88 -35.78 -14.33
CA ILE O 184 -36.73 -36.98 -13.51
C ILE O 184 -37.54 -38.12 -14.10
N GLY O 185 -38.82 -37.86 -14.43
CA GLY O 185 -39.66 -38.90 -14.96
C GLY O 185 -39.17 -39.43 -16.30
N ASN O 186 -38.74 -38.52 -17.19
CA ASN O 186 -38.24 -38.93 -18.49
C ASN O 186 -36.97 -39.78 -18.34
N LEU O 187 -36.04 -39.33 -17.49
CA LEU O 187 -34.81 -40.09 -17.27
C LEU O 187 -35.11 -41.47 -16.70
N GLN O 188 -36.02 -41.54 -15.71
CA GLN O 188 -36.36 -42.82 -15.13
C GLN O 188 -37.00 -43.75 -16.16
N LYS O 189 -37.90 -43.22 -16.99
CA LYS O 189 -38.52 -44.04 -18.03
C LYS O 189 -37.48 -44.57 -19.00
N ILE O 190 -36.57 -43.70 -19.46
CA ILE O 190 -35.56 -44.12 -20.43
C ILE O 190 -34.65 -45.18 -19.82
N LEU O 191 -34.22 -44.98 -18.58
CA LEU O 191 -33.32 -45.95 -17.94
C LEU O 191 -34.03 -47.27 -17.66
N SER O 192 -35.33 -47.22 -17.35
CA SER O 192 -36.08 -48.41 -17.02
C SER O 192 -36.59 -49.17 -18.24
N HIS O 193 -36.51 -48.57 -19.43
CA HIS O 193 -36.96 -49.28 -20.63
C HIS O 193 -36.12 -50.54 -20.88
N ASP O 194 -34.80 -50.40 -20.87
CA ASP O 194 -33.91 -51.50 -21.21
C ASP O 194 -33.56 -52.35 -19.98
N HIS O 195 -34.57 -52.85 -19.29
CA HIS O 195 -34.35 -53.67 -18.12
C HIS O 195 -33.79 -55.04 -18.52
N PRO O 196 -32.91 -55.61 -17.70
CA PRO O 196 -32.44 -56.97 -17.95
C PRO O 196 -33.58 -57.97 -17.80
N PRO O 197 -33.63 -59.00 -18.65
CA PRO O 197 -34.75 -59.96 -18.60
C PRO O 197 -34.71 -60.90 -17.39
N GLU O 198 -33.58 -61.01 -16.70
CA GLU O 198 -33.45 -62.02 -15.65
C GLU O 198 -34.05 -61.61 -14.32
N TYR O 199 -34.60 -60.40 -14.21
CA TYR O 199 -35.22 -59.95 -12.97
C TYR O 199 -36.45 -59.12 -13.28
N SER O 200 -37.23 -58.85 -12.23
CA SER O 200 -38.48 -58.12 -12.38
C SER O 200 -38.24 -56.68 -12.81
N ALA O 201 -39.22 -56.14 -13.53
CA ALA O 201 -39.13 -54.74 -13.96
C ALA O 201 -39.12 -53.80 -12.76
N ASP O 202 -39.90 -54.11 -11.73
CA ASP O 202 -39.96 -53.25 -10.55
C ASP O 202 -38.61 -53.21 -9.83
N PHE O 203 -37.86 -54.32 -9.85
CA PHE O 203 -36.53 -54.32 -9.27
C PHE O 203 -35.63 -53.29 -9.94
N TYR O 204 -35.59 -53.31 -11.28
CA TYR O 204 -34.77 -52.35 -12.00
C TYR O 204 -35.30 -50.94 -11.84
N ALA O 205 -36.62 -50.78 -11.72
CA ALA O 205 -37.18 -49.46 -11.47
C ALA O 205 -36.72 -48.91 -10.13
N ALA O 206 -36.72 -49.74 -9.09
CA ALA O 206 -36.22 -49.31 -7.78
C ALA O 206 -34.74 -48.99 -7.84
N TYR O 207 -33.97 -49.79 -8.58
CA TYR O 207 -32.56 -49.47 -8.82
C TYR O 207 -32.39 -48.09 -9.43
N ILE O 208 -33.14 -47.80 -10.49
CA ILE O 208 -33.05 -46.50 -11.14
C ILE O 208 -33.46 -45.40 -10.19
N ASN O 209 -34.50 -45.66 -9.38
CA ASN O 209 -34.98 -44.65 -8.43
C ASN O 209 -33.90 -44.29 -7.42
N ILE O 210 -33.28 -45.29 -6.80
CA ILE O 210 -32.26 -45.01 -5.80
C ILE O 210 -31.03 -44.37 -6.45
N LEU O 211 -30.67 -44.82 -7.65
CA LEU O 211 -29.52 -44.24 -8.34
C LEU O 211 -29.76 -42.77 -8.64
N LEU O 212 -30.95 -42.43 -9.13
CA LEU O 212 -31.29 -41.03 -9.38
C LEU O 212 -31.31 -40.23 -8.10
N GLY O 213 -31.89 -40.78 -7.04
CA GLY O 213 -31.92 -40.09 -5.77
C GLY O 213 -30.54 -39.80 -5.23
N VAL O 214 -29.57 -40.63 -5.60
CA VAL O 214 -28.20 -40.38 -5.13
C VAL O 214 -27.47 -39.38 -6.02
N PHE O 215 -27.52 -39.57 -7.34
CA PHE O 215 -26.62 -38.86 -8.25
C PHE O 215 -27.25 -37.76 -9.09
N TYR O 216 -28.55 -37.50 -8.98
CA TYR O 216 -29.13 -36.52 -9.91
C TYR O 216 -28.63 -35.11 -9.64
N THR O 217 -28.10 -34.85 -8.44
CA THR O 217 -27.67 -33.49 -8.10
C THR O 217 -26.58 -32.99 -9.04
N VAL O 218 -25.65 -33.86 -9.41
CA VAL O 218 -24.51 -33.49 -10.24
C VAL O 218 -24.61 -34.07 -11.64
N CYS O 219 -24.75 -35.40 -11.75
CA CYS O 219 -24.69 -36.09 -13.02
C CYS O 219 -26.09 -36.18 -13.61
N ARG O 220 -26.39 -35.33 -14.59
CA ARG O 220 -27.63 -35.43 -15.35
C ARG O 220 -27.43 -36.06 -16.72
N ASP O 221 -26.20 -36.40 -17.09
CA ASP O 221 -25.93 -37.01 -18.39
C ASP O 221 -26.54 -38.40 -18.43
N LEU O 222 -27.39 -38.64 -19.44
CA LEU O 222 -28.01 -39.95 -19.60
C LEU O 222 -26.96 -41.03 -19.86
N LYS O 223 -26.01 -40.75 -20.73
CA LYS O 223 -24.97 -41.74 -21.06
C LYS O 223 -24.16 -42.09 -19.82
N GLU O 224 -23.75 -41.07 -19.06
CA GLU O 224 -22.90 -41.31 -17.90
C GLU O 224 -23.66 -42.06 -16.82
N LEU O 225 -24.90 -41.67 -16.55
CA LEU O 225 -25.68 -42.32 -15.52
C LEU O 225 -25.98 -43.77 -15.91
N ARG O 226 -26.26 -44.01 -17.19
CA ARG O 226 -26.47 -45.37 -17.66
C ARG O 226 -25.21 -46.20 -17.51
N HIS O 227 -24.05 -45.61 -17.82
CA HIS O 227 -22.79 -46.32 -17.64
C HIS O 227 -22.56 -46.67 -16.17
N LEU O 228 -22.84 -45.73 -15.27
CA LEU O 228 -22.71 -46.00 -13.84
C LEU O 228 -23.63 -47.12 -13.39
N ALA O 229 -24.88 -47.10 -13.87
CA ALA O 229 -25.82 -48.16 -13.52
C ALA O 229 -25.34 -49.52 -14.02
N VAL O 230 -24.83 -49.57 -15.26
CA VAL O 230 -24.33 -50.82 -15.80
C VAL O 230 -23.16 -51.33 -14.98
N LEU O 231 -22.25 -50.43 -14.59
CA LEU O 231 -21.11 -50.85 -13.79
C LEU O 231 -21.53 -51.36 -12.42
N ASN O 232 -22.50 -50.70 -11.78
CA ASN O 232 -22.80 -51.00 -10.38
C ASN O 232 -23.90 -52.03 -10.18
N PHE O 233 -24.63 -52.42 -11.22
CA PHE O 233 -25.68 -53.42 -11.06
C PHE O 233 -25.20 -54.75 -10.49
N PRO O 234 -24.06 -55.33 -10.91
CA PRO O 234 -23.66 -56.63 -10.33
C PRO O 234 -23.53 -56.60 -8.82
N LYS O 235 -23.00 -55.52 -8.25
CA LYS O 235 -22.97 -55.41 -6.79
C LYS O 235 -24.35 -55.19 -6.21
N TYR O 236 -25.27 -54.58 -6.97
CA TYR O 236 -26.64 -54.44 -6.52
C TYR O 236 -27.31 -55.79 -6.34
N CYS O 237 -27.05 -56.73 -7.25
CA CYS O 237 -27.78 -58.00 -7.26
C CYS O 237 -27.14 -59.08 -6.39
N GLU O 238 -25.99 -58.81 -5.77
CA GLU O 238 -25.36 -59.84 -4.93
C GLU O 238 -26.17 -60.25 -3.71
N PRO O 239 -26.69 -59.32 -2.89
CA PRO O 239 -27.32 -59.77 -1.61
C PRO O 239 -28.46 -60.75 -1.79
N VAL O 240 -29.30 -60.58 -2.81
CA VAL O 240 -30.40 -61.52 -3.01
C VAL O 240 -29.88 -62.88 -3.43
N VAL O 241 -28.82 -62.93 -4.24
CA VAL O 241 -28.21 -64.20 -4.60
C VAL O 241 -27.64 -64.88 -3.36
N LYS O 242 -27.00 -64.12 -2.49
CA LYS O 242 -26.46 -64.68 -1.25
C LYS O 242 -27.56 -65.11 -0.28
N GLY O 243 -28.77 -64.60 -0.46
CA GLY O 243 -29.87 -64.96 0.42
C GLY O 243 -30.13 -63.94 1.50
N ARG O 248 -36.97 -58.96 -2.23
CA ARG O 248 -37.71 -57.71 -2.12
C ARG O 248 -37.46 -57.04 -0.78
N ASP O 249 -36.34 -57.37 -0.16
CA ASP O 249 -35.95 -56.80 1.14
C ASP O 249 -35.28 -55.46 0.88
N THR O 250 -36.08 -54.39 0.92
CA THR O 250 -35.56 -53.06 0.60
C THR O 250 -34.54 -52.61 1.64
N ARG O 251 -34.87 -52.75 2.92
CA ARG O 251 -33.96 -52.33 3.98
C ARG O 251 -32.64 -53.09 3.93
N LYS O 252 -32.72 -54.41 3.73
CA LYS O 252 -31.52 -55.23 3.67
C LYS O 252 -30.62 -54.78 2.52
N LEU O 253 -31.21 -54.62 1.33
CA LEU O 253 -30.42 -54.22 0.17
C LEU O 253 -29.80 -52.85 0.37
N TRP O 254 -30.58 -51.89 0.88
CA TRP O 254 -30.06 -50.54 1.06
C TRP O 254 -28.91 -50.52 2.06
N ARG O 255 -29.07 -51.24 3.18
CA ARG O 255 -28.01 -51.27 4.18
C ARG O 255 -26.76 -51.95 3.64
N ASN O 256 -26.93 -53.02 2.85
CA ASN O 256 -25.78 -53.71 2.28
C ASN O 256 -25.09 -52.87 1.22
N ILE O 257 -25.83 -51.97 0.55
CA ILE O 257 -25.34 -51.36 -0.67
C ILE O 257 -24.89 -49.90 -0.51
N GLU O 258 -25.35 -49.20 0.53
CA GLU O 258 -25.02 -47.79 0.72
C GLU O 258 -23.53 -47.47 0.68
N PRO O 259 -22.64 -48.15 1.43
CA PRO O 259 -21.22 -47.74 1.41
C PRO O 259 -20.60 -47.85 0.03
N HIS O 260 -20.99 -48.85 -0.74
CA HIS O 260 -20.47 -48.99 -2.10
C HIS O 260 -20.90 -47.80 -2.96
N LEU O 261 -22.14 -47.36 -2.80
CA LEU O 261 -22.60 -46.19 -3.54
C LEU O 261 -21.84 -44.94 -3.13
N LYS O 262 -21.56 -44.77 -1.85
CA LYS O 262 -20.76 -43.61 -1.42
C LYS O 262 -19.35 -43.67 -2.00
N LYS O 263 -18.74 -44.84 -1.97
CA LYS O 263 -17.40 -44.99 -2.55
C LYS O 263 -17.42 -44.68 -4.05
N ALA O 264 -18.46 -45.13 -4.75
CA ALA O 264 -18.58 -44.82 -6.17
C ALA O 264 -18.76 -43.32 -6.39
N MET O 265 -19.56 -42.66 -5.56
CA MET O 265 -19.76 -41.23 -5.71
C MET O 265 -18.50 -40.43 -5.41
N GLN O 266 -17.55 -41.02 -4.66
CA GLN O 266 -16.27 -40.34 -4.47
C GLN O 266 -15.61 -39.97 -5.80
N THR O 267 -15.83 -40.76 -6.85
CA THR O 267 -15.27 -40.50 -8.19
C THR O 267 -16.41 -40.52 -9.21
N VAL O 268 -16.99 -39.36 -9.48
CA VAL O 268 -18.11 -39.28 -10.43
C VAL O 268 -17.58 -39.27 -11.87
N TYR O 269 -16.80 -38.25 -12.22
CA TYR O 269 -16.35 -38.05 -13.59
C TYR O 269 -14.94 -38.56 -13.85
N LEU O 270 -14.33 -39.25 -12.89
CA LEU O 270 -12.92 -39.58 -12.99
C LEU O 270 -12.67 -40.90 -13.72
N ARG O 271 -13.50 -41.92 -13.45
CA ARG O 271 -13.33 -43.27 -13.99
C ARG O 271 -12.01 -43.92 -13.54
N GLU O 301 7.70 -42.13 -7.47
CA GLU O 301 9.01 -42.30 -6.85
C GLU O 301 10.10 -41.60 -7.65
N LEU O 302 10.37 -40.35 -7.29
CA LEU O 302 11.39 -39.57 -7.96
C LEU O 302 12.78 -39.85 -7.37
N PRO O 303 13.83 -39.58 -8.12
CA PRO O 303 15.19 -39.65 -7.55
C PRO O 303 15.36 -38.62 -6.44
N TYR O 304 16.44 -38.80 -5.67
CA TYR O 304 16.66 -37.97 -4.49
C TYR O 304 16.75 -36.49 -4.85
N TYR O 305 17.75 -36.12 -5.65
CA TYR O 305 17.98 -34.72 -5.97
C TYR O 305 16.84 -34.12 -6.78
N SER O 306 16.07 -34.95 -7.49
CA SER O 306 14.92 -34.43 -8.22
C SER O 306 13.90 -33.82 -7.28
N LYS O 307 13.69 -34.43 -6.12
CA LYS O 307 12.77 -33.87 -5.14
C LYS O 307 13.23 -32.49 -4.68
N PHE O 308 14.52 -32.34 -4.39
CA PHE O 308 15.04 -31.05 -3.97
C PHE O 308 14.92 -30.01 -5.09
N ILE O 309 15.18 -30.43 -6.32
CA ILE O 309 15.01 -29.52 -7.46
C ILE O 309 13.56 -29.06 -7.55
N LEU O 310 12.62 -29.99 -7.40
CA LEU O 310 11.21 -29.65 -7.53
C LEU O 310 10.77 -28.69 -6.43
N ILE O 311 11.18 -28.95 -5.19
CA ILE O 311 10.77 -28.09 -4.09
C ILE O 311 11.42 -26.71 -4.23
N ALA O 312 12.68 -26.67 -4.68
CA ALA O 312 13.33 -25.38 -4.91
C ALA O 312 12.63 -24.60 -6.01
N ALA O 313 12.21 -25.29 -7.08
CA ALA O 313 11.49 -24.62 -8.14
C ALA O 313 10.16 -24.07 -7.65
N TYR O 314 9.45 -24.85 -6.84
CA TYR O 314 8.18 -24.36 -6.28
C TYR O 314 8.41 -23.13 -5.42
N LEU O 315 9.44 -23.16 -4.58
CA LEU O 315 9.75 -22.00 -3.74
C LEU O 315 10.10 -20.79 -4.60
N ALA O 316 10.91 -20.98 -5.64
CA ALA O 316 11.29 -19.87 -6.50
C ALA O 316 10.09 -19.28 -7.21
N SER O 317 9.16 -20.14 -7.65
CA SER O 317 8.00 -19.66 -8.39
C SER O 317 7.04 -18.90 -7.48
N TYR O 318 6.72 -19.45 -6.31
CA TYR O 318 5.65 -18.90 -5.48
C TYR O 318 6.14 -17.97 -4.38
N ASN O 319 7.43 -17.68 -4.30
CA ASN O 319 7.97 -16.76 -3.29
C ASN O 319 8.60 -15.56 -3.98
N PRO O 320 8.16 -14.34 -3.69
CA PRO O 320 8.79 -13.17 -4.32
C PRO O 320 10.26 -13.06 -3.95
N ALA O 321 11.03 -12.50 -4.89
CA ALA O 321 12.49 -12.46 -4.74
C ALA O 321 12.92 -11.63 -3.55
N ARG O 322 12.20 -10.55 -3.25
CA ARG O 322 12.63 -9.64 -2.18
C ARG O 322 12.82 -10.36 -0.85
N THR O 323 12.04 -11.39 -0.59
CA THR O 323 12.11 -12.11 0.68
C THR O 323 13.08 -13.26 0.67
N ASP O 324 13.72 -13.56 -0.46
CA ASP O 324 14.55 -14.76 -0.58
C ASP O 324 15.63 -14.79 0.50
N LYS O 325 16.43 -13.72 0.59
CA LYS O 325 17.46 -13.68 1.63
C LYS O 325 16.83 -13.77 3.02
N ARG O 326 15.66 -13.14 3.19
CA ARG O 326 14.97 -13.20 4.47
C ARG O 326 14.71 -14.64 4.91
N PHE O 327 14.57 -15.55 3.95
CA PHE O 327 14.37 -16.96 4.26
C PHE O 327 15.64 -17.79 4.16
N PHE O 328 16.70 -17.28 3.52
CA PHE O 328 17.85 -18.14 3.33
C PHE O 328 19.16 -17.55 3.81
N LEU O 329 19.35 -16.24 3.68
CA LEU O 329 20.59 -15.63 4.15
C LEU O 329 20.68 -15.74 5.66
N LYS O 330 21.83 -16.21 6.15
CA LYS O 330 21.98 -16.54 7.56
C LYS O 330 21.99 -15.31 8.46
N HIS O 331 22.27 -14.13 7.92
CA HIS O 331 22.39 -12.93 8.73
C HIS O 331 21.76 -11.75 7.99
N HIS O 332 21.18 -10.83 8.77
CA HIS O 332 20.58 -9.63 8.21
C HIS O 332 20.86 -8.41 9.07
N PHE O 357 11.44 -17.17 -13.09
CA PHE O 357 12.63 -17.05 -12.25
C PHE O 357 13.87 -17.51 -13.00
N PRO O 358 15.00 -16.87 -12.75
CA PRO O 358 16.25 -17.25 -13.42
C PRO O 358 16.85 -18.51 -12.81
N LEU O 359 17.78 -19.09 -13.58
CA LEU O 359 18.42 -20.34 -13.17
C LEU O 359 19.35 -20.14 -11.97
N ASP O 360 20.03 -19.00 -11.92
CA ASP O 360 20.97 -18.75 -10.84
C ASP O 360 20.27 -18.69 -9.49
N ARG O 361 19.08 -18.09 -9.46
CA ARG O 361 18.29 -18.07 -8.23
C ARG O 361 17.95 -19.49 -7.78
N LEU O 362 17.56 -20.35 -8.72
CA LEU O 362 17.28 -21.74 -8.40
C LEU O 362 18.50 -22.45 -7.85
N LEU O 363 19.66 -22.22 -8.48
CA LEU O 363 20.89 -22.86 -8.01
C LEU O 363 21.25 -22.41 -6.60
N ALA O 364 21.13 -21.11 -6.34
CA ALA O 364 21.46 -20.59 -5.01
C ALA O 364 20.51 -21.16 -3.96
N ILE O 365 19.21 -21.23 -4.27
CA ILE O 365 18.25 -21.77 -3.32
C ILE O 365 18.54 -23.24 -3.06
N LEU O 366 18.85 -24.00 -4.11
CA LEU O 366 19.18 -25.41 -3.93
C LEU O 366 20.42 -25.58 -3.07
N TYR O 367 21.45 -24.77 -3.31
CA TYR O 367 22.67 -24.86 -2.51
C TYR O 367 22.38 -24.53 -1.05
N SER O 368 21.50 -23.56 -0.80
CA SER O 368 21.16 -23.20 0.57
C SER O 368 20.39 -24.32 1.27
N ILE O 369 19.43 -24.93 0.57
CA ILE O 369 18.54 -25.89 1.22
C ILE O 369 19.30 -27.15 1.61
N VAL O 370 20.05 -27.73 0.68
CA VAL O 370 20.66 -29.04 0.91
C VAL O 370 21.79 -28.90 1.92
N ASP O 371 21.74 -29.74 2.97
CA ASP O 371 22.76 -29.69 4.01
C ASP O 371 24.11 -30.17 3.53
N SER O 372 24.16 -31.01 2.49
CA SER O 372 25.40 -31.56 1.98
C SER O 372 25.88 -30.73 0.78
N ARG O 373 27.20 -30.69 0.61
CA ARG O 373 27.80 -29.97 -0.52
C ARG O 373 27.61 -30.80 -1.78
N VAL O 374 26.86 -30.27 -2.74
CA VAL O 374 26.57 -30.96 -4.00
C VAL O 374 27.45 -30.37 -5.09
N ALA O 375 28.19 -31.24 -5.76
CA ALA O 375 29.05 -30.80 -6.85
C ALA O 375 28.22 -30.54 -8.11
N PRO O 376 28.56 -29.53 -8.91
CA PRO O 376 27.80 -29.24 -10.14
C PRO O 376 28.13 -30.21 -11.27
N THR O 377 27.83 -31.48 -11.04
CA THR O 377 28.00 -32.49 -12.07
C THR O 377 26.94 -32.31 -13.16
N ALA O 378 27.28 -32.74 -14.38
CA ALA O 378 26.34 -32.64 -15.48
C ALA O 378 25.04 -33.40 -15.22
N ASN O 379 25.06 -34.38 -14.31
CA ASN O 379 23.87 -35.16 -14.03
C ASN O 379 22.74 -34.30 -13.47
N ILE O 380 23.05 -33.25 -12.71
CA ILE O 380 22.00 -32.39 -12.20
C ILE O 380 21.34 -31.62 -13.36
N PHE O 381 22.14 -31.20 -14.35
CA PHE O 381 21.57 -30.55 -15.52
C PHE O 381 20.72 -31.53 -16.32
N SER O 382 21.16 -32.78 -16.41
CA SER O 382 20.34 -33.80 -17.06
C SER O 382 19.03 -33.99 -16.33
N GLN O 383 19.05 -33.96 -14.99
CA GLN O 383 17.82 -34.02 -14.22
C GLN O 383 16.91 -32.83 -14.53
N ILE O 384 17.50 -31.64 -14.64
CA ILE O 384 16.72 -30.45 -14.95
C ILE O 384 16.02 -30.61 -16.29
N THR O 385 16.77 -31.05 -17.30
CA THR O 385 16.18 -31.22 -18.63
C THR O 385 15.12 -32.31 -18.63
N SER O 386 15.36 -33.41 -17.91
CA SER O 386 14.36 -34.47 -17.82
C SER O 386 13.07 -33.97 -17.17
N LEU O 387 13.20 -33.17 -16.11
CA LEU O 387 12.01 -32.59 -15.48
C LEU O 387 11.28 -31.66 -16.44
N VAL O 388 12.04 -30.90 -17.24
CA VAL O 388 11.41 -30.06 -18.25
C VAL O 388 10.63 -30.91 -19.25
N THR O 389 11.21 -32.04 -19.68
CA THR O 389 10.53 -32.90 -20.64
C THR O 389 9.27 -33.50 -20.06
N LEU O 390 9.31 -33.91 -18.79
CA LEU O 390 8.17 -34.55 -18.13
C LEU O 390 7.02 -33.58 -17.87
N GLN O 391 7.11 -32.35 -18.37
CA GLN O 391 6.04 -31.36 -18.26
C GLN O 391 5.76 -30.99 -16.80
N LEU O 392 6.78 -31.11 -15.94
CA LEU O 392 6.68 -30.61 -14.58
C LEU O 392 7.19 -29.18 -14.45
N LEU O 393 8.16 -28.81 -15.27
CA LEU O 393 8.67 -27.44 -15.32
C LEU O 393 8.54 -26.93 -16.75
N THR O 394 7.96 -25.76 -16.91
CA THR O 394 7.71 -25.17 -18.23
C THR O 394 8.78 -24.15 -18.55
N LEU O 395 9.35 -24.26 -19.75
CA LEU O 395 10.34 -23.30 -20.22
C LEU O 395 9.62 -22.08 -20.80
N VAL O 396 10.09 -20.90 -20.43
CA VAL O 396 9.44 -19.65 -20.82
C VAL O 396 10.17 -18.97 -21.97
N GLY O 397 11.48 -18.78 -21.83
CA GLY O 397 12.24 -18.05 -22.81
C GLY O 397 12.46 -18.83 -24.10
N HIS O 398 13.19 -18.20 -25.02
CA HIS O 398 13.48 -18.83 -26.30
C HIS O 398 14.35 -20.07 -26.10
N ASP O 399 14.13 -21.07 -26.94
CA ASP O 399 14.92 -22.30 -26.86
C ASP O 399 16.38 -22.06 -27.22
N ASP O 400 16.64 -21.12 -28.13
CA ASP O 400 18.02 -20.82 -28.51
C ASP O 400 18.78 -20.13 -27.38
N GLN O 401 18.08 -19.46 -26.47
CA GLN O 401 18.72 -18.74 -25.37
C GLN O 401 18.86 -19.69 -24.19
N LEU O 402 20.00 -20.39 -24.15
CA LEU O 402 20.30 -21.32 -23.06
C LEU O 402 21.40 -20.80 -22.15
N ASP O 403 21.42 -19.48 -21.93
CA ASP O 403 22.25 -18.87 -20.91
C ASP O 403 21.46 -18.04 -19.90
N GLY O 404 20.22 -17.66 -20.23
CA GLY O 404 19.37 -16.95 -19.31
C GLY O 404 17.97 -17.54 -19.19
N PRO O 405 17.86 -18.86 -19.13
CA PRO O 405 16.54 -19.49 -19.29
C PRO O 405 15.60 -19.15 -18.14
N LYS O 406 14.31 -19.17 -18.45
CA LYS O 406 13.25 -18.91 -17.49
C LYS O 406 12.39 -20.16 -17.33
N TYR O 407 11.92 -20.41 -16.12
CA TYR O 407 11.14 -21.61 -15.82
C TYR O 407 9.92 -21.25 -14.99
N LYS O 408 8.92 -22.12 -15.07
CA LYS O 408 7.71 -22.03 -14.26
C LYS O 408 7.38 -23.41 -13.70
N CYS O 409 6.88 -23.44 -12.48
CA CYS O 409 6.52 -24.69 -11.80
C CYS O 409 5.01 -24.87 -11.85
N THR O 410 4.57 -26.07 -12.24
CA THR O 410 3.16 -26.38 -12.44
C THR O 410 2.70 -27.54 -11.58
N VAL O 411 3.23 -27.65 -10.36
CA VAL O 411 2.90 -28.75 -9.47
C VAL O 411 1.88 -28.28 -8.45
N SER O 412 0.88 -29.11 -8.18
CA SER O 412 -0.12 -28.79 -7.18
C SER O 412 0.49 -28.76 -5.79
N LEU O 413 -0.12 -27.97 -4.90
CA LEU O 413 0.45 -27.75 -3.58
C LEU O 413 0.39 -29.03 -2.73
N ASP O 414 -0.66 -29.82 -2.89
CA ASP O 414 -0.75 -31.08 -2.15
C ASP O 414 0.38 -32.02 -2.53
N PHE O 415 0.72 -32.08 -3.83
CA PHE O 415 1.83 -32.91 -4.28
C PHE O 415 3.14 -32.48 -3.65
N ILE O 416 3.40 -31.17 -3.61
CA ILE O 416 4.67 -30.69 -3.07
C ILE O 416 4.71 -30.92 -1.56
N ARG O 417 3.57 -30.78 -0.88
CA ARG O 417 3.54 -31.08 0.55
C ARG O 417 3.81 -32.56 0.80
N ALA O 418 3.23 -33.44 -0.02
CA ALA O 418 3.48 -34.87 0.15
C ALA O 418 4.94 -35.21 -0.09
N ILE O 419 5.54 -34.64 -1.13
CA ILE O 419 6.94 -34.96 -1.41
C ILE O 419 7.85 -34.39 -0.33
N ALA O 420 7.53 -33.20 0.21
CA ALA O 420 8.30 -32.66 1.31
C ALA O 420 8.18 -33.54 2.55
N ARG O 421 6.99 -34.07 2.80
CA ARG O 421 6.80 -35.00 3.92
C ARG O 421 7.66 -36.24 3.72
N THR O 422 7.70 -36.77 2.50
CA THR O 422 8.57 -37.92 2.22
C THR O 422 10.05 -37.56 2.30
N VAL O 423 10.39 -36.28 2.20
CA VAL O 423 11.77 -35.82 2.31
C VAL O 423 12.12 -35.42 3.74
N ASN O 424 11.13 -35.26 4.63
CA ASN O 424 11.30 -34.67 5.95
C ASN O 424 11.75 -33.22 5.83
N PHE O 425 10.90 -32.42 5.19
CA PHE O 425 11.09 -30.99 5.01
C PHE O 425 9.76 -30.29 5.22
N ASP O 426 9.80 -29.16 5.92
CA ASP O 426 8.61 -28.38 6.23
C ASP O 426 8.58 -27.16 5.32
N ILE O 427 7.85 -27.27 4.20
CA ILE O 427 7.83 -26.18 3.23
C ILE O 427 6.98 -25.01 3.71
N ILE O 428 5.97 -25.28 4.54
CA ILE O 428 5.06 -24.21 4.99
C ILE O 428 5.82 -23.15 5.77
N LYS O 429 6.90 -23.54 6.45
CA LYS O 429 7.69 -22.57 7.22
C LYS O 429 8.37 -21.55 6.32
N TYR O 430 8.53 -21.83 5.02
CA TYR O 430 9.23 -20.94 4.12
C TYR O 430 8.32 -20.23 3.13
N LEU O 431 7.06 -20.63 3.01
CA LEU O 431 6.16 -20.01 2.05
C LEU O 431 5.76 -18.63 2.56
N TYR O 432 6.20 -17.59 1.84
CA TYR O 432 5.97 -16.22 2.28
C TYR O 432 4.48 -15.88 2.29
N ASP O 433 3.72 -16.39 1.32
CA ASP O 433 2.32 -16.05 1.22
C ASP O 433 1.54 -16.55 2.43
N PHE O 434 1.82 -17.77 2.89
CA PHE O 434 1.11 -18.32 4.03
C PHE O 434 1.44 -17.57 5.32
N LEU O 435 2.70 -17.16 5.48
CA LEU O 435 3.11 -16.43 6.67
C LEU O 435 2.41 -15.08 6.77
#